data_6OJ0
#
_entry.id   6OJ0
#
loop_
_entity.id
_entity.type
_entity.pdbx_description
1 polymer 'Structural protein VP4'
2 polymer 'Uncharacterized protein'
#
loop_
_entity_poly.entity_id
_entity_poly.type
_entity_poly.pdbx_seq_one_letter_code
_entity_poly.pdbx_strand_id
1 'polypeptide(L)'
;MSESVTQQVFNFAVTKSQPFGGYVYSTNLTASTSSAVTSTQLTPLNLSITLGQITLSGNSLVIPATQIWYLTDAYVSVPD
YTNITNGAEADGVILIYKDGVKLMLTTPLISSMSISNPARTHLAQAVKYSPQSILTMYFNPTKPATASTSYPNTVYFTVV
VVDFSYAQNPARAVVSANAVM
;
T,U,V,W,X,G,n,o,p,q,r,g,N,O,P,Q,R,S,h,i,j,k,l,m,H,I,J,K,L,M,a,b,c,d,e,f,A,B,C,D,E,F
2 'polypeptide(L)'
;MLSLDNYSYVHNITTQTNIDLSSQQTIHLASINGKGYIIFLRFFCEGSSACFTNVKFSVKANGLVLYSFRYIQLLELGQA
IATAIPSSSQGFSTLLSNYNVLISSPIGTLPQLTLYDSYDNRYGAMLQPAFPLPFVNTLSLDVDILPVSQSSYDPIPYSL
NDNQISTNAPTGKGNISIEYLLYNCLV
;
Z
#
# COMPACT_ATOMS: atom_id res chain seq x y z
N SER A 4 23.18 -77.93 -42.33
CA SER A 4 23.39 -76.50 -42.25
C SER A 4 24.37 -76.05 -43.31
N VAL A 5 23.88 -75.80 -44.52
CA VAL A 5 24.69 -75.22 -45.56
C VAL A 5 24.43 -73.73 -45.71
N THR A 6 23.29 -73.22 -45.22
CA THR A 6 23.09 -71.79 -45.18
C THR A 6 23.88 -71.13 -44.07
N GLN A 7 24.16 -71.87 -43.00
CA GLN A 7 24.78 -71.26 -41.83
C GLN A 7 26.26 -71.02 -42.03
N GLN A 8 26.95 -71.91 -42.76
CA GLN A 8 28.37 -71.67 -43.03
C GLN A 8 28.57 -70.49 -43.97
N VAL A 9 27.72 -70.40 -44.99
CA VAL A 9 27.73 -69.25 -45.90
C VAL A 9 27.38 -67.97 -45.15
N PHE A 10 26.44 -68.07 -44.21
CA PHE A 10 26.01 -66.91 -43.43
C PHE A 10 27.13 -66.43 -42.52
N ASN A 11 27.80 -67.35 -41.83
CA ASN A 11 28.89 -66.96 -40.94
C ASN A 11 30.10 -66.45 -41.70
N PHE A 12 30.35 -67.00 -42.90
CA PHE A 12 31.42 -66.51 -43.75
C PHE A 12 31.13 -65.09 -44.22
N ALA A 13 29.88 -64.82 -44.57
CA ALA A 13 29.51 -63.48 -45.01
C ALA A 13 29.53 -62.48 -43.85
N VAL A 14 29.14 -62.91 -42.66
CA VAL A 14 29.15 -62.03 -41.49
C VAL A 14 30.58 -61.71 -41.08
N THR A 15 31.47 -62.71 -41.14
CA THR A 15 32.85 -62.47 -40.73
C THR A 15 33.60 -61.61 -41.75
N LYS A 16 33.44 -61.90 -43.04
CA LYS A 16 34.29 -61.25 -44.03
C LYS A 16 33.84 -59.83 -44.35
N SER A 17 32.54 -59.56 -44.35
CA SER A 17 32.05 -58.24 -44.71
C SER A 17 31.95 -57.27 -43.54
N GLN A 18 32.36 -57.71 -42.35
CA GLN A 18 32.22 -56.84 -41.17
C GLN A 18 33.21 -55.67 -41.11
N PRO A 19 34.53 -55.84 -41.38
CA PRO A 19 35.41 -54.65 -41.29
C PRO A 19 35.18 -53.61 -42.37
N PHE A 20 34.62 -53.98 -43.51
CA PHE A 20 34.32 -52.98 -44.54
C PHE A 20 32.97 -52.32 -44.31
N GLY A 21 32.18 -52.81 -43.37
CA GLY A 21 30.85 -52.31 -43.18
C GLY A 21 29.93 -53.07 -44.12
N GLY A 22 29.00 -53.83 -43.57
CA GLY A 22 28.20 -54.69 -44.40
C GLY A 22 27.00 -55.23 -43.67
N TYR A 23 25.90 -55.39 -44.36
CA TYR A 23 24.62 -55.72 -43.75
C TYR A 23 24.15 -57.02 -44.35
N VAL A 24 24.27 -58.12 -43.60
CA VAL A 24 24.03 -59.46 -44.09
C VAL A 24 22.68 -59.93 -43.57
N TYR A 25 21.79 -60.34 -44.46
CA TYR A 25 20.51 -60.87 -44.02
C TYR A 25 20.06 -61.93 -45.02
N SER A 26 18.92 -62.54 -44.74
CA SER A 26 18.46 -63.66 -45.54
C SER A 26 17.03 -63.43 -45.98
N THR A 27 16.74 -63.82 -47.22
CA THR A 27 15.43 -63.62 -47.82
C THR A 27 15.01 -64.90 -48.54
N ASN A 28 13.81 -64.88 -49.10
CA ASN A 28 13.25 -66.01 -49.82
C ASN A 28 12.93 -65.60 -51.25
N LEU A 29 13.22 -66.49 -52.19
CA LEU A 29 13.02 -66.23 -53.61
C LEU A 29 12.03 -67.26 -54.14
N THR A 30 11.11 -66.81 -54.99
CA THR A 30 10.05 -67.69 -55.47
C THR A 30 10.17 -67.82 -56.98
N ALA A 31 10.42 -69.04 -57.46
CA ALA A 31 10.45 -69.30 -58.89
C ALA A 31 9.14 -69.96 -59.27
N SER A 32 8.35 -69.29 -60.10
CA SER A 32 6.98 -69.73 -60.40
C SER A 32 6.80 -69.91 -61.90
N THR A 33 6.73 -71.15 -62.33
CA THR A 33 6.38 -71.47 -63.72
C THR A 33 4.87 -71.38 -63.86
N SER A 34 4.40 -70.35 -64.52
CA SER A 34 2.97 -70.06 -64.56
C SER A 34 2.25 -70.91 -65.59
N SER A 35 0.94 -71.05 -65.37
CA SER A 35 -0.05 -71.51 -66.35
C SER A 35 0.18 -72.94 -66.83
N ALA A 36 0.45 -73.85 -65.89
CA ALA A 36 0.24 -75.31 -66.05
C ALA A 36 1.04 -75.90 -67.21
N VAL A 37 2.37 -75.94 -67.00
CA VAL A 37 3.29 -76.47 -68.00
C VAL A 37 2.95 -77.91 -68.38
N THR A 38 2.83 -78.14 -69.69
CA THR A 38 2.30 -79.38 -70.23
C THR A 38 3.15 -79.98 -71.35
N SER A 39 3.93 -79.18 -72.07
CA SER A 39 4.61 -79.70 -73.26
C SER A 39 6.14 -79.66 -73.17
N THR A 40 6.75 -78.49 -72.97
CA THR A 40 8.16 -78.33 -73.29
C THR A 40 8.78 -77.33 -72.31
N GLN A 41 9.99 -76.85 -72.65
CA GLN A 41 10.75 -76.00 -71.75
C GLN A 41 10.11 -74.62 -71.61
N LEU A 42 9.89 -74.19 -70.37
CA LEU A 42 9.32 -72.89 -70.06
C LEU A 42 10.34 -72.03 -69.32
N THR A 43 9.87 -70.87 -68.86
CA THR A 43 10.69 -69.88 -68.16
C THR A 43 9.94 -69.47 -66.91
N PRO A 44 10.48 -69.68 -65.72
CA PRO A 44 9.74 -69.31 -64.50
C PRO A 44 9.98 -67.88 -64.05
N LEU A 45 8.93 -67.27 -63.54
CA LEU A 45 8.96 -65.90 -63.02
C LEU A 45 9.67 -65.90 -61.69
N ASN A 46 10.79 -65.19 -61.60
CA ASN A 46 11.43 -64.98 -60.32
C ASN A 46 10.73 -63.86 -59.55
N LEU A 47 10.68 -64.01 -58.24
CA LEU A 47 10.14 -62.96 -57.37
C LEU A 47 10.94 -62.97 -56.09
N SER A 48 11.75 -61.94 -55.88
CA SER A 48 12.56 -61.85 -54.67
C SER A 48 12.03 -60.74 -53.78
N ILE A 49 12.02 -60.99 -52.48
CA ILE A 49 11.50 -60.05 -51.50
C ILE A 49 12.69 -59.46 -50.77
N THR A 50 13.08 -58.26 -51.15
CA THR A 50 14.15 -57.55 -50.49
C THR A 50 13.52 -56.75 -49.36
N LEU A 51 14.30 -55.89 -48.71
CA LEU A 51 13.80 -55.10 -47.60
C LEU A 51 12.79 -54.07 -48.12
N GLY A 52 11.64 -53.98 -47.48
CA GLY A 52 10.69 -52.94 -47.84
C GLY A 52 9.64 -53.33 -48.84
N GLN A 53 9.23 -54.61 -48.87
CA GLN A 53 8.20 -55.20 -49.75
C GLN A 53 8.36 -54.80 -51.22
N ILE A 54 9.62 -54.80 -51.66
CA ILE A 54 9.94 -54.32 -53.00
C ILE A 54 9.45 -55.30 -54.05
N THR A 55 9.70 -56.59 -53.84
CA THR A 55 9.25 -57.70 -54.70
C THR A 55 9.74 -57.50 -56.14
N LEU A 56 11.06 -57.62 -56.27
CA LEU A 56 11.68 -57.64 -57.58
C LEU A 56 11.15 -58.84 -58.34
N SER A 57 10.26 -58.59 -59.30
CA SER A 57 9.52 -59.63 -59.96
C SER A 57 9.95 -59.73 -61.42
N GLY A 58 9.50 -60.79 -62.08
CA GLY A 58 9.76 -60.97 -63.48
C GLY A 58 11.07 -61.67 -63.75
N ASN A 59 11.27 -62.04 -65.00
CA ASN A 59 12.41 -62.83 -65.40
C ASN A 59 13.68 -61.99 -65.33
N SER A 60 14.82 -62.68 -65.16
CA SER A 60 16.18 -62.13 -65.25
C SER A 60 16.42 -60.97 -64.28
N LEU A 61 16.40 -61.29 -62.99
CA LEU A 61 16.70 -60.31 -61.95
C LEU A 61 18.15 -59.86 -62.04
N VAL A 62 18.38 -58.56 -62.10
CA VAL A 62 19.73 -58.01 -62.07
C VAL A 62 20.11 -57.71 -60.63
N ILE A 63 21.24 -58.23 -60.18
CA ILE A 63 21.78 -57.87 -58.88
C ILE A 63 22.25 -56.43 -58.91
N PRO A 64 21.78 -55.56 -58.03
CA PRO A 64 22.21 -54.17 -58.04
C PRO A 64 23.65 -54.02 -57.58
N ALA A 65 24.22 -52.85 -57.84
CA ALA A 65 25.66 -52.67 -57.82
C ALA A 65 26.25 -52.54 -56.42
N THR A 66 25.48 -52.78 -55.37
CA THR A 66 26.01 -52.74 -54.02
C THR A 66 25.88 -54.04 -53.26
N GLN A 67 25.22 -55.04 -53.83
CA GLN A 67 24.88 -56.25 -53.10
C GLN A 67 25.56 -57.47 -53.72
N ILE A 68 25.75 -58.48 -52.87
CA ILE A 68 26.24 -59.79 -53.28
C ILE A 68 25.21 -60.79 -52.81
N TRP A 69 24.73 -61.64 -53.72
CA TRP A 69 23.68 -62.59 -53.35
C TRP A 69 24.27 -63.98 -53.30
N TYR A 70 23.70 -64.83 -52.45
CA TYR A 70 24.18 -66.20 -52.27
C TYR A 70 22.99 -67.13 -52.34
N LEU A 71 22.81 -67.78 -53.47
CA LEU A 71 21.70 -68.74 -53.62
C LEU A 71 22.11 -70.01 -52.92
N THR A 72 21.51 -70.27 -51.75
CA THR A 72 22.01 -71.33 -50.88
C THR A 72 21.21 -72.62 -50.97
N ASP A 73 19.90 -72.58 -50.71
CA ASP A 73 19.13 -73.81 -50.63
C ASP A 73 17.84 -73.69 -51.42
N ALA A 74 17.23 -74.84 -51.69
CA ALA A 74 16.04 -74.91 -52.51
C ALA A 74 15.15 -76.03 -52.00
N TYR A 75 13.85 -75.80 -52.00
CA TYR A 75 12.90 -76.82 -51.58
C TYR A 75 11.57 -76.56 -52.25
N VAL A 76 10.61 -77.45 -51.99
CA VAL A 76 9.28 -77.34 -52.56
C VAL A 76 8.28 -77.65 -51.46
N SER A 77 7.11 -77.04 -51.53
CA SER A 77 6.14 -77.14 -50.45
C SER A 77 5.44 -78.49 -50.47
N VAL A 78 4.73 -78.80 -49.40
CA VAL A 78 4.10 -80.11 -49.23
C VAL A 78 2.84 -80.28 -50.09
N PRO A 79 1.92 -79.29 -50.21
CA PRO A 79 0.90 -79.45 -51.25
C PRO A 79 1.44 -79.37 -52.66
N ASP A 80 2.59 -78.73 -52.88
CA ASP A 80 3.24 -78.80 -54.18
C ASP A 80 3.74 -80.20 -54.47
N TYR A 81 4.30 -80.88 -53.45
CA TYR A 81 4.72 -82.26 -53.61
C TYR A 81 3.53 -83.18 -53.85
N THR A 82 2.41 -82.90 -53.17
CA THR A 82 1.20 -83.70 -53.36
C THR A 82 0.64 -83.51 -54.76
N ASN A 83 0.63 -82.27 -55.27
CA ASN A 83 0.14 -82.03 -56.62
C ASN A 83 1.11 -82.55 -57.67
N ILE A 84 2.39 -82.66 -57.34
CA ILE A 84 3.33 -83.27 -58.27
C ILE A 84 3.08 -84.77 -58.39
N THR A 85 3.01 -85.46 -57.25
CA THR A 85 2.87 -86.92 -57.30
C THR A 85 1.49 -87.39 -57.70
N ASN A 86 0.49 -86.51 -57.78
CA ASN A 86 -0.79 -86.87 -58.34
C ASN A 86 -0.89 -86.54 -59.82
N GLY A 87 0.16 -85.99 -60.40
CA GLY A 87 0.10 -85.57 -61.79
C GLY A 87 -0.70 -84.32 -62.02
N ALA A 88 -0.92 -83.51 -60.98
CA ALA A 88 -1.65 -82.26 -61.13
C ALA A 88 -0.74 -81.10 -61.50
N GLU A 89 0.56 -81.24 -61.35
CA GLU A 89 1.49 -80.27 -61.90
C GLU A 89 2.75 -81.01 -62.31
N ALA A 90 3.49 -80.43 -63.24
CA ALA A 90 4.54 -81.15 -63.92
C ALA A 90 5.79 -81.30 -63.06
N ASP A 91 6.52 -82.37 -63.32
CA ASP A 91 7.81 -82.64 -62.72
C ASP A 91 8.91 -82.27 -63.73
N GLY A 92 10.14 -82.21 -63.23
CA GLY A 92 11.26 -81.91 -64.10
C GLY A 92 12.37 -81.26 -63.32
N VAL A 93 13.33 -80.71 -64.06
CA VAL A 93 14.49 -80.09 -63.44
C VAL A 93 14.44 -78.58 -63.67
N ILE A 94 15.29 -77.87 -62.92
CA ILE A 94 15.40 -76.42 -62.99
C ILE A 94 16.87 -76.09 -63.23
N LEU A 95 17.13 -75.34 -64.29
CA LEU A 95 18.48 -74.96 -64.69
C LEU A 95 18.73 -73.55 -64.20
N ILE A 96 19.91 -73.31 -63.63
CA ILE A 96 20.24 -72.03 -63.02
C ILE A 96 21.43 -71.44 -63.76
N TYR A 97 21.21 -70.27 -64.37
CA TYR A 97 22.21 -69.64 -65.22
C TYR A 97 22.78 -68.38 -64.57
N LYS A 98 23.99 -68.01 -65.01
CA LYS A 98 24.63 -66.75 -64.65
C LYS A 98 24.92 -66.00 -65.94
N ASP A 99 24.46 -64.74 -66.01
CA ASP A 99 24.55 -63.89 -67.21
C ASP A 99 23.87 -64.50 -68.44
N GLY A 100 22.94 -65.44 -68.23
CA GLY A 100 22.20 -66.05 -69.31
C GLY A 100 22.95 -66.99 -70.22
N VAL A 101 24.25 -67.18 -70.02
CA VAL A 101 25.03 -68.07 -70.89
C VAL A 101 25.67 -69.21 -70.10
N LYS A 102 26.09 -68.94 -68.86
CA LYS A 102 26.86 -69.88 -68.08
C LYS A 102 25.93 -70.67 -67.17
N LEU A 103 25.75 -71.96 -67.48
CA LEU A 103 24.98 -72.84 -66.63
C LEU A 103 25.85 -73.28 -65.46
N MET A 104 25.30 -73.23 -64.25
CA MET A 104 26.06 -73.68 -63.09
C MET A 104 25.41 -74.81 -62.33
N LEU A 105 24.09 -74.91 -62.28
CA LEU A 105 23.45 -75.93 -61.48
C LEU A 105 22.17 -76.42 -62.14
N THR A 106 21.84 -77.66 -61.83
CA THR A 106 20.59 -78.30 -62.24
C THR A 106 20.00 -78.96 -61.01
N THR A 107 18.77 -78.59 -60.68
CA THR A 107 18.14 -79.13 -59.48
C THR A 107 17.75 -80.58 -59.70
N PRO A 108 18.06 -81.47 -58.77
CA PRO A 108 17.76 -82.88 -58.98
C PRO A 108 16.29 -83.22 -58.81
N LEU A 109 15.50 -83.02 -59.87
CA LEU A 109 14.15 -83.57 -60.02
C LEU A 109 13.21 -83.11 -58.91
N ILE A 110 12.74 -81.86 -58.99
CA ILE A 110 12.08 -81.09 -57.92
C ILE A 110 10.95 -81.80 -57.16
N SER A 111 10.44 -82.92 -57.69
CA SER A 111 9.60 -83.81 -56.89
C SER A 111 10.36 -84.37 -55.70
N SER A 112 11.67 -84.55 -55.84
CA SER A 112 12.47 -85.23 -54.83
C SER A 112 12.81 -84.33 -53.65
N MET A 113 12.84 -83.02 -53.82
CA MET A 113 13.19 -82.12 -52.73
C MET A 113 11.98 -81.54 -52.01
N SER A 114 11.12 -82.42 -51.49
CA SER A 114 10.03 -82.00 -50.64
C SER A 114 10.53 -81.76 -49.23
N ILE A 115 9.99 -80.71 -48.59
CA ILE A 115 10.51 -80.26 -47.30
C ILE A 115 10.14 -81.19 -46.15
N SER A 116 9.17 -82.09 -46.34
CA SER A 116 8.77 -82.96 -45.25
C SER A 116 9.65 -84.19 -45.09
N ASN A 117 10.36 -84.59 -46.14
CA ASN A 117 11.22 -85.76 -45.99
C ASN A 117 12.53 -85.38 -45.32
N PRO A 118 12.97 -86.14 -44.32
CA PRO A 118 14.34 -85.94 -43.82
C PRO A 118 15.40 -86.38 -44.82
N ALA A 119 15.07 -87.29 -45.73
CA ALA A 119 15.97 -87.68 -46.82
C ALA A 119 15.72 -86.83 -48.06
N ARG A 120 15.73 -85.51 -47.88
CA ARG A 120 15.50 -84.57 -48.94
C ARG A 120 16.85 -84.21 -49.57
N THR A 121 16.94 -84.30 -50.89
CA THR A 121 18.19 -83.94 -51.54
C THR A 121 18.29 -82.43 -51.71
N HIS A 122 19.46 -81.91 -51.37
CA HIS A 122 19.64 -80.47 -51.26
C HIS A 122 20.13 -79.93 -52.59
N LEU A 123 20.34 -78.62 -52.66
CA LEU A 123 21.09 -78.06 -53.77
C LEU A 123 22.55 -78.47 -53.67
N ALA A 124 23.26 -78.40 -54.79
CA ALA A 124 24.61 -78.93 -54.78
C ALA A 124 25.59 -77.98 -54.12
N GLN A 125 25.46 -76.67 -54.35
CA GLN A 125 26.41 -75.71 -53.80
C GLN A 125 25.76 -74.33 -53.79
N ALA A 126 26.21 -73.50 -52.87
CA ALA A 126 25.71 -72.14 -52.76
C ALA A 126 26.34 -71.28 -53.84
N VAL A 127 25.52 -70.81 -54.78
CA VAL A 127 26.01 -70.10 -55.96
C VAL A 127 26.14 -68.62 -55.62
N LYS A 128 27.33 -68.08 -55.84
CA LYS A 128 27.60 -66.68 -55.53
C LYS A 128 27.28 -65.80 -56.75
N TYR A 129 26.52 -64.74 -56.53
CA TYR A 129 26.22 -63.76 -57.57
C TYR A 129 26.84 -62.43 -57.14
N SER A 130 27.76 -61.96 -57.94
CA SER A 130 28.54 -60.75 -57.69
C SER A 130 27.67 -59.55 -58.06
N PRO A 131 28.13 -58.32 -57.78
CA PRO A 131 27.50 -57.14 -58.40
C PRO A 131 27.52 -57.15 -59.92
N GLN A 132 26.86 -56.17 -60.53
CA GLN A 132 25.85 -56.38 -61.56
C GLN A 132 26.03 -57.64 -62.41
N SER A 133 24.99 -58.46 -62.41
CA SER A 133 25.02 -59.84 -62.89
C SER A 133 23.59 -60.32 -62.91
N ILE A 134 23.29 -61.22 -63.83
CA ILE A 134 21.92 -61.53 -64.20
C ILE A 134 21.63 -62.97 -63.80
N LEU A 135 20.74 -63.15 -62.85
CA LEU A 135 20.26 -64.47 -62.47
C LEU A 135 19.01 -64.81 -63.29
N THR A 136 19.00 -65.97 -63.93
CA THR A 136 17.83 -66.44 -64.63
C THR A 136 17.78 -67.96 -64.57
N MET A 137 16.55 -68.49 -64.62
CA MET A 137 16.32 -69.92 -64.42
C MET A 137 15.39 -70.42 -65.51
N TYR A 138 15.41 -71.74 -65.71
CA TYR A 138 14.56 -72.38 -66.69
C TYR A 138 14.03 -73.69 -66.12
N PHE A 139 12.90 -74.14 -66.61
CA PHE A 139 12.24 -75.34 -66.10
C PHE A 139 12.07 -76.34 -67.23
N ASN A 140 12.86 -77.41 -67.20
CA ASN A 140 12.79 -78.45 -68.22
C ASN A 140 11.92 -79.59 -67.70
N PRO A 141 10.73 -79.80 -68.25
CA PRO A 141 9.82 -80.78 -67.66
C PRO A 141 10.00 -82.19 -68.18
N THR A 142 9.92 -83.14 -67.26
CA THR A 142 9.83 -84.56 -67.57
C THR A 142 8.57 -85.09 -66.91
N LYS A 143 7.81 -85.94 -67.64
CA LYS A 143 6.52 -86.48 -67.27
C LYS A 143 5.55 -85.37 -66.87
N PRO A 144 5.04 -84.59 -67.82
CA PRO A 144 4.32 -83.36 -67.49
C PRO A 144 2.93 -83.56 -66.89
N ALA A 145 2.22 -82.45 -66.69
CA ALA A 145 0.93 -82.48 -66.02
C ALA A 145 -0.12 -83.16 -66.89
N THR A 146 -0.86 -84.09 -66.29
CA THR A 146 -1.81 -84.92 -67.01
C THR A 146 -3.25 -84.70 -66.59
N ALA A 147 -3.50 -84.47 -65.30
CA ALA A 147 -4.87 -84.36 -64.82
C ALA A 147 -5.46 -83.01 -65.18
N SER A 148 -6.79 -82.98 -65.25
CA SER A 148 -7.50 -81.72 -65.43
C SER A 148 -7.38 -80.88 -64.15
N THR A 149 -7.65 -79.58 -64.31
CA THR A 149 -7.39 -78.54 -63.32
C THR A 149 -5.95 -78.59 -62.82
N SER A 150 -5.02 -78.38 -63.75
CA SER A 150 -3.61 -78.40 -63.44
C SER A 150 -3.17 -77.08 -62.80
N TYR A 151 -2.06 -77.13 -62.08
CA TYR A 151 -1.61 -76.00 -61.30
C TYR A 151 -0.22 -75.54 -61.74
N PRO A 152 0.11 -74.26 -61.55
CA PRO A 152 1.48 -73.80 -61.84
C PRO A 152 2.48 -74.36 -60.86
N ASN A 153 3.76 -74.25 -61.22
CA ASN A 153 4.79 -74.75 -60.34
C ASN A 153 5.43 -73.62 -59.52
N THR A 154 5.80 -73.95 -58.30
CA THR A 154 6.35 -72.97 -57.36
C THR A 154 7.48 -73.63 -56.58
N VAL A 155 8.69 -73.10 -56.71
CA VAL A 155 9.86 -73.66 -56.05
C VAL A 155 10.52 -72.56 -55.23
N TYR A 156 10.81 -72.84 -53.96
CA TYR A 156 11.31 -71.83 -53.05
C TYR A 156 12.81 -71.94 -52.91
N PHE A 157 13.48 -70.81 -52.91
CA PHE A 157 14.91 -70.72 -52.71
C PHE A 157 15.19 -69.83 -51.51
N THR A 158 16.35 -70.02 -50.89
CA THR A 158 16.77 -69.24 -49.75
C THR A 158 18.02 -68.48 -50.11
N VAL A 159 17.94 -67.16 -50.12
CA VAL A 159 19.00 -66.29 -50.63
C VAL A 159 19.61 -65.57 -49.43
N VAL A 160 20.92 -65.38 -49.44
CA VAL A 160 21.60 -64.54 -48.47
C VAL A 160 22.09 -63.30 -49.19
N VAL A 161 21.63 -62.14 -48.76
CA VAL A 161 21.95 -60.87 -49.40
C VAL A 161 22.88 -60.09 -48.50
N VAL A 162 24.00 -59.65 -49.06
CA VAL A 162 25.03 -58.91 -48.34
C VAL A 162 25.07 -57.50 -48.91
N ASP A 163 24.43 -56.56 -48.23
CA ASP A 163 24.23 -55.21 -48.73
C ASP A 163 25.32 -54.28 -48.24
N PHE A 164 25.63 -53.26 -49.02
CA PHE A 164 26.70 -52.32 -48.73
C PHE A 164 26.29 -50.87 -48.91
N SER A 165 24.99 -50.58 -49.03
CA SER A 165 24.57 -49.24 -49.40
C SER A 165 24.68 -48.25 -48.25
N TYR A 166 24.63 -48.71 -47.00
CA TYR A 166 24.59 -47.79 -45.88
C TYR A 166 25.95 -47.45 -45.31
N ALA A 167 27.04 -48.02 -45.82
CA ALA A 167 28.31 -47.93 -45.09
C ALA A 167 28.99 -46.58 -45.26
N GLN A 168 29.46 -46.32 -46.47
CA GLN A 168 30.22 -45.13 -46.78
C GLN A 168 29.96 -44.94 -48.27
N ASN A 169 30.90 -44.36 -49.01
CA ASN A 169 30.96 -44.61 -50.44
C ASN A 169 30.91 -46.12 -50.72
N PRO A 170 29.80 -46.63 -51.23
CA PRO A 170 29.63 -48.08 -51.28
C PRO A 170 30.44 -48.78 -52.36
N ALA A 171 30.95 -48.06 -53.37
CA ALA A 171 31.65 -48.70 -54.47
C ALA A 171 33.00 -49.26 -54.04
N ARG A 172 33.75 -48.48 -53.25
CA ARG A 172 35.04 -48.94 -52.74
C ARG A 172 34.88 -50.12 -51.78
N ALA A 173 33.85 -50.07 -50.93
CA ALA A 173 33.58 -51.18 -50.02
C ALA A 173 33.17 -52.43 -50.77
N VAL A 174 32.38 -52.28 -51.84
CA VAL A 174 31.96 -53.43 -52.63
C VAL A 174 33.14 -54.06 -53.34
N VAL A 175 34.03 -53.26 -53.94
CA VAL A 175 35.15 -53.86 -54.66
C VAL A 175 36.16 -54.50 -53.69
N SER A 176 36.34 -53.91 -52.49
CA SER A 176 37.26 -54.52 -51.53
C SER A 176 36.70 -55.81 -50.95
N ALA A 177 35.41 -55.81 -50.61
CA ALA A 177 34.80 -57.01 -50.05
C ALA A 177 34.67 -58.12 -51.07
N ASN A 178 34.32 -57.78 -52.31
CA ASN A 178 34.23 -58.79 -53.35
C ASN A 178 35.61 -59.32 -53.75
N ALA A 179 36.66 -58.52 -53.54
CA ALA A 179 38.01 -59.06 -53.66
C ALA A 179 38.30 -60.03 -52.52
N VAL A 180 37.83 -59.74 -51.31
CA VAL A 180 38.16 -60.60 -50.17
C VAL A 180 37.26 -61.83 -50.13
N MET A 181 35.95 -61.63 -50.06
CA MET A 181 35.04 -62.77 -49.93
C MET A 181 34.49 -63.19 -51.29
N SER B 4 23.89 -84.31 -48.35
CA SER B 4 25.11 -83.62 -47.94
C SER B 4 26.33 -84.43 -48.37
N VAL B 5 26.07 -85.52 -49.09
CA VAL B 5 27.13 -86.27 -49.74
C VAL B 5 27.47 -85.70 -51.11
N THR B 6 26.49 -85.13 -51.81
CA THR B 6 26.76 -84.38 -53.03
C THR B 6 27.54 -83.11 -52.76
N GLN B 7 27.21 -82.41 -51.67
CA GLN B 7 27.84 -81.14 -51.39
C GLN B 7 29.26 -81.31 -50.85
N GLN B 8 29.61 -82.50 -50.37
CA GLN B 8 30.97 -82.71 -49.92
C GLN B 8 31.92 -82.95 -51.09
N VAL B 9 31.48 -83.69 -52.10
CA VAL B 9 32.31 -83.93 -53.27
C VAL B 9 32.23 -82.81 -54.29
N PHE B 10 31.20 -81.95 -54.20
CA PHE B 10 31.20 -80.73 -55.01
C PHE B 10 32.20 -79.73 -54.45
N ASN B 11 32.17 -79.53 -53.13
CA ASN B 11 33.08 -78.58 -52.50
C ASN B 11 34.52 -79.08 -52.55
N PHE B 12 34.71 -80.41 -52.58
CA PHE B 12 36.05 -80.94 -52.76
C PHE B 12 36.58 -80.67 -54.16
N ALA B 13 35.70 -80.68 -55.16
CA ALA B 13 36.15 -80.47 -56.53
C ALA B 13 36.47 -79.01 -56.80
N VAL B 14 35.66 -78.09 -56.27
CA VAL B 14 35.85 -76.68 -56.57
C VAL B 14 36.98 -76.03 -55.80
N THR B 15 37.64 -76.74 -54.88
CA THR B 15 38.84 -76.22 -54.27
C THR B 15 40.10 -76.90 -54.79
N LYS B 16 39.95 -78.06 -55.43
CA LYS B 16 41.08 -78.82 -55.95
C LYS B 16 41.37 -78.48 -57.40
N SER B 17 40.33 -78.39 -58.23
CA SER B 17 40.48 -78.06 -59.64
C SER B 17 40.45 -76.56 -59.91
N GLN B 18 40.37 -75.75 -58.87
CA GLN B 18 40.34 -74.29 -59.02
C GLN B 18 41.68 -73.64 -59.34
N PRO B 19 42.83 -74.01 -58.75
CA PRO B 19 44.09 -73.38 -59.22
C PRO B 19 44.50 -73.77 -60.62
N PHE B 20 43.98 -74.87 -61.16
CA PHE B 20 44.27 -75.23 -62.54
C PHE B 20 43.19 -74.76 -63.50
N GLY B 21 42.08 -74.22 -62.99
CA GLY B 21 40.99 -73.84 -63.84
C GLY B 21 40.04 -75.00 -64.04
N GLY B 22 38.82 -74.88 -63.53
CA GLY B 22 37.87 -75.97 -63.65
C GLY B 22 36.44 -75.49 -63.54
N TYR B 23 35.62 -75.89 -64.49
CA TYR B 23 34.24 -75.46 -64.55
C TYR B 23 33.39 -76.59 -63.98
N VAL B 24 33.07 -76.50 -62.70
CA VAL B 24 32.38 -77.56 -61.98
C VAL B 24 30.89 -77.27 -61.96
N TYR B 25 30.08 -78.25 -62.34
CA TYR B 25 28.63 -78.08 -62.35
C TYR B 25 27.98 -79.44 -62.13
N SER B 26 26.67 -79.42 -61.93
CA SER B 26 25.91 -80.64 -61.70
C SER B 26 25.11 -81.00 -62.93
N THR B 27 24.77 -82.29 -63.03
CA THR B 27 24.07 -82.83 -64.19
C THR B 27 23.22 -83.99 -63.73
N ASN B 28 22.03 -84.12 -64.29
CA ASN B 28 21.14 -85.23 -63.99
C ASN B 28 21.30 -86.31 -65.06
N LEU B 29 21.67 -87.51 -64.63
CA LEU B 29 21.84 -88.66 -65.50
C LEU B 29 20.61 -89.56 -65.40
N THR B 30 20.26 -90.20 -66.51
CA THR B 30 19.11 -91.09 -66.56
C THR B 30 19.57 -92.46 -67.06
N ALA B 31 19.07 -93.52 -66.44
CA ALA B 31 19.37 -94.89 -66.84
C ALA B 31 18.06 -95.64 -67.03
N SER B 32 17.75 -96.00 -68.27
CA SER B 32 16.43 -96.53 -68.61
C SER B 32 16.55 -97.87 -69.29
N THR B 33 16.28 -98.94 -68.57
CA THR B 33 16.18 -100.27 -69.15
C THR B 33 14.92 -100.34 -69.99
N SER B 34 15.07 -100.66 -71.27
CA SER B 34 13.98 -100.52 -72.22
C SER B 34 13.10 -101.75 -72.29
N SER B 35 11.80 -101.49 -72.49
CA SER B 35 10.78 -102.43 -72.99
C SER B 35 10.63 -103.68 -72.11
N ALA B 36 10.19 -103.45 -70.86
CA ALA B 36 9.50 -104.44 -70.03
C ALA B 36 10.36 -105.69 -69.75
N VAL B 37 11.41 -105.46 -68.96
CA VAL B 37 12.30 -106.54 -68.52
C VAL B 37 11.50 -107.57 -67.73
N THR B 38 11.60 -108.84 -68.14
CA THR B 38 10.71 -109.88 -67.66
C THR B 38 11.40 -111.18 -67.26
N SER B 39 12.58 -111.52 -67.79
CA SER B 39 13.21 -112.76 -67.36
C SER B 39 14.62 -112.60 -66.79
N THR B 40 15.53 -111.94 -67.51
CA THR B 40 16.95 -112.11 -67.25
C THR B 40 17.66 -110.76 -67.28
N GLN B 41 18.99 -110.80 -67.25
CA GLN B 41 19.80 -109.60 -67.12
C GLN B 41 19.75 -108.73 -68.37
N LEU B 42 19.42 -107.46 -68.18
CA LEU B 42 19.24 -106.48 -69.24
C LEU B 42 20.36 -105.45 -69.22
N THR B 43 20.26 -104.49 -70.13
CA THR B 43 21.25 -103.45 -70.32
C THR B 43 20.54 -102.11 -70.48
N PRO B 44 20.83 -101.13 -69.63
CA PRO B 44 20.06 -99.88 -69.64
C PRO B 44 20.66 -98.80 -70.53
N LEU B 45 19.76 -98.05 -71.17
CA LEU B 45 20.15 -96.96 -72.05
C LEU B 45 20.50 -95.72 -71.23
N ASN B 46 21.75 -95.32 -71.25
CA ASN B 46 22.17 -94.15 -70.50
C ASN B 46 21.80 -92.89 -71.27
N LEU B 47 21.78 -91.76 -70.57
CA LEU B 47 21.38 -90.49 -71.15
C LEU B 47 21.89 -89.38 -70.26
N SER B 48 22.79 -88.55 -70.77
CA SER B 48 23.34 -87.44 -70.01
C SER B 48 23.23 -86.17 -70.83
N ILE B 49 22.89 -85.07 -70.17
CA ILE B 49 22.69 -83.81 -70.86
C ILE B 49 23.68 -82.76 -70.35
N THR B 50 24.81 -82.62 -71.03
CA THR B 50 25.87 -81.73 -70.60
C THR B 50 25.55 -80.29 -70.98
N LEU B 51 26.58 -79.43 -70.95
CA LEU B 51 26.36 -77.98 -71.01
C LEU B 51 25.83 -77.53 -72.37
N GLY B 52 26.48 -77.94 -73.46
CA GLY B 52 26.15 -77.39 -74.77
C GLY B 52 25.01 -78.11 -75.47
N GLN B 53 23.99 -78.49 -74.71
CA GLN B 53 22.72 -79.12 -75.11
C GLN B 53 22.89 -80.46 -75.83
N ILE B 54 24.10 -80.96 -76.01
CA ILE B 54 24.32 -82.25 -76.65
C ILE B 54 24.02 -83.37 -75.66
N THR B 55 23.18 -84.31 -76.07
CA THR B 55 22.73 -85.42 -75.22
C THR B 55 23.50 -86.68 -75.60
N LEU B 56 24.51 -86.98 -74.79
CA LEU B 56 25.24 -88.23 -74.94
C LEU B 56 24.35 -89.40 -74.59
N SER B 57 24.03 -90.24 -75.56
CA SER B 57 23.01 -91.27 -75.40
C SER B 57 23.60 -92.66 -75.65
N GLY B 58 22.71 -93.65 -75.71
CA GLY B 58 23.09 -95.00 -76.02
C GLY B 58 23.72 -95.72 -74.84
N ASN B 59 23.85 -97.04 -75.00
CA ASN B 59 24.55 -97.84 -74.02
C ASN B 59 26.02 -97.50 -74.03
N SER B 60 26.68 -97.69 -72.89
CA SER B 60 28.14 -97.63 -72.75
C SER B 60 28.70 -96.26 -73.14
N LEU B 61 28.37 -95.27 -72.31
CA LEU B 61 28.88 -93.91 -72.50
C LEU B 61 30.39 -93.87 -72.38
N VAL B 62 31.03 -93.24 -73.34
CA VAL B 62 32.44 -92.90 -73.25
C VAL B 62 32.54 -91.47 -72.72
N ILE B 63 33.29 -91.31 -71.65
CA ILE B 63 33.41 -90.01 -70.99
C ILE B 63 34.31 -89.10 -71.82
N PRO B 64 33.92 -87.84 -72.05
CA PRO B 64 34.73 -86.92 -72.85
C PRO B 64 36.10 -86.67 -72.23
N ALA B 65 37.07 -86.37 -73.09
CA ALA B 65 38.47 -86.48 -72.75
C ALA B 65 38.98 -85.39 -71.83
N THR B 66 38.17 -84.37 -71.54
CA THR B 66 38.60 -83.27 -70.69
C THR B 66 37.71 -83.10 -69.48
N GLN B 67 37.11 -84.19 -68.99
CA GLN B 67 36.20 -84.12 -67.86
C GLN B 67 36.45 -85.25 -66.88
N ILE B 68 36.12 -84.98 -65.63
CA ILE B 68 36.13 -85.96 -64.55
C ILE B 68 34.73 -86.03 -64.00
N TRP B 69 34.16 -87.22 -63.96
CA TRP B 69 32.80 -87.38 -63.51
C TRP B 69 32.78 -87.99 -62.12
N TYR B 70 31.75 -87.63 -61.35
CA TYR B 70 31.57 -88.13 -59.99
C TYR B 70 30.11 -88.54 -59.90
N LEU B 71 29.84 -89.83 -59.97
CA LEU B 71 28.47 -90.32 -59.83
C LEU B 71 28.13 -90.42 -58.35
N THR B 72 27.25 -89.54 -57.86
CA THR B 72 27.14 -89.34 -56.42
C THR B 72 25.87 -89.90 -55.78
N ASP B 73 24.72 -89.75 -56.41
CA ASP B 73 23.48 -90.17 -55.79
C ASP B 73 22.66 -91.01 -56.74
N ALA B 74 21.56 -91.56 -56.24
CA ALA B 74 20.61 -92.30 -57.04
C ALA B 74 19.26 -92.25 -56.36
N TYR B 75 18.20 -92.09 -57.15
CA TYR B 75 16.85 -92.10 -56.60
C TYR B 75 15.89 -92.58 -57.68
N VAL B 76 14.65 -92.79 -57.30
CA VAL B 76 13.60 -93.32 -58.17
C VAL B 76 12.35 -92.49 -57.93
N SER B 77 11.69 -92.08 -59.01
CA SER B 77 10.51 -91.23 -58.93
C SER B 77 9.33 -91.97 -58.31
N VAL B 78 8.30 -91.18 -57.97
CA VAL B 78 7.11 -91.76 -57.35
C VAL B 78 6.24 -92.60 -58.31
N PRO B 79 5.94 -92.18 -59.56
CA PRO B 79 5.13 -93.06 -60.41
C PRO B 79 5.80 -94.36 -60.82
N ASP B 80 7.12 -94.44 -60.75
CA ASP B 80 7.78 -95.74 -60.91
C ASP B 80 7.50 -96.64 -59.72
N TYR B 81 7.55 -96.09 -58.51
CA TYR B 81 7.40 -96.89 -57.30
C TYR B 81 5.99 -97.43 -57.15
N THR B 82 5.00 -96.74 -57.71
CA THR B 82 3.67 -97.33 -57.81
C THR B 82 3.66 -98.50 -58.78
N ASN B 83 4.42 -98.41 -59.86
CA ASN B 83 4.48 -99.48 -60.84
C ASN B 83 5.35 -100.65 -60.40
N ILE B 84 6.33 -100.41 -59.53
CA ILE B 84 7.18 -101.50 -59.07
C ILE B 84 6.41 -102.41 -58.13
N THR B 85 5.78 -101.82 -57.10
CA THR B 85 5.09 -102.60 -56.09
C THR B 85 3.81 -103.24 -56.60
N ASN B 86 3.22 -102.71 -57.66
CA ASN B 86 2.06 -103.33 -58.28
C ASN B 86 2.43 -104.34 -59.35
N GLY B 87 3.72 -104.62 -59.52
CA GLY B 87 4.17 -105.61 -60.48
C GLY B 87 4.13 -105.16 -61.92
N ALA B 88 4.05 -103.85 -62.17
CA ALA B 88 4.05 -103.37 -63.54
C ALA B 88 5.45 -103.22 -64.12
N GLU B 89 6.47 -103.09 -63.28
CA GLU B 89 7.84 -103.09 -63.78
C GLU B 89 8.74 -103.79 -62.78
N ALA B 90 9.88 -104.25 -63.27
CA ALA B 90 10.68 -105.20 -62.51
C ALA B 90 11.53 -104.51 -61.46
N ASP B 91 11.73 -105.20 -60.35
CA ASP B 91 12.64 -104.80 -59.30
C ASP B 91 14.01 -105.40 -59.59
N GLY B 92 14.97 -105.13 -58.73
CA GLY B 92 16.29 -105.69 -58.89
C GLY B 92 17.35 -104.68 -58.50
N VAL B 93 18.59 -105.00 -58.82
CA VAL B 93 19.72 -104.13 -58.53
C VAL B 93 20.34 -103.66 -59.83
N ILE B 94 21.35 -102.80 -59.72
CA ILE B 94 22.03 -102.20 -60.86
C ILE B 94 23.53 -102.29 -60.60
N LEU B 95 24.28 -102.86 -61.55
CA LEU B 95 25.72 -102.98 -61.44
C LEU B 95 26.38 -101.88 -62.27
N ILE B 96 27.45 -101.30 -61.73
CA ILE B 96 28.11 -100.14 -62.32
C ILE B 96 29.56 -100.51 -62.59
N TYR B 97 29.97 -100.46 -63.85
CA TYR B 97 31.30 -100.89 -64.27
C TYR B 97 32.16 -99.72 -64.69
N LYS B 98 33.36 -100.05 -65.17
CA LYS B 98 34.35 -99.08 -65.65
C LYS B 98 35.34 -99.85 -66.50
N ASP B 99 35.41 -99.49 -67.79
CA ASP B 99 36.17 -100.21 -68.83
C ASP B 99 35.74 -101.67 -68.97
N GLY B 100 34.49 -101.97 -68.59
CA GLY B 100 33.94 -103.30 -68.77
C GLY B 100 34.45 -104.39 -67.86
N VAL B 101 35.44 -104.11 -67.00
CA VAL B 101 35.99 -105.14 -66.13
C VAL B 101 35.81 -104.78 -64.66
N LYS B 102 36.04 -103.51 -64.31
CA LYS B 102 36.12 -103.11 -62.91
C LYS B 102 34.72 -102.82 -62.38
N LEU B 103 34.23 -103.67 -61.48
CA LEU B 103 32.93 -103.46 -60.86
C LEU B 103 33.09 -102.58 -59.63
N MET B 104 32.32 -101.48 -59.56
CA MET B 104 32.54 -100.53 -58.48
C MET B 104 31.38 -100.35 -57.51
N LEU B 105 30.13 -100.54 -57.93
CA LEU B 105 29.03 -100.51 -56.98
C LEU B 105 27.93 -101.46 -57.39
N THR B 106 27.02 -101.69 -56.45
CA THR B 106 25.77 -102.39 -56.68
C THR B 106 24.70 -101.60 -55.95
N THR B 107 23.75 -101.05 -56.68
CA THR B 107 22.75 -100.23 -56.03
C THR B 107 21.75 -101.12 -55.30
N PRO B 108 21.51 -100.85 -54.02
CA PRO B 108 20.67 -101.76 -53.23
C PRO B 108 19.19 -101.66 -53.53
N LEU B 109 18.71 -102.45 -54.50
CA LEU B 109 17.28 -102.72 -54.70
C LEU B 109 16.45 -101.50 -54.99
N ILE B 110 16.53 -100.98 -56.22
CA ILE B 110 16.00 -99.70 -56.68
C ILE B 110 14.58 -99.35 -56.25
N SER B 111 13.76 -100.35 -55.90
CA SER B 111 12.49 -100.08 -55.27
C SER B 111 12.65 -99.47 -53.88
N SER B 112 13.74 -99.77 -53.19
CA SER B 112 14.01 -99.19 -51.89
C SER B 112 14.75 -97.87 -51.94
N MET B 113 15.22 -97.46 -53.13
CA MET B 113 15.80 -96.14 -53.33
C MET B 113 14.76 -95.12 -53.75
N SER B 114 13.49 -95.41 -53.50
CA SER B 114 12.42 -94.52 -53.92
C SER B 114 12.40 -93.26 -53.06
N ILE B 115 11.75 -92.24 -53.59
CA ILE B 115 11.72 -90.94 -52.92
C ILE B 115 10.42 -90.73 -52.16
N SER B 116 9.43 -91.58 -52.36
CA SER B 116 8.18 -91.47 -51.62
C SER B 116 8.29 -91.92 -50.17
N ASN B 117 9.40 -92.56 -49.79
CA ASN B 117 9.66 -93.01 -48.42
C ASN B 117 10.56 -92.02 -47.70
N PRO B 118 10.36 -91.78 -46.40
CA PRO B 118 11.18 -90.80 -45.70
C PRO B 118 12.53 -91.31 -45.22
N ALA B 119 12.88 -92.56 -45.48
CA ALA B 119 14.18 -93.10 -45.09
C ALA B 119 14.80 -93.84 -46.26
N ARG B 120 14.83 -93.18 -47.41
CA ARG B 120 15.44 -93.69 -48.62
C ARG B 120 16.90 -94.08 -48.40
N THR B 121 17.27 -95.27 -48.87
CA THR B 121 18.64 -95.71 -48.76
C THR B 121 19.53 -95.01 -49.79
N HIS B 122 20.82 -94.94 -49.48
CA HIS B 122 21.76 -94.19 -50.27
C HIS B 122 22.82 -95.11 -50.87
N LEU B 123 23.68 -94.53 -51.70
CA LEU B 123 24.81 -95.24 -52.22
C LEU B 123 25.92 -95.33 -51.17
N ALA B 124 26.92 -96.15 -51.45
CA ALA B 124 28.00 -96.30 -50.49
C ALA B 124 28.98 -95.14 -50.58
N GLN B 125 29.38 -94.76 -51.79
CA GLN B 125 30.38 -93.71 -51.94
C GLN B 125 30.23 -93.12 -53.34
N ALA B 126 30.57 -91.84 -53.45
CA ALA B 126 30.53 -91.14 -54.73
C ALA B 126 31.67 -91.65 -55.61
N VAL B 127 31.31 -92.28 -56.71
CA VAL B 127 32.25 -93.02 -57.55
C VAL B 127 32.85 -92.05 -58.57
N LYS B 128 34.17 -91.95 -58.59
CA LYS B 128 34.81 -91.08 -59.55
C LYS B 128 34.98 -91.80 -60.88
N TYR B 129 35.24 -91.01 -61.91
CA TYR B 129 35.43 -91.52 -63.26
C TYR B 129 36.42 -90.61 -63.96
N SER B 130 37.50 -91.17 -64.45
CA SER B 130 38.63 -90.40 -64.96
C SER B 130 38.29 -89.85 -66.34
N PRO B 131 39.18 -89.05 -66.95
CA PRO B 131 39.12 -88.85 -68.40
C PRO B 131 39.25 -90.17 -69.16
N GLN B 132 38.99 -90.08 -70.46
CA GLN B 132 38.19 -91.04 -71.24
C GLN B 132 38.28 -92.51 -70.80
N SER B 133 37.12 -93.08 -70.50
CA SER B 133 36.99 -94.36 -69.81
C SER B 133 35.55 -94.77 -69.88
N ILE B 134 35.31 -96.03 -70.25
CA ILE B 134 33.96 -96.46 -70.58
C ILE B 134 33.15 -96.68 -69.32
N LEU B 135 31.91 -96.19 -69.33
CA LEU B 135 30.94 -96.36 -68.25
C LEU B 135 29.80 -97.20 -68.80
N THR B 136 29.70 -98.45 -68.36
CA THR B 136 28.56 -99.27 -68.71
C THR B 136 27.84 -99.71 -67.44
N MET B 137 26.54 -99.91 -67.57
CA MET B 137 25.70 -100.38 -66.47
C MET B 137 24.93 -101.61 -66.91
N TYR B 138 24.33 -102.29 -65.94
CA TYR B 138 23.55 -103.48 -66.18
C TYR B 138 22.43 -103.56 -65.15
N PHE B 139 21.34 -104.22 -65.52
CA PHE B 139 20.19 -104.37 -64.65
C PHE B 139 19.96 -105.85 -64.40
N ASN B 140 20.01 -106.26 -63.13
CA ASN B 140 19.94 -107.65 -62.74
C ASN B 140 18.63 -107.93 -62.03
N PRO B 141 17.56 -108.30 -62.73
CA PRO B 141 16.24 -108.30 -62.12
C PRO B 141 15.94 -109.49 -61.23
N THR B 142 15.46 -109.18 -60.03
CA THR B 142 14.84 -110.13 -59.13
C THR B 142 13.39 -109.71 -58.96
N LYS B 143 12.49 -110.70 -58.94
CA LYS B 143 11.03 -110.52 -58.93
C LYS B 143 10.62 -109.65 -60.10
N PRO B 144 10.56 -110.20 -61.31
CA PRO B 144 10.37 -109.36 -62.49
C PRO B 144 8.95 -108.82 -62.65
N ALA B 145 8.71 -108.13 -63.78
CA ALA B 145 7.39 -107.60 -64.07
C ALA B 145 6.40 -108.73 -64.31
N THR B 146 5.28 -108.68 -63.59
CA THR B 146 4.33 -109.78 -63.59
C THR B 146 3.01 -109.42 -64.25
N ALA B 147 2.46 -108.26 -63.94
CA ALA B 147 1.18 -107.85 -64.50
C ALA B 147 1.33 -107.48 -65.97
N SER B 148 0.22 -107.53 -66.69
CA SER B 148 0.21 -107.10 -68.08
C SER B 148 0.28 -105.57 -68.17
N THR B 149 0.47 -105.08 -69.40
CA THR B 149 0.70 -103.68 -69.73
C THR B 149 1.85 -103.10 -68.90
N SER B 150 3.02 -103.68 -69.09
CA SER B 150 4.19 -103.36 -68.30
C SER B 150 4.81 -102.04 -68.77
N TYR B 151 5.82 -101.60 -68.03
CA TYR B 151 6.50 -100.35 -68.30
C TYR B 151 8.01 -100.53 -68.14
N PRO B 152 8.81 -99.74 -68.86
CA PRO B 152 10.25 -99.81 -68.68
C PRO B 152 10.68 -99.21 -67.34
N ASN B 153 11.85 -99.64 -66.89
CA ASN B 153 12.42 -99.09 -65.67
C ASN B 153 13.20 -97.82 -65.97
N THR B 154 13.31 -96.95 -64.96
CA THR B 154 14.05 -95.71 -65.09
C THR B 154 14.58 -95.33 -63.72
N VAL B 155 15.89 -95.21 -63.59
CA VAL B 155 16.53 -94.84 -62.33
C VAL B 155 17.38 -93.61 -62.58
N TYR B 156 17.03 -92.51 -61.95
CA TYR B 156 17.75 -91.26 -62.11
C TYR B 156 19.00 -91.25 -61.25
N PHE B 157 20.07 -90.73 -61.80
CA PHE B 157 21.31 -90.57 -61.06
C PHE B 157 21.61 -89.09 -60.94
N THR B 158 22.79 -88.78 -60.39
CA THR B 158 23.21 -87.40 -60.24
C THR B 158 24.73 -87.37 -60.32
N VAL B 159 25.26 -86.64 -61.30
CA VAL B 159 26.68 -86.66 -61.59
C VAL B 159 27.25 -85.25 -61.50
N VAL B 160 28.37 -85.13 -60.80
CA VAL B 160 29.12 -83.89 -60.69
C VAL B 160 30.20 -83.93 -61.77
N VAL B 161 30.21 -82.95 -62.65
CA VAL B 161 31.08 -82.94 -63.81
C VAL B 161 32.10 -81.83 -63.65
N VAL B 162 33.35 -82.19 -63.41
CA VAL B 162 34.46 -81.24 -63.40
C VAL B 162 34.94 -81.12 -64.83
N ASP B 163 35.14 -79.90 -65.30
CA ASP B 163 35.41 -79.67 -66.72
C ASP B 163 36.66 -78.81 -66.88
N PHE B 164 37.57 -79.25 -67.75
CA PHE B 164 38.82 -78.57 -68.01
C PHE B 164 38.95 -78.11 -69.45
N SER B 165 37.86 -78.16 -70.23
CA SER B 165 37.94 -77.92 -71.65
C SER B 165 38.16 -76.45 -71.97
N TYR B 166 37.76 -75.54 -71.09
CA TYR B 166 37.85 -74.11 -71.34
C TYR B 166 39.10 -73.48 -70.74
N ALA B 167 40.05 -74.28 -70.27
CA ALA B 167 41.34 -73.76 -69.85
C ALA B 167 42.28 -73.76 -71.06
N GLN B 168 43.56 -73.46 -70.84
CA GLN B 168 44.51 -73.36 -71.94
C GLN B 168 45.27 -74.65 -72.21
N ASN B 169 44.82 -75.78 -71.67
CA ASN B 169 45.71 -76.93 -71.55
C ASN B 169 45.03 -78.19 -72.09
N PRO B 170 45.83 -79.15 -72.63
CA PRO B 170 45.24 -80.30 -73.32
C PRO B 170 44.65 -81.36 -72.40
N ALA B 171 44.31 -82.51 -72.99
CA ALA B 171 43.78 -83.68 -72.29
C ALA B 171 44.82 -84.41 -71.45
N ARG B 172 46.05 -83.90 -71.33
CA ARG B 172 46.99 -84.42 -70.36
C ARG B 172 46.93 -83.68 -69.03
N ALA B 173 46.66 -82.38 -69.05
CA ALA B 173 46.51 -81.64 -67.80
C ALA B 173 45.21 -81.96 -67.09
N VAL B 174 44.25 -82.56 -67.80
CA VAL B 174 43.05 -83.03 -67.15
C VAL B 174 43.35 -84.26 -66.32
N VAL B 175 44.12 -85.21 -66.87
CA VAL B 175 44.45 -86.42 -66.14
C VAL B 175 45.51 -86.12 -65.08
N SER B 176 46.26 -85.03 -65.25
CA SER B 176 47.24 -84.65 -64.24
C SER B 176 46.54 -84.11 -62.99
N ALA B 177 45.53 -83.25 -63.17
CA ALA B 177 44.70 -82.80 -62.06
C ALA B 177 43.62 -83.80 -61.70
N ASN B 178 43.56 -84.96 -62.37
CA ASN B 178 42.66 -86.02 -61.96
C ASN B 178 43.25 -86.88 -60.85
N ALA B 179 44.54 -87.17 -60.93
CA ALA B 179 45.16 -88.05 -59.94
C ALA B 179 45.56 -87.29 -58.68
N VAL B 180 45.52 -85.96 -58.69
CA VAL B 180 45.68 -85.21 -57.46
C VAL B 180 44.47 -85.43 -56.55
N MET B 181 43.29 -85.55 -57.15
CA MET B 181 42.08 -85.81 -56.40
C MET B 181 42.05 -87.23 -55.83
N SER C 4 16.29 -75.21 -32.45
CA SER C 4 17.50 -75.87 -32.00
C SER C 4 18.50 -74.86 -31.48
N VAL C 5 18.31 -73.60 -31.86
CA VAL C 5 19.24 -72.54 -31.49
C VAL C 5 18.89 -71.94 -30.13
N THR C 6 17.74 -72.29 -29.56
CA THR C 6 17.29 -71.69 -28.30
C THR C 6 18.11 -72.14 -27.10
N GLN C 7 18.81 -73.27 -27.18
CA GLN C 7 19.57 -73.73 -26.03
C GLN C 7 20.97 -73.14 -25.97
N GLN C 8 21.48 -72.61 -27.08
CA GLN C 8 22.83 -72.07 -27.10
C GLN C 8 22.87 -70.60 -26.73
N VAL C 9 21.87 -69.83 -27.17
CA VAL C 9 21.80 -68.42 -26.78
C VAL C 9 21.29 -68.26 -25.36
N PHE C 10 20.59 -69.26 -24.82
CA PHE C 10 20.20 -69.21 -23.41
C PHE C 10 21.43 -69.36 -22.53
N ASN C 11 22.27 -70.35 -22.83
CA ASN C 11 23.53 -70.53 -22.12
C ASN C 11 24.50 -69.38 -22.38
N PHE C 12 24.41 -68.75 -23.55
CA PHE C 12 25.23 -67.57 -23.81
C PHE C 12 24.77 -66.37 -23.01
N ALA C 13 23.46 -66.24 -22.79
CA ALA C 13 22.95 -65.10 -22.03
C ALA C 13 23.20 -65.24 -20.54
N VAL C 14 23.21 -66.47 -20.01
CA VAL C 14 23.44 -66.69 -18.59
C VAL C 14 24.86 -66.33 -18.21
N THR C 15 25.83 -66.76 -19.02
CA THR C 15 27.24 -66.56 -18.71
C THR C 15 27.68 -65.11 -18.90
N LYS C 16 26.92 -64.31 -19.65
CA LYS C 16 27.32 -62.95 -19.97
C LYS C 16 26.62 -61.90 -19.14
N SER C 17 25.37 -62.12 -18.76
CA SER C 17 24.65 -61.19 -17.92
C SER C 17 24.88 -61.42 -16.44
N GLN C 18 25.65 -62.44 -16.09
CA GLN C 18 25.99 -62.70 -14.69
C GLN C 18 26.90 -61.68 -14.02
N PRO C 19 27.99 -61.15 -14.62
CA PRO C 19 28.80 -60.18 -13.87
C PRO C 19 28.12 -58.85 -13.67
N PHE C 20 27.05 -58.58 -14.40
CA PHE C 20 26.24 -57.38 -14.18
C PHE C 20 24.94 -57.68 -13.46
N GLY C 21 24.62 -58.95 -13.26
CA GLY C 21 23.42 -59.31 -12.54
C GLY C 21 22.21 -59.36 -13.45
N GLY C 22 21.53 -60.50 -13.48
CA GLY C 22 20.36 -60.58 -14.32
C GLY C 22 19.67 -61.92 -14.44
N TYR C 23 18.35 -61.86 -14.40
CA TYR C 23 17.46 -62.88 -14.96
C TYR C 23 17.90 -63.30 -16.35
N VAL C 24 17.75 -64.59 -16.64
CA VAL C 24 17.53 -65.09 -17.99
C VAL C 24 16.38 -66.07 -17.89
N TYR C 25 15.34 -65.89 -18.69
CA TYR C 25 14.23 -66.83 -18.72
C TYR C 25 13.56 -66.77 -20.07
N SER C 26 12.45 -67.49 -20.21
CA SER C 26 11.79 -67.66 -21.48
C SER C 26 10.32 -67.29 -21.38
N THR C 27 9.73 -66.90 -22.51
CA THR C 27 8.31 -66.66 -22.60
C THR C 27 7.83 -67.12 -23.97
N ASN C 28 6.60 -66.79 -24.31
CA ASN C 28 5.96 -67.26 -25.53
C ASN C 28 5.30 -66.09 -26.24
N LEU C 29 5.70 -65.83 -27.49
CA LEU C 29 5.21 -64.69 -28.25
C LEU C 29 4.32 -65.17 -29.38
N THR C 30 3.14 -64.59 -29.49
CA THR C 30 2.15 -65.02 -30.46
C THR C 30 1.97 -63.95 -31.53
N ALA C 31 2.29 -64.29 -32.77
CA ALA C 31 1.99 -63.46 -33.92
C ALA C 31 0.83 -64.09 -34.67
N SER C 32 -0.15 -63.27 -35.06
CA SER C 32 -1.37 -63.81 -35.67
C SER C 32 -1.92 -62.76 -36.62
N THR C 33 -1.90 -63.06 -37.92
CA THR C 33 -2.50 -62.20 -38.92
C THR C 33 -4.01 -62.32 -38.83
N SER C 34 -4.71 -61.20 -38.70
CA SER C 34 -6.15 -61.27 -38.56
C SER C 34 -6.83 -61.53 -39.89
N SER C 35 -7.90 -62.34 -39.82
CA SER C 35 -8.99 -62.42 -40.81
C SER C 35 -8.53 -62.83 -42.20
N ALA C 36 -7.95 -64.03 -42.31
CA ALA C 36 -8.01 -64.90 -43.49
C ALA C 36 -7.44 -64.24 -44.74
N VAL C 37 -6.11 -64.07 -44.72
CA VAL C 37 -5.40 -63.36 -45.79
C VAL C 37 -5.52 -64.09 -47.12
N THR C 38 -5.91 -63.34 -48.17
CA THR C 38 -6.11 -63.91 -49.50
C THR C 38 -5.39 -63.18 -50.63
N SER C 39 -4.83 -61.99 -50.39
CA SER C 39 -4.23 -61.24 -51.49
C SER C 39 -2.75 -60.95 -51.33
N THR C 40 -2.34 -60.26 -50.28
CA THR C 40 -1.07 -59.53 -50.29
C THR C 40 -0.58 -59.31 -48.87
N GLN C 41 0.40 -58.40 -48.74
CA GLN C 41 1.17 -58.15 -47.52
C GLN C 41 0.25 -57.75 -46.36
N LEU C 42 0.24 -58.55 -45.30
CA LEU C 42 -0.57 -58.28 -44.12
C LEU C 42 0.35 -58.12 -42.91
N THR C 43 -0.18 -57.49 -41.87
CA THR C 43 0.56 -57.19 -40.64
C THR C 43 0.03 -58.05 -39.51
N PRO C 44 0.83 -58.93 -38.91
CA PRO C 44 0.34 -59.75 -37.79
C PRO C 44 0.34 -58.99 -36.48
N LEU C 45 -0.62 -59.33 -35.62
CA LEU C 45 -0.78 -58.70 -34.32
C LEU C 45 0.04 -59.46 -33.29
N ASN C 46 1.14 -58.87 -32.83
CA ASN C 46 1.95 -59.52 -31.80
C ASN C 46 1.25 -59.47 -30.46
N LEU C 47 1.55 -60.45 -29.60
CA LEU C 47 0.99 -60.50 -28.25
C LEU C 47 1.99 -61.20 -27.35
N SER C 48 2.77 -60.43 -26.59
CA SER C 48 3.73 -61.01 -25.66
C SER C 48 3.29 -60.74 -24.24
N ILE C 49 3.42 -61.77 -23.40
CA ILE C 49 3.12 -61.65 -21.98
C ILE C 49 4.39 -62.00 -21.21
N THR C 50 4.82 -61.07 -20.36
CA THR C 50 6.01 -61.25 -19.57
C THR C 50 5.59 -61.63 -18.16
N LEU C 51 6.57 -61.67 -17.24
CA LEU C 51 6.33 -62.16 -15.90
C LEU C 51 5.41 -61.25 -15.09
N GLY C 52 5.32 -59.97 -15.46
CA GLY C 52 4.51 -59.01 -14.74
C GLY C 52 3.01 -59.17 -14.88
N GLN C 53 2.54 -60.20 -15.58
CA GLN C 53 1.16 -60.37 -16.04
C GLN C 53 0.69 -59.17 -16.83
N ILE C 54 1.60 -58.55 -17.58
CA ILE C 54 1.35 -57.37 -18.37
C ILE C 54 1.40 -57.74 -19.85
N THR C 55 0.28 -57.55 -20.54
CA THR C 55 0.16 -57.96 -21.92
C THR C 55 0.57 -56.80 -22.83
N LEU C 56 1.59 -57.02 -23.65
CA LEU C 56 1.98 -56.07 -24.67
C LEU C 56 1.39 -56.57 -25.98
N SER C 57 0.29 -55.95 -26.40
CA SER C 57 -0.44 -56.39 -27.57
C SER C 57 -0.26 -55.39 -28.70
N GLY C 58 -1.00 -55.63 -29.78
CA GLY C 58 -0.93 -54.77 -30.95
C GLY C 58 0.36 -54.94 -31.72
N ASN C 59 0.44 -54.21 -32.83
CA ASN C 59 1.64 -54.19 -33.63
C ASN C 59 2.74 -53.43 -32.89
N SER C 60 3.98 -53.64 -33.35
CA SER C 60 5.13 -52.81 -33.00
C SER C 60 5.42 -52.79 -31.49
N LEU C 61 5.78 -53.95 -30.97
CA LEU C 61 6.05 -54.07 -29.55
C LEU C 61 7.36 -53.38 -29.18
N VAL C 62 7.35 -52.68 -28.05
CA VAL C 62 8.51 -51.95 -27.56
C VAL C 62 9.14 -52.78 -26.45
N ILE C 63 10.42 -53.05 -26.58
CA ILE C 63 11.17 -53.71 -25.50
C ILE C 63 11.29 -52.75 -24.33
N PRO C 64 10.93 -53.16 -23.11
CA PRO C 64 11.07 -52.27 -21.95
C PRO C 64 12.53 -51.94 -21.66
N ALA C 65 12.72 -50.87 -20.89
CA ALA C 65 14.02 -50.23 -20.78
C ALA C 65 15.03 -51.00 -19.94
N THR C 66 14.64 -52.12 -19.33
CA THR C 66 15.55 -52.91 -18.51
C THR C 66 15.73 -54.33 -19.03
N GLN C 67 15.26 -54.63 -20.24
CA GLN C 67 15.29 -55.97 -20.77
C GLN C 67 16.07 -56.03 -22.09
N ILE C 68 16.62 -57.20 -22.37
CA ILE C 68 17.27 -57.50 -23.64
C ILE C 68 16.66 -58.79 -24.16
N TRP C 69 15.91 -58.70 -25.24
CA TRP C 69 15.20 -59.87 -25.74
C TRP C 69 16.04 -60.64 -26.74
N TYR C 70 15.62 -61.87 -27.02
CA TYR C 70 16.25 -62.70 -28.04
C TYR C 70 15.17 -63.56 -28.67
N LEU C 71 14.90 -63.35 -29.95
CA LEU C 71 13.91 -64.14 -30.67
C LEU C 71 14.59 -65.36 -31.27
N THR C 72 14.16 -66.56 -30.85
CA THR C 72 14.94 -67.77 -31.09
C THR C 72 14.32 -68.73 -32.08
N ASP C 73 13.12 -69.26 -31.81
CA ASP C 73 12.53 -70.29 -32.66
C ASP C 73 11.07 -69.99 -32.91
N ALA C 74 10.44 -70.85 -33.70
CA ALA C 74 9.03 -70.71 -34.06
C ALA C 74 8.47 -72.09 -34.39
N TYR C 75 7.16 -72.23 -34.22
CA TYR C 75 6.48 -73.48 -34.51
C TYR C 75 5.03 -73.17 -34.81
N VAL C 76 4.37 -74.11 -35.48
CA VAL C 76 3.00 -73.93 -35.95
C VAL C 76 2.23 -75.21 -35.61
N SER C 77 1.10 -75.06 -34.91
CA SER C 77 0.43 -76.23 -34.36
C SER C 77 -0.30 -77.00 -35.46
N VAL C 78 -0.77 -78.20 -35.10
CA VAL C 78 -1.34 -79.17 -36.03
C VAL C 78 -2.68 -78.74 -36.64
N PRO C 79 -3.68 -78.21 -35.91
CA PRO C 79 -4.89 -77.72 -36.60
C PRO C 79 -4.66 -76.51 -37.51
N ASP C 80 -3.51 -75.84 -37.42
CA ASP C 80 -3.16 -74.90 -38.46
C ASP C 80 -2.63 -75.61 -39.70
N TYR C 81 -1.75 -76.60 -39.50
CA TYR C 81 -1.14 -77.29 -40.64
C TYR C 81 -2.14 -78.20 -41.34
N THR C 82 -3.21 -78.61 -40.66
CA THR C 82 -4.30 -79.27 -41.36
C THR C 82 -5.01 -78.31 -42.30
N ASN C 83 -5.03 -77.03 -41.96
CA ASN C 83 -5.76 -76.07 -42.78
C ASN C 83 -4.90 -75.48 -43.89
N ILE C 84 -3.58 -75.45 -43.71
CA ILE C 84 -2.69 -74.99 -44.77
C ILE C 84 -2.73 -75.96 -45.95
N THR C 85 -2.66 -77.26 -45.66
CA THR C 85 -2.65 -78.27 -46.71
C THR C 85 -4.00 -78.43 -47.39
N ASN C 86 -5.07 -77.91 -46.80
CA ASN C 86 -6.36 -77.86 -47.46
C ASN C 86 -6.63 -76.50 -48.08
N GLY C 87 -5.70 -75.56 -47.96
CA GLY C 87 -5.92 -74.23 -48.47
C GLY C 87 -6.86 -73.38 -47.66
N ALA C 88 -7.15 -73.77 -46.42
CA ALA C 88 -8.06 -72.98 -45.60
C ALA C 88 -7.36 -71.82 -44.91
N GLU C 89 -6.02 -71.76 -44.96
CA GLU C 89 -5.31 -70.55 -44.61
C GLU C 89 -4.04 -70.48 -45.44
N ALA C 90 -3.42 -69.32 -45.43
CA ALA C 90 -2.34 -69.03 -46.37
C ALA C 90 -1.02 -69.62 -45.91
N ASP C 91 -0.18 -69.96 -46.87
CA ASP C 91 1.23 -70.22 -46.62
C ASP C 91 1.98 -68.90 -46.73
N GLY C 92 3.29 -68.96 -46.69
CA GLY C 92 4.08 -67.76 -46.84
C GLY C 92 5.10 -67.66 -45.72
N VAL C 93 5.86 -66.58 -45.75
CA VAL C 93 6.93 -66.33 -44.80
C VAL C 93 6.55 -65.14 -43.94
N ILE C 94 7.30 -64.94 -42.87
CA ILE C 94 7.10 -63.83 -41.94
C ILE C 94 8.41 -63.05 -41.86
N LEU C 95 8.35 -61.76 -42.16
CA LEU C 95 9.51 -60.88 -42.11
C LEU C 95 9.61 -60.28 -40.71
N ILE C 96 10.84 -60.08 -40.24
CA ILE C 96 11.10 -59.61 -38.88
C ILE C 96 11.94 -58.36 -38.97
N TYR C 97 11.41 -57.24 -38.49
CA TYR C 97 12.06 -55.96 -38.55
C TYR C 97 12.57 -55.53 -37.18
N LYS C 98 13.41 -54.50 -37.17
CA LYS C 98 13.90 -53.89 -35.95
C LYS C 98 13.95 -52.39 -36.16
N ASP C 99 13.50 -51.63 -35.14
CA ASP C 99 13.49 -50.17 -35.11
C ASP C 99 12.67 -49.56 -36.23
N GLY C 100 11.74 -50.31 -36.82
CA GLY C 100 10.99 -49.83 -37.95
C GLY C 100 11.79 -49.60 -39.21
N VAL C 101 13.03 -50.05 -39.27
CA VAL C 101 13.96 -49.72 -40.35
C VAL C 101 14.66 -50.98 -40.88
N LYS C 102 15.42 -51.65 -40.02
CA LYS C 102 16.24 -52.78 -40.43
C LYS C 102 15.37 -54.01 -40.65
N LEU C 103 15.83 -54.90 -41.51
CA LEU C 103 15.22 -56.22 -41.69
C LEU C 103 16.29 -57.26 -41.43
N MET C 104 16.02 -58.23 -40.55
CA MET C 104 17.10 -59.11 -40.15
C MET C 104 16.86 -60.60 -40.39
N LEU C 105 15.62 -61.06 -40.46
CA LEU C 105 15.39 -62.44 -40.84
C LEU C 105 14.16 -62.55 -41.73
N THR C 106 14.00 -63.74 -42.28
CA THR C 106 12.80 -64.13 -43.00
C THR C 106 12.60 -65.61 -42.71
N THR C 107 11.49 -65.94 -42.06
CA THR C 107 11.37 -67.28 -41.48
C THR C 107 11.04 -68.28 -42.59
N PRO C 108 11.56 -69.51 -42.52
CA PRO C 108 11.41 -70.43 -43.65
C PRO C 108 10.06 -71.11 -43.77
N LEU C 109 9.09 -70.45 -44.43
CA LEU C 109 7.89 -71.08 -44.96
C LEU C 109 7.01 -71.74 -43.89
N ILE C 110 6.24 -70.94 -43.16
CA ILE C 110 5.53 -71.30 -41.93
C ILE C 110 4.73 -72.61 -41.94
N SER C 111 4.43 -73.15 -43.11
CA SER C 111 3.92 -74.52 -43.13
C SER C 111 5.01 -75.53 -42.84
N SER C 112 6.24 -75.27 -43.28
CA SER C 112 7.32 -76.24 -43.14
C SER C 112 7.93 -76.28 -41.76
N MET C 113 7.51 -75.41 -40.85
CA MET C 113 7.90 -75.48 -39.45
C MET C 113 6.74 -75.92 -38.58
N SER C 114 5.79 -76.63 -39.16
CA SER C 114 4.73 -77.26 -38.38
C SER C 114 5.32 -78.33 -37.46
N ILE C 115 4.60 -78.59 -36.37
CA ILE C 115 5.14 -79.47 -35.34
C ILE C 115 5.02 -80.94 -35.74
N SER C 116 4.25 -81.25 -36.78
CA SER C 116 4.06 -82.59 -37.27
C SER C 116 4.94 -82.95 -38.46
N ASN C 117 5.67 -81.98 -39.02
CA ASN C 117 6.68 -82.35 -40.01
C ASN C 117 7.86 -82.99 -39.30
N PRO C 118 8.26 -84.20 -39.66
CA PRO C 118 9.43 -84.82 -39.00
C PRO C 118 10.72 -84.09 -39.26
N ALA C 119 10.84 -83.40 -40.40
CA ALA C 119 11.92 -82.44 -40.60
C ALA C 119 11.40 -81.01 -40.38
N ARG C 120 11.10 -80.71 -39.12
CA ARG C 120 10.66 -79.37 -38.75
C ARG C 120 11.87 -78.45 -38.77
N THR C 121 11.83 -77.44 -39.62
CA THR C 121 12.95 -76.54 -39.78
C THR C 121 12.88 -75.40 -38.77
N HIS C 122 14.05 -74.97 -38.32
CA HIS C 122 14.16 -73.92 -37.31
C HIS C 122 14.72 -72.65 -37.96
N LEU C 123 14.96 -71.64 -37.14
CA LEU C 123 15.46 -70.36 -37.63
C LEU C 123 16.97 -70.40 -37.79
N ALA C 124 17.51 -69.37 -38.45
CA ALA C 124 18.93 -69.37 -38.79
C ALA C 124 19.80 -68.96 -37.61
N GLN C 125 19.57 -67.77 -37.07
CA GLN C 125 20.27 -67.31 -35.86
C GLN C 125 19.29 -66.49 -35.06
N ALA C 126 19.51 -66.43 -33.76
CA ALA C 126 18.66 -65.67 -32.86
C ALA C 126 18.85 -64.17 -33.07
N VAL C 127 17.74 -63.45 -32.98
CA VAL C 127 17.69 -62.01 -33.23
C VAL C 127 17.80 -61.29 -31.90
N LYS C 128 18.77 -60.39 -31.78
CA LYS C 128 18.93 -59.61 -30.56
C LYS C 128 17.96 -58.44 -30.55
N TYR C 129 17.64 -57.94 -29.35
CA TYR C 129 16.82 -56.75 -29.19
C TYR C 129 17.30 -55.99 -27.96
N SER C 130 17.77 -54.78 -28.16
CA SER C 130 18.30 -53.93 -27.10
C SER C 130 17.14 -53.25 -26.39
N PRO C 131 17.41 -52.41 -25.33
CA PRO C 131 16.37 -51.49 -24.84
C PRO C 131 15.86 -50.53 -25.90
N GLN C 132 14.81 -49.78 -25.54
CA GLN C 132 13.61 -49.62 -26.35
C GLN C 132 13.85 -49.62 -27.85
N SER C 133 13.29 -50.64 -28.50
CA SER C 133 13.41 -50.89 -29.90
C SER C 133 12.08 -51.47 -30.32
N ILE C 134 11.79 -51.42 -31.61
CA ILE C 134 10.46 -51.75 -32.07
C ILE C 134 10.54 -53.06 -32.84
N LEU C 135 10.08 -54.13 -32.20
CA LEU C 135 9.90 -55.41 -32.84
C LEU C 135 8.58 -55.40 -33.60
N THR C 136 8.64 -55.50 -34.91
CA THR C 136 7.44 -55.55 -35.72
C THR C 136 7.63 -56.58 -36.82
N MET C 137 6.54 -57.23 -37.18
CA MET C 137 6.58 -58.31 -38.14
C MET C 137 5.60 -58.04 -39.25
N TYR C 138 5.84 -58.68 -40.39
CA TYR C 138 5.03 -58.54 -41.58
C TYR C 138 4.92 -59.91 -42.23
N PHE C 139 3.74 -60.24 -42.71
CA PHE C 139 3.46 -61.58 -43.24
C PHE C 139 3.24 -61.47 -44.74
N ASN C 140 4.16 -62.03 -45.51
CA ASN C 140 4.15 -61.96 -46.96
C ASN C 140 3.61 -63.25 -47.53
N PRO C 141 2.34 -63.32 -47.92
CA PRO C 141 1.75 -64.61 -48.28
C PRO C 141 2.11 -65.03 -49.69
N THR C 142 2.62 -66.25 -49.81
CA THR C 142 2.66 -66.98 -51.07
C THR C 142 1.70 -68.15 -50.93
N LYS C 143 1.00 -68.46 -52.02
CA LYS C 143 -0.15 -69.38 -52.06
C LYS C 143 -1.17 -68.97 -51.00
N PRO C 144 -1.94 -67.91 -51.24
CA PRO C 144 -2.89 -67.45 -50.24
C PRO C 144 -4.08 -68.39 -50.10
N ALA C 145 -4.92 -68.09 -49.11
CA ALA C 145 -6.08 -68.92 -48.81
C ALA C 145 -7.10 -68.85 -49.93
N THR C 146 -7.52 -70.02 -50.42
CA THR C 146 -8.44 -70.08 -51.53
C THR C 146 -9.78 -70.73 -51.18
N ALA C 147 -9.82 -71.62 -50.20
CA ALA C 147 -11.06 -72.31 -49.86
C ALA C 147 -11.99 -71.38 -49.10
N SER C 148 -13.28 -71.70 -49.13
CA SER C 148 -14.25 -70.95 -48.37
C SER C 148 -14.14 -71.30 -46.89
N THR C 149 -14.68 -70.40 -46.06
CA THR C 149 -14.59 -70.43 -44.59
C THR C 149 -13.14 -70.55 -44.13
N SER C 150 -12.36 -69.52 -44.45
CA SER C 150 -10.94 -69.53 -44.15
C SER C 150 -10.69 -69.11 -42.71
N TYR C 151 -9.46 -69.34 -42.25
CA TYR C 151 -9.07 -69.13 -40.87
C TYR C 151 -7.85 -68.22 -40.82
N PRO C 152 -7.70 -67.43 -39.75
CA PRO C 152 -6.51 -66.60 -39.60
C PRO C 152 -5.29 -67.43 -39.26
N ASN C 153 -4.12 -66.86 -39.52
CA ASN C 153 -2.87 -67.54 -39.24
C ASN C 153 -2.46 -67.36 -37.79
N THR C 154 -1.62 -68.26 -37.30
CA THR C 154 -1.06 -68.18 -35.96
C THR C 154 0.31 -68.84 -35.96
N VAL C 155 1.33 -68.09 -35.56
CA VAL C 155 2.70 -68.59 -35.49
C VAL C 155 3.24 -68.21 -34.12
N TYR C 156 3.49 -69.21 -33.28
CA TYR C 156 4.02 -68.95 -31.95
C TYR C 156 5.55 -68.87 -32.03
N PHE C 157 6.12 -67.98 -31.23
CA PHE C 157 7.55 -67.77 -31.18
C PHE C 157 8.08 -68.19 -29.81
N THR C 158 9.35 -67.91 -29.58
CA THR C 158 9.97 -68.17 -28.27
C THR C 158 11.01 -67.11 -28.01
N VAL C 159 10.84 -66.37 -26.92
CA VAL C 159 11.67 -65.21 -26.61
C VAL C 159 12.47 -65.51 -25.35
N VAL C 160 13.76 -65.27 -25.40
CA VAL C 160 14.62 -65.28 -24.22
C VAL C 160 14.69 -63.86 -23.70
N VAL C 161 14.29 -63.66 -22.45
CA VAL C 161 14.21 -62.32 -21.86
C VAL C 161 15.30 -62.19 -20.80
N VAL C 162 16.18 -61.20 -20.96
CA VAL C 162 17.23 -60.98 -19.98
C VAL C 162 16.91 -59.74 -19.17
N ASP C 163 16.22 -59.92 -18.04
CA ASP C 163 15.86 -58.79 -17.21
C ASP C 163 17.02 -58.38 -16.32
N PHE C 164 17.06 -57.09 -15.98
CA PHE C 164 18.14 -56.53 -15.17
C PHE C 164 17.61 -55.78 -13.95
N SER C 165 16.36 -56.03 -13.55
CA SER C 165 15.69 -55.16 -12.60
C SER C 165 16.21 -55.30 -11.18
N TYR C 166 16.99 -56.34 -10.88
CA TYR C 166 17.47 -56.60 -9.53
C TYR C 166 18.92 -56.23 -9.31
N ALA C 167 19.53 -55.48 -10.22
CA ALA C 167 20.91 -55.04 -10.02
C ALA C 167 20.91 -53.82 -9.10
N GLN C 168 22.09 -53.25 -8.88
CA GLN C 168 22.20 -52.07 -8.01
C GLN C 168 21.59 -50.85 -8.67
N ASN C 169 22.00 -50.55 -9.91
CA ASN C 169 21.34 -49.53 -10.72
C ASN C 169 20.98 -50.16 -12.05
N PRO C 170 19.70 -50.47 -12.28
CA PRO C 170 19.34 -51.23 -13.48
C PRO C 170 19.45 -50.44 -14.77
N ALA C 171 19.33 -49.11 -14.73
CA ALA C 171 19.46 -48.35 -15.96
C ALA C 171 20.92 -48.23 -16.39
N ARG C 172 21.84 -48.27 -15.44
CA ARG C 172 23.26 -48.22 -15.73
C ARG C 172 23.81 -49.60 -16.09
N ALA C 173 23.14 -50.65 -15.63
CA ALA C 173 23.66 -52.00 -15.85
C ALA C 173 23.42 -52.48 -17.26
N VAL C 174 22.31 -52.07 -17.90
CA VAL C 174 22.00 -52.62 -19.21
C VAL C 174 22.87 -52.01 -20.30
N VAL C 175 23.24 -50.73 -20.19
CA VAL C 175 24.02 -50.10 -21.24
C VAL C 175 25.48 -50.52 -21.21
N SER C 176 25.92 -51.18 -20.15
CA SER C 176 27.20 -51.87 -20.15
C SER C 176 27.08 -53.31 -20.63
N ALA C 177 25.95 -53.95 -20.35
CA ALA C 177 25.76 -55.34 -20.77
C ALA C 177 25.26 -55.46 -22.19
N ASN C 178 24.69 -54.40 -22.77
CA ASN C 178 24.31 -54.45 -24.17
C ASN C 178 25.51 -54.43 -25.08
N ALA C 179 26.65 -53.89 -24.61
CA ALA C 179 27.85 -53.88 -25.42
C ALA C 179 28.48 -55.26 -25.54
N VAL C 180 28.56 -55.99 -24.43
CA VAL C 180 29.22 -57.30 -24.45
C VAL C 180 28.31 -58.38 -25.01
N MET C 181 27.01 -58.29 -24.77
CA MET C 181 26.09 -59.27 -25.34
C MET C 181 25.69 -58.86 -26.75
N SER D 4 18.78 -86.50 -25.33
CA SER D 4 20.21 -86.32 -25.20
C SER D 4 20.54 -85.02 -24.49
N VAL D 5 19.50 -84.34 -24.02
CA VAL D 5 19.67 -83.21 -23.12
C VAL D 5 19.62 -83.65 -21.66
N THR D 6 18.82 -84.66 -21.34
CA THR D 6 18.83 -85.23 -20.01
C THR D 6 20.06 -86.09 -19.76
N GLN D 7 20.65 -86.66 -20.81
CA GLN D 7 21.85 -87.46 -20.65
C GLN D 7 23.11 -86.62 -20.56
N GLN D 8 23.03 -85.34 -20.91
CA GLN D 8 24.19 -84.46 -20.79
C GLN D 8 24.30 -83.88 -19.39
N VAL D 9 23.17 -83.57 -18.75
CA VAL D 9 23.18 -83.13 -17.38
C VAL D 9 23.29 -84.31 -16.43
N PHE D 10 22.94 -85.51 -16.87
CA PHE D 10 23.15 -86.69 -16.04
C PHE D 10 24.63 -87.00 -15.96
N ASN D 11 25.31 -86.98 -17.10
CA ASN D 11 26.76 -87.20 -17.14
C ASN D 11 27.52 -86.08 -16.45
N PHE D 12 26.97 -84.86 -16.47
CA PHE D 12 27.61 -83.77 -15.75
C PHE D 12 27.45 -83.93 -14.25
N ALA D 13 26.35 -84.54 -13.81
CA ALA D 13 26.13 -84.72 -12.39
C ALA D 13 27.01 -85.82 -11.81
N VAL D 14 27.20 -86.91 -12.56
CA VAL D 14 28.01 -88.01 -12.06
C VAL D 14 29.49 -87.72 -12.12
N THR D 15 29.90 -86.67 -12.83
CA THR D 15 31.30 -86.29 -12.84
C THR D 15 31.68 -85.48 -11.62
N LYS D 16 30.75 -84.67 -11.11
CA LYS D 16 31.03 -83.83 -9.96
C LYS D 16 30.64 -84.46 -8.64
N SER D 17 29.70 -85.41 -8.64
CA SER D 17 29.37 -86.16 -7.45
C SER D 17 30.28 -87.34 -7.20
N GLN D 18 31.18 -87.64 -8.13
CA GLN D 18 32.08 -88.78 -7.93
C GLN D 18 33.13 -88.53 -6.84
N PRO D 19 33.79 -87.37 -6.72
CA PRO D 19 34.75 -87.22 -5.61
C PRO D 19 34.13 -87.04 -4.23
N PHE D 20 32.83 -86.75 -4.13
CA PHE D 20 32.20 -86.59 -2.82
C PHE D 20 31.24 -87.71 -2.49
N GLY D 21 31.00 -88.64 -3.41
CA GLY D 21 29.95 -89.60 -3.23
C GLY D 21 28.61 -89.02 -3.60
N GLY D 22 27.76 -89.83 -4.21
CA GLY D 22 26.51 -89.32 -4.71
C GLY D 22 25.76 -90.40 -5.46
N TYR D 23 24.44 -90.37 -5.37
CA TYR D 23 23.59 -91.44 -5.86
C TYR D 23 22.67 -90.79 -6.88
N VAL D 24 23.17 -90.70 -8.10
CA VAL D 24 22.48 -89.98 -9.16
C VAL D 24 21.48 -90.93 -9.81
N TYR D 25 20.23 -90.47 -9.96
CA TYR D 25 19.18 -91.29 -10.54
C TYR D 25 18.06 -90.40 -11.02
N SER D 26 17.25 -90.92 -11.93
CA SER D 26 16.21 -90.15 -12.59
C SER D 26 14.84 -90.64 -12.18
N THR D 27 13.94 -89.70 -11.94
CA THR D 27 12.58 -89.96 -11.49
C THR D 27 11.59 -89.24 -12.40
N ASN D 28 10.32 -89.18 -11.98
CA ASN D 28 9.31 -88.48 -12.75
C ASN D 28 8.43 -87.65 -11.85
N LEU D 29 8.31 -86.36 -12.17
CA LEU D 29 7.44 -85.43 -11.46
C LEU D 29 6.20 -85.22 -12.30
N THR D 30 5.04 -85.27 -11.65
CA THR D 30 3.75 -85.20 -12.34
C THR D 30 2.95 -84.04 -11.75
N ALA D 31 2.78 -82.99 -12.54
CA ALA D 31 2.02 -81.82 -12.12
C ALA D 31 0.62 -81.91 -12.70
N SER D 32 -0.39 -81.77 -11.84
CA SER D 32 -1.78 -81.98 -12.22
C SER D 32 -2.64 -80.85 -11.69
N THR D 33 -3.28 -80.12 -12.60
CA THR D 33 -4.27 -79.14 -12.21
C THR D 33 -5.58 -79.85 -11.90
N SER D 34 -6.14 -79.60 -10.72
CA SER D 34 -7.32 -80.33 -10.27
C SER D 34 -8.60 -79.76 -10.85
N SER D 35 -9.43 -80.66 -11.37
CA SER D 35 -10.86 -80.43 -11.62
C SER D 35 -11.14 -79.31 -12.62
N ALA D 36 -10.73 -79.54 -13.87
CA ALA D 36 -11.38 -78.98 -15.08
C ALA D 36 -11.32 -77.45 -15.12
N VAL D 37 -10.11 -76.94 -15.35
CA VAL D 37 -9.88 -75.51 -15.51
C VAL D 37 -10.70 -74.96 -16.67
N THR D 38 -11.45 -73.88 -16.40
CA THR D 38 -12.34 -73.29 -17.40
C THR D 38 -12.25 -71.78 -17.53
N SER D 39 -11.68 -71.04 -16.58
CA SER D 39 -11.67 -69.59 -16.68
C SER D 39 -10.28 -68.97 -16.64
N THR D 40 -9.49 -69.22 -15.60
CA THR D 40 -8.37 -68.34 -15.28
C THR D 40 -7.19 -69.16 -14.77
N GLN D 41 -6.18 -68.46 -14.25
CA GLN D 41 -4.93 -69.08 -13.83
C GLN D 41 -5.14 -69.93 -12.59
N LEU D 42 -4.77 -71.20 -12.68
CA LEU D 42 -4.96 -72.14 -11.58
C LEU D 42 -3.59 -72.58 -11.05
N THR D 43 -3.61 -73.47 -10.05
CA THR D 43 -2.39 -73.96 -9.43
C THR D 43 -2.37 -75.48 -9.47
N PRO D 44 -1.37 -76.10 -10.08
CA PRO D 44 -1.33 -77.55 -10.16
C PRO D 44 -0.54 -78.18 -9.02
N LEU D 45 -1.03 -79.34 -8.57
CA LEU D 45 -0.48 -80.03 -7.41
C LEU D 45 0.63 -80.99 -7.86
N ASN D 46 1.85 -80.72 -7.42
CA ASN D 46 2.98 -81.54 -7.79
C ASN D 46 2.94 -82.88 -7.06
N LEU D 47 3.65 -83.87 -7.63
CA LEU D 47 3.73 -85.19 -7.03
C LEU D 47 5.00 -85.87 -7.54
N SER D 48 6.05 -85.86 -6.72
CA SER D 48 7.30 -86.52 -7.07
C SER D 48 7.48 -87.80 -6.27
N ILE D 49 8.33 -88.69 -6.76
CA ILE D 49 8.57 -90.00 -6.15
C ILE D 49 10.07 -90.14 -5.91
N THR D 50 10.49 -90.09 -4.65
CA THR D 50 11.87 -90.39 -4.29
C THR D 50 12.00 -91.89 -3.98
N LEU D 51 13.11 -92.26 -3.33
CA LEU D 51 13.57 -93.65 -3.29
C LEU D 51 12.59 -94.58 -2.55
N GLY D 52 12.26 -94.27 -1.31
CA GLY D 52 11.61 -95.26 -0.48
C GLY D 52 10.11 -95.28 -0.59
N GLN D 53 9.59 -95.23 -1.82
CA GLN D 53 8.16 -95.11 -2.13
C GLN D 53 7.55 -93.92 -1.38
N ILE D 54 8.26 -92.81 -1.43
CA ILE D 54 7.92 -91.59 -0.70
C ILE D 54 7.23 -90.65 -1.68
N THR D 55 5.96 -90.36 -1.44
CA THR D 55 5.15 -89.56 -2.35
C THR D 55 5.04 -88.15 -1.78
N LEU D 56 5.88 -87.25 -2.28
CA LEU D 56 5.81 -85.84 -1.89
C LEU D 56 4.70 -85.19 -2.69
N SER D 57 3.55 -84.99 -2.06
CA SER D 57 2.39 -84.45 -2.75
C SER D 57 2.14 -83.01 -2.30
N GLY D 58 1.03 -82.44 -2.77
CA GLY D 58 0.66 -81.09 -2.42
C GLY D 58 1.37 -80.06 -3.27
N ASN D 59 0.84 -78.84 -3.23
CA ASN D 59 1.43 -77.72 -3.96
C ASN D 59 2.79 -77.38 -3.36
N SER D 60 3.69 -76.91 -4.22
CA SER D 60 4.96 -76.27 -3.84
C SER D 60 5.85 -77.21 -3.04
N LEU D 61 6.35 -78.24 -3.73
CA LEU D 61 7.23 -79.23 -3.11
C LEU D 61 8.52 -78.60 -2.62
N VAL D 62 8.92 -78.97 -1.41
CA VAL D 62 10.14 -78.51 -0.79
C VAL D 62 11.22 -79.55 -1.03
N ILE D 63 12.37 -79.10 -1.52
CA ILE D 63 13.48 -80.00 -1.81
C ILE D 63 14.05 -80.52 -0.49
N PRO D 64 14.32 -81.82 -0.36
CA PRO D 64 14.96 -82.33 0.85
C PRO D 64 16.36 -81.77 1.05
N ALA D 65 16.84 -81.85 2.28
CA ALA D 65 17.98 -81.05 2.73
C ALA D 65 19.31 -81.53 2.20
N THR D 66 19.38 -82.72 1.59
CA THR D 66 20.64 -83.26 1.11
C THR D 66 20.53 -83.76 -0.34
N GLN D 67 19.64 -83.20 -1.12
CA GLN D 67 19.47 -83.59 -2.51
C GLN D 67 19.52 -82.36 -3.40
N ILE D 68 19.94 -82.56 -4.65
CA ILE D 68 20.01 -81.51 -5.66
C ILE D 68 19.22 -82.00 -6.86
N TRP D 69 18.18 -81.26 -7.25
CA TRP D 69 17.31 -81.70 -8.32
C TRP D 69 17.67 -81.00 -9.62
N TYR D 70 17.21 -81.56 -10.73
CA TYR D 70 17.42 -80.99 -12.06
C TYR D 70 16.17 -81.27 -12.88
N LEU D 71 15.42 -80.23 -13.21
CA LEU D 71 14.24 -80.41 -14.03
C LEU D 71 14.62 -80.28 -15.51
N THR D 72 14.62 -81.39 -16.24
CA THR D 72 15.25 -81.44 -17.55
C THR D 72 14.31 -81.69 -18.72
N ASP D 73 13.12 -82.20 -18.51
CA ASP D 73 12.28 -82.60 -19.63
C ASP D 73 10.82 -82.42 -19.26
N ALA D 74 9.98 -82.29 -20.28
CA ALA D 74 8.54 -82.31 -20.08
C ALA D 74 7.89 -82.90 -21.32
N TYR D 75 6.77 -83.59 -21.11
CA TYR D 75 6.01 -84.13 -22.23
C TYR D 75 4.56 -84.26 -21.78
N VAL D 76 3.68 -84.48 -22.75
CA VAL D 76 2.25 -84.59 -22.52
C VAL D 76 1.78 -85.87 -23.21
N SER D 77 1.03 -86.70 -22.48
CA SER D 77 0.63 -88.00 -22.99
C SER D 77 -0.38 -87.87 -24.13
N VAL D 78 -0.60 -88.99 -24.82
CA VAL D 78 -1.50 -88.98 -25.99
C VAL D 78 -2.97 -88.83 -25.63
N PRO D 79 -3.53 -89.47 -24.58
CA PRO D 79 -4.92 -89.14 -24.22
C PRO D 79 -5.14 -87.72 -23.72
N ASP D 80 -4.09 -87.01 -23.30
CA ASP D 80 -4.26 -85.60 -22.99
C ASP D 80 -4.27 -84.76 -24.27
N TYR D 81 -3.47 -85.13 -25.26
CA TYR D 81 -3.43 -84.35 -26.50
C TYR D 81 -4.69 -84.55 -27.32
N THR D 82 -5.29 -85.73 -27.29
CA THR D 82 -6.57 -85.92 -27.97
C THR D 82 -7.73 -85.31 -27.20
N ASN D 83 -7.53 -84.94 -25.94
CA ASN D 83 -8.55 -84.20 -25.20
C ASN D 83 -8.38 -82.71 -25.33
N ILE D 84 -7.17 -82.22 -25.58
CA ILE D 84 -6.96 -80.79 -25.79
C ILE D 84 -7.54 -80.37 -27.13
N THR D 85 -7.22 -81.11 -28.20
CA THR D 85 -7.70 -80.76 -29.52
C THR D 85 -9.20 -81.02 -29.70
N ASN D 86 -9.80 -81.84 -28.84
CA ASN D 86 -11.25 -81.98 -28.80
C ASN D 86 -11.91 -80.95 -27.89
N GLY D 87 -11.11 -80.09 -27.26
CA GLY D 87 -11.66 -79.09 -26.36
C GLY D 87 -12.16 -79.64 -25.05
N ALA D 88 -11.72 -80.83 -24.65
CA ALA D 88 -12.17 -81.43 -23.40
C ALA D 88 -11.30 -81.04 -22.22
N GLU D 89 -10.15 -80.43 -22.45
CA GLU D 89 -9.37 -79.84 -21.38
C GLU D 89 -8.60 -78.66 -21.96
N ALA D 90 -8.11 -77.81 -21.08
CA ALA D 90 -7.62 -76.51 -21.49
C ALA D 90 -6.17 -76.58 -21.97
N ASP D 91 -5.86 -75.73 -22.94
CA ASP D 91 -4.50 -75.49 -23.35
C ASP D 91 -3.88 -74.40 -22.47
N GLY D 92 -2.61 -74.11 -22.69
CA GLY D 92 -1.97 -73.04 -21.96
C GLY D 92 -0.52 -73.37 -21.68
N VAL D 93 0.12 -72.52 -20.88
CA VAL D 93 1.53 -72.67 -20.54
C VAL D 93 1.67 -72.93 -19.05
N ILE D 94 2.89 -73.23 -18.61
CA ILE D 94 3.18 -73.59 -17.23
C ILE D 94 4.41 -72.83 -16.77
N LEU D 95 4.29 -72.10 -15.66
CA LEU D 95 5.37 -71.29 -15.13
C LEU D 95 6.13 -72.07 -14.07
N ILE D 96 7.45 -71.90 -14.03
CA ILE D 96 8.32 -72.66 -13.15
C ILE D 96 9.03 -71.68 -12.22
N TYR D 97 8.67 -71.70 -10.94
CA TYR D 97 9.17 -70.74 -9.96
C TYR D 97 10.11 -71.39 -8.98
N LYS D 98 11.15 -70.65 -8.59
CA LYS D 98 12.16 -71.08 -7.62
C LYS D 98 12.17 -70.13 -6.45
N ASP D 99 12.10 -70.67 -5.23
CA ASP D 99 11.97 -69.96 -3.95
C ASP D 99 10.70 -69.13 -3.83
N GLY D 100 9.75 -69.28 -4.75
CA GLY D 100 8.66 -68.34 -4.89
C GLY D 100 9.01 -67.03 -5.56
N VAL D 101 10.26 -66.62 -5.58
CA VAL D 101 10.60 -65.27 -6.00
C VAL D 101 11.02 -65.30 -7.47
N LYS D 102 12.01 -66.11 -7.79
CA LYS D 102 12.54 -66.19 -9.14
C LYS D 102 11.58 -66.92 -10.07
N LEU D 103 11.42 -66.41 -11.28
CA LEU D 103 10.87 -67.19 -12.37
C LEU D 103 12.02 -67.79 -13.18
N MET D 104 11.94 -69.08 -13.45
CA MET D 104 13.02 -69.79 -14.11
C MET D 104 12.74 -70.07 -15.58
N LEU D 105 11.52 -70.50 -15.92
CA LEU D 105 11.20 -70.92 -17.27
C LEU D 105 9.72 -70.71 -17.53
N THR D 106 9.31 -71.02 -18.76
CA THR D 106 7.90 -71.09 -19.16
C THR D 106 7.81 -72.15 -20.24
N THR D 107 6.97 -73.15 -20.03
CA THR D 107 6.89 -74.23 -21.01
C THR D 107 6.10 -73.78 -22.21
N PRO D 108 6.60 -73.97 -23.42
CA PRO D 108 5.91 -73.47 -24.61
C PRO D 108 4.67 -74.25 -25.00
N LEU D 109 3.52 -73.87 -24.40
CA LEU D 109 2.19 -74.21 -24.90
C LEU D 109 1.94 -75.72 -24.92
N ILE D 110 1.68 -76.29 -23.74
CA ILE D 110 1.74 -77.73 -23.43
C ILE D 110 1.08 -78.67 -24.42
N SER D 111 0.13 -78.19 -25.22
CA SER D 111 -0.40 -79.02 -26.28
C SER D 111 0.61 -79.26 -27.40
N SER D 112 1.57 -78.37 -27.55
CA SER D 112 2.56 -78.48 -28.61
C SER D 112 3.78 -79.29 -28.20
N MET D 113 3.86 -79.70 -26.94
CA MET D 113 4.87 -80.66 -26.52
C MET D 113 4.29 -82.03 -26.24
N SER D 114 3.20 -82.39 -26.90
CA SER D 114 2.68 -83.75 -26.87
C SER D 114 3.68 -84.71 -27.51
N ILE D 115 3.50 -85.99 -27.21
CA ILE D 115 4.46 -86.99 -27.64
C ILE D 115 4.05 -87.68 -28.94
N SER D 116 2.82 -87.51 -29.40
CA SER D 116 2.39 -88.16 -30.63
C SER D 116 2.88 -87.44 -31.88
N ASN D 117 3.47 -86.26 -31.75
CA ASN D 117 4.00 -85.50 -32.87
C ASN D 117 5.47 -85.80 -33.05
N PRO D 118 5.92 -86.14 -34.27
CA PRO D 118 7.31 -86.57 -34.44
C PRO D 118 8.34 -85.46 -34.30
N ALA D 119 7.96 -84.21 -34.18
CA ALA D 119 8.91 -83.12 -33.99
C ALA D 119 8.43 -82.16 -32.93
N ARG D 120 8.04 -82.69 -31.77
CA ARG D 120 7.53 -81.88 -30.66
C ARG D 120 8.57 -80.89 -30.16
N THR D 121 8.09 -79.83 -29.54
CA THR D 121 8.99 -78.79 -29.08
C THR D 121 9.61 -79.20 -27.74
N HIS D 122 10.67 -78.50 -27.37
CA HIS D 122 11.44 -78.82 -26.18
C HIS D 122 11.45 -77.61 -25.24
N LEU D 123 11.97 -77.84 -24.04
CA LEU D 123 12.20 -76.76 -23.10
C LEU D 123 13.45 -75.98 -23.48
N ALA D 124 13.76 -74.95 -22.70
CA ALA D 124 14.88 -74.10 -23.01
C ALA D 124 16.15 -74.46 -22.26
N GLN D 125 16.06 -74.83 -20.98
CA GLN D 125 17.21 -75.24 -20.17
C GLN D 125 16.74 -76.21 -19.11
N ALA D 126 17.71 -76.94 -18.56
CA ALA D 126 17.50 -77.73 -17.36
C ALA D 126 17.78 -76.83 -16.16
N VAL D 127 16.74 -76.57 -15.37
CA VAL D 127 16.86 -75.68 -14.22
C VAL D 127 17.32 -76.48 -13.01
N LYS D 128 18.38 -76.03 -12.37
CA LYS D 128 18.90 -76.73 -11.21
C LYS D 128 18.18 -76.26 -9.96
N TYR D 129 18.26 -77.07 -8.91
CA TYR D 129 17.56 -76.78 -7.68
C TYR D 129 18.42 -77.25 -6.52
N SER D 130 18.80 -76.31 -5.66
CA SER D 130 19.77 -76.53 -4.61
C SER D 130 19.12 -77.30 -3.45
N PRO D 131 19.85 -77.58 -2.37
CA PRO D 131 19.18 -77.90 -1.11
C PRO D 131 18.23 -76.79 -0.68
N GLN D 132 17.27 -77.15 0.17
CA GLN D 132 15.86 -76.78 0.08
C GLN D 132 15.51 -75.44 -0.55
N SER D 133 14.64 -75.51 -1.55
CA SER D 133 14.01 -74.38 -2.18
C SER D 133 12.58 -74.79 -2.50
N ILE D 134 11.70 -73.81 -2.60
CA ILE D 134 10.28 -74.09 -2.79
C ILE D 134 10.02 -74.09 -4.29
N LEU D 135 9.93 -75.28 -4.87
CA LEU D 135 9.60 -75.45 -6.27
C LEU D 135 8.08 -75.45 -6.43
N THR D 136 7.54 -74.43 -7.10
CA THR D 136 6.11 -74.35 -7.33
C THR D 136 5.82 -74.02 -8.78
N MET D 137 4.63 -74.39 -9.24
CA MET D 137 4.23 -74.19 -10.62
C MET D 137 2.85 -73.55 -10.71
N TYR D 138 2.57 -72.96 -11.87
CA TYR D 138 1.30 -72.29 -12.13
C TYR D 138 0.90 -72.51 -13.57
N PHE D 139 -0.38 -72.78 -13.81
CA PHE D 139 -0.89 -73.10 -15.13
C PHE D 139 -1.77 -71.95 -15.59
N ASN D 140 -1.26 -71.13 -16.52
CA ASN D 140 -1.93 -69.94 -17.03
C ASN D 140 -2.61 -70.27 -18.35
N PRO D 141 -3.90 -70.56 -18.37
CA PRO D 141 -4.49 -71.19 -19.55
C PRO D 141 -4.90 -70.22 -20.63
N THR D 142 -4.83 -70.71 -21.87
CA THR D 142 -5.40 -70.09 -23.04
C THR D 142 -6.24 -71.14 -23.75
N LYS D 143 -7.35 -70.70 -24.37
CA LYS D 143 -8.38 -71.55 -24.99
C LYS D 143 -8.87 -72.58 -23.99
N PRO D 144 -9.72 -72.19 -23.03
CA PRO D 144 -10.09 -73.10 -21.94
C PRO D 144 -11.03 -74.23 -22.34
N ALA D 145 -11.43 -75.02 -21.36
CA ALA D 145 -12.27 -76.19 -21.63
C ALA D 145 -13.68 -75.75 -22.01
N THR D 146 -14.14 -76.20 -23.15
CA THR D 146 -15.44 -75.79 -23.68
C THR D 146 -16.45 -76.92 -23.77
N ALA D 147 -16.00 -78.12 -24.11
CA ALA D 147 -16.93 -79.23 -24.26
C ALA D 147 -17.37 -79.74 -22.89
N SER D 148 -18.53 -80.40 -22.87
CA SER D 148 -19.01 -81.00 -21.65
C SER D 148 -18.18 -82.22 -21.28
N THR D 149 -18.33 -82.64 -20.01
CA THR D 149 -17.54 -83.70 -19.37
C THR D 149 -16.04 -83.46 -19.53
N SER D 150 -15.58 -82.37 -18.91
CA SER D 150 -14.19 -81.99 -19.02
C SER D 150 -13.33 -82.83 -18.08
N TYR D 151 -12.03 -82.84 -18.36
CA TYR D 151 -11.07 -83.64 -17.62
C TYR D 151 -9.95 -82.77 -17.10
N PRO D 152 -9.39 -83.10 -15.93
CA PRO D 152 -8.27 -82.32 -15.40
C PRO D 152 -6.99 -82.56 -16.19
N ASN D 153 -6.11 -81.59 -16.14
CA ASN D 153 -4.86 -81.68 -16.87
C ASN D 153 -3.87 -82.58 -16.14
N THR D 154 -2.87 -83.05 -16.89
CA THR D 154 -1.77 -83.83 -16.34
C THR D 154 -0.57 -83.62 -17.25
N VAL D 155 0.50 -83.06 -16.71
CA VAL D 155 1.70 -82.75 -17.47
C VAL D 155 2.89 -83.37 -16.76
N TYR D 156 3.58 -84.29 -17.44
CA TYR D 156 4.67 -85.03 -16.84
C TYR D 156 5.98 -84.29 -17.04
N PHE D 157 6.90 -84.50 -16.11
CA PHE D 157 8.23 -83.92 -16.14
C PHE D 157 9.27 -85.03 -15.99
N THR D 158 10.52 -84.65 -15.77
CA THR D 158 11.59 -85.62 -15.53
C THR D 158 12.66 -84.96 -14.71
N VAL D 159 12.96 -85.52 -13.53
CA VAL D 159 13.87 -84.92 -12.56
C VAL D 159 15.10 -85.80 -12.42
N VAL D 160 16.27 -85.19 -12.55
CA VAL D 160 17.52 -85.86 -12.19
C VAL D 160 17.82 -85.53 -10.74
N VAL D 161 17.83 -86.56 -9.88
CA VAL D 161 17.96 -86.37 -8.44
C VAL D 161 19.35 -86.81 -8.02
N VAL D 162 20.03 -85.96 -7.27
CA VAL D 162 21.39 -86.24 -6.81
C VAL D 162 21.36 -86.39 -5.31
N ASP D 163 21.13 -87.61 -4.83
CA ASP D 163 21.08 -87.85 -3.39
C ASP D 163 22.49 -88.01 -2.84
N PHE D 164 22.65 -87.63 -1.59
CA PHE D 164 23.94 -87.76 -0.93
C PHE D 164 23.84 -88.60 0.34
N SER D 165 22.71 -89.26 0.60
CA SER D 165 22.46 -89.86 1.90
C SER D 165 23.30 -91.09 2.17
N TYR D 166 23.94 -91.67 1.15
CA TYR D 166 24.82 -92.81 1.35
C TYR D 166 26.29 -92.43 1.23
N ALA D 167 26.60 -91.14 1.39
CA ALA D 167 27.98 -90.71 1.52
C ALA D 167 28.36 -90.69 2.99
N GLN D 168 29.52 -90.12 3.30
CA GLN D 168 30.01 -90.17 4.68
C GLN D 168 29.20 -89.27 5.61
N ASN D 169 28.77 -88.10 5.14
CA ASN D 169 28.00 -87.17 5.97
C ASN D 169 27.13 -86.37 5.03
N PRO D 170 25.86 -86.76 4.91
CA PRO D 170 24.95 -86.01 4.04
C PRO D 170 24.34 -84.80 4.70
N ALA D 171 25.14 -83.93 5.29
CA ALA D 171 24.59 -82.73 5.88
C ALA D 171 25.35 -81.53 5.34
N ARG D 172 26.66 -81.70 5.18
CA ARG D 172 27.51 -80.61 4.75
C ARG D 172 28.53 -81.01 3.69
N ALA D 173 28.55 -82.27 3.26
CA ALA D 173 29.20 -82.58 2.00
C ALA D 173 28.32 -82.19 0.82
N VAL D 174 27.00 -82.15 1.01
CA VAL D 174 26.10 -81.73 -0.05
C VAL D 174 26.23 -80.25 -0.35
N VAL D 175 26.73 -79.45 0.59
CA VAL D 175 26.91 -78.03 0.35
C VAL D 175 28.29 -77.75 -0.23
N SER D 176 29.18 -78.74 -0.25
CA SER D 176 30.46 -78.55 -0.91
C SER D 176 30.37 -78.83 -2.41
N ALA D 177 29.60 -79.84 -2.79
CA ALA D 177 29.40 -80.15 -4.20
C ALA D 177 28.37 -79.23 -4.84
N ASN D 178 27.61 -78.48 -4.05
CA ASN D 178 26.67 -77.52 -4.59
C ASN D 178 27.39 -76.34 -5.24
N ALA D 179 28.59 -76.02 -4.78
CA ALA D 179 29.30 -74.87 -5.31
C ALA D 179 30.04 -75.21 -6.60
N VAL D 180 30.61 -76.42 -6.68
CA VAL D 180 31.39 -76.77 -7.86
C VAL D 180 30.46 -77.10 -9.03
N MET D 181 29.21 -77.46 -8.76
CA MET D 181 28.24 -77.69 -9.82
C MET D 181 27.65 -76.37 -10.32
N SER E 4 24.12 -95.93 -41.61
CA SER E 4 24.81 -94.66 -41.70
C SER E 4 26.29 -94.84 -41.41
N VAL E 5 26.67 -96.07 -41.07
CA VAL E 5 28.07 -96.36 -40.77
C VAL E 5 28.83 -96.80 -42.00
N THR E 6 28.18 -96.90 -43.16
CA THR E 6 28.84 -97.43 -44.35
C THR E 6 29.83 -96.43 -44.93
N GLN E 7 29.53 -95.14 -44.84
CA GLN E 7 30.39 -94.14 -45.45
C GLN E 7 31.67 -93.89 -44.65
N GLN E 8 31.72 -94.27 -43.39
CA GLN E 8 32.94 -94.16 -42.61
C GLN E 8 33.82 -95.39 -42.75
N VAL E 9 33.21 -96.57 -42.86
CA VAL E 9 33.99 -97.78 -43.09
C VAL E 9 34.40 -97.92 -44.54
N PHE E 10 33.79 -97.14 -45.45
CA PHE E 10 34.22 -97.19 -46.84
C PHE E 10 35.52 -96.43 -47.01
N ASN E 11 35.57 -95.19 -46.50
CA ASN E 11 36.79 -94.38 -46.54
C ASN E 11 37.87 -94.93 -45.64
N PHE E 12 37.52 -95.74 -44.65
CA PHE E 12 38.54 -96.48 -43.92
C PHE E 12 39.12 -97.59 -44.78
N ALA E 13 38.37 -98.10 -45.75
CA ALA E 13 38.92 -99.12 -46.62
C ALA E 13 39.72 -98.52 -47.77
N VAL E 14 39.27 -97.39 -48.32
CA VAL E 14 39.99 -96.77 -49.43
C VAL E 14 41.31 -96.15 -48.99
N THR E 15 41.43 -95.74 -47.74
CA THR E 15 42.70 -95.16 -47.30
C THR E 15 43.70 -96.24 -46.89
N LYS E 16 43.26 -97.26 -46.16
CA LYS E 16 44.19 -98.25 -45.64
C LYS E 16 44.63 -99.27 -46.68
N SER E 17 43.80 -99.59 -47.66
CA SER E 17 44.14 -100.64 -48.61
C SER E 17 44.90 -100.13 -49.83
N GLN E 18 44.92 -98.83 -50.07
CA GLN E 18 45.57 -98.37 -51.29
C GLN E 18 47.11 -98.41 -51.34
N PRO E 19 47.89 -98.42 -50.24
CA PRO E 19 49.32 -98.72 -50.43
C PRO E 19 49.60 -100.15 -50.85
N PHE E 20 48.66 -101.07 -50.69
CA PHE E 20 48.84 -102.45 -51.10
C PHE E 20 48.21 -102.76 -52.45
N GLY E 21 47.39 -101.86 -52.96
CA GLY E 21 46.50 -102.20 -54.05
C GLY E 21 45.20 -102.60 -53.40
N GLY E 22 44.16 -101.81 -53.58
CA GLY E 22 42.95 -102.05 -52.84
C GLY E 22 41.75 -101.65 -53.67
N TYR E 23 40.85 -102.59 -53.85
CA TYR E 23 39.77 -102.47 -54.81
C TYR E 23 38.48 -102.62 -54.00
N VAL E 24 37.97 -101.50 -53.52
CA VAL E 24 36.85 -101.46 -52.60
C VAL E 24 35.58 -101.29 -53.40
N TYR E 25 34.59 -102.15 -53.15
CA TYR E 25 33.29 -101.99 -53.76
C TYR E 25 32.25 -102.56 -52.82
N SER E 26 30.98 -102.42 -53.18
CA SER E 26 29.91 -102.84 -52.30
C SER E 26 29.01 -103.82 -53.03
N THR E 27 28.45 -104.76 -52.27
CA THR E 27 27.57 -105.76 -52.84
C THR E 27 26.41 -105.96 -51.88
N ASN E 28 25.45 -106.77 -52.30
CA ASN E 28 24.18 -106.89 -51.61
C ASN E 28 24.02 -108.31 -51.10
N LEU E 29 23.72 -108.44 -49.81
CA LEU E 29 23.55 -109.73 -49.16
C LEU E 29 22.10 -109.87 -48.70
N THR E 30 21.55 -111.07 -48.82
CA THR E 30 20.14 -111.30 -48.54
C THR E 30 20.00 -112.47 -47.59
N ALA E 31 19.32 -112.26 -46.47
CA ALA E 31 19.05 -113.30 -45.48
C ALA E 31 17.55 -113.54 -45.44
N SER E 32 17.13 -114.80 -45.47
CA SER E 32 15.72 -115.14 -45.56
C SER E 32 15.46 -116.47 -44.87
N THR E 33 14.74 -116.45 -43.75
CA THR E 33 14.27 -117.68 -43.14
C THR E 33 13.15 -118.25 -43.99
N SER E 34 13.20 -119.52 -44.30
CA SER E 34 12.16 -120.13 -45.10
C SER E 34 10.95 -120.53 -44.23
N SER E 35 9.77 -120.33 -44.80
CA SER E 35 8.51 -120.98 -44.40
C SER E 35 8.04 -120.57 -43.00
N ALA E 36 7.81 -119.27 -42.80
CA ALA E 36 6.82 -118.74 -41.85
C ALA E 36 7.11 -119.13 -40.39
N VAL E 37 8.17 -118.53 -39.86
CA VAL E 37 8.61 -118.76 -38.49
C VAL E 37 7.51 -118.38 -37.50
N THR E 38 7.17 -119.30 -36.58
CA THR E 38 6.09 -119.08 -35.64
C THR E 38 6.40 -119.44 -34.19
N SER E 39 7.44 -120.22 -33.91
CA SER E 39 7.71 -120.57 -32.51
C SER E 39 9.12 -120.21 -32.04
N THR E 40 10.16 -120.70 -32.72
CA THR E 40 11.47 -120.86 -32.09
C THR E 40 12.55 -120.26 -32.98
N GLN E 41 13.80 -120.43 -32.56
CA GLN E 41 14.94 -119.82 -33.23
C GLN E 41 15.20 -120.49 -34.58
N LEU E 42 15.10 -119.72 -35.66
CA LEU E 42 15.27 -120.22 -37.02
C LEU E 42 16.62 -119.80 -37.60
N THR E 43 16.89 -120.35 -38.79
CA THR E 43 18.16 -120.19 -39.48
C THR E 43 17.91 -119.57 -40.84
N PRO E 44 18.32 -118.33 -41.10
CA PRO E 44 18.09 -117.73 -42.41
C PRO E 44 19.12 -118.18 -43.43
N LEU E 45 18.69 -118.28 -44.68
CA LEU E 45 19.52 -118.73 -45.78
C LEU E 45 20.29 -117.52 -46.32
N ASN E 46 21.60 -117.52 -46.13
CA ASN E 46 22.42 -116.45 -46.68
C ASN E 46 22.48 -116.54 -48.20
N LEU E 47 22.76 -115.40 -48.82
CA LEU E 47 22.89 -115.32 -50.28
C LEU E 47 23.69 -114.07 -50.61
N SER E 48 24.92 -114.25 -51.08
CA SER E 48 25.75 -113.13 -51.50
C SER E 48 25.98 -113.20 -53.00
N ILE E 49 26.22 -112.04 -53.60
CA ILE E 49 26.43 -111.92 -55.05
C ILE E 49 27.73 -111.17 -55.24
N THR E 50 28.80 -111.90 -55.54
CA THR E 50 30.08 -111.26 -55.83
C THR E 50 30.19 -110.93 -57.31
N LEU E 51 31.44 -110.84 -57.79
CA LEU E 51 31.70 -110.27 -59.10
C LEU E 51 31.22 -111.17 -60.24
N GLY E 52 31.80 -112.36 -60.38
CA GLY E 52 31.67 -113.12 -61.61
C GLY E 52 30.48 -114.03 -61.69
N GLN E 53 29.28 -113.49 -61.41
CA GLN E 53 28.01 -114.22 -61.38
C GLN E 53 28.08 -115.40 -60.42
N ILE E 54 28.80 -115.20 -59.32
CA ILE E 54 29.04 -116.21 -58.31
C ILE E 54 28.04 -115.98 -57.20
N THR E 55 27.04 -116.85 -57.12
CA THR E 55 25.98 -116.75 -56.12
C THR E 55 26.32 -117.76 -55.03
N LEU E 56 26.97 -117.28 -53.97
CA LEU E 56 27.16 -118.12 -52.80
C LEU E 56 25.82 -118.27 -52.09
N SER E 57 25.38 -119.51 -51.88
CA SER E 57 24.05 -119.74 -51.33
C SER E 57 24.11 -120.65 -50.12
N GLY E 58 22.94 -120.99 -49.57
CA GLY E 58 22.88 -121.81 -48.38
C GLY E 58 23.35 -121.07 -47.14
N ASN E 59 23.40 -121.81 -46.05
CA ASN E 59 23.95 -121.26 -44.81
C ASN E 59 25.47 -121.16 -44.92
N SER E 60 26.06 -120.42 -43.96
CA SER E 60 27.47 -120.53 -43.60
C SER E 60 28.42 -120.19 -44.75
N LEU E 61 28.38 -118.93 -45.16
CA LEU E 61 29.27 -118.47 -46.23
C LEU E 61 30.70 -118.35 -45.74
N VAL E 62 31.64 -118.65 -46.63
CA VAL E 62 33.07 -118.55 -46.35
C VAL E 62 33.64 -117.41 -47.17
N ILE E 63 34.41 -116.54 -46.53
CA ILE E 63 35.04 -115.41 -47.23
C ILE E 63 36.20 -115.94 -48.07
N PRO E 64 36.28 -115.60 -49.36
CA PRO E 64 37.37 -116.09 -50.21
C PRO E 64 38.72 -115.54 -49.79
N ALA E 65 39.77 -116.18 -50.30
CA ALA E 65 41.11 -116.02 -49.75
C ALA E 65 41.81 -114.74 -50.15
N THR E 66 41.16 -113.83 -50.89
CA THR E 66 41.78 -112.58 -51.28
C THR E 66 40.98 -111.36 -50.84
N GLN E 67 39.94 -111.54 -50.02
CA GLN E 67 38.99 -110.50 -49.74
C GLN E 67 38.81 -110.33 -48.24
N ILE E 68 38.49 -109.10 -47.84
CA ILE E 68 38.12 -108.78 -46.47
C ILE E 68 36.74 -108.14 -46.54
N TRP E 69 35.75 -108.78 -45.93
CA TRP E 69 34.38 -108.29 -46.01
C TRP E 69 34.08 -107.37 -44.84
N TYR E 70 33.00 -106.60 -44.97
CA TYR E 70 32.55 -105.70 -43.91
C TYR E 70 31.03 -105.66 -43.95
N LEU E 71 30.40 -106.20 -42.92
CA LEU E 71 28.94 -106.24 -42.86
C LEU E 71 28.48 -105.01 -42.10
N THR E 72 27.86 -104.06 -42.80
CA THR E 72 27.67 -102.71 -42.27
C THR E 72 26.23 -102.37 -41.92
N ASP E 73 25.28 -102.51 -42.85
CA ASP E 73 23.97 -101.91 -42.64
C ASP E 73 22.89 -102.87 -43.11
N ALA E 74 21.63 -102.53 -42.79
CA ALA E 74 20.50 -103.38 -43.14
C ALA E 74 19.25 -102.53 -43.24
N TYR E 75 18.26 -103.07 -43.95
CA TYR E 75 17.00 -102.38 -44.19
C TYR E 75 15.96 -103.41 -44.61
N VAL E 76 14.69 -103.09 -44.34
CA VAL E 76 13.56 -103.96 -44.65
C VAL E 76 12.61 -103.20 -45.54
N SER E 77 12.14 -103.84 -46.61
CA SER E 77 11.25 -103.17 -47.54
C SER E 77 9.86 -102.99 -46.95
N VAL E 78 9.09 -102.08 -47.55
CA VAL E 78 7.74 -101.74 -47.13
C VAL E 78 6.74 -102.89 -47.29
N PRO E 79 6.71 -103.70 -48.37
CA PRO E 79 5.78 -104.85 -48.36
C PRO E 79 6.07 -105.93 -47.33
N ASP E 80 7.22 -105.89 -46.65
CA ASP E 80 7.39 -106.71 -45.47
C ASP E 80 6.88 -106.00 -44.22
N TYR E 81 7.14 -104.70 -44.12
CA TYR E 81 6.79 -103.96 -42.91
C TYR E 81 5.29 -103.77 -42.77
N THR E 82 4.54 -103.79 -43.87
CA THR E 82 3.09 -103.79 -43.75
C THR E 82 2.57 -105.16 -43.31
N ASN E 83 3.40 -106.20 -43.39
CA ASN E 83 3.00 -107.52 -42.92
C ASN E 83 3.39 -107.77 -41.47
N ILE E 84 4.48 -107.18 -40.99
CA ILE E 84 4.91 -107.39 -39.61
C ILE E 84 3.92 -106.74 -38.65
N THR E 85 3.46 -105.53 -38.97
CA THR E 85 2.47 -104.88 -38.12
C THR E 85 1.10 -105.52 -38.24
N ASN E 86 0.82 -106.23 -39.33
CA ASN E 86 -0.42 -106.98 -39.45
C ASN E 86 -0.30 -108.40 -38.92
N GLY E 87 0.86 -108.77 -38.39
CA GLY E 87 1.02 -110.10 -37.86
C GLY E 87 1.11 -111.20 -38.90
N ALA E 88 1.44 -110.85 -40.15
CA ALA E 88 1.58 -111.86 -41.19
C ALA E 88 2.98 -112.46 -41.24
N GLU E 89 3.94 -111.89 -40.55
CA GLU E 89 5.25 -112.51 -40.40
C GLU E 89 5.83 -112.06 -39.07
N ALA E 90 6.82 -112.81 -38.60
CA ALA E 90 7.30 -112.64 -37.23
C ALA E 90 8.27 -111.46 -37.14
N ASP E 91 8.22 -110.79 -36.00
CA ASP E 91 9.24 -109.81 -35.64
C ASP E 91 10.38 -110.55 -34.96
N GLY E 92 11.41 -109.83 -34.54
CA GLY E 92 12.51 -110.46 -33.85
C GLY E 92 13.81 -109.86 -34.28
N VAL E 93 14.91 -110.43 -33.78
CA VAL E 93 16.23 -109.91 -34.07
C VAL E 93 17.03 -110.95 -34.85
N ILE E 94 18.16 -110.52 -35.39
CA ILE E 94 19.02 -111.40 -36.18
C ILE E 94 20.40 -111.39 -35.52
N LEU E 95 20.88 -112.58 -35.17
CA LEU E 95 22.18 -112.71 -34.51
C LEU E 95 23.23 -112.93 -35.58
N ILE E 96 24.39 -112.28 -35.41
CA ILE E 96 25.47 -112.33 -36.38
C ILE E 96 26.66 -113.03 -35.74
N TYR E 97 26.99 -114.21 -36.24
CA TYR E 97 28.06 -115.03 -35.70
C TYR E 97 29.29 -114.99 -36.60
N LYS E 98 30.45 -115.17 -35.99
CA LYS E 98 31.73 -115.25 -36.69
C LYS E 98 32.47 -116.47 -36.16
N ASP E 99 32.91 -117.34 -37.08
CA ASP E 99 33.51 -118.64 -36.80
C ASP E 99 32.59 -119.56 -35.99
N GLY E 100 31.27 -119.41 -36.13
CA GLY E 100 30.32 -120.35 -35.61
C GLY E 100 30.06 -120.32 -34.12
N VAL E 101 30.95 -119.75 -33.30
CA VAL E 101 30.76 -119.71 -31.86
C VAL E 101 30.67 -118.27 -31.34
N LYS E 102 31.46 -117.36 -31.89
CA LYS E 102 31.49 -116.00 -31.39
C LYS E 102 30.31 -115.20 -31.95
N LEU E 103 29.45 -114.73 -31.07
CA LEU E 103 28.38 -113.80 -31.46
C LEU E 103 28.93 -112.40 -31.49
N MET E 104 28.72 -111.68 -32.59
CA MET E 104 29.33 -110.37 -32.76
C MET E 104 28.38 -109.19 -32.70
N LEU E 105 27.12 -109.37 -33.07
CA LEU E 105 26.15 -108.28 -33.06
C LEU E 105 24.75 -108.84 -32.95
N THR E 106 23.80 -107.93 -32.83
CA THR E 106 22.38 -108.24 -32.86
C THR E 106 21.67 -107.10 -33.57
N THR E 107 20.93 -107.43 -34.62
CA THR E 107 20.24 -106.39 -35.37
C THR E 107 19.03 -105.91 -34.60
N PRO E 108 18.88 -104.61 -34.37
CA PRO E 108 17.80 -104.13 -33.52
C PRO E 108 16.41 -104.16 -34.13
N LEU E 109 15.70 -105.29 -33.97
CA LEU E 109 14.25 -105.36 -34.13
C LEU E 109 13.77 -105.02 -35.53
N ILE E 110 13.90 -105.95 -36.48
CA ILE E 110 13.79 -105.74 -37.92
C ILE E 110 12.55 -104.98 -38.41
N SER E 111 11.50 -104.88 -37.59
CA SER E 111 10.41 -103.98 -37.95
C SER E 111 10.80 -102.52 -37.78
N SER E 112 11.79 -102.23 -36.95
CA SER E 112 12.33 -100.89 -36.80
C SER E 112 13.38 -100.55 -37.84
N MET E 113 13.76 -101.52 -38.67
CA MET E 113 14.64 -101.29 -39.80
C MET E 113 13.88 -101.10 -41.10
N SER E 114 12.61 -100.75 -41.03
CA SER E 114 11.85 -100.56 -42.24
C SER E 114 12.30 -99.31 -42.95
N ILE E 115 12.01 -99.26 -44.26
CA ILE E 115 12.47 -98.14 -45.06
C ILE E 115 11.51 -96.97 -44.96
N SER E 116 10.35 -97.17 -44.33
CA SER E 116 9.37 -96.11 -44.12
C SER E 116 9.34 -95.59 -42.69
N ASN E 117 10.27 -95.97 -41.85
CA ASN E 117 10.40 -95.37 -40.54
C ASN E 117 11.22 -94.10 -40.64
N PRO E 118 10.69 -92.94 -40.24
CA PRO E 118 11.49 -91.70 -40.31
C PRO E 118 12.71 -91.71 -39.41
N ALA E 119 12.66 -92.44 -38.30
CA ALA E 119 13.86 -92.76 -37.53
C ALA E 119 14.19 -94.23 -37.81
N ARG E 120 14.90 -94.45 -38.91
CA ARG E 120 15.36 -95.79 -39.25
C ARG E 120 16.60 -96.12 -38.44
N THR E 121 16.54 -97.20 -37.67
CA THR E 121 17.66 -97.61 -36.84
C THR E 121 18.67 -98.40 -37.65
N HIS E 122 19.94 -98.09 -37.45
CA HIS E 122 21.04 -98.73 -38.15
C HIS E 122 21.80 -99.65 -37.20
N LEU E 123 22.92 -100.14 -37.67
CA LEU E 123 23.79 -100.98 -36.84
C LEU E 123 24.72 -100.12 -36.01
N ALA E 124 25.25 -100.70 -34.94
CA ALA E 124 26.08 -99.97 -34.01
C ALA E 124 27.49 -99.78 -34.57
N GLN E 125 28.13 -100.86 -34.98
CA GLN E 125 29.42 -100.80 -35.66
C GLN E 125 29.43 -101.90 -36.71
N ALA E 126 30.16 -101.68 -37.79
CA ALA E 126 30.32 -102.70 -38.81
C ALA E 126 31.33 -103.75 -38.36
N VAL E 127 31.09 -105.00 -38.74
CA VAL E 127 31.90 -106.13 -38.28
C VAL E 127 32.86 -106.58 -39.38
N LYS E 128 34.12 -106.78 -39.00
CA LYS E 128 35.14 -107.21 -39.95
C LYS E 128 35.10 -108.72 -40.13
N TYR E 129 35.30 -109.16 -41.36
CA TYR E 129 35.42 -110.58 -41.68
C TYR E 129 36.70 -110.80 -42.49
N SER E 130 37.67 -111.45 -41.90
CA SER E 130 38.97 -111.68 -42.51
C SER E 130 38.86 -112.78 -43.56
N PRO E 131 39.94 -113.09 -44.28
CA PRO E 131 39.99 -114.35 -45.03
C PRO E 131 39.80 -115.57 -44.14
N GLN E 132 39.63 -116.72 -44.78
CA GLN E 132 38.53 -117.67 -44.57
C GLN E 132 38.01 -117.68 -43.14
N SER E 133 36.72 -117.36 -42.99
CA SER E 133 36.08 -117.23 -41.69
C SER E 133 34.57 -117.35 -41.87
N ILE E 134 33.95 -118.26 -41.15
CA ILE E 134 32.57 -118.65 -41.43
C ILE E 134 31.61 -117.61 -40.87
N LEU E 135 30.75 -117.07 -41.75
CA LEU E 135 29.66 -116.17 -41.38
C LEU E 135 28.36 -116.95 -41.26
N THR E 136 27.72 -116.89 -40.09
CA THR E 136 26.47 -117.58 -39.86
C THR E 136 25.49 -116.64 -39.16
N MET E 137 24.20 -116.81 -39.45
CA MET E 137 23.17 -115.97 -38.84
C MET E 137 22.01 -116.82 -38.34
N TYR E 138 21.30 -116.28 -37.35
CA TYR E 138 20.11 -116.91 -36.76
C TYR E 138 19.07 -115.84 -36.51
N PHE E 139 17.80 -116.24 -36.53
CA PHE E 139 16.67 -115.34 -36.34
C PHE E 139 15.95 -115.74 -35.07
N ASN E 140 15.89 -114.82 -34.10
CA ASN E 140 15.29 -115.09 -32.80
C ASN E 140 13.96 -114.37 -32.67
N PRO E 141 12.83 -115.05 -32.86
CA PRO E 141 11.56 -114.32 -33.01
C PRO E 141 10.94 -113.92 -31.68
N THR E 142 10.76 -112.61 -31.51
CA THR E 142 9.87 -112.07 -30.50
C THR E 142 8.63 -111.55 -31.22
N LYS E 143 7.46 -111.74 -30.60
CA LYS E 143 6.14 -111.54 -31.20
C LYS E 143 6.01 -112.30 -32.52
N PRO E 144 5.85 -113.62 -32.49
CA PRO E 144 5.85 -114.40 -33.72
C PRO E 144 4.59 -114.18 -34.54
N ALA E 145 4.58 -114.77 -35.73
CA ALA E 145 3.45 -114.61 -36.65
C ALA E 145 2.25 -115.39 -36.15
N THR E 146 1.11 -114.70 -36.02
CA THR E 146 -0.12 -115.31 -35.53
C THR E 146 -1.22 -115.37 -36.55
N ALA E 147 -1.17 -114.57 -37.62
CA ALA E 147 -2.25 -114.55 -38.59
C ALA E 147 -2.15 -115.75 -39.52
N SER E 148 -3.24 -116.04 -40.20
CA SER E 148 -3.22 -117.05 -41.24
C SER E 148 -2.53 -116.51 -42.48
N THR E 149 -2.28 -117.42 -43.43
CA THR E 149 -1.52 -117.23 -44.70
C THR E 149 -0.27 -116.36 -44.50
N SER E 150 0.62 -116.88 -43.66
CA SER E 150 1.81 -116.15 -43.27
C SER E 150 2.86 -116.20 -44.38
N TYR E 151 3.91 -115.40 -44.22
CA TYR E 151 4.93 -115.23 -45.23
C TYR E 151 6.30 -115.33 -44.59
N PRO E 152 7.30 -115.83 -45.32
CA PRO E 152 8.66 -115.88 -44.79
C PRO E 152 9.26 -114.48 -44.69
N ASN E 153 10.33 -114.39 -43.90
CA ASN E 153 10.99 -113.12 -43.66
C ASN E 153 12.10 -112.90 -44.68
N THR E 154 12.43 -111.62 -44.90
CA THR E 154 13.52 -111.23 -45.78
C THR E 154 14.12 -109.95 -45.26
N VAL E 155 15.40 -109.98 -44.87
CA VAL E 155 16.10 -108.78 -44.40
C VAL E 155 17.40 -108.66 -45.18
N TYR E 156 17.53 -107.58 -45.94
CA TYR E 156 18.70 -107.37 -46.78
C TYR E 156 19.81 -106.70 -45.98
N PHE E 157 21.04 -106.94 -46.40
CA PHE E 157 22.21 -106.39 -45.75
C PHE E 157 23.06 -105.66 -46.79
N THR E 158 24.25 -105.24 -46.37
CA THR E 158 25.12 -104.46 -47.24
C THR E 158 26.57 -104.78 -46.87
N VAL E 159 27.33 -105.32 -47.83
CA VAL E 159 28.69 -105.79 -47.58
C VAL E 159 29.65 -104.93 -48.39
N VAL E 160 30.69 -104.44 -47.72
CA VAL E 160 31.78 -103.73 -48.38
C VAL E 160 32.94 -104.72 -48.51
N VAL E 161 33.37 -104.99 -49.74
CA VAL E 161 34.37 -106.01 -50.02
C VAL E 161 35.67 -105.32 -50.41
N VAL E 162 36.77 -105.72 -49.78
CA VAL E 162 38.08 -105.17 -50.07
C VAL E 162 38.88 -106.26 -50.80
N ASP E 163 38.93 -106.16 -52.13
CA ASP E 163 39.58 -107.17 -52.95
C ASP E 163 41.04 -106.85 -53.15
N PHE E 164 41.85 -107.90 -53.27
CA PHE E 164 43.29 -107.78 -53.49
C PHE E 164 43.77 -108.65 -54.63
N SER E 165 42.85 -109.14 -55.47
CA SER E 165 43.26 -110.05 -56.53
C SER E 165 43.98 -109.33 -57.66
N TYR E 166 43.83 -108.01 -57.78
CA TYR E 166 44.44 -107.27 -58.86
C TYR E 166 45.69 -106.51 -58.45
N ALA E 167 46.29 -106.87 -57.32
CA ALA E 167 47.64 -106.38 -57.03
C ALA E 167 48.66 -107.27 -57.77
N GLN E 168 49.94 -107.05 -57.44
CA GLN E 168 50.96 -107.91 -58.03
C GLN E 168 50.91 -109.33 -57.49
N ASN E 169 50.37 -109.52 -56.29
CA ASN E 169 50.27 -110.84 -55.67
C ASN E 169 48.98 -110.95 -54.87
N PRO E 170 48.13 -111.92 -55.19
CA PRO E 170 46.84 -112.02 -54.50
C PRO E 170 46.94 -112.51 -53.07
N ALA E 171 47.93 -113.35 -52.75
CA ALA E 171 47.99 -114.00 -51.46
C ALA E 171 48.97 -113.34 -50.51
N ARG E 172 50.12 -112.92 -51.01
CA ARG E 172 51.18 -112.42 -50.14
C ARG E 172 50.95 -110.98 -49.71
N ALA E 173 49.88 -110.33 -50.18
CA ALA E 173 49.64 -108.93 -49.85
C ALA E 173 48.40 -108.73 -48.99
N VAL E 174 47.35 -109.54 -49.16
CA VAL E 174 46.13 -109.39 -48.39
C VAL E 174 46.38 -109.72 -46.91
N VAL E 175 47.22 -110.71 -46.65
CA VAL E 175 47.55 -111.11 -45.28
C VAL E 175 48.44 -110.12 -44.57
N SER E 176 48.90 -109.08 -45.26
CA SER E 176 49.64 -107.99 -44.64
C SER E 176 48.83 -106.71 -44.50
N ALA E 177 47.71 -106.60 -45.21
CA ALA E 177 46.77 -105.50 -44.97
C ALA E 177 45.68 -105.91 -44.01
N ASN E 178 45.50 -107.22 -43.81
CA ASN E 178 44.60 -107.71 -42.78
C ASN E 178 45.10 -107.36 -41.39
N ALA E 179 46.43 -107.23 -41.23
CA ALA E 179 46.97 -106.90 -39.92
C ALA E 179 46.85 -105.42 -39.59
N VAL E 180 46.74 -104.55 -40.61
CA VAL E 180 46.70 -103.12 -40.35
C VAL E 180 45.27 -102.56 -40.34
N MET E 181 44.35 -103.17 -41.08
CA MET E 181 42.98 -102.73 -41.06
C MET E 181 42.27 -103.27 -39.83
N SER F 4 24.03 -91.38 -30.36
CA SER F 4 25.01 -92.44 -30.21
C SER F 4 25.50 -92.56 -28.78
N VAL F 5 24.64 -93.10 -27.90
CA VAL F 5 25.08 -93.43 -26.56
C VAL F 5 25.53 -94.89 -26.49
N THR F 6 25.03 -95.75 -27.37
CA THR F 6 25.54 -97.11 -27.44
C THR F 6 26.92 -97.14 -28.10
N GLN F 7 27.16 -96.24 -29.04
CA GLN F 7 28.44 -96.21 -29.74
C GLN F 7 29.57 -95.63 -28.91
N GLN F 8 29.25 -94.94 -27.82
CA GLN F 8 30.32 -94.51 -26.92
C GLN F 8 30.63 -95.58 -25.88
N VAL F 9 29.63 -96.36 -25.48
CA VAL F 9 29.86 -97.50 -24.61
C VAL F 9 30.62 -98.58 -25.37
N PHE F 10 30.26 -98.78 -26.63
CA PHE F 10 30.90 -99.82 -27.45
C PHE F 10 32.35 -99.48 -27.73
N ASN F 11 32.67 -98.18 -27.87
CA ASN F 11 34.05 -97.77 -27.98
C ASN F 11 34.79 -97.82 -26.66
N PHE F 12 34.08 -97.79 -25.54
CA PHE F 12 34.75 -97.82 -24.26
C PHE F 12 35.15 -99.24 -23.87
N ALA F 13 34.33 -100.23 -24.22
CA ALA F 13 34.60 -101.60 -23.81
C ALA F 13 35.70 -102.22 -24.67
N VAL F 14 35.78 -101.87 -25.95
CA VAL F 14 36.78 -102.47 -26.83
C VAL F 14 38.17 -101.86 -26.66
N THR F 15 38.29 -100.80 -25.87
CA THR F 15 39.61 -100.24 -25.58
C THR F 15 40.09 -100.65 -24.19
N LYS F 16 39.18 -100.83 -23.25
CA LYS F 16 39.56 -101.22 -21.89
C LYS F 16 39.74 -102.71 -21.74
N SER F 17 38.84 -103.52 -22.30
CA SER F 17 38.87 -104.96 -22.15
C SER F 17 39.76 -105.65 -23.17
N GLN F 18 40.32 -104.91 -24.11
CA GLN F 18 41.24 -105.48 -25.09
C GLN F 18 42.62 -105.84 -24.53
N PRO F 19 43.30 -105.03 -23.69
CA PRO F 19 44.61 -105.50 -23.17
C PRO F 19 44.53 -106.67 -22.23
N PHE F 20 43.40 -106.87 -21.56
CA PHE F 20 43.25 -108.03 -20.69
C PHE F 20 42.72 -109.25 -21.43
N GLY F 21 42.42 -109.11 -22.72
CA GLY F 21 41.89 -110.20 -23.50
C GLY F 21 40.41 -110.20 -23.30
N GLY F 22 39.62 -109.89 -24.32
CA GLY F 22 38.24 -109.57 -24.04
C GLY F 22 37.38 -109.37 -25.26
N TYR F 23 36.19 -109.93 -25.19
CA TYR F 23 35.30 -110.01 -26.33
C TYR F 23 34.07 -109.15 -26.08
N VAL F 24 33.77 -108.23 -27.01
CA VAL F 24 32.67 -107.29 -26.85
C VAL F 24 31.65 -107.53 -27.94
N TYR F 25 30.37 -107.53 -27.58
CA TYR F 25 29.28 -107.61 -28.54
C TYR F 25 28.03 -107.05 -27.89
N SER F 26 26.98 -106.88 -28.70
CA SER F 26 25.72 -106.34 -28.22
C SER F 26 24.61 -107.33 -28.44
N THR F 27 23.63 -107.35 -27.53
CA THR F 27 22.47 -108.23 -27.64
C THR F 27 21.23 -107.43 -27.26
N ASN F 28 20.06 -108.08 -27.33
CA ASN F 28 18.78 -107.46 -27.12
C ASN F 28 18.04 -108.21 -26.00
N LEU F 29 17.72 -107.48 -24.94
CA LEU F 29 17.00 -108.01 -23.80
C LEU F 29 15.53 -107.59 -23.88
N THR F 30 14.64 -108.54 -23.62
CA THR F 30 13.20 -108.32 -23.80
C THR F 30 12.49 -108.53 -22.48
N ALA F 31 12.01 -107.43 -21.90
CA ALA F 31 11.25 -107.46 -20.65
C ALA F 31 9.77 -107.36 -21.02
N SER F 32 9.00 -108.40 -20.68
CA SER F 32 7.61 -108.48 -21.07
C SER F 32 6.73 -108.77 -19.87
N THR F 33 5.96 -107.79 -19.44
CA THR F 33 4.97 -107.98 -18.39
C THR F 33 3.85 -108.87 -18.91
N SER F 34 3.56 -109.94 -18.18
CA SER F 34 2.65 -110.96 -18.69
C SER F 34 1.21 -110.65 -18.32
N SER F 35 0.31 -110.95 -19.26
CA SER F 35 -1.14 -111.14 -19.03
C SER F 35 -1.85 -109.86 -18.58
N ALA F 36 -1.79 -108.82 -19.41
CA ALA F 36 -2.79 -107.75 -19.50
C ALA F 36 -2.98 -106.99 -18.18
N VAL F 37 -1.95 -106.22 -17.82
CA VAL F 37 -1.95 -105.47 -16.56
C VAL F 37 -3.06 -104.42 -16.56
N THR F 38 -3.91 -104.48 -15.54
CA THR F 38 -5.06 -103.60 -15.44
C THR F 38 -5.24 -102.93 -14.08
N SER F 39 -4.53 -103.37 -13.04
CA SER F 39 -4.79 -102.85 -11.70
C SER F 39 -3.59 -102.14 -11.07
N THR F 40 -2.46 -102.81 -10.89
CA THR F 40 -1.44 -102.33 -9.96
C THR F 40 -0.07 -102.77 -10.45
N GLN F 41 0.93 -102.64 -9.57
CA GLN F 41 2.32 -102.90 -9.94
C GLN F 41 2.56 -104.38 -10.22
N LEU F 42 3.08 -104.67 -11.41
CA LEU F 42 3.41 -106.03 -11.82
C LEU F 42 4.91 -106.16 -11.99
N THR F 43 5.34 -107.31 -12.52
CA THR F 43 6.76 -107.60 -12.69
C THR F 43 7.00 -108.25 -14.05
N PRO F 44 7.89 -107.69 -14.87
CA PRO F 44 8.15 -108.27 -16.19
C PRO F 44 9.25 -109.33 -16.20
N LEU F 45 9.09 -110.28 -17.12
CA LEU F 45 9.98 -111.44 -17.23
C LEU F 45 11.09 -111.13 -18.22
N ASN F 46 12.30 -110.89 -17.73
CA ASN F 46 13.41 -110.61 -18.61
C ASN F 46 13.85 -111.86 -19.35
N LEU F 47 14.31 -111.68 -20.59
CA LEU F 47 14.66 -112.82 -21.44
C LEU F 47 15.73 -112.37 -22.43
N SER F 48 16.98 -112.67 -22.14
CA SER F 48 18.09 -112.33 -23.01
C SER F 48 18.57 -113.56 -23.77
N ILE F 49 19.27 -113.30 -24.88
CA ILE F 49 19.93 -114.35 -25.67
C ILE F 49 21.41 -114.00 -25.72
N THR F 50 22.21 -114.70 -24.93
CA THR F 50 23.63 -114.45 -24.84
C THR F 50 24.32 -115.26 -25.95
N LEU F 51 25.64 -115.47 -25.82
CA LEU F 51 26.47 -115.94 -26.93
C LEU F 51 26.13 -117.37 -27.34
N GLY F 52 26.35 -118.34 -26.44
CA GLY F 52 26.31 -119.73 -26.83
C GLY F 52 24.96 -120.38 -26.76
N GLN F 53 23.99 -119.85 -27.52
CA GLN F 53 22.63 -120.37 -27.70
C GLN F 53 21.83 -120.40 -26.39
N ILE F 54 22.32 -119.76 -25.34
CA ILE F 54 21.69 -119.85 -24.03
C ILE F 54 20.63 -118.78 -23.91
N THR F 55 19.63 -119.06 -23.09
CA THR F 55 18.45 -118.22 -22.93
C THR F 55 18.22 -118.03 -21.44
N LEU F 56 18.68 -116.90 -20.90
CA LEU F 56 18.42 -116.55 -19.52
C LEU F 56 17.00 -115.98 -19.44
N SER F 57 16.06 -116.80 -19.03
CA SER F 57 14.68 -116.38 -18.90
C SER F 57 14.32 -116.18 -17.44
N GLY F 58 13.05 -115.90 -17.17
CA GLY F 58 12.57 -115.74 -15.81
C GLY F 58 12.93 -114.41 -15.21
N ASN F 59 12.26 -114.10 -14.10
CA ASN F 59 12.52 -112.87 -13.37
C ASN F 59 13.91 -112.91 -12.75
N SER F 60 14.46 -111.72 -12.49
CA SER F 60 15.71 -111.50 -11.75
C SER F 60 16.89 -112.23 -12.38
N LEU F 61 17.26 -111.77 -13.57
CA LEU F 61 18.36 -112.36 -14.32
C LEU F 61 19.68 -112.20 -13.58
N VAL F 62 20.38 -113.30 -13.40
CA VAL F 62 21.71 -113.27 -12.81
C VAL F 62 22.74 -113.27 -13.92
N ILE F 63 23.69 -112.36 -13.84
CA ILE F 63 24.74 -112.22 -14.83
C ILE F 63 25.71 -113.37 -14.70
N PRO F 64 26.24 -113.91 -15.79
CA PRO F 64 27.32 -114.91 -15.68
C PRO F 64 28.57 -114.33 -15.06
N ALA F 65 29.41 -115.22 -14.55
CA ALA F 65 30.57 -114.81 -13.76
C ALA F 65 31.72 -114.28 -14.59
N THR F 66 31.64 -114.34 -15.92
CA THR F 66 32.70 -113.85 -16.78
C THR F 66 32.23 -112.73 -17.71
N GLN F 67 31.07 -112.14 -17.47
CA GLN F 67 30.50 -111.16 -18.37
C GLN F 67 30.15 -109.87 -17.63
N ILE F 68 30.35 -108.75 -18.31
CA ILE F 68 30.00 -107.43 -17.80
C ILE F 68 28.96 -106.84 -18.74
N TRP F 69 27.84 -106.38 -18.19
CA TRP F 69 26.75 -105.90 -19.02
C TRP F 69 26.66 -104.39 -18.95
N TYR F 70 25.98 -103.80 -19.92
CA TYR F 70 25.77 -102.37 -20.00
C TYR F 70 24.39 -102.13 -20.57
N LEU F 71 23.44 -101.75 -19.71
CA LEU F 71 22.09 -101.44 -20.18
C LEU F 71 22.14 -100.05 -20.77
N THR F 72 22.07 -99.95 -22.10
CA THR F 72 22.35 -98.70 -22.80
C THR F 72 21.12 -97.98 -23.29
N ASP F 73 20.15 -98.67 -23.88
CA ASP F 73 19.00 -97.98 -24.46
C ASP F 73 17.76 -98.85 -24.31
N ALA F 74 16.60 -98.24 -24.54
CA ALA F 74 15.33 -98.93 -24.48
C ALA F 74 14.38 -98.28 -25.49
N TYR F 75 13.47 -99.08 -26.01
CA TYR F 75 12.47 -98.56 -26.93
C TYR F 75 11.24 -99.45 -26.86
N VAL F 76 10.23 -99.11 -27.65
CA VAL F 76 8.98 -99.85 -27.71
C VAL F 76 8.60 -99.96 -29.17
N SER F 77 8.24 -101.16 -29.62
CA SER F 77 7.91 -101.38 -31.01
C SER F 77 6.61 -100.67 -31.37
N VAL F 78 6.48 -100.32 -32.65
CA VAL F 78 5.36 -99.55 -33.19
C VAL F 78 4.02 -100.28 -33.09
N PRO F 79 3.90 -101.61 -33.28
CA PRO F 79 2.61 -102.26 -32.94
C PRO F 79 2.26 -102.24 -31.46
N ASP F 80 3.21 -101.98 -30.56
CA ASP F 80 2.84 -101.78 -29.17
C ASP F 80 2.37 -100.36 -28.92
N TYR F 81 3.00 -99.39 -29.60
CA TYR F 81 2.62 -97.99 -29.44
C TYR F 81 1.25 -97.71 -30.06
N THR F 82 0.86 -98.49 -31.05
CA THR F 82 -0.49 -98.38 -31.58
C THR F 82 -1.52 -98.88 -30.56
N ASN F 83 -1.17 -99.93 -29.83
CA ASN F 83 -2.10 -100.51 -28.86
C ASN F 83 -2.24 -99.65 -27.62
N ILE F 84 -1.19 -98.94 -27.22
CA ILE F 84 -1.24 -98.14 -26.00
C ILE F 84 -2.16 -96.95 -26.18
N THR F 85 -1.95 -96.19 -27.26
CA THR F 85 -2.74 -95.00 -27.52
C THR F 85 -4.17 -95.31 -27.92
N ASN F 86 -4.45 -96.54 -28.36
CA ASN F 86 -5.82 -96.99 -28.50
C ASN F 86 -6.37 -97.60 -27.22
N GLY F 87 -5.55 -97.66 -26.17
CA GLY F 87 -6.02 -98.16 -24.90
C GLY F 87 -6.16 -99.65 -24.79
N ALA F 88 -5.43 -100.42 -25.60
CA ALA F 88 -5.49 -101.87 -25.54
C ALA F 88 -4.46 -102.48 -24.61
N GLU F 89 -3.42 -101.73 -24.24
CA GLU F 89 -2.49 -102.19 -23.23
C GLU F 89 -2.01 -100.97 -22.45
N ALA F 90 -1.42 -101.23 -21.29
CA ALA F 90 -1.24 -100.21 -20.27
C ALA F 90 -0.02 -99.34 -20.52
N ASP F 91 -0.06 -98.14 -19.96
CA ASP F 91 1.09 -97.25 -19.87
C ASP F 91 1.72 -97.40 -18.49
N GLY F 92 2.82 -96.71 -18.28
CA GLY F 92 3.44 -96.68 -16.97
C GLY F 92 4.94 -96.50 -17.10
N VAL F 93 5.62 -96.59 -15.96
CA VAL F 93 7.07 -96.50 -15.91
C VAL F 93 7.62 -97.89 -15.64
N ILE F 94 8.94 -98.02 -15.76
CA ILE F 94 9.63 -99.27 -15.49
C ILE F 94 10.83 -98.95 -14.61
N LEU F 95 10.91 -99.60 -13.44
CA LEU F 95 11.97 -99.37 -12.48
C LEU F 95 13.08 -100.39 -12.70
N ILE F 96 14.33 -99.94 -12.65
CA ILE F 96 15.49 -100.77 -12.93
C ILE F 96 16.29 -100.89 -11.65
N TYR F 97 16.38 -102.10 -11.10
CA TYR F 97 17.05 -102.35 -9.84
C TYR F 97 18.34 -103.13 -10.05
N LYS F 98 19.24 -103.00 -9.08
CA LYS F 98 20.51 -103.72 -9.06
C LYS F 98 20.72 -104.28 -7.67
N ASP F 99 20.97 -105.60 -7.61
CA ASP F 99 21.13 -106.38 -6.36
C ASP F 99 19.89 -106.31 -5.46
N GLY F 100 18.73 -105.98 -6.02
CA GLY F 100 17.53 -105.79 -5.25
C GLY F 100 17.51 -104.57 -4.33
N VAL F 101 18.55 -103.75 -4.33
CA VAL F 101 18.68 -102.67 -3.36
C VAL F 101 18.60 -101.33 -4.05
N LYS F 102 19.56 -101.05 -4.95
CA LYS F 102 19.61 -99.75 -5.61
C LYS F 102 18.50 -99.62 -6.63
N LEU F 103 17.70 -98.57 -6.51
CA LEU F 103 16.95 -98.11 -7.66
C LEU F 103 17.84 -97.19 -8.48
N MET F 104 18.10 -97.57 -9.73
CA MET F 104 19.06 -96.82 -10.51
C MET F 104 18.44 -95.89 -11.54
N LEU F 105 17.38 -96.29 -12.23
CA LEU F 105 16.72 -95.42 -13.19
C LEU F 105 15.23 -95.65 -13.11
N THR F 106 14.50 -94.79 -13.82
CA THR F 106 13.06 -94.94 -14.03
C THR F 106 12.79 -94.45 -15.43
N THR F 107 12.25 -95.32 -16.27
CA THR F 107 12.08 -94.99 -17.67
C THR F 107 10.95 -93.99 -17.84
N PRO F 108 11.13 -92.95 -18.62
CA PRO F 108 10.08 -91.94 -18.79
C PRO F 108 8.91 -92.40 -19.63
N LEU F 109 7.95 -93.09 -19.01
CA LEU F 109 6.60 -93.30 -19.56
C LEU F 109 6.59 -94.02 -20.89
N ILE F 110 6.76 -95.35 -20.88
CA ILE F 110 7.06 -96.21 -22.04
C ILE F 110 6.21 -96.00 -23.29
N SER F 111 5.05 -95.34 -23.16
CA SER F 111 4.33 -94.91 -24.36
C SER F 111 5.07 -93.80 -25.10
N SER F 112 5.94 -93.06 -24.40
CA SER F 112 6.63 -91.95 -25.04
C SER F 112 7.83 -92.40 -25.86
N MET F 113 8.43 -93.54 -25.52
CA MET F 113 9.61 -94.02 -26.23
C MET F 113 9.23 -95.08 -27.28
N SER F 114 8.50 -94.62 -28.29
CA SER F 114 8.25 -95.44 -29.47
C SER F 114 9.33 -95.17 -30.50
N ILE F 115 9.68 -96.20 -31.26
CA ILE F 115 10.86 -96.13 -32.11
C ILE F 115 10.57 -95.36 -33.41
N SER F 116 9.29 -95.18 -33.77
CA SER F 116 8.99 -94.47 -35.00
C SER F 116 9.14 -92.96 -34.87
N ASN F 117 9.10 -92.43 -33.67
CA ASN F 117 9.28 -90.99 -33.50
C ASN F 117 10.76 -90.66 -33.45
N PRO F 118 11.24 -89.73 -34.29
CA PRO F 118 12.64 -89.31 -34.16
C PRO F 118 12.91 -88.51 -32.91
N ALA F 119 11.89 -87.86 -32.35
CA ALA F 119 12.03 -87.12 -31.09
C ALA F 119 11.56 -87.98 -29.92
N ARG F 120 12.20 -89.14 -29.80
CA ARG F 120 11.90 -90.11 -28.75
C ARG F 120 12.90 -89.94 -27.63
N THR F 121 12.40 -89.86 -26.39
CA THR F 121 13.29 -89.74 -25.24
C THR F 121 13.90 -91.09 -24.91
N HIS F 122 15.20 -91.11 -24.70
CA HIS F 122 15.93 -92.36 -24.54
C HIS F 122 16.03 -92.70 -23.05
N LEU F 123 16.84 -93.70 -22.75
CA LEU F 123 17.22 -93.98 -21.37
C LEU F 123 18.16 -92.88 -20.88
N ALA F 124 18.21 -92.70 -19.57
CA ALA F 124 18.93 -91.55 -19.03
C ALA F 124 20.44 -91.73 -19.08
N GLN F 125 20.96 -92.92 -18.81
CA GLN F 125 22.39 -93.14 -18.76
C GLN F 125 22.65 -94.63 -18.88
N ALA F 126 23.82 -94.97 -19.41
CA ALA F 126 24.21 -96.36 -19.60
C ALA F 126 24.66 -96.96 -18.28
N VAL F 127 23.99 -98.02 -17.85
CA VAL F 127 24.15 -98.58 -16.52
C VAL F 127 25.08 -99.79 -16.59
N LYS F 128 26.19 -99.73 -15.85
CA LYS F 128 27.10 -100.86 -15.80
C LYS F 128 26.61 -101.90 -14.80
N TYR F 129 26.59 -103.15 -15.23
CA TYR F 129 26.25 -104.27 -14.38
C TYR F 129 27.46 -105.18 -14.28
N SER F 130 27.94 -105.44 -13.07
CA SER F 130 29.17 -106.15 -12.76
C SER F 130 28.98 -107.64 -13.01
N PRO F 131 30.02 -108.48 -12.92
CA PRO F 131 29.79 -109.92 -12.83
C PRO F 131 28.98 -110.29 -11.60
N GLN F 132 28.62 -111.58 -11.54
CA GLN F 132 27.28 -112.05 -11.14
C GLN F 132 26.57 -111.26 -10.06
N SER F 133 25.40 -110.74 -10.42
CA SER F 133 24.66 -109.74 -9.66
C SER F 133 23.26 -109.63 -10.25
N ILE F 134 22.26 -109.43 -9.40
CA ILE F 134 20.87 -109.57 -9.79
C ILE F 134 20.43 -108.37 -10.61
N LEU F 135 19.80 -108.62 -11.76
CA LEU F 135 19.12 -107.59 -12.53
C LEU F 135 17.62 -107.89 -12.50
N THR F 136 16.85 -107.01 -11.88
CA THR F 136 15.41 -107.20 -11.84
C THR F 136 14.72 -105.89 -12.22
N MET F 137 13.49 -106.01 -12.71
CA MET F 137 12.73 -104.86 -13.16
C MET F 137 11.31 -104.96 -12.64
N TYR F 138 10.68 -103.81 -12.48
CA TYR F 138 9.29 -103.73 -12.05
C TYR F 138 8.54 -102.77 -12.95
N PHE F 139 7.24 -102.98 -13.09
CA PHE F 139 6.40 -102.18 -13.97
C PHE F 139 5.31 -101.54 -13.14
N ASN F 140 5.39 -100.22 -12.96
CA ASN F 140 4.45 -99.46 -12.16
C ASN F 140 3.47 -98.75 -13.08
N PRO F 141 2.28 -99.29 -13.31
CA PRO F 141 1.43 -98.73 -14.37
C PRO F 141 0.62 -97.54 -13.91
N THR F 142 0.44 -96.60 -14.83
CA THR F 142 -0.55 -95.55 -14.72
C THR F 142 -1.31 -95.52 -16.03
N LYS F 143 -2.62 -95.22 -15.95
CA LYS F 143 -3.60 -95.41 -17.02
C LYS F 143 -3.53 -96.85 -17.51
N PRO F 144 -4.11 -97.80 -16.79
CA PRO F 144 -3.98 -99.21 -17.15
C PRO F 144 -4.83 -99.55 -18.38
N ALA F 145 -4.77 -100.82 -18.77
CA ALA F 145 -5.45 -101.28 -19.97
C ALA F 145 -6.97 -101.32 -19.74
N THR F 146 -7.72 -100.76 -20.69
CA THR F 146 -9.16 -100.66 -20.56
C THR F 146 -9.94 -101.43 -21.61
N ALA F 147 -9.48 -101.44 -22.85
CA ALA F 147 -10.25 -101.98 -23.96
C ALA F 147 -10.33 -103.50 -23.89
N SER F 148 -11.36 -104.06 -24.53
CA SER F 148 -11.51 -105.49 -24.62
C SER F 148 -10.44 -106.08 -25.53
N THR F 149 -10.18 -107.38 -25.33
CA THR F 149 -9.08 -108.14 -25.95
C THR F 149 -7.75 -107.42 -25.75
N SER F 150 -7.38 -107.27 -24.49
CA SER F 150 -6.16 -106.58 -24.13
C SER F 150 -4.93 -107.44 -24.42
N TYR F 151 -3.77 -106.80 -24.38
CA TYR F 151 -2.52 -107.43 -24.75
C TYR F 151 -1.46 -107.20 -23.69
N PRO F 152 -0.50 -108.10 -23.54
CA PRO F 152 0.62 -107.86 -22.61
C PRO F 152 1.57 -106.80 -23.16
N ASN F 153 2.40 -106.29 -22.26
CA ASN F 153 3.40 -105.29 -22.64
C ASN F 153 4.72 -105.94 -23.00
N THR F 154 5.53 -105.19 -23.73
CA THR F 154 6.84 -105.65 -24.15
C THR F 154 7.73 -104.43 -24.38
N VAL F 155 8.83 -104.35 -23.63
CA VAL F 155 9.76 -103.23 -23.74
C VAL F 155 11.14 -103.82 -23.96
N TYR F 156 11.77 -103.46 -25.07
CA TYR F 156 13.08 -104.00 -25.42
C TYR F 156 14.18 -103.15 -24.81
N PHE F 157 15.33 -103.78 -24.59
CA PHE F 157 16.50 -103.09 -24.08
C PHE F 157 17.71 -103.51 -24.90
N THR F 158 18.71 -102.66 -24.97
CA THR F 158 19.94 -102.96 -25.69
C THR F 158 21.08 -103.11 -24.70
N VAL F 159 21.67 -104.30 -24.66
CA VAL F 159 22.75 -104.61 -23.73
C VAL F 159 24.03 -104.79 -24.52
N VAL F 160 25.07 -104.04 -24.14
CA VAL F 160 26.41 -104.26 -24.67
C VAL F 160 27.12 -105.20 -23.70
N VAL F 161 27.53 -106.36 -24.19
CA VAL F 161 28.03 -107.43 -23.34
C VAL F 161 29.52 -107.59 -23.58
N VAL F 162 30.32 -107.43 -22.54
CA VAL F 162 31.74 -107.72 -22.57
C VAL F 162 31.93 -109.14 -22.08
N ASP F 163 32.73 -109.92 -22.79
CA ASP F 163 32.90 -111.32 -22.46
C ASP F 163 34.38 -111.64 -22.33
N PHE F 164 34.71 -112.49 -21.36
CA PHE F 164 36.09 -112.82 -21.03
C PHE F 164 36.37 -114.31 -21.10
N SER F 165 35.51 -115.09 -21.74
CA SER F 165 35.63 -116.54 -21.67
C SER F 165 36.76 -117.08 -22.54
N TYR F 166 37.39 -116.26 -23.39
CA TYR F 166 38.53 -116.70 -24.18
C TYR F 166 39.81 -115.98 -23.81
N ALA F 167 40.01 -115.64 -22.53
CA ALA F 167 41.26 -115.03 -22.10
C ALA F 167 42.28 -116.12 -21.83
N GLN F 168 43.46 -115.74 -21.35
CA GLN F 168 44.44 -116.75 -20.96
C GLN F 168 44.10 -117.36 -19.62
N ASN F 169 44.11 -116.55 -18.57
CA ASN F 169 43.73 -116.99 -17.23
C ASN F 169 42.51 -116.18 -16.81
N PRO F 170 41.30 -116.69 -17.07
CA PRO F 170 40.10 -115.85 -16.92
C PRO F 170 39.73 -115.55 -15.47
N ALA F 171 40.35 -116.20 -14.50
CA ALA F 171 40.07 -115.90 -13.09
C ALA F 171 40.59 -114.52 -12.72
N ARG F 172 41.84 -114.23 -13.07
CA ARG F 172 42.44 -112.94 -12.81
C ARG F 172 42.28 -111.98 -13.99
N ALA F 173 41.65 -112.43 -15.06
CA ALA F 173 41.39 -111.51 -16.17
C ALA F 173 40.13 -110.69 -15.92
N VAL F 174 39.12 -111.32 -15.32
CA VAL F 174 37.87 -110.62 -15.04
C VAL F 174 38.07 -109.61 -13.92
N VAL F 175 38.66 -110.05 -12.81
CA VAL F 175 38.74 -109.21 -11.61
C VAL F 175 39.77 -108.11 -11.72
N SER F 176 40.65 -108.15 -12.72
CA SER F 176 41.54 -107.02 -12.97
C SER F 176 40.97 -106.04 -13.98
N ALA F 177 40.08 -106.49 -14.85
CA ALA F 177 39.46 -105.61 -15.82
C ALA F 177 38.18 -104.98 -15.29
N ASN F 178 37.50 -105.65 -14.36
CA ASN F 178 36.32 -105.08 -13.75
C ASN F 178 36.64 -103.88 -12.88
N ALA F 179 37.86 -103.81 -12.35
CA ALA F 179 38.23 -102.71 -11.47
C ALA F 179 38.47 -101.42 -12.24
N VAL F 180 39.15 -101.50 -13.38
CA VAL F 180 39.46 -100.31 -14.14
C VAL F 180 38.27 -99.88 -15.00
N MET F 181 37.51 -100.83 -15.52
CA MET F 181 36.43 -100.55 -16.44
C MET F 181 35.09 -100.58 -15.74
N SER G 4 12.89 -21.50 -45.86
CA SER G 4 13.72 -22.68 -45.76
C SER G 4 14.07 -22.98 -44.30
N VAL G 5 13.18 -23.70 -43.63
CA VAL G 5 13.41 -24.12 -42.26
C VAL G 5 13.74 -25.61 -42.16
N THR G 6 13.18 -26.45 -43.02
CA THR G 6 13.55 -27.86 -43.02
C THR G 6 14.88 -28.09 -43.70
N GLN G 7 15.27 -27.20 -44.62
CA GLN G 7 16.54 -27.35 -45.31
C GLN G 7 17.72 -27.05 -44.39
N GLN G 8 17.58 -26.08 -43.48
CA GLN G 8 18.64 -25.79 -42.52
C GLN G 8 18.83 -26.97 -41.56
N VAL G 9 17.73 -27.56 -41.11
CA VAL G 9 17.79 -28.73 -40.24
C VAL G 9 18.38 -29.91 -40.97
N PHE G 10 18.05 -30.07 -42.25
CA PHE G 10 18.56 -31.16 -43.07
C PHE G 10 20.06 -31.04 -43.27
N ASN G 11 20.55 -29.85 -43.61
CA ASN G 11 21.99 -29.67 -43.79
C ASN G 11 22.74 -29.75 -42.48
N PHE G 12 22.10 -29.33 -41.37
CA PHE G 12 22.71 -29.45 -40.06
C PHE G 12 22.88 -30.92 -39.66
N ALA G 13 21.86 -31.74 -39.93
CA ALA G 13 21.94 -33.16 -39.60
C ALA G 13 22.91 -33.88 -40.52
N VAL G 14 22.97 -33.48 -41.78
CA VAL G 14 23.88 -34.12 -42.73
C VAL G 14 25.33 -33.79 -42.41
N THR G 15 25.59 -32.54 -42.01
CA THR G 15 26.96 -32.15 -41.70
C THR G 15 27.40 -32.70 -40.34
N LYS G 16 26.53 -32.63 -39.33
CA LYS G 16 26.96 -32.98 -37.98
C LYS G 16 27.05 -34.48 -37.76
N SER G 17 26.09 -35.24 -38.29
CA SER G 17 26.05 -36.68 -38.07
C SER G 17 26.85 -37.47 -39.10
N GLN G 18 27.71 -36.82 -39.87
CA GLN G 18 28.54 -37.55 -40.82
C GLN G 18 29.62 -38.41 -40.19
N PRO G 19 30.53 -37.91 -39.32
CA PRO G 19 31.68 -38.74 -38.95
C PRO G 19 31.36 -39.90 -38.03
N PHE G 20 30.21 -39.90 -37.37
CA PHE G 20 29.78 -41.06 -36.61
C PHE G 20 29.03 -42.07 -37.46
N GLY G 21 28.75 -41.74 -38.71
CA GLY G 21 27.96 -42.61 -39.55
C GLY G 21 26.51 -42.28 -39.31
N GLY G 22 25.80 -41.80 -40.32
CA GLY G 22 24.44 -41.38 -40.09
C GLY G 22 23.62 -41.37 -41.35
N TYR G 23 22.43 -41.91 -41.28
CA TYR G 23 21.53 -42.05 -42.42
C TYR G 23 20.39 -41.07 -42.20
N VAL G 24 20.43 -39.95 -42.91
CA VAL G 24 19.54 -38.83 -42.69
C VAL G 24 18.53 -38.77 -43.83
N TYR G 25 17.25 -38.75 -43.51
CA TYR G 25 16.24 -38.59 -44.54
C TYR G 25 15.04 -37.88 -43.96
N SER G 26 14.00 -37.72 -44.77
CA SER G 26 12.81 -36.99 -44.36
C SER G 26 11.59 -37.84 -44.64
N THR G 27 10.55 -37.62 -43.84
CA THR G 27 9.35 -38.42 -43.95
C THR G 27 8.15 -37.58 -43.52
N ASN G 28 6.98 -38.17 -43.67
CA ASN G 28 5.71 -37.47 -43.47
C ASN G 28 4.92 -38.15 -42.36
N LEU G 29 4.43 -37.37 -41.41
CA LEU G 29 3.69 -37.87 -40.26
C LEU G 29 2.27 -37.36 -40.36
N THR G 30 1.30 -38.24 -40.14
CA THR G 30 -0.11 -37.88 -40.30
C THR G 30 -0.77 -37.98 -38.94
N ALA G 31 -1.29 -36.85 -38.44
CA ALA G 31 -2.03 -36.83 -37.19
C ALA G 31 -3.50 -36.72 -37.51
N SER G 32 -4.27 -37.73 -37.14
CA SER G 32 -5.68 -37.82 -37.53
C SER G 32 -6.56 -37.91 -36.28
N THR G 33 -7.31 -36.85 -36.03
CA THR G 33 -8.34 -36.86 -35.00
C THR G 33 -9.60 -37.47 -35.60
N SER G 34 -9.93 -38.68 -35.20
CA SER G 34 -10.96 -39.44 -35.88
C SER G 34 -12.35 -39.03 -35.44
N SER G 35 -13.32 -39.31 -36.31
CA SER G 35 -14.76 -39.38 -36.03
C SER G 35 -15.36 -38.05 -35.55
N ALA G 36 -15.09 -36.97 -36.29
CA ALA G 36 -15.90 -35.75 -36.30
C ALA G 36 -15.96 -35.07 -34.93
N VAL G 37 -14.80 -34.54 -34.51
CA VAL G 37 -14.70 -33.83 -33.24
C VAL G 37 -15.64 -32.63 -33.19
N THR G 38 -16.49 -32.60 -32.17
CA THR G 38 -17.54 -31.58 -32.07
C THR G 38 -17.67 -30.91 -30.70
N SER G 39 -17.10 -31.46 -29.64
CA SER G 39 -17.35 -30.90 -28.31
C SER G 39 -16.10 -30.39 -27.60
N THR G 40 -15.09 -31.23 -27.38
CA THR G 40 -14.04 -30.92 -26.41
C THR G 40 -12.72 -31.50 -26.89
N GLN G 41 -11.73 -31.54 -25.99
CA GLN G 41 -10.38 -31.92 -26.35
C GLN G 41 -10.28 -33.42 -26.59
N LEU G 42 -9.72 -33.80 -27.74
CA LEU G 42 -9.53 -35.20 -28.10
C LEU G 42 -8.04 -35.52 -28.21
N THR G 43 -7.76 -36.71 -28.72
CA THR G 43 -6.41 -37.23 -28.88
C THR G 43 -6.28 -37.70 -30.33
N PRO G 44 -5.34 -37.15 -31.11
CA PRO G 44 -5.18 -37.61 -32.50
C PRO G 44 -4.29 -38.83 -32.60
N LEU G 45 -4.63 -39.71 -33.54
CA LEU G 45 -3.81 -40.88 -33.84
C LEU G 45 -2.64 -40.43 -34.70
N ASN G 46 -1.42 -40.58 -34.18
CA ASN G 46 -0.25 -40.35 -34.99
C ASN G 46 -0.05 -41.53 -35.94
N LEU G 47 0.63 -41.27 -37.05
CA LEU G 47 0.98 -42.31 -38.01
C LEU G 47 2.23 -41.88 -38.75
N SER G 48 3.36 -42.51 -38.43
CA SER G 48 4.64 -42.17 -39.04
C SER G 48 5.07 -43.27 -40.02
N ILE G 49 5.69 -42.84 -41.12
CA ILE G 49 6.08 -43.72 -42.20
C ILE G 49 7.60 -43.73 -42.24
N THR G 50 8.21 -44.79 -41.74
CA THR G 50 9.64 -44.97 -41.81
C THR G 50 9.98 -45.95 -42.91
N LEU G 51 11.27 -46.24 -43.05
CA LEU G 51 11.75 -47.10 -44.13
C LEU G 51 11.32 -48.55 -43.88
N GLY G 52 10.57 -49.11 -44.82
CA GLY G 52 10.11 -50.47 -44.68
C GLY G 52 8.61 -50.61 -44.53
N GLN G 53 7.85 -49.54 -44.75
CA GLN G 53 6.39 -49.50 -44.67
C GLN G 53 5.89 -50.02 -43.33
N ILE G 54 6.55 -49.56 -42.27
CA ILE G 54 6.25 -50.06 -40.95
C ILE G 54 4.98 -49.43 -40.41
N THR G 55 4.77 -48.14 -40.72
CA THR G 55 3.57 -47.37 -40.41
C THR G 55 3.27 -47.38 -38.91
N LEU G 56 4.19 -46.77 -38.16
CA LEU G 56 4.08 -46.68 -36.71
C LEU G 56 2.85 -45.85 -36.36
N SER G 57 1.79 -46.51 -35.97
CA SER G 57 0.51 -45.85 -35.81
C SER G 57 0.16 -45.73 -34.34
N GLY G 58 -0.97 -45.08 -34.08
CA GLY G 58 -1.49 -44.99 -32.73
C GLY G 58 -0.80 -43.90 -31.93
N ASN G 59 -1.38 -43.63 -30.76
CA ASN G 59 -0.91 -42.55 -29.91
C ASN G 59 0.46 -42.90 -29.32
N SER G 60 1.17 -41.87 -28.86
CA SER G 60 2.42 -41.98 -28.11
C SER G 60 3.50 -42.74 -28.88
N LEU G 61 3.96 -42.13 -29.96
CA LEU G 61 5.04 -42.72 -30.76
C LEU G 61 6.35 -42.68 -29.99
N VAL G 62 6.87 -43.85 -29.64
CA VAL G 62 8.15 -43.91 -28.93
C VAL G 62 9.27 -43.88 -29.94
N ILE G 63 10.15 -42.90 -29.81
CA ILE G 63 11.36 -42.85 -30.65
C ILE G 63 12.27 -44.02 -30.28
N PRO G 64 12.63 -44.88 -31.24
CA PRO G 64 13.56 -45.97 -30.92
C PRO G 64 14.94 -45.45 -30.59
N ALA G 65 15.71 -46.30 -29.91
CA ALA G 65 16.91 -45.88 -29.22
C ALA G 65 18.11 -45.65 -30.12
N THR G 66 17.94 -45.69 -31.44
CA THR G 66 19.01 -45.38 -32.36
C THR G 66 18.72 -44.18 -33.25
N GLN G 67 17.59 -43.51 -33.04
CA GLN G 67 17.12 -42.48 -33.95
C GLN G 67 16.93 -41.15 -33.23
N ILE G 68 17.05 -40.06 -33.99
CA ILE G 68 16.78 -38.70 -33.54
C ILE G 68 15.77 -38.09 -34.50
N TRP G 69 14.70 -37.50 -33.97
CA TRP G 69 13.66 -36.95 -34.83
C TRP G 69 13.65 -35.43 -34.74
N TYR G 70 13.14 -34.78 -35.78
CA TYR G 70 13.04 -33.33 -35.83
C TYR G 70 11.67 -32.98 -36.42
N LEU G 71 10.72 -32.59 -35.57
CA LEU G 71 9.42 -32.15 -36.03
C LEU G 71 9.59 -30.73 -36.57
N THR G 72 9.64 -30.57 -37.90
CA THR G 72 10.01 -29.29 -38.49
C THR G 72 8.82 -28.44 -38.90
N ASP G 73 7.98 -28.93 -39.81
CA ASP G 73 6.88 -28.12 -40.31
C ASP G 73 5.57 -28.88 -40.24
N ALA G 74 4.49 -28.13 -40.36
CA ALA G 74 3.14 -28.67 -40.28
C ALA G 74 2.28 -27.93 -41.28
N TYR G 75 1.33 -28.63 -41.88
CA TYR G 75 0.41 -27.99 -42.79
C TYR G 75 -0.89 -28.78 -42.85
N VAL G 76 -1.82 -28.23 -43.62
CA VAL G 76 -3.17 -28.78 -43.79
C VAL G 76 -3.47 -28.74 -45.28
N SER G 77 -3.95 -29.86 -45.82
CA SER G 77 -4.22 -29.94 -47.25
C SER G 77 -5.42 -29.08 -47.63
N VAL G 78 -5.50 -28.76 -48.92
CA VAL G 78 -6.54 -27.90 -49.49
C VAL G 78 -7.95 -28.49 -49.41
N PRO G 79 -8.20 -29.79 -49.62
CA PRO G 79 -9.57 -30.29 -49.34
C PRO G 79 -9.97 -30.20 -47.88
N ASP G 80 -9.02 -30.33 -46.96
CA ASP G 80 -9.33 -30.16 -45.54
C ASP G 80 -9.63 -28.70 -45.21
N TYR G 81 -8.94 -27.77 -45.86
CA TYR G 81 -9.21 -26.35 -45.64
C TYR G 81 -10.56 -25.96 -46.22
N THR G 82 -10.93 -26.54 -47.36
CA THR G 82 -12.26 -26.31 -47.91
C THR G 82 -13.33 -26.92 -47.01
N ASN G 83 -13.04 -28.07 -46.41
CA ASN G 83 -14.00 -28.67 -45.49
C ASN G 83 -14.10 -27.90 -44.17
N ILE G 84 -13.04 -27.22 -43.77
CA ILE G 84 -13.10 -26.40 -42.57
C ILE G 84 -13.94 -25.16 -42.82
N THR G 85 -13.62 -24.42 -43.88
CA THR G 85 -14.28 -23.15 -44.14
C THR G 85 -15.75 -23.28 -44.50
N ASN G 86 -16.21 -24.48 -44.86
CA ASN G 86 -17.62 -24.74 -45.01
C ASN G 86 -18.23 -25.28 -43.72
N GLY G 87 -17.47 -25.35 -42.64
CA GLY G 87 -17.99 -25.81 -41.37
C GLY G 87 -18.26 -27.30 -41.30
N ALA G 88 -17.59 -28.09 -42.12
CA ALA G 88 -17.81 -29.53 -42.12
C ALA G 88 -16.87 -30.28 -41.19
N GLU G 89 -15.75 -29.68 -40.80
CA GLU G 89 -14.90 -30.30 -39.80
C GLU G 89 -14.29 -29.22 -38.94
N ALA G 90 -13.89 -29.62 -37.74
CA ALA G 90 -13.65 -28.67 -36.66
C ALA G 90 -12.33 -27.93 -36.82
N ASP G 91 -12.29 -26.72 -36.29
CA ASP G 91 -11.09 -25.90 -36.19
C ASP G 91 -10.56 -25.96 -34.76
N GLY G 92 -9.33 -25.53 -34.58
CA GLY G 92 -8.76 -25.47 -33.25
C GLY G 92 -7.25 -25.42 -33.33
N VAL G 93 -6.62 -25.67 -32.19
CA VAL G 93 -5.17 -25.70 -32.11
C VAL G 93 -4.72 -27.12 -31.77
N ILE G 94 -3.42 -27.33 -31.87
CA ILE G 94 -2.80 -28.62 -31.60
C ILE G 94 -1.66 -28.40 -30.62
N LEU G 95 -1.68 -29.15 -29.51
CA LEU G 95 -0.66 -29.09 -28.48
C LEU G 95 0.34 -30.21 -28.71
N ILE G 96 1.63 -29.88 -28.63
CA ILE G 96 2.70 -30.82 -28.89
C ILE G 96 3.47 -31.04 -27.59
N TYR G 97 3.50 -32.29 -27.12
CA TYR G 97 4.09 -32.64 -25.84
C TYR G 97 5.34 -33.49 -26.00
N LYS G 98 6.18 -33.48 -24.96
CA LYS G 98 7.38 -34.30 -24.89
C LYS G 98 7.35 -35.09 -23.59
N ASP G 99 7.45 -36.43 -23.71
CA ASP G 99 7.34 -37.38 -22.60
C ASP G 99 6.01 -37.30 -21.88
N GLY G 100 4.97 -36.78 -22.54
CA GLY G 100 3.66 -36.69 -21.95
C GLY G 100 3.46 -35.62 -20.90
N VAL G 101 4.47 -34.79 -20.62
CA VAL G 101 4.33 -33.79 -19.56
C VAL G 101 4.67 -32.39 -20.06
N LYS G 102 5.75 -32.24 -20.81
CA LYS G 102 6.32 -30.94 -21.14
C LYS G 102 5.73 -30.43 -22.43
N LEU G 103 4.97 -29.34 -22.35
CA LEU G 103 4.38 -28.73 -23.54
C LEU G 103 5.39 -27.84 -24.23
N MET G 104 5.52 -27.99 -25.54
CA MET G 104 6.53 -27.24 -26.27
C MET G 104 5.97 -26.31 -27.34
N LEU G 105 4.89 -26.68 -28.02
CA LEU G 105 4.37 -25.84 -29.08
C LEU G 105 2.85 -25.96 -29.17
N THR G 106 2.26 -24.92 -29.75
CA THR G 106 0.83 -24.87 -30.06
C THR G 106 0.72 -24.42 -31.51
N THR G 107 0.12 -25.23 -32.34
CA THR G 107 -0.03 -24.84 -33.74
C THR G 107 -1.11 -23.78 -33.88
N PRO G 108 -0.81 -22.64 -34.47
CA PRO G 108 -1.77 -21.53 -34.48
C PRO G 108 -2.92 -21.70 -35.45
N LEU G 109 -4.02 -22.33 -34.99
CA LEU G 109 -5.31 -22.32 -35.66
C LEU G 109 -5.25 -22.94 -37.05
N ILE G 110 -5.17 -24.28 -37.12
CA ILE G 110 -4.78 -25.10 -38.26
C ILE G 110 -5.39 -24.75 -39.61
N SER G 111 -6.49 -23.99 -39.63
CA SER G 111 -7.00 -23.47 -40.90
C SER G 111 -6.09 -22.41 -41.49
N SER G 112 -5.32 -21.72 -40.64
CA SER G 112 -4.43 -20.69 -41.12
C SER G 112 -3.24 -21.26 -41.87
N MET G 113 -2.79 -22.45 -41.51
CA MET G 113 -1.68 -23.10 -42.18
C MET G 113 -2.12 -24.04 -43.29
N SER G 114 -2.93 -23.52 -44.21
CA SER G 114 -3.23 -24.26 -45.43
C SER G 114 -2.09 -24.07 -46.43
N ILE G 115 -1.87 -25.11 -47.24
CA ILE G 115 -0.72 -25.11 -48.15
C ILE G 115 -0.95 -24.28 -49.40
N SER G 116 -2.19 -23.95 -49.74
CA SER G 116 -2.46 -23.22 -50.97
C SER G 116 -2.12 -21.74 -50.87
N ASN G 117 -2.22 -21.15 -49.69
CA ASN G 117 -1.88 -19.75 -49.55
C ASN G 117 -0.38 -19.60 -49.31
N PRO G 118 0.31 -18.75 -50.07
CA PRO G 118 1.76 -18.59 -49.86
C PRO G 118 2.11 -17.87 -48.58
N ALA G 119 1.18 -17.11 -48.01
CA ALA G 119 1.38 -16.46 -46.72
C ALA G 119 0.87 -17.32 -45.58
N ARG G 120 1.30 -18.58 -45.57
CA ARG G 120 0.89 -19.56 -44.58
C ARG G 120 1.84 -19.50 -43.40
N THR G 121 1.29 -19.43 -42.19
CA THR G 121 2.16 -19.43 -41.02
C THR G 121 2.61 -20.86 -40.73
N HIS G 122 3.86 -20.98 -40.31
CA HIS G 122 4.48 -22.29 -40.20
C HIS G 122 4.49 -22.73 -38.74
N LEU G 123 5.23 -23.79 -38.45
CA LEU G 123 5.54 -24.10 -37.06
C LEU G 123 6.51 -23.05 -36.54
N ALA G 124 6.48 -22.84 -35.23
CA ALA G 124 7.30 -21.79 -34.65
C ALA G 124 8.78 -22.18 -34.61
N GLN G 125 9.07 -23.46 -34.42
CA GLN G 125 10.44 -23.92 -34.31
C GLN G 125 10.46 -25.42 -34.58
N ALA G 126 11.58 -25.91 -35.10
CA ALA G 126 11.75 -27.34 -35.34
C ALA G 126 12.17 -28.01 -34.05
N VAL G 127 11.33 -28.93 -33.57
CA VAL G 127 11.48 -29.51 -32.23
C VAL G 127 12.28 -30.80 -32.33
N LYS G 128 13.37 -30.88 -31.59
CA LYS G 128 14.21 -32.07 -31.60
C LYS G 128 13.75 -33.07 -30.56
N TYR G 129 13.52 -34.30 -30.98
CA TYR G 129 13.20 -35.41 -30.08
C TYR G 129 14.41 -36.32 -30.07
N SER G 130 14.96 -36.55 -28.88
CA SER G 130 16.15 -37.36 -28.69
C SER G 130 15.78 -38.83 -28.79
N PRO G 131 16.77 -39.75 -28.65
CA PRO G 131 16.42 -41.15 -28.35
C PRO G 131 15.63 -41.29 -27.05
N GLN G 132 15.15 -42.50 -26.78
CA GLN G 132 13.77 -42.77 -26.41
C GLN G 132 13.02 -41.66 -25.66
N SER G 133 11.87 -41.29 -26.23
CA SER G 133 11.04 -40.17 -25.84
C SER G 133 9.67 -40.44 -26.40
N ILE G 134 8.65 -39.84 -25.79
CA ILE G 134 7.28 -40.14 -26.14
C ILE G 134 6.68 -38.89 -26.78
N LEU G 135 6.42 -38.98 -28.09
CA LEU G 135 5.75 -37.90 -28.80
C LEU G 135 4.25 -38.15 -28.77
N THR G 136 3.51 -37.20 -28.23
CA THR G 136 2.05 -37.25 -28.27
C THR G 136 1.52 -35.85 -28.48
N MET G 137 0.33 -35.78 -29.06
CA MET G 137 -0.28 -34.52 -29.43
C MET G 137 -1.72 -34.51 -28.94
N TYR G 138 -2.29 -33.32 -28.86
CA TYR G 138 -3.69 -33.17 -28.46
C TYR G 138 -4.34 -32.09 -29.28
N PHE G 139 -5.65 -32.18 -29.45
CA PHE G 139 -6.39 -31.28 -30.34
C PHE G 139 -7.42 -30.52 -29.52
N ASN G 140 -7.21 -29.22 -29.36
CA ASN G 140 -8.12 -28.38 -28.59
C ASN G 140 -9.02 -27.63 -29.57
N PRO G 141 -10.29 -27.98 -29.71
CA PRO G 141 -11.12 -27.39 -30.77
C PRO G 141 -11.86 -26.13 -30.36
N THR G 142 -11.79 -25.15 -31.25
CA THR G 142 -12.56 -23.91 -31.13
C THR G 142 -13.38 -23.76 -32.41
N LYS G 143 -14.66 -23.39 -32.24
CA LYS G 143 -15.70 -23.37 -33.27
C LYS G 143 -15.76 -24.74 -33.96
N PRO G 144 -16.32 -25.76 -33.30
CA PRO G 144 -16.25 -27.11 -33.83
C PRO G 144 -17.17 -27.36 -35.01
N ALA G 145 -17.21 -28.62 -35.45
CA ALA G 145 -17.95 -28.98 -36.64
C ALA G 145 -19.45 -28.96 -36.39
N THR G 146 -20.19 -28.30 -37.27
CA THR G 146 -21.63 -28.16 -37.15
C THR G 146 -22.41 -28.84 -38.26
N ALA G 147 -21.85 -28.90 -39.46
CA ALA G 147 -22.60 -29.37 -40.62
C ALA G 147 -22.82 -30.88 -40.57
N SER G 148 -23.87 -31.33 -41.26
CA SER G 148 -24.12 -32.75 -41.38
C SER G 148 -23.07 -33.38 -42.30
N THR G 149 -22.93 -34.71 -42.18
CA THR G 149 -21.88 -35.51 -42.83
C THR G 149 -20.50 -34.93 -42.56
N SER G 150 -20.15 -34.84 -41.28
CA SER G 150 -18.88 -34.27 -40.88
C SER G 150 -17.74 -35.26 -41.11
N TYR G 151 -16.53 -34.72 -41.13
CA TYR G 151 -15.33 -35.48 -41.48
C TYR G 151 -14.27 -35.38 -40.38
N PRO G 152 -13.45 -36.40 -40.20
CA PRO G 152 -12.37 -36.32 -39.22
C PRO G 152 -11.27 -35.37 -39.65
N ASN G 153 -10.45 -34.97 -38.68
CA ASN G 153 -9.42 -33.99 -38.96
C ASN G 153 -8.07 -34.65 -39.26
N THR G 154 -7.32 -34.02 -40.15
CA THR G 154 -6.03 -34.53 -40.59
C THR G 154 -5.05 -33.38 -40.71
N VAL G 155 -3.91 -33.47 -40.02
CA VAL G 155 -2.86 -32.47 -40.11
C VAL G 155 -1.57 -33.20 -40.45
N TYR G 156 -0.83 -32.69 -41.44
CA TYR G 156 0.40 -33.34 -41.88
C TYR G 156 1.60 -32.63 -41.26
N PHE G 157 2.62 -33.41 -40.93
CA PHE G 157 3.86 -32.92 -40.37
C PHE G 157 5.02 -33.46 -41.20
N THR G 158 6.15 -32.76 -41.12
CA THR G 158 7.36 -33.16 -41.83
C THR G 158 8.43 -33.45 -40.79
N VAL G 159 8.91 -34.69 -40.77
CA VAL G 159 9.88 -35.15 -39.78
C VAL G 159 11.19 -35.38 -40.50
N VAL G 160 12.30 -34.99 -39.89
CA VAL G 160 13.63 -35.29 -40.39
C VAL G 160 14.25 -36.32 -39.46
N VAL G 161 14.52 -37.51 -39.98
CA VAL G 161 14.95 -38.66 -39.19
C VAL G 161 16.42 -38.88 -39.43
N VAL G 162 17.19 -39.02 -38.35
CA VAL G 162 18.61 -39.37 -38.40
C VAL G 162 18.78 -40.73 -37.76
N ASP G 163 18.98 -41.76 -38.57
CA ASP G 163 19.08 -43.14 -38.11
C ASP G 163 20.54 -43.55 -38.04
N PHE G 164 20.88 -44.38 -37.05
CA PHE G 164 22.25 -44.80 -36.81
C PHE G 164 22.40 -46.32 -36.76
N SER G 165 21.35 -47.08 -37.05
CA SER G 165 21.33 -48.50 -36.74
C SER G 165 22.27 -49.32 -37.61
N TYR G 166 22.70 -48.77 -38.75
CA TYR G 166 23.54 -49.53 -39.67
C TYR G 166 25.03 -49.26 -39.52
N ALA G 167 25.43 -48.36 -38.62
CA ALA G 167 26.79 -47.82 -38.72
C ALA G 167 27.84 -48.78 -38.17
N GLN G 168 27.77 -49.03 -36.88
CA GLN G 168 28.78 -49.80 -36.17
C GLN G 168 28.02 -50.42 -35.00
N ASN G 169 28.71 -50.68 -33.90
CA ASN G 169 27.97 -50.66 -32.65
C ASN G 169 27.26 -49.33 -32.52
N PRO G 170 25.93 -49.29 -32.69
CA PRO G 170 25.25 -48.00 -32.88
C PRO G 170 25.08 -47.18 -31.61
N ALA G 171 25.30 -47.76 -30.43
CA ALA G 171 25.01 -47.05 -29.18
C ALA G 171 26.00 -45.92 -28.94
N ARG G 172 27.29 -46.20 -29.17
CA ARG G 172 28.32 -45.17 -28.98
C ARG G 172 28.16 -44.04 -29.99
N ALA G 173 27.79 -44.38 -31.22
CA ALA G 173 27.54 -43.37 -32.24
C ALA G 173 26.34 -42.51 -31.88
N VAL G 174 25.27 -43.12 -31.36
CA VAL G 174 24.08 -42.38 -30.98
C VAL G 174 24.37 -41.43 -29.82
N VAL G 175 25.10 -41.89 -28.81
CA VAL G 175 25.35 -40.99 -27.68
C VAL G 175 26.34 -39.89 -28.04
N SER G 176 27.29 -40.16 -28.94
CA SER G 176 28.22 -39.11 -29.35
C SER G 176 27.52 -38.07 -30.22
N ALA G 177 26.65 -38.51 -31.13
CA ALA G 177 25.96 -37.58 -32.00
C ALA G 177 24.90 -36.77 -31.24
N ASN G 178 24.19 -37.43 -30.32
CA ASN G 178 23.22 -36.71 -29.50
C ASN G 178 23.90 -35.75 -28.54
N ALA G 179 25.15 -36.04 -28.14
CA ALA G 179 25.89 -35.09 -27.33
C ALA G 179 26.35 -33.89 -28.15
N VAL G 180 26.75 -34.11 -29.41
CA VAL G 180 27.33 -33.02 -30.20
C VAL G 180 26.23 -32.19 -30.86
N MET G 181 25.12 -32.81 -31.24
CA MET G 181 24.09 -32.10 -31.99
C MET G 181 22.72 -32.29 -31.36
N SER H 4 7.94 -16.40 -41.14
CA SER H 4 9.30 -16.56 -40.67
C SER H 4 9.69 -15.37 -39.79
N VAL H 5 8.68 -14.66 -39.29
CA VAL H 5 8.91 -13.62 -38.29
C VAL H 5 8.66 -14.13 -36.88
N THR H 6 7.76 -15.10 -36.70
CA THR H 6 7.63 -15.79 -35.42
C THR H 6 8.87 -16.61 -35.11
N GLN H 7 9.44 -17.28 -36.12
CA GLN H 7 10.59 -18.14 -35.91
C GLN H 7 11.87 -17.37 -35.66
N GLN H 8 11.91 -16.07 -35.98
CA GLN H 8 13.14 -15.33 -35.77
C GLN H 8 13.28 -14.85 -34.34
N VAL H 9 12.20 -14.39 -33.72
CA VAL H 9 12.24 -14.02 -32.32
C VAL H 9 12.14 -15.23 -31.41
N PHE H 10 11.63 -16.36 -31.92
CA PHE H 10 11.69 -17.59 -31.14
C PHE H 10 13.13 -18.07 -31.04
N ASN H 11 13.84 -18.05 -32.16
CA ASN H 11 15.25 -18.43 -32.19
C ASN H 11 16.11 -17.43 -31.44
N PHE H 12 15.69 -16.16 -31.39
CA PHE H 12 16.45 -15.18 -30.63
C PHE H 12 16.25 -15.36 -29.12
N ALA H 13 15.05 -15.78 -28.71
CA ALA H 13 14.80 -15.98 -27.30
C ALA H 13 15.51 -17.23 -26.78
N VAL H 14 15.49 -18.32 -27.56
CA VAL H 14 16.07 -19.58 -27.09
C VAL H 14 17.58 -19.59 -27.10
N THR H 15 18.24 -18.59 -27.67
CA THR H 15 19.69 -18.55 -27.60
C THR H 15 20.18 -17.57 -26.55
N LYS H 16 19.30 -16.72 -26.03
CA LYS H 16 19.66 -15.72 -25.04
C LYS H 16 19.19 -16.09 -23.63
N SER H 17 17.99 -16.66 -23.51
CA SER H 17 17.48 -17.11 -22.23
C SER H 17 17.98 -18.49 -21.84
N GLN H 18 18.81 -19.11 -22.66
CA GLN H 18 19.28 -20.47 -22.42
C GLN H 18 20.41 -20.61 -21.40
N PRO H 19 21.41 -19.72 -21.30
CA PRO H 19 22.35 -19.86 -20.16
C PRO H 19 21.74 -19.62 -18.80
N PHE H 20 20.63 -18.88 -18.71
CA PHE H 20 19.99 -18.61 -17.44
C PHE H 20 18.82 -19.54 -17.15
N GLY H 21 18.51 -20.45 -18.06
CA GLY H 21 17.40 -21.33 -17.86
C GLY H 21 16.17 -20.67 -18.42
N GLY H 22 15.58 -21.22 -19.46
CA GLY H 22 14.43 -20.59 -20.05
C GLY H 22 13.52 -21.59 -20.71
N TYR H 23 12.25 -21.56 -20.36
CA TYR H 23 11.27 -22.46 -20.90
C TYR H 23 10.50 -21.69 -21.95
N VAL H 24 10.95 -21.77 -23.20
CA VAL H 24 10.44 -20.98 -24.30
C VAL H 24 9.43 -21.81 -25.06
N TYR H 25 8.26 -21.24 -25.32
CA TYR H 25 7.21 -21.93 -26.06
C TYR H 25 6.26 -20.89 -26.63
N SER H 26 5.29 -21.36 -27.41
CA SER H 26 4.36 -20.47 -28.08
C SER H 26 2.95 -20.68 -27.57
N THR H 27 2.10 -19.65 -27.78
CA THR H 27 0.76 -19.61 -27.22
C THR H 27 -0.15 -18.82 -28.17
N ASN H 28 -1.37 -19.29 -28.32
CA ASN H 28 -2.40 -18.60 -29.09
C ASN H 28 -3.22 -17.70 -28.17
N LEU H 29 -3.19 -16.39 -28.41
CA LEU H 29 -3.93 -15.41 -27.64
C LEU H 29 -5.19 -15.01 -28.39
N THR H 30 -6.25 -14.71 -27.65
CA THR H 30 -7.55 -14.36 -28.24
C THR H 30 -8.04 -13.05 -27.65
N ALA H 31 -8.48 -12.14 -28.52
CA ALA H 31 -9.09 -10.88 -28.12
C ALA H 31 -10.45 -10.77 -28.78
N SER H 32 -11.49 -10.62 -27.98
CA SER H 32 -12.86 -10.68 -28.49
C SER H 32 -13.67 -9.51 -27.96
N THR H 33 -13.88 -8.50 -28.80
CA THR H 33 -14.78 -7.40 -28.49
C THR H 33 -16.22 -7.90 -28.54
N SER H 34 -16.94 -7.77 -27.42
CA SER H 34 -18.18 -8.48 -27.21
C SER H 34 -19.40 -7.71 -27.73
N SER H 35 -20.37 -8.47 -28.22
CA SER H 35 -21.77 -8.08 -28.39
C SER H 35 -21.97 -6.92 -29.37
N ALA H 36 -21.57 -7.16 -30.63
CA ALA H 36 -22.06 -6.46 -31.82
C ALA H 36 -21.79 -4.96 -31.76
N VAL H 37 -20.50 -4.62 -31.88
CA VAL H 37 -20.08 -3.22 -31.82
C VAL H 37 -20.63 -2.46 -33.03
N THR H 38 -21.27 -1.33 -32.74
CA THR H 38 -22.05 -0.61 -33.75
C THR H 38 -21.80 0.91 -33.74
N SER H 39 -21.36 1.50 -32.63
CA SER H 39 -21.23 2.95 -32.60
C SER H 39 -19.82 3.45 -32.36
N THR H 40 -19.17 3.03 -31.27
CA THR H 40 -18.07 3.81 -30.71
C THR H 40 -16.91 2.89 -30.36
N GLN H 41 -15.91 3.47 -29.69
CA GLN H 41 -14.72 2.72 -29.28
C GLN H 41 -15.04 1.73 -28.17
N LEU H 42 -14.81 0.45 -28.45
CA LEU H 42 -15.11 -0.65 -27.54
C LEU H 42 -13.82 -1.26 -27.00
N THR H 43 -13.97 -2.32 -26.24
CA THR H 43 -12.83 -2.92 -25.54
C THR H 43 -12.84 -4.43 -25.70
N PRO H 44 -11.81 -5.01 -26.31
CA PRO H 44 -11.75 -6.48 -26.43
C PRO H 44 -11.33 -7.16 -25.13
N LEU H 45 -11.98 -8.29 -24.86
CA LEU H 45 -11.65 -9.10 -23.70
C LEU H 45 -10.50 -10.04 -24.03
N ASN H 46 -9.36 -9.81 -23.39
CA ASN H 46 -8.18 -10.60 -23.67
C ASN H 46 -8.32 -12.00 -23.10
N LEU H 47 -7.53 -12.92 -23.65
CA LEU H 47 -7.49 -14.31 -23.18
C LEU H 47 -6.21 -14.95 -23.68
N SER H 48 -5.39 -15.44 -22.77
CA SER H 48 -4.23 -16.24 -23.11
C SER H 48 -4.32 -17.56 -22.39
N ILE H 49 -3.90 -18.64 -23.06
CA ILE H 49 -4.01 -19.97 -22.49
C ILE H 49 -2.61 -20.44 -22.15
N THR H 50 -2.18 -20.20 -20.92
CA THR H 50 -0.78 -20.39 -20.55
C THR H 50 -0.57 -21.90 -20.29
N LEU H 51 0.60 -22.27 -19.73
CA LEU H 51 1.11 -23.63 -19.86
C LEU H 51 0.28 -24.65 -19.09
N GLY H 52 -0.11 -24.34 -17.86
CA GLY H 52 -0.86 -25.29 -17.07
C GLY H 52 -2.36 -25.15 -17.22
N GLN H 53 -2.81 -24.85 -18.45
CA GLN H 53 -4.18 -24.66 -18.94
C GLN H 53 -4.91 -23.51 -18.26
N ILE H 54 -4.21 -22.69 -17.46
CA ILE H 54 -4.80 -21.54 -16.79
C ILE H 54 -5.23 -20.51 -17.82
N THR H 55 -6.49 -20.08 -17.75
CA THR H 55 -7.07 -19.19 -18.74
C THR H 55 -7.13 -17.77 -18.18
N LEU H 56 -6.03 -17.05 -18.33
CA LEU H 56 -5.99 -15.64 -17.91
C LEU H 56 -6.93 -14.81 -18.77
N SER H 57 -8.06 -14.40 -18.21
CA SER H 57 -9.12 -13.77 -18.95
C SER H 57 -9.28 -12.32 -18.49
N GLY H 58 -10.34 -11.68 -18.96
CA GLY H 58 -10.65 -10.32 -18.57
C GLY H 58 -9.82 -9.30 -19.31
N ASN H 59 -10.27 -8.05 -19.21
CA ASN H 59 -9.54 -6.94 -19.81
C ASN H 59 -8.24 -6.71 -19.07
N SER H 60 -7.23 -6.22 -19.79
CA SER H 60 -5.94 -5.78 -19.27
C SER H 60 -5.21 -6.91 -18.54
N LEU H 61 -4.76 -7.89 -19.32
CA LEU H 61 -3.99 -8.99 -18.78
C LEU H 61 -2.69 -8.52 -18.16
N VAL H 62 -2.49 -8.88 -16.90
CA VAL H 62 -1.26 -8.56 -16.19
C VAL H 62 -0.29 -9.72 -16.39
N ILE H 63 0.91 -9.39 -16.84
CA ILE H 63 1.93 -10.39 -17.15
C ILE H 63 2.42 -11.02 -15.85
N PRO H 64 2.56 -12.35 -15.78
CA PRO H 64 3.11 -12.97 -14.58
C PRO H 64 4.53 -12.53 -14.30
N ALA H 65 4.91 -12.62 -13.03
CA ALA H 65 6.13 -11.99 -12.53
C ALA H 65 7.42 -12.62 -13.03
N THR H 66 7.35 -13.78 -13.68
CA THR H 66 8.54 -14.49 -14.12
C THR H 66 8.53 -14.76 -15.62
N GLN H 67 7.80 -13.97 -16.39
CA GLN H 67 7.60 -14.25 -17.80
C GLN H 67 7.91 -13.03 -18.66
N ILE H 68 8.27 -13.30 -19.91
CA ILE H 68 8.47 -12.29 -20.94
C ILE H 68 7.66 -12.70 -22.15
N TRP H 69 6.79 -11.82 -22.63
CA TRP H 69 5.92 -12.16 -23.75
C TRP H 69 6.36 -11.39 -24.99
N TYR H 70 5.93 -11.87 -26.14
CA TYR H 70 6.31 -11.30 -27.44
C TYR H 70 5.11 -11.42 -28.36
N LEU H 71 4.35 -10.35 -28.54
CA LEU H 71 3.26 -10.38 -29.51
C LEU H 71 3.83 -10.29 -30.91
N THR H 72 3.65 -11.33 -31.72
CA THR H 72 4.36 -11.44 -33.00
C THR H 72 3.45 -11.41 -34.21
N ASP H 73 2.34 -12.13 -34.19
CA ASP H 73 1.49 -12.23 -35.36
C ASP H 73 0.04 -11.98 -34.97
N ALA H 74 -0.79 -11.79 -35.98
CA ALA H 74 -2.22 -11.61 -35.80
C ALA H 74 -2.92 -12.04 -37.06
N TYR H 75 -4.08 -12.67 -36.91
CA TYR H 75 -4.86 -13.08 -38.07
C TYR H 75 -6.34 -13.09 -37.68
N VAL H 76 -7.18 -13.36 -38.67
CA VAL H 76 -8.63 -13.34 -38.53
C VAL H 76 -9.17 -14.56 -39.27
N SER H 77 -10.05 -15.31 -38.63
CA SER H 77 -10.58 -16.53 -39.22
C SER H 77 -11.48 -16.23 -40.41
N VAL H 78 -11.73 -17.28 -41.21
CA VAL H 78 -12.60 -17.14 -42.37
C VAL H 78 -14.07 -16.93 -42.02
N PRO H 79 -14.69 -17.60 -41.02
CA PRO H 79 -16.07 -17.24 -40.67
C PRO H 79 -16.21 -15.84 -40.08
N ASP H 80 -15.14 -15.24 -39.57
CA ASP H 80 -15.21 -13.83 -39.22
C ASP H 80 -15.19 -12.95 -40.45
N TYR H 81 -14.29 -13.24 -41.39
CA TYR H 81 -14.12 -12.38 -42.57
C TYR H 81 -15.31 -12.47 -43.52
N THR H 82 -15.99 -13.61 -43.59
CA THR H 82 -17.18 -13.67 -44.42
C THR H 82 -18.36 -12.97 -43.75
N ASN H 83 -18.27 -12.74 -42.44
CA ASN H 83 -19.27 -11.94 -41.74
C ASN H 83 -18.97 -10.45 -41.78
N ILE H 84 -17.70 -10.07 -41.91
CA ILE H 84 -17.37 -8.64 -41.98
C ILE H 84 -17.89 -8.04 -43.28
N THR H 85 -17.60 -8.68 -44.40
CA THR H 85 -17.96 -8.15 -45.71
C THR H 85 -19.46 -8.19 -45.97
N ASN H 86 -20.20 -9.02 -45.25
CA ASN H 86 -21.66 -9.01 -45.34
C ASN H 86 -22.29 -8.05 -44.35
N GLY H 87 -21.49 -7.33 -43.57
CA GLY H 87 -22.03 -6.42 -42.59
C GLY H 87 -22.58 -7.07 -41.34
N ALA H 88 -22.17 -8.30 -41.05
CA ALA H 88 -22.62 -8.97 -39.83
C ALA H 88 -21.77 -8.65 -38.62
N GLU H 89 -20.59 -8.07 -38.80
CA GLU H 89 -19.84 -7.50 -37.69
C GLU H 89 -18.98 -6.36 -38.20
N ALA H 90 -18.33 -5.67 -37.28
CA ALA H 90 -17.69 -4.41 -37.60
C ALA H 90 -16.27 -4.59 -38.11
N ASP H 91 -15.81 -3.60 -38.87
CA ASP H 91 -14.42 -3.46 -39.27
C ASP H 91 -13.73 -2.54 -38.26
N GLY H 92 -12.49 -2.17 -38.54
CA GLY H 92 -11.80 -1.19 -37.72
C GLY H 92 -10.36 -1.59 -37.53
N VAL H 93 -9.69 -0.85 -36.65
CA VAL H 93 -8.31 -1.13 -36.29
C VAL H 93 -8.28 -1.52 -34.82
N ILE H 94 -7.09 -1.95 -34.37
CA ILE H 94 -6.89 -2.41 -33.00
C ILE H 94 -5.65 -1.71 -32.47
N LEU H 95 -5.78 -1.05 -31.31
CA LEU H 95 -4.67 -0.36 -30.67
C LEU H 95 -4.08 -1.26 -29.59
N ILE H 96 -2.76 -1.20 -29.43
CA ILE H 96 -2.02 -2.08 -28.53
C ILE H 96 -1.24 -1.21 -27.55
N TYR H 97 -1.50 -1.39 -26.26
CA TYR H 97 -0.93 -0.55 -25.23
C TYR H 97 0.03 -1.32 -24.34
N LYS H 98 0.78 -0.57 -23.53
CA LYS H 98 1.75 -1.13 -22.59
C LYS H 98 1.83 -0.19 -21.41
N ASP H 99 1.55 -0.72 -20.21
CA ASP H 99 1.28 0.02 -18.96
C ASP H 99 0.10 0.98 -19.08
N GLY H 100 -0.76 0.77 -20.08
CA GLY H 100 -1.82 1.70 -20.41
C GLY H 100 -1.40 2.99 -21.09
N VAL H 101 -0.13 3.40 -21.00
CA VAL H 101 0.22 4.75 -21.40
C VAL H 101 0.97 4.76 -22.72
N LYS H 102 1.65 3.66 -23.05
CA LYS H 102 2.48 3.61 -24.25
C LYS H 102 1.77 2.85 -25.35
N LEU H 103 1.39 3.55 -26.42
CA LEU H 103 0.91 2.91 -27.63
C LEU H 103 2.11 2.43 -28.43
N MET H 104 2.11 1.16 -28.87
CA MET H 104 3.20 0.70 -29.72
C MET H 104 2.78 0.32 -31.12
N LEU H 105 1.53 -0.07 -31.35
CA LEU H 105 1.13 -0.53 -32.66
C LEU H 105 -0.30 -0.12 -32.95
N THR H 106 -0.67 -0.25 -34.22
CA THR H 106 -2.04 -0.09 -34.68
C THR H 106 -2.25 -1.11 -35.78
N THR H 107 -3.12 -2.08 -35.55
CA THR H 107 -3.23 -3.14 -36.54
C THR H 107 -4.02 -2.67 -37.75
N PRO H 108 -3.48 -2.86 -38.94
CA PRO H 108 -4.11 -2.31 -40.14
C PRO H 108 -5.35 -3.05 -40.61
N LEU H 109 -6.53 -2.67 -40.11
CA LEU H 109 -7.81 -3.09 -40.68
C LEU H 109 -8.08 -4.59 -40.66
N ILE H 110 -8.48 -5.13 -39.51
CA ILE H 110 -8.70 -6.56 -39.25
C ILE H 110 -9.48 -7.32 -40.32
N SER H 111 -10.27 -6.63 -41.16
CA SER H 111 -10.82 -7.29 -42.32
C SER H 111 -9.77 -7.61 -43.36
N SER H 112 -8.71 -6.80 -43.48
CA SER H 112 -7.64 -7.08 -44.42
C SER H 112 -6.54 -7.94 -43.84
N MET H 113 -6.61 -8.25 -42.54
CA MET H 113 -5.70 -9.20 -41.92
C MET H 113 -6.25 -10.62 -41.94
N SER H 114 -7.27 -10.85 -42.75
CA SER H 114 -7.94 -12.14 -42.83
C SER H 114 -7.03 -13.17 -43.47
N ILE H 115 -7.37 -14.44 -43.24
CA ILE H 115 -6.50 -15.51 -43.67
C ILE H 115 -6.97 -16.15 -44.98
N SER H 116 -8.20 -15.87 -45.41
CA SER H 116 -8.69 -16.39 -46.68
C SER H 116 -8.10 -15.68 -47.88
N ASN H 117 -7.49 -14.52 -47.70
CA ASN H 117 -6.83 -13.79 -48.77
C ASN H 117 -5.40 -14.28 -48.91
N PRO H 118 -4.91 -14.56 -50.11
CA PRO H 118 -3.56 -15.10 -50.27
C PRO H 118 -2.43 -14.10 -50.08
N ALA H 119 -2.72 -12.84 -49.76
CA ALA H 119 -1.69 -11.86 -49.46
C ALA H 119 -2.06 -11.08 -48.21
N ARG H 120 -2.37 -11.81 -47.14
CA ARG H 120 -2.68 -11.24 -45.84
C ARG H 120 -1.57 -10.32 -45.36
N THR H 121 -1.95 -9.12 -44.93
CA THR H 121 -0.97 -8.16 -44.44
C THR H 121 -0.54 -8.47 -43.02
N HIS H 122 0.69 -8.10 -42.69
CA HIS H 122 1.33 -8.46 -41.43
C HIS H 122 1.42 -7.24 -40.52
N LEU H 123 1.88 -7.48 -39.30
CA LEU H 123 2.12 -6.40 -38.35
C LEU H 123 3.46 -5.74 -38.65
N ALA H 124 3.70 -4.62 -37.97
CA ALA H 124 4.90 -3.83 -38.24
C ALA H 124 6.12 -4.38 -37.51
N GLN H 125 5.94 -4.82 -36.26
CA GLN H 125 7.07 -5.25 -35.45
C GLN H 125 6.54 -6.16 -34.34
N ALA H 126 7.38 -7.08 -33.88
CA ALA H 126 7.06 -7.89 -32.72
C ALA H 126 7.35 -7.08 -31.46
N VAL H 127 6.32 -6.83 -30.66
CA VAL H 127 6.45 -5.98 -29.48
C VAL H 127 6.74 -6.85 -28.26
N LYS H 128 7.85 -6.58 -27.59
CA LYS H 128 8.21 -7.31 -26.41
C LYS H 128 7.37 -6.85 -25.23
N TYR H 129 7.40 -7.62 -24.16
CA TYR H 129 6.57 -7.33 -23.00
C TYR H 129 7.29 -7.84 -21.76
N SER H 130 7.59 -6.92 -20.85
CA SER H 130 8.49 -7.17 -19.74
C SER H 130 7.81 -8.02 -18.68
N PRO H 131 8.53 -8.43 -17.63
CA PRO H 131 7.86 -8.87 -16.39
C PRO H 131 7.01 -7.75 -15.81
N GLN H 132 6.14 -8.13 -14.88
CA GLN H 132 4.75 -7.69 -14.77
C GLN H 132 4.47 -6.26 -15.20
N SER H 133 3.54 -6.13 -16.14
CA SER H 133 3.24 -4.90 -16.87
C SER H 133 1.96 -5.13 -17.65
N ILE H 134 1.10 -4.11 -17.67
CA ILE H 134 -0.26 -4.30 -18.12
C ILE H 134 -0.32 -4.32 -19.65
N LEU H 135 -1.21 -5.13 -20.20
CA LEU H 135 -1.42 -5.26 -21.64
C LEU H 135 -2.91 -5.07 -21.92
N THR H 136 -3.30 -3.89 -22.38
CA THR H 136 -4.68 -3.67 -22.77
C THR H 136 -4.76 -3.32 -24.25
N MET H 137 -5.84 -3.77 -24.88
CA MET H 137 -6.08 -3.54 -26.29
C MET H 137 -7.38 -2.79 -26.46
N TYR H 138 -7.45 -2.00 -27.52
CA TYR H 138 -8.60 -1.16 -27.77
C TYR H 138 -8.98 -1.23 -29.23
N PHE H 139 -10.29 -1.21 -29.49
CA PHE H 139 -10.85 -1.45 -30.81
C PHE H 139 -11.59 -0.20 -31.24
N ASN H 140 -11.04 0.50 -32.23
CA ASN H 140 -11.58 1.76 -32.73
C ASN H 140 -12.27 1.51 -34.06
N PRO H 141 -13.57 1.20 -34.08
CA PRO H 141 -14.17 0.67 -35.30
C PRO H 141 -14.54 1.75 -36.30
N THR H 142 -14.17 1.51 -37.55
CA THR H 142 -14.66 2.27 -38.68
C THR H 142 -15.49 1.34 -39.53
N LYS H 143 -16.56 1.86 -40.13
CA LYS H 143 -17.60 1.13 -40.86
C LYS H 143 -18.16 0.02 -39.98
N PRO H 144 -19.01 0.35 -39.00
CA PRO H 144 -19.47 -0.66 -38.05
C PRO H 144 -20.51 -1.61 -38.61
N ALA H 145 -21.02 -2.50 -37.76
CA ALA H 145 -22.01 -3.49 -38.16
C ALA H 145 -23.33 -2.81 -38.48
N THR H 146 -23.98 -3.26 -39.56
CA THR H 146 -25.22 -2.66 -40.02
C THR H 146 -26.40 -3.61 -39.93
N ALA H 147 -26.23 -4.85 -40.36
CA ALA H 147 -27.35 -5.76 -40.50
C ALA H 147 -27.82 -6.26 -39.14
N SER H 148 -29.02 -6.82 -39.13
CA SER H 148 -29.52 -7.50 -37.94
C SER H 148 -28.81 -8.84 -37.77
N THR H 149 -29.00 -9.44 -36.60
CA THR H 149 -28.33 -10.68 -36.14
C THR H 149 -26.81 -10.56 -36.30
N SER H 150 -26.23 -9.65 -35.52
CA SER H 150 -24.81 -9.38 -35.59
C SER H 150 -24.05 -10.24 -34.59
N TYR H 151 -22.72 -10.24 -34.73
CA TYR H 151 -21.84 -11.12 -33.99
C TYR H 151 -20.67 -10.35 -33.43
N PRO H 152 -20.10 -10.81 -32.32
CA PRO H 152 -18.92 -10.12 -31.76
C PRO H 152 -17.68 -10.42 -32.58
N ASN H 153 -16.66 -9.59 -32.39
CA ASN H 153 -15.40 -9.76 -33.09
C ASN H 153 -14.54 -10.82 -32.42
N THR H 154 -13.61 -11.38 -33.19
CA THR H 154 -12.64 -12.33 -32.67
C THR H 154 -11.36 -12.16 -33.47
N VAL H 155 -10.28 -11.75 -32.80
CA VAL H 155 -8.99 -11.53 -33.45
C VAL H 155 -7.94 -12.34 -32.70
N TYR H 156 -7.37 -13.34 -33.38
CA TYR H 156 -6.38 -14.21 -32.78
C TYR H 156 -4.99 -13.62 -32.93
N PHE H 157 -4.19 -13.71 -31.89
CA PHE H 157 -2.80 -13.31 -31.93
C PHE H 157 -1.92 -14.54 -31.81
N THR H 158 -0.62 -14.33 -31.69
CA THR H 158 0.31 -15.44 -31.50
C THR H 158 1.51 -14.91 -30.73
N VAL H 159 1.72 -15.44 -29.52
CA VAL H 159 2.67 -14.88 -28.59
C VAL H 159 3.73 -15.92 -28.24
N VAL H 160 4.99 -15.50 -28.30
CA VAL H 160 6.13 -16.32 -27.88
C VAL H 160 6.38 -16.02 -26.41
N VAL H 161 6.22 -17.02 -25.56
CA VAL H 161 6.31 -16.86 -24.12
C VAL H 161 7.66 -17.39 -23.67
N VAL H 162 8.41 -16.58 -22.94
CA VAL H 162 9.61 -17.03 -22.26
C VAL H 162 9.25 -17.11 -20.78
N ASP H 163 9.74 -18.15 -20.09
CA ASP H 163 9.35 -18.41 -18.72
C ASP H 163 10.55 -18.79 -17.88
N PHE H 164 10.74 -18.09 -16.77
CA PHE H 164 11.88 -18.31 -15.89
C PHE H 164 11.47 -18.87 -14.54
N SER H 165 10.28 -19.46 -14.44
CA SER H 165 9.78 -19.91 -13.15
C SER H 165 10.58 -21.09 -12.63
N TYR H 166 10.92 -22.04 -13.50
CA TYR H 166 11.48 -23.31 -13.09
C TYR H 166 13.00 -23.29 -13.02
N ALA H 167 13.61 -22.12 -13.11
CA ALA H 167 15.04 -21.98 -12.84
C ALA H 167 15.25 -21.87 -11.34
N GLN H 168 16.50 -21.67 -10.92
CA GLN H 168 16.85 -21.70 -9.50
C GLN H 168 16.88 -20.33 -8.85
N ASN H 169 16.33 -19.30 -9.50
CA ASN H 169 16.47 -17.93 -9.08
C ASN H 169 15.14 -17.20 -9.11
N PRO H 170 14.93 -16.18 -8.22
CA PRO H 170 13.62 -15.53 -8.13
C PRO H 170 13.29 -14.57 -9.26
N ALA H 171 12.24 -13.78 -9.05
CA ALA H 171 11.68 -12.81 -10.00
C ALA H 171 12.58 -11.61 -10.26
N ARG H 172 13.80 -11.55 -9.72
CA ARG H 172 14.75 -10.55 -10.15
C ARG H 172 15.71 -11.04 -11.23
N ALA H 173 15.90 -12.36 -11.34
CA ALA H 173 16.68 -12.88 -12.46
C ALA H 173 15.92 -12.81 -13.77
N VAL H 174 14.59 -12.68 -13.71
CA VAL H 174 13.82 -12.54 -14.93
C VAL H 174 14.04 -11.16 -15.53
N VAL H 175 14.12 -10.14 -14.68
CA VAL H 175 14.42 -8.79 -15.13
C VAL H 175 15.90 -8.70 -15.53
N SER H 176 16.76 -9.45 -14.84
CA SER H 176 18.18 -9.44 -15.17
C SER H 176 18.44 -10.08 -16.54
N ALA H 177 17.61 -11.05 -16.93
CA ALA H 177 17.67 -11.60 -18.27
C ALA H 177 16.71 -10.90 -19.24
N ASN H 178 16.00 -9.86 -18.78
CA ASN H 178 15.18 -9.09 -19.70
C ASN H 178 15.95 -7.92 -20.31
N ALA H 179 16.84 -7.30 -19.53
CA ALA H 179 17.61 -6.18 -20.05
C ALA H 179 18.77 -6.62 -20.93
N VAL H 180 19.13 -7.90 -20.89
CA VAL H 180 20.08 -8.41 -21.88
C VAL H 180 19.42 -8.47 -23.25
N MET H 181 18.14 -8.84 -23.29
CA MET H 181 17.39 -8.81 -24.53
C MET H 181 16.93 -7.39 -24.85
N SER I 4 12.82 -26.21 -57.66
CA SER I 4 13.70 -25.07 -57.92
C SER I 4 15.15 -25.48 -57.82
N VAL I 5 15.38 -26.76 -57.51
CA VAL I 5 16.74 -27.30 -57.42
C VAL I 5 17.22 -27.85 -58.76
N THR I 6 16.34 -27.94 -59.75
CA THR I 6 16.67 -28.60 -61.00
C THR I 6 17.60 -27.79 -61.88
N GLN I 7 17.77 -26.50 -61.63
CA GLN I 7 18.70 -25.71 -62.42
C GLN I 7 20.11 -25.77 -61.87
N GLN I 8 20.29 -26.10 -60.59
CA GLN I 8 21.61 -26.13 -60.00
C GLN I 8 22.33 -27.43 -60.30
N VAL I 9 21.65 -28.57 -60.15
CA VAL I 9 22.31 -29.85 -60.40
C VAL I 9 22.46 -30.13 -61.89
N PHE I 10 21.68 -29.46 -62.74
CA PHE I 10 21.98 -29.47 -64.16
C PHE I 10 23.28 -28.74 -64.42
N ASN I 11 23.46 -27.58 -63.79
CA ASN I 11 24.67 -26.80 -63.96
C ASN I 11 25.82 -27.36 -63.15
N PHE I 12 25.55 -28.23 -62.17
CA PHE I 12 26.60 -28.91 -61.44
C PHE I 12 27.09 -30.15 -62.18
N ALA I 13 26.19 -30.86 -62.86
CA ALA I 13 26.60 -32.04 -63.62
C ALA I 13 27.36 -31.68 -64.88
N VAL I 14 27.15 -30.48 -65.42
CA VAL I 14 27.82 -30.09 -66.65
C VAL I 14 29.30 -29.84 -66.41
N THR I 15 29.63 -29.06 -65.37
CA THR I 15 31.01 -28.68 -65.15
C THR I 15 31.86 -29.81 -64.56
N LYS I 16 31.25 -30.89 -64.11
CA LYS I 16 32.00 -32.02 -63.56
C LYS I 16 32.13 -33.18 -64.53
N SER I 17 31.20 -33.34 -65.46
CA SER I 17 31.28 -34.41 -66.44
C SER I 17 32.00 -33.99 -67.72
N GLN I 18 32.45 -32.75 -67.82
CA GLN I 18 33.20 -32.34 -68.99
C GLN I 18 34.66 -32.82 -69.05
N PRO I 19 35.44 -32.91 -67.95
CA PRO I 19 36.76 -33.52 -68.08
C PRO I 19 36.74 -34.99 -68.44
N PHE I 20 35.65 -35.69 -68.18
CA PHE I 20 35.50 -37.07 -68.63
C PHE I 20 34.70 -37.18 -69.91
N GLY I 21 33.94 -36.15 -70.26
CA GLY I 21 33.22 -36.14 -71.51
C GLY I 21 31.88 -36.82 -71.39
N GLY I 22 30.81 -36.09 -71.67
CA GLY I 22 29.50 -36.71 -71.63
C GLY I 22 28.33 -35.80 -71.90
N TYR I 23 27.32 -36.35 -72.56
CA TYR I 23 26.06 -35.65 -72.76
C TYR I 23 25.38 -35.41 -71.41
N VAL I 24 24.85 -34.21 -71.23
CA VAL I 24 23.98 -33.91 -70.09
C VAL I 24 22.71 -33.33 -70.65
N TYR I 25 21.57 -33.96 -70.33
CA TYR I 25 20.29 -33.49 -70.80
C TYR I 25 19.22 -33.94 -69.81
N SER I 26 18.01 -33.49 -70.03
CA SER I 26 16.90 -33.77 -69.14
C SER I 26 15.85 -34.56 -69.89
N THR I 27 15.04 -35.30 -69.16
CA THR I 27 13.96 -36.06 -69.76
C THR I 27 12.77 -36.03 -68.81
N ASN I 28 11.75 -36.82 -69.12
CA ASN I 28 10.48 -36.79 -68.41
C ASN I 28 10.12 -38.20 -67.95
N LEU I 29 9.86 -38.35 -66.66
CA LEU I 29 9.57 -39.64 -66.06
C LEU I 29 8.16 -39.63 -65.51
N THR I 30 7.41 -40.69 -65.79
CA THR I 30 6.00 -40.78 -65.45
C THR I 30 5.78 -41.95 -64.51
N ALA I 31 5.30 -41.68 -63.31
CA ALA I 31 4.89 -42.71 -62.36
C ALA I 31 3.37 -42.66 -62.25
N SER I 32 2.73 -43.83 -62.28
CA SER I 32 1.28 -43.90 -62.32
C SER I 32 0.82 -45.20 -61.68
N THR I 33 0.19 -45.10 -60.51
CA THR I 33 -0.40 -46.25 -59.87
C THR I 33 -1.66 -46.66 -60.62
N SER I 34 -1.74 -47.91 -61.03
CA SER I 34 -2.87 -48.33 -61.83
C SER I 34 -4.08 -48.63 -60.96
N SER I 35 -5.26 -48.35 -61.52
CA SER I 35 -6.56 -48.88 -61.08
C SER I 35 -6.98 -48.40 -59.70
N ALA I 36 -7.03 -47.07 -59.53
CA ALA I 36 -7.93 -46.37 -58.59
C ALA I 36 -7.69 -46.78 -57.13
N VAL I 37 -6.55 -46.33 -56.61
CA VAL I 37 -6.12 -46.68 -55.26
C VAL I 37 -7.10 -46.17 -54.21
N THR I 38 -7.56 -47.09 -53.35
CA THR I 38 -8.58 -46.78 -52.36
C THR I 38 -8.32 -47.29 -50.94
N SER I 39 -7.39 -48.22 -50.74
CA SER I 39 -7.22 -48.80 -49.41
C SER I 39 -5.82 -48.61 -48.84
N THR I 40 -4.77 -49.05 -49.51
CA THR I 40 -3.45 -49.17 -48.88
C THR I 40 -2.36 -48.93 -49.90
N GLN I 41 -1.11 -49.18 -49.49
CA GLN I 41 0.09 -48.79 -50.22
C GLN I 41 0.21 -49.53 -51.54
N LEU I 42 0.13 -48.81 -52.65
CA LEU I 42 0.18 -49.41 -53.97
C LEU I 42 1.46 -49.01 -54.70
N THR I 43 1.60 -49.54 -55.90
CA THR I 43 2.86 -49.52 -56.65
C THR I 43 2.69 -48.70 -57.93
N PRO I 44 3.36 -47.57 -58.07
CA PRO I 44 3.30 -46.84 -59.35
C PRO I 44 4.21 -47.44 -60.40
N LEU I 45 3.72 -47.44 -61.64
CA LEU I 45 4.40 -48.06 -62.77
C LEU I 45 5.25 -47.02 -63.48
N ASN I 46 6.57 -47.11 -63.33
CA ASN I 46 7.48 -46.12 -63.89
C ASN I 46 7.55 -46.22 -65.40
N LEU I 47 7.89 -45.09 -66.04
CA LEU I 47 7.99 -45.03 -67.49
C LEU I 47 8.87 -43.84 -67.85
N SER I 48 10.06 -44.11 -68.38
CA SER I 48 10.97 -43.05 -68.79
C SER I 48 11.38 -43.23 -70.24
N ILE I 49 11.47 -42.13 -70.97
CA ILE I 49 11.95 -42.12 -72.34
C ILE I 49 13.24 -41.32 -72.39
N THR I 50 14.26 -41.88 -73.06
CA THR I 50 15.57 -41.27 -73.14
C THR I 50 15.91 -41.01 -74.60
N LEU I 51 17.17 -40.66 -74.86
CA LEU I 51 17.64 -40.48 -76.23
C LEU I 51 17.64 -41.78 -77.01
N GLY I 52 17.79 -42.92 -76.33
CA GLY I 52 17.89 -44.23 -76.96
C GLY I 52 16.63 -44.72 -77.66
N GLN I 53 15.57 -43.91 -77.70
CA GLN I 53 14.33 -44.15 -78.45
C GLN I 53 13.60 -45.40 -78.01
N ILE I 54 13.89 -45.89 -76.81
CA ILE I 54 13.17 -46.99 -76.20
C ILE I 54 12.60 -46.47 -74.88
N THR I 55 11.32 -46.73 -74.65
CA THR I 55 10.67 -46.37 -73.41
C THR I 55 10.86 -47.49 -72.40
N LEU I 56 11.51 -47.16 -71.29
CA LEU I 56 11.78 -48.14 -70.24
C LEU I 56 10.53 -48.21 -69.38
N SER I 57 9.81 -49.33 -69.46
CA SER I 57 8.52 -49.46 -68.81
C SER I 57 8.63 -50.37 -67.60
N GLY I 58 7.48 -50.62 -66.99
CA GLY I 58 7.40 -51.49 -65.83
C GLY I 58 7.95 -50.84 -64.57
N ASN I 59 7.62 -51.47 -63.44
CA ASN I 59 8.14 -51.02 -62.16
C ASN I 59 9.62 -51.32 -62.06
N SER I 60 10.29 -50.61 -61.15
CA SER I 60 11.70 -50.80 -60.80
C SER I 60 12.62 -50.63 -62.02
N LEU I 61 12.68 -49.39 -62.51
CA LEU I 61 13.62 -49.04 -63.57
C LEU I 61 15.05 -49.25 -63.13
N VAL I 62 15.86 -49.78 -64.03
CA VAL I 62 17.29 -49.97 -63.80
C VAL I 62 18.05 -48.96 -64.65
N ILE I 63 19.05 -48.32 -64.05
CA ILE I 63 19.88 -47.34 -64.77
C ILE I 63 20.79 -48.08 -65.73
N PRO I 64 20.88 -47.68 -66.99
CA PRO I 64 21.76 -48.36 -67.95
C PRO I 64 23.23 -48.19 -67.59
N ALA I 65 24.07 -48.99 -68.24
CA ALA I 65 25.44 -49.21 -67.80
C ALA I 65 26.36 -48.00 -67.95
N THR I 66 25.93 -46.95 -68.66
CA THR I 66 26.80 -45.83 -68.98
C THR I 66 26.25 -44.48 -68.55
N GLN I 67 25.19 -44.45 -67.74
CA GLN I 67 24.52 -43.20 -67.42
C GLN I 67 24.49 -42.99 -65.91
N ILE I 68 24.38 -41.72 -65.52
CA ILE I 68 24.22 -41.31 -64.14
C ILE I 68 22.98 -40.43 -64.08
N TRP I 69 21.94 -40.90 -63.44
CA TRP I 69 20.68 -40.16 -63.40
C TRP I 69 20.66 -39.23 -62.20
N TYR I 70 19.69 -38.31 -62.21
CA TYR I 70 19.49 -37.37 -61.11
C TYR I 70 18.02 -37.05 -61.04
N LEU I 71 17.33 -37.55 -60.01
CA LEU I 71 15.92 -37.23 -59.82
C LEU I 71 15.85 -35.85 -59.19
N THR I 72 15.14 -34.92 -59.84
CA THR I 72 15.22 -33.52 -59.44
C THR I 72 13.92 -32.97 -58.88
N ASP I 73 12.83 -33.01 -59.64
CA ASP I 73 11.61 -32.32 -59.25
C ASP I 73 10.41 -33.11 -59.73
N ALA I 74 9.22 -32.60 -59.41
CA ALA I 74 7.98 -33.30 -59.73
C ALA I 74 6.85 -32.29 -59.79
N TYR I 75 5.79 -32.66 -60.51
CA TYR I 75 4.61 -31.82 -60.58
C TYR I 75 3.40 -32.69 -60.85
N VAL I 76 2.23 -32.11 -60.68
CA VAL I 76 0.96 -32.78 -60.92
C VAL I 76 0.11 -31.87 -61.79
N SER I 77 -0.43 -32.42 -62.87
CA SER I 77 -1.21 -31.61 -63.79
C SER I 77 -2.58 -31.28 -63.19
N VAL I 78 -3.24 -30.28 -63.77
CA VAL I 78 -4.49 -29.72 -63.25
C VAL I 78 -5.68 -30.68 -63.29
N PRO I 79 -6.00 -31.41 -64.38
CA PRO I 79 -7.13 -32.36 -64.30
C PRO I 79 -6.91 -33.53 -63.34
N ASP I 80 -5.67 -33.79 -62.92
CA ASP I 80 -5.48 -34.68 -61.79
C ASP I 80 -5.85 -34.00 -60.49
N TYR I 81 -5.47 -32.73 -60.33
CA TYR I 81 -5.72 -31.99 -59.09
C TYR I 81 -7.20 -31.64 -58.95
N THR I 82 -7.92 -31.54 -60.06
CA THR I 82 -9.37 -31.39 -59.99
C THR I 82 -10.03 -32.70 -59.56
N ASN I 83 -9.46 -33.83 -59.96
CA ASN I 83 -10.02 -35.11 -59.55
C ASN I 83 -9.73 -35.42 -58.09
N ILE I 84 -8.67 -34.84 -57.53
CA ILE I 84 -8.34 -35.10 -56.14
C ILE I 84 -9.38 -34.47 -55.21
N THR I 85 -9.66 -33.19 -55.42
CA THR I 85 -10.54 -32.47 -54.51
C THR I 85 -12.00 -32.86 -54.66
N ASN I 86 -12.36 -33.59 -55.72
CA ASN I 86 -13.68 -34.15 -55.85
C ASN I 86 -13.75 -35.61 -55.39
N GLY I 87 -12.66 -36.13 -54.83
CA GLY I 87 -12.66 -37.49 -54.35
C GLY I 87 -12.62 -38.54 -55.44
N ALA I 88 -12.18 -38.18 -56.63
CA ALA I 88 -12.11 -39.14 -57.72
C ALA I 88 -10.78 -39.85 -57.79
N GLU I 89 -9.75 -39.35 -57.11
CA GLU I 89 -8.49 -40.07 -57.04
C GLU I 89 -7.82 -39.71 -55.72
N ALA I 90 -6.91 -40.56 -55.30
CA ALA I 90 -6.43 -40.52 -53.92
C ALA I 90 -5.32 -39.49 -53.74
N ASP I 91 -5.32 -38.87 -52.57
CA ASP I 91 -4.24 -38.01 -52.13
C ASP I 91 -3.13 -38.88 -51.54
N GLY I 92 -2.08 -38.25 -51.05
CA GLY I 92 -1.07 -38.98 -50.31
C GLY I 92 0.32 -38.53 -50.69
N VAL I 93 1.30 -39.28 -50.22
CA VAL I 93 2.70 -39.02 -50.49
C VAL I 93 3.27 -40.20 -51.28
N ILE I 94 4.49 -40.02 -51.80
CA ILE I 94 5.17 -41.00 -52.62
C ILE I 94 6.57 -41.21 -52.06
N LEU I 95 6.93 -42.46 -51.81
CA LEU I 95 8.25 -42.81 -51.30
C LEU I 95 9.16 -43.18 -52.48
N ILE I 96 10.44 -42.86 -52.36
CA ILE I 96 11.42 -43.04 -53.43
C ILE I 96 12.56 -43.88 -52.90
N TYR I 97 12.78 -45.04 -53.52
CA TYR I 97 13.77 -46.00 -53.05
C TYR I 97 14.97 -46.08 -53.99
N LYS I 98 16.05 -46.65 -53.48
CA LYS I 98 17.27 -46.90 -54.25
C LYS I 98 17.82 -48.25 -53.83
N ASP I 99 18.20 -49.07 -54.82
CA ASP I 99 18.78 -50.41 -54.66
C ASP I 99 17.86 -51.36 -53.92
N GLY I 100 16.55 -51.08 -53.90
CA GLY I 100 15.58 -51.95 -53.26
C GLY I 100 15.62 -51.98 -51.75
N VAL I 101 16.46 -51.18 -51.10
CA VAL I 101 16.59 -51.21 -49.65
C VAL I 101 16.51 -49.79 -49.04
N LYS I 102 17.26 -48.84 -49.59
CA LYS I 102 17.36 -47.51 -49.00
C LYS I 102 16.18 -46.66 -49.42
N LEU I 103 15.81 -45.73 -48.54
CA LEU I 103 14.80 -44.70 -48.80
C LEU I 103 15.48 -43.36 -48.59
N MET I 104 15.34 -42.43 -49.53
CA MET I 104 16.01 -41.16 -49.36
C MET I 104 15.10 -39.95 -49.38
N LEU I 105 13.90 -40.04 -49.95
CA LEU I 105 12.99 -38.91 -49.90
C LEU I 105 11.56 -39.40 -49.75
N THR I 106 10.68 -38.43 -49.52
CA THR I 106 9.24 -38.63 -49.57
C THR I 106 8.67 -37.37 -50.21
N THR I 107 7.86 -37.53 -51.24
CA THR I 107 7.33 -36.37 -51.93
C THR I 107 6.25 -35.71 -51.07
N PRO I 108 6.36 -34.43 -50.79
CA PRO I 108 5.47 -33.80 -49.81
C PRO I 108 4.06 -33.56 -50.31
N LEU I 109 3.19 -34.57 -50.18
CA LEU I 109 1.74 -34.44 -50.37
C LEU I 109 1.37 -33.98 -51.77
N ILE I 110 1.37 -34.90 -52.73
CA ILE I 110 1.24 -34.67 -54.17
C ILE I 110 0.12 -33.71 -54.60
N SER I 111 -0.88 -33.48 -53.74
CA SER I 111 -1.82 -32.41 -53.99
C SER I 111 -1.17 -31.04 -53.87
N SER I 112 -0.20 -30.89 -52.97
CA SER I 112 0.41 -29.60 -52.72
C SER I 112 1.55 -29.27 -53.65
N MET I 113 1.94 -30.19 -54.53
CA MET I 113 2.87 -29.88 -55.61
C MET I 113 2.18 -29.87 -56.97
N SER I 114 0.87 -29.63 -56.98
CA SER I 114 0.16 -29.45 -58.23
C SER I 114 0.59 -28.17 -58.90
N ILE I 115 0.35 -28.09 -60.21
CA ILE I 115 0.80 -26.93 -60.97
C ILE I 115 -0.12 -25.73 -60.79
N SER I 116 -1.25 -25.92 -60.10
CA SER I 116 -2.24 -24.88 -59.90
C SER I 116 -2.12 -24.16 -58.55
N ASN I 117 -1.31 -24.68 -57.63
CA ASN I 117 -1.20 -24.00 -56.34
C ASN I 117 -0.08 -22.98 -56.41
N PRO I 118 -0.35 -21.71 -56.07
CA PRO I 118 0.70 -20.68 -56.12
C PRO I 118 1.84 -20.90 -55.14
N ALA I 119 1.59 -21.61 -54.05
CA ALA I 119 2.67 -22.12 -53.21
C ALA I 119 2.95 -23.57 -53.61
N ARG I 120 3.48 -23.73 -54.81
CA ARG I 120 3.85 -25.04 -55.31
C ARG I 120 5.15 -25.46 -54.64
N THR I 121 5.11 -26.58 -53.92
CA THR I 121 6.28 -27.08 -53.23
C THR I 121 7.15 -27.90 -54.17
N HIS I 122 8.42 -28.01 -53.82
CA HIS I 122 9.39 -28.73 -54.62
C HIS I 122 9.97 -29.91 -53.84
N LEU I 123 10.90 -30.61 -54.46
CA LEU I 123 11.68 -31.61 -53.75
C LEU I 123 12.83 -30.94 -53.03
N ALA I 124 13.24 -31.54 -51.92
CA ALA I 124 14.23 -30.91 -51.05
C ALA I 124 15.64 -31.04 -51.62
N GLN I 125 16.07 -32.26 -51.94
CA GLN I 125 17.41 -32.48 -52.45
C GLN I 125 17.32 -33.48 -53.59
N ALA I 126 18.29 -33.41 -54.49
CA ALA I 126 18.28 -34.23 -55.69
C ALA I 126 18.83 -35.62 -55.38
N VAL I 127 18.24 -36.62 -56.00
CA VAL I 127 18.57 -38.02 -55.73
C VAL I 127 19.51 -38.51 -56.82
N LYS I 128 20.72 -38.91 -56.41
CA LYS I 128 21.71 -39.42 -57.36
C LYS I 128 21.40 -40.88 -57.70
N TYR I 129 21.86 -41.31 -58.87
CA TYR I 129 21.68 -42.69 -59.32
C TYR I 129 22.88 -43.11 -60.14
N SER I 130 23.66 -44.04 -59.62
CA SER I 130 24.86 -44.53 -60.27
C SER I 130 24.46 -45.56 -61.34
N PRO I 131 25.43 -46.09 -62.14
CA PRO I 131 25.13 -47.28 -62.97
C PRO I 131 24.69 -48.47 -62.15
N GLN I 132 24.21 -49.53 -62.82
CA GLN I 132 22.92 -50.16 -62.50
C GLN I 132 22.53 -50.10 -61.04
N SER I 133 21.42 -49.42 -60.78
CA SER I 133 20.79 -49.37 -59.48
C SER I 133 19.29 -49.38 -59.76
N ILE I 134 18.51 -49.62 -58.72
CA ILE I 134 17.09 -49.88 -58.90
C ILE I 134 16.32 -48.71 -58.33
N LEU I 135 15.86 -47.83 -59.20
CA LEU I 135 14.90 -46.80 -58.83
C LEU I 135 13.52 -47.44 -58.76
N THR I 136 12.88 -47.37 -57.61
CA THR I 136 11.51 -47.81 -57.49
C THR I 136 10.77 -46.91 -56.51
N MET I 137 9.49 -46.75 -56.75
CA MET I 137 8.68 -45.81 -56.01
C MET I 137 7.43 -46.51 -55.51
N TYR I 138 6.91 -46.02 -54.39
CA TYR I 138 5.70 -46.54 -53.78
C TYR I 138 4.79 -45.39 -53.38
N PHE I 139 3.49 -45.61 -53.52
CA PHE I 139 2.47 -44.62 -53.24
C PHE I 139 1.79 -44.96 -51.93
N ASN I 140 1.85 -44.05 -50.96
CA ASN I 140 1.30 -44.23 -49.64
C ASN I 140 0.03 -43.39 -49.51
N PRO I 141 -1.16 -43.95 -49.71
CA PRO I 141 -2.36 -43.10 -49.80
C PRO I 141 -2.88 -42.72 -48.43
N THR I 142 -2.98 -41.41 -48.19
CA THR I 142 -3.77 -40.86 -47.11
C THR I 142 -4.90 -40.08 -47.76
N LYS I 143 -6.08 -40.13 -47.15
CA LYS I 143 -7.36 -39.66 -47.70
C LYS I 143 -7.57 -40.29 -49.08
N PRO I 144 -7.93 -41.57 -49.15
CA PRO I 144 -8.02 -42.23 -50.45
C PRO I 144 -9.28 -41.85 -51.20
N ALA I 145 -9.40 -42.42 -52.40
CA ALA I 145 -10.49 -42.06 -53.31
C ALA I 145 -11.82 -42.56 -52.76
N THR I 146 -12.83 -41.70 -52.79
CA THR I 146 -14.12 -41.99 -52.19
C THR I 146 -15.26 -42.09 -53.19
N ALA I 147 -15.29 -41.22 -54.19
CA ALA I 147 -16.42 -41.14 -55.08
C ALA I 147 -16.41 -42.28 -56.08
N SER I 148 -17.56 -42.50 -56.72
CA SER I 148 -17.67 -43.49 -57.77
C SER I 148 -16.94 -43.01 -59.01
N THR I 149 -16.67 -43.97 -59.91
CA THR I 149 -15.90 -43.79 -61.16
C THR I 149 -14.55 -43.13 -60.88
N SER I 150 -13.73 -43.83 -60.11
CA SER I 150 -12.44 -43.28 -59.69
C SER I 150 -11.41 -43.42 -60.81
N TYR I 151 -10.32 -42.68 -60.66
CA TYR I 151 -9.30 -42.55 -61.69
C TYR I 151 -7.93 -42.86 -61.11
N PRO I 152 -7.03 -43.42 -61.91
CA PRO I 152 -5.69 -43.72 -61.42
C PRO I 152 -4.86 -42.44 -61.28
N ASN I 153 -3.81 -42.54 -60.47
CA ASN I 153 -2.94 -41.40 -60.24
C ASN I 153 -1.90 -41.28 -61.34
N THR I 154 -1.39 -40.06 -61.51
CA THR I 154 -0.30 -39.79 -62.45
C THR I 154 0.53 -38.65 -61.88
N VAL I 155 1.82 -38.90 -61.66
CA VAL I 155 2.73 -37.89 -61.13
C VAL I 155 3.97 -37.89 -62.01
N TYR I 156 4.24 -36.76 -62.66
CA TYR I 156 5.37 -36.65 -63.57
C TYR I 156 6.60 -36.14 -62.83
N PHE I 157 7.75 -36.71 -63.15
CA PHE I 157 9.01 -36.31 -62.54
C PHE I 157 9.90 -35.64 -63.57
N THR I 158 11.14 -35.37 -63.19
CA THR I 158 12.11 -34.76 -64.10
C THR I 158 13.49 -35.26 -63.74
N VAL I 159 14.14 -35.95 -64.67
CA VAL I 159 15.42 -36.58 -64.43
C VAL I 159 16.47 -35.89 -65.29
N VAL I 160 17.63 -35.63 -64.69
CA VAL I 160 18.81 -35.17 -65.42
C VAL I 160 19.64 -36.40 -65.73
N VAL I 161 19.95 -36.63 -67.02
CA VAL I 161 20.65 -37.82 -67.46
C VAL I 161 22.04 -37.41 -67.89
N VAL I 162 23.07 -38.03 -67.31
CA VAL I 162 24.44 -37.75 -67.69
C VAL I 162 24.99 -38.93 -68.49
N ASP I 163 24.85 -38.88 -69.81
CA ASP I 163 25.32 -39.97 -70.66
C ASP I 163 26.84 -39.97 -70.73
N PHE I 164 27.40 -41.12 -71.12
CA PHE I 164 28.84 -41.27 -71.30
C PHE I 164 29.16 -42.14 -72.51
N SER I 165 28.20 -42.36 -73.41
CA SER I 165 28.37 -43.34 -74.47
C SER I 165 29.31 -42.86 -75.56
N TYR I 166 29.62 -41.56 -75.62
CA TYR I 166 30.48 -41.02 -76.65
C TYR I 166 31.86 -40.64 -76.13
N ALA I 167 32.29 -41.22 -75.02
CA ALA I 167 33.65 -41.00 -74.54
C ALA I 167 34.58 -41.98 -75.26
N GLN I 168 35.85 -41.98 -74.88
CA GLN I 168 36.82 -42.88 -75.49
C GLN I 168 36.58 -44.32 -75.03
N ASN I 169 36.48 -44.53 -73.73
CA ASN I 169 36.03 -45.80 -73.16
C ASN I 169 34.95 -45.49 -72.13
N PRO I 170 33.70 -45.88 -72.36
CA PRO I 170 32.65 -45.57 -71.39
C PRO I 170 32.75 -46.35 -70.09
N ALA I 171 33.59 -47.39 -70.03
CA ALA I 171 33.67 -48.19 -68.81
C ALA I 171 34.52 -47.53 -67.74
N ARG I 172 35.55 -46.77 -68.13
CA ARG I 172 36.43 -46.15 -67.16
C ARG I 172 35.98 -44.74 -66.80
N ALA I 173 35.32 -44.05 -67.72
CA ALA I 173 34.89 -42.68 -67.45
C ALA I 173 33.75 -42.63 -66.45
N VAL I 174 32.79 -43.54 -66.56
CA VAL I 174 31.59 -43.47 -65.72
C VAL I 174 31.91 -43.89 -64.28
N VAL I 175 33.00 -44.61 -64.03
CA VAL I 175 33.34 -45.00 -62.67
C VAL I 175 34.33 -44.04 -62.04
N SER I 176 34.91 -43.13 -62.82
CA SER I 176 35.72 -42.06 -62.27
C SER I 176 34.93 -40.80 -62.01
N ALA I 177 33.89 -40.56 -62.81
CA ALA I 177 33.01 -39.43 -62.58
C ALA I 177 32.03 -39.70 -61.45
N ASN I 178 31.67 -40.96 -61.23
CA ASN I 178 30.80 -41.32 -60.12
C ASN I 178 31.48 -41.10 -58.78
N ALA I 179 32.81 -41.12 -58.74
CA ALA I 179 33.53 -40.77 -57.53
C ALA I 179 33.54 -39.27 -57.29
N VAL I 180 33.71 -38.46 -58.35
CA VAL I 180 33.81 -37.02 -58.15
C VAL I 180 32.43 -36.37 -58.05
N MET I 181 31.46 -36.80 -58.83
CA MET I 181 30.15 -36.18 -58.78
C MET I 181 29.35 -36.73 -57.63
N SER J 4 13.57 -14.19 -64.46
CA SER J 4 14.92 -13.78 -64.08
C SER J 4 15.92 -14.85 -64.49
N VAL J 5 15.44 -15.83 -65.24
CA VAL J 5 16.31 -16.83 -65.86
C VAL J 5 16.82 -16.34 -67.22
N THR J 6 15.98 -15.63 -67.97
CA THR J 6 16.43 -15.03 -69.22
C THR J 6 17.23 -13.75 -68.99
N GLN J 7 17.01 -13.06 -67.87
CA GLN J 7 17.76 -11.85 -67.60
C GLN J 7 19.16 -12.12 -67.09
N GLN J 8 19.47 -13.37 -66.74
CA GLN J 8 20.83 -13.70 -66.33
C GLN J 8 21.71 -14.04 -67.51
N VAL J 9 21.20 -14.79 -68.49
CA VAL J 9 21.97 -15.08 -69.68
C VAL J 9 22.02 -13.89 -70.61
N PHE J 10 21.11 -12.93 -70.46
CA PHE J 10 21.23 -11.67 -71.19
C PHE J 10 22.36 -10.83 -70.62
N ASN J 11 22.44 -10.75 -69.29
CA ASN J 11 23.52 -9.98 -68.67
C ASN J 11 24.86 -10.70 -68.81
N PHE J 12 24.85 -12.03 -68.90
CA PHE J 12 26.08 -12.75 -69.16
C PHE J 12 26.58 -12.53 -70.58
N ALA J 13 25.65 -12.36 -71.52
CA ALA J 13 26.06 -12.16 -72.91
C ALA J 13 26.66 -10.78 -73.12
N VAL J 14 26.04 -9.74 -72.56
CA VAL J 14 26.54 -8.38 -72.79
C VAL J 14 27.82 -8.08 -72.04
N THR J 15 28.16 -8.89 -71.03
CA THR J 15 29.43 -8.67 -70.33
C THR J 15 30.59 -9.23 -71.15
N LYS J 16 30.34 -10.28 -71.92
CA LYS J 16 31.39 -10.90 -72.72
C LYS J 16 31.41 -10.39 -74.16
N SER J 17 30.27 -10.02 -74.72
CA SER J 17 30.22 -9.53 -76.09
C SER J 17 30.62 -8.07 -76.23
N GLN J 18 30.79 -7.36 -75.12
CA GLN J 18 31.18 -5.94 -75.24
C GLN J 18 32.61 -5.73 -75.71
N PRO J 19 33.65 -6.38 -75.16
CA PRO J 19 35.01 -6.04 -75.62
C PRO J 19 35.37 -6.55 -77.02
N PHE J 20 34.48 -7.27 -77.69
CA PHE J 20 34.71 -7.69 -79.07
C PHE J 20 33.68 -7.13 -80.03
N GLY J 21 32.77 -6.29 -79.56
CA GLY J 21 31.66 -5.86 -80.38
C GLY J 21 30.56 -6.90 -80.38
N GLY J 22 29.32 -6.46 -80.48
CA GLY J 22 28.24 -7.41 -80.40
C GLY J 22 26.91 -6.74 -80.13
N TYR J 23 25.85 -7.30 -80.67
CA TYR J 23 24.53 -6.68 -80.68
C TYR J 23 23.56 -7.68 -80.06
N VAL J 24 23.43 -7.63 -78.75
CA VAL J 24 22.60 -8.57 -78.02
C VAL J 24 21.16 -8.08 -78.00
N TYR J 25 20.24 -8.93 -78.42
CA TYR J 25 18.83 -8.58 -78.41
C TYR J 25 18.01 -9.87 -78.39
N SER J 26 16.78 -9.76 -77.91
CA SER J 26 15.92 -10.92 -77.69
C SER J 26 14.85 -10.98 -78.77
N THR J 27 14.46 -12.20 -79.13
CA THR J 27 13.50 -12.44 -80.20
C THR J 27 12.38 -13.36 -79.69
N ASN J 28 11.61 -13.89 -80.63
CA ASN J 28 10.50 -14.77 -80.29
C ASN J 28 10.38 -15.85 -81.36
N LEU J 29 10.43 -17.11 -80.92
CA LEU J 29 10.40 -18.26 -81.82
C LEU J 29 9.11 -19.03 -81.61
N THR J 30 8.47 -19.46 -82.70
CA THR J 30 7.18 -20.12 -82.65
C THR J 30 7.29 -21.51 -83.24
N ALA J 31 7.22 -22.53 -82.40
CA ALA J 31 7.25 -23.92 -82.82
C ALA J 31 5.82 -24.44 -82.98
N SER J 32 5.50 -24.90 -84.18
CA SER J 32 4.12 -25.23 -84.54
C SER J 32 4.07 -26.56 -85.25
N THR J 33 3.41 -27.54 -84.62
CA THR J 33 3.13 -28.81 -85.28
C THR J 33 1.90 -28.66 -86.16
N SER J 34 2.07 -28.77 -87.47
CA SER J 34 1.01 -28.43 -88.39
C SER J 34 -0.01 -29.55 -88.52
N SER J 35 -1.28 -29.16 -88.58
CA SER J 35 -2.45 -29.99 -88.94
C SER J 35 -2.61 -31.21 -88.03
N ALA J 36 -2.85 -30.94 -86.75
CA ALA J 36 -3.64 -31.79 -85.85
C ALA J 36 -3.04 -33.19 -85.65
N VAL J 37 -1.90 -33.21 -84.96
CA VAL J 37 -1.20 -34.47 -84.67
C VAL J 37 -2.08 -35.38 -83.82
N THR J 38 -2.17 -36.65 -84.24
CA THR J 38 -3.04 -37.63 -83.59
C THR J 38 -2.43 -39.01 -83.40
N SER J 39 -1.31 -39.36 -84.03
CA SER J 39 -0.84 -40.74 -83.97
C SER J 39 0.57 -40.89 -83.40
N THR J 40 1.58 -40.26 -83.98
CA THR J 40 2.97 -40.65 -83.71
C THR J 40 3.85 -39.41 -83.67
N GLN J 41 5.17 -39.65 -83.62
CA GLN J 41 6.16 -38.60 -83.51
C GLN J 41 6.19 -37.74 -84.77
N LEU J 42 6.04 -36.42 -84.60
CA LEU J 42 5.98 -35.49 -85.70
C LEU J 42 7.13 -34.48 -85.62
N THR J 43 7.06 -33.48 -86.49
CA THR J 43 8.08 -32.44 -86.62
C THR J 43 7.39 -31.09 -86.62
N PRO J 44 7.63 -30.23 -85.62
CA PRO J 44 7.06 -28.89 -85.66
C PRO J 44 7.89 -27.92 -86.50
N LEU J 45 7.18 -27.01 -87.16
CA LEU J 45 7.79 -26.08 -88.11
C LEU J 45 8.20 -24.81 -87.36
N ASN J 46 9.49 -24.65 -87.12
CA ASN J 46 9.97 -23.48 -86.41
C ASN J 46 9.92 -22.25 -87.30
N LEU J 47 9.89 -21.08 -86.67
CA LEU J 47 9.75 -19.82 -87.41
C LEU J 47 10.28 -18.70 -86.51
N SER J 48 11.51 -18.26 -86.76
CA SER J 48 12.12 -17.21 -85.98
C SER J 48 12.00 -15.88 -86.72
N ILE J 49 12.12 -14.78 -85.97
CA ILE J 49 12.05 -13.43 -86.52
C ILE J 49 13.28 -12.67 -86.02
N THR J 50 14.21 -12.41 -86.91
CA THR J 50 15.32 -11.51 -86.62
C THR J 50 14.90 -10.07 -86.94
N LEU J 51 15.88 -9.17 -87.09
CA LEU J 51 15.61 -7.73 -87.11
C LEU J 51 14.75 -7.31 -88.30
N GLY J 52 15.27 -7.48 -89.52
CA GLY J 52 14.66 -6.83 -90.67
C GLY J 52 13.42 -7.49 -91.24
N GLN J 53 12.52 -7.94 -90.35
CA GLN J 53 11.35 -8.77 -90.69
C GLN J 53 11.77 -9.99 -91.50
N ILE J 54 12.88 -10.61 -91.10
CA ILE J 54 13.47 -11.74 -91.80
C ILE J 54 12.98 -13.01 -91.12
N THR J 55 12.10 -13.73 -91.78
CA THR J 55 11.32 -14.80 -91.18
C THR J 55 11.87 -16.15 -91.64
N LEU J 56 12.86 -16.67 -90.92
CA LEU J 56 13.44 -17.97 -91.24
C LEU J 56 12.46 -19.03 -90.80
N SER J 57 11.78 -19.63 -91.76
CA SER J 57 10.73 -20.60 -91.51
C SER J 57 11.20 -22.00 -91.89
N GLY J 58 10.28 -22.95 -91.84
CA GLY J 58 10.56 -24.31 -92.23
C GLY J 58 11.20 -25.12 -91.12
N ASN J 59 11.25 -26.43 -91.33
CA ASN J 59 11.88 -27.34 -90.39
C ASN J 59 13.38 -27.09 -90.35
N SER J 60 13.96 -27.27 -89.16
CA SER J 60 15.41 -27.34 -88.94
C SER J 60 16.11 -26.05 -89.38
N LEU J 61 15.84 -24.98 -88.64
CA LEU J 61 16.50 -23.70 -88.88
C LEU J 61 18.00 -23.80 -88.68
N VAL J 62 18.75 -23.20 -89.59
CA VAL J 62 20.19 -23.11 -89.46
C VAL J 62 20.53 -21.76 -88.86
N ILE J 63 21.33 -21.76 -87.81
CA ILE J 63 21.83 -20.52 -87.22
C ILE J 63 22.74 -19.83 -88.23
N PRO J 64 22.58 -18.51 -88.46
CA PRO J 64 23.47 -17.80 -89.38
C PRO J 64 24.91 -17.83 -88.91
N ALA J 65 25.81 -17.47 -89.83
CA ALA J 65 27.23 -17.67 -89.61
C ALA J 65 27.83 -16.71 -88.58
N THR J 66 27.09 -15.69 -88.14
CA THR J 66 27.63 -14.70 -87.23
C THR J 66 26.73 -14.44 -86.02
N GLN J 67 25.90 -15.41 -85.63
CA GLN J 67 25.02 -15.25 -84.49
C GLN J 67 25.18 -16.41 -83.53
N ILE J 68 24.94 -16.14 -82.25
CA ILE J 68 24.98 -17.14 -81.18
C ILE J 68 23.64 -17.07 -80.46
N TRP J 69 22.81 -18.08 -80.63
CA TRP J 69 21.48 -18.08 -80.03
C TRP J 69 21.53 -18.71 -78.64
N TYR J 70 20.45 -18.53 -77.89
CA TYR J 70 20.29 -19.11 -76.55
C TYR J 70 18.81 -19.41 -76.37
N LEU J 71 18.45 -20.68 -76.28
CA LEU J 71 17.06 -21.04 -76.08
C LEU J 71 16.75 -21.06 -74.59
N THR J 72 15.97 -20.09 -74.12
CA THR J 72 15.92 -19.78 -72.69
C THR J 72 14.59 -20.05 -72.00
N ASP J 73 13.46 -20.03 -72.72
CA ASP J 73 12.17 -20.12 -72.07
C ASP J 73 11.16 -20.77 -73.01
N ALA J 74 10.05 -21.19 -72.44
CA ALA J 74 8.94 -21.68 -73.22
C ALA J 74 7.64 -21.48 -72.46
N TYR J 75 6.56 -21.25 -73.20
CA TYR J 75 5.23 -21.13 -72.63
C TYR J 75 4.21 -21.45 -73.70
N VAL J 76 2.95 -21.55 -73.28
CA VAL J 76 1.85 -21.95 -74.14
C VAL J 76 0.71 -20.97 -73.91
N SER J 77 0.16 -20.44 -75.00
CA SER J 77 -0.87 -19.42 -74.91
C SER J 77 -2.17 -20.00 -74.34
N VAL J 78 -3.02 -19.09 -73.84
CA VAL J 78 -4.24 -19.52 -73.14
C VAL J 78 -5.30 -20.09 -74.08
N PRO J 79 -5.53 -19.56 -75.31
CA PRO J 79 -6.39 -20.31 -76.23
C PRO J 79 -5.85 -21.67 -76.67
N ASP J 80 -4.56 -21.96 -76.48
CA ASP J 80 -4.07 -23.30 -76.70
C ASP J 80 -4.36 -24.21 -75.52
N TYR J 81 -4.19 -23.70 -74.29
CA TYR J 81 -4.37 -24.51 -73.10
C TYR J 81 -5.83 -24.91 -72.89
N THR J 82 -6.78 -24.13 -73.39
CA THR J 82 -8.16 -24.59 -73.37
C THR J 82 -8.47 -25.56 -74.50
N ASN J 83 -7.54 -25.78 -75.42
CA ASN J 83 -7.72 -26.80 -76.44
C ASN J 83 -7.08 -28.11 -76.05
N ILE J 84 -6.01 -28.08 -75.26
CA ILE J 84 -5.40 -29.32 -74.78
C ILE J 84 -6.33 -30.00 -73.79
N THR J 85 -6.89 -29.23 -72.86
CA THR J 85 -7.74 -29.79 -71.81
C THR J 85 -9.09 -30.27 -72.33
N ASN J 86 -9.54 -29.78 -73.48
CA ASN J 86 -10.81 -30.21 -74.04
C ASN J 86 -10.66 -31.22 -75.16
N GLY J 87 -9.44 -31.71 -75.41
CA GLY J 87 -9.25 -32.68 -76.46
C GLY J 87 -9.31 -32.12 -77.86
N ALA J 88 -8.90 -30.87 -78.05
CA ALA J 88 -8.85 -30.27 -79.37
C ALA J 88 -7.43 -30.25 -79.95
N GLU J 89 -6.42 -30.55 -79.15
CA GLU J 89 -5.08 -30.77 -79.67
C GLU J 89 -4.34 -31.70 -78.72
N ALA J 90 -3.20 -32.19 -79.17
CA ALA J 90 -2.49 -33.23 -78.46
C ALA J 90 -1.57 -32.66 -77.41
N ASP J 91 -1.49 -33.37 -76.29
CA ASP J 91 -0.47 -33.10 -75.29
C ASP J 91 0.79 -33.89 -75.65
N GLY J 92 1.84 -33.72 -74.86
CA GLY J 92 3.07 -34.45 -75.07
C GLY J 92 4.25 -33.60 -74.67
N VAL J 93 5.44 -34.08 -75.03
CA VAL J 93 6.67 -33.35 -74.75
C VAL J 93 7.31 -32.94 -76.07
N ILE J 94 8.40 -32.20 -76.01
CA ILE J 94 9.11 -31.71 -77.18
C ILE J 94 10.59 -32.00 -76.99
N LEU J 95 11.19 -32.70 -77.94
CA LEU J 95 12.61 -33.00 -77.91
C LEU J 95 13.34 -31.97 -78.75
N ILE J 96 14.47 -31.47 -78.23
CA ILE J 96 15.21 -30.39 -78.85
C ILE J 96 16.59 -30.92 -79.23
N TYR J 97 16.87 -30.98 -80.52
CA TYR J 97 18.11 -31.54 -81.04
C TYR J 97 19.01 -30.46 -81.61
N LYS J 98 20.30 -30.62 -81.41
CA LYS J 98 21.33 -29.82 -82.05
C LYS J 98 22.09 -30.70 -83.03
N ASP J 99 22.35 -30.16 -84.22
CA ASP J 99 23.01 -30.83 -85.35
C ASP J 99 22.28 -32.08 -85.82
N GLY J 100 20.98 -32.20 -85.55
CA GLY J 100 20.19 -33.31 -86.01
C GLY J 100 20.40 -34.62 -85.28
N VAL J 101 21.41 -34.74 -84.42
CA VAL J 101 21.68 -36.00 -83.73
C VAL J 101 21.79 -35.79 -82.23
N LYS J 102 22.43 -34.71 -81.78
CA LYS J 102 22.68 -34.52 -80.36
C LYS J 102 21.42 -34.01 -79.68
N LEU J 103 20.89 -34.80 -78.75
CA LEU J 103 19.73 -34.38 -77.99
C LEU J 103 20.16 -33.40 -76.91
N MET J 104 19.42 -32.29 -76.79
CA MET J 104 19.75 -31.24 -75.84
C MET J 104 18.81 -31.18 -74.64
N LEU J 105 17.50 -31.31 -74.85
CA LEU J 105 16.55 -31.16 -73.77
C LEU J 105 15.33 -32.03 -74.04
N THR J 106 14.40 -31.99 -73.09
CA THR J 106 13.05 -32.51 -73.26
C THR J 106 12.11 -31.61 -72.46
N THR J 107 11.19 -30.94 -73.13
CA THR J 107 10.39 -29.95 -72.45
C THR J 107 9.27 -30.63 -71.66
N PRO J 108 9.07 -30.26 -70.41
CA PRO J 108 8.18 -31.03 -69.54
C PRO J 108 6.69 -30.86 -69.79
N LEU J 109 6.13 -31.62 -70.73
CA LEU J 109 4.69 -31.85 -70.87
C LEU J 109 3.93 -30.55 -71.12
N ILE J 110 3.97 -30.06 -72.37
CA ILE J 110 3.63 -28.70 -72.80
C ILE J 110 2.31 -28.12 -72.27
N SER J 111 1.39 -28.97 -71.82
CA SER J 111 0.21 -28.43 -71.15
C SER J 111 0.52 -27.87 -69.78
N SER J 112 1.61 -28.31 -69.15
CA SER J 112 1.96 -27.90 -67.81
C SER J 112 2.87 -26.68 -67.79
N MET J 113 3.39 -26.26 -68.93
CA MET J 113 4.07 -24.98 -69.03
C MET J 113 3.18 -23.91 -69.64
N SER J 114 1.87 -24.05 -69.49
CA SER J 114 0.95 -23.00 -69.92
C SER J 114 1.12 -21.78 -69.04
N ILE J 115 0.59 -20.65 -69.51
CA ILE J 115 0.78 -19.41 -68.78
C ILE J 115 -0.44 -19.06 -67.95
N SER J 116 -1.56 -19.75 -68.13
CA SER J 116 -2.73 -19.46 -67.33
C SER J 116 -2.64 -20.00 -65.91
N ASN J 117 -1.65 -20.84 -65.61
CA ASN J 117 -1.49 -21.40 -64.27
C ASN J 117 -0.50 -20.57 -63.48
N PRO J 118 -0.80 -20.27 -62.20
CA PRO J 118 0.05 -19.34 -61.45
C PRO J 118 1.37 -19.92 -60.99
N ALA J 119 1.63 -21.22 -61.15
CA ALA J 119 2.90 -21.80 -60.72
C ALA J 119 3.43 -22.78 -61.75
N ARG J 120 3.46 -22.34 -63.01
CA ARG J 120 3.85 -23.18 -64.14
C ARG J 120 5.30 -23.63 -64.03
N THR J 121 5.63 -24.66 -64.82
CA THR J 121 6.97 -25.22 -64.80
C THR J 121 7.89 -24.49 -65.79
N HIS J 122 9.19 -24.73 -65.62
CA HIS J 122 10.20 -24.05 -66.41
C HIS J 122 11.04 -25.08 -67.17
N LEU J 123 11.96 -24.59 -67.98
CA LEU J 123 12.97 -25.44 -68.59
C LEU J 123 14.11 -25.71 -67.62
N ALA J 124 15.00 -26.61 -68.01
CA ALA J 124 16.10 -27.00 -67.15
C ALA J 124 17.34 -26.15 -67.31
N GLN J 125 17.64 -25.68 -68.52
CA GLN J 125 18.83 -24.90 -68.78
C GLN J 125 18.64 -24.15 -70.08
N ALA J 126 19.44 -23.10 -70.26
CA ALA J 126 19.46 -22.34 -71.51
C ALA J 126 20.51 -22.94 -72.43
N VAL J 127 20.08 -23.68 -73.44
CA VAL J 127 20.99 -24.40 -74.33
C VAL J 127 21.48 -23.45 -75.41
N LYS J 128 22.80 -23.30 -75.50
CA LYS J 128 23.40 -22.36 -76.44
C LYS J 128 23.49 -22.99 -77.83
N TYR J 129 23.65 -22.13 -78.83
CA TYR J 129 23.86 -22.59 -80.19
C TYR J 129 24.93 -21.72 -80.83
N SER J 130 25.96 -22.36 -81.34
CA SER J 130 27.12 -21.69 -81.92
C SER J 130 26.77 -21.20 -83.33
N PRO J 131 27.70 -20.54 -84.03
CA PRO J 131 27.59 -20.44 -85.49
C PRO J 131 27.48 -21.80 -86.16
N GLN J 132 27.11 -21.77 -87.44
CA GLN J 132 26.06 -22.58 -88.03
C GLN J 132 25.83 -23.97 -87.42
N SER J 133 24.60 -24.21 -87.00
CA SER J 133 24.15 -25.46 -86.41
C SER J 133 22.72 -25.66 -86.84
N ILE J 134 22.24 -26.89 -86.74
CA ILE J 134 20.91 -27.24 -87.23
C ILE J 134 20.01 -27.39 -86.03
N LEU J 135 19.17 -26.39 -85.78
CA LEU J 135 18.23 -26.42 -84.67
C LEU J 135 16.93 -27.09 -85.13
N THR J 136 16.71 -28.32 -84.68
CA THR J 136 15.51 -29.05 -85.07
C THR J 136 14.82 -29.59 -83.84
N MET J 137 13.49 -29.72 -83.93
CA MET J 137 12.68 -30.17 -82.82
C MET J 137 11.70 -31.23 -83.30
N TYR J 138 11.27 -32.08 -82.37
CA TYR J 138 10.30 -33.12 -82.61
C TYR J 138 9.24 -33.06 -81.51
N PHE J 139 8.02 -33.46 -81.83
CA PHE J 139 6.94 -33.48 -80.86
C PHE J 139 6.50 -34.93 -80.64
N ASN J 140 6.63 -35.40 -79.41
CA ASN J 140 6.26 -36.76 -79.02
C ASN J 140 4.90 -36.75 -78.33
N PRO J 141 3.82 -37.11 -79.00
CA PRO J 141 2.50 -36.93 -78.40
C PRO J 141 2.09 -38.08 -77.50
N THR J 142 1.53 -37.71 -76.35
CA THR J 142 0.82 -38.61 -75.46
C THR J 142 -0.56 -38.03 -75.21
N LYS J 143 -1.58 -38.91 -75.19
CA LYS J 143 -3.00 -38.59 -75.16
C LYS J 143 -3.35 -37.61 -76.28
N PRO J 144 -3.43 -38.09 -77.52
CA PRO J 144 -3.56 -37.17 -78.66
C PRO J 144 -4.94 -36.53 -78.82
N ALA J 145 -5.14 -35.82 -79.92
CA ALA J 145 -6.41 -35.15 -80.19
C ALA J 145 -7.50 -36.17 -80.49
N THR J 146 -8.64 -36.03 -79.81
CA THR J 146 -9.72 -37.00 -79.93
C THR J 146 -10.97 -36.44 -80.59
N ALA J 147 -11.41 -35.25 -80.21
CA ALA J 147 -12.67 -34.73 -80.70
C ALA J 147 -12.52 -34.17 -82.11
N SER J 148 -13.65 -34.00 -82.78
CA SER J 148 -13.66 -33.39 -84.09
C SER J 148 -13.39 -31.90 -83.99
N THR J 149 -13.08 -31.30 -85.15
CA THR J 149 -12.63 -29.91 -85.30
C THR J 149 -11.42 -29.62 -84.40
N SER J 150 -10.41 -30.46 -84.55
CA SER J 150 -9.20 -30.35 -83.75
C SER J 150 -8.20 -29.39 -84.42
N TYR J 151 -7.26 -28.89 -83.61
CA TYR J 151 -6.41 -27.78 -83.99
C TYR J 151 -4.94 -28.15 -83.92
N PRO J 152 -4.09 -27.46 -84.67
CA PRO J 152 -2.64 -27.66 -84.53
C PRO J 152 -2.11 -27.19 -83.19
N ASN J 153 -0.93 -27.70 -82.84
CA ASN J 153 -0.25 -27.26 -81.63
C ASN J 153 0.61 -26.02 -81.92
N THR J 154 0.90 -25.27 -80.87
CA THR J 154 1.72 -24.06 -80.97
C THR J 154 2.39 -23.81 -79.63
N VAL J 155 3.73 -23.74 -79.63
CA VAL J 155 4.51 -23.50 -78.42
C VAL J 155 5.45 -22.34 -78.69
N TYR J 156 5.40 -21.32 -77.85
CA TYR J 156 6.25 -20.16 -78.01
C TYR J 156 7.52 -20.32 -77.19
N PHE J 157 8.64 -19.89 -77.75
CA PHE J 157 9.94 -19.95 -77.10
C PHE J 157 10.44 -18.53 -76.89
N THR J 158 11.69 -18.41 -76.44
CA THR J 158 12.31 -17.10 -76.26
C THR J 158 13.81 -17.26 -76.47
N VAL J 159 14.34 -16.53 -77.45
CA VAL J 159 15.71 -16.69 -77.90
C VAL J 159 16.47 -15.41 -77.60
N VAL J 160 17.62 -15.54 -76.95
CA VAL J 160 18.57 -14.44 -76.85
C VAL J 160 19.52 -14.55 -78.03
N VAL J 161 19.52 -13.53 -78.90
CA VAL J 161 20.32 -13.55 -80.12
C VAL J 161 21.51 -12.63 -79.92
N VAL J 162 22.71 -13.17 -80.09
CA VAL J 162 23.93 -12.40 -79.95
C VAL J 162 24.52 -12.24 -81.35
N ASP J 163 24.23 -11.11 -81.98
CA ASP J 163 24.71 -10.86 -83.33
C ASP J 163 26.11 -10.27 -83.30
N PHE J 164 26.83 -10.49 -84.39
CA PHE J 164 28.21 -10.03 -84.49
C PHE J 164 28.50 -9.37 -85.82
N SER J 165 27.48 -9.16 -86.67
CA SER J 165 27.70 -8.80 -88.06
C SER J 165 28.21 -7.37 -88.24
N TYR J 166 28.11 -6.53 -87.22
CA TYR J 166 28.49 -5.12 -87.33
C TYR J 166 29.75 -4.80 -86.55
N ALA J 167 30.63 -5.78 -86.38
CA ALA J 167 31.90 -5.53 -85.71
C ALA J 167 32.90 -4.90 -86.67
N GLN J 168 34.15 -4.78 -86.20
CA GLN J 168 35.21 -4.26 -87.07
C GLN J 168 35.54 -5.24 -88.19
N ASN J 169 35.42 -6.54 -87.93
CA ASN J 169 35.68 -7.57 -88.94
C ASN J 169 34.89 -8.81 -88.56
N PRO J 170 33.67 -8.95 -89.06
CA PRO J 170 32.76 -9.98 -88.52
C PRO J 170 32.88 -11.33 -89.18
N ALA J 171 34.03 -12.00 -89.08
CA ALA J 171 34.14 -13.29 -89.76
C ALA J 171 34.62 -14.38 -88.81
N ARG J 172 35.59 -14.06 -87.98
CA ARG J 172 36.26 -15.04 -87.14
C ARG J 172 36.13 -14.75 -85.66
N ALA J 173 35.67 -13.56 -85.28
CA ALA J 173 35.47 -13.25 -83.87
C ALA J 173 34.28 -14.02 -83.30
N VAL J 174 33.33 -14.43 -84.14
CA VAL J 174 32.09 -14.98 -83.62
C VAL J 174 32.23 -16.41 -83.11
N VAL J 175 33.26 -17.13 -83.53
CA VAL J 175 33.55 -18.43 -82.93
C VAL J 175 34.65 -18.32 -81.90
N SER J 176 35.54 -17.33 -82.02
CA SER J 176 36.51 -17.07 -80.96
C SER J 176 35.83 -16.54 -79.71
N ALA J 177 34.80 -15.70 -79.87
CA ALA J 177 34.00 -15.28 -78.73
C ALA J 177 32.96 -16.32 -78.34
N ASN J 178 32.79 -17.37 -79.14
CA ASN J 178 31.93 -18.47 -78.72
C ASN J 178 32.64 -19.38 -77.73
N ALA J 179 33.95 -19.53 -77.85
CA ALA J 179 34.68 -20.41 -76.96
C ALA J 179 34.87 -19.79 -75.59
N VAL J 180 34.96 -18.46 -75.52
CA VAL J 180 35.11 -17.79 -74.24
C VAL J 180 33.79 -17.81 -73.47
N MET J 181 32.67 -18.05 -74.15
CA MET J 181 31.39 -18.21 -73.49
C MET J 181 31.14 -19.66 -73.13
N SER K 4 6.50 -4.82 -47.55
CA SER K 4 7.54 -5.76 -47.16
C SER K 4 8.75 -5.02 -46.65
N VAL K 5 8.75 -3.70 -46.83
CA VAL K 5 9.86 -2.87 -46.36
C VAL K 5 9.61 -2.32 -44.96
N THR K 6 8.41 -2.55 -44.40
CA THR K 6 8.02 -1.90 -43.15
C THR K 6 8.84 -2.40 -41.97
N GLN K 7 9.28 -3.66 -42.02
CA GLN K 7 10.03 -4.21 -40.91
C GLN K 7 11.49 -3.80 -40.90
N GLN K 8 12.03 -3.33 -42.02
CA GLN K 8 13.42 -2.87 -42.00
C GLN K 8 13.55 -1.42 -41.55
N VAL K 9 12.63 -0.56 -41.96
CA VAL K 9 12.71 0.84 -41.56
C VAL K 9 12.24 1.05 -40.13
N PHE K 10 11.43 0.14 -39.59
CA PHE K 10 11.01 0.26 -38.21
C PHE K 10 12.17 -0.03 -37.27
N ASN K 11 12.95 -1.06 -37.56
CA ASN K 11 14.16 -1.35 -36.81
C ASN K 11 15.26 -0.34 -37.11
N PHE K 12 15.17 0.35 -38.24
CA PHE K 12 16.06 1.47 -38.49
C PHE K 12 15.68 2.68 -37.66
N ALA K 13 14.41 2.80 -37.29
CA ALA K 13 13.99 3.94 -36.47
C ALA K 13 14.27 3.71 -35.00
N VAL K 14 13.96 2.52 -34.47
CA VAL K 14 14.14 2.24 -33.04
C VAL K 14 15.60 2.11 -32.65
N THR K 15 16.51 2.04 -33.60
CA THR K 15 17.94 1.99 -33.30
C THR K 15 18.61 3.35 -33.48
N LYS K 16 18.23 4.08 -34.52
CA LYS K 16 18.82 5.40 -34.77
C LYS K 16 18.26 6.47 -33.84
N SER K 17 16.97 6.43 -33.54
CA SER K 17 16.34 7.47 -32.73
C SER K 17 16.39 7.17 -31.24
N GLN K 18 17.10 6.13 -30.84
CA GLN K 18 17.24 5.79 -29.43
C GLN K 18 18.23 6.67 -28.64
N PRO K 19 19.42 7.06 -29.14
CA PRO K 19 20.28 7.92 -28.30
C PRO K 19 19.77 9.34 -28.13
N PHE K 20 18.85 9.80 -28.96
CA PHE K 20 18.24 11.11 -28.77
C PHE K 20 16.95 11.04 -27.98
N GLY K 21 16.44 9.84 -27.71
CA GLY K 21 15.15 9.71 -27.08
C GLY K 21 14.11 9.69 -28.18
N GLY K 22 13.44 8.57 -28.36
CA GLY K 22 12.58 8.43 -29.51
C GLY K 22 11.55 7.36 -29.31
N TYR K 23 10.32 7.67 -29.66
CA TYR K 23 9.17 6.82 -29.36
C TYR K 23 8.55 6.41 -30.69
N VAL K 24 8.87 5.21 -31.15
CA VAL K 24 8.56 4.76 -32.50
C VAL K 24 7.32 3.89 -32.47
N TYR K 25 6.37 4.18 -33.35
CA TYR K 25 5.17 3.36 -33.49
C TYR K 25 4.61 3.58 -34.89
N SER K 26 3.55 2.86 -35.21
CA SER K 26 2.98 2.86 -36.55
C SER K 26 1.49 3.18 -36.48
N THR K 27 0.94 3.66 -37.59
CA THR K 27 -0.44 4.09 -37.67
C THR K 27 -1.02 3.64 -39.01
N ASN K 28 -2.15 4.22 -39.37
CA ASN K 28 -2.85 3.94 -40.61
C ASN K 28 -3.26 5.25 -41.27
N LEU K 29 -3.00 5.36 -42.57
CA LEU K 29 -3.37 6.53 -43.37
C LEU K 29 -4.27 6.10 -44.52
N THR K 30 -5.32 6.86 -44.78
CA THR K 30 -6.32 6.51 -45.78
C THR K 30 -6.46 7.64 -46.79
N ALA K 31 -6.11 7.34 -48.04
CA ALA K 31 -6.25 8.28 -49.14
C ALA K 31 -7.46 7.86 -49.97
N SER K 32 -8.36 8.80 -50.25
CA SER K 32 -9.60 8.48 -50.94
C SER K 32 -10.02 9.63 -51.84
N THR K 33 -10.00 9.37 -53.15
CA THR K 33 -10.52 10.34 -54.11
C THR K 33 -12.05 10.31 -54.07
N SER K 34 -12.66 11.46 -53.84
CA SER K 34 -14.11 11.50 -53.72
C SER K 34 -14.78 11.53 -55.09
N SER K 35 -16.01 11.00 -55.12
CA SER K 35 -17.01 11.25 -56.16
C SER K 35 -16.61 10.70 -57.54
N ALA K 36 -16.28 9.41 -57.59
CA ALA K 36 -16.42 8.55 -58.77
C ALA K 36 -15.62 9.04 -59.97
N VAL K 37 -14.30 8.94 -59.84
CA VAL K 37 -13.36 9.41 -60.86
C VAL K 37 -13.60 8.70 -62.20
N THR K 38 -13.83 9.51 -63.24
CA THR K 38 -14.20 8.99 -64.55
C THR K 38 -13.48 9.64 -65.73
N SER K 39 -12.81 10.77 -65.54
CA SER K 39 -12.19 11.44 -66.68
C SER K 39 -10.69 11.69 -66.53
N THR K 40 -10.25 12.40 -65.49
CA THR K 40 -8.89 12.95 -65.48
C THR K 40 -8.35 13.02 -64.06
N GLN K 41 -7.33 13.86 -63.87
CA GLN K 41 -6.57 14.03 -62.64
C GLN K 41 -7.46 14.34 -61.44
N LEU K 42 -7.46 13.46 -60.44
CA LEU K 42 -8.20 13.68 -59.20
C LEU K 42 -7.27 13.92 -58.03
N THR K 43 -7.88 14.23 -56.89
CA THR K 43 -7.17 14.60 -55.67
C THR K 43 -7.66 13.74 -54.50
N PRO K 44 -6.81 12.89 -53.91
CA PRO K 44 -7.28 12.07 -52.79
C PRO K 44 -7.24 12.81 -51.47
N LEU K 45 -8.25 12.56 -50.65
CA LEU K 45 -8.45 13.23 -49.37
C LEU K 45 -7.74 12.42 -48.31
N ASN K 46 -6.60 12.93 -47.82
CA ASN K 46 -5.83 12.19 -46.83
C ASN K 46 -6.52 12.19 -45.47
N LEU K 47 -6.18 11.20 -44.65
CA LEU K 47 -6.75 11.07 -43.31
C LEU K 47 -5.81 10.23 -42.46
N SER K 48 -5.00 10.87 -41.64
CA SER K 48 -4.10 10.17 -40.74
C SER K 48 -4.63 10.25 -39.31
N ILE K 49 -4.36 9.21 -38.54
CA ILE K 49 -4.88 9.09 -37.17
C ILE K 49 -3.69 8.86 -36.25
N THR K 50 -3.26 9.90 -35.55
CA THR K 50 -2.25 9.82 -34.52
C THR K 50 -2.93 9.30 -33.23
N LEU K 51 -2.19 9.26 -32.11
CA LEU K 51 -2.63 8.50 -30.92
C LEU K 51 -3.90 9.06 -30.31
N GLY K 52 -3.85 10.27 -29.73
CA GLY K 52 -4.96 10.73 -28.92
C GLY K 52 -6.15 11.24 -29.69
N GLN K 53 -6.66 10.41 -30.61
CA GLN K 53 -7.72 10.74 -31.57
C GLN K 53 -7.43 12.04 -32.31
N ILE K 54 -6.17 12.21 -32.69
CA ILE K 54 -5.74 13.35 -33.49
C ILE K 54 -6.04 12.98 -34.94
N THR K 55 -7.11 13.54 -35.48
CA THR K 55 -7.57 13.19 -36.82
C THR K 55 -7.15 14.34 -37.73
N LEU K 56 -5.98 14.19 -38.34
CA LEU K 56 -5.60 15.10 -39.40
C LEU K 56 -6.37 14.75 -40.66
N SER K 57 -7.03 15.74 -41.26
CA SER K 57 -7.83 15.46 -42.44
C SER K 57 -7.58 16.48 -43.53
N GLY K 58 -8.32 16.36 -44.63
CA GLY K 58 -8.15 17.24 -45.76
C GLY K 58 -6.87 16.93 -46.55
N ASN K 59 -6.77 17.57 -47.70
CA ASN K 59 -5.57 17.44 -48.52
C ASN K 59 -4.39 18.09 -47.83
N SER K 60 -3.19 17.59 -48.17
CA SER K 60 -1.88 18.17 -47.80
C SER K 60 -1.71 18.28 -46.29
N LEU K 61 -1.63 17.12 -45.65
CA LEU K 61 -1.32 17.08 -44.22
C LEU K 61 0.10 17.58 -43.97
N VAL K 62 0.28 18.24 -42.83
CA VAL K 62 1.58 18.75 -42.41
C VAL K 62 2.09 17.89 -41.28
N ILE K 63 3.36 17.52 -41.35
CA ILE K 63 3.98 16.75 -40.26
C ILE K 63 4.19 17.68 -39.06
N PRO K 64 3.70 17.32 -37.88
CA PRO K 64 3.92 18.15 -36.69
C PRO K 64 5.40 18.23 -36.33
N ALA K 65 5.75 19.28 -35.58
CA ALA K 65 7.13 19.68 -35.43
C ALA K 65 7.92 18.82 -34.46
N THR K 66 7.41 17.67 -34.04
CA THR K 66 8.15 16.76 -33.17
C THR K 66 8.17 15.33 -33.69
N GLN K 67 7.72 15.11 -34.93
CA GLN K 67 7.59 13.77 -35.49
C GLN K 67 8.34 13.69 -36.80
N ILE K 68 8.77 12.47 -37.15
CA ILE K 68 9.38 12.16 -38.44
C ILE K 68 8.61 11.00 -39.04
N TRP K 69 7.90 11.25 -40.13
CA TRP K 69 7.06 10.20 -40.69
C TRP K 69 7.82 9.42 -41.76
N TYR K 70 7.37 8.18 -41.97
CA TYR K 70 7.89 7.32 -43.04
C TYR K 70 6.69 6.65 -43.67
N LEU K 71 6.52 6.81 -44.98
CA LEU K 71 5.42 6.19 -45.70
C LEU K 71 5.95 4.93 -46.36
N THR K 72 5.49 3.77 -45.90
CA THR K 72 6.16 2.52 -46.24
C THR K 72 5.42 1.66 -47.24
N ASP K 73 4.17 1.26 -46.98
CA ASP K 73 3.49 0.28 -47.81
C ASP K 73 2.08 0.76 -48.12
N ALA K 74 1.35 -0.06 -48.87
CA ALA K 74 -0.02 0.24 -49.27
C ALA K 74 -0.73 -1.05 -49.63
N TYR K 75 -2.05 -1.02 -49.54
CA TYR K 75 -2.86 -2.18 -49.88
C TYR K 75 -4.27 -1.73 -50.23
N VAL K 76 -4.94 -2.52 -51.05
CA VAL K 76 -6.31 -2.26 -51.48
C VAL K 76 -7.16 -3.45 -51.10
N SER K 77 -8.29 -3.20 -50.44
CA SER K 77 -9.13 -4.28 -49.98
C SER K 77 -9.91 -4.91 -51.14
N VAL K 78 -10.55 -6.04 -50.87
CA VAL K 78 -11.19 -6.86 -51.91
C VAL K 78 -12.43 -6.23 -52.53
N PRO K 79 -13.41 -5.65 -51.81
CA PRO K 79 -14.56 -5.05 -52.52
C PRO K 79 -14.23 -3.82 -53.36
N ASP K 80 -13.03 -3.26 -53.25
CA ASP K 80 -12.55 -2.34 -54.26
C ASP K 80 -12.03 -3.09 -55.47
N TYR K 81 -11.31 -4.19 -55.24
CA TYR K 81 -10.70 -4.95 -56.33
C TYR K 81 -11.73 -5.69 -57.15
N THR K 82 -12.85 -6.09 -56.54
CA THR K 82 -13.96 -6.61 -57.34
C THR K 82 -14.76 -5.49 -57.99
N ASN K 83 -14.52 -4.24 -57.61
CA ASN K 83 -15.11 -3.12 -58.32
C ASN K 83 -14.20 -2.58 -59.41
N ILE K 84 -12.90 -2.79 -59.29
CA ILE K 84 -11.98 -2.33 -60.34
C ILE K 84 -12.15 -3.18 -61.59
N THR K 85 -12.23 -4.50 -61.42
CA THR K 85 -12.33 -5.40 -62.56
C THR K 85 -13.67 -5.32 -63.26
N ASN K 86 -14.72 -4.87 -62.58
CA ASN K 86 -16.03 -4.73 -63.19
C ASN K 86 -16.29 -3.34 -63.71
N GLY K 87 -15.30 -2.45 -63.68
CA GLY K 87 -15.50 -1.11 -64.17
C GLY K 87 -16.34 -0.23 -63.26
N ALA K 88 -16.41 -0.55 -61.98
CA ALA K 88 -17.15 0.28 -61.05
C ALA K 88 -16.30 1.40 -60.46
N GLU K 89 -14.98 1.33 -60.60
CA GLU K 89 -14.13 2.47 -60.27
C GLU K 89 -12.89 2.43 -61.14
N ALA K 90 -12.15 3.53 -61.11
CA ALA K 90 -11.05 3.74 -62.03
C ALA K 90 -9.79 3.04 -61.57
N ASP K 91 -9.00 2.60 -62.53
CA ASP K 91 -7.67 2.06 -62.26
C ASP K 91 -6.69 3.22 -62.24
N GLY K 92 -5.40 2.94 -62.11
CA GLY K 92 -4.44 4.02 -62.22
C GLY K 92 -3.40 3.94 -61.15
N VAL K 93 -2.54 4.94 -61.10
CA VAL K 93 -1.46 5.00 -60.13
C VAL K 93 -1.66 6.20 -59.22
N ILE K 94 -0.77 6.38 -58.26
CA ILE K 94 -0.86 7.44 -57.26
C ILE K 94 0.49 8.13 -57.17
N LEU K 95 0.49 9.44 -57.30
CA LEU K 95 1.72 10.23 -57.27
C LEU K 95 1.90 10.83 -55.89
N ILE K 96 3.11 10.75 -55.35
CA ILE K 96 3.40 11.11 -53.97
C ILE K 96 4.39 12.26 -53.97
N TYR K 97 3.94 13.42 -53.51
CA TYR K 97 4.75 14.64 -53.50
C TYR K 97 5.25 14.96 -52.10
N LYS K 98 6.26 15.81 -52.04
CA LYS K 98 6.82 16.29 -50.78
C LYS K 98 7.18 17.76 -50.98
N ASP K 99 6.79 18.60 -50.02
CA ASP K 99 6.95 20.06 -50.01
C ASP K 99 6.25 20.73 -51.18
N GLY K 100 5.29 20.06 -51.82
CA GLY K 100 4.60 20.59 -52.98
C GLY K 100 5.43 20.72 -54.24
N VAL K 101 6.70 20.37 -54.24
CA VAL K 101 7.57 20.54 -55.39
C VAL K 101 8.06 19.20 -55.92
N LYS K 102 8.74 18.42 -55.07
CA LYS K 102 9.35 17.17 -55.50
C LYS K 102 8.29 16.10 -55.74
N LEU K 103 8.42 15.37 -56.83
CA LEU K 103 7.69 14.12 -57.00
C LEU K 103 8.62 12.98 -56.61
N MET K 104 8.19 12.15 -55.67
CA MET K 104 9.11 11.20 -55.08
C MET K 104 8.83 9.74 -55.43
N LEU K 105 7.58 9.34 -55.61
CA LEU K 105 7.27 7.97 -55.97
C LEU K 105 6.11 7.93 -56.94
N THR K 106 5.83 6.73 -57.43
CA THR K 106 4.61 6.43 -58.16
C THR K 106 4.22 5.01 -57.80
N THR K 107 3.07 4.86 -57.15
CA THR K 107 2.69 3.54 -56.63
C THR K 107 2.27 2.64 -57.79
N PRO K 108 2.76 1.41 -57.84
CA PRO K 108 2.62 0.62 -59.07
C PRO K 108 1.24 0.04 -59.30
N LEU K 109 0.35 0.82 -59.94
CA LEU K 109 -0.92 0.33 -60.47
C LEU K 109 -1.83 -0.25 -59.40
N ILE K 110 -2.53 0.62 -58.65
CA ILE K 110 -3.31 0.29 -57.46
C ILE K 110 -4.28 -0.89 -57.58
N SER K 111 -4.61 -1.32 -58.80
CA SER K 111 -5.30 -2.60 -58.95
C SER K 111 -4.41 -3.78 -58.63
N SER K 112 -3.09 -3.64 -58.76
CA SER K 112 -2.16 -4.74 -58.54
C SER K 112 -1.65 -4.79 -57.10
N MET K 113 -1.93 -3.77 -56.30
CA MET K 113 -1.63 -3.81 -54.88
C MET K 113 -2.80 -4.31 -54.06
N SER K 114 -3.74 -5.01 -54.70
CA SER K 114 -4.88 -5.55 -53.98
C SER K 114 -4.42 -6.66 -53.05
N ILE K 115 -5.27 -6.95 -52.06
CA ILE K 115 -4.88 -7.89 -51.00
C ILE K 115 -5.14 -9.32 -51.42
N SER K 116 -5.85 -9.54 -52.52
CA SER K 116 -6.12 -10.87 -53.03
C SER K 116 -5.26 -11.25 -54.24
N ASN K 117 -4.22 -10.48 -54.52
CA ASN K 117 -3.24 -10.89 -55.53
C ASN K 117 -2.18 -11.78 -54.88
N PRO K 118 -1.93 -12.98 -55.40
CA PRO K 118 -0.80 -13.77 -54.88
C PRO K 118 0.55 -13.14 -55.15
N ALA K 119 0.68 -12.35 -56.21
CA ALA K 119 1.84 -11.48 -56.38
C ALA K 119 1.41 -10.05 -56.05
N ARG K 120 1.28 -9.77 -54.76
CA ARG K 120 0.96 -8.43 -54.32
C ARG K 120 2.22 -7.58 -54.38
N THR K 121 2.18 -6.53 -55.20
CA THR K 121 3.32 -5.64 -55.33
C THR K 121 3.38 -4.68 -54.16
N HIS K 122 4.57 -4.51 -53.61
CA HIS K 122 4.82 -3.60 -52.50
C HIS K 122 5.54 -2.37 -53.03
N LEU K 123 5.76 -1.41 -52.16
CA LEU K 123 6.45 -0.20 -52.57
C LEU K 123 7.96 -0.44 -52.60
N ALA K 124 8.67 0.41 -53.33
CA ALA K 124 10.09 0.21 -53.55
C ALA K 124 10.91 0.53 -52.31
N GLN K 125 10.87 1.78 -51.87
CA GLN K 125 11.56 2.21 -50.66
C GLN K 125 10.67 3.21 -49.94
N ALA K 126 10.80 3.27 -48.62
CA ALA K 126 9.98 4.18 -47.82
C ALA K 126 10.47 5.61 -47.98
N VAL K 127 9.54 6.53 -48.18
CA VAL K 127 9.86 7.94 -48.37
C VAL K 127 9.86 8.63 -47.01
N LYS K 128 10.98 9.27 -46.69
CA LYS K 128 11.12 9.93 -45.41
C LYS K 128 10.47 11.30 -45.46
N TYR K 129 9.79 11.66 -44.38
CA TYR K 129 9.20 12.99 -44.24
C TYR K 129 9.73 13.62 -42.97
N SER K 130 10.32 14.79 -43.10
CA SER K 130 10.91 15.53 -41.99
C SER K 130 9.79 16.32 -41.30
N PRO K 131 10.08 16.96 -40.16
CA PRO K 131 9.19 18.00 -39.64
C PRO K 131 8.97 19.14 -40.62
N GLN K 132 8.06 20.02 -40.24
CA GLN K 132 6.90 20.43 -41.02
C GLN K 132 7.17 20.44 -42.53
N SER K 133 6.43 19.61 -43.25
CA SER K 133 6.61 19.39 -44.67
C SER K 133 5.28 18.88 -45.21
N ILE K 134 4.86 19.37 -46.35
CA ILE K 134 3.56 19.03 -46.89
C ILE K 134 3.63 17.66 -47.58
N LEU K 135 2.80 16.74 -47.14
CA LEU K 135 2.59 15.46 -47.81
C LEU K 135 1.29 15.58 -48.59
N THR K 136 1.38 15.61 -49.91
CA THR K 136 0.18 15.61 -50.73
C THR K 136 0.28 14.52 -51.77
N MET K 137 -0.89 14.02 -52.17
CA MET K 137 -0.97 12.92 -53.11
C MET K 137 -1.89 13.30 -54.25
N TYR K 138 -1.78 12.53 -55.34
CA TYR K 138 -2.54 12.78 -56.54
C TYR K 138 -2.86 11.45 -57.19
N PHE K 139 -3.99 11.39 -57.89
CA PHE K 139 -4.45 10.17 -58.53
C PHE K 139 -4.57 10.39 -60.03
N ASN K 140 -3.76 9.69 -60.80
CA ASN K 140 -3.72 9.82 -62.25
C ASN K 140 -4.38 8.61 -62.88
N PRO K 141 -5.66 8.68 -63.27
CA PRO K 141 -6.36 7.46 -63.66
C PRO K 141 -6.06 7.06 -65.11
N THR K 142 -5.70 5.80 -65.28
CA THR K 142 -5.70 5.14 -66.58
C THR K 142 -6.78 4.08 -66.54
N LYS K 143 -7.47 3.87 -67.68
CA LYS K 143 -8.68 3.07 -67.80
C LYS K 143 -9.71 3.50 -66.78
N PRO K 144 -10.38 4.63 -66.97
CA PRO K 144 -11.28 5.16 -65.94
C PRO K 144 -12.57 4.34 -65.81
N ALA K 145 -13.41 4.79 -64.89
CA ALA K 145 -14.64 4.09 -64.59
C ALA K 145 -15.64 4.22 -65.73
N THR K 146 -16.24 3.10 -66.12
CA THR K 146 -17.15 3.08 -67.26
C THR K 146 -18.56 2.64 -66.94
N ALA K 147 -18.76 1.80 -65.94
CA ALA K 147 -20.08 1.28 -65.64
C ALA K 147 -20.92 2.33 -64.92
N SER K 148 -22.24 2.16 -65.00
CA SER K 148 -23.13 2.99 -64.22
C SER K 148 -23.02 2.62 -62.74
N THR K 149 -23.44 3.56 -61.88
CA THR K 149 -23.34 3.50 -60.42
C THR K 149 -21.90 3.20 -59.97
N SER K 150 -21.02 4.15 -60.25
CA SER K 150 -19.62 4.00 -59.89
C SER K 150 -19.42 4.24 -58.39
N TYR K 151 -18.17 4.08 -57.95
CA TYR K 151 -17.81 4.20 -56.55
C TYR K 151 -16.47 4.92 -56.44
N PRO K 152 -16.24 5.64 -55.34
CA PRO K 152 -14.95 6.33 -55.18
C PRO K 152 -13.83 5.35 -54.87
N ASN K 153 -12.60 5.82 -55.04
CA ASN K 153 -11.44 5.00 -54.77
C ASN K 153 -11.05 5.09 -53.30
N THR K 154 -10.35 4.07 -52.82
CA THR K 154 -9.82 4.05 -51.47
C THR K 154 -8.54 3.22 -51.46
N VAL K 155 -7.43 3.83 -51.09
CA VAL K 155 -6.15 3.15 -50.99
C VAL K 155 -5.56 3.43 -49.62
N TYR K 156 -5.42 2.40 -48.81
CA TYR K 156 -4.89 2.55 -47.47
C TYR K 156 -3.37 2.50 -47.49
N PHE K 157 -2.74 3.18 -46.53
CA PHE K 157 -1.29 3.24 -46.43
C PHE K 157 -0.87 2.78 -45.04
N THR K 158 0.42 2.91 -44.74
CA THR K 158 0.93 2.53 -43.43
C THR K 158 2.12 3.41 -43.10
N VAL K 159 2.01 4.19 -42.04
CA VAL K 159 2.97 5.24 -41.73
C VAL K 159 3.73 4.86 -40.46
N VAL K 160 5.04 4.98 -40.50
CA VAL K 160 5.88 4.83 -39.32
C VAL K 160 6.11 6.22 -38.74
N VAL K 161 5.73 6.42 -37.48
CA VAL K 161 5.79 7.72 -36.84
C VAL K 161 6.82 7.66 -35.72
N VAL K 162 7.82 8.54 -35.78
CA VAL K 162 8.87 8.60 -34.77
C VAL K 162 8.64 9.85 -33.95
N ASP K 163 7.98 9.71 -32.81
CA ASP K 163 7.69 10.85 -31.95
C ASP K 163 8.85 11.15 -31.02
N PHE K 164 8.93 12.40 -30.59
CA PHE K 164 10.05 12.90 -29.78
C PHE K 164 9.56 13.69 -28.58
N SER K 165 8.34 13.44 -28.12
CA SER K 165 7.74 14.29 -27.10
C SER K 165 8.33 14.06 -25.71
N TYR K 166 9.06 12.97 -25.51
CA TYR K 166 9.47 12.58 -24.16
C TYR K 166 10.95 12.79 -23.90
N ALA K 167 11.67 13.45 -24.81
CA ALA K 167 13.09 13.68 -24.58
C ALA K 167 13.29 14.77 -23.54
N GLN K 168 14.56 14.96 -23.14
CA GLN K 168 14.87 16.03 -22.21
C GLN K 168 14.70 17.40 -22.85
N ASN K 169 14.89 17.49 -24.16
CA ASN K 169 14.73 18.75 -24.89
C ASN K 169 14.09 18.40 -26.22
N PRO K 170 12.78 18.55 -26.35
CA PRO K 170 12.07 18.04 -27.55
C PRO K 170 12.37 18.81 -28.83
N ALA K 171 13.05 19.94 -28.77
CA ALA K 171 13.32 20.70 -29.98
C ALA K 171 14.71 20.48 -30.55
N ARG K 172 15.73 20.44 -29.69
CA ARG K 172 17.07 20.18 -30.18
C ARG K 172 17.32 18.70 -30.41
N ALA K 173 16.44 17.83 -29.93
CA ALA K 173 16.55 16.42 -30.24
C ALA K 173 16.06 16.11 -31.65
N VAL K 174 15.00 16.79 -32.10
CA VAL K 174 14.45 16.53 -33.42
C VAL K 174 15.41 17.00 -34.51
N VAL K 175 15.88 18.25 -34.41
CA VAL K 175 16.74 18.82 -35.43
C VAL K 175 18.15 18.24 -35.40
N SER K 176 18.48 17.42 -34.39
CA SER K 176 19.71 16.65 -34.42
C SER K 176 19.49 15.20 -34.85
N ALA K 177 18.28 14.68 -34.73
CA ALA K 177 17.99 13.33 -35.20
C ALA K 177 17.51 13.31 -36.64
N ASN K 178 17.02 14.43 -37.15
CA ASN K 178 16.68 14.52 -38.55
C ASN K 178 17.93 14.51 -39.43
N ALA K 179 19.06 14.95 -38.87
CA ALA K 179 20.29 14.99 -39.64
C ALA K 179 20.86 13.59 -39.88
N VAL K 180 20.69 12.69 -38.93
CA VAL K 180 21.29 11.36 -39.04
C VAL K 180 20.29 10.33 -39.60
N MET K 181 19.00 10.59 -39.49
CA MET K 181 18.00 9.66 -40.01
C MET K 181 17.53 10.12 -41.38
N SER L 4 13.57 -8.53 -59.04
CA SER L 4 14.20 -7.32 -58.53
C SER L 4 15.23 -6.80 -59.51
N VAL L 5 14.78 -6.42 -60.71
CA VAL L 5 15.68 -5.77 -61.65
C VAL L 5 15.51 -4.25 -61.61
N THR L 6 14.36 -3.76 -61.13
CA THR L 6 14.19 -2.33 -60.96
C THR L 6 14.99 -1.82 -59.76
N GLN L 7 15.13 -2.65 -58.73
CA GLN L 7 15.86 -2.23 -57.54
C GLN L 7 17.36 -2.27 -57.74
N GLN L 8 17.86 -2.97 -58.75
CA GLN L 8 19.29 -2.95 -59.00
C GLN L 8 19.69 -1.73 -59.82
N VAL L 9 18.81 -1.26 -60.69
CA VAL L 9 19.09 -0.05 -61.45
C VAL L 9 18.91 1.18 -60.58
N PHE L 10 17.95 1.13 -59.65
CA PHE L 10 17.67 2.29 -58.81
C PHE L 10 18.80 2.56 -57.83
N ASN L 11 19.33 1.51 -57.21
CA ASN L 11 20.48 1.69 -56.33
C ASN L 11 21.75 1.99 -57.11
N PHE L 12 21.77 1.70 -58.41
CA PHE L 12 22.91 2.08 -59.23
C PHE L 12 22.84 3.53 -59.63
N ALA L 13 21.63 4.07 -59.82
CA ALA L 13 21.50 5.47 -60.20
C ALA L 13 21.77 6.39 -59.03
N VAL L 14 21.30 6.03 -57.82
CA VAL L 14 21.44 6.93 -56.68
C VAL L 14 22.85 6.95 -56.09
N THR L 15 23.73 6.05 -56.52
CA THR L 15 25.11 6.14 -56.03
C THR L 15 26.01 6.85 -57.02
N LYS L 16 25.68 6.83 -58.31
CA LYS L 16 26.50 7.47 -59.33
C LYS L 16 26.10 8.91 -59.58
N SER L 17 24.81 9.22 -59.49
CA SER L 17 24.32 10.57 -59.69
C SER L 17 24.31 11.38 -58.42
N GLN L 18 24.83 10.84 -57.33
CA GLN L 18 24.90 11.55 -56.06
C GLN L 18 26.08 12.53 -55.95
N PRO L 19 27.32 12.21 -56.38
CA PRO L 19 28.35 13.27 -56.30
C PRO L 19 28.18 14.38 -57.30
N PHE L 20 27.56 14.11 -58.45
CA PHE L 20 27.28 15.18 -59.40
C PHE L 20 25.99 15.92 -59.09
N GLY L 21 25.18 15.39 -58.19
CA GLY L 21 23.91 16.02 -57.87
C GLY L 21 22.89 15.55 -58.87
N GLY L 22 21.85 14.87 -58.42
CA GLY L 22 20.92 14.29 -59.35
C GLY L 22 19.72 13.67 -58.69
N TYR L 23 18.55 13.94 -59.26
CA TYR L 23 17.30 13.45 -58.70
C TYR L 23 16.89 12.17 -59.41
N VAL L 24 16.77 11.08 -58.64
CA VAL L 24 16.40 9.79 -59.18
C VAL L 24 15.01 9.43 -58.65
N TYR L 25 14.09 9.15 -59.57
CA TYR L 25 12.75 8.74 -59.16
C TYR L 25 12.15 7.84 -60.24
N SER L 26 11.10 7.13 -59.86
CA SER L 26 10.48 6.14 -60.72
C SER L 26 9.11 6.62 -61.14
N THR L 27 8.73 6.35 -62.39
CA THR L 27 7.44 6.77 -62.94
C THR L 27 6.77 5.57 -63.59
N ASN L 28 5.69 5.86 -64.30
CA ASN L 28 4.90 4.89 -65.05
C ASN L 28 4.77 5.38 -66.47
N LEU L 29 5.24 4.58 -67.42
CA LEU L 29 5.03 4.84 -68.83
C LEU L 29 3.95 3.88 -69.34
N THR L 30 3.03 4.42 -70.14
CA THR L 30 1.87 3.67 -70.61
C THR L 30 1.80 3.75 -72.13
N ALA L 31 1.82 2.61 -72.79
CA ALA L 31 1.74 2.53 -74.24
C ALA L 31 0.38 1.96 -74.61
N SER L 32 -0.38 2.72 -75.39
CA SER L 32 -1.75 2.35 -75.73
C SER L 32 -1.94 2.33 -77.24
N THR L 33 -2.04 1.14 -77.81
CA THR L 33 -2.51 0.99 -79.18
C THR L 33 -3.99 1.30 -79.24
N SER L 34 -4.37 2.29 -80.05
CA SER L 34 -5.73 2.80 -80.02
C SER L 34 -6.66 2.00 -80.90
N SER L 35 -7.87 1.77 -80.37
CA SER L 35 -9.06 1.36 -81.14
C SER L 35 -8.93 -0.03 -81.78
N ALA L 36 -8.69 -1.04 -80.94
CA ALA L 36 -9.05 -2.44 -81.19
C ALA L 36 -8.38 -3.01 -82.44
N VAL L 37 -7.05 -3.18 -82.34
CA VAL L 37 -6.25 -3.70 -83.44
C VAL L 37 -6.70 -5.12 -83.81
N THR L 38 -6.98 -5.32 -85.10
CA THR L 38 -7.48 -6.61 -85.59
C THR L 38 -6.71 -7.19 -86.77
N SER L 39 -5.84 -6.44 -87.44
CA SER L 39 -5.19 -6.98 -88.63
C SER L 39 -3.67 -7.02 -88.57
N THR L 40 -3.01 -5.88 -88.35
CA THR L 40 -1.60 -5.77 -88.73
C THR L 40 -0.88 -4.84 -87.74
N GLN L 41 0.34 -4.44 -88.11
CA GLN L 41 1.22 -3.71 -87.22
C GLN L 41 0.73 -2.28 -87.02
N LEU L 42 0.56 -1.87 -85.77
CA LEU L 42 0.11 -0.53 -85.42
C LEU L 42 1.17 0.18 -84.59
N THR L 43 0.79 1.32 -84.04
CA THR L 43 1.75 2.14 -83.29
C THR L 43 1.10 2.69 -82.03
N PRO L 44 1.54 2.26 -80.84
CA PRO L 44 0.91 2.74 -79.61
C PRO L 44 1.43 4.10 -79.17
N LEU L 45 0.55 4.79 -78.44
CA LEU L 45 0.82 6.14 -77.94
C LEU L 45 1.57 6.06 -76.63
N ASN L 46 2.87 6.37 -76.64
CA ASN L 46 3.63 6.45 -75.40
C ASN L 46 3.18 7.68 -74.62
N LEU L 47 3.15 7.55 -73.29
CA LEU L 47 2.63 8.62 -72.44
C LEU L 47 3.27 8.49 -71.06
N SER L 48 4.30 9.28 -70.82
CA SER L 48 5.00 9.28 -69.54
C SER L 48 4.50 10.42 -68.65
N ILE L 49 4.56 10.21 -67.34
CA ILE L 49 4.15 11.20 -66.36
C ILE L 49 5.38 11.56 -65.54
N THR L 50 6.04 12.64 -65.93
CA THR L 50 7.24 13.12 -65.25
C THR L 50 6.86 13.94 -64.01
N LEU L 51 7.83 14.71 -63.51
CA LEU L 51 7.76 15.29 -62.18
C LEU L 51 6.66 16.34 -62.06
N GLY L 52 6.71 17.39 -62.87
CA GLY L 52 5.80 18.50 -62.67
C GLY L 52 4.40 18.32 -63.20
N GLN L 53 3.87 17.09 -63.10
CA GLN L 53 2.52 16.68 -63.46
C GLN L 53 2.21 16.94 -64.94
N ILE L 54 3.21 17.09 -65.78
CA ILE L 54 2.95 17.29 -67.20
C ILE L 54 2.89 15.91 -67.84
N THR L 55 2.26 15.84 -69.01
CA THR L 55 1.98 14.58 -69.70
C THR L 55 2.69 14.60 -71.04
N LEU L 56 3.83 13.89 -71.12
CA LEU L 56 4.54 13.74 -72.38
C LEU L 56 3.86 12.64 -73.20
N SER L 57 2.88 13.01 -74.00
CA SER L 57 2.05 12.05 -74.71
C SER L 57 2.54 11.89 -76.14
N GLY L 58 1.76 11.18 -76.94
CA GLY L 58 2.03 11.04 -78.36
C GLY L 58 3.15 10.05 -78.65
N ASN L 59 3.24 9.68 -79.93
CA ASN L 59 4.27 8.79 -80.40
C ASN L 59 5.63 9.45 -80.32
N SER L 60 6.67 8.62 -80.28
CA SER L 60 8.08 9.00 -80.45
C SER L 60 8.51 10.07 -79.43
N LEU L 61 8.52 9.67 -78.16
CA LEU L 61 8.94 10.56 -77.09
C LEU L 61 10.42 10.91 -77.22
N VAL L 62 10.73 12.17 -77.00
CA VAL L 62 12.12 12.64 -77.03
C VAL L 62 12.58 12.87 -75.60
N ILE L 63 13.77 12.38 -75.29
CA ILE L 63 14.35 12.57 -73.95
C ILE L 63 14.99 13.95 -73.91
N PRO L 64 14.72 14.76 -72.89
CA PRO L 64 15.34 16.08 -72.81
C PRO L 64 16.83 15.98 -72.50
N ALA L 65 17.52 17.10 -72.66
CA ALA L 65 18.97 17.11 -72.61
C ALA L 65 19.54 17.07 -71.20
N THR L 66 18.71 16.90 -70.18
CA THR L 66 19.20 16.84 -68.80
C THR L 66 18.78 15.56 -68.08
N GLN L 67 18.16 14.61 -68.78
CA GLN L 67 17.64 13.43 -68.14
C GLN L 67 18.20 12.16 -68.78
N ILE L 68 18.32 11.12 -67.95
CA ILE L 68 18.66 9.78 -68.39
C ILE L 68 17.54 8.86 -67.94
N TRP L 69 16.90 8.18 -68.88
CA TRP L 69 15.80 7.29 -68.57
C TRP L 69 16.27 5.85 -68.62
N TYR L 70 15.59 5.00 -67.85
CA TYR L 70 15.90 3.58 -67.79
C TYR L 70 14.61 2.81 -67.89
N LEU L 71 14.35 2.20 -69.04
CA LEU L 71 13.18 1.37 -69.21
C LEU L 71 13.46 0.03 -68.55
N THR L 72 12.76 -0.27 -67.45
CA THR L 72 13.13 -1.39 -66.60
C THR L 72 12.16 -2.56 -66.65
N ASP L 73 10.86 -2.34 -66.75
CA ASP L 73 9.92 -3.45 -66.64
C ASP L 73 8.73 -3.24 -67.55
N ALA L 74 7.86 -4.25 -67.60
CA ALA L 74 6.60 -4.18 -68.31
C ALA L 74 5.65 -5.21 -67.73
N TYR L 75 4.36 -4.87 -67.67
CA TYR L 75 3.34 -5.82 -67.25
C TYR L 75 2.02 -5.43 -67.90
N VAL L 76 0.96 -6.11 -67.49
CA VAL L 76 -0.39 -5.93 -68.02
C VAL L 76 -1.35 -6.04 -66.86
N SER L 77 -2.32 -5.14 -66.78
CA SER L 77 -3.29 -5.18 -65.70
C SER L 77 -4.23 -6.37 -65.83
N VAL L 78 -4.76 -6.81 -64.70
CA VAL L 78 -5.66 -7.96 -64.59
C VAL L 78 -6.99 -7.76 -65.33
N PRO L 79 -7.60 -6.56 -65.40
CA PRO L 79 -8.74 -6.42 -66.34
C PRO L 79 -8.36 -6.54 -67.80
N ASP L 80 -7.11 -6.32 -68.17
CA ASP L 80 -6.71 -6.50 -69.56
C ASP L 80 -6.37 -7.96 -69.86
N TYR L 81 -5.80 -8.67 -68.88
CA TYR L 81 -5.53 -10.10 -69.05
C TYR L 81 -6.81 -10.91 -69.10
N THR L 82 -7.89 -10.41 -68.49
CA THR L 82 -9.19 -11.04 -68.69
C THR L 82 -9.68 -10.85 -70.12
N ASN L 83 -9.47 -9.66 -70.68
CA ASN L 83 -10.03 -9.35 -71.98
C ASN L 83 -9.21 -9.93 -73.13
N ILE L 84 -7.93 -10.22 -72.91
CA ILE L 84 -7.12 -10.82 -73.96
C ILE L 84 -7.58 -12.25 -74.22
N THR L 85 -7.70 -13.05 -73.16
CA THR L 85 -7.99 -14.46 -73.29
C THR L 85 -9.41 -14.75 -73.75
N ASN L 86 -10.33 -13.81 -73.54
CA ASN L 86 -11.67 -13.96 -74.07
C ASN L 86 -11.80 -13.44 -75.50
N GLY L 87 -10.73 -12.93 -76.08
CA GLY L 87 -10.78 -12.41 -77.42
C GLY L 87 -11.35 -11.02 -77.54
N ALA L 88 -11.43 -10.28 -76.44
CA ALA L 88 -11.96 -8.93 -76.49
C ALA L 88 -10.92 -7.90 -76.91
N GLU L 89 -9.65 -8.27 -76.93
CA GLU L 89 -8.61 -7.43 -77.49
C GLU L 89 -7.47 -8.33 -77.97
N ALA L 90 -6.59 -7.76 -78.76
CA ALA L 90 -5.60 -8.54 -79.49
C ALA L 90 -4.41 -8.89 -78.62
N ASP L 91 -3.78 -10.02 -78.94
CA ASP L 91 -2.51 -10.43 -78.37
C ASP L 91 -1.40 -10.08 -79.35
N GLY L 92 -0.17 -10.18 -78.90
CA GLY L 92 0.97 -9.93 -79.76
C GLY L 92 2.18 -9.53 -78.94
N VAL L 93 3.25 -9.19 -79.65
CA VAL L 93 4.48 -8.76 -79.03
C VAL L 93 4.64 -7.26 -79.27
N ILE L 94 5.67 -6.68 -78.63
CA ILE L 94 5.91 -5.25 -78.69
C ILE L 94 7.37 -5.02 -79.05
N LEU L 95 7.60 -4.22 -80.08
CA LEU L 95 8.94 -3.90 -80.55
C LEU L 95 9.39 -2.60 -79.91
N ILE L 96 10.66 -2.54 -79.52
CA ILE L 96 11.20 -1.41 -78.76
C ILE L 96 12.40 -0.88 -79.53
N TYR L 97 12.28 0.35 -80.04
CA TYR L 97 13.33 0.95 -80.84
C TYR L 97 14.04 2.06 -80.08
N LYS L 98 15.22 2.44 -80.59
CA LYS L 98 15.99 3.55 -80.07
C LYS L 98 16.48 4.37 -81.26
N ASP L 99 16.20 5.68 -81.24
CA ASP L 99 16.47 6.63 -82.33
C ASP L 99 15.74 6.26 -83.62
N GLY L 100 14.69 5.45 -83.55
CA GLY L 100 13.98 5.00 -84.72
C GLY L 100 14.72 4.03 -85.61
N VAL L 101 15.90 3.55 -85.21
CA VAL L 101 16.66 2.65 -86.06
C VAL L 101 16.96 1.32 -85.36
N LYS L 102 17.64 1.36 -84.23
CA LYS L 102 18.05 0.13 -83.53
C LYS L 102 16.86 -0.54 -82.88
N LEU L 103 16.51 -1.73 -83.32
CA LEU L 103 15.61 -2.56 -82.55
C LEU L 103 16.38 -3.15 -81.38
N MET L 104 15.84 -3.03 -80.17
CA MET L 104 16.58 -3.49 -79.01
C MET L 104 15.99 -4.68 -78.29
N LEU L 105 14.66 -4.77 -78.17
CA LEU L 105 14.06 -5.89 -77.48
C LEU L 105 12.77 -6.29 -78.20
N THR L 106 12.19 -7.39 -77.73
CA THR L 106 10.89 -7.85 -78.18
C THR L 106 10.21 -8.46 -76.97
N THR L 107 9.13 -7.85 -76.52
CA THR L 107 8.49 -8.30 -75.30
C THR L 107 7.74 -9.60 -75.56
N PRO L 108 7.96 -10.63 -74.75
CA PRO L 108 7.40 -11.95 -75.07
C PRO L 108 5.90 -12.08 -74.82
N LEU L 109 5.09 -11.72 -75.82
CA LEU L 109 3.68 -12.10 -75.91
C LEU L 109 2.84 -11.61 -74.74
N ILE L 110 2.50 -10.32 -74.73
CA ILE L 110 1.97 -9.55 -73.61
C ILE L 110 0.81 -10.18 -72.82
N SER L 111 0.14 -11.19 -73.38
CA SER L 111 -0.81 -11.98 -72.61
C SER L 111 -0.12 -12.77 -71.50
N SER L 112 1.16 -13.06 -71.66
CA SER L 112 1.87 -13.86 -70.68
C SER L 112 2.28 -13.07 -69.44
N MET L 113 2.57 -11.79 -69.60
CA MET L 113 3.09 -10.98 -68.49
C MET L 113 1.97 -10.23 -67.77
N SER L 114 1.01 -10.99 -67.27
CA SER L 114 -0.01 -10.45 -66.38
C SER L 114 0.60 -10.29 -64.99
N ILE L 115 0.13 -9.27 -64.27
CA ILE L 115 0.73 -8.98 -62.97
C ILE L 115 0.24 -9.95 -61.90
N SER L 116 -0.88 -10.65 -62.13
CA SER L 116 -1.42 -11.53 -61.11
C SER L 116 -0.63 -12.83 -60.98
N ASN L 117 0.05 -13.26 -62.03
CA ASN L 117 0.80 -14.51 -61.96
C ASN L 117 2.17 -14.25 -61.36
N PRO L 118 2.56 -14.97 -60.30
CA PRO L 118 3.92 -14.78 -59.77
C PRO L 118 5.00 -15.36 -60.66
N ALA L 119 4.68 -16.36 -61.48
CA ALA L 119 5.62 -16.89 -62.46
C ALA L 119 5.37 -16.28 -63.84
N ARG L 120 5.45 -14.96 -63.90
CA ARG L 120 5.33 -14.21 -65.16
C ARG L 120 6.72 -13.96 -65.70
N THR L 121 6.81 -13.77 -67.01
CA THR L 121 8.07 -13.39 -67.62
C THR L 121 8.20 -11.87 -67.65
N HIS L 122 9.35 -11.37 -67.26
CA HIS L 122 9.58 -9.94 -67.22
C HIS L 122 10.28 -9.51 -68.50
N LEU L 123 10.72 -8.26 -68.54
CA LEU L 123 11.53 -7.77 -69.65
C LEU L 123 12.90 -8.43 -69.60
N ALA L 124 13.58 -8.42 -70.75
CA ALA L 124 14.86 -9.11 -70.84
C ALA L 124 15.98 -8.34 -70.16
N GLN L 125 15.97 -7.02 -70.24
CA GLN L 125 17.07 -6.24 -69.70
C GLN L 125 16.59 -4.81 -69.51
N ALA L 126 17.18 -4.13 -68.52
CA ALA L 126 16.91 -2.73 -68.30
C ALA L 126 17.62 -1.90 -69.37
N VAL L 127 16.84 -1.21 -70.19
CA VAL L 127 17.38 -0.49 -71.34
C VAL L 127 17.70 0.93 -70.93
N LYS L 128 18.97 1.30 -71.01
CA LYS L 128 19.39 2.67 -70.74
C LYS L 128 19.06 3.54 -71.94
N TYR L 129 18.36 4.64 -71.69
CA TYR L 129 18.02 5.60 -72.72
C TYR L 129 18.75 6.91 -72.45
N SER L 130 19.60 7.29 -73.38
CA SER L 130 20.59 8.35 -73.25
C SER L 130 19.90 9.71 -73.32
N PRO L 131 20.59 10.81 -73.01
CA PRO L 131 20.11 12.12 -73.47
C PRO L 131 20.03 12.18 -74.99
N GLN L 132 19.41 13.24 -75.48
CA GLN L 132 18.35 13.19 -76.49
C GLN L 132 18.43 12.05 -77.51
N SER L 133 17.36 11.24 -77.52
CA SER L 133 17.30 9.99 -78.26
C SER L 133 15.86 9.51 -78.28
N ILE L 134 15.35 9.19 -79.45
CA ILE L 134 13.93 8.95 -79.63
C ILE L 134 13.57 7.57 -79.09
N LEU L 135 12.48 7.50 -78.33
CA LEU L 135 11.91 6.24 -77.87
C LEU L 135 10.59 6.03 -78.61
N THR L 136 10.46 4.90 -79.31
CA THR L 136 9.21 4.56 -79.95
C THR L 136 8.95 3.07 -79.81
N MET L 137 7.68 2.70 -79.92
CA MET L 137 7.25 1.32 -79.77
C MET L 137 6.23 0.98 -80.85
N TYR L 138 6.15 -0.31 -81.17
CA TYR L 138 5.19 -0.81 -82.15
C TYR L 138 4.58 -2.10 -81.61
N PHE L 139 3.42 -2.44 -82.15
CA PHE L 139 2.66 -3.61 -81.69
C PHE L 139 2.49 -4.55 -82.87
N ASN L 140 3.11 -5.72 -82.80
CA ASN L 140 3.05 -6.72 -83.85
C ASN L 140 2.06 -7.80 -83.43
N PRO L 141 0.80 -7.73 -83.85
CA PRO L 141 -0.21 -8.59 -83.24
C PRO L 141 -0.20 -9.99 -83.80
N THR L 142 -0.45 -10.95 -82.91
CA THR L 142 -0.73 -12.32 -83.30
C THR L 142 -1.95 -12.79 -82.52
N LYS L 143 -2.81 -13.57 -83.19
CA LYS L 143 -4.16 -13.91 -82.75
C LYS L 143 -4.93 -12.65 -82.40
N PRO L 144 -5.36 -11.86 -83.38
CA PRO L 144 -5.94 -10.55 -83.10
C PRO L 144 -7.37 -10.66 -82.57
N ALA L 145 -7.97 -9.50 -82.32
CA ALA L 145 -9.25 -9.44 -81.60
C ALA L 145 -10.39 -9.93 -82.47
N THR L 146 -11.23 -10.78 -81.88
CA THR L 146 -12.34 -11.41 -82.59
C THR L 146 -13.70 -11.04 -82.05
N ALA L 147 -13.82 -10.84 -80.73
CA ALA L 147 -15.12 -10.64 -80.12
C ALA L 147 -15.66 -9.25 -80.42
N SER L 148 -16.98 -9.13 -80.39
CA SER L 148 -17.64 -7.84 -80.52
C SER L 148 -17.41 -7.01 -79.27
N THR L 149 -17.74 -5.72 -79.39
CA THR L 149 -17.37 -4.61 -78.48
C THR L 149 -15.93 -4.74 -77.96
N SER L 150 -15.01 -4.74 -78.92
CA SER L 150 -13.60 -4.95 -78.65
C SER L 150 -12.99 -3.73 -77.98
N TYR L 151 -11.80 -3.92 -77.40
CA TYR L 151 -11.17 -2.91 -76.59
C TYR L 151 -9.75 -2.62 -77.09
N PRO L 152 -9.22 -1.44 -76.81
CA PRO L 152 -7.81 -1.18 -77.15
C PRO L 152 -6.87 -1.85 -76.16
N ASN L 153 -5.60 -1.85 -76.51
CA ASN L 153 -4.56 -2.42 -75.65
C ASN L 153 -3.91 -1.34 -74.80
N THR L 154 -3.45 -1.74 -73.62
CA THR L 154 -2.68 -0.90 -72.71
C THR L 154 -1.62 -1.77 -72.07
N VAL L 155 -0.36 -1.38 -72.21
CA VAL L 155 0.73 -2.11 -71.59
C VAL L 155 1.55 -1.13 -70.76
N TYR L 156 1.62 -1.38 -69.46
CA TYR L 156 2.30 -0.49 -68.54
C TYR L 156 3.79 -0.81 -68.49
N PHE L 157 4.58 0.21 -68.18
CA PHE L 157 6.02 0.07 -68.07
C PHE L 157 6.47 0.72 -66.78
N THR L 158 7.71 0.49 -66.39
CA THR L 158 8.30 1.13 -65.22
C THR L 158 9.62 1.77 -65.62
N VAL L 159 9.70 3.08 -65.43
CA VAL L 159 10.84 3.87 -65.89
C VAL L 159 11.52 4.48 -64.67
N VAL L 160 12.82 4.26 -64.56
CA VAL L 160 13.65 5.00 -63.61
C VAL L 160 14.13 6.26 -64.32
N VAL L 161 13.89 7.42 -63.70
CA VAL L 161 14.20 8.71 -64.30
C VAL L 161 15.31 9.35 -63.48
N VAL L 162 16.45 9.62 -64.11
CA VAL L 162 17.50 10.41 -63.51
C VAL L 162 17.37 11.83 -64.06
N ASP L 163 17.59 12.82 -63.21
CA ASP L 163 17.36 14.21 -63.58
C ASP L 163 18.52 15.08 -63.12
N PHE L 164 18.91 16.02 -63.96
CA PHE L 164 20.01 16.93 -63.65
C PHE L 164 19.65 18.39 -63.89
N SER L 165 18.36 18.73 -63.92
CA SER L 165 17.96 20.08 -64.25
C SER L 165 18.13 21.06 -63.08
N TYR L 166 18.49 20.58 -61.89
CA TYR L 166 18.68 21.46 -60.75
C TYR L 166 20.13 21.49 -60.25
N ALA L 167 21.07 21.04 -61.07
CA ALA L 167 22.48 21.15 -60.71
C ALA L 167 22.93 22.58 -60.97
N GLN L 168 24.20 22.88 -60.67
CA GLN L 168 24.68 24.24 -60.82
C GLN L 168 24.88 24.61 -62.29
N ASN L 169 25.58 23.76 -63.03
CA ASN L 169 25.60 23.86 -64.49
C ASN L 169 25.03 22.57 -65.03
N PRO L 170 23.77 22.55 -65.49
CA PRO L 170 23.16 21.29 -65.94
C PRO L 170 23.73 20.74 -67.23
N ALA L 171 24.49 21.54 -67.98
CA ALA L 171 25.08 21.05 -69.23
C ALA L 171 26.27 20.15 -68.94
N ARG L 172 27.20 20.59 -68.09
CA ARG L 172 28.36 19.78 -67.77
C ARG L 172 28.08 18.78 -66.66
N ALA L 173 26.89 18.79 -66.06
CA ALA L 173 26.57 17.79 -65.06
C ALA L 173 26.15 16.47 -65.69
N VAL L 174 25.43 16.54 -66.81
CA VAL L 174 24.99 15.33 -67.50
C VAL L 174 26.17 14.63 -68.15
N VAL L 175 26.95 15.38 -68.94
CA VAL L 175 28.02 14.78 -69.73
C VAL L 175 29.20 14.32 -68.91
N SER L 176 29.23 14.62 -67.61
CA SER L 176 30.18 13.99 -66.71
C SER L 176 29.57 12.77 -66.03
N ALA L 177 28.25 12.71 -65.91
CA ALA L 177 27.58 11.58 -65.28
C ALA L 177 27.04 10.58 -66.28
N ASN L 178 26.79 11.01 -67.53
CA ASN L 178 26.41 10.06 -68.56
C ASN L 178 27.58 9.17 -68.97
N ALA L 179 28.81 9.63 -68.76
CA ALA L 179 29.97 8.82 -69.11
C ALA L 179 30.20 7.72 -68.09
N VAL L 180 30.11 8.03 -66.81
CA VAL L 180 30.34 7.04 -65.77
C VAL L 180 29.16 6.09 -65.66
N MET L 181 27.97 6.64 -65.48
CA MET L 181 26.77 5.83 -65.32
C MET L 181 26.26 5.36 -66.67
N SER M 4 7.59 -48.03 16.53
CA SER M 4 8.75 -48.25 15.69
C SER M 4 9.53 -49.48 16.13
N VAL M 5 8.85 -50.63 16.14
CA VAL M 5 9.53 -51.89 16.38
C VAL M 5 9.85 -52.62 15.07
N THR M 6 9.16 -52.28 13.97
CA THR M 6 9.54 -52.82 12.68
C THR M 6 10.59 -51.95 12.01
N GLN M 7 10.67 -50.68 12.39
CA GLN M 7 11.51 -49.74 11.66
C GLN M 7 12.98 -49.86 12.05
N GLN M 8 13.27 -50.13 13.33
CA GLN M 8 14.64 -50.41 13.71
C GLN M 8 15.14 -51.71 13.08
N VAL M 9 14.26 -52.71 13.01
CA VAL M 9 14.57 -53.97 12.36
C VAL M 9 14.83 -53.76 10.88
N PHE M 10 14.02 -52.91 10.25
CA PHE M 10 14.15 -52.67 8.81
C PHE M 10 15.42 -51.91 8.49
N ASN M 11 15.74 -50.88 9.28
CA ASN M 11 16.97 -50.13 9.04
C ASN M 11 18.20 -50.96 9.37
N PHE M 12 18.11 -51.83 10.37
CA PHE M 12 19.22 -52.73 10.69
C PHE M 12 19.45 -53.74 9.56
N ALA M 13 18.38 -54.25 8.98
CA ALA M 13 18.51 -55.22 7.88
C ALA M 13 19.01 -54.55 6.61
N VAL M 14 18.61 -53.30 6.35
CA VAL M 14 19.09 -52.61 5.16
C VAL M 14 20.56 -52.21 5.33
N THR M 15 20.94 -51.81 6.54
CA THR M 15 22.33 -51.43 6.80
C THR M 15 23.26 -52.63 6.71
N LYS M 16 22.84 -53.78 7.26
CA LYS M 16 23.76 -54.91 7.31
C LYS M 16 23.83 -55.68 6.00
N SER M 17 22.70 -55.88 5.34
CA SER M 17 22.67 -56.72 4.14
C SER M 17 22.98 -55.96 2.86
N GLN M 18 23.43 -54.71 2.96
CA GLN M 18 23.74 -53.95 1.75
C GLN M 18 25.02 -54.40 1.04
N PRO M 19 26.20 -54.54 1.68
CA PRO M 19 27.41 -54.83 0.88
C PRO M 19 27.46 -56.22 0.29
N PHE M 20 26.69 -57.16 0.81
CA PHE M 20 26.71 -58.52 0.28
C PHE M 20 25.79 -58.70 -0.90
N GLY M 21 24.97 -57.72 -1.20
CA GLY M 21 23.91 -57.86 -2.18
C GLY M 21 22.71 -58.38 -1.43
N GLY M 22 21.68 -57.56 -1.29
CA GLY M 22 20.63 -57.94 -0.36
C GLY M 22 19.37 -57.17 -0.64
N TYR M 23 18.25 -57.85 -0.57
CA TYR M 23 16.97 -57.30 -1.01
C TYR M 23 15.99 -57.39 0.15
N VAL M 24 15.78 -56.27 0.82
CA VAL M 24 15.00 -56.21 2.05
C VAL M 24 13.65 -55.62 1.73
N TYR M 25 12.59 -56.32 2.10
CA TYR M 25 11.25 -55.76 1.93
C TYR M 25 10.37 -56.35 3.01
N SER M 26 9.09 -56.01 2.96
CA SER M 26 8.18 -56.43 4.00
C SER M 26 6.92 -57.03 3.38
N THR M 27 6.34 -58.00 4.08
CA THR M 27 5.13 -58.64 3.62
C THR M 27 4.30 -59.04 4.82
N ASN M 28 3.17 -59.68 4.56
CA ASN M 28 2.16 -59.93 5.57
C ASN M 28 1.89 -61.42 5.67
N LEU M 29 1.82 -61.91 6.91
CA LEU M 29 1.57 -63.32 7.21
C LEU M 29 0.20 -63.43 7.83
N THR M 30 -0.52 -64.49 7.52
CA THR M 30 -1.89 -64.65 8.02
C THR M 30 -1.99 -66.03 8.67
N ALA M 31 -2.31 -66.05 9.96
CA ALA M 31 -2.56 -67.30 10.67
C ALA M 31 -4.07 -67.46 10.82
N SER M 32 -4.61 -68.53 10.26
CA SER M 32 -6.05 -68.72 10.22
C SER M 32 -6.42 -70.03 10.90
N THR M 33 -7.01 -69.94 12.08
CA THR M 33 -7.55 -71.11 12.75
C THR M 33 -8.96 -71.35 12.21
N SER M 34 -9.10 -72.37 11.36
CA SER M 34 -10.33 -72.53 10.60
C SER M 34 -11.42 -73.22 11.43
N SER M 35 -12.67 -72.97 11.00
CA SER M 35 -13.87 -73.73 11.38
C SER M 35 -14.19 -73.65 12.88
N ALA M 36 -14.26 -72.42 13.42
CA ALA M 36 -15.00 -72.09 14.64
C ALA M 36 -14.49 -72.86 15.86
N VAL M 37 -13.27 -72.51 16.28
CA VAL M 37 -12.62 -73.15 17.42
C VAL M 37 -13.45 -72.98 18.69
N THR M 38 -13.79 -74.10 19.32
CA THR M 38 -14.71 -74.11 20.45
C THR M 38 -14.28 -74.99 21.62
N SER M 39 -13.30 -75.88 21.46
CA SER M 39 -13.00 -76.82 22.54
C SER M 39 -11.57 -76.71 23.06
N THR M 40 -10.56 -76.90 22.22
CA THR M 40 -9.21 -77.16 22.71
C THR M 40 -8.19 -76.57 21.74
N GLN M 41 -6.92 -76.98 21.88
CA GLN M 41 -5.84 -76.40 21.11
C GLN M 41 -5.88 -76.88 19.67
N LEU M 42 -5.87 -75.92 18.73
CA LEU M 42 -5.81 -76.20 17.30
C LEU M 42 -4.49 -75.72 16.72
N THR M 43 -4.32 -75.95 15.42
CA THR M 43 -3.12 -75.56 14.69
C THR M 43 -3.56 -74.61 13.57
N PRO M 44 -3.14 -73.35 13.58
CA PRO M 44 -3.60 -72.42 12.56
C PRO M 44 -2.86 -72.58 11.24
N LEU M 45 -3.61 -72.49 10.15
CA LEU M 45 -3.05 -72.53 8.81
C LEU M 45 -2.27 -71.25 8.58
N ASN M 46 -0.96 -71.38 8.45
CA ASN M 46 -0.16 -70.24 8.04
C ASN M 46 -0.36 -69.96 6.56
N LEU M 47 -0.20 -68.69 6.18
CA LEU M 47 -0.31 -68.28 4.79
C LEU M 47 0.53 -67.02 4.62
N SER M 48 1.66 -67.15 3.96
CA SER M 48 2.53 -66.02 3.69
C SER M 48 2.48 -65.67 2.21
N ILE M 49 2.74 -64.40 1.91
CA ILE M 49 2.74 -63.91 0.53
C ILE M 49 4.13 -63.40 0.23
N THR M 50 4.92 -64.21 -0.45
CA THR M 50 6.18 -63.78 -1.03
C THR M 50 5.83 -63.23 -2.41
N LEU M 51 6.81 -62.67 -3.11
CA LEU M 51 6.51 -62.06 -4.41
C LEU M 51 6.22 -63.14 -5.44
N GLY M 52 5.52 -62.79 -6.50
CA GLY M 52 5.23 -63.74 -7.54
C GLY M 52 3.91 -64.46 -7.40
N GLN M 53 2.96 -63.87 -6.65
CA GLN M 53 1.63 -64.43 -6.30
C GLN M 53 1.68 -65.90 -5.92
N ILE M 54 2.56 -66.22 -4.97
CA ILE M 54 2.85 -67.62 -4.65
C ILE M 54 1.90 -68.15 -3.60
N THR M 55 1.71 -67.40 -2.51
CA THR M 55 0.80 -67.71 -1.40
C THR M 55 1.19 -69.07 -0.78
N LEU M 56 2.30 -69.04 -0.05
CA LEU M 56 2.76 -70.23 0.67
C LEU M 56 1.78 -70.53 1.79
N SER M 57 1.02 -71.60 1.63
CA SER M 57 -0.07 -71.91 2.53
C SER M 57 0.25 -73.14 3.36
N GLY M 58 -0.60 -73.42 4.33
CA GLY M 58 -0.50 -74.64 5.10
C GLY M 58 0.47 -74.49 6.27
N ASN M 59 0.42 -75.47 7.16
CA ASN M 59 1.22 -75.48 8.38
C ASN M 59 2.70 -75.59 8.03
N SER M 60 3.53 -75.10 8.94
CA SER M 60 4.98 -75.32 8.95
C SER M 60 5.67 -74.78 7.69
N LEU M 61 5.64 -73.46 7.53
CA LEU M 61 6.35 -72.83 6.43
C LEU M 61 7.85 -72.94 6.64
N VAL M 62 8.54 -73.59 5.71
CA VAL M 62 9.98 -73.74 5.80
C VAL M 62 10.64 -72.56 5.13
N ILE M 63 11.52 -71.89 5.86
CA ILE M 63 12.31 -70.79 5.29
C ILE M 63 13.30 -71.36 4.28
N PRO M 64 13.33 -70.87 3.04
CA PRO M 64 14.29 -71.38 2.06
C PRO M 64 15.72 -70.99 2.40
N ALA M 65 16.65 -71.62 1.70
CA ALA M 65 18.07 -71.52 2.02
C ALA M 65 18.70 -70.21 1.60
N THR M 66 17.93 -69.28 1.05
CA THR M 66 18.47 -68.01 0.58
C THR M 66 17.85 -66.79 1.26
N GLN M 67 16.97 -66.97 2.24
CA GLN M 67 16.26 -65.86 2.86
C GLN M 67 16.40 -65.88 4.37
N ILE M 68 16.34 -64.68 4.96
CA ILE M 68 16.27 -64.49 6.40
C ILE M 68 14.98 -63.73 6.69
N TRP M 69 14.19 -64.21 7.65
CA TRP M 69 12.91 -63.59 7.94
C TRP M 69 12.95 -62.94 9.31
N TYR M 70 12.06 -61.99 9.53
CA TYR M 70 11.96 -61.27 10.80
C TYR M 70 10.49 -61.13 11.14
N LEU M 71 9.99 -61.98 12.02
CA LEU M 71 8.61 -61.86 12.48
C LEU M 71 8.56 -60.69 13.44
N THR M 72 8.02 -59.56 13.00
CA THR M 72 8.12 -58.32 13.76
C THR M 72 6.90 -58.04 14.63
N ASP M 73 5.71 -57.92 14.05
CA ASP M 73 4.54 -57.48 14.80
C ASP M 73 3.33 -58.34 14.46
N ALA M 74 2.32 -58.25 15.32
CA ALA M 74 1.08 -58.99 15.17
C ALA M 74 -0.08 -58.10 15.56
N TYR M 75 -1.23 -58.30 14.92
CA TYR M 75 -2.44 -57.58 15.28
C TYR M 75 -3.66 -58.38 14.81
N VAL M 76 -4.82 -57.78 15.06
CA VAL M 76 -6.12 -58.37 14.78
C VAL M 76 -7.00 -57.25 14.24
N SER M 77 -7.71 -57.51 13.14
CA SER M 77 -8.54 -56.48 12.53
C SER M 77 -9.75 -56.16 13.42
N VAL M 78 -10.38 -55.03 13.12
CA VAL M 78 -11.49 -54.49 13.90
C VAL M 78 -12.76 -55.35 13.83
N PRO M 79 -13.20 -55.89 12.67
CA PRO M 79 -14.34 -56.83 12.73
C PRO M 79 -14.02 -58.12 13.46
N ASP M 80 -12.77 -58.58 13.43
CA ASP M 80 -12.39 -59.77 14.18
C ASP M 80 -12.43 -59.50 15.68
N TYR M 81 -12.00 -58.32 16.11
CA TYR M 81 -12.10 -57.95 17.52
C TYR M 81 -13.54 -57.82 17.96
N THR M 82 -14.41 -57.27 17.09
CA THR M 82 -15.83 -57.18 17.41
C THR M 82 -16.45 -58.56 17.50
N ASN M 83 -16.01 -59.49 16.65
CA ASN M 83 -16.52 -60.86 16.76
C ASN M 83 -15.97 -61.58 17.99
N ILE M 84 -14.79 -61.18 18.46
CA ILE M 84 -14.26 -61.77 19.69
C ILE M 84 -15.06 -61.32 20.90
N THR M 85 -15.26 -60.00 21.05
CA THR M 85 -15.92 -59.49 22.24
C THR M 85 -17.40 -59.80 22.32
N ASN M 86 -18.01 -60.27 21.22
CA ASN M 86 -19.40 -60.68 21.23
C ASN M 86 -19.56 -62.18 21.39
N GLY M 87 -18.46 -62.92 21.54
CA GLY M 87 -18.55 -64.36 21.67
C GLY M 87 -18.81 -65.09 20.38
N ALA M 88 -18.48 -64.49 19.23
CA ALA M 88 -18.69 -65.15 17.95
C ALA M 88 -17.48 -65.97 17.53
N GLU M 89 -16.28 -65.64 18.00
CA GLU M 89 -15.12 -66.47 17.75
C GLU M 89 -14.28 -66.47 19.00
N ALA M 90 -13.47 -67.52 19.14
CA ALA M 90 -12.85 -67.80 20.42
C ALA M 90 -11.68 -66.89 20.70
N ASP M 91 -11.48 -66.61 21.98
CA ASP M 91 -10.33 -65.87 22.48
C ASP M 91 -9.26 -66.85 22.94
N GLY M 92 -8.06 -66.33 23.13
CA GLY M 92 -6.97 -67.16 23.58
C GLY M 92 -5.65 -66.56 23.17
N VAL M 93 -4.59 -67.36 23.30
CA VAL M 93 -3.25 -66.93 22.99
C VAL M 93 -2.70 -67.76 21.84
N ILE M 94 -1.54 -67.34 21.32
CA ILE M 94 -0.87 -68.01 20.23
C ILE M 94 0.56 -68.31 20.64
N LEU M 95 0.96 -69.57 20.52
CA LEU M 95 2.29 -70.03 20.83
C LEU M 95 3.10 -70.06 19.54
N ILE M 96 4.28 -69.44 19.56
CA ILE M 96 5.10 -69.27 18.37
C ILE M 96 6.37 -70.10 18.55
N TYR M 97 6.52 -71.13 17.72
CA TYR M 97 7.59 -72.11 17.86
C TYR M 97 8.64 -71.94 16.77
N LYS M 98 9.85 -72.37 17.08
CA LYS M 98 10.93 -72.49 16.10
C LYS M 98 11.28 -73.96 15.97
N ASP M 99 11.31 -74.46 14.73
CA ASP M 99 11.68 -75.83 14.38
C ASP M 99 10.76 -76.86 15.03
N GLY M 100 9.54 -76.46 15.39
CA GLY M 100 8.57 -77.34 16.00
C GLY M 100 8.85 -77.75 17.43
N VAL M 101 9.94 -77.30 18.04
CA VAL M 101 10.29 -77.74 19.39
C VAL M 101 10.45 -76.59 20.36
N LYS M 102 11.02 -75.47 19.92
CA LYS M 102 11.48 -74.42 20.82
C LYS M 102 10.45 -73.29 20.83
N LEU M 103 9.80 -73.10 21.97
CA LEU M 103 8.85 -72.00 22.13
C LEU M 103 9.60 -70.71 22.39
N MET M 104 9.25 -69.66 21.66
CA MET M 104 9.90 -68.38 21.86
C MET M 104 8.99 -67.27 22.32
N LEU M 105 7.71 -67.28 21.95
CA LEU M 105 6.80 -66.23 22.35
C LEU M 105 5.39 -66.78 22.53
N THR M 106 4.64 -66.08 23.38
CA THR M 106 3.21 -66.28 23.56
C THR M 106 2.54 -64.93 23.38
N THR M 107 1.62 -64.85 22.44
CA THR M 107 0.97 -63.57 22.17
C THR M 107 -0.02 -63.25 23.27
N PRO M 108 0.04 -62.05 23.84
CA PRO M 108 -0.83 -61.73 24.98
C PRO M 108 -2.28 -61.49 24.60
N LEU M 109 -3.06 -62.57 24.53
CA LEU M 109 -4.52 -62.53 24.53
C LEU M 109 -5.12 -61.74 23.37
N ILE M 110 -5.12 -62.30 22.16
CA ILE M 110 -5.36 -61.65 20.87
C ILE M 110 -6.56 -60.71 20.77
N SER M 111 -7.51 -60.82 21.71
CA SER M 111 -8.51 -59.77 21.88
C SER M 111 -7.89 -58.43 22.24
N SER M 112 -6.77 -58.45 22.96
CA SER M 112 -6.17 -57.22 23.47
C SER M 112 -5.35 -56.49 22.42
N MET M 113 -4.81 -57.18 21.44
CA MET M 113 -4.03 -56.52 20.39
C MET M 113 -4.87 -56.17 19.16
N SER M 114 -5.96 -55.44 19.37
CA SER M 114 -6.74 -54.93 18.26
C SER M 114 -6.08 -53.68 17.69
N ILE M 115 -6.25 -53.49 16.38
CA ILE M 115 -5.54 -52.42 15.67
C ILE M 115 -6.16 -51.05 15.88
N SER M 116 -7.42 -50.96 16.31
CA SER M 116 -8.06 -49.67 16.44
C SER M 116 -7.66 -48.94 17.72
N ASN M 117 -7.23 -49.66 18.74
CA ASN M 117 -6.83 -48.98 19.96
C ASN M 117 -5.40 -48.47 19.82
N PRO M 118 -5.12 -47.23 20.25
CA PRO M 118 -3.73 -46.77 20.30
C PRO M 118 -2.94 -47.44 21.40
N ALA M 119 -3.60 -47.92 22.45
CA ALA M 119 -2.94 -48.71 23.50
C ALA M 119 -3.04 -50.21 23.20
N ARG M 120 -2.57 -50.58 22.01
CA ARG M 120 -2.54 -51.97 21.59
C ARG M 120 -1.25 -52.60 22.08
N THR M 121 -1.36 -53.67 22.86
CA THR M 121 -0.16 -54.34 23.36
C THR M 121 0.46 -55.20 22.28
N HIS M 122 1.72 -54.92 21.99
CA HIS M 122 2.35 -55.40 20.77
C HIS M 122 2.87 -56.81 20.97
N LEU M 123 3.53 -57.33 19.95
CA LEU M 123 4.36 -58.51 20.11
C LEU M 123 5.57 -58.13 20.95
N ALA M 124 6.10 -59.11 21.69
CA ALA M 124 7.09 -58.80 22.70
C ALA M 124 8.45 -58.48 22.11
N GLN M 125 8.82 -59.13 21.01
CA GLN M 125 10.16 -58.97 20.46
C GLN M 125 10.14 -59.45 19.01
N ALA M 126 11.01 -58.86 18.19
CA ALA M 126 11.12 -59.24 16.79
C ALA M 126 11.95 -60.51 16.66
N VAL M 127 11.33 -61.58 16.19
CA VAL M 127 11.95 -62.90 16.19
C VAL M 127 12.62 -63.14 14.84
N LYS M 128 13.92 -63.39 14.85
CA LYS M 128 14.66 -63.66 13.63
C LYS M 128 14.59 -65.14 13.28
N TYR M 129 14.24 -65.43 12.03
CA TYR M 129 14.25 -66.80 11.50
C TYR M 129 15.39 -66.89 10.49
N SER M 130 16.34 -67.77 10.77
CA SER M 130 17.58 -67.88 10.02
C SER M 130 17.28 -68.64 8.73
N PRO M 131 18.28 -68.81 7.82
CA PRO M 131 18.15 -69.82 6.77
C PRO M 131 17.95 -71.23 7.31
N GLN M 132 17.64 -72.17 6.42
CA GLN M 132 16.51 -73.10 6.55
C GLN M 132 16.12 -73.50 7.97
N SER M 133 14.84 -73.30 8.27
CA SER M 133 14.26 -73.35 9.60
C SER M 133 12.76 -73.36 9.43
N ILE M 134 12.05 -73.78 10.46
CA ILE M 134 10.63 -74.06 10.36
C ILE M 134 9.87 -73.13 11.30
N LEU M 135 8.97 -72.34 10.72
CA LEU M 135 8.05 -71.52 11.51
C LEU M 135 6.71 -72.24 11.64
N THR M 136 6.23 -72.38 12.87
CA THR M 136 4.93 -72.99 13.11
C THR M 136 4.31 -72.36 14.35
N MET M 137 2.99 -72.48 14.47
CA MET M 137 2.25 -71.82 15.52
C MET M 137 1.12 -72.70 16.02
N TYR M 138 0.62 -72.40 17.21
CA TYR M 138 -0.55 -73.07 17.75
C TYR M 138 -1.44 -72.05 18.46
N PHE M 139 -2.72 -72.36 18.56
CA PHE M 139 -3.71 -71.45 19.15
C PHE M 139 -4.33 -72.10 20.37
N ASN M 140 -4.01 -71.58 21.56
CA ASN M 140 -4.49 -72.12 22.82
C ASN M 140 -5.67 -71.29 23.28
N PRO M 141 -6.90 -71.80 23.24
CA PRO M 141 -8.07 -70.95 23.51
C PRO M 141 -8.52 -70.92 24.97
N THR M 142 -8.92 -69.73 25.40
CA THR M 142 -9.57 -69.51 26.69
C THR M 142 -10.83 -68.69 26.43
N LYS M 143 -11.92 -69.05 27.13
CA LYS M 143 -13.28 -68.57 26.89
C LYS M 143 -13.66 -68.77 25.43
N PRO M 144 -13.95 -70.00 24.99
CA PRO M 144 -14.14 -70.26 23.56
C PRO M 144 -15.43 -69.71 23.00
N ALA M 145 -15.65 -69.95 21.70
CA ALA M 145 -16.81 -69.40 21.01
C ALA M 145 -18.09 -70.09 21.46
N THR M 146 -19.11 -69.30 21.75
CA THR M 146 -20.38 -69.81 22.27
C THR M 146 -21.56 -69.55 21.35
N ALA M 147 -21.57 -68.41 20.66
CA ALA M 147 -22.76 -67.96 19.93
C ALA M 147 -22.99 -68.79 18.67
N SER M 148 -24.22 -68.71 18.17
CA SER M 148 -24.54 -69.31 16.89
C SER M 148 -23.88 -68.52 15.76
N THR M 149 -23.71 -69.18 14.61
CA THR M 149 -22.97 -68.67 13.45
C THR M 149 -21.58 -68.18 13.83
N SER M 150 -20.75 -69.12 14.27
CA SER M 150 -19.41 -68.78 14.71
C SER M 150 -18.46 -68.70 13.52
N TYR M 151 -17.34 -68.00 13.73
CA TYR M 151 -16.43 -67.69 12.64
C TYR M 151 -15.02 -68.19 12.97
N PRO M 152 -14.22 -68.50 11.94
CA PRO M 152 -12.82 -68.85 12.18
C PRO M 152 -11.99 -67.66 12.63
N ASN M 153 -10.85 -67.95 13.23
CA ASN M 153 -10.00 -66.90 13.75
C ASN M 153 -8.92 -66.51 12.74
N THR M 154 -8.54 -65.24 12.76
CA THR M 154 -7.57 -64.69 11.80
C THR M 154 -6.68 -63.71 12.54
N VAL M 155 -5.37 -63.96 12.53
CA VAL M 155 -4.41 -63.08 13.19
C VAL M 155 -3.34 -62.70 12.18
N TYR M 156 -3.10 -61.39 12.02
CA TYR M 156 -2.20 -60.92 10.99
C TYR M 156 -0.84 -60.60 11.60
N PHE M 157 0.21 -60.87 10.83
CA PHE M 157 1.59 -60.66 11.24
C PHE M 157 2.30 -59.86 10.15
N THR M 158 3.41 -59.23 10.53
CA THR M 158 4.22 -58.45 9.61
C THR M 158 5.63 -59.00 9.60
N VAL M 159 6.09 -59.45 8.45
CA VAL M 159 7.38 -60.12 8.31
C VAL M 159 8.28 -59.22 7.48
N VAL M 160 9.54 -59.10 7.89
CA VAL M 160 10.58 -58.46 7.10
C VAL M 160 11.42 -59.54 6.45
N VAL M 161 11.41 -59.60 5.13
CA VAL M 161 12.07 -60.66 4.37
C VAL M 161 13.32 -60.08 3.73
N VAL M 162 14.46 -60.76 3.91
CA VAL M 162 15.73 -60.37 3.31
C VAL M 162 16.12 -61.47 2.34
N ASP M 163 16.06 -61.18 1.04
CA ASP M 163 16.36 -62.14 0.00
C ASP M 163 17.77 -61.93 -0.52
N PHE M 164 18.43 -63.03 -0.87
CA PHE M 164 19.80 -63.02 -1.38
C PHE M 164 19.92 -63.79 -2.68
N SER M 165 18.81 -64.20 -3.28
CA SER M 165 18.85 -65.16 -4.38
C SER M 165 19.36 -64.54 -5.68
N TYR M 166 19.37 -63.21 -5.80
CA TYR M 166 19.78 -62.60 -7.05
C TYR M 166 21.22 -62.10 -7.08
N ALA M 167 21.95 -62.21 -5.98
CA ALA M 167 23.19 -61.44 -5.85
C ALA M 167 24.34 -62.02 -6.67
N GLN M 168 24.76 -63.23 -6.30
CA GLN M 168 25.88 -63.92 -6.91
C GLN M 168 25.52 -65.38 -6.75
N ASN M 169 26.51 -66.26 -6.65
CA ASN M 169 26.22 -67.46 -5.88
C ASN M 169 25.69 -67.04 -4.50
N PRO M 170 24.42 -67.30 -4.22
CA PRO M 170 23.81 -66.73 -3.01
C PRO M 170 24.27 -67.39 -1.71
N ALA M 171 25.00 -68.50 -1.80
CA ALA M 171 25.43 -69.22 -0.61
C ALA M 171 26.44 -68.41 0.20
N ARG M 172 27.45 -67.85 -0.46
CA ARG M 172 28.47 -67.09 0.23
C ARG M 172 27.91 -65.81 0.84
N ALA M 173 27.01 -65.14 0.12
CA ALA M 173 26.38 -63.94 0.63
C ALA M 173 25.48 -64.24 1.81
N VAL M 174 24.71 -65.33 1.75
CA VAL M 174 23.78 -65.62 2.83
C VAL M 174 24.52 -66.09 4.08
N VAL M 175 25.66 -66.78 3.91
CA VAL M 175 26.39 -67.19 5.11
C VAL M 175 27.16 -66.03 5.72
N SER M 176 27.66 -65.10 4.89
CA SER M 176 28.35 -63.93 5.46
C SER M 176 27.38 -62.99 6.15
N ALA M 177 26.20 -62.79 5.56
CA ALA M 177 25.22 -61.91 6.19
C ALA M 177 24.64 -62.54 7.44
N ASN M 178 24.35 -63.84 7.42
CA ASN M 178 23.88 -64.50 8.63
C ASN M 178 24.98 -64.59 9.69
N ALA M 179 26.24 -64.50 9.28
CA ALA M 179 27.31 -64.37 10.26
C ALA M 179 27.29 -62.99 10.92
N VAL M 180 27.01 -61.92 10.17
CA VAL M 180 27.03 -60.60 10.79
C VAL M 180 25.68 -60.24 11.40
N MET M 181 24.59 -60.30 10.63
CA MET M 181 23.28 -59.95 11.17
C MET M 181 22.51 -61.21 11.52
N SER N 4 5.16 -50.52 25.17
CA SER N 4 6.56 -50.78 24.88
C SER N 4 7.38 -50.85 26.15
N VAL N 5 6.77 -51.33 27.23
CA VAL N 5 7.49 -51.63 28.45
C VAL N 5 7.88 -53.11 28.54
N THR N 6 7.07 -54.00 27.97
CA THR N 6 7.48 -55.40 27.83
C THR N 6 8.65 -55.52 26.87
N GLN N 7 8.65 -54.71 25.80
CA GLN N 7 9.69 -54.79 24.79
C GLN N 7 11.01 -54.24 25.27
N GLN N 8 11.03 -53.48 26.36
CA GLN N 8 12.29 -52.95 26.88
C GLN N 8 12.98 -53.92 27.82
N VAL N 9 12.23 -54.52 28.75
CA VAL N 9 12.83 -55.47 29.68
C VAL N 9 13.10 -56.81 29.02
N PHE N 10 12.41 -57.13 27.92
CA PHE N 10 12.77 -58.32 27.16
C PHE N 10 14.09 -58.12 26.47
N ASN N 11 14.29 -56.94 25.87
CA ASN N 11 15.57 -56.60 25.26
C ASN N 11 16.64 -56.41 26.31
N PHE N 12 16.28 -56.00 27.52
CA PHE N 12 17.25 -55.93 28.60
C PHE N 12 17.70 -57.32 29.02
N ALA N 13 16.82 -58.31 28.95
CA ALA N 13 17.20 -59.67 29.31
C ALA N 13 18.09 -60.30 28.25
N VAL N 14 17.77 -60.10 26.96
CA VAL N 14 18.52 -60.77 25.90
C VAL N 14 19.90 -60.19 25.67
N THR N 15 20.23 -59.06 26.29
CA THR N 15 21.58 -58.54 26.19
C THR N 15 22.39 -58.78 27.45
N LYS N 16 21.74 -59.17 28.53
CA LYS N 16 22.39 -59.39 29.81
C LYS N 16 22.57 -60.87 30.14
N SER N 17 21.54 -61.67 29.91
CA SER N 17 21.59 -63.09 30.18
C SER N 17 22.13 -63.91 29.02
N GLN N 18 22.61 -63.25 27.98
CA GLN N 18 23.09 -63.94 26.79
C GLN N 18 24.53 -64.47 26.86
N PRO N 19 25.52 -63.77 27.44
CA PRO N 19 26.85 -64.42 27.56
C PRO N 19 26.89 -65.60 28.51
N PHE N 20 25.95 -65.73 29.44
CA PHE N 20 25.93 -66.86 30.33
C PHE N 20 24.89 -67.90 29.94
N GLY N 21 24.18 -67.69 28.84
CA GLY N 21 23.20 -68.65 28.39
C GLY N 21 21.86 -68.39 29.04
N GLY N 22 20.87 -68.05 28.25
CA GLY N 22 19.57 -67.72 28.79
C GLY N 22 18.47 -67.91 27.77
N TYR N 23 17.44 -68.63 28.15
CA TYR N 23 16.33 -68.94 27.25
C TYR N 23 15.15 -68.09 27.70
N VAL N 24 15.03 -66.91 27.11
CA VAL N 24 14.04 -65.92 27.49
C VAL N 24 12.80 -66.11 26.62
N TYR N 25 11.64 -66.08 27.24
CA TYR N 25 10.36 -66.16 26.54
C TYR N 25 9.30 -65.57 27.47
N SER N 26 8.22 -65.10 26.87
CA SER N 26 7.15 -64.48 27.64
C SER N 26 5.99 -65.45 27.77
N THR N 27 5.23 -65.29 28.85
CA THR N 27 4.17 -66.23 29.19
C THR N 27 3.03 -65.46 29.81
N ASN N 28 1.82 -65.97 29.65
CA ASN N 28 0.62 -65.34 30.19
C ASN N 28 0.31 -65.93 31.56
N LEU N 29 0.19 -65.07 32.56
CA LEU N 29 -0.17 -65.46 33.92
C LEU N 29 -1.63 -65.09 34.17
N THR N 30 -2.32 -65.89 34.97
CA THR N 30 -3.72 -65.64 35.30
C THR N 30 -3.87 -65.52 36.82
N ALA N 31 -4.59 -64.48 37.26
CA ALA N 31 -4.92 -64.28 38.67
C ALA N 31 -6.43 -64.27 38.80
N SER N 32 -6.98 -65.25 39.52
CA SER N 32 -8.42 -65.45 39.57
C SER N 32 -8.89 -65.50 41.02
N THR N 33 -9.58 -64.45 41.45
CA THR N 33 -10.22 -64.46 42.76
C THR N 33 -11.43 -65.37 42.71
N SER N 34 -11.37 -66.49 43.40
CA SER N 34 -12.37 -67.52 43.26
C SER N 34 -13.61 -67.21 44.06
N SER N 35 -14.77 -67.51 43.46
CA SER N 35 -16.09 -67.53 44.10
C SER N 35 -16.49 -66.20 44.74
N ALA N 36 -16.66 -65.18 43.88
CA ALA N 36 -17.62 -64.09 44.06
C ALA N 36 -17.36 -63.27 45.32
N VAL N 37 -16.28 -62.48 45.27
CA VAL N 37 -15.90 -61.60 46.38
C VAL N 37 -16.99 -60.56 46.62
N THR N 38 -17.39 -60.41 47.89
CA THR N 38 -18.52 -59.58 48.26
C THR N 38 -18.28 -58.67 49.47
N SER N 39 -17.42 -59.06 50.41
CA SER N 39 -17.26 -58.23 51.61
C SER N 39 -15.85 -57.71 51.83
N THR N 40 -14.84 -58.58 51.85
CA THR N 40 -13.59 -58.25 52.54
C THR N 40 -12.40 -58.64 51.67
N GLN N 41 -11.20 -58.56 52.26
CA GLN N 41 -9.97 -58.85 51.54
C GLN N 41 -9.84 -60.33 51.22
N LEU N 42 -9.58 -60.62 49.95
CA LEU N 42 -9.50 -61.99 49.43
C LEU N 42 -8.11 -62.26 48.87
N THR N 43 -7.92 -63.49 48.39
CA THR N 43 -6.65 -63.94 47.84
C THR N 43 -6.87 -64.73 46.56
N PRO N 44 -6.41 -64.24 45.40
CA PRO N 44 -6.67 -64.94 44.14
C PRO N 44 -5.67 -66.04 43.83
N LEU N 45 -6.17 -67.11 43.23
CA LEU N 45 -5.36 -68.27 42.89
C LEU N 45 -4.57 -68.03 41.62
N ASN N 46 -3.24 -67.99 41.74
CA ASN N 46 -2.39 -67.78 40.58
C ASN N 46 -2.34 -69.03 39.72
N LEU N 47 -1.88 -68.86 38.49
CA LEU N 47 -1.89 -69.95 37.51
C LEU N 47 -0.92 -69.60 36.40
N SER N 48 0.17 -70.35 36.28
CA SER N 48 1.15 -70.15 35.23
C SER N 48 1.41 -71.47 34.53
N ILE N 49 1.61 -71.42 33.22
CA ILE N 49 1.92 -72.60 32.42
C ILE N 49 3.27 -72.40 31.75
N THR N 50 4.32 -72.98 32.31
CA THR N 50 5.65 -72.86 31.74
C THR N 50 5.80 -73.79 30.54
N LEU N 51 7.06 -73.99 30.11
CA LEU N 51 7.34 -74.52 28.77
C LEU N 51 6.94 -75.99 28.63
N GLY N 52 7.18 -76.79 29.66
CA GLY N 52 6.94 -78.21 29.56
C GLY N 52 5.56 -78.62 29.99
N GLN N 53 4.55 -77.81 29.68
CA GLN N 53 3.10 -78.00 29.88
C GLN N 53 2.68 -78.15 31.34
N ILE N 54 3.62 -78.09 32.29
CA ILE N 54 3.28 -78.25 33.69
C ILE N 54 2.62 -76.97 34.22
N THR N 55 1.43 -77.14 34.80
CA THR N 55 0.58 -76.01 35.18
C THR N 55 0.66 -75.79 36.69
N LEU N 56 1.53 -74.85 37.08
CA LEU N 56 1.62 -74.40 38.46
C LEU N 56 0.35 -73.65 38.84
N SER N 57 -0.39 -74.17 39.80
CA SER N 57 -1.64 -73.57 40.24
C SER N 57 -1.54 -73.21 41.73
N GLY N 58 -2.66 -72.76 42.28
CA GLY N 58 -2.75 -72.53 43.70
C GLY N 58 -2.10 -71.22 44.14
N ASN N 59 -2.40 -70.84 45.37
CA ASN N 59 -1.85 -69.62 45.95
C ASN N 59 -0.36 -69.77 46.18
N SER N 60 0.33 -68.63 46.23
CA SER N 60 1.74 -68.49 46.65
C SER N 60 2.66 -69.39 45.82
N LEU N 61 2.78 -69.03 44.54
CA LEU N 61 3.67 -69.74 43.64
C LEU N 61 5.12 -69.54 44.05
N VAL N 62 5.86 -70.63 44.13
CA VAL N 62 7.30 -70.55 44.33
C VAL N 62 7.97 -70.52 42.97
N ILE N 63 8.88 -69.57 42.80
CA ILE N 63 9.65 -69.48 41.56
C ILE N 63 10.62 -70.66 41.48
N PRO N 64 10.76 -71.30 40.32
CA PRO N 64 11.76 -72.36 40.17
C PRO N 64 13.17 -71.87 40.42
N ALA N 65 14.05 -72.80 40.80
CA ALA N 65 15.34 -72.45 41.35
C ALA N 65 16.32 -71.90 40.33
N THR N 66 16.00 -71.93 39.04
CA THR N 66 16.89 -71.42 38.00
C THR N 66 16.17 -70.50 37.01
N GLN N 67 15.15 -69.78 37.47
CA GLN N 67 14.41 -68.88 36.61
C GLN N 67 14.25 -67.51 37.26
N ILE N 68 14.31 -66.47 36.44
CA ILE N 68 14.11 -65.09 36.86
C ILE N 68 12.89 -64.56 36.13
N TRP N 69 11.93 -64.02 36.87
CA TRP N 69 10.69 -63.56 36.29
C TRP N 69 10.61 -62.04 36.35
N TYR N 70 9.80 -61.47 35.45
CA TYR N 70 9.54 -60.03 35.42
C TYR N 70 8.05 -59.88 35.16
N LEU N 71 7.32 -59.39 36.16
CA LEU N 71 5.91 -59.08 35.96
C LEU N 71 5.80 -57.72 35.27
N THR N 72 5.34 -57.70 34.03
CA THR N 72 5.51 -56.52 33.19
C THR N 72 4.22 -55.79 32.86
N ASP N 73 3.16 -56.50 32.50
CA ASP N 73 1.91 -55.86 32.11
C ASP N 73 0.74 -56.52 32.81
N ALA N 74 -0.42 -55.89 32.66
CA ALA N 74 -1.67 -56.41 33.17
C ALA N 74 -2.80 -55.87 32.33
N TYR N 75 -3.84 -56.66 32.17
CA TYR N 75 -5.03 -56.20 31.48
C TYR N 75 -6.22 -57.00 32.00
N VAL N 76 -7.41 -56.59 31.58
CA VAL N 76 -8.66 -57.23 31.98
C VAL N 76 -9.54 -57.32 30.75
N SER N 77 -10.09 -58.50 30.48
CA SER N 77 -10.80 -58.74 29.23
C SER N 77 -12.14 -58.01 29.21
N VAL N 78 -12.73 -57.97 28.01
CA VAL N 78 -13.99 -57.23 27.82
C VAL N 78 -15.20 -57.88 28.48
N PRO N 79 -15.40 -59.21 28.48
CA PRO N 79 -16.52 -59.75 29.28
C PRO N 79 -16.36 -59.59 30.78
N ASP N 80 -15.15 -59.33 31.28
CA ASP N 80 -15.03 -58.96 32.69
C ASP N 80 -15.42 -57.51 32.91
N TYR N 81 -15.01 -56.61 32.03
CA TYR N 81 -15.31 -55.19 32.18
C TYR N 81 -16.79 -54.92 31.99
N THR N 82 -17.50 -55.76 31.23
CA THR N 82 -18.95 -55.66 31.19
C THR N 82 -19.56 -56.13 32.52
N ASN N 83 -18.91 -57.08 33.18
CA ASN N 83 -19.42 -57.59 34.45
C ASN N 83 -19.05 -56.71 35.63
N ILE N 84 -18.00 -55.90 35.54
CA ILE N 84 -17.68 -55.02 36.65
C ILE N 84 -18.67 -53.88 36.74
N THR N 85 -18.91 -53.18 35.63
CA THR N 85 -19.74 -51.99 35.64
C THR N 85 -21.21 -52.29 35.85
N ASN N 86 -21.66 -53.50 35.54
CA ASN N 86 -23.04 -53.89 35.81
C ASN N 86 -23.21 -54.50 37.18
N GLY N 87 -22.16 -54.52 38.00
CA GLY N 87 -22.28 -55.01 39.36
C GLY N 87 -22.28 -56.51 39.49
N ALA N 88 -21.79 -57.23 38.49
CA ALA N 88 -21.72 -58.68 38.57
C ALA N 88 -20.42 -59.18 39.19
N GLU N 89 -19.41 -58.32 39.29
CA GLU N 89 -18.20 -58.66 40.03
C GLU N 89 -17.58 -57.39 40.58
N ALA N 90 -16.60 -57.57 41.44
CA ALA N 90 -16.11 -56.46 42.25
C ALA N 90 -15.04 -55.66 41.53
N ASP N 91 -14.92 -54.40 41.95
CA ASP N 91 -13.77 -53.58 41.65
C ASP N 91 -12.82 -53.62 42.83
N GLY N 92 -11.63 -53.05 42.67
CA GLY N 92 -10.64 -53.03 43.72
C GLY N 92 -9.26 -53.09 43.11
N VAL N 93 -8.25 -53.10 43.98
CA VAL N 93 -6.87 -53.13 43.56
C VAL N 93 -6.28 -54.49 43.91
N ILE N 94 -5.09 -54.76 43.37
CA ILE N 94 -4.43 -56.04 43.55
C ILE N 94 -3.04 -55.77 44.11
N LEU N 95 -2.75 -56.33 45.27
CA LEU N 95 -1.47 -56.14 45.95
C LEU N 95 -0.53 -57.28 45.60
N ILE N 96 0.72 -56.94 45.36
CA ILE N 96 1.72 -57.90 44.89
C ILE N 96 2.83 -57.96 45.91
N TYR N 97 3.02 -59.13 46.53
CA TYR N 97 4.00 -59.30 47.59
C TYR N 97 5.15 -60.19 47.12
N LYS N 98 6.12 -60.37 48.02
CA LYS N 98 7.31 -61.17 47.75
C LYS N 98 7.86 -61.64 49.08
N ASP N 99 8.04 -62.96 49.21
CA ASP N 99 8.36 -63.65 50.47
C ASP N 99 7.34 -63.39 51.57
N GLY N 100 6.11 -63.06 51.19
CA GLY N 100 5.05 -62.81 52.14
C GLY N 100 5.13 -61.50 52.91
N VAL N 101 6.19 -60.71 52.75
CA VAL N 101 6.38 -59.53 53.58
C VAL N 101 6.51 -58.26 52.75
N LYS N 102 7.30 -58.29 51.68
CA LYS N 102 7.68 -57.07 50.95
C LYS N 102 6.60 -56.70 49.95
N LEU N 103 6.03 -55.51 50.07
CA LEU N 103 5.07 -55.01 49.10
C LEU N 103 5.83 -54.32 47.96
N MET N 104 5.46 -54.64 46.72
CA MET N 104 6.20 -54.12 45.59
C MET N 104 5.36 -53.34 44.58
N LEU N 105 4.08 -53.66 44.42
CA LEU N 105 3.21 -52.84 43.58
C LEU N 105 1.80 -52.87 44.11
N THR N 106 0.98 -51.99 43.53
CA THR N 106 -0.47 -51.94 43.78
C THR N 106 -1.11 -51.58 42.45
N THR N 107 -1.88 -52.51 41.88
CA THR N 107 -2.38 -52.28 40.53
C THR N 107 -3.51 -51.24 40.54
N PRO N 108 -3.48 -50.29 39.64
CA PRO N 108 -4.48 -49.21 39.67
C PRO N 108 -5.85 -49.62 39.16
N LEU N 109 -6.71 -50.15 40.03
CA LEU N 109 -8.15 -50.30 39.76
C LEU N 109 -8.51 -51.15 38.56
N ILE N 110 -8.47 -52.48 38.72
CA ILE N 110 -8.66 -53.50 37.67
C ILE N 110 -9.81 -53.25 36.68
N SER N 111 -10.82 -52.46 37.05
CA SER N 111 -11.81 -52.04 36.07
C SER N 111 -11.24 -51.03 35.08
N SER N 112 -10.25 -50.23 35.50
CA SER N 112 -9.67 -49.22 34.63
C SER N 112 -8.49 -49.75 33.83
N MET N 113 -8.04 -50.97 34.10
CA MET N 113 -7.02 -51.63 33.30
C MET N 113 -7.62 -52.48 32.19
N SER N 114 -8.91 -52.29 31.92
CA SER N 114 -9.61 -53.05 30.91
C SER N 114 -9.14 -52.64 29.53
N ILE N 115 -9.40 -53.51 28.55
CA ILE N 115 -8.76 -53.37 27.26
C ILE N 115 -9.66 -52.70 26.23
N SER N 116 -10.95 -52.53 26.53
CA SER N 116 -11.84 -51.86 25.58
C SER N 116 -11.66 -50.35 25.55
N ASN N 117 -10.94 -49.78 26.49
CA ASN N 117 -10.72 -48.33 26.51
C ASN N 117 -9.45 -48.00 25.74
N PRO N 118 -9.43 -46.91 24.98
CA PRO N 118 -8.23 -46.53 24.23
C PRO N 118 -7.13 -45.86 25.05
N ALA N 119 -7.29 -45.73 26.36
CA ALA N 119 -6.23 -45.18 27.21
C ALA N 119 -6.10 -46.01 28.47
N ARG N 120 -5.98 -47.33 28.30
CA ARG N 120 -5.80 -48.26 29.40
C ARG N 120 -4.55 -47.91 30.19
N THR N 121 -4.65 -47.95 31.52
CA THR N 121 -3.52 -47.61 32.37
C THR N 121 -2.59 -48.80 32.56
N HIS N 122 -1.31 -48.50 32.76
CA HIS N 122 -0.27 -49.50 32.86
C HIS N 122 0.32 -49.52 34.26
N LEU N 123 1.11 -50.56 34.54
CA LEU N 123 1.80 -50.65 35.81
C LEU N 123 2.97 -49.68 35.85
N ALA N 124 3.45 -49.38 37.05
CA ALA N 124 4.47 -48.36 37.22
C ALA N 124 5.84 -48.84 36.79
N GLN N 125 6.18 -50.10 37.06
CA GLN N 125 7.47 -50.65 36.69
C GLN N 125 7.35 -52.15 36.57
N ALA N 126 8.14 -52.73 35.67
CA ALA N 126 8.25 -54.19 35.55
C ALA N 126 9.00 -54.69 36.77
N VAL N 127 8.30 -55.35 37.68
CA VAL N 127 8.85 -55.69 38.99
C VAL N 127 9.47 -57.08 38.92
N LYS N 128 10.73 -57.19 39.33
CA LYS N 128 11.50 -58.40 39.09
C LYS N 128 11.27 -59.42 40.19
N TYR N 129 11.78 -60.62 39.96
CA TYR N 129 11.58 -61.73 40.88
C TYR N 129 12.77 -62.66 40.79
N SER N 130 13.39 -62.94 41.93
CA SER N 130 14.64 -63.70 41.99
C SER N 130 14.33 -65.19 41.81
N PRO N 131 15.36 -66.02 41.67
CA PRO N 131 15.21 -67.45 41.95
C PRO N 131 14.82 -67.67 43.41
N GLN N 132 14.45 -68.92 43.72
CA GLN N 132 13.26 -69.29 44.49
C GLN N 132 12.87 -68.31 45.60
N SER N 133 11.63 -67.84 45.52
CA SER N 133 11.08 -66.78 46.35
C SER N 133 9.58 -66.74 46.10
N ILE N 134 8.81 -66.54 47.17
CA ILE N 134 7.38 -66.75 47.09
C ILE N 134 6.69 -65.54 46.45
N LEU N 135 5.68 -65.81 45.64
CA LEU N 135 4.93 -64.78 44.91
C LEU N 135 3.46 -64.90 45.27
N THR N 136 2.98 -64.02 46.15
CA THR N 136 1.59 -64.03 46.57
C THR N 136 0.90 -62.76 46.09
N MET N 137 -0.42 -62.85 45.95
CA MET N 137 -1.23 -61.72 45.52
C MET N 137 -2.51 -61.68 46.35
N TYR N 138 -3.03 -60.47 46.53
CA TYR N 138 -4.22 -60.19 47.32
C TYR N 138 -5.15 -59.30 46.53
N PHE N 139 -6.42 -59.30 46.91
CA PHE N 139 -7.43 -58.47 46.26
C PHE N 139 -8.14 -57.66 47.34
N ASN N 140 -8.03 -56.33 47.23
CA ASN N 140 -8.60 -55.41 48.21
C ASN N 140 -9.81 -54.71 47.60
N PRO N 141 -11.02 -55.25 47.77
CA PRO N 141 -12.14 -54.77 46.96
C PRO N 141 -12.83 -53.53 47.48
N THR N 142 -12.97 -52.55 46.60
CA THR N 142 -13.84 -51.39 46.79
C THR N 142 -14.92 -51.45 45.74
N LYS N 143 -16.15 -51.09 46.14
CA LYS N 143 -17.40 -51.30 45.39
C LYS N 143 -17.49 -52.78 45.03
N PRO N 144 -17.89 -53.65 45.97
CA PRO N 144 -17.93 -55.08 45.67
C PRO N 144 -19.08 -55.50 44.77
N ALA N 145 -19.21 -56.80 44.55
CA ALA N 145 -20.24 -57.34 43.68
C ALA N 145 -21.61 -57.17 44.31
N THR N 146 -22.57 -56.71 43.50
CA THR N 146 -23.90 -56.36 44.01
C THR N 146 -24.99 -57.23 43.40
N ALA N 147 -25.00 -57.37 42.09
CA ALA N 147 -26.11 -58.03 41.40
C ALA N 147 -26.11 -59.54 41.65
N SER N 148 -27.29 -60.13 41.55
CA SER N 148 -27.42 -61.58 41.64
C SER N 148 -26.84 -62.23 40.39
N THR N 149 -26.59 -63.54 40.49
CA THR N 149 -25.82 -64.34 39.53
C THR N 149 -24.47 -63.68 39.24
N SER N 150 -23.68 -63.54 40.29
CA SER N 150 -22.40 -62.86 40.23
C SER N 150 -21.30 -63.83 39.76
N TYR N 151 -20.16 -63.26 39.39
CA TYR N 151 -19.08 -63.99 38.74
C TYR N 151 -17.75 -63.69 39.41
N PRO N 152 -16.80 -64.63 39.34
CA PRO N 152 -15.46 -64.37 39.90
C PRO N 152 -14.69 -63.35 39.07
N ASN N 153 -13.62 -62.83 39.68
CA ASN N 153 -12.71 -61.94 38.99
C ASN N 153 -11.63 -62.72 38.25
N THR N 154 -11.12 -62.11 37.17
CA THR N 154 -10.00 -62.66 36.43
C THR N 154 -9.16 -61.49 35.92
N VAL N 155 -7.87 -61.50 36.24
CA VAL N 155 -6.94 -60.47 35.79
C VAL N 155 -5.74 -61.16 35.19
N TYR N 156 -5.50 -60.93 33.91
CA TYR N 156 -4.35 -61.52 33.23
C TYR N 156 -3.13 -60.63 33.41
N PHE N 157 -1.99 -61.25 33.63
CA PHE N 157 -0.71 -60.57 33.71
C PHE N 157 0.14 -60.98 32.51
N THR N 158 1.38 -60.55 32.50
CA THR N 158 2.32 -60.96 31.46
C THR N 158 3.70 -61.03 32.09
N VAL N 159 4.24 -62.23 32.20
CA VAL N 159 5.51 -62.47 32.87
C VAL N 159 6.57 -62.78 31.83
N VAL N 160 7.69 -62.08 31.92
CA VAL N 160 8.85 -62.32 31.06
C VAL N 160 9.77 -63.27 31.81
N VAL N 161 9.94 -64.47 31.27
CA VAL N 161 10.59 -65.56 31.97
C VAL N 161 12.00 -65.69 31.44
N VAL N 162 12.99 -65.56 32.31
CA VAL N 162 14.37 -65.87 31.97
C VAL N 162 14.65 -67.27 32.50
N ASP N 163 15.43 -68.05 31.76
CA ASP N 163 15.67 -69.45 32.12
C ASP N 163 17.15 -69.76 32.02
N PHE N 164 17.67 -70.46 33.01
CA PHE N 164 19.05 -70.92 33.03
C PHE N 164 19.17 -72.43 33.15
N SER N 165 18.07 -73.16 32.90
CA SER N 165 18.09 -74.61 33.10
C SER N 165 18.95 -75.31 32.07
N TYR N 166 19.01 -74.79 30.84
CA TYR N 166 19.68 -75.48 29.75
C TYR N 166 21.10 -74.98 29.53
N ALA N 167 21.65 -74.25 30.48
CA ALA N 167 23.08 -73.98 30.49
C ALA N 167 23.76 -75.10 31.27
N GLN N 168 25.07 -74.98 31.48
CA GLN N 168 25.85 -76.05 32.06
C GLN N 168 26.04 -75.93 33.57
N ASN N 169 25.32 -75.01 34.21
CA ASN N 169 25.75 -74.49 35.50
C ASN N 169 24.60 -74.49 36.50
N PRO N 170 24.90 -74.62 37.82
CA PRO N 170 23.84 -74.83 38.81
C PRO N 170 23.00 -73.59 39.13
N ALA N 171 22.20 -73.70 40.19
CA ALA N 171 21.35 -72.64 40.72
C ALA N 171 22.13 -71.54 41.43
N ARG N 172 23.46 -71.53 41.37
CA ARG N 172 24.23 -70.40 41.83
C ARG N 172 24.58 -69.43 40.72
N ALA N 173 24.67 -69.92 39.48
CA ALA N 173 24.90 -69.02 38.34
C ALA N 173 23.66 -68.21 38.00
N VAL N 174 22.48 -68.64 38.45
CA VAL N 174 21.27 -67.90 38.15
C VAL N 174 21.08 -66.75 39.15
N VAL N 175 21.53 -66.94 40.41
CA VAL N 175 21.45 -65.83 41.36
C VAL N 175 22.65 -64.92 41.20
N SER N 176 23.73 -65.41 40.62
CA SER N 176 24.85 -64.53 40.31
C SER N 176 24.53 -63.61 39.16
N ALA N 177 23.92 -64.15 38.09
CA ALA N 177 23.45 -63.32 36.98
C ALA N 177 22.16 -62.58 37.30
N ASN N 178 21.56 -62.85 38.45
CA ASN N 178 20.45 -62.04 38.92
C ASN N 178 20.94 -60.73 39.50
N ALA N 179 22.13 -60.73 40.10
CA ALA N 179 22.67 -59.51 40.70
C ALA N 179 23.32 -58.59 39.68
N VAL N 180 23.65 -59.11 38.49
CA VAL N 180 24.15 -58.25 37.43
C VAL N 180 23.02 -57.37 36.88
N MET N 181 21.82 -57.91 36.84
CA MET N 181 20.67 -57.14 36.40
C MET N 181 20.15 -56.20 37.49
N SER O 4 2.91 -40.65 7.98
CA SER O 4 3.69 -39.65 8.68
C SER O 4 5.08 -39.51 8.08
N VAL O 5 5.30 -40.21 6.97
CA VAL O 5 6.62 -40.23 6.35
C VAL O 5 6.69 -39.29 5.14
N THR O 6 5.55 -38.78 4.68
CA THR O 6 5.55 -37.95 3.48
C THR O 6 6.17 -36.57 3.70
N GLN O 7 6.29 -36.12 4.94
CA GLN O 7 6.92 -34.83 5.18
C GLN O 7 8.44 -34.92 5.19
N GLN O 8 9.01 -36.10 5.42
CA GLN O 8 10.45 -36.23 5.51
C GLN O 8 11.09 -36.56 4.18
N VAL O 9 10.41 -37.36 3.36
CA VAL O 9 10.92 -37.65 2.02
C VAL O 9 10.64 -36.53 1.04
N PHE O 10 9.70 -35.63 1.36
CA PHE O 10 9.50 -34.46 0.52
C PHE O 10 10.67 -33.50 0.69
N ASN O 11 11.06 -33.25 1.94
CA ASN O 11 12.19 -32.38 2.23
C ASN O 11 13.52 -33.04 1.89
N PHE O 12 13.56 -34.36 1.74
CA PHE O 12 14.77 -35.01 1.27
C PHE O 12 14.93 -34.87 -0.22
N ALA O 13 13.83 -34.90 -0.97
CA ALA O 13 13.92 -34.73 -2.41
C ALA O 13 14.25 -33.29 -2.77
N VAL O 14 13.86 -32.33 -1.93
CA VAL O 14 14.09 -30.93 -2.24
C VAL O 14 15.57 -30.58 -2.10
N THR O 15 16.20 -30.97 -1.00
CA THR O 15 17.59 -30.61 -0.79
C THR O 15 18.58 -31.43 -1.61
N LYS O 16 18.09 -32.40 -2.38
CA LYS O 16 18.93 -33.17 -3.30
C LYS O 16 18.71 -32.82 -4.75
N SER O 17 17.54 -32.30 -5.09
CA SER O 17 17.26 -31.85 -6.45
C SER O 17 17.72 -30.43 -6.71
N GLN O 18 18.15 -29.70 -5.67
CA GLN O 18 18.54 -28.31 -5.85
C GLN O 18 19.87 -28.09 -6.57
N PRO O 19 20.95 -28.84 -6.35
CA PRO O 19 22.17 -28.55 -7.13
C PRO O 19 22.05 -28.94 -8.59
N PHE O 20 21.23 -29.92 -8.93
CA PHE O 20 21.06 -30.33 -10.31
C PHE O 20 19.88 -29.66 -10.98
N GLY O 21 19.02 -29.01 -10.21
CA GLY O 21 17.83 -28.41 -10.76
C GLY O 21 16.73 -29.43 -10.79
N GLY O 22 15.61 -29.15 -10.14
CA GLY O 22 14.53 -30.10 -10.16
C GLY O 22 13.26 -29.59 -9.52
N TYR O 23 12.18 -29.69 -10.28
CA TYR O 23 10.89 -29.20 -9.84
C TYR O 23 10.14 -30.29 -9.09
N VAL O 24 9.76 -29.99 -7.85
CA VAL O 24 9.26 -30.99 -6.92
C VAL O 24 7.89 -30.58 -6.45
N TYR O 25 6.93 -31.49 -6.55
CA TYR O 25 5.59 -31.24 -6.04
C TYR O 25 4.96 -32.59 -5.70
N SER O 26 3.73 -32.55 -5.21
CA SER O 26 3.03 -33.76 -4.80
C SER O 26 1.67 -33.82 -5.48
N THR O 27 1.17 -35.03 -5.68
CA THR O 27 -0.13 -35.21 -6.33
C THR O 27 -0.89 -36.30 -5.58
N ASN O 28 -1.95 -36.83 -6.20
CA ASN O 28 -2.87 -37.76 -5.57
C ASN O 28 -3.17 -38.88 -6.54
N LEU O 29 -2.92 -40.13 -6.13
CA LEU O 29 -3.10 -41.30 -6.98
C LEU O 29 -4.20 -42.18 -6.42
N THR O 30 -5.13 -42.58 -7.29
CA THR O 30 -6.27 -43.39 -6.90
C THR O 30 -6.13 -44.79 -7.50
N ALA O 31 -6.01 -45.81 -6.65
CA ALA O 31 -6.06 -47.20 -7.05
C ALA O 31 -7.40 -47.77 -6.68
N SER O 32 -8.03 -48.51 -7.60
CA SER O 32 -9.42 -48.91 -7.41
C SER O 32 -9.65 -50.26 -8.08
N THR O 33 -9.85 -51.30 -7.28
CA THR O 33 -10.20 -52.60 -7.81
C THR O 33 -11.67 -52.60 -8.20
N SER O 34 -11.96 -52.82 -9.47
CA SER O 34 -13.32 -52.73 -9.93
C SER O 34 -14.10 -54.01 -9.61
N SER O 35 -15.41 -53.82 -9.42
CA SER O 35 -16.42 -54.89 -9.48
C SER O 35 -16.28 -55.94 -8.39
N ALA O 36 -16.27 -55.48 -7.13
CA ALA O 36 -16.76 -56.22 -5.96
C ALA O 36 -16.00 -57.53 -5.73
N VAL O 37 -14.74 -57.39 -5.32
CA VAL O 37 -13.85 -58.54 -5.12
C VAL O 37 -14.39 -59.47 -4.04
N THR O 38 -14.55 -60.75 -4.39
CA THR O 38 -15.07 -61.77 -3.49
C THR O 38 -14.31 -63.08 -3.49
N SER O 39 -13.34 -63.29 -4.39
CA SER O 39 -12.70 -64.59 -4.49
C SER O 39 -11.20 -64.58 -4.20
N THR O 40 -10.41 -63.84 -4.97
CA THR O 40 -8.95 -64.00 -4.95
C THR O 40 -8.28 -62.73 -5.48
N GLN O 41 -6.98 -62.85 -5.77
CA GLN O 41 -6.11 -61.71 -6.04
C GLN O 41 -6.49 -61.01 -7.34
N LEU O 42 -6.79 -59.72 -7.26
CA LEU O 42 -7.24 -58.94 -8.40
C LEU O 42 -6.30 -57.76 -8.67
N THR O 43 -6.70 -56.94 -9.63
CA THR O 43 -5.88 -55.85 -10.15
C THR O 43 -6.54 -54.51 -9.89
N PRO O 44 -5.91 -53.58 -9.16
CA PRO O 44 -6.46 -52.22 -9.08
C PRO O 44 -6.06 -51.38 -10.29
N LEU O 45 -7.00 -50.56 -10.73
CA LEU O 45 -6.81 -49.69 -11.89
C LEU O 45 -6.31 -48.33 -11.41
N ASN O 46 -5.01 -48.08 -11.55
CA ASN O 46 -4.45 -46.81 -11.08
C ASN O 46 -4.93 -45.66 -11.95
N LEU O 47 -4.87 -44.46 -11.37
CA LEU O 47 -5.29 -43.26 -12.08
C LEU O 47 -4.55 -42.08 -11.46
N SER O 48 -3.50 -41.62 -12.12
CA SER O 48 -2.73 -40.48 -11.64
C SER O 48 -2.87 -39.34 -12.64
N ILE O 49 -3.01 -38.13 -12.10
CA ILE O 49 -2.99 -36.92 -12.91
C ILE O 49 -1.68 -36.20 -12.58
N THR O 50 -1.09 -35.57 -13.57
CA THR O 50 0.22 -34.95 -13.40
C THR O 50 0.07 -33.46 -13.70
N LEU O 51 1.19 -32.76 -13.91
CA LEU O 51 1.16 -31.32 -14.15
C LEU O 51 0.46 -30.95 -15.46
N GLY O 52 0.57 -31.80 -16.49
CA GLY O 52 -0.06 -31.52 -17.77
C GLY O 52 -1.58 -31.68 -17.77
N GLN O 53 -2.17 -32.05 -16.63
CA GLN O 53 -3.61 -32.21 -16.42
C GLN O 53 -4.22 -33.25 -17.34
N ILE O 54 -3.42 -34.24 -17.74
CA ILE O 54 -3.88 -35.40 -18.48
C ILE O 54 -3.67 -36.62 -17.59
N THR O 55 -4.68 -37.49 -17.53
CA THR O 55 -4.67 -38.57 -16.57
C THR O 55 -4.08 -39.83 -17.20
N LEU O 56 -3.21 -40.49 -16.45
CA LEU O 56 -2.62 -41.75 -16.86
C LEU O 56 -3.46 -42.84 -16.22
N SER O 57 -4.31 -43.47 -17.00
CA SER O 57 -5.29 -44.41 -16.47
C SER O 57 -4.82 -45.84 -16.69
N GLY O 58 -5.68 -46.78 -16.31
CA GLY O 58 -5.43 -48.19 -16.55
C GLY O 58 -4.32 -48.76 -15.70
N ASN O 59 -4.11 -50.05 -15.88
CA ASN O 59 -3.00 -50.74 -15.23
C ASN O 59 -1.68 -50.27 -15.82
N SER O 60 -0.61 -50.57 -15.08
CA SER O 60 0.78 -50.43 -15.56
C SER O 60 1.12 -48.99 -15.95
N LEU O 61 1.09 -48.11 -14.96
CA LEU O 61 1.55 -46.74 -15.20
C LEU O 61 3.05 -46.73 -15.40
N VAL O 62 3.49 -46.13 -16.50
CA VAL O 62 4.91 -45.96 -16.79
C VAL O 62 5.33 -44.58 -16.36
N ILE O 63 6.33 -44.51 -15.51
CA ILE O 63 6.91 -43.23 -15.08
C ILE O 63 7.57 -42.57 -16.29
N PRO O 64 7.32 -41.29 -16.57
CA PRO O 64 7.99 -40.62 -17.69
C PRO O 64 9.50 -40.55 -17.52
N ALA O 65 10.18 -40.27 -18.63
CA ALA O 65 11.62 -40.45 -18.69
C ALA O 65 12.41 -39.38 -17.96
N THR O 66 11.76 -38.35 -17.43
CA THR O 66 12.45 -37.27 -16.74
C THR O 66 11.98 -37.08 -15.31
N GLN O 67 11.24 -38.03 -14.76
CA GLN O 67 10.64 -37.90 -13.44
C GLN O 67 11.13 -39.00 -12.52
N ILE O 68 11.05 -38.74 -11.22
CA ILE O 68 11.32 -39.71 -10.18
C ILE O 68 10.15 -39.63 -9.21
N TRP O 69 9.37 -40.69 -9.11
CA TRP O 69 8.23 -40.65 -8.21
C TRP O 69 8.61 -41.17 -6.84
N TYR O 70 7.67 -41.07 -5.90
CA TYR O 70 7.84 -41.61 -4.56
C TYR O 70 6.45 -41.94 -4.03
N LEU O 71 6.16 -43.20 -3.78
CA LEU O 71 4.90 -43.59 -3.18
C LEU O 71 5.06 -43.58 -1.67
N THR O 72 4.40 -42.64 -0.99
CA THR O 72 4.73 -42.32 0.39
C THR O 72 3.67 -42.73 1.40
N ASP O 73 2.40 -42.47 1.15
CA ASP O 73 1.38 -42.72 2.15
C ASP O 73 0.10 -43.19 1.48
N ALA O 74 -0.89 -43.57 2.29
CA ALA O 74 -2.17 -44.04 1.78
C ALA O 74 -3.22 -43.88 2.88
N TYR O 75 -4.47 -43.74 2.47
CA TYR O 75 -5.57 -43.68 3.43
C TYR O 75 -6.84 -44.20 2.79
N VAL O 76 -7.87 -44.35 3.62
CA VAL O 76 -9.15 -44.93 3.22
C VAL O 76 -10.23 -44.06 3.84
N SER O 77 -11.21 -43.65 3.04
CA SER O 77 -12.28 -42.79 3.53
C SER O 77 -13.22 -43.56 4.46
N VAL O 78 -14.03 -42.80 5.20
CA VAL O 78 -15.02 -43.34 6.13
C VAL O 78 -16.16 -44.11 5.43
N PRO O 79 -16.78 -43.65 4.32
CA PRO O 79 -17.79 -44.52 3.69
C PRO O 79 -17.24 -45.80 3.07
N ASP O 80 -15.93 -45.88 2.83
CA ASP O 80 -15.35 -47.18 2.51
C ASP O 80 -15.17 -48.02 3.77
N TYR O 81 -14.73 -47.39 4.86
CA TYR O 81 -14.45 -48.12 6.10
C TYR O 81 -15.73 -48.60 6.76
N THR O 82 -16.85 -47.92 6.54
CA THR O 82 -18.12 -48.42 7.03
C THR O 82 -18.56 -49.65 6.24
N ASN O 83 -18.23 -49.70 4.95
CA ASN O 83 -18.63 -50.85 4.14
C ASN O 83 -17.73 -52.05 4.37
N ILE O 84 -16.52 -51.84 4.89
CA ILE O 84 -15.64 -52.96 5.21
C ILE O 84 -16.18 -53.71 6.41
N THR O 85 -16.59 -52.99 7.45
CA THR O 85 -17.04 -53.62 8.69
C THR O 85 -18.40 -54.28 8.55
N ASN O 86 -19.21 -53.89 7.56
CA ASN O 86 -20.50 -54.51 7.35
C ASN O 86 -20.46 -55.63 6.33
N GLY O 87 -19.27 -56.03 5.88
CA GLY O 87 -19.16 -57.06 4.88
C GLY O 87 -19.59 -56.64 3.50
N ALA O 88 -19.63 -55.34 3.22
CA ALA O 88 -20.03 -54.89 1.90
C ALA O 88 -18.86 -54.81 0.93
N GLU O 89 -17.63 -54.75 1.41
CA GLU O 89 -16.49 -54.82 0.52
C GLU O 89 -15.34 -55.49 1.27
N ALA O 90 -14.37 -55.99 0.50
CA ALA O 90 -13.40 -56.94 1.01
C ALA O 90 -12.24 -56.26 1.71
N ASP O 91 -11.80 -56.88 2.79
CA ASP O 91 -10.56 -56.51 3.46
C ASP O 91 -9.39 -57.12 2.68
N GLY O 92 -8.19 -56.82 3.12
CA GLY O 92 -7.02 -57.39 2.50
C GLY O 92 -5.91 -56.37 2.41
N VAL O 93 -4.85 -56.74 1.71
CA VAL O 93 -3.68 -55.91 1.57
C VAL O 93 -3.48 -55.58 0.09
N ILE O 94 -2.66 -54.57 -0.17
CA ILE O 94 -2.35 -54.13 -1.52
C ILE O 94 -0.85 -54.28 -1.72
N LEU O 95 -0.47 -55.05 -2.72
CA LEU O 95 0.94 -55.29 -3.00
C LEU O 95 1.41 -54.28 -4.04
N ILE O 96 2.61 -53.74 -3.84
CA ILE O 96 3.14 -52.68 -4.69
C ILE O 96 4.36 -53.22 -5.39
N TYR O 97 4.29 -53.29 -6.72
CA TYR O 97 5.34 -53.89 -7.54
C TYR O 97 6.11 -52.83 -8.30
N LYS O 98 7.26 -53.25 -8.83
CA LYS O 98 8.11 -52.43 -9.68
C LYS O 98 8.61 -53.29 -10.83
N ASP O 99 8.45 -52.79 -12.05
CA ASP O 99 8.82 -53.46 -13.30
C ASP O 99 8.14 -54.81 -13.48
N GLY O 100 6.98 -55.01 -12.85
CA GLY O 100 6.23 -56.24 -12.97
C GLY O 100 6.77 -57.43 -12.21
N VAL O 101 8.02 -57.39 -11.80
CA VAL O 101 8.67 -58.51 -11.12
C VAL O 101 8.86 -58.20 -9.65
N LYS O 102 9.64 -57.18 -9.34
CA LYS O 102 10.09 -56.86 -8.00
C LYS O 102 8.93 -56.40 -7.14
N LEU O 103 8.90 -56.84 -5.90
CA LEU O 103 7.88 -56.45 -4.93
C LEU O 103 8.57 -55.71 -3.79
N MET O 104 8.10 -54.51 -3.48
CA MET O 104 8.79 -53.70 -2.51
C MET O 104 8.01 -53.37 -1.24
N LEU O 105 6.68 -53.50 -1.25
CA LEU O 105 5.93 -53.35 -0.01
C LEU O 105 4.67 -54.20 -0.03
N THR O 106 4.05 -54.23 1.14
CA THR O 106 2.70 -54.75 1.34
C THR O 106 2.02 -53.81 2.32
N THR O 107 0.88 -53.26 1.94
CA THR O 107 0.24 -52.26 2.78
C THR O 107 -0.44 -52.92 3.98
N PRO O 108 -0.26 -52.39 5.18
CA PRO O 108 -0.80 -53.07 6.36
C PRO O 108 -2.30 -52.96 6.52
N LEU O 109 -3.04 -53.87 5.87
CA LEU O 109 -4.44 -54.14 6.18
C LEU O 109 -5.35 -52.93 6.00
N ILE O 110 -5.70 -52.61 4.75
CA ILE O 110 -6.36 -51.37 4.33
C ILE O 110 -7.58 -50.94 5.13
N SER O 111 -8.21 -51.87 5.87
CA SER O 111 -9.21 -51.46 6.85
C SER O 111 -8.60 -50.70 8.02
N SER O 112 -7.36 -51.00 8.37
CA SER O 112 -6.73 -50.37 9.53
C SER O 112 -6.09 -49.03 9.21
N MET O 113 -5.86 -48.71 7.93
CA MET O 113 -5.38 -47.39 7.57
C MET O 113 -6.52 -46.46 7.17
N SER O 114 -7.71 -46.70 7.71
CA SER O 114 -8.82 -45.78 7.51
C SER O 114 -8.56 -44.47 8.22
N ILE O 115 -9.28 -43.44 7.78
CA ILE O 115 -9.09 -42.12 8.36
C ILE O 115 -9.84 -41.98 9.67
N SER O 116 -10.70 -42.94 10.01
CA SER O 116 -11.48 -42.92 11.24
C SER O 116 -10.84 -43.73 12.37
N ASN O 117 -9.71 -44.35 12.13
CA ASN O 117 -9.01 -45.01 13.23
C ASN O 117 -8.17 -44.01 13.98
N PRO O 118 -8.23 -43.97 15.31
CA PRO O 118 -7.31 -43.10 16.05
C PRO O 118 -5.87 -43.56 15.94
N ALA O 119 -5.63 -44.87 15.83
CA ALA O 119 -4.32 -45.38 15.49
C ALA O 119 -4.27 -45.75 14.01
N ARG O 120 -4.26 -44.72 13.17
CA ARG O 120 -4.17 -44.91 11.74
C ARG O 120 -2.73 -45.26 11.39
N THR O 121 -2.51 -46.45 10.84
CA THR O 121 -1.16 -46.89 10.51
C THR O 121 -0.75 -46.36 9.13
N HIS O 122 0.55 -46.18 8.97
CA HIS O 122 1.11 -45.64 7.74
C HIS O 122 1.96 -46.70 7.06
N LEU O 123 2.55 -46.34 5.93
CA LEU O 123 3.47 -47.22 5.24
C LEU O 123 4.82 -47.22 5.93
N ALA O 124 5.63 -48.23 5.63
CA ALA O 124 6.92 -48.38 6.27
C ALA O 124 7.93 -47.38 5.74
N GLN O 125 8.11 -47.33 4.42
CA GLN O 125 9.07 -46.43 3.80
C GLN O 125 8.55 -46.07 2.43
N ALA O 126 9.02 -44.93 1.92
CA ALA O 126 8.62 -44.47 0.60
C ALA O 126 9.30 -45.29 -0.48
N VAL O 127 8.53 -45.67 -1.50
CA VAL O 127 9.00 -46.51 -2.59
C VAL O 127 9.53 -45.61 -3.70
N LYS O 128 10.81 -45.73 -4.01
CA LYS O 128 11.39 -44.96 -5.10
C LYS O 128 11.01 -45.56 -6.44
N TYR O 129 10.84 -44.70 -7.43
CA TYR O 129 10.58 -45.12 -8.81
C TYR O 129 11.45 -44.24 -9.71
N SER O 130 12.33 -44.88 -10.47
CA SER O 130 13.33 -44.18 -11.27
C SER O 130 12.68 -43.72 -12.58
N PRO O 131 13.46 -43.07 -13.49
CA PRO O 131 13.06 -42.99 -14.90
C PRO O 131 12.77 -44.33 -15.53
N GLN O 132 12.16 -44.34 -16.72
CA GLN O 132 11.03 -45.18 -17.09
C GLN O 132 10.99 -46.55 -16.43
N SER O 133 9.92 -46.78 -15.67
CA SER O 133 9.74 -47.98 -14.88
C SER O 133 8.25 -48.26 -14.84
N ILE O 134 7.88 -49.47 -14.43
CA ILE O 134 6.51 -49.92 -14.53
C ILE O 134 5.94 -50.08 -13.12
N LEU O 135 5.01 -49.20 -12.77
CA LEU O 135 4.24 -49.30 -11.54
C LEU O 135 3.00 -50.14 -11.79
N THR O 136 2.85 -51.22 -11.03
CA THR O 136 1.60 -51.96 -11.03
C THR O 136 1.34 -52.48 -9.63
N MET O 137 0.06 -52.62 -9.29
CA MET O 137 -0.34 -53.02 -7.96
C MET O 137 -1.26 -54.22 -8.04
N TYR O 138 -1.35 -54.94 -6.93
CA TYR O 138 -2.19 -56.12 -6.81
C TYR O 138 -2.83 -56.14 -5.44
N PHE O 139 -4.08 -56.56 -5.39
CA PHE O 139 -4.87 -56.58 -4.17
C PHE O 139 -5.13 -58.02 -3.76
N ASN O 140 -4.54 -58.44 -2.64
CA ASN O 140 -4.68 -59.79 -2.12
C ASN O 140 -5.76 -59.79 -1.05
N PRO O 141 -6.95 -60.32 -1.33
CA PRO O 141 -8.06 -60.16 -0.37
C PRO O 141 -8.11 -61.29 0.64
N THR O 142 -8.04 -60.92 1.92
CA THR O 142 -8.38 -61.80 3.02
C THR O 142 -9.70 -61.28 3.59
N LYS O 143 -10.57 -62.21 4.01
CA LYS O 143 -11.95 -61.96 4.41
C LYS O 143 -12.69 -61.22 3.30
N PRO O 144 -13.08 -61.89 2.23
CA PRO O 144 -13.73 -61.22 1.10
C PRO O 144 -15.13 -60.76 1.45
N ALA O 145 -15.72 -60.01 0.52
CA ALA O 145 -17.05 -59.45 0.73
C ALA O 145 -18.10 -60.54 0.69
N THR O 146 -18.98 -60.54 1.68
CA THR O 146 -19.99 -61.59 1.82
C THR O 146 -21.41 -61.11 1.66
N ALA O 147 -21.68 -59.83 1.92
CA ALA O 147 -23.05 -59.34 1.84
C ALA O 147 -23.47 -59.15 0.39
N SER O 148 -24.77 -59.08 0.17
CA SER O 148 -25.29 -58.70 -1.12
C SER O 148 -25.09 -57.21 -1.34
N THR O 149 -25.19 -56.80 -2.62
CA THR O 149 -24.95 -55.43 -3.10
C THR O 149 -23.58 -54.92 -2.64
N SER O 150 -22.54 -55.58 -3.14
CA SER O 150 -21.19 -55.23 -2.74
C SER O 150 -20.71 -53.99 -3.50
N TYR O 151 -19.56 -53.49 -3.07
CA TYR O 151 -18.99 -52.27 -3.61
C TYR O 151 -17.53 -52.47 -3.96
N PRO O 152 -17.05 -51.80 -5.00
CA PRO O 152 -15.62 -51.89 -5.35
C PRO O 152 -14.78 -51.11 -4.35
N ASN O 153 -13.53 -51.53 -4.24
CA ASN O 153 -12.61 -50.91 -3.29
C ASN O 153 -11.94 -49.68 -3.88
N THR O 154 -11.57 -48.75 -3.01
CA THR O 154 -10.94 -47.50 -3.39
C THR O 154 -9.95 -47.13 -2.30
N VAL O 155 -8.68 -47.01 -2.64
CA VAL O 155 -7.62 -46.64 -1.70
C VAL O 155 -6.81 -45.54 -2.34
N TYR O 156 -6.80 -44.36 -1.72
CA TYR O 156 -6.09 -43.21 -2.25
C TYR O 156 -4.67 -43.16 -1.74
N PHE O 157 -3.72 -43.05 -2.65
CA PHE O 157 -2.31 -42.96 -2.32
C PHE O 157 -1.85 -41.52 -2.48
N THR O 158 -0.57 -41.29 -2.22
CA THR O 158 -0.01 -39.94 -2.31
C THR O 158 1.39 -40.04 -2.89
N VAL O 159 1.62 -39.34 -4.00
CA VAL O 159 2.85 -39.45 -4.77
C VAL O 159 3.59 -38.12 -4.72
N VAL O 160 4.87 -38.18 -4.36
CA VAL O 160 5.78 -37.05 -4.49
C VAL O 160 6.52 -37.22 -5.80
N VAL O 161 6.49 -36.19 -6.64
CA VAL O 161 7.07 -36.26 -7.98
C VAL O 161 8.29 -35.35 -8.03
N VAL O 162 9.41 -35.89 -8.47
CA VAL O 162 10.63 -35.09 -8.64
C VAL O 162 10.90 -34.89 -10.12
N ASP O 163 10.41 -33.80 -10.68
CA ASP O 163 10.56 -33.57 -12.10
C ASP O 163 11.93 -32.97 -12.42
N PHE O 164 12.41 -33.27 -13.64
CA PHE O 164 13.67 -32.72 -14.13
C PHE O 164 13.54 -32.16 -15.54
N SER O 165 12.31 -32.08 -16.07
CA SER O 165 12.12 -31.80 -17.49
C SER O 165 12.43 -30.36 -17.85
N TYR O 166 12.48 -29.46 -16.87
CA TYR O 166 12.58 -28.03 -17.12
C TYR O 166 13.99 -27.50 -16.85
N ALA O 167 14.96 -28.39 -16.69
CA ALA O 167 16.34 -28.02 -16.46
C ALA O 167 17.02 -27.69 -17.79
N GLN O 168 18.34 -27.56 -17.78
CA GLN O 168 19.09 -27.22 -18.98
C GLN O 168 19.06 -28.37 -19.99
N ASN O 169 19.47 -29.56 -19.57
CA ASN O 169 19.29 -30.77 -20.36
C ASN O 169 18.67 -31.84 -19.48
N PRO O 170 17.41 -32.19 -19.69
CA PRO O 170 16.70 -33.06 -18.74
C PRO O 170 17.15 -34.51 -18.75
N ALA O 171 17.80 -34.97 -19.82
CA ALA O 171 18.22 -36.37 -19.85
C ALA O 171 19.54 -36.59 -19.13
N ARG O 172 20.41 -35.58 -19.12
CA ARG O 172 21.69 -35.69 -18.44
C ARG O 172 21.58 -35.54 -16.94
N ALA O 173 20.74 -34.63 -16.47
CA ALA O 173 20.65 -34.33 -15.05
C ALA O 173 19.93 -35.43 -14.29
N VAL O 174 18.96 -36.09 -14.92
CA VAL O 174 18.15 -37.05 -14.18
C VAL O 174 18.91 -38.35 -13.92
N VAL O 175 19.95 -38.65 -14.71
CA VAL O 175 20.72 -39.87 -14.50
C VAL O 175 21.89 -39.64 -13.56
N SER O 176 22.20 -38.40 -13.21
CA SER O 176 23.18 -38.10 -12.18
C SER O 176 22.54 -37.94 -10.81
N ALA O 177 21.35 -37.36 -10.75
CA ALA O 177 20.67 -37.15 -9.49
C ALA O 177 19.90 -38.36 -9.02
N ASN O 178 19.64 -39.32 -9.90
CA ASN O 178 19.03 -40.57 -9.47
C ASN O 178 19.99 -41.40 -8.61
N ALA O 179 21.29 -41.28 -8.88
CA ALA O 179 22.28 -42.01 -8.10
C ALA O 179 22.46 -41.40 -6.72
N VAL O 180 22.54 -40.07 -6.64
CA VAL O 180 22.87 -39.41 -5.38
C VAL O 180 21.69 -39.42 -4.41
N MET O 181 20.48 -39.72 -4.89
CA MET O 181 19.34 -39.83 -4.00
C MET O 181 19.13 -41.29 -3.63
N SER P 4 2.52 -29.96 15.41
CA SER P 4 3.76 -29.29 15.75
C SER P 4 4.53 -28.94 14.49
N VAL P 5 3.83 -28.79 13.38
CA VAL P 5 4.47 -28.38 12.13
C VAL P 5 4.45 -26.86 11.97
N THR P 6 3.33 -26.21 12.30
CA THR P 6 3.28 -24.76 12.24
C THR P 6 4.09 -24.11 13.34
N GLN P 7 4.28 -24.78 14.46
CA GLN P 7 5.08 -24.24 15.55
C GLN P 7 6.57 -24.27 15.25
N GLN P 8 7.01 -25.04 14.24
CA GLN P 8 8.40 -25.04 13.84
C GLN P 8 8.72 -23.90 12.89
N VAL P 9 7.85 -23.65 11.91
CA VAL P 9 8.06 -22.53 11.01
C VAL P 9 7.75 -21.21 11.67
N PHE P 10 6.95 -21.21 12.74
CA PHE P 10 6.75 -19.99 13.51
C PHE P 10 7.99 -19.66 14.32
N ASN P 11 8.62 -20.70 14.89
CA ASN P 11 9.86 -20.51 15.62
C ASN P 11 11.04 -20.24 14.69
N PHE P 12 10.99 -20.79 13.47
CA PHE P 12 12.06 -20.51 12.51
C PHE P 12 11.97 -19.08 12.01
N ALA P 13 10.77 -18.51 11.96
CA ALA P 13 10.62 -17.13 11.53
C ALA P 13 11.13 -16.16 12.58
N VAL P 14 10.78 -16.38 13.85
CA VAL P 14 11.17 -15.44 14.90
C VAL P 14 12.65 -15.52 15.26
N THR P 15 13.36 -16.55 14.81
CA THR P 15 14.80 -16.58 15.01
C THR P 15 15.52 -15.82 13.90
N LYS P 16 14.86 -15.63 12.76
CA LYS P 16 15.47 -14.92 11.64
C LYS P 16 14.90 -13.52 11.46
N SER P 17 13.66 -13.28 11.87
CA SER P 17 13.10 -11.93 11.81
C SER P 17 13.56 -11.06 12.97
N GLN P 18 14.26 -11.63 13.94
CA GLN P 18 14.69 -10.85 15.09
C GLN P 18 15.79 -9.84 14.79
N PRO P 19 16.90 -10.17 14.09
CA PRO P 19 17.95 -9.15 13.93
C PRO P 19 17.61 -8.02 12.97
N PHE P 20 16.62 -8.19 12.11
CA PHE P 20 16.29 -7.17 11.12
C PHE P 20 15.04 -6.39 11.47
N GLY P 21 14.35 -6.76 12.56
CA GLY P 21 13.02 -6.24 12.78
C GLY P 21 12.03 -7.15 12.08
N GLY P 22 10.81 -7.21 12.58
CA GLY P 22 9.88 -8.15 11.99
C GLY P 22 8.80 -8.55 12.96
N TYR P 23 7.60 -8.75 12.43
CA TYR P 23 6.40 -8.94 13.23
C TYR P 23 5.75 -10.23 12.78
N VAL P 24 6.18 -11.34 13.37
CA VAL P 24 5.62 -12.64 13.03
C VAL P 24 4.31 -12.82 13.77
N TYR P 25 3.28 -13.23 13.04
CA TYR P 25 1.98 -13.48 13.63
C TYR P 25 1.21 -14.45 12.75
N SER P 26 0.23 -15.11 13.33
CA SER P 26 -0.52 -16.16 12.66
C SER P 26 -1.89 -15.65 12.26
N THR P 27 -2.36 -16.08 11.08
CA THR P 27 -3.65 -15.67 10.54
C THR P 27 -4.51 -16.88 10.21
N ASN P 28 -5.56 -16.64 9.46
CA ASN P 28 -6.49 -17.68 9.03
C ASN P 28 -7.02 -17.33 7.64
N LEU P 29 -6.78 -18.21 6.68
CA LEU P 29 -7.14 -17.99 5.28
C LEU P 29 -8.33 -18.85 4.90
N THR P 30 -9.30 -18.26 4.20
CA THR P 30 -10.56 -18.92 3.91
C THR P 30 -10.83 -18.89 2.42
N ALA P 31 -10.67 -20.04 1.78
CA ALA P 31 -10.94 -20.19 0.36
C ALA P 31 -12.32 -20.78 0.17
N SER P 32 -13.15 -20.10 -0.62
CA SER P 32 -14.55 -20.49 -0.79
C SER P 32 -14.91 -20.48 -2.26
N THR P 33 -15.12 -21.67 -2.82
CA THR P 33 -15.67 -21.79 -4.16
C THR P 33 -17.16 -21.52 -4.11
N SER P 34 -17.59 -20.40 -4.69
CA SER P 34 -18.94 -19.90 -4.48
C SER P 34 -19.95 -20.65 -5.35
N SER P 35 -21.12 -20.89 -4.77
CA SER P 35 -22.36 -21.24 -5.48
C SER P 35 -22.27 -22.58 -6.22
N ALA P 36 -22.08 -23.65 -5.44
CA ALA P 36 -22.55 -25.00 -5.77
C ALA P 36 -21.93 -25.55 -7.06
N VAL P 37 -20.63 -25.80 -7.00
CA VAL P 37 -19.90 -26.36 -8.14
C VAL P 37 -20.40 -27.76 -8.47
N THR P 38 -20.78 -27.96 -9.74
CA THR P 38 -21.41 -29.21 -10.17
C THR P 38 -20.78 -29.87 -11.40
N SER P 39 -19.96 -29.18 -12.19
CA SER P 39 -19.45 -29.78 -13.42
C SER P 39 -17.93 -29.85 -13.49
N THR P 40 -17.23 -28.73 -13.36
CA THR P 40 -15.85 -28.66 -13.82
C THR P 40 -15.04 -27.79 -12.87
N GLN P 41 -13.82 -27.46 -13.30
CA GLN P 41 -12.84 -26.81 -12.45
C GLN P 41 -13.23 -25.36 -12.15
N LEU P 42 -13.31 -25.01 -10.87
CA LEU P 42 -13.71 -23.68 -10.43
C LEU P 42 -12.55 -22.98 -9.74
N THR P 43 -12.80 -21.73 -9.34
CA THR P 43 -11.79 -20.88 -8.71
C THR P 43 -12.35 -20.38 -7.39
N PRO P 44 -11.70 -20.65 -6.27
CA PRO P 44 -12.23 -20.19 -4.98
C PRO P 44 -11.79 -18.76 -4.64
N LEU P 45 -12.65 -18.08 -3.91
CA LEU P 45 -12.43 -16.70 -3.49
C LEU P 45 -11.55 -16.71 -2.25
N ASN P 46 -10.26 -16.44 -2.42
CA ASN P 46 -9.36 -16.38 -1.28
C ASN P 46 -9.62 -15.15 -0.43
N LEU P 47 -9.45 -15.31 0.88
CA LEU P 47 -9.83 -14.26 1.81
C LEU P 47 -8.97 -14.42 3.07
N SER P 48 -7.89 -13.67 3.16
CA SER P 48 -7.07 -13.64 4.37
C SER P 48 -7.57 -12.53 5.30
N ILE P 49 -7.31 -12.71 6.59
CA ILE P 49 -7.68 -11.73 7.61
C ILE P 49 -6.41 -11.36 8.37
N THR P 50 -5.87 -10.20 8.07
CA THR P 50 -4.63 -9.73 8.66
C THR P 50 -4.91 -8.99 9.98
N LEU P 51 -3.89 -8.25 10.46
CA LEU P 51 -3.98 -7.54 11.72
C LEU P 51 -5.04 -6.45 11.68
N GLY P 52 -5.15 -5.74 10.55
CA GLY P 52 -6.08 -4.62 10.45
C GLY P 52 -7.53 -4.98 10.21
N GLN P 53 -7.87 -6.24 10.49
CA GLN P 53 -9.16 -6.86 10.12
C GLN P 53 -9.49 -6.57 8.65
N ILE P 54 -8.51 -6.80 7.79
CA ILE P 54 -8.58 -6.48 6.38
C ILE P 54 -9.08 -7.72 5.66
N THR P 55 -10.27 -7.63 5.10
CA THR P 55 -10.88 -8.71 4.33
C THR P 55 -10.28 -8.63 2.94
N LEU P 56 -9.06 -9.14 2.78
CA LEU P 56 -8.37 -9.11 1.49
C LEU P 56 -9.02 -10.17 0.60
N SER P 57 -10.03 -9.76 -0.14
CA SER P 57 -10.91 -10.68 -0.85
C SER P 57 -10.46 -10.81 -2.30
N GLY P 58 -11.32 -11.43 -3.10
CA GLY P 58 -11.07 -11.59 -4.51
C GLY P 58 -10.13 -12.76 -4.80
N ASN P 59 -10.24 -13.26 -6.02
CA ASN P 59 -9.33 -14.30 -6.49
C ASN P 59 -7.92 -13.75 -6.59
N SER P 60 -6.94 -14.65 -6.44
CA SER P 60 -5.53 -14.40 -6.76
C SER P 60 -4.95 -13.25 -5.94
N LEU P 61 -4.82 -13.52 -4.63
CA LEU P 61 -4.21 -12.55 -3.72
C LEU P 61 -2.76 -12.28 -4.09
N VAL P 62 -2.34 -11.04 -3.91
CA VAL P 62 -0.97 -10.61 -4.15
C VAL P 62 -0.29 -10.42 -2.82
N ILE P 63 0.84 -11.08 -2.63
CA ILE P 63 1.66 -10.84 -1.44
C ILE P 63 2.31 -9.46 -1.57
N PRO P 64 2.13 -8.57 -0.59
CA PRO P 64 2.73 -7.23 -0.69
C PRO P 64 4.25 -7.28 -0.54
N ALA P 65 4.88 -6.15 -0.85
CA ALA P 65 6.31 -6.11 -1.05
C ALA P 65 7.13 -6.23 0.23
N THR P 66 6.49 -6.26 1.40
CA THR P 66 7.20 -6.30 2.67
C THR P 66 6.78 -7.48 3.54
N GLN P 67 6.14 -8.49 2.96
CA GLN P 67 5.66 -9.61 3.75
C GLN P 67 6.10 -10.92 3.13
N ILE P 68 6.36 -11.90 3.99
CA ILE P 68 6.74 -13.25 3.60
C ILE P 68 5.75 -14.19 4.26
N TRP P 69 4.94 -14.87 3.45
CA TRP P 69 3.90 -15.72 4.00
C TRP P 69 4.39 -17.17 4.07
N TYR P 70 3.62 -18.00 4.75
CA TYR P 70 3.90 -19.44 4.86
C TYR P 70 2.58 -20.17 4.97
N LEU P 71 2.17 -20.86 3.92
CA LEU P 71 0.95 -21.66 3.97
C LEU P 71 1.27 -23.01 4.57
N THR P 72 0.74 -23.30 5.76
CA THR P 72 1.24 -24.43 6.55
C THR P 72 0.20 -25.48 6.90
N ASP P 73 -1.10 -25.21 6.75
CA ASP P 73 -2.10 -26.13 7.26
C ASP P 73 -3.37 -26.03 6.46
N ALA P 74 -4.25 -27.01 6.63
CA ALA P 74 -5.61 -26.97 6.10
C ALA P 74 -6.50 -27.89 6.88
N TYR P 75 -7.78 -27.54 6.96
CA TYR P 75 -8.78 -28.35 7.63
C TYR P 75 -10.15 -27.93 7.12
N VAL P 76 -11.14 -28.76 7.40
CA VAL P 76 -12.52 -28.57 6.96
C VAL P 76 -13.42 -28.80 8.16
N SER P 77 -14.36 -27.87 8.39
CA SER P 77 -15.17 -27.91 9.60
C SER P 77 -16.17 -29.06 9.57
N VAL P 78 -16.82 -29.28 10.73
CA VAL P 78 -17.80 -30.36 10.84
C VAL P 78 -19.07 -30.11 10.05
N PRO P 79 -19.71 -28.93 10.05
CA PRO P 79 -20.90 -28.77 9.19
C PRO P 79 -20.61 -28.78 7.70
N ASP P 80 -19.37 -28.57 7.27
CA ASP P 80 -19.04 -28.83 5.88
C ASP P 80 -18.95 -30.33 5.60
N TYR P 81 -18.33 -31.08 6.50
CA TYR P 81 -18.09 -32.51 6.27
C TYR P 81 -19.38 -33.31 6.28
N THR P 82 -20.38 -32.88 7.04
CA THR P 82 -21.67 -33.55 6.96
C THR P 82 -22.44 -33.20 5.70
N ASN P 83 -22.01 -32.17 4.96
CA ASN P 83 -22.63 -31.82 3.69
C ASN P 83 -21.95 -32.50 2.51
N ILE P 84 -20.66 -32.81 2.62
CA ILE P 84 -19.97 -33.45 1.52
C ILE P 84 -20.43 -34.90 1.37
N THR P 85 -20.53 -35.62 2.49
CA THR P 85 -21.00 -36.99 2.46
C THR P 85 -22.47 -37.11 2.12
N ASN P 86 -23.27 -36.08 2.40
CA ASN P 86 -24.68 -36.09 2.07
C ASN P 86 -24.96 -35.67 0.64
N GLY P 87 -23.93 -35.33 -0.12
CA GLY P 87 -24.14 -34.87 -1.48
C GLY P 87 -24.67 -33.46 -1.60
N ALA P 88 -24.42 -32.62 -0.61
CA ALA P 88 -24.85 -31.24 -0.66
C ALA P 88 -23.78 -30.30 -1.18
N GLU P 89 -22.53 -30.75 -1.29
CA GLU P 89 -21.51 -29.98 -1.98
C GLU P 89 -20.48 -30.94 -2.55
N ALA P 90 -19.59 -30.40 -3.38
CA ALA P 90 -18.69 -31.22 -4.16
C ALA P 90 -17.48 -31.64 -3.34
N ASP P 91 -17.00 -32.84 -3.60
CA ASP P 91 -15.73 -33.30 -3.10
C ASP P 91 -14.64 -32.94 -4.12
N GLY P 92 -13.39 -33.18 -3.78
CA GLY P 92 -12.33 -32.99 -4.75
C GLY P 92 -11.09 -32.45 -4.08
N VAL P 93 -10.14 -32.04 -4.92
CA VAL P 93 -8.85 -31.55 -4.43
C VAL P 93 -8.72 -30.07 -4.73
N ILE P 94 -7.71 -29.43 -4.15
CA ILE P 94 -7.47 -28.01 -4.34
C ILE P 94 -6.05 -27.83 -4.82
N LEU P 95 -5.89 -27.25 -6.00
CA LEU P 95 -4.57 -27.01 -6.57
C LEU P 95 -4.07 -25.65 -6.12
N ILE P 96 -2.81 -25.60 -5.72
CA ILE P 96 -2.23 -24.41 -5.12
C ILE P 96 -1.13 -23.92 -6.06
N TYR P 97 -1.37 -22.79 -6.71
CA TYR P 97 -0.49 -22.28 -7.75
C TYR P 97 0.32 -21.09 -7.24
N LYS P 98 1.55 -20.99 -7.73
CA LYS P 98 2.44 -19.86 -7.47
C LYS P 98 2.59 -19.08 -8.77
N ASP P 99 2.35 -17.77 -8.70
CA ASP P 99 2.44 -16.80 -9.79
C ASP P 99 1.45 -17.06 -10.92
N GLY P 100 0.49 -17.97 -10.74
CA GLY P 100 -0.33 -18.43 -11.83
C GLY P 100 0.35 -19.40 -12.79
N VAL P 101 1.60 -19.77 -12.53
CA VAL P 101 2.37 -20.61 -13.44
C VAL P 101 2.71 -21.93 -12.78
N LYS P 102 3.47 -21.88 -11.69
CA LYS P 102 3.94 -23.08 -11.03
C LYS P 102 2.81 -23.74 -10.25
N LEU P 103 2.70 -25.06 -10.33
CA LEU P 103 1.90 -25.81 -9.37
C LEU P 103 2.80 -26.25 -8.24
N MET P 104 2.39 -25.96 -7.01
CA MET P 104 3.25 -26.22 -5.85
C MET P 104 2.82 -27.43 -5.05
N LEU P 105 1.53 -27.62 -4.81
CA LEU P 105 1.05 -28.74 -4.02
C LEU P 105 -0.33 -29.16 -4.55
N THR P 106 -0.88 -30.20 -3.93
CA THR P 106 -2.22 -30.66 -4.20
C THR P 106 -2.77 -31.24 -2.91
N THR P 107 -3.90 -30.74 -2.45
CA THR P 107 -4.44 -31.17 -1.18
C THR P 107 -5.13 -32.53 -1.35
N PRO P 108 -4.96 -33.44 -0.43
CA PRO P 108 -5.59 -34.75 -0.58
C PRO P 108 -7.06 -34.80 -0.21
N LEU P 109 -7.94 -34.51 -1.17
CA LEU P 109 -9.37 -34.85 -1.08
C LEU P 109 -10.11 -34.24 0.09
N ILE P 110 -10.43 -32.94 0.01
CA ILE P 110 -10.87 -32.06 1.11
C ILE P 110 -11.95 -32.64 2.03
N SER P 111 -12.70 -33.64 1.58
CA SER P 111 -13.55 -34.37 2.50
C SER P 111 -12.76 -35.20 3.50
N SER P 112 -11.53 -35.57 3.17
CA SER P 112 -10.72 -36.42 4.04
C SER P 112 -9.82 -35.64 4.97
N MET P 113 -9.64 -34.34 4.75
CA MET P 113 -9.01 -33.49 5.75
C MET P 113 -10.04 -32.78 6.63
N SER P 114 -11.19 -33.41 6.84
CA SER P 114 -12.16 -32.94 7.80
C SER P 114 -11.59 -32.92 9.20
N ILE P 115 -12.25 -32.19 10.09
CA ILE P 115 -11.77 -32.10 11.46
C ILE P 115 -12.55 -33.04 12.38
N SER P 116 -13.63 -33.64 11.89
CA SER P 116 -14.43 -34.54 12.70
C SER P 116 -13.78 -35.90 12.94
N ASN P 117 -12.76 -36.26 12.16
CA ASN P 117 -12.12 -37.57 12.24
C ASN P 117 -10.84 -37.47 13.06
N PRO P 118 -10.50 -38.48 13.87
CA PRO P 118 -9.40 -38.32 14.82
C PRO P 118 -8.02 -38.38 14.20
N ALA P 119 -7.86 -38.83 12.96
CA ALA P 119 -6.55 -38.98 12.36
C ALA P 119 -6.55 -38.47 10.93
N ARG P 120 -7.06 -37.26 10.75
CA ARG P 120 -7.20 -36.65 9.43
C ARG P 120 -5.86 -36.49 8.72
N THR P 121 -5.93 -36.36 7.41
CA THR P 121 -4.73 -36.24 6.59
C THR P 121 -4.14 -34.84 6.72
N HIS P 122 -2.89 -34.70 6.28
CA HIS P 122 -2.15 -33.46 6.39
C HIS P 122 -1.64 -33.03 5.03
N LEU P 123 -1.03 -31.86 5.00
CA LEU P 123 -0.30 -31.44 3.82
C LEU P 123 1.06 -32.12 3.76
N ALA P 124 1.77 -31.87 2.67
CA ALA P 124 3.09 -32.47 2.50
C ALA P 124 4.24 -31.56 2.89
N GLN P 125 4.08 -30.25 2.74
CA GLN P 125 5.18 -29.33 3.00
C GLN P 125 4.58 -27.96 3.26
N ALA P 126 5.34 -27.12 3.96
CA ALA P 126 4.93 -25.75 4.24
C ALA P 126 5.43 -24.87 3.11
N VAL P 127 4.50 -24.34 2.31
CA VAL P 127 4.85 -23.59 1.12
C VAL P 127 5.10 -22.13 1.51
N LYS P 128 6.31 -21.66 1.28
CA LYS P 128 6.61 -20.26 1.52
C LYS P 128 6.18 -19.42 0.33
N TYR P 129 6.04 -18.12 0.56
CA TYR P 129 5.79 -17.18 -0.52
C TYR P 129 6.67 -15.96 -0.30
N SER P 130 7.39 -15.59 -1.34
CA SER P 130 8.36 -14.51 -1.29
C SER P 130 7.61 -13.19 -1.45
N PRO P 131 8.29 -12.05 -1.34
CA PRO P 131 7.72 -10.80 -1.88
C PRO P 131 7.37 -10.89 -3.35
N GLN P 132 6.68 -9.87 -3.83
CA GLN P 132 5.44 -9.97 -4.59
C GLN P 132 5.29 -11.20 -5.49
N SER P 133 4.23 -11.96 -5.24
CA SER P 133 3.89 -13.17 -5.97
C SER P 133 2.39 -13.34 -5.86
N ILE P 134 1.81 -14.01 -6.85
CA ILE P 134 0.35 -14.12 -6.92
C ILE P 134 -0.02 -15.49 -6.40
N LEU P 135 -0.55 -15.53 -5.18
CA LEU P 135 -1.11 -16.74 -4.61
C LEU P 135 -2.51 -16.94 -5.18
N THR P 136 -2.70 -18.02 -5.93
CA THR P 136 -4.02 -18.34 -6.45
C THR P 136 -4.27 -19.83 -6.33
N MET P 137 -5.54 -20.20 -6.23
CA MET P 137 -5.96 -21.57 -6.03
C MET P 137 -7.06 -21.94 -7.00
N TYR P 138 -7.24 -23.24 -7.21
CA TYR P 138 -8.29 -23.78 -8.06
C TYR P 138 -8.84 -25.04 -7.44
N PHE P 139 -10.13 -25.30 -7.65
CA PHE P 139 -10.81 -26.45 -7.08
C PHE P 139 -11.24 -27.37 -8.22
N ASN P 140 -10.65 -28.55 -8.28
CA ASN P 140 -10.91 -29.53 -9.33
C ASN P 140 -11.84 -30.61 -8.80
N PRO P 141 -13.14 -30.53 -9.06
CA PRO P 141 -14.07 -31.41 -8.36
C PRO P 141 -14.14 -32.80 -8.95
N THR P 142 -14.18 -33.78 -8.04
CA THR P 142 -14.57 -35.13 -8.36
C THR P 142 -15.71 -35.51 -7.43
N LYS P 143 -16.69 -36.25 -7.96
CA LYS P 143 -17.98 -36.55 -7.35
C LYS P 143 -18.64 -35.24 -6.93
N PRO P 144 -19.26 -34.51 -7.86
CA PRO P 144 -19.84 -33.21 -7.51
C PRO P 144 -21.12 -33.31 -6.70
N ALA P 145 -21.74 -32.17 -6.43
CA ALA P 145 -22.99 -32.13 -5.67
C ALA P 145 -24.11 -32.75 -6.48
N THR P 146 -24.91 -33.60 -5.82
CA THR P 146 -25.94 -34.37 -6.51
C THR P 146 -27.34 -33.96 -6.13
N ALA P 147 -27.63 -33.79 -4.84
CA ALA P 147 -28.98 -33.48 -4.42
C ALA P 147 -29.27 -32.00 -4.55
N SER P 148 -30.53 -31.64 -4.34
CA SER P 148 -30.97 -30.26 -4.38
C SER P 148 -30.50 -29.50 -3.13
N THR P 149 -30.84 -28.21 -3.10
CA THR P 149 -30.44 -27.19 -2.09
C THR P 149 -28.97 -27.32 -1.67
N SER P 150 -28.11 -27.19 -2.67
CA SER P 150 -26.68 -27.38 -2.47
C SER P 150 -26.04 -26.16 -1.85
N TYR P 151 -24.80 -26.34 -1.40
CA TYR P 151 -24.04 -25.34 -0.66
C TYR P 151 -22.68 -25.15 -1.30
N PRO P 152 -22.05 -23.99 -1.12
CA PRO P 152 -20.68 -23.80 -1.61
C PRO P 152 -19.67 -24.50 -0.72
N ASN P 153 -18.47 -24.69 -1.25
CA ASN P 153 -17.38 -25.25 -0.47
C ASN P 153 -16.64 -24.17 0.29
N THR P 154 -15.97 -24.60 1.37
CA THR P 154 -15.15 -23.72 2.20
C THR P 154 -14.06 -24.54 2.85
N VAL P 155 -12.81 -24.14 2.66
CA VAL P 155 -11.66 -24.85 3.21
C VAL P 155 -10.74 -23.84 3.86
N TYR P 156 -10.54 -23.96 5.17
CA TYR P 156 -9.73 -23.02 5.92
C TYR P 156 -8.27 -23.44 5.88
N PHE P 157 -7.39 -22.45 5.89
CA PHE P 157 -5.95 -22.68 5.91
C PHE P 157 -5.37 -22.00 7.15
N THR P 158 -4.06 -21.94 7.24
CA THR P 158 -3.41 -21.27 8.36
C THR P 158 -2.08 -20.72 7.88
N VAL P 159 -1.96 -19.39 7.87
CA VAL P 159 -0.82 -18.70 7.30
C VAL P 159 0.01 -18.08 8.42
N VAL P 160 1.31 -18.33 8.39
CA VAL P 160 2.26 -17.58 9.21
C VAL P 160 2.78 -16.43 8.36
N VAL P 161 2.51 -15.20 8.80
CA VAL P 161 2.86 -14.01 8.03
C VAL P 161 4.00 -13.30 8.73
N VAL P 162 5.11 -13.14 8.01
CA VAL P 162 6.29 -12.45 8.51
C VAL P 162 6.23 -11.04 7.95
N ASP P 163 5.86 -10.07 8.79
CA ASP P 163 5.70 -8.72 8.30
C ASP P 163 6.95 -7.89 8.56
N PHE P 164 7.19 -6.93 7.69
CA PHE P 164 8.38 -6.08 7.80
C PHE P 164 8.05 -4.61 7.64
N SER P 165 6.77 -4.23 7.68
CA SER P 165 6.38 -2.86 7.33
C SER P 165 6.78 -1.85 8.38
N TYR P 166 7.08 -2.30 9.60
CA TYR P 166 7.39 -1.41 10.71
C TYR P 166 8.89 -1.38 11.01
N ALA P 167 9.72 -1.83 10.08
CA ALA P 167 11.15 -1.76 10.28
C ALA P 167 11.64 -0.34 10.03
N GLN P 168 12.92 -0.12 10.32
CA GLN P 168 13.50 1.22 10.18
C GLN P 168 13.63 1.63 8.73
N ASN P 169 13.78 0.67 7.81
CA ASN P 169 13.75 0.96 6.38
C ASN P 169 13.19 -0.26 5.68
N PRO P 170 11.87 -0.31 5.51
CA PRO P 170 11.25 -1.54 4.99
C PRO P 170 11.31 -1.64 3.47
N ALA P 171 12.51 -1.52 2.92
CA ALA P 171 12.68 -1.55 1.47
C ALA P 171 13.72 -2.57 1.09
N ARG P 172 14.77 -2.69 1.91
CA ARG P 172 15.77 -3.72 1.68
C ARG P 172 16.02 -4.59 2.90
N ALA P 173 15.39 -4.31 4.05
CA ALA P 173 15.38 -5.30 5.12
C ALA P 173 14.60 -6.54 4.73
N VAL P 174 13.55 -6.40 3.92
CA VAL P 174 12.79 -7.56 3.50
C VAL P 174 13.50 -8.32 2.39
N VAL P 175 14.40 -7.69 1.65
CA VAL P 175 15.19 -8.41 0.66
C VAL P 175 16.49 -8.93 1.25
N SER P 176 16.86 -8.48 2.45
CA SER P 176 18.01 -9.06 3.13
C SER P 176 17.61 -10.29 3.92
N ALA P 177 16.42 -10.27 4.52
CA ALA P 177 15.95 -11.42 5.29
C ALA P 177 15.31 -12.49 4.40
N ASN P 178 14.93 -12.15 3.17
CA ASN P 178 14.45 -13.17 2.27
C ASN P 178 15.57 -14.10 1.83
N ALA P 179 16.81 -13.60 1.83
CA ALA P 179 17.95 -14.43 1.43
C ALA P 179 18.30 -15.44 2.51
N VAL P 180 18.40 -15.01 3.76
CA VAL P 180 18.87 -15.88 4.82
C VAL P 180 17.80 -16.87 5.27
N MET P 181 16.55 -16.62 4.95
CA MET P 181 15.50 -17.58 5.27
C MET P 181 15.42 -18.67 4.22
N SER Q 4 2.45 -40.70 32.39
CA SER Q 4 3.57 -41.01 31.52
C SER Q 4 4.88 -40.66 32.19
N VAL Q 5 4.81 -39.88 33.27
CA VAL Q 5 5.99 -39.47 33.99
C VAL Q 5 6.31 -40.40 35.15
N THR Q 6 5.47 -41.42 35.38
CA THR Q 6 5.69 -42.33 36.51
C THR Q 6 6.92 -43.20 36.29
N GLN Q 7 7.17 -43.62 35.06
CA GLN Q 7 8.29 -44.52 34.80
C GLN Q 7 9.65 -43.82 34.90
N GLN Q 8 9.70 -42.49 34.89
CA GLN Q 8 10.97 -41.81 35.04
C GLN Q 8 11.32 -41.53 36.48
N VAL Q 9 10.33 -41.28 37.33
CA VAL Q 9 10.61 -41.02 38.74
C VAL Q 9 10.66 -42.31 39.55
N PHE Q 10 10.05 -43.39 39.08
CA PHE Q 10 10.22 -44.67 39.72
C PHE Q 10 11.65 -45.17 39.57
N ASN Q 11 12.25 -44.95 38.39
CA ASN Q 11 13.66 -45.24 38.21
C ASN Q 11 14.54 -44.23 38.92
N PHE Q 12 14.02 -43.05 39.21
CA PHE Q 12 14.74 -42.07 40.01
C PHE Q 12 14.65 -42.38 41.50
N ALA Q 13 13.54 -42.98 41.93
CA ALA Q 13 13.40 -43.33 43.34
C ALA Q 13 14.27 -44.54 43.69
N VAL Q 14 14.21 -45.60 42.90
CA VAL Q 14 14.96 -46.82 43.22
C VAL Q 14 16.45 -46.69 43.01
N THR Q 15 16.92 -45.60 42.40
CA THR Q 15 18.35 -45.41 42.22
C THR Q 15 18.97 -44.60 43.35
N LYS Q 16 18.31 -43.51 43.75
CA LYS Q 16 18.87 -42.63 44.77
C LYS Q 16 18.67 -43.18 46.18
N SER Q 17 17.61 -43.96 46.41
CA SER Q 17 17.25 -44.37 47.76
C SER Q 17 17.93 -45.66 48.20
N GLN Q 18 18.58 -46.37 47.30
CA GLN Q 18 19.30 -47.58 47.67
C GLN Q 18 20.63 -47.40 48.43
N PRO Q 19 21.43 -46.35 48.25
CA PRO Q 19 22.58 -46.16 49.15
C PRO Q 19 22.21 -45.87 50.60
N PHE Q 20 20.98 -45.47 50.88
CA PHE Q 20 20.55 -45.19 52.24
C PHE Q 20 19.62 -46.25 52.81
N GLY Q 21 19.29 -47.28 52.03
CA GLY Q 21 18.27 -48.20 52.44
C GLY Q 21 16.95 -47.71 51.87
N GLY Q 22 16.36 -48.44 50.95
CA GLY Q 22 15.26 -47.89 50.21
C GLY Q 22 14.29 -48.93 49.73
N TYR Q 23 13.02 -48.66 49.96
CA TYR Q 23 11.96 -49.64 49.87
C TYR Q 23 10.83 -49.03 49.06
N VAL Q 24 10.93 -49.13 47.74
CA VAL Q 24 10.13 -48.33 46.82
C VAL Q 24 8.97 -49.16 46.30
N TYR Q 25 7.78 -48.60 46.35
CA TYR Q 25 6.61 -49.20 45.73
C TYR Q 25 5.65 -48.09 45.35
N SER Q 26 4.52 -48.46 44.77
CA SER Q 26 3.54 -47.49 44.32
C SER Q 26 2.16 -47.90 44.84
N THR Q 27 1.26 -46.93 44.89
CA THR Q 27 -0.08 -47.19 45.40
C THR Q 27 -1.05 -46.18 44.79
N ASN Q 28 -2.32 -46.33 45.15
CA ASN Q 28 -3.42 -45.60 44.53
C ASN Q 28 -4.08 -44.68 45.54
N LEU Q 29 -4.18 -43.40 45.20
CA LEU Q 29 -4.83 -42.41 46.04
C LEU Q 29 -6.16 -42.00 45.40
N THR Q 30 -7.18 -41.86 46.23
CA THR Q 30 -8.54 -41.54 45.77
C THR Q 30 -8.95 -40.21 46.37
N ALA Q 31 -9.24 -39.24 45.51
CA ALA Q 31 -9.72 -37.93 45.93
C ALA Q 31 -11.15 -37.77 45.43
N SER Q 32 -12.07 -37.40 46.32
CA SER Q 32 -13.48 -37.38 45.99
C SER Q 32 -14.18 -36.25 46.72
N THR Q 33 -14.64 -35.25 45.97
CA THR Q 33 -15.46 -34.20 46.55
C THR Q 33 -16.85 -34.75 46.81
N SER Q 34 -17.34 -34.59 48.03
CA SER Q 34 -18.62 -35.19 48.39
C SER Q 34 -19.78 -34.31 47.95
N SER Q 35 -20.88 -34.97 47.56
CA SER Q 35 -22.23 -34.42 47.49
C SER Q 35 -22.40 -33.28 46.47
N ALA Q 36 -22.09 -33.57 45.20
CA ALA Q 36 -22.68 -32.92 44.03
C ALA Q 36 -22.40 -31.40 43.98
N VAL Q 37 -21.12 -31.07 43.74
CA VAL Q 37 -20.69 -29.68 43.60
C VAL Q 37 -21.44 -29.00 42.45
N THR Q 38 -22.03 -27.84 42.74
CA THR Q 38 -22.85 -27.11 41.77
C THR Q 38 -22.56 -25.62 41.67
N SER Q 39 -21.91 -25.00 42.66
CA SER Q 39 -21.71 -23.56 42.62
C SER Q 39 -20.24 -23.13 42.67
N THR Q 40 -19.49 -23.53 43.69
CA THR Q 40 -18.21 -22.88 44.00
C THR Q 40 -17.19 -23.94 44.41
N GLN Q 41 -16.04 -23.47 44.89
CA GLN Q 41 -14.87 -24.32 45.14
C GLN Q 41 -15.11 -25.26 46.31
N LEU Q 42 -14.85 -26.55 46.10
CA LEU Q 42 -15.06 -27.59 47.09
C LEU Q 42 -13.74 -28.17 47.59
N THR Q 43 -13.85 -28.98 48.63
CA THR Q 43 -12.73 -29.62 49.31
C THR Q 43 -12.87 -31.14 49.18
N PRO Q 44 -11.95 -31.83 48.50
CA PRO Q 44 -12.10 -33.27 48.32
C PRO Q 44 -11.58 -34.07 49.49
N LEU Q 45 -12.19 -35.23 49.70
CA LEU Q 45 -11.86 -36.13 50.80
C LEU Q 45 -10.79 -37.12 50.32
N ASN Q 46 -9.54 -36.88 50.71
CA ASN Q 46 -8.46 -37.76 50.31
C ASN Q 46 -8.56 -39.12 51.01
N LEU Q 47 -7.96 -40.12 50.37
CA LEU Q 47 -7.91 -41.47 50.94
C LEU Q 47 -6.77 -42.23 50.26
N SER Q 48 -5.71 -42.51 51.01
CA SER Q 48 -4.57 -43.25 50.51
C SER Q 48 -4.62 -44.67 51.05
N ILE Q 49 -3.91 -45.57 50.37
CA ILE Q 49 -3.82 -46.97 50.77
C ILE Q 49 -2.34 -47.32 50.84
N THR Q 50 -1.82 -47.43 52.05
CA THR Q 50 -0.44 -47.87 52.20
C THR Q 50 -0.42 -49.40 52.26
N LEU Q 51 0.58 -49.95 52.95
CA LEU Q 51 0.82 -51.39 52.90
C LEU Q 51 -0.21 -52.17 53.73
N GLY Q 52 -0.14 -52.05 55.04
CA GLY Q 52 -0.79 -53.00 55.92
C GLY Q 52 -2.13 -52.58 56.48
N GLN Q 53 -3.13 -52.41 55.61
CA GLN Q 53 -4.46 -51.90 55.95
C GLN Q 53 -4.35 -50.53 56.62
N ILE Q 54 -3.40 -49.74 56.14
CA ILE Q 54 -3.18 -48.38 56.62
C ILE Q 54 -3.87 -47.47 55.62
N THR Q 55 -5.12 -47.11 55.91
CA THR Q 55 -5.93 -46.30 55.02
C THR Q 55 -6.06 -44.93 55.65
N LEU Q 56 -5.12 -44.04 55.33
CA LEU Q 56 -5.20 -42.67 55.78
C LEU Q 56 -6.34 -41.95 55.08
N SER Q 57 -7.21 -41.31 55.85
CA SER Q 57 -8.41 -40.73 55.28
C SER Q 57 -8.61 -39.29 55.72
N GLY Q 58 -9.76 -38.71 55.39
CA GLY Q 58 -10.07 -37.35 55.76
C GLY Q 58 -9.30 -36.33 54.94
N ASN Q 59 -9.69 -35.08 55.12
CA ASN Q 59 -9.01 -33.97 54.45
C ASN Q 59 -7.60 -33.82 55.01
N SER Q 60 -6.71 -33.25 54.19
CA SER Q 60 -5.37 -32.78 54.55
C SER Q 60 -4.53 -33.89 55.18
N LEU Q 61 -4.15 -34.85 54.33
CA LEU Q 61 -3.33 -35.98 54.76
C LEU Q 61 -1.95 -35.52 55.23
N VAL Q 62 -1.49 -36.14 56.31
CA VAL Q 62 -0.17 -35.86 56.87
C VAL Q 62 0.73 -37.05 56.57
N ILE Q 63 1.87 -36.78 55.97
CA ILE Q 63 2.78 -37.83 55.50
C ILE Q 63 3.51 -38.45 56.68
N PRO Q 64 3.64 -39.78 56.73
CA PRO Q 64 4.40 -40.44 57.81
C PRO Q 64 5.87 -40.02 57.84
N ALA Q 65 6.49 -40.24 59.00
CA ALA Q 65 7.79 -39.67 59.29
C ALA Q 65 8.94 -40.42 58.66
N THR Q 66 8.70 -41.49 57.91
CA THR Q 66 9.75 -42.29 57.33
C THR Q 66 9.61 -42.44 55.82
N GLN Q 67 8.68 -41.73 55.19
CA GLN Q 67 8.36 -41.93 53.80
C GLN Q 67 8.52 -40.65 53.01
N ILE Q 68 8.77 -40.80 51.71
CA ILE Q 68 8.88 -39.69 50.78
C ILE Q 68 7.92 -39.99 49.64
N TRP Q 69 6.85 -39.22 49.52
CA TRP Q 69 5.87 -39.55 48.51
C TRP Q 69 6.19 -38.83 47.20
N TYR Q 70 5.55 -39.26 46.13
CA TYR Q 70 5.68 -38.63 44.82
C TYR Q 70 4.35 -38.76 44.11
N LEU Q 71 3.71 -37.64 43.83
CA LEU Q 71 2.40 -37.63 43.19
C LEU Q 71 2.62 -37.48 41.69
N THR Q 72 2.23 -38.50 40.92
CA THR Q 72 2.67 -38.60 39.53
C THR Q 72 1.58 -38.34 38.51
N ASP Q 73 0.54 -39.17 38.42
CA ASP Q 73 -0.46 -39.02 37.38
C ASP Q 73 -1.85 -39.12 37.99
N ALA Q 74 -2.86 -39.04 37.13
CA ALA Q 74 -4.25 -39.16 37.54
C ALA Q 74 -5.06 -39.71 36.37
N TYR Q 75 -6.25 -40.20 36.69
CA TYR Q 75 -7.17 -40.70 35.67
C TYR Q 75 -8.58 -40.68 36.20
N VAL Q 76 -9.54 -40.71 35.29
CA VAL Q 76 -10.96 -40.64 35.62
C VAL Q 76 -11.66 -41.80 34.89
N SER Q 77 -12.43 -42.58 35.64
CA SER Q 77 -13.09 -43.75 35.06
C SER Q 77 -14.22 -43.34 34.11
N VAL Q 78 -14.67 -44.30 33.31
CA VAL Q 78 -15.77 -44.12 32.36
C VAL Q 78 -17.11 -43.79 33.02
N PRO Q 79 -17.56 -44.41 34.13
CA PRO Q 79 -18.85 -43.96 34.72
C PRO Q 79 -18.85 -42.55 35.28
N ASP Q 80 -17.69 -41.91 35.45
CA ASP Q 80 -17.69 -40.48 35.73
C ASP Q 80 -17.80 -39.68 34.45
N TYR Q 81 -17.09 -40.10 33.40
CA TYR Q 81 -17.03 -39.33 32.16
C TYR Q 81 -18.34 -39.36 31.40
N THR Q 82 -19.13 -40.41 31.55
CA THR Q 82 -20.46 -40.38 30.99
C THR Q 82 -21.42 -39.57 31.85
N ASN Q 83 -21.04 -39.28 33.10
CA ASN Q 83 -21.83 -38.39 33.93
C ASN Q 83 -21.43 -36.94 33.79
N ILE Q 84 -20.20 -36.67 33.35
CA ILE Q 84 -19.77 -35.30 33.12
C ILE Q 84 -20.48 -34.74 31.89
N THR Q 85 -20.46 -35.50 30.79
CA THR Q 85 -21.02 -35.01 29.52
C THR Q 85 -22.53 -34.92 29.55
N ASN Q 86 -23.21 -35.70 30.38
CA ASN Q 86 -24.65 -35.60 30.51
C ASN Q 86 -25.08 -34.59 31.58
N GLY Q 87 -24.13 -33.90 32.19
CA GLY Q 87 -24.46 -32.90 33.19
C GLY Q 87 -24.82 -33.46 34.54
N ALA Q 88 -24.38 -34.66 34.88
CA ALA Q 88 -24.67 -35.24 36.19
C ALA Q 88 -23.62 -34.91 37.22
N GLU Q 89 -22.44 -34.45 36.82
CA GLU Q 89 -21.46 -33.97 37.78
C GLU Q 89 -20.60 -32.91 37.11
N ALA Q 90 -19.83 -32.20 37.93
CA ALA Q 90 -19.19 -30.98 37.50
C ALA Q 90 -17.85 -31.24 36.83
N ASP Q 91 -17.47 -30.34 35.94
CA ASP Q 91 -16.14 -30.32 35.37
C ASP Q 91 -15.26 -29.42 36.25
N GLY Q 92 -14.04 -29.15 35.82
CA GLY Q 92 -13.17 -28.25 36.54
C GLY Q 92 -11.80 -28.84 36.73
N VAL Q 93 -10.96 -28.12 37.48
CA VAL Q 93 -9.59 -28.54 37.71
C VAL Q 93 -9.41 -28.82 39.19
N ILE Q 94 -8.27 -29.40 39.57
CA ILE Q 94 -7.97 -29.73 40.95
C ILE Q 94 -6.64 -29.09 41.31
N LEU Q 95 -6.62 -28.35 42.42
CA LEU Q 95 -5.43 -27.66 42.88
C LEU Q 95 -4.75 -28.47 43.96
N ILE Q 96 -3.43 -28.54 43.92
CA ILE Q 96 -2.65 -29.43 44.77
C ILE Q 96 -1.70 -28.58 45.61
N TYR Q 97 -1.93 -28.55 46.92
CA TYR Q 97 -1.16 -27.73 47.84
C TYR Q 97 -0.13 -28.56 48.59
N LYS Q 98 0.83 -27.86 49.20
CA LYS Q 98 1.84 -28.49 50.05
C LYS Q 98 2.16 -27.56 51.20
N ASP Q 99 2.12 -28.07 52.43
CA ASP Q 99 2.25 -27.33 53.70
C ASP Q 99 1.18 -26.27 53.88
N GLY Q 100 0.07 -26.35 53.15
CA GLY Q 100 -0.98 -25.36 53.22
C GLY Q 100 -0.74 -24.08 52.46
N VAL Q 101 0.50 -23.64 52.30
CA VAL Q 101 0.80 -22.32 51.74
C VAL Q 101 1.11 -22.39 50.25
N LYS Q 102 1.96 -23.33 49.83
CA LYS Q 102 2.38 -23.38 48.44
C LYS Q 102 1.31 -24.04 47.60
N LEU Q 103 1.02 -23.47 46.44
CA LEU Q 103 0.25 -24.13 45.41
C LEU Q 103 1.22 -24.60 44.32
N MET Q 104 1.17 -25.89 44.01
CA MET Q 104 2.23 -26.47 43.20
C MET Q 104 1.79 -26.99 41.84
N LEU Q 105 0.51 -27.31 41.64
CA LEU Q 105 0.05 -27.84 40.37
C LEU Q 105 -1.37 -27.43 40.09
N THR Q 106 -1.81 -27.77 38.89
CA THR Q 106 -3.21 -27.73 38.50
C THR Q 106 -3.46 -28.90 37.57
N THR Q 107 -4.39 -29.76 37.91
CA THR Q 107 -4.70 -30.89 37.04
C THR Q 107 -5.45 -30.40 35.82
N PRO Q 108 -5.05 -30.77 34.62
CA PRO Q 108 -5.66 -30.23 33.41
C PRO Q 108 -7.05 -30.78 33.09
N LEU Q 109 -8.10 -30.18 33.66
CA LEU Q 109 -9.48 -30.36 33.20
C LEU Q 109 -9.97 -31.80 33.25
N ILE Q 110 -10.32 -32.29 34.45
CA ILE Q 110 -10.58 -33.69 34.76
C ILE Q 110 -11.50 -34.47 33.82
N SER Q 111 -12.30 -33.78 33.00
CA SER Q 111 -13.01 -34.48 31.94
C SER Q 111 -12.12 -34.79 30.75
N SER Q 112 -10.95 -34.15 30.63
CA SER Q 112 -9.99 -34.45 29.58
C SER Q 112 -8.92 -35.41 30.04
N MET Q 113 -8.99 -35.89 31.28
CA MET Q 113 -8.11 -36.93 31.77
C MET Q 113 -8.81 -38.26 31.88
N SER Q 114 -9.94 -38.42 31.19
CA SER Q 114 -10.71 -39.64 31.29
C SER Q 114 -9.98 -40.80 30.66
N ILE Q 115 -10.38 -42.02 31.05
CA ILE Q 115 -9.68 -43.21 30.63
C ILE Q 115 -10.10 -43.63 29.23
N SER Q 116 -11.11 -42.99 28.65
CA SER Q 116 -11.53 -43.27 27.28
C SER Q 116 -11.21 -42.15 26.30
N ASN Q 117 -10.43 -41.15 26.71
CA ASN Q 117 -9.88 -40.21 25.74
C ASN Q 117 -8.65 -40.80 25.09
N PRO Q 118 -8.61 -40.92 23.75
CA PRO Q 118 -7.39 -41.43 23.11
C PRO Q 118 -6.21 -40.49 23.25
N ALA Q 119 -6.45 -39.19 23.40
CA ALA Q 119 -5.43 -38.26 23.88
C ALA Q 119 -5.71 -37.98 25.35
N ARG Q 120 -5.36 -38.93 26.20
CA ARG Q 120 -5.48 -38.74 27.63
C ARG Q 120 -4.32 -37.90 28.12
N THR Q 121 -4.61 -36.74 28.68
CA THR Q 121 -3.58 -35.82 29.12
C THR Q 121 -2.99 -36.26 30.46
N HIS Q 122 -1.73 -35.93 30.67
CA HIS Q 122 -1.01 -36.30 31.87
C HIS Q 122 -0.62 -35.05 32.64
N LEU Q 123 0.10 -35.23 33.74
CA LEU Q 123 0.57 -34.12 34.53
C LEU Q 123 1.89 -33.59 33.99
N ALA Q 124 2.28 -32.40 34.46
CA ALA Q 124 3.49 -31.77 33.93
C ALA Q 124 4.75 -32.38 34.51
N GLN Q 125 4.96 -32.22 35.81
CA GLN Q 125 6.05 -32.87 36.53
C GLN Q 125 5.50 -33.39 37.85
N ALA Q 126 6.04 -34.51 38.31
CA ALA Q 126 5.61 -35.10 39.56
C ALA Q 126 6.12 -34.28 40.74
N VAL Q 127 5.22 -34.02 41.69
CA VAL Q 127 5.52 -33.15 42.83
C VAL Q 127 6.03 -33.99 43.98
N LYS Q 128 7.24 -33.67 44.43
CA LYS Q 128 7.87 -34.43 45.51
C LYS Q 128 7.34 -33.96 46.85
N TYR Q 129 6.98 -34.92 47.69
CA TYR Q 129 6.43 -34.63 49.01
C TYR Q 129 7.36 -35.20 50.07
N SER Q 130 7.72 -34.38 51.03
CA SER Q 130 8.76 -34.67 52.00
C SER Q 130 8.12 -35.44 53.16
N PRO Q 131 8.90 -35.88 54.15
CA PRO Q 131 8.32 -36.20 55.46
C PRO Q 131 7.66 -35.00 56.09
N GLN Q 132 7.01 -35.25 57.23
CA GLN Q 132 5.66 -34.80 57.56
C GLN Q 132 5.31 -33.43 56.99
N SER Q 133 4.29 -33.42 56.14
CA SER Q 133 3.92 -32.24 55.37
C SER Q 133 2.48 -32.45 54.92
N ILE Q 134 1.65 -31.45 55.14
CA ILE Q 134 0.23 -31.59 54.84
C ILE Q 134 0.02 -31.56 53.34
N LEU Q 135 -0.56 -32.62 52.80
CA LEU Q 135 -1.00 -32.70 51.42
C LEU Q 135 -2.50 -32.47 51.41
N THR Q 136 -2.94 -31.37 50.83
CA THR Q 136 -4.36 -31.10 50.70
C THR Q 136 -4.68 -30.68 49.28
N MET Q 137 -5.92 -30.93 48.88
CA MET Q 137 -6.36 -30.65 47.52
C MET Q 137 -7.62 -29.80 47.56
N TYR Q 138 -7.97 -29.25 46.40
CA TYR Q 138 -9.10 -28.36 46.27
C TYR Q 138 -9.64 -28.47 44.85
N PHE Q 139 -10.96 -28.39 44.72
CA PHE Q 139 -11.63 -28.58 43.44
C PHE Q 139 -12.28 -27.28 43.02
N ASN Q 140 -11.89 -26.77 41.84
CA ASN Q 140 -12.38 -25.50 41.32
C ASN Q 140 -13.30 -25.76 40.14
N PRO Q 141 -14.62 -25.78 40.34
CA PRO Q 141 -15.52 -26.23 39.26
C PRO Q 141 -15.80 -25.12 38.25
N THR Q 142 -15.61 -25.43 36.99
CA THR Q 142 -16.09 -24.63 35.88
C THR Q 142 -17.08 -25.47 35.09
N LYS Q 143 -18.19 -24.84 34.67
CA LYS Q 143 -19.37 -25.47 34.08
C LYS Q 143 -19.86 -26.56 35.02
N PRO Q 144 -20.54 -26.20 36.10
CA PRO Q 144 -20.85 -27.17 37.16
C PRO Q 144 -22.03 -28.05 36.77
N ALA Q 145 -22.43 -28.88 37.74
CA ALA Q 145 -23.54 -29.81 37.53
C ALA Q 145 -24.85 -29.05 37.40
N THR Q 146 -25.60 -29.36 36.34
CA THR Q 146 -26.87 -28.69 36.10
C THR Q 146 -28.08 -29.61 36.20
N ALA Q 147 -27.94 -30.88 35.86
CA ALA Q 147 -29.10 -31.77 35.83
C ALA Q 147 -29.51 -32.19 37.23
N SER Q 148 -30.71 -32.75 37.33
CA SER Q 148 -31.16 -33.36 38.57
C SER Q 148 -30.43 -34.69 38.80
N THR Q 149 -30.64 -35.25 40.00
CA THR Q 149 -30.00 -36.44 40.57
C THR Q 149 -28.49 -36.50 40.25
N SER Q 150 -27.78 -35.49 40.77
CA SER Q 150 -26.37 -35.35 40.49
C SER Q 150 -25.55 -36.30 41.36
N TYR Q 151 -24.26 -36.39 41.05
CA TYR Q 151 -23.37 -37.36 41.66
C TYR Q 151 -22.08 -36.68 42.08
N PRO Q 152 -21.44 -37.17 43.15
CA PRO Q 152 -20.17 -36.60 43.58
C PRO Q 152 -19.04 -36.91 42.61
N ASN Q 153 -17.95 -36.17 42.75
CA ASN Q 153 -16.76 -36.40 41.93
C ASN Q 153 -15.89 -37.47 42.56
N THR Q 154 -15.06 -38.10 41.72
CA THR Q 154 -14.03 -39.01 42.18
C THR Q 154 -12.91 -39.01 41.15
N VAL Q 155 -11.70 -38.65 41.56
CA VAL Q 155 -10.55 -38.60 40.67
C VAL Q 155 -9.41 -39.36 41.33
N TYR Q 156 -8.97 -40.44 40.71
CA TYR Q 156 -7.92 -41.27 41.29
C TYR Q 156 -6.56 -40.74 40.87
N PHE Q 157 -5.57 -40.96 41.72
CA PHE Q 157 -4.21 -40.51 41.47
C PHE Q 157 -3.26 -41.71 41.53
N THR Q 158 -1.96 -41.41 41.51
CA THR Q 158 -0.95 -42.46 41.55
C THR Q 158 0.26 -41.94 42.31
N VAL Q 159 0.61 -42.61 43.39
CA VAL Q 159 1.64 -42.14 44.33
C VAL Q 159 2.80 -43.12 44.28
N VAL Q 160 4.01 -42.59 44.26
CA VAL Q 160 5.23 -43.40 44.39
C VAL Q 160 5.77 -43.18 45.80
N VAL Q 161 5.77 -44.25 46.61
CA VAL Q 161 6.10 -44.16 48.03
C VAL Q 161 7.48 -44.75 48.25
N VAL Q 162 8.36 -43.98 48.88
CA VAL Q 162 9.72 -44.41 49.13
C VAL Q 162 9.86 -44.58 50.64
N ASP Q 163 9.60 -45.78 51.14
CA ASP Q 163 9.63 -46.07 52.56
C ASP Q 163 11.05 -46.40 53.02
N PHE Q 164 11.32 -46.10 54.29
CA PHE Q 164 12.65 -46.22 54.86
C PHE Q 164 12.62 -47.00 56.18
N SER Q 165 11.61 -47.84 56.38
CA SER Q 165 11.41 -48.48 57.66
C SER Q 165 12.46 -49.53 57.99
N TYR Q 166 13.14 -50.07 56.98
CA TYR Q 166 14.03 -51.20 57.17
C TYR Q 166 15.51 -50.83 57.06
N ALA Q 167 15.85 -49.55 57.20
CA ALA Q 167 17.25 -49.19 57.21
C ALA Q 167 17.86 -49.48 58.57
N GLN Q 168 19.16 -49.21 58.68
CA GLN Q 168 19.85 -49.37 59.96
C GLN Q 168 19.33 -48.39 61.00
N ASN Q 169 19.01 -47.16 60.57
CA ASN Q 169 18.47 -46.14 61.45
C ASN Q 169 17.40 -45.38 60.67
N PRO Q 170 16.12 -45.61 60.98
CA PRO Q 170 15.05 -45.03 60.14
C PRO Q 170 14.87 -43.52 60.29
N ALA Q 171 15.60 -42.87 61.19
CA ALA Q 171 15.46 -41.43 61.36
C ALA Q 171 16.59 -40.66 60.69
N ARG Q 172 17.83 -41.10 60.84
CA ARG Q 172 18.95 -40.42 60.21
C ARG Q 172 19.07 -40.75 58.73
N ALA Q 173 18.35 -41.75 58.25
CA ALA Q 173 18.45 -42.12 56.84
C ALA Q 173 17.60 -41.25 55.95
N VAL Q 174 16.43 -40.82 56.44
CA VAL Q 174 15.47 -40.13 55.58
C VAL Q 174 15.93 -38.72 55.29
N VAL Q 175 16.29 -37.97 56.33
CA VAL Q 175 16.70 -36.58 56.17
C VAL Q 175 18.05 -36.42 55.50
N SER Q 176 18.78 -37.52 55.29
CA SER Q 176 19.94 -37.51 54.42
C SER Q 176 19.61 -37.94 53.00
N ALA Q 177 18.51 -38.66 52.80
CA ALA Q 177 18.05 -39.00 51.46
C ALA Q 177 17.03 -38.02 50.91
N ASN Q 178 16.31 -37.33 51.80
CA ASN Q 178 15.42 -36.25 51.37
C ASN Q 178 16.21 -35.08 50.80
N ALA Q 179 17.45 -34.90 51.24
CA ALA Q 179 18.27 -33.82 50.73
C ALA Q 179 18.82 -34.11 49.34
N VAL Q 180 19.03 -35.38 49.01
CA VAL Q 180 19.63 -35.74 47.72
C VAL Q 180 18.58 -36.17 46.69
N MET Q 181 17.39 -36.57 47.12
CA MET Q 181 16.31 -36.86 46.19
C MET Q 181 15.51 -35.61 45.92
N SER R 4 4.12 -31.07 24.31
CA SER R 4 5.10 -30.78 25.35
C SER R 4 5.75 -29.44 25.11
N VAL R 5 4.98 -28.49 24.58
CA VAL R 5 5.46 -27.12 24.46
C VAL R 5 5.47 -26.44 25.83
N THR R 6 4.63 -26.89 26.76
CA THR R 6 4.64 -26.33 28.10
C THR R 6 5.84 -26.80 28.88
N GLN R 7 6.22 -28.08 28.71
CA GLN R 7 7.36 -28.62 29.44
C GLN R 7 8.69 -28.06 28.94
N GLN R 8 8.75 -27.58 27.71
CA GLN R 8 9.94 -26.85 27.30
C GLN R 8 9.97 -25.45 27.90
N VAL R 9 8.80 -24.89 28.20
CA VAL R 9 8.73 -23.57 28.80
C VAL R 9 8.86 -23.68 30.32
N PHE R 10 8.25 -24.70 30.92
CA PHE R 10 8.29 -24.89 32.37
C PHE R 10 9.71 -25.22 32.83
N ASN R 11 10.43 -26.01 32.04
CA ASN R 11 11.84 -26.26 32.34
C ASN R 11 12.73 -25.09 31.93
N PHE R 12 12.21 -24.16 31.12
CA PHE R 12 12.95 -22.93 30.85
C PHE R 12 12.76 -21.92 31.97
N ALA R 13 11.59 -21.89 32.59
CA ALA R 13 11.32 -20.92 33.64
C ALA R 13 12.00 -21.29 34.94
N VAL R 14 12.07 -22.59 35.27
CA VAL R 14 12.74 -22.99 36.51
C VAL R 14 14.25 -22.95 36.41
N THR R 15 14.81 -22.77 35.21
CA THR R 15 16.25 -22.70 35.06
C THR R 15 16.75 -21.26 35.09
N LYS R 16 16.01 -20.34 34.49
CA LYS R 16 16.45 -18.95 34.43
C LYS R 16 16.07 -18.16 35.68
N SER R 17 14.89 -18.43 36.25
CA SER R 17 14.42 -17.69 37.41
C SER R 17 14.92 -18.26 38.73
N GLN R 18 15.75 -19.27 38.69
CA GLN R 18 16.31 -19.87 39.90
C GLN R 18 17.43 -19.07 40.57
N PRO R 19 18.39 -18.42 39.87
CA PRO R 19 19.40 -17.65 40.63
C PRO R 19 18.86 -16.41 41.30
N PHE R 20 17.76 -15.85 40.80
CA PHE R 20 17.16 -14.67 41.41
C PHE R 20 16.13 -15.03 42.47
N GLY R 21 15.69 -16.28 42.52
CA GLY R 21 14.71 -16.68 43.48
C GLY R 21 13.35 -16.38 42.90
N GLY R 22 12.57 -17.41 42.61
CA GLY R 22 11.35 -17.17 41.87
C GLY R 22 10.46 -18.38 41.81
N TYR R 23 9.19 -18.17 42.08
CA TYR R 23 8.24 -19.27 42.20
C TYR R 23 7.64 -19.55 40.83
N VAL R 24 7.79 -20.78 40.35
CA VAL R 24 7.26 -21.19 39.05
C VAL R 24 6.18 -22.23 39.29
N TYR R 25 4.99 -21.99 38.77
CA TYR R 25 3.92 -22.96 38.80
C TYR R 25 2.97 -22.68 37.66
N SER R 26 2.08 -23.63 37.41
CA SER R 26 1.16 -23.56 36.29
C SER R 26 -0.27 -23.47 36.78
N THR R 27 -1.13 -22.81 36.00
CA THR R 27 -2.53 -22.67 36.34
C THR R 27 -3.34 -22.77 35.06
N ASN R 28 -4.65 -22.55 35.16
CA ASN R 28 -5.55 -22.71 34.04
C ASN R 28 -6.43 -21.47 33.91
N LEU R 29 -6.32 -20.78 32.78
CA LEU R 29 -7.05 -19.56 32.50
C LEU R 29 -8.23 -19.85 31.59
N THR R 30 -9.39 -19.33 31.95
CA THR R 30 -10.65 -19.64 31.29
C THR R 30 -11.17 -18.40 30.59
N ALA R 31 -11.34 -18.49 29.27
CA ALA R 31 -11.90 -17.41 28.47
C ALA R 31 -13.31 -17.81 28.07
N SER R 32 -14.30 -17.16 28.67
CA SER R 32 -15.70 -17.57 28.50
C SER R 32 -16.49 -16.38 27.97
N THR R 33 -16.87 -16.45 26.69
CA THR R 33 -17.79 -15.48 26.12
C THR R 33 -19.16 -15.67 26.72
N SER R 34 -19.75 -14.60 27.23
CA SER R 34 -21.01 -14.69 27.96
C SER R 34 -22.21 -14.65 27.02
N SER R 35 -23.15 -15.54 27.30
CA SER R 35 -24.56 -15.49 26.84
C SER R 35 -24.71 -15.50 25.32
N ALA R 36 -24.26 -16.60 24.70
CA ALA R 36 -24.78 -17.11 23.42
C ALA R 36 -24.60 -16.12 22.26
N VAL R 37 -23.33 -15.93 21.88
CA VAL R 37 -22.98 -15.08 20.73
C VAL R 37 -23.65 -15.61 19.46
N THR R 38 -24.38 -14.72 18.78
CA THR R 38 -25.13 -15.09 17.58
C THR R 38 -24.96 -14.17 16.39
N SER R 39 -24.36 -12.99 16.54
CA SER R 39 -24.29 -12.06 15.41
C SER R 39 -22.87 -11.66 15.00
N THR R 40 -22.08 -11.08 15.91
CA THR R 40 -20.84 -10.43 15.51
C THR R 40 -19.81 -10.57 16.62
N GLN R 41 -18.75 -9.77 16.56
CA GLN R 41 -17.62 -9.88 17.47
C GLN R 41 -18.01 -9.51 18.90
N LEU R 42 -17.67 -10.38 19.84
CA LEU R 42 -17.89 -10.17 21.27
C LEU R 42 -16.55 -10.18 22.00
N THR R 43 -16.61 -10.20 23.33
CA THR R 43 -15.43 -10.22 24.17
C THR R 43 -15.61 -11.19 25.34
N PRO R 44 -14.72 -12.15 25.51
CA PRO R 44 -14.86 -13.11 26.61
C PRO R 44 -14.24 -12.62 27.90
N LEU R 45 -14.75 -13.13 29.01
CA LEU R 45 -14.30 -12.77 30.34
C LEU R 45 -13.15 -13.66 30.76
N ASN R 46 -11.94 -13.11 30.82
CA ASN R 46 -10.79 -13.87 31.29
C ASN R 46 -10.93 -14.17 32.77
N LEU R 47 -10.45 -15.33 33.18
CA LEU R 47 -10.68 -15.80 34.54
C LEU R 47 -9.50 -16.69 34.93
N SER R 48 -8.53 -16.12 35.63
CA SER R 48 -7.36 -16.86 36.06
C SER R 48 -7.52 -17.31 37.51
N ILE R 49 -6.78 -18.34 37.88
CA ILE R 49 -6.79 -18.86 39.24
C ILE R 49 -5.36 -18.81 39.75
N THR R 50 -5.05 -17.80 40.55
CA THR R 50 -3.72 -17.62 41.09
C THR R 50 -3.64 -18.44 42.38
N LEU R 51 -2.58 -18.24 43.17
CA LEU R 51 -2.27 -19.13 44.29
C LEU R 51 -3.28 -19.00 45.42
N GLY R 52 -3.37 -17.82 46.03
CA GLY R 52 -4.10 -17.68 47.28
C GLY R 52 -5.60 -17.60 47.12
N GLN R 53 -6.18 -18.60 46.46
CA GLN R 53 -7.61 -18.86 46.33
C GLN R 53 -8.36 -17.74 45.61
N ILE R 54 -7.67 -16.83 44.94
CA ILE R 54 -8.34 -15.72 44.29
C ILE R 54 -8.81 -16.19 42.92
N THR R 55 -9.73 -15.43 42.35
CA THR R 55 -10.21 -15.64 41.00
C THR R 55 -10.16 -14.28 40.31
N LEU R 56 -9.11 -14.04 39.54
CA LEU R 56 -8.99 -12.81 38.78
C LEU R 56 -9.98 -12.85 37.63
N SER R 57 -11.19 -12.36 37.87
CA SER R 57 -12.23 -12.43 36.87
C SER R 57 -12.27 -11.12 36.09
N GLY R 58 -13.29 -10.97 35.26
CA GLY R 58 -13.45 -9.77 34.46
C GLY R 58 -12.49 -9.71 33.29
N ASN R 59 -12.78 -8.79 32.38
CA ASN R 59 -11.96 -8.58 31.21
C ASN R 59 -10.64 -7.94 31.60
N SER R 60 -9.67 -7.99 30.67
CA SER R 60 -8.44 -7.20 30.69
C SER R 60 -7.61 -7.46 31.95
N LEU R 61 -7.09 -8.67 32.04
CA LEU R 61 -6.27 -9.05 33.19
C LEU R 61 -4.98 -8.26 33.23
N VAL R 62 -4.70 -7.67 34.38
CA VAL R 62 -3.48 -6.92 34.60
C VAL R 62 -2.49 -7.81 35.33
N ILE R 63 -1.31 -7.98 34.76
CA ILE R 63 -0.25 -8.74 35.42
C ILE R 63 0.32 -7.89 36.54
N PRO R 64 0.46 -8.44 37.76
CA PRO R 64 1.08 -7.68 38.84
C PRO R 64 2.56 -7.44 38.59
N ALA R 65 3.14 -6.54 39.37
CA ALA R 65 4.49 -6.07 39.12
C ALA R 65 5.57 -7.05 39.53
N THR R 66 5.20 -8.21 40.07
CA THR R 66 6.18 -9.20 40.50
C THR R 66 6.10 -10.50 39.71
N GLN R 67 5.21 -10.60 38.74
CA GLN R 67 4.95 -11.86 38.06
C GLN R 67 5.21 -11.75 36.57
N ILE R 68 5.52 -12.89 35.96
CA ILE R 68 5.69 -13.04 34.51
C ILE R 68 4.81 -14.20 34.07
N TRP R 69 3.97 -13.97 33.08
CA TRP R 69 3.05 -15.01 32.64
C TRP R 69 3.47 -15.56 31.29
N TYR R 70 3.07 -16.80 31.02
CA TYR R 70 3.37 -17.48 29.76
C TYR R 70 2.10 -18.20 29.32
N LEU R 71 1.58 -17.85 28.14
CA LEU R 71 0.41 -18.52 27.59
C LEU R 71 0.88 -19.64 26.69
N THR R 72 0.61 -20.89 27.07
CA THR R 72 1.27 -22.03 26.46
C THR R 72 0.40 -22.88 25.54
N ASP R 73 -0.82 -23.25 25.90
CA ASP R 73 -1.65 -24.00 24.97
C ASP R 73 -3.10 -23.59 25.12
N ALA R 74 -3.95 -24.17 24.28
CA ALA R 74 -5.38 -23.92 24.32
C ALA R 74 -6.10 -25.16 23.83
N TYR R 75 -7.31 -25.37 24.37
CA TYR R 75 -8.14 -26.49 23.94
C TYR R 75 -9.59 -26.16 24.23
N VAL R 76 -10.46 -27.12 24.01
CA VAL R 76 -11.90 -26.98 24.19
C VAL R 76 -12.42 -28.27 24.83
N SER R 77 -13.24 -28.12 25.87
CA SER R 77 -13.79 -29.29 26.54
C SER R 77 -14.79 -30.01 25.62
N VAL R 78 -14.94 -31.31 25.86
CA VAL R 78 -15.68 -32.20 24.96
C VAL R 78 -17.19 -31.93 24.97
N PRO R 79 -17.87 -31.61 26.10
CA PRO R 79 -19.25 -31.14 25.97
C PRO R 79 -19.40 -29.79 25.28
N ASP R 80 -18.34 -29.00 25.13
CA ASP R 80 -18.45 -27.81 24.29
C ASP R 80 -18.30 -28.17 22.82
N TYR R 81 -17.45 -29.15 22.52
CA TYR R 81 -17.28 -29.59 21.13
C TYR R 81 -18.52 -30.32 20.63
N THR R 82 -19.27 -30.96 21.53
CA THR R 82 -20.55 -31.53 21.14
C THR R 82 -21.57 -30.44 20.84
N ASN R 83 -21.50 -29.33 21.58
CA ASN R 83 -22.46 -28.24 21.37
C ASN R 83 -22.14 -27.40 20.15
N ILE R 84 -20.86 -27.33 19.75
CA ILE R 84 -20.50 -26.56 18.57
C ILE R 84 -21.00 -27.25 17.31
N THR R 85 -20.69 -28.54 17.16
CA THR R 85 -21.00 -29.28 15.94
C THR R 85 -22.49 -29.51 15.77
N ASN R 86 -23.27 -29.45 16.85
CA ASN R 86 -24.71 -29.55 16.75
C ASN R 86 -25.38 -28.19 16.63
N GLY R 87 -24.62 -27.11 16.52
CA GLY R 87 -25.20 -25.80 16.36
C GLY R 87 -25.80 -25.21 17.62
N ALA R 88 -25.36 -25.64 18.79
CA ALA R 88 -25.88 -25.11 20.04
C ALA R 88 -25.02 -23.99 20.61
N GLU R 89 -23.82 -23.79 20.08
CA GLU R 89 -23.06 -22.58 20.37
C GLU R 89 -22.18 -22.27 19.17
N ALA R 90 -21.58 -21.08 19.18
CA ALA R 90 -21.00 -20.52 17.98
C ALA R 90 -19.56 -20.97 17.77
N ASP R 91 -19.17 -21.04 16.51
CA ASP R 91 -17.80 -21.29 16.10
C ASP R 91 -17.10 -19.97 15.80
N GLY R 92 -15.80 -20.00 15.66
CA GLY R 92 -15.05 -18.82 15.29
C GLY R 92 -13.61 -18.93 15.74
N VAL R 93 -12.89 -17.81 15.62
CA VAL R 93 -11.50 -17.72 16.04
C VAL R 93 -11.41 -16.82 17.27
N ILE R 94 -10.21 -16.74 17.83
CA ILE R 94 -9.94 -15.97 19.03
C ILE R 94 -8.68 -15.16 18.83
N LEU R 95 -8.77 -13.85 19.05
CA LEU R 95 -7.64 -12.94 18.88
C LEU R 95 -7.00 -12.68 20.24
N ILE R 96 -5.68 -12.69 20.29
CA ILE R 96 -4.93 -12.56 21.53
C ILE R 96 -4.05 -11.33 21.43
N TYR R 97 -4.34 -10.31 22.24
CA TYR R 97 -3.66 -9.03 22.19
C TYR R 97 -2.72 -8.84 23.37
N LYS R 98 -1.72 -8.00 23.17
CA LYS R 98 -0.79 -7.58 24.21
C LYS R 98 -0.83 -6.07 24.27
N ASP R 99 -1.00 -5.53 25.48
CA ASP R 99 -1.20 -4.10 25.75
C ASP R 99 -2.41 -3.53 25.02
N GLY R 100 -3.40 -4.38 24.73
CA GLY R 100 -4.61 -3.95 24.06
C GLY R 100 -4.48 -3.57 22.60
N VAL R 101 -3.27 -3.59 22.03
CA VAL R 101 -3.09 -3.14 20.65
C VAL R 101 -2.40 -4.20 19.79
N LYS R 102 -1.28 -4.74 20.27
CA LYS R 102 -0.43 -5.58 19.43
C LYS R 102 -1.02 -6.99 19.35
N LEU R 103 -1.50 -7.36 18.16
CA LEU R 103 -1.99 -8.72 17.94
C LEU R 103 -0.81 -9.67 17.80
N MET R 104 -0.86 -10.79 18.49
CA MET R 104 0.21 -11.77 18.41
C MET R 104 -0.23 -13.11 17.85
N LEU R 105 -1.46 -13.55 18.11
CA LEU R 105 -1.91 -14.85 17.62
C LEU R 105 -3.36 -14.73 17.15
N THR R 106 -3.77 -15.74 16.39
CA THR R 106 -5.16 -15.94 16.00
C THR R 106 -5.40 -17.43 16.04
N THR R 107 -6.19 -17.88 17.01
CA THR R 107 -6.32 -19.31 17.25
C THR R 107 -7.15 -19.95 16.14
N PRO R 108 -6.70 -21.04 15.56
CA PRO R 108 -7.36 -21.59 14.37
C PRO R 108 -8.67 -22.31 14.64
N LEU R 109 -9.79 -21.57 14.68
CA LEU R 109 -11.13 -22.14 14.58
C LEU R 109 -11.46 -23.11 15.71
N ILE R 110 -11.76 -22.59 16.91
CA ILE R 110 -11.85 -23.32 18.19
C ILE R 110 -12.67 -24.61 18.18
N SER R 111 -13.52 -24.81 17.18
CA SER R 111 -14.13 -26.12 16.97
C SER R 111 -13.10 -27.19 16.64
N SER R 112 -11.98 -26.79 16.04
CA SER R 112 -10.99 -27.77 15.61
C SER R 112 -10.16 -28.31 16.77
N MET R 113 -9.90 -27.50 17.78
CA MET R 113 -9.01 -27.89 18.87
C MET R 113 -9.79 -28.53 20.02
N SER R 114 -10.39 -29.68 19.73
CA SER R 114 -11.01 -30.49 20.76
C SER R 114 -9.96 -31.42 21.35
N ILE R 115 -10.08 -31.69 22.65
CA ILE R 115 -9.04 -32.42 23.36
C ILE R 115 -9.09 -33.93 23.08
N SER R 116 -10.20 -34.43 22.54
CA SER R 116 -10.27 -35.86 22.23
C SER R 116 -9.48 -36.24 20.98
N ASN R 117 -9.33 -35.33 20.04
CA ASN R 117 -8.61 -35.72 18.82
C ASN R 117 -7.12 -35.69 19.06
N PRO R 118 -6.39 -36.75 18.72
CA PRO R 118 -4.92 -36.67 18.79
C PRO R 118 -4.36 -35.76 17.72
N ALA R 119 -5.03 -35.62 16.58
CA ALA R 119 -4.60 -34.69 15.53
C ALA R 119 -5.30 -33.35 15.70
N ARG R 120 -5.07 -32.74 16.86
CA ARG R 120 -5.62 -31.43 17.19
C ARG R 120 -4.55 -30.38 16.97
N THR R 121 -4.90 -29.30 16.28
CA THR R 121 -3.96 -28.22 16.08
C THR R 121 -3.80 -27.41 17.36
N HIS R 122 -2.56 -27.25 17.79
CA HIS R 122 -2.26 -26.60 19.05
C HIS R 122 -2.24 -25.08 18.85
N LEU R 123 -1.81 -24.37 19.87
CA LEU R 123 -1.55 -22.95 19.72
C LEU R 123 -0.28 -22.77 18.89
N ALA R 124 -0.18 -21.60 18.25
CA ALA R 124 0.92 -21.39 17.33
C ALA R 124 2.26 -21.22 18.02
N GLN R 125 2.28 -20.60 19.19
CA GLN R 125 3.52 -20.32 19.90
C GLN R 125 3.20 -20.01 21.35
N ALA R 126 4.18 -20.23 22.22
CA ALA R 126 4.05 -19.88 23.63
C ALA R 126 4.41 -18.40 23.81
N VAL R 127 3.43 -17.60 24.18
CA VAL R 127 3.58 -16.15 24.24
C VAL R 127 4.04 -15.74 25.63
N LYS R 128 5.18 -15.06 25.70
CA LYS R 128 5.62 -14.48 26.95
C LYS R 128 4.87 -13.18 27.19
N TYR R 129 4.22 -13.07 28.33
CA TYR R 129 3.55 -11.85 28.75
C TYR R 129 4.41 -11.20 29.82
N SER R 130 4.93 -10.02 29.50
CA SER R 130 5.89 -9.26 30.28
C SER R 130 5.24 -8.76 31.56
N PRO R 131 6.00 -8.24 32.54
CA PRO R 131 5.37 -7.56 33.67
C PRO R 131 4.59 -6.32 33.24
N GLN R 132 3.95 -5.71 34.23
CA GLN R 132 2.58 -5.20 34.17
C GLN R 132 2.11 -4.68 32.81
N SER R 133 1.09 -5.36 32.27
CA SER R 133 0.73 -5.26 30.86
C SER R 133 -0.61 -5.95 30.62
N ILE R 134 -1.51 -5.32 29.89
CA ILE R 134 -2.88 -5.78 29.78
C ILE R 134 -2.94 -7.00 28.85
N LEU R 135 -3.69 -8.01 29.28
CA LEU R 135 -4.02 -9.18 28.46
C LEU R 135 -5.50 -9.12 28.13
N THR R 136 -5.85 -9.16 26.85
CA THR R 136 -7.26 -9.19 26.49
C THR R 136 -7.47 -10.09 25.27
N MET R 137 -8.68 -10.61 25.17
CA MET R 137 -9.04 -11.53 24.10
C MET R 137 -10.36 -11.11 23.49
N TYR R 138 -10.56 -11.49 22.23
CA TYR R 138 -11.81 -11.24 21.53
C TYR R 138 -12.20 -12.48 20.75
N PHE R 139 -13.48 -12.58 20.44
CA PHE R 139 -14.03 -13.75 19.76
C PHE R 139 -14.79 -13.30 18.53
N ASN R 140 -14.21 -13.53 17.35
CA ASN R 140 -14.78 -13.13 16.07
C ASN R 140 -15.47 -14.32 15.44
N PRO R 141 -16.80 -14.44 15.54
CA PRO R 141 -17.45 -15.70 15.18
C PRO R 141 -17.66 -15.87 13.69
N THR R 142 -17.56 -17.12 13.24
CA THR R 142 -18.03 -17.56 11.93
C THR R 142 -18.94 -18.76 12.18
N LYS R 143 -20.06 -18.82 11.44
CA LYS R 143 -21.17 -19.76 11.63
C LYS R 143 -21.65 -19.67 13.09
N PRO R 144 -22.44 -18.66 13.42
CA PRO R 144 -22.85 -18.45 14.81
C PRO R 144 -23.88 -19.48 15.28
N ALA R 145 -24.30 -19.31 16.54
CA ALA R 145 -25.22 -20.26 17.15
C ALA R 145 -26.62 -20.12 16.57
N THR R 146 -27.20 -21.26 16.18
CA THR R 146 -28.49 -21.26 15.51
C THR R 146 -29.59 -21.90 16.30
N ALA R 147 -29.33 -23.01 17.00
CA ALA R 147 -30.38 -23.79 17.60
C ALA R 147 -30.95 -23.11 18.84
N SER R 148 -32.21 -23.42 19.14
CA SER R 148 -32.83 -22.91 20.34
C SER R 148 -32.19 -23.56 21.57
N THR R 149 -32.34 -22.87 22.71
CA THR R 149 -31.60 -23.13 23.96
C THR R 149 -30.10 -23.24 23.70
N SER R 150 -29.53 -22.14 23.23
CA SER R 150 -28.10 -22.06 23.01
C SER R 150 -27.36 -21.79 24.31
N TYR R 151 -26.06 -22.02 24.30
CA TYR R 151 -25.23 -21.91 25.48
C TYR R 151 -24.02 -21.02 25.21
N PRO R 152 -23.44 -20.40 26.24
CA PRO R 152 -22.22 -19.60 26.04
C PRO R 152 -21.01 -20.46 25.72
N ASN R 153 -19.94 -19.79 25.32
CA ASN R 153 -18.70 -20.47 24.94
C ASN R 153 -17.75 -20.56 26.12
N THR R 154 -16.80 -21.49 26.03
CA THR R 154 -15.72 -21.63 26.99
C THR R 154 -14.52 -22.23 26.28
N VAL R 155 -13.37 -21.55 26.37
CA VAL R 155 -12.12 -22.02 25.76
C VAL R 155 -11.04 -21.97 26.82
N TYR R 156 -10.46 -23.11 27.14
CA TYR R 156 -9.50 -23.20 28.24
C TYR R 156 -8.09 -22.91 27.75
N PHE R 157 -7.29 -22.34 28.65
CA PHE R 157 -5.92 -21.99 28.35
C PHE R 157 -5.04 -22.48 29.49
N THR R 158 -3.77 -22.71 29.19
CA THR R 158 -2.80 -23.15 30.19
C THR R 158 -1.77 -22.07 30.36
N VAL R 159 -1.64 -21.55 31.58
CA VAL R 159 -0.79 -20.41 31.86
C VAL R 159 0.29 -20.85 32.86
N VAL R 160 1.55 -20.65 32.47
CA VAL R 160 2.67 -20.84 33.37
C VAL R 160 2.95 -19.51 34.04
N VAL R 161 2.88 -19.47 35.37
CA VAL R 161 3.06 -18.25 36.14
C VAL R 161 4.41 -18.32 36.82
N VAL R 162 5.26 -17.36 36.53
CA VAL R 162 6.53 -17.21 37.24
C VAL R 162 6.35 -16.05 38.21
N ASP R 163 6.67 -16.28 39.47
CA ASP R 163 6.33 -15.33 40.52
C ASP R 163 7.58 -14.98 41.32
N PHE R 164 7.76 -13.69 41.58
CA PHE R 164 8.94 -13.19 42.29
C PHE R 164 8.56 -12.44 43.56
N SER R 165 7.38 -12.67 44.12
CA SER R 165 6.97 -11.87 45.27
C SER R 165 7.63 -12.30 46.57
N TYR R 166 8.33 -13.43 46.58
CA TYR R 166 8.95 -13.93 47.80
C TYR R 166 10.47 -13.80 47.80
N ALA R 167 11.02 -12.99 46.91
CA ALA R 167 12.45 -12.77 46.91
C ALA R 167 12.78 -11.72 47.98
N GLN R 168 14.06 -11.41 48.14
CA GLN R 168 14.45 -10.40 49.12
C GLN R 168 13.97 -9.02 48.70
N ASN R 169 14.27 -8.63 47.47
CA ASN R 169 13.76 -7.39 46.89
C ASN R 169 12.95 -7.75 45.67
N PRO R 170 11.62 -7.69 45.72
CA PRO R 170 10.82 -8.06 44.55
C PRO R 170 10.85 -7.04 43.43
N ALA R 171 11.38 -5.85 43.66
CA ALA R 171 11.56 -4.89 42.58
C ALA R 171 12.81 -5.23 41.77
N ARG R 172 13.94 -5.41 42.44
CA ARG R 172 15.20 -5.67 41.79
C ARG R 172 15.30 -7.09 41.25
N ALA R 173 14.40 -7.98 41.66
CA ALA R 173 14.46 -9.36 41.17
C ALA R 173 13.80 -9.49 39.80
N VAL R 174 12.68 -8.79 39.60
CA VAL R 174 11.94 -8.92 38.34
C VAL R 174 12.70 -8.26 37.21
N VAL R 175 13.17 -7.03 37.42
CA VAL R 175 13.82 -6.27 36.36
C VAL R 175 15.21 -6.78 36.04
N SER R 176 15.74 -7.71 36.82
CA SER R 176 16.95 -8.43 36.44
C SER R 176 16.66 -9.76 35.78
N ALA R 177 15.47 -10.33 35.99
CA ALA R 177 15.10 -11.59 35.40
C ALA R 177 14.20 -11.45 34.20
N ASN R 178 13.55 -10.29 34.04
CA ASN R 178 12.76 -10.05 32.84
C ASN R 178 13.65 -9.84 31.63
N ALA R 179 14.86 -9.32 31.85
CA ALA R 179 15.80 -9.17 30.74
C ALA R 179 16.40 -10.51 30.34
N VAL R 180 16.75 -11.34 31.32
CA VAL R 180 17.37 -12.63 31.02
C VAL R 180 16.35 -13.60 30.45
N MET R 181 15.33 -13.91 31.24
CA MET R 181 14.31 -14.85 30.82
C MET R 181 13.36 -14.20 29.83
N SER S 4 8.67 48.97 -60.32
CA SER S 4 9.17 47.61 -60.20
C SER S 4 9.65 47.35 -58.78
N VAL S 5 8.75 46.84 -57.94
CA VAL S 5 9.12 46.35 -56.62
C VAL S 5 9.26 44.83 -56.61
N THR S 6 8.64 44.12 -57.54
CA THR S 6 8.88 42.69 -57.68
C THR S 6 10.25 42.42 -58.29
N GLN S 7 10.72 43.32 -59.14
CA GLN S 7 11.98 43.09 -59.83
C GLN S 7 13.18 43.25 -58.91
N GLN S 8 13.11 44.19 -57.96
CA GLN S 8 14.22 44.37 -57.02
C GLN S 8 14.32 43.19 -56.08
N VAL S 9 13.19 42.70 -55.58
CA VAL S 9 13.22 41.56 -54.67
C VAL S 9 13.55 40.28 -55.44
N PHE S 10 13.20 40.22 -56.73
CA PHE S 10 13.57 39.06 -57.54
C PHE S 10 15.07 39.00 -57.76
N ASN S 11 15.67 40.15 -58.10
CA ASN S 11 17.12 40.17 -58.30
C ASN S 11 17.87 39.97 -57.00
N PHE S 12 17.31 40.43 -55.88
CA PHE S 12 17.90 40.16 -54.58
C PHE S 12 17.85 38.68 -54.23
N ALA S 13 16.72 38.02 -54.55
CA ALA S 13 16.61 36.59 -54.25
C ALA S 13 17.50 35.74 -55.16
N VAL S 14 17.69 36.18 -56.40
CA VAL S 14 18.60 35.45 -57.29
C VAL S 14 20.05 35.65 -56.88
N THR S 15 20.41 36.88 -56.48
CA THR S 15 21.79 37.16 -56.12
C THR S 15 22.17 36.50 -54.80
N LYS S 16 21.28 36.52 -53.82
CA LYS S 16 21.65 36.04 -52.50
C LYS S 16 21.60 34.53 -52.39
N SER S 17 20.57 33.90 -52.96
CA SER S 17 20.41 32.46 -52.86
C SER S 17 21.21 31.70 -53.92
N GLN S 18 22.17 32.35 -54.56
CA GLN S 18 22.96 31.65 -55.59
C GLN S 18 24.01 30.70 -55.01
N PRO S 19 24.92 31.10 -54.11
CA PRO S 19 25.99 30.17 -53.74
C PRO S 19 25.54 29.04 -52.82
N PHE S 20 24.40 29.19 -52.15
CA PHE S 20 23.90 28.11 -51.31
C PHE S 20 23.14 27.08 -52.11
N GLY S 21 22.87 27.35 -53.37
CA GLY S 21 22.08 26.44 -54.18
C GLY S 21 20.63 26.82 -53.96
N GLY S 22 19.96 27.30 -54.99
CA GLY S 22 18.63 27.83 -54.76
C GLY S 22 17.87 27.99 -56.05
N TYR S 23 16.58 27.72 -56.00
CA TYR S 23 15.73 27.72 -57.18
C TYR S 23 14.68 28.80 -56.96
N VAL S 24 14.82 29.93 -57.64
CA VAL S 24 14.01 31.12 -57.42
C VAL S 24 13.04 31.25 -58.58
N TYR S 25 11.76 31.40 -58.27
CA TYR S 25 10.77 31.66 -59.31
C TYR S 25 9.64 32.47 -58.72
N SER S 26 8.65 32.77 -59.55
CA SER S 26 7.53 33.60 -59.14
C SER S 26 6.23 32.93 -59.54
N THR S 27 5.20 33.16 -58.74
CA THR S 27 3.92 32.51 -58.96
C THR S 27 2.81 33.43 -58.50
N ASN S 28 1.58 32.95 -58.63
CA ASN S 28 0.38 33.76 -58.41
C ASN S 28 -0.51 33.10 -57.37
N LEU S 29 -0.96 33.89 -56.41
CA LEU S 29 -1.77 33.42 -55.29
C LEU S 29 -3.16 34.02 -55.40
N THR S 30 -4.19 33.21 -55.24
CA THR S 30 -5.56 33.70 -55.40
C THR S 30 -6.28 33.61 -54.07
N ALA S 31 -6.75 34.75 -53.55
CA ALA S 31 -7.55 34.77 -52.34
C ALA S 31 -9.01 34.97 -52.74
N SER S 32 -9.84 33.98 -52.43
CA SER S 32 -11.24 34.00 -52.83
C SER S 32 -12.13 33.98 -51.60
N THR S 33 -12.77 35.11 -51.31
CA THR S 33 -13.80 35.17 -50.29
C THR S 33 -15.08 34.67 -50.91
N SER S 34 -15.51 33.47 -50.53
CA SER S 34 -16.57 32.79 -51.23
C SER S 34 -17.94 33.33 -50.82
N SER S 35 -18.92 33.05 -51.69
CA SER S 35 -20.36 33.07 -51.40
C SER S 35 -20.89 34.47 -51.08
N ALA S 36 -20.35 35.50 -51.75
CA ALA S 36 -20.98 36.82 -51.91
C ALA S 36 -21.25 37.51 -50.56
N VAL S 37 -20.15 37.92 -49.93
CA VAL S 37 -20.18 38.53 -48.59
C VAL S 37 -21.03 39.79 -48.59
N THR S 38 -21.99 39.85 -47.66
CA THR S 38 -22.88 41.00 -47.53
C THR S 38 -22.95 41.59 -46.12
N SER S 39 -22.38 40.96 -45.09
CA SER S 39 -22.60 41.41 -43.73
C SER S 39 -21.34 41.84 -43.00
N THR S 40 -20.35 40.95 -42.83
CA THR S 40 -19.31 41.18 -41.83
C THR S 40 -18.01 40.53 -42.27
N GLN S 41 -17.08 40.39 -41.32
CA GLN S 41 -15.73 39.93 -41.63
C GLN S 41 -15.72 38.44 -41.95
N LEU S 42 -15.14 38.10 -43.11
CA LEU S 42 -15.00 36.72 -43.55
C LEU S 42 -13.54 36.34 -43.65
N THR S 43 -13.30 35.11 -44.12
CA THR S 43 -11.97 34.54 -44.22
C THR S 43 -11.78 34.04 -45.64
N PRO S 44 -10.87 34.60 -46.43
CA PRO S 44 -10.72 34.17 -47.82
C PRO S 44 -9.91 32.90 -47.98
N LEU S 45 -10.39 32.04 -48.88
CA LEU S 45 -9.73 30.78 -49.20
C LEU S 45 -8.50 31.09 -50.04
N ASN S 46 -7.32 30.79 -49.52
CA ASN S 46 -6.11 30.95 -50.30
C ASN S 46 -5.94 29.78 -51.25
N LEU S 47 -5.29 30.05 -52.39
CA LEU S 47 -4.97 29.01 -53.37
C LEU S 47 -3.64 29.39 -54.01
N SER S 48 -2.58 28.69 -53.67
CA SER S 48 -1.26 28.96 -54.23
C SER S 48 -0.88 27.88 -55.23
N ILE S 49 -0.14 28.27 -56.25
CA ILE S 49 0.28 27.35 -57.32
C ILE S 49 1.79 27.27 -57.29
N THR S 50 2.32 26.22 -56.68
CA THR S 50 3.73 25.90 -56.78
C THR S 50 3.94 24.92 -57.93
N LEU S 51 5.12 24.31 -57.96
CA LEU S 51 5.52 23.47 -59.07
C LEU S 51 4.77 22.15 -59.07
N GLY S 52 3.99 21.90 -60.12
CA GLY S 52 3.44 20.59 -60.35
C GLY S 52 1.96 20.40 -60.14
N GLN S 53 1.13 21.37 -60.52
CA GLN S 53 -0.34 21.28 -60.50
C GLN S 53 -0.87 21.03 -59.09
N ILE S 54 -0.29 21.75 -58.14
CA ILE S 54 -0.46 21.39 -56.74
C ILE S 54 -1.72 21.99 -56.15
N THR S 55 -1.95 23.29 -56.40
CA THR S 55 -3.01 24.15 -55.84
C THR S 55 -3.20 23.91 -54.33
N LEU S 56 -2.22 24.42 -53.59
CA LEU S 56 -2.29 24.42 -52.13
C LEU S 56 -3.41 25.35 -51.72
N SER S 57 -4.53 24.79 -51.27
CA SER S 57 -5.75 25.56 -51.13
C SER S 57 -6.17 25.64 -49.68
N GLY S 58 -7.25 26.36 -49.44
CA GLY S 58 -7.82 26.49 -48.11
C GLY S 58 -7.13 27.56 -47.32
N ASN S 59 -7.71 27.87 -46.15
CA ASN S 59 -7.16 28.87 -45.27
C ASN S 59 -5.86 28.38 -44.65
N SER S 60 -5.04 29.33 -44.21
CA SER S 60 -3.82 29.09 -43.43
C SER S 60 -2.81 28.22 -44.17
N LEU S 61 -2.29 28.73 -45.27
CA LEU S 61 -1.22 28.06 -45.99
C LEU S 61 0.07 28.12 -45.18
N VAL S 62 0.60 26.95 -44.84
CA VAL S 62 1.84 26.88 -44.07
C VAL S 62 3.02 26.85 -45.03
N ILE S 63 4.01 27.69 -44.77
CA ILE S 63 5.24 27.66 -45.57
C ILE S 63 6.03 26.42 -45.21
N PRO S 64 6.43 25.59 -46.18
CA PRO S 64 7.23 24.40 -45.88
C PRO S 64 8.62 24.78 -45.40
N ALA S 65 9.29 23.80 -44.80
CA ALA S 65 10.53 24.06 -44.08
C ALA S 65 11.74 24.22 -44.99
N THR S 66 11.55 24.30 -46.30
CA THR S 66 12.65 24.51 -47.23
C THR S 66 12.50 25.78 -48.05
N GLN S 67 11.42 26.52 -47.90
CA GLN S 67 11.11 27.62 -48.78
C GLN S 67 10.97 28.94 -48.02
N ILE S 68 11.28 30.02 -48.72
CA ILE S 68 11.05 31.38 -48.23
C ILE S 68 10.10 32.06 -49.22
N TRP S 69 9.05 32.68 -48.72
CA TRP S 69 8.07 33.30 -49.60
C TRP S 69 8.16 34.81 -49.48
N TYR S 70 7.71 35.51 -50.53
CA TYR S 70 7.74 36.96 -50.56
C TYR S 70 6.43 37.46 -51.16
N LEU S 71 5.52 37.93 -50.32
CA LEU S 71 4.28 38.50 -50.82
C LEU S 71 4.58 39.93 -51.27
N THR S 72 4.69 40.14 -52.58
CA THR S 72 5.14 41.41 -53.12
C THR S 72 4.02 42.36 -53.52
N ASP S 73 3.18 41.98 -54.48
CA ASP S 73 2.16 42.87 -54.99
C ASP S 73 0.80 42.19 -54.95
N ALA S 74 -0.24 43.00 -55.16
CA ALA S 74 -1.61 42.53 -55.15
C ALA S 74 -2.43 43.40 -56.07
N TYR S 75 -3.46 42.82 -56.67
CA TYR S 75 -4.34 43.57 -57.55
C TYR S 75 -5.68 42.85 -57.68
N VAL S 76 -6.53 43.42 -58.52
CA VAL S 76 -7.90 42.98 -58.73
C VAL S 76 -8.14 43.00 -60.23
N SER S 77 -8.73 41.94 -60.76
CA SER S 77 -9.01 41.86 -62.18
C SER S 77 -10.14 42.80 -62.57
N VAL S 78 -10.23 43.09 -63.86
CA VAL S 78 -11.11 44.15 -64.38
C VAL S 78 -12.61 43.83 -64.30
N PRO S 79 -13.12 42.63 -64.64
CA PRO S 79 -14.55 42.39 -64.40
C PRO S 79 -14.92 42.33 -62.93
N ASP S 80 -13.97 42.03 -62.05
CA ASP S 80 -14.22 42.18 -60.62
C ASP S 80 -14.42 43.64 -60.25
N TYR S 81 -13.65 44.55 -60.85
CA TYR S 81 -13.84 45.98 -60.64
C TYR S 81 -15.18 46.44 -61.18
N THR S 82 -15.58 45.91 -62.33
CA THR S 82 -16.89 46.23 -62.89
C THR S 82 -18.02 45.73 -62.00
N ASN S 83 -17.83 44.57 -61.36
CA ASN S 83 -18.85 44.09 -60.44
C ASN S 83 -18.83 44.87 -59.12
N ILE S 84 -17.67 45.37 -58.70
CA ILE S 84 -17.62 46.16 -57.47
C ILE S 84 -18.33 47.49 -57.66
N THR S 85 -18.00 48.21 -58.73
CA THR S 85 -18.55 49.54 -58.94
C THR S 85 -20.03 49.54 -59.29
N ASN S 86 -20.61 48.40 -59.65
CA ASN S 86 -22.04 48.28 -59.82
C ASN S 86 -22.73 47.75 -58.57
N GLY S 87 -21.98 47.40 -57.54
CA GLY S 87 -22.57 46.84 -56.33
C GLY S 87 -22.93 45.39 -56.42
N ALA S 88 -22.29 44.64 -57.32
CA ALA S 88 -22.56 43.21 -57.42
C ALA S 88 -21.71 42.39 -56.46
N GLU S 89 -20.62 42.94 -55.95
CA GLU S 89 -19.84 42.23 -54.95
C GLU S 89 -19.22 43.25 -54.02
N ALA S 90 -18.84 42.79 -52.83
CA ALA S 90 -18.53 43.69 -51.74
C ALA S 90 -17.15 44.32 -51.90
N ASP S 91 -17.05 45.56 -51.45
CA ASP S 91 -15.79 46.28 -51.34
C ASP S 91 -15.31 46.20 -49.90
N GLY S 92 -14.03 46.49 -49.70
CA GLY S 92 -13.46 46.45 -48.37
C GLY S 92 -11.96 46.28 -48.44
N VAL S 93 -11.38 45.93 -47.30
CA VAL S 93 -9.95 45.81 -47.17
C VAL S 93 -9.58 44.38 -46.82
N ILE S 94 -8.30 44.06 -46.98
CA ILE S 94 -7.77 42.73 -46.72
C ILE S 94 -6.64 42.86 -45.71
N LEU S 95 -6.77 42.12 -44.60
CA LEU S 95 -5.81 42.11 -43.52
C LEU S 95 -4.87 40.93 -43.70
N ILE S 96 -3.56 41.18 -43.56
CA ILE S 96 -2.55 40.17 -43.81
C ILE S 96 -1.87 39.84 -42.49
N TYR S 97 -2.04 38.60 -42.03
CA TYR S 97 -1.51 38.16 -40.75
C TYR S 97 -0.38 37.16 -40.93
N LYS S 98 0.57 37.21 -40.02
CA LYS S 98 1.70 36.28 -39.98
C LYS S 98 1.63 35.50 -38.68
N ASP S 99 1.65 34.16 -38.79
CA ASP S 99 1.47 33.21 -37.68
C ASP S 99 0.13 33.39 -36.98
N GLY S 100 -0.87 33.93 -37.68
CA GLY S 100 -2.20 34.11 -37.13
C GLY S 100 -2.36 35.16 -36.06
N VAL S 101 -1.30 35.83 -35.62
CA VAL S 101 -1.42 36.81 -34.55
C VAL S 101 -0.96 38.20 -34.99
N LYS S 102 0.06 38.28 -35.85
CA LYS S 102 0.74 39.53 -36.13
C LYS S 102 0.23 40.12 -37.42
N LEU S 103 -0.51 41.23 -37.33
CA LEU S 103 -1.02 41.91 -38.52
C LEU S 103 0.05 42.80 -39.11
N MET S 104 0.32 42.63 -40.40
CA MET S 104 1.39 43.38 -41.03
C MET S 104 0.95 44.36 -42.08
N LEU S 105 -0.12 44.08 -42.82
CA LEU S 105 -0.57 45.02 -43.84
C LEU S 105 -2.08 45.03 -43.91
N THR S 106 -2.60 46.18 -44.32
CA THR S 106 -3.99 46.34 -44.67
C THR S 106 -4.03 46.89 -46.09
N THR S 107 -4.61 46.13 -47.01
CA THR S 107 -4.61 46.58 -48.39
C THR S 107 -5.60 47.72 -48.56
N PRO S 108 -5.19 48.83 -49.15
CA PRO S 108 -6.06 50.01 -49.20
C PRO S 108 -7.20 49.89 -50.20
N LEU S 109 -8.33 49.34 -49.76
CA LEU S 109 -9.62 49.41 -50.44
C LEU S 109 -9.61 48.80 -51.83
N ILE S 110 -9.64 47.46 -51.92
CA ILE S 110 -9.34 46.64 -53.10
C ILE S 110 -10.00 47.07 -54.41
N SER S 111 -11.06 47.87 -54.34
CA SER S 111 -11.61 48.48 -55.55
C SER S 111 -10.64 49.50 -56.16
N SER S 112 -9.75 50.05 -55.35
CA SER S 112 -8.85 51.06 -55.86
C SER S 112 -7.66 50.46 -56.60
N MET S 113 -7.23 49.27 -56.22
CA MET S 113 -6.08 48.63 -56.86
C MET S 113 -6.48 47.73 -58.02
N SER S 114 -7.29 48.26 -58.93
CA SER S 114 -7.58 47.55 -60.16
C SER S 114 -6.42 47.69 -61.11
N ILE S 115 -6.23 46.66 -61.95
CA ILE S 115 -5.03 46.57 -62.78
C ILE S 115 -5.08 47.50 -64.00
N SER S 116 -6.27 47.97 -64.39
CA SER S 116 -6.36 48.74 -65.62
C SER S 116 -5.92 50.19 -65.46
N ASN S 117 -6.10 50.78 -64.29
CA ASN S 117 -5.68 52.17 -64.12
C ASN S 117 -4.18 52.24 -63.89
N PRO S 118 -3.47 53.10 -64.60
CA PRO S 118 -2.04 53.28 -64.33
C PRO S 118 -1.77 53.94 -62.99
N ALA S 119 -2.74 54.68 -62.44
CA ALA S 119 -2.65 55.24 -61.11
C ALA S 119 -3.26 54.30 -60.07
N ARG S 120 -2.80 53.05 -60.10
CA ARG S 120 -3.27 52.02 -59.20
C ARG S 120 -2.41 52.04 -57.94
N THR S 121 -3.06 52.02 -56.78
CA THR S 121 -2.32 51.99 -55.54
C THR S 121 -1.75 50.59 -55.30
N HIS S 122 -0.51 50.54 -54.84
CA HIS S 122 0.21 49.29 -54.77
C HIS S 122 0.05 48.68 -53.38
N LEU S 123 0.69 47.55 -53.15
CA LEU S 123 0.83 47.06 -51.80
C LEU S 123 1.93 47.89 -51.11
N ALA S 124 1.90 47.92 -49.78
CA ALA S 124 2.77 48.85 -49.07
C ALA S 124 4.21 48.39 -49.06
N GLN S 125 4.47 47.10 -48.90
CA GLN S 125 5.84 46.61 -48.83
C GLN S 125 5.83 45.13 -49.14
N ALA S 126 6.95 44.64 -49.67
CA ALA S 126 7.11 43.22 -49.95
C ALA S 126 7.40 42.50 -48.64
N VAL S 127 6.51 41.59 -48.25
CA VAL S 127 6.57 40.96 -46.94
C VAL S 127 7.26 39.60 -47.06
N LYS S 128 8.29 39.40 -46.26
CA LYS S 128 8.98 38.11 -46.21
C LYS S 128 8.22 37.16 -45.30
N TYR S 129 8.09 35.92 -45.72
CA TYR S 129 7.60 34.83 -44.89
C TYR S 129 8.70 33.80 -44.80
N SER S 130 9.16 33.54 -43.59
CA SER S 130 10.33 32.72 -43.31
C SER S 130 9.95 31.25 -43.49
N PRO S 131 10.92 30.31 -43.33
CA PRO S 131 10.52 28.91 -43.05
C PRO S 131 9.67 28.76 -41.80
N GLN S 132 9.20 27.54 -41.55
CA GLN S 132 7.80 27.23 -41.22
C GLN S 132 7.03 28.34 -40.51
N SER S 133 5.91 28.74 -41.11
CA SER S 133 5.19 29.93 -40.72
C SER S 133 3.81 29.88 -41.35
N ILE S 134 2.87 30.61 -40.76
CA ILE S 134 1.47 30.51 -41.13
C ILE S 134 1.07 31.81 -41.83
N LEU S 135 0.73 31.71 -43.10
CA LEU S 135 0.13 32.83 -43.83
C LEU S 135 -1.38 32.70 -43.78
N THR S 136 -2.05 33.72 -43.26
CA THR S 136 -3.50 33.75 -43.27
C THR S 136 -3.98 35.18 -43.50
N MET S 137 -5.18 35.30 -44.04
CA MET S 137 -5.72 36.58 -44.45
C MET S 137 -7.16 36.70 -43.99
N TYR S 138 -7.62 37.94 -43.87
CA TYR S 138 -8.99 38.23 -43.47
C TYR S 138 -9.53 39.35 -44.34
N PHE S 139 -10.84 39.47 -44.42
CA PHE S 139 -11.48 40.44 -45.32
C PHE S 139 -12.51 41.24 -44.53
N ASN S 140 -12.26 42.54 -44.37
CA ASN S 140 -13.18 43.41 -43.65
C ASN S 140 -13.94 44.25 -44.65
N PRO S 141 -15.24 44.05 -44.83
CA PRO S 141 -15.96 44.75 -45.90
C PRO S 141 -16.57 46.07 -45.47
N THR S 142 -16.42 47.07 -46.36
CA THR S 142 -17.10 48.34 -46.25
C THR S 142 -17.92 48.55 -47.51
N LYS S 143 -19.19 48.96 -47.34
CA LYS S 143 -20.23 48.99 -48.37
C LYS S 143 -20.33 47.63 -49.04
N PRO S 144 -20.98 46.65 -48.39
CA PRO S 144 -21.06 45.31 -48.97
C PRO S 144 -22.00 45.20 -50.16
N ALA S 145 -22.18 43.98 -50.66
CA ALA S 145 -22.93 43.75 -51.88
C ALA S 145 -24.41 44.02 -51.68
N THR S 146 -24.99 44.81 -52.57
CA THR S 146 -26.40 45.19 -52.50
C THR S 146 -27.24 44.57 -53.61
N ALA S 147 -26.69 44.44 -54.81
CA ALA S 147 -27.47 43.95 -55.94
C ALA S 147 -27.69 42.45 -55.83
N SER S 148 -28.74 41.98 -56.50
CA SER S 148 -28.98 40.56 -56.61
C SER S 148 -28.00 39.94 -57.62
N THR S 149 -28.02 38.60 -57.68
CA THR S 149 -27.07 37.78 -58.45
C THR S 149 -25.62 38.14 -58.11
N SER S 150 -25.33 38.13 -56.82
CA SER S 150 -24.04 38.62 -56.34
C SER S 150 -22.95 37.56 -56.53
N TYR S 151 -21.70 38.03 -56.49
CA TYR S 151 -20.54 37.22 -56.81
C TYR S 151 -19.55 37.18 -55.66
N PRO S 152 -18.76 36.13 -55.55
CA PRO S 152 -17.69 36.12 -54.54
C PRO S 152 -16.56 37.07 -54.91
N ASN S 153 -15.69 37.31 -53.92
CA ASN S 153 -14.55 38.18 -54.18
C ASN S 153 -13.31 37.36 -54.52
N THR S 154 -12.48 37.91 -55.39
CA THR S 154 -11.26 37.26 -55.83
C THR S 154 -10.18 38.31 -56.00
N VAL S 155 -9.08 38.15 -55.26
CA VAL S 155 -8.00 39.13 -55.24
C VAL S 155 -6.69 38.40 -55.51
N TYR S 156 -5.91 38.90 -56.46
CA TYR S 156 -4.71 38.21 -56.89
C TYR S 156 -3.48 38.80 -56.23
N PHE S 157 -2.53 37.94 -55.90
CA PHE S 157 -1.28 38.32 -55.28
C PHE S 157 -0.13 37.74 -56.09
N THR S 158 1.04 38.35 -55.96
CA THR S 158 2.23 37.90 -56.67
C THR S 158 3.26 37.49 -55.65
N VAL S 159 3.68 36.23 -55.71
CA VAL S 159 4.54 35.63 -54.71
C VAL S 159 5.88 35.31 -55.38
N VAL S 160 6.97 35.54 -54.67
CA VAL S 160 8.29 35.11 -55.12
C VAL S 160 8.76 33.99 -54.19
N VAL S 161 8.98 32.82 -54.75
CA VAL S 161 9.31 31.63 -53.98
C VAL S 161 10.77 31.29 -54.20
N VAL S 162 11.49 31.01 -53.13
CA VAL S 162 12.88 30.57 -53.19
C VAL S 162 12.93 29.20 -52.55
N ASP S 163 13.12 28.15 -53.34
CA ASP S 163 13.10 26.78 -52.86
C ASP S 163 14.51 26.22 -52.79
N PHE S 164 14.76 25.36 -51.81
CA PHE S 164 16.07 24.79 -51.56
C PHE S 164 16.06 23.26 -51.50
N SER S 165 14.95 22.61 -51.84
CA SER S 165 14.82 21.19 -51.54
C SER S 165 15.69 20.32 -52.43
N TYR S 166 16.01 20.77 -53.64
CA TYR S 166 16.75 19.92 -54.56
C TYR S 166 18.26 19.99 -54.38
N ALA S 167 18.76 20.84 -53.50
CA ALA S 167 20.19 21.18 -53.56
C ALA S 167 21.05 20.10 -52.92
N GLN S 168 20.93 19.93 -51.61
CA GLN S 168 21.74 19.02 -50.84
C GLN S 168 20.88 18.65 -49.66
N ASN S 169 21.47 18.30 -48.52
CA ASN S 169 20.75 18.45 -47.26
C ASN S 169 20.21 19.88 -47.18
N PRO S 170 18.90 20.07 -47.33
CA PRO S 170 18.39 21.42 -47.50
C PRO S 170 18.32 22.23 -46.21
N ALA S 171 18.48 21.59 -45.05
CA ALA S 171 18.34 22.31 -43.78
C ALA S 171 19.48 23.29 -43.57
N ARG S 172 20.71 22.85 -43.85
CA ARG S 172 21.88 23.72 -43.69
C ARG S 172 21.85 24.89 -44.67
N ALA S 173 21.46 24.62 -45.92
CA ALA S 173 21.34 25.67 -46.91
C ALA S 173 20.23 26.66 -46.56
N VAL S 174 19.11 26.16 -46.03
CA VAL S 174 17.99 27.03 -45.66
C VAL S 174 18.37 27.93 -44.48
N VAL S 175 19.02 27.38 -43.46
CA VAL S 175 19.37 28.22 -42.32
C VAL S 175 20.48 29.21 -42.67
N SER S 176 21.39 28.85 -43.57
CA SER S 176 22.43 29.79 -43.95
C SER S 176 21.89 30.90 -44.84
N ALA S 177 21.00 30.57 -45.77
CA ALA S 177 20.42 31.60 -46.63
C ALA S 177 19.46 32.48 -45.86
N ASN S 178 18.67 31.91 -44.95
CA ASN S 178 17.79 32.71 -44.11
C ASN S 178 18.57 33.59 -43.15
N ALA S 179 19.78 33.17 -42.76
CA ALA S 179 20.63 34.08 -42.02
C ALA S 179 21.16 35.20 -42.90
N VAL S 180 21.51 34.89 -44.14
CA VAL S 180 22.09 35.92 -45.02
C VAL S 180 20.99 36.79 -45.62
N MET S 181 20.06 36.18 -46.35
CA MET S 181 19.00 36.96 -46.98
C MET S 181 17.74 36.94 -46.14
N SER T 4 4.01 54.53 -55.70
CA SER T 4 5.31 54.12 -55.19
C SER T 4 5.87 55.18 -54.26
N VAL T 5 4.99 56.00 -53.68
CA VAL T 5 5.37 56.94 -52.66
C VAL T 5 5.02 56.45 -51.26
N THR T 6 3.99 55.62 -51.12
CA THR T 6 3.77 54.93 -49.85
C THR T 6 4.90 53.94 -49.59
N GLN T 7 5.38 53.28 -50.64
CA GLN T 7 6.48 52.32 -50.50
C GLN T 7 7.82 52.99 -50.25
N GLN T 8 7.91 54.31 -50.39
CA GLN T 8 9.16 55.00 -50.11
C GLN T 8 9.27 55.45 -48.67
N VAL T 9 8.16 55.90 -48.06
CA VAL T 9 8.17 56.22 -46.65
C VAL T 9 8.00 54.97 -45.78
N PHE T 10 7.44 53.89 -46.33
CA PHE T 10 7.37 52.64 -45.58
C PHE T 10 8.76 52.02 -45.49
N ASN T 11 9.50 52.06 -46.59
CA ASN T 11 10.87 51.56 -46.60
C ASN T 11 11.79 52.44 -45.78
N PHE T 12 11.53 53.76 -45.76
CA PHE T 12 12.36 54.65 -44.97
C PHE T 12 12.12 54.45 -43.48
N ALA T 13 10.88 54.14 -43.09
CA ALA T 13 10.58 53.94 -41.67
C ALA T 13 11.18 52.65 -41.16
N VAL T 14 11.14 51.57 -41.95
CA VAL T 14 11.61 50.29 -41.47
C VAL T 14 13.13 50.18 -41.39
N THR T 15 13.86 51.08 -42.04
CA THR T 15 15.32 51.03 -41.91
C THR T 15 15.84 52.03 -40.89
N LYS T 16 15.02 53.00 -40.50
CA LYS T 16 15.41 54.01 -39.52
C LYS T 16 14.95 53.64 -38.12
N SER T 17 13.75 53.08 -38.00
CA SER T 17 13.22 52.61 -36.72
C SER T 17 13.59 51.17 -36.41
N GLN T 18 14.53 50.59 -37.12
CA GLN T 18 14.92 49.20 -36.87
C GLN T 18 15.85 48.98 -35.67
N PRO T 19 16.91 49.77 -35.41
CA PRO T 19 17.73 49.47 -34.22
C PRO T 19 17.06 49.74 -32.89
N PHE T 20 16.01 50.56 -32.86
CA PHE T 20 15.28 50.79 -31.63
C PHE T 20 14.07 49.89 -31.50
N GLY T 21 13.73 49.17 -32.56
CA GLY T 21 12.58 48.29 -32.51
C GLY T 21 11.37 49.08 -32.87
N GLY T 22 10.74 48.75 -34.00
CA GLY T 22 9.57 49.49 -34.41
C GLY T 22 8.64 48.63 -35.22
N TYR T 23 7.39 48.58 -34.80
CA TYR T 23 6.39 47.72 -35.42
C TYR T 23 5.72 48.52 -36.51
N VAL T 24 6.34 48.55 -37.69
CA VAL T 24 5.91 49.38 -38.80
C VAL T 24 4.89 48.61 -39.62
N TYR T 25 3.73 49.21 -39.86
CA TYR T 25 2.70 48.59 -40.67
C TYR T 25 1.79 49.67 -41.23
N SER T 26 0.87 49.26 -42.09
CA SER T 26 0.00 50.17 -42.82
C SER T 26 -1.42 50.10 -42.25
N THR T 27 -2.18 51.20 -42.44
CA THR T 27 -3.52 51.33 -41.89
C THR T 27 -4.34 52.25 -42.78
N ASN T 28 -5.62 51.90 -42.97
CA ASN T 28 -6.54 52.71 -43.76
C ASN T 28 -7.36 53.61 -42.84
N LEU T 29 -7.37 54.91 -43.13
CA LEU T 29 -8.07 55.92 -42.34
C LEU T 29 -9.30 56.42 -43.11
N THR T 30 -10.34 56.80 -42.37
CA THR T 30 -11.58 57.28 -42.96
C THR T 30 -11.97 58.60 -42.31
N ALA T 31 -12.32 59.59 -43.13
CA ALA T 31 -12.86 60.86 -42.68
C ALA T 31 -14.21 61.08 -43.34
N SER T 32 -15.24 61.34 -42.56
CA SER T 32 -16.60 61.42 -43.08
C SER T 32 -17.29 62.68 -42.58
N THR T 33 -17.47 63.65 -43.48
CA THR T 33 -18.33 64.79 -43.21
C THR T 33 -19.78 64.33 -43.24
N SER T 34 -20.43 64.31 -42.07
CA SER T 34 -21.71 63.65 -41.93
C SER T 34 -22.88 64.55 -42.27
N SER T 35 -23.95 63.92 -42.76
CA SER T 35 -25.31 64.48 -42.86
C SER T 35 -25.39 65.70 -43.78
N ALA T 36 -24.99 65.49 -45.04
CA ALA T 36 -25.41 66.31 -46.19
C ALA T 36 -25.01 67.78 -46.06
N VAL T 37 -23.70 68.02 -46.21
CA VAL T 37 -23.16 69.38 -46.21
C VAL T 37 -23.76 70.19 -47.35
N THR T 38 -24.20 71.41 -47.03
CA THR T 38 -25.01 72.20 -47.95
C THR T 38 -24.60 73.67 -48.03
N SER T 39 -24.10 74.28 -46.96
CA SER T 39 -23.79 75.71 -47.03
C SER T 39 -22.34 76.06 -46.77
N THR T 40 -21.77 75.64 -45.63
CA THR T 40 -20.61 76.30 -45.06
C THR T 40 -19.63 75.26 -44.55
N GLN T 41 -18.62 75.71 -43.81
CA GLN T 41 -17.53 74.86 -43.39
C GLN T 41 -17.96 73.84 -42.35
N LEU T 42 -17.59 72.58 -42.58
CA LEU T 42 -17.96 71.46 -41.73
C LEU T 42 -16.72 70.84 -41.09
N THR T 43 -16.95 69.74 -40.38
CA THR T 43 -15.89 69.03 -39.68
C THR T 43 -16.11 67.53 -39.86
N PRO T 44 -15.15 66.81 -40.43
CA PRO T 44 -15.37 65.38 -40.68
C PRO T 44 -14.94 64.50 -39.52
N LEU T 45 -15.75 63.48 -39.26
CA LEU T 45 -15.50 62.55 -38.17
C LEU T 45 -14.41 61.56 -38.58
N ASN T 46 -13.24 61.69 -37.98
CA ASN T 46 -12.14 60.79 -38.28
C ASN T 46 -12.43 59.41 -37.70
N LEU T 47 -11.74 58.41 -38.25
CA LEU T 47 -12.00 57.02 -37.91
C LEU T 47 -10.80 56.19 -38.32
N SER T 48 -10.08 55.63 -37.37
CA SER T 48 -8.91 54.81 -37.66
C SER T 48 -9.03 53.48 -36.95
N ILE T 49 -8.57 52.41 -37.60
CA ILE T 49 -8.63 51.09 -37.00
C ILE T 49 -7.22 50.59 -36.77
N THR T 50 -6.72 50.76 -35.54
CA THR T 50 -5.33 50.42 -35.23
C THR T 50 -5.26 48.90 -35.00
N LEU T 51 -4.18 48.42 -34.38
CA LEU T 51 -3.86 46.99 -34.40
C LEU T 51 -4.85 46.16 -33.62
N GLY T 52 -5.11 46.52 -32.36
CA GLY T 52 -5.94 45.69 -31.52
C GLY T 52 -7.42 45.98 -31.60
N GLN T 53 -7.97 46.05 -32.82
CA GLN T 53 -9.37 46.19 -33.20
C GLN T 53 -9.97 47.55 -32.82
N ILE T 54 -9.21 48.44 -32.18
CA ILE T 54 -9.74 49.65 -31.59
C ILE T 54 -10.16 50.63 -32.68
N THR T 55 -11.29 51.30 -32.45
CA THR T 55 -11.81 52.29 -33.38
C THR T 55 -11.72 53.68 -32.74
N LEU T 56 -10.60 54.34 -33.00
CA LEU T 56 -10.46 55.74 -32.60
C LEU T 56 -11.40 56.60 -33.41
N SER T 57 -12.47 57.07 -32.81
CA SER T 57 -13.49 57.82 -33.50
C SER T 57 -13.49 59.26 -33.01
N GLY T 58 -14.49 60.03 -33.45
CA GLY T 58 -14.66 61.39 -32.99
C GLY T 58 -13.69 62.34 -33.67
N ASN T 59 -14.07 63.61 -33.62
CA ASN T 59 -13.26 64.66 -34.22
C ASN T 59 -11.98 64.85 -33.43
N SER T 60 -10.92 65.27 -34.13
CA SER T 60 -9.62 65.62 -33.56
C SER T 60 -9.01 64.44 -32.79
N LEU T 61 -8.56 63.45 -33.56
CA LEU T 61 -7.85 62.31 -33.01
C LEU T 61 -6.55 62.73 -32.38
N VAL T 62 -6.24 62.15 -31.23
CA VAL T 62 -4.94 62.31 -30.60
C VAL T 62 -4.10 61.08 -30.90
N ILE T 63 -2.88 61.30 -31.35
CA ILE T 63 -1.96 60.19 -31.63
C ILE T 63 -1.53 59.55 -30.33
N PRO T 64 -1.48 58.21 -30.24
CA PRO T 64 -1.01 57.56 -29.01
C PRO T 64 0.43 57.91 -28.69
N ALA T 65 0.78 57.75 -27.41
CA ALA T 65 2.06 58.25 -26.91
C ALA T 65 3.26 57.44 -27.37
N THR T 66 3.04 56.28 -27.99
CA THR T 66 4.13 55.43 -28.46
C THR T 66 4.04 55.15 -29.95
N GLN T 67 3.45 56.06 -30.72
CA GLN T 67 3.25 55.85 -32.14
C GLN T 67 3.60 57.09 -32.94
N ILE T 68 4.08 56.85 -34.16
CA ILE T 68 4.33 57.90 -35.15
C ILE T 68 3.51 57.56 -36.38
N TRP T 69 2.75 58.53 -36.88
CA TRP T 69 1.92 58.30 -38.05
C TRP T 69 2.53 59.03 -39.24
N TYR T 70 2.12 58.62 -40.44
CA TYR T 70 2.59 59.23 -41.68
C TYR T 70 1.39 59.22 -42.63
N LEU T 71 0.75 60.35 -42.80
CA LEU T 71 -0.42 60.41 -43.67
C LEU T 71 0.06 60.61 -45.10
N THR T 72 -0.19 59.62 -45.96
CA THR T 72 0.51 59.52 -47.24
C THR T 72 -0.38 59.69 -48.46
N ASP T 73 -1.49 58.96 -48.53
CA ASP T 73 -2.28 58.93 -49.76
C ASP T 73 -3.73 59.20 -49.40
N ALA T 74 -4.51 59.60 -50.40
CA ALA T 74 -5.93 59.84 -50.20
C ALA T 74 -6.64 59.59 -51.52
N TYR T 75 -7.87 59.09 -51.43
CA TYR T 75 -8.66 58.83 -52.63
C TYR T 75 -10.13 58.93 -52.28
N VAL T 76 -10.96 58.71 -53.30
CA VAL T 76 -12.42 58.79 -53.21
C VAL T 76 -12.97 57.65 -54.04
N SER T 77 -13.90 56.89 -53.48
CA SER T 77 -14.40 55.70 -54.15
C SER T 77 -15.30 56.06 -55.33
N VAL T 78 -15.59 55.04 -56.15
CA VAL T 78 -16.44 55.24 -57.33
C VAL T 78 -17.89 55.55 -56.98
N PRO T 79 -18.56 54.89 -56.01
CA PRO T 79 -19.94 55.33 -55.69
C PRO T 79 -20.03 56.70 -55.05
N ASP T 80 -18.94 57.22 -54.47
CA ASP T 80 -18.94 58.60 -54.03
C ASP T 80 -18.85 59.56 -55.19
N TYR T 81 -17.97 59.26 -56.16
CA TYR T 81 -17.73 60.16 -57.28
C TYR T 81 -18.92 60.24 -58.21
N THR T 82 -19.76 59.20 -58.26
CA THR T 82 -21.00 59.31 -59.00
C THR T 82 -21.98 60.24 -58.29
N ASN T 83 -21.93 60.28 -56.97
CA ASN T 83 -22.81 61.15 -56.21
C ASN T 83 -22.35 62.60 -56.22
N ILE T 84 -21.07 62.85 -56.41
CA ILE T 84 -20.59 64.23 -56.49
C ILE T 84 -21.06 64.88 -57.78
N THR T 85 -20.82 64.21 -58.90
CA THR T 85 -21.13 64.80 -60.20
C THR T 85 -22.61 64.84 -60.51
N ASN T 86 -23.44 64.12 -59.76
CA ASN T 86 -24.89 64.27 -59.87
C ASN T 86 -25.44 65.31 -58.92
N GLY T 87 -24.58 65.93 -58.10
CA GLY T 87 -25.07 66.87 -57.12
C GLY T 87 -25.71 66.25 -55.91
N ALA T 88 -25.50 64.95 -55.69
CA ALA T 88 -26.04 64.29 -54.52
C ALA T 88 -25.16 64.43 -53.29
N GLU T 89 -23.91 64.87 -53.46
CA GLU T 89 -23.09 65.27 -52.32
C GLU T 89 -22.11 66.32 -52.80
N ALA T 90 -21.52 67.03 -51.85
CA ALA T 90 -20.80 68.25 -52.16
C ALA T 90 -19.37 67.99 -52.58
N ASP T 91 -18.83 68.93 -53.34
CA ASP T 91 -17.42 69.02 -53.64
C ASP T 91 -16.74 69.94 -52.63
N GLY T 92 -15.45 70.12 -52.75
CA GLY T 92 -14.73 71.02 -51.88
C GLY T 92 -13.31 70.54 -51.69
N VAL T 93 -12.61 71.18 -50.76
CA VAL T 93 -11.26 70.77 -50.39
C VAL T 93 -11.28 70.36 -48.93
N ILE T 94 -10.18 69.74 -48.50
CA ILE T 94 -10.05 69.26 -47.13
C ILE T 94 -8.78 69.87 -46.55
N LEU T 95 -8.91 70.54 -45.41
CA LEU T 95 -7.79 71.16 -44.73
C LEU T 95 -7.28 70.23 -43.64
N ILE T 96 -5.96 70.16 -43.51
CA ILE T 96 -5.31 69.19 -42.63
C ILE T 96 -4.45 69.96 -41.63
N TYR T 97 -4.91 70.01 -40.39
CA TYR T 97 -4.26 70.78 -39.33
C TYR T 97 -3.42 69.87 -38.45
N LYS T 98 -2.63 70.48 -37.56
CA LYS T 98 -1.82 69.75 -36.61
C LYS T 98 -1.56 70.65 -35.42
N ASP T 99 -1.86 70.13 -34.21
CA ASP T 99 -1.91 70.90 -32.96
C ASP T 99 -2.85 72.10 -33.03
N GLY T 100 -3.90 72.01 -33.85
CA GLY T 100 -4.94 73.00 -33.92
C GLY T 100 -4.59 74.32 -34.58
N VAL T 101 -3.32 74.62 -34.81
CA VAL T 101 -2.93 75.91 -35.37
C VAL T 101 -2.19 75.74 -36.70
N LYS T 102 -1.29 74.77 -36.78
CA LYS T 102 -0.44 74.64 -37.95
C LYS T 102 -1.21 73.96 -39.08
N LEU T 103 -1.48 74.70 -40.15
CA LEU T 103 -2.02 74.13 -41.37
C LEU T 103 -0.87 73.63 -42.22
N MET T 104 -0.96 72.41 -42.75
CA MET T 104 0.14 71.85 -43.51
C MET T 104 -0.20 71.41 -44.92
N LEU T 105 -1.47 71.18 -45.24
CA LEU T 105 -1.82 70.78 -46.59
C LEU T 105 -3.21 71.30 -46.92
N THR T 106 -3.55 71.19 -48.21
CA THR T 106 -4.91 71.41 -48.69
C THR T 106 -5.13 70.39 -49.80
N THR T 107 -6.12 69.54 -49.65
CA THR T 107 -6.28 68.51 -50.65
C THR T 107 -6.94 69.10 -51.91
N PRO T 108 -6.39 68.82 -53.07
CA PRO T 108 -6.89 69.47 -54.29
C PRO T 108 -8.21 68.91 -54.80
N LEU T 109 -9.33 69.42 -54.28
CA LEU T 109 -10.66 69.25 -54.87
C LEU T 109 -11.10 67.80 -54.98
N ILE T 110 -11.53 67.21 -53.85
CA ILE T 110 -11.79 65.78 -53.64
C ILE T 110 -12.57 65.05 -54.73
N SER T 111 -13.33 65.78 -55.55
CA SER T 111 -13.95 65.15 -56.71
C SER T 111 -12.94 64.73 -57.76
N SER T 112 -11.80 65.42 -57.86
CA SER T 112 -10.77 65.06 -58.80
C SER T 112 -9.75 64.09 -58.21
N MET T 113 -9.91 63.71 -56.95
CA MET T 113 -9.08 62.68 -56.34
C MET T 113 -9.72 61.31 -56.42
N SER T 114 -10.66 61.12 -57.34
CA SER T 114 -11.39 59.88 -57.46
C SER T 114 -10.53 58.80 -58.09
N ILE T 115 -10.97 57.56 -57.92
CA ILE T 115 -10.18 56.43 -58.41
C ILE T 115 -10.69 55.94 -59.76
N SER T 116 -11.87 56.35 -60.19
CA SER T 116 -12.37 55.98 -61.51
C SER T 116 -11.66 56.70 -62.65
N ASN T 117 -10.98 57.77 -62.37
CA ASN T 117 -10.18 58.45 -63.38
C ASN T 117 -8.79 57.82 -63.43
N PRO T 118 -8.23 57.58 -64.62
CA PRO T 118 -6.91 56.98 -64.70
C PRO T 118 -5.75 57.95 -64.48
N ALA T 119 -6.00 59.19 -64.09
CA ALA T 119 -4.93 60.13 -63.80
C ALA T 119 -5.22 60.90 -62.52
N ARG T 120 -5.56 60.15 -61.46
CA ARG T 120 -5.92 60.72 -60.17
C ARG T 120 -4.78 61.57 -59.59
N THR T 121 -5.14 62.76 -59.12
CA THR T 121 -4.14 63.66 -58.55
C THR T 121 -3.75 63.24 -57.15
N HIS T 122 -2.53 63.60 -56.76
CA HIS T 122 -1.93 63.11 -55.54
C HIS T 122 -1.84 64.23 -54.50
N LEU T 123 -1.33 63.88 -53.32
CA LEU T 123 -1.00 64.89 -52.33
C LEU T 123 0.32 65.56 -52.67
N ALA T 124 0.67 66.59 -51.91
CA ALA T 124 1.94 67.28 -52.13
C ALA T 124 3.09 66.61 -51.39
N GLN T 125 2.81 66.06 -50.20
CA GLN T 125 3.88 65.51 -49.37
C GLN T 125 3.26 64.54 -48.38
N ALA T 126 4.03 63.53 -47.98
CA ALA T 126 3.60 62.61 -46.93
C ALA T 126 3.76 63.31 -45.59
N VAL T 127 2.67 63.49 -44.87
CA VAL T 127 2.62 64.34 -43.70
C VAL T 127 3.00 63.52 -42.47
N LYS T 128 4.10 63.87 -41.82
CA LYS T 128 4.49 63.16 -40.62
C LYS T 128 3.68 63.65 -39.43
N TYR T 129 3.70 62.87 -38.36
CA TYR T 129 2.92 63.17 -37.18
C TYR T 129 3.61 62.59 -35.97
N SER T 130 3.94 63.44 -35.02
CA SER T 130 4.78 63.09 -33.88
C SER T 130 3.98 62.27 -32.88
N PRO T 131 4.62 61.75 -31.82
CA PRO T 131 3.87 61.34 -30.63
C PRO T 131 3.13 62.52 -30.02
N GLN T 132 2.22 62.20 -29.10
CA GLN T 132 0.87 62.75 -28.99
C GLN T 132 0.72 64.22 -29.39
N SER T 133 -0.20 64.45 -30.33
CA SER T 133 -0.36 65.70 -31.04
C SER T 133 -1.64 65.57 -31.84
N ILE T 134 -2.44 66.64 -31.84
CA ILE T 134 -3.83 66.51 -32.31
C ILE T 134 -3.87 66.52 -33.83
N LEU T 135 -4.78 65.72 -34.38
CA LEU T 135 -5.00 65.62 -35.82
C LEU T 135 -6.46 65.98 -36.08
N THR T 136 -6.72 67.23 -36.46
CA THR T 136 -8.05 67.65 -36.82
C THR T 136 -8.10 68.04 -38.30
N MET T 137 -9.28 67.89 -38.89
CA MET T 137 -9.49 68.19 -40.30
C MET T 137 -10.76 69.00 -40.46
N TYR T 138 -10.88 69.65 -41.61
CA TYR T 138 -12.07 70.42 -41.94
C TYR T 138 -12.36 70.29 -43.42
N PHE T 139 -13.62 70.45 -43.78
CA PHE T 139 -14.08 70.30 -45.15
C PHE T 139 -14.74 71.60 -45.58
N ASN T 140 -14.10 72.32 -46.51
CA ASN T 140 -14.55 73.62 -46.96
C ASN T 140 -15.25 73.48 -48.32
N PRO T 141 -16.57 73.42 -48.36
CA PRO T 141 -17.24 73.04 -49.61
C PRO T 141 -17.35 74.17 -50.62
N THR T 142 -17.00 73.84 -51.86
CA THR T 142 -17.28 74.68 -53.01
C THR T 142 -18.18 73.88 -53.94
N LYS T 143 -19.21 74.56 -54.48
CA LYS T 143 -20.30 73.99 -55.27
C LYS T 143 -20.95 72.87 -54.45
N PRO T 144 -21.78 73.21 -53.47
CA PRO T 144 -22.27 72.22 -52.52
C PRO T 144 -23.37 71.32 -53.08
N ALA T 145 -23.93 70.48 -52.21
CA ALA T 145 -24.96 69.52 -52.62
C ALA T 145 -26.23 70.24 -53.04
N THR T 146 -26.78 69.84 -54.18
CA THR T 146 -27.95 70.49 -54.75
C THR T 146 -29.18 69.60 -54.75
N ALA T 147 -29.03 68.34 -55.18
CA ALA T 147 -30.18 67.49 -55.42
C ALA T 147 -30.79 66.99 -54.12
N SER T 148 -32.04 66.56 -54.20
CA SER T 148 -32.69 65.92 -53.07
C SER T 148 -32.11 64.54 -52.84
N THR T 149 -32.40 63.99 -51.65
CA THR T 149 -31.82 62.75 -51.12
C THR T 149 -30.30 62.78 -51.16
N SER T 150 -29.74 63.70 -50.40
CA SER T 150 -28.31 63.91 -50.37
C SER T 150 -27.63 62.88 -49.48
N TYR T 151 -26.31 62.79 -49.61
CA TYR T 151 -25.53 61.80 -48.89
C TYR T 151 -24.31 62.45 -48.26
N PRO T 152 -23.81 61.90 -47.16
CA PRO T 152 -22.59 62.44 -46.56
C PRO T 152 -21.36 62.15 -47.40
N ASN T 153 -20.31 62.93 -47.15
CA ASN T 153 -19.05 62.74 -47.83
C ASN T 153 -18.22 61.66 -47.16
N THR T 154 -17.33 61.04 -47.93
CA THR T 154 -16.42 60.03 -47.41
C THR T 154 -15.12 60.11 -48.20
N VAL T 155 -14.02 60.39 -47.50
CA VAL T 155 -12.70 60.51 -48.13
C VAL T 155 -11.75 59.60 -47.38
N TYR T 156 -11.35 58.51 -48.02
CA TYR T 156 -10.43 57.55 -47.41
C TYR T 156 -9.00 58.05 -47.52
N PHE T 157 -8.23 57.84 -46.47
CA PHE T 157 -6.81 58.14 -46.47
C PHE T 157 -6.03 56.84 -46.40
N THR T 158 -4.72 56.95 -46.24
CA THR T 158 -3.87 55.77 -46.05
C THR T 158 -2.68 56.21 -45.21
N VAL T 159 -2.60 55.70 -43.98
CA VAL T 159 -1.62 56.15 -43.00
C VAL T 159 -0.65 55.02 -42.71
N VAL T 160 0.63 55.36 -42.61
CA VAL T 160 1.69 54.42 -42.24
C VAL T 160 2.00 54.63 -40.77
N VAL T 161 1.90 53.57 -39.98
CA VAL T 161 2.02 53.64 -38.53
C VAL T 161 3.34 53.01 -38.12
N VAL T 162 4.14 53.75 -37.36
CA VAL T 162 5.29 53.19 -36.65
C VAL T 162 4.90 53.06 -35.19
N ASP T 163 5.26 51.96 -34.56
CA ASP T 163 4.82 51.66 -33.21
C ASP T 163 5.99 51.24 -32.35
N PHE T 164 6.05 51.75 -31.12
CA PHE T 164 7.12 51.43 -30.20
C PHE T 164 6.60 50.84 -28.89
N SER T 165 5.37 50.31 -28.90
CA SER T 165 4.77 49.84 -27.66
C SER T 165 5.44 48.60 -27.12
N TYR T 166 6.07 47.81 -27.98
CA TYR T 166 6.60 46.50 -27.59
C TYR T 166 8.12 46.49 -27.50
N ALA T 167 8.76 47.65 -27.40
CA ALA T 167 10.19 47.70 -27.13
C ALA T 167 10.42 47.66 -25.61
N GLN T 168 11.65 47.90 -25.18
CA GLN T 168 12.00 47.86 -23.76
C GLN T 168 11.96 49.22 -23.10
N ASN T 169 11.44 50.25 -23.76
CA ASN T 169 11.69 51.62 -23.33
C ASN T 169 10.41 52.46 -23.39
N PRO T 170 10.28 53.48 -22.50
CA PRO T 170 9.05 54.26 -22.43
C PRO T 170 8.85 55.25 -23.57
N ALA T 171 7.86 56.12 -23.41
CA ALA T 171 7.37 57.06 -24.43
C ALA T 171 8.35 58.18 -24.75
N ARG T 172 9.54 58.23 -24.15
CA ARG T 172 10.53 59.18 -24.59
C ARG T 172 11.46 58.63 -25.65
N ALA T 173 11.66 57.31 -25.67
CA ALA T 173 12.40 56.68 -26.76
C ALA T 173 11.63 56.74 -28.08
N VAL T 174 10.31 56.92 -28.01
CA VAL T 174 9.54 57.15 -29.22
C VAL T 174 9.85 58.51 -29.80
N VAL T 175 9.97 59.52 -28.94
CA VAL T 175 10.33 60.86 -29.40
C VAL T 175 11.83 60.93 -29.68
N SER T 176 12.62 60.11 -28.99
CA SER T 176 14.06 60.05 -29.26
C SER T 176 14.34 59.44 -30.62
N ALA T 177 13.49 58.49 -31.06
CA ALA T 177 13.56 57.99 -32.41
C ALA T 177 12.81 58.86 -33.40
N ASN T 178 11.96 59.78 -32.92
CA ASN T 178 11.31 60.73 -33.80
C ASN T 178 12.28 61.83 -34.24
N ALA T 179 13.31 62.08 -33.45
CA ALA T 179 14.26 63.12 -33.82
C ALA T 179 15.29 62.65 -34.85
N VAL T 180 15.55 61.35 -34.93
CA VAL T 180 16.47 60.85 -35.94
C VAL T 180 15.80 60.83 -37.30
N MET T 181 14.48 60.78 -37.34
CA MET T 181 13.75 60.80 -38.59
C MET T 181 13.65 62.21 -39.13
N SER U 4 8.50 44.81 -72.57
CA SER U 4 9.51 45.86 -72.59
C SER U 4 10.91 45.28 -72.44
N VAL U 5 10.98 44.00 -72.13
CA VAL U 5 12.26 43.32 -71.96
C VAL U 5 12.79 42.76 -73.28
N THR U 6 11.94 42.70 -74.31
CA THR U 6 12.32 42.04 -75.55
C THR U 6 13.33 42.83 -76.38
N GLN U 7 13.47 44.13 -76.14
CA GLN U 7 14.45 44.92 -76.88
C GLN U 7 15.85 44.77 -76.31
N GLN U 8 15.99 44.32 -75.08
CA GLN U 8 17.32 44.17 -74.49
C GLN U 8 17.92 42.80 -74.76
N VAL U 9 17.11 41.75 -74.71
CA VAL U 9 17.63 40.41 -74.95
C VAL U 9 17.81 40.13 -76.43
N PHE U 10 17.14 40.88 -77.30
CA PHE U 10 17.49 40.86 -78.71
C PHE U 10 18.88 41.44 -78.91
N ASN U 11 19.14 42.59 -78.30
CA ASN U 11 20.44 43.23 -78.43
C ASN U 11 21.52 42.48 -77.67
N PHE U 12 21.16 41.73 -76.65
CA PHE U 12 22.13 40.90 -75.95
C PHE U 12 22.47 39.65 -76.74
N ALA U 13 21.52 39.11 -77.48
CA ALA U 13 21.77 37.94 -78.31
C ALA U 13 22.61 38.29 -79.54
N VAL U 14 22.54 39.54 -79.99
CA VAL U 14 23.27 39.94 -81.20
C VAL U 14 24.76 40.01 -80.93
N THR U 15 25.17 40.68 -79.86
CA THR U 15 26.58 40.89 -79.60
C THR U 15 27.28 39.69 -78.98
N LYS U 16 26.55 38.63 -78.63
CA LYS U 16 27.15 37.43 -78.08
C LYS U 16 27.28 36.30 -79.09
N SER U 17 26.38 36.25 -80.08
CA SER U 17 26.46 35.27 -81.16
C SER U 17 27.30 35.76 -82.33
N GLN U 18 28.05 36.84 -82.16
CA GLN U 18 28.90 37.34 -83.23
C GLN U 18 30.25 36.62 -83.38
N PRO U 19 31.03 36.32 -82.33
CA PRO U 19 32.30 35.61 -82.60
C PRO U 19 32.11 34.15 -82.98
N PHE U 20 30.95 33.56 -82.69
CA PHE U 20 30.65 32.22 -83.15
C PHE U 20 29.84 32.22 -84.43
N GLY U 21 29.19 33.32 -84.76
CA GLY U 21 28.44 33.40 -86.00
C GLY U 21 27.05 32.86 -85.83
N GLY U 22 26.04 33.67 -86.13
CA GLY U 22 24.70 33.18 -86.02
C GLY U 22 23.62 34.22 -86.24
N TYR U 23 22.53 33.81 -86.89
CA TYR U 23 21.39 34.68 -87.10
C TYR U 23 20.74 35.02 -85.76
N VAL U 24 20.15 36.21 -85.70
CA VAL U 24 19.28 36.61 -84.60
C VAL U 24 18.03 37.21 -85.22
N TYR U 25 16.88 36.61 -84.96
CA TYR U 25 15.63 37.16 -85.48
C TYR U 25 14.50 36.79 -84.54
N SER U 26 13.34 37.37 -84.79
CA SER U 26 12.18 37.21 -83.93
C SER U 26 11.09 36.50 -84.70
N THR U 27 10.18 35.87 -83.96
CA THR U 27 9.08 35.14 -84.57
C THR U 27 7.84 35.33 -83.71
N ASN U 28 6.83 34.51 -83.97
CA ASN U 28 5.54 34.63 -83.31
C ASN U 28 5.06 33.25 -82.91
N LEU U 29 4.80 33.06 -81.61
CA LEU U 29 4.40 31.77 -81.07
C LEU U 29 3.01 31.87 -80.49
N THR U 30 2.12 31.00 -80.94
CA THR U 30 0.70 31.06 -80.60
C THR U 30 0.36 29.90 -79.68
N ALA U 31 -0.18 30.22 -78.50
CA ALA U 31 -0.67 29.21 -77.57
C ALA U 31 -2.19 29.27 -77.55
N SER U 32 -2.84 28.11 -77.48
CA SER U 32 -4.29 28.05 -77.60
C SER U 32 -4.80 26.81 -76.88
N THR U 33 -5.45 26.99 -75.74
CA THR U 33 -6.17 25.90 -75.10
C THR U 33 -7.45 25.66 -75.88
N SER U 34 -7.66 24.42 -76.29
CA SER U 34 -8.79 24.14 -77.17
C SER U 34 -10.09 23.99 -76.39
N SER U 35 -11.16 24.52 -77.01
CA SER U 35 -12.55 24.16 -76.71
C SER U 35 -13.00 24.55 -75.30
N ALA U 36 -12.92 25.86 -75.00
CA ALA U 36 -13.80 26.56 -74.06
C ALA U 36 -13.71 26.00 -72.63
N VAL U 37 -12.55 26.25 -72.00
CA VAL U 37 -12.28 25.74 -70.66
C VAL U 37 -13.27 26.32 -69.64
N THR U 38 -13.85 25.44 -68.82
CA THR U 38 -14.85 25.83 -67.84
C THR U 38 -14.60 25.29 -66.43
N SER U 39 -13.72 24.31 -66.24
CA SER U 39 -13.60 23.67 -64.93
C SER U 39 -12.23 23.86 -64.30
N THR U 40 -11.15 23.41 -64.94
CA THR U 40 -9.86 23.26 -64.28
C THR U 40 -8.75 23.31 -65.33
N GLN U 41 -7.56 22.85 -64.93
CA GLN U 41 -6.32 23.07 -65.67
C GLN U 41 -6.34 22.38 -67.03
N LEU U 42 -6.13 23.15 -68.09
CA LEU U 42 -6.10 22.63 -69.45
C LEU U 42 -4.72 22.82 -70.07
N THR U 43 -4.61 22.36 -71.31
CA THR U 43 -3.33 22.27 -72.03
C THR U 43 -3.37 23.13 -73.28
N PRO U 44 -2.52 24.14 -73.41
CA PRO U 44 -2.53 24.96 -74.63
C PRO U 44 -1.67 24.38 -75.73
N LEU U 45 -2.16 24.53 -76.96
CA LEU U 45 -1.51 23.99 -78.15
C LEU U 45 -0.50 25.00 -78.67
N ASN U 46 0.79 24.74 -78.44
CA ASN U 46 1.81 25.65 -78.95
C ASN U 46 1.91 25.54 -80.47
N LEU U 47 2.37 26.61 -81.10
CA LEU U 47 2.50 26.67 -82.56
C LEU U 47 3.48 27.77 -82.90
N SER U 48 4.66 27.40 -83.38
CA SER U 48 5.69 28.36 -83.75
C SER U 48 6.08 28.19 -85.21
N ILE U 49 6.47 29.29 -85.83
CA ILE U 49 6.94 29.28 -87.22
C ILE U 49 8.35 29.87 -87.25
N THR U 50 9.24 29.23 -88.00
CA THR U 50 10.64 29.61 -88.02
C THR U 50 11.03 29.98 -89.45
N LEU U 51 12.35 30.08 -89.68
CA LEU U 51 12.88 30.50 -90.97
C LEU U 51 12.56 29.52 -92.09
N GLY U 52 12.64 28.22 -91.83
CA GLY U 52 12.57 27.22 -92.87
C GLY U 52 11.19 26.95 -93.44
N GLN U 53 10.25 27.90 -93.28
CA GLN U 53 8.85 27.78 -93.67
C GLN U 53 8.16 26.57 -93.06
N ILE U 54 8.64 26.13 -91.90
CA ILE U 54 8.18 24.92 -91.24
C ILE U 54 7.55 25.29 -89.91
N THR U 55 6.34 24.82 -89.69
CA THR U 55 5.59 25.14 -88.49
C THR U 55 5.65 23.96 -87.51
N LEU U 56 6.02 24.24 -86.27
CA LEU U 56 6.05 23.23 -85.21
C LEU U 56 4.74 23.34 -84.44
N SER U 57 3.87 22.35 -84.60
CA SER U 57 2.56 22.39 -83.99
C SER U 57 2.48 21.41 -82.83
N GLY U 58 1.30 21.34 -82.23
CA GLY U 58 1.04 20.40 -81.15
C GLY U 58 1.65 20.83 -79.84
N ASN U 59 1.31 20.06 -78.81
CA ASN U 59 1.87 20.27 -77.49
C ASN U 59 3.35 19.90 -77.48
N SER U 60 4.07 20.43 -76.50
CA SER U 60 5.44 20.02 -76.14
C SER U 60 6.41 20.22 -77.31
N LEU U 61 6.62 21.50 -77.65
CA LEU U 61 7.59 21.84 -78.68
C LEU U 61 9.01 21.52 -78.22
N VAL U 62 9.79 20.97 -79.14
CA VAL U 62 11.20 20.67 -78.90
C VAL U 62 12.04 21.66 -79.68
N ILE U 63 13.02 22.24 -79.02
CA ILE U 63 13.96 23.15 -79.68
C ILE U 63 14.84 22.35 -80.65
N PRO U 64 14.98 22.77 -81.91
CA PRO U 64 15.85 22.06 -82.84
C PRO U 64 17.33 22.14 -82.45
N ALA U 65 18.13 21.35 -83.16
CA ALA U 65 19.50 21.05 -82.76
C ALA U 65 20.46 22.22 -82.85
N THR U 66 20.13 23.24 -83.63
CA THR U 66 21.07 24.35 -83.88
C THR U 66 20.51 25.70 -83.47
N GLN U 67 19.43 25.74 -82.69
CA GLN U 67 18.80 27.00 -82.33
C GLN U 67 18.79 27.17 -80.82
N ILE U 68 18.79 28.43 -80.39
CA ILE U 68 18.67 28.80 -78.99
C ILE U 68 17.51 29.78 -78.91
N TRP U 69 16.50 29.45 -78.13
CA TRP U 69 15.32 30.29 -78.12
C TRP U 69 15.34 31.19 -76.89
N TYR U 70 14.50 32.22 -76.92
CA TYR U 70 14.37 33.18 -75.84
C TYR U 70 12.92 33.62 -75.78
N LEU U 71 12.20 33.21 -74.75
CA LEU U 71 10.79 33.55 -74.61
C LEU U 71 10.69 34.85 -73.81
N THR U 72 10.19 35.92 -74.47
CA THR U 72 10.34 37.26 -73.91
C THR U 72 9.03 37.88 -73.43
N ASP U 73 8.05 38.11 -74.31
CA ASP U 73 6.83 38.81 -73.92
C ASP U 73 5.62 38.05 -74.42
N ALA U 74 4.45 38.61 -74.13
CA ALA U 74 3.18 38.03 -74.53
C ALA U 74 2.14 39.15 -74.58
N TYR U 75 1.10 38.94 -75.38
CA TYR U 75 0.03 39.92 -75.50
C TYR U 75 -1.24 39.20 -75.91
N VAL U 76 -2.38 39.85 -75.70
CA VAL U 76 -3.69 39.30 -76.02
C VAL U 76 -4.43 40.32 -76.88
N SER U 77 -5.12 39.86 -77.91
CA SER U 77 -5.85 40.74 -78.80
C SER U 77 -7.09 41.32 -78.11
N VAL U 78 -7.66 42.35 -78.73
CA VAL U 78 -8.88 43.00 -78.24
C VAL U 78 -10.12 42.11 -78.32
N PRO U 79 -10.47 41.42 -79.42
CA PRO U 79 -11.69 40.59 -79.40
C PRO U 79 -11.61 39.38 -78.48
N ASP U 80 -10.43 38.97 -78.03
CA ASP U 80 -10.36 38.00 -76.96
C ASP U 80 -10.64 38.65 -75.62
N TYR U 81 -10.16 39.87 -75.41
CA TYR U 81 -10.35 40.57 -74.15
C TYR U 81 -11.79 41.02 -73.96
N THR U 82 -12.51 41.29 -75.05
CA THR U 82 -13.92 41.59 -74.92
C THR U 82 -14.71 40.33 -74.58
N ASN U 83 -14.23 39.16 -75.04
CA ASN U 83 -14.88 37.91 -74.65
C ASN U 83 -14.53 37.51 -73.23
N ILE U 84 -13.40 38.00 -72.70
CA ILE U 84 -13.03 37.69 -71.32
C ILE U 84 -13.98 38.38 -70.36
N THR U 85 -14.21 39.68 -70.57
CA THR U 85 -15.06 40.45 -69.67
C THR U 85 -16.53 40.08 -69.78
N ASN U 86 -16.95 39.48 -70.88
CA ASN U 86 -18.33 39.04 -71.05
C ASN U 86 -18.53 37.59 -70.64
N GLY U 87 -17.50 36.94 -70.10
CA GLY U 87 -17.62 35.57 -69.68
C GLY U 87 -17.71 34.56 -70.80
N ALA U 88 -17.37 34.96 -72.02
CA ALA U 88 -17.38 34.03 -73.13
C ALA U 88 -16.09 33.23 -73.24
N GLU U 89 -15.07 33.56 -72.45
CA GLU U 89 -13.90 32.71 -72.30
C GLU U 89 -13.30 32.96 -70.93
N ALA U 90 -12.34 32.13 -70.56
CA ALA U 90 -11.86 32.09 -69.19
C ALA U 90 -10.64 32.96 -68.97
N ASP U 91 -10.56 33.52 -67.76
CA ASP U 91 -9.36 34.19 -67.29
C ASP U 91 -8.44 33.15 -66.65
N GLY U 92 -7.26 33.58 -66.24
CA GLY U 92 -6.34 32.69 -65.56
C GLY U 92 -4.91 33.05 -65.88
N VAL U 93 -4.00 32.22 -65.38
CA VAL U 93 -2.57 32.42 -65.59
C VAL U 93 -2.03 31.25 -66.38
N ILE U 94 -0.81 31.40 -66.87
CA ILE U 94 -0.19 30.44 -67.77
C ILE U 94 1.16 30.05 -67.19
N LEU U 95 1.38 28.75 -66.99
CA LEU U 95 2.59 28.21 -66.40
C LEU U 95 3.52 27.72 -67.49
N ILE U 96 4.81 28.04 -67.37
CA ILE U 96 5.78 27.82 -68.43
C ILE U 96 6.85 26.88 -67.91
N TYR U 97 6.96 25.69 -68.50
CA TYR U 97 7.87 24.65 -68.04
C TYR U 97 9.03 24.48 -69.01
N LYS U 98 10.12 23.93 -68.48
CA LYS U 98 11.30 23.58 -69.27
C LYS U 98 11.76 22.19 -68.84
N ASP U 99 12.02 21.34 -69.83
CA ASP U 99 12.42 19.93 -69.67
C ASP U 99 11.38 19.10 -68.95
N GLY U 100 10.14 19.58 -68.87
CA GLY U 100 9.07 18.85 -68.23
C GLY U 100 9.06 18.85 -66.71
N VAL U 101 10.11 19.37 -66.08
CA VAL U 101 10.28 19.29 -64.64
C VAL U 101 10.28 20.68 -63.99
N LYS U 102 11.12 21.59 -64.48
CA LYS U 102 11.26 22.90 -63.87
C LYS U 102 10.11 23.80 -64.26
N LEU U 103 9.69 24.65 -63.34
CA LEU U 103 8.71 25.71 -63.58
C LEU U 103 9.42 27.05 -63.39
N MET U 104 9.38 27.91 -64.39
CA MET U 104 10.17 29.13 -64.30
C MET U 104 9.39 30.44 -64.35
N LEU U 105 8.19 30.45 -64.92
CA LEU U 105 7.42 31.69 -64.93
C LEU U 105 5.96 31.39 -64.76
N THR U 106 5.21 32.46 -64.49
CA THR U 106 3.76 32.44 -64.51
C THR U 106 3.33 33.78 -65.07
N THR U 107 2.54 33.78 -66.13
CA THR U 107 2.18 35.03 -66.77
C THR U 107 1.11 35.74 -65.95
N PRO U 108 1.24 37.03 -65.71
CA PRO U 108 0.33 37.71 -64.79
C PRO U 108 -1.05 38.00 -65.36
N LEU U 109 -1.96 37.03 -65.24
CA LEU U 109 -3.41 37.24 -65.39
C LEU U 109 -3.79 37.76 -66.78
N ILE U 110 -3.86 36.86 -67.76
CA ILE U 110 -3.95 37.12 -69.21
C ILE U 110 -4.98 38.17 -69.65
N SER U 111 -5.98 38.48 -68.80
CA SER U 111 -6.82 39.61 -69.10
C SER U 111 -6.09 40.93 -68.92
N SER U 112 -5.12 40.98 -68.02
CA SER U 112 -4.43 42.22 -67.69
C SER U 112 -3.26 42.53 -68.63
N MET U 113 -2.85 41.59 -69.48
CA MET U 113 -1.84 41.88 -70.48
C MET U 113 -2.44 42.08 -71.85
N SER U 114 -3.74 42.39 -71.90
CA SER U 114 -4.40 42.70 -73.15
C SER U 114 -3.86 43.98 -73.75
N ILE U 115 -4.05 44.11 -75.06
CA ILE U 115 -3.44 45.24 -75.77
C ILE U 115 -4.27 46.50 -75.60
N SER U 116 -5.46 46.40 -75.03
CA SER U 116 -6.35 47.53 -74.81
C SER U 116 -6.23 48.13 -73.42
N ASN U 117 -5.39 47.58 -72.54
CA ASN U 117 -5.21 48.19 -71.23
C ASN U 117 -4.11 49.23 -71.28
N PRO U 118 -4.35 50.45 -70.79
CA PRO U 118 -3.26 51.43 -70.73
C PRO U 118 -2.11 51.04 -69.82
N ALA U 119 -2.37 50.28 -68.77
CA ALA U 119 -1.30 49.65 -68.00
C ALA U 119 -1.20 48.17 -68.39
N ARG U 120 -0.69 47.95 -69.60
CA ARG U 120 -0.44 46.59 -70.07
C ARG U 120 0.83 46.07 -69.42
N THR U 121 0.72 44.98 -68.68
CA THR U 121 1.86 44.40 -67.99
C THR U 121 2.64 43.47 -68.90
N HIS U 122 3.92 43.31 -68.61
CA HIS U 122 4.82 42.49 -69.39
C HIS U 122 5.32 41.32 -68.54
N LEU U 123 6.15 40.47 -69.13
CA LEU U 123 6.76 39.39 -68.38
C LEU U 123 7.93 39.90 -67.55
N ALA U 124 8.33 39.08 -66.57
CA ALA U 124 9.35 39.51 -65.63
C ALA U 124 10.75 39.46 -66.23
N GLN U 125 11.14 38.30 -66.76
CA GLN U 125 12.46 38.14 -67.36
C GLN U 125 12.32 37.17 -68.52
N ALA U 126 13.27 37.25 -69.44
CA ALA U 126 13.23 36.41 -70.63
C ALA U 126 13.67 34.99 -70.29
N VAL U 127 12.92 34.02 -70.78
CA VAL U 127 13.15 32.61 -70.50
C VAL U 127 14.03 32.03 -71.58
N LYS U 128 15.21 31.55 -71.20
CA LYS U 128 16.13 30.92 -72.14
C LYS U 128 15.65 29.53 -72.50
N TYR U 129 16.10 29.04 -73.65
CA TYR U 129 15.87 27.64 -74.05
C TYR U 129 17.07 27.17 -74.86
N SER U 130 17.79 26.20 -74.33
CA SER U 130 18.99 25.66 -74.96
C SER U 130 18.59 24.72 -76.10
N PRO U 131 19.58 24.16 -76.87
CA PRO U 131 19.26 23.02 -77.75
C PRO U 131 18.71 21.82 -76.99
N GLN U 132 18.18 20.83 -77.70
CA GLN U 132 16.86 20.26 -77.44
C GLN U 132 16.41 20.28 -75.99
N SER U 133 15.31 20.98 -75.75
CA SER U 133 14.63 21.02 -74.46
C SER U 133 13.16 21.11 -74.78
N ILE U 134 12.34 20.86 -73.78
CA ILE U 134 10.91 20.72 -74.00
C ILE U 134 10.22 21.99 -73.50
N LEU U 135 9.74 22.79 -74.43
CA LEU U 135 8.83 23.88 -74.13
C LEU U 135 7.41 23.33 -74.04
N THR U 136 6.80 23.46 -72.87
CA THR U 136 5.40 23.10 -72.70
C THR U 136 4.75 24.05 -71.73
N MET U 137 3.45 24.27 -71.92
CA MET U 137 2.72 25.27 -71.15
C MET U 137 1.45 24.66 -70.59
N TYR U 138 0.89 25.31 -69.56
CA TYR U 138 -0.36 24.90 -68.94
C TYR U 138 -1.13 26.13 -68.49
N PHE U 139 -2.45 26.05 -68.63
CA PHE U 139 -3.36 27.15 -68.35
C PHE U 139 -4.22 26.79 -67.13
N ASN U 140 -4.11 27.59 -66.07
CA ASN U 140 -4.79 27.34 -64.81
C ASN U 140 -5.91 28.34 -64.64
N PRO U 141 -7.15 28.01 -65.01
CA PRO U 141 -8.20 29.03 -65.09
C PRO U 141 -8.74 29.42 -63.72
N THR U 142 -8.80 30.72 -63.47
CA THR U 142 -9.57 31.29 -62.39
C THR U 142 -10.67 32.13 -62.99
N LYS U 143 -11.87 32.05 -62.41
CA LYS U 143 -13.13 32.60 -62.95
C LYS U 143 -13.34 32.11 -64.37
N PRO U 144 -13.74 30.84 -64.54
CA PRO U 144 -13.80 30.26 -65.88
C PRO U 144 -14.97 30.77 -66.69
N ALA U 145 -15.12 30.19 -67.88
CA ALA U 145 -16.16 30.61 -68.81
C ALA U 145 -17.53 30.19 -68.29
N THR U 146 -18.45 31.15 -68.26
CA THR U 146 -19.79 30.90 -67.74
C THR U 146 -20.87 30.93 -68.82
N ALA U 147 -20.79 31.86 -69.75
CA ALA U 147 -21.85 32.04 -70.72
C ALA U 147 -21.82 30.95 -71.79
N SER U 148 -22.98 30.67 -72.35
CA SER U 148 -23.07 29.71 -73.45
C SER U 148 -22.48 30.31 -74.72
N THR U 149 -22.22 29.45 -75.69
CA THR U 149 -21.47 29.74 -76.93
C THR U 149 -20.13 30.39 -76.63
N SER U 150 -19.30 29.63 -75.92
CA SER U 150 -18.00 30.13 -75.47
C SER U 150 -16.94 29.94 -76.55
N TYR U 151 -15.75 30.44 -76.28
CA TYR U 151 -14.65 30.42 -77.23
C TYR U 151 -13.37 30.00 -76.56
N PRO U 152 -12.45 29.37 -77.29
CA PRO U 152 -11.15 29.02 -76.72
C PRO U 152 -10.28 30.24 -76.47
N ASN U 153 -9.20 30.00 -75.72
CA ASN U 153 -8.21 31.04 -75.46
C ASN U 153 -7.17 31.08 -76.58
N THR U 154 -6.56 32.26 -76.74
CA THR U 154 -5.44 32.46 -77.65
C THR U 154 -4.54 33.52 -77.05
N VAL U 155 -3.28 33.16 -76.77
CA VAL U 155 -2.32 34.07 -76.16
C VAL U 155 -1.06 34.04 -77.02
N TYR U 156 -0.77 35.14 -77.71
CA TYR U 156 0.37 35.21 -78.60
C TYR U 156 1.61 35.61 -77.83
N PHE U 157 2.74 35.05 -78.23
CA PHE U 157 4.02 35.28 -77.56
C PHE U 157 5.00 35.95 -78.50
N THR U 158 6.24 36.09 -78.04
CA THR U 158 7.31 36.64 -78.87
C THR U 158 8.59 35.93 -78.51
N VAL U 159 9.20 35.27 -79.48
CA VAL U 159 10.38 34.44 -79.27
C VAL U 159 11.54 35.03 -80.06
N VAL U 160 12.71 35.10 -79.45
CA VAL U 160 13.94 35.45 -80.14
C VAL U 160 14.65 34.15 -80.50
N VAL U 161 14.90 33.93 -81.78
CA VAL U 161 15.47 32.69 -82.29
C VAL U 161 16.91 32.97 -82.71
N VAL U 162 17.85 32.21 -82.14
CA VAL U 162 19.26 32.38 -82.50
C VAL U 162 19.71 31.20 -83.34
N ASP U 163 19.60 31.31 -84.66
CA ASP U 163 19.99 30.23 -85.56
C ASP U 163 21.51 30.15 -85.65
N PHE U 164 22.01 28.94 -85.89
CA PHE U 164 23.44 28.70 -86.01
C PHE U 164 23.78 27.85 -87.23
N SER U 165 22.87 27.76 -88.20
CA SER U 165 23.04 26.82 -89.29
C SER U 165 24.06 27.28 -90.33
N TYR U 166 24.46 28.54 -90.31
CA TYR U 166 25.36 29.07 -91.33
C TYR U 166 26.79 29.22 -90.84
N ALA U 167 27.14 28.60 -89.72
CA ALA U 167 28.50 28.66 -89.23
C ALA U 167 29.36 27.64 -89.99
N GLN U 168 30.63 27.52 -89.60
CA GLN U 168 31.50 26.51 -90.20
C GLN U 168 31.05 25.11 -89.82
N ASN U 169 30.87 24.88 -88.53
CA ASN U 169 30.27 23.64 -88.02
C ASN U 169 29.26 23.99 -86.95
N PRO U 170 27.97 23.82 -87.22
CA PRO U 170 26.95 24.20 -86.22
C PRO U 170 26.94 23.32 -84.99
N ALA U 171 27.55 22.13 -85.03
CA ALA U 171 27.50 21.24 -83.88
C ALA U 171 28.43 21.71 -82.77
N ARG U 172 29.59 22.27 -83.12
CA ARG U 172 30.53 22.76 -82.13
C ARG U 172 30.21 24.17 -81.69
N ALA U 173 29.61 24.98 -82.56
CA ALA U 173 29.36 26.37 -82.23
C ALA U 173 28.20 26.52 -81.24
N VAL U 174 27.14 25.74 -81.41
CA VAL U 174 25.95 25.93 -80.58
C VAL U 174 26.16 25.37 -79.18
N VAL U 175 27.15 24.50 -78.98
CA VAL U 175 27.45 24.02 -77.64
C VAL U 175 28.58 24.80 -77.00
N SER U 176 29.25 25.68 -77.76
CA SER U 176 30.21 26.62 -77.18
C SER U 176 29.59 27.96 -76.90
N ALA U 177 28.53 28.33 -77.64
CA ALA U 177 27.82 29.57 -77.38
C ALA U 177 26.79 29.42 -76.27
N ASN U 178 26.35 28.19 -75.99
CA ASN U 178 25.39 28.00 -74.90
C ASN U 178 26.03 28.19 -73.54
N ALA U 179 27.35 28.02 -73.45
CA ALA U 179 28.04 28.24 -72.18
C ALA U 179 28.20 29.72 -71.88
N VAL U 180 28.51 30.53 -72.89
CA VAL U 180 28.75 31.95 -72.66
C VAL U 180 27.44 32.74 -72.65
N MET U 181 26.38 32.20 -73.22
CA MET U 181 25.09 32.88 -73.17
C MET U 181 24.21 32.25 -72.10
N SER V 4 10.27 56.77 -79.02
CA SER V 4 11.54 57.00 -78.33
C SER V 4 12.54 55.93 -78.71
N VAL V 5 12.16 55.08 -79.66
CA VAL V 5 13.10 54.15 -80.27
C VAL V 5 13.75 54.78 -81.51
N THR V 6 12.99 55.55 -82.29
CA THR V 6 13.54 56.26 -83.43
C THR V 6 14.47 57.39 -83.00
N GLN V 7 14.19 58.04 -81.88
CA GLN V 7 15.02 59.14 -81.42
C GLN V 7 16.36 58.67 -80.86
N GLN V 8 16.54 57.37 -80.66
CA GLN V 8 17.84 56.86 -80.29
C GLN V 8 18.67 56.50 -81.51
N VAL V 9 18.04 55.97 -82.56
CA VAL V 9 18.77 55.67 -83.78
C VAL V 9 18.91 56.89 -84.67
N PHE V 10 18.10 57.93 -84.45
CA PHE V 10 18.32 59.19 -85.15
C PHE V 10 19.52 59.91 -84.56
N ASN V 11 19.64 59.92 -83.25
CA ASN V 11 20.79 60.55 -82.62
C ASN V 11 22.05 59.73 -82.82
N PHE V 12 21.91 58.41 -82.99
CA PHE V 12 23.07 57.58 -83.31
C PHE V 12 23.55 57.84 -84.72
N ALA V 13 22.63 58.15 -85.63
CA ALA V 13 23.02 58.40 -87.01
C ALA V 13 23.69 59.76 -87.15
N VAL V 14 23.16 60.80 -86.50
CA VAL V 14 23.71 62.14 -86.69
C VAL V 14 25.02 62.35 -85.96
N THR V 15 25.38 61.47 -85.03
CA THR V 15 26.67 61.60 -84.36
C THR V 15 27.77 60.91 -85.16
N LYS V 16 27.46 59.80 -85.82
CA LYS V 16 28.43 59.05 -86.59
C LYS V 16 28.55 59.51 -88.03
N SER V 17 27.48 60.04 -88.61
CA SER V 17 27.53 60.53 -89.99
C SER V 17 27.91 62.00 -90.08
N GLN V 18 28.17 62.67 -88.96
CA GLN V 18 28.59 64.07 -89.05
C GLN V 18 30.02 64.25 -89.56
N PRO V 19 31.07 63.57 -89.03
CA PRO V 19 32.43 63.91 -89.51
C PRO V 19 32.74 63.43 -90.92
N PHE V 20 31.88 62.62 -91.55
CA PHE V 20 32.09 62.19 -92.91
C PHE V 20 31.15 62.88 -93.89
N GLY V 21 30.30 63.77 -93.41
CA GLY V 21 29.26 64.32 -94.25
C GLY V 21 28.06 63.39 -94.25
N GLY V 22 26.86 63.94 -94.16
CA GLY V 22 25.70 63.08 -94.06
C GLY V 22 24.45 63.86 -93.78
N TYR V 23 23.36 63.48 -94.45
CA TYR V 23 22.11 64.22 -94.45
C TYR V 23 21.07 63.27 -93.89
N VAL V 24 20.96 63.25 -92.57
CA VAL V 24 20.08 62.31 -91.89
C VAL V 24 18.67 62.89 -91.85
N TYR V 25 17.70 62.11 -92.30
CA TYR V 25 16.32 62.56 -92.27
C TYR V 25 15.41 61.34 -92.23
N SER V 26 14.14 61.58 -91.96
CA SER V 26 13.17 60.53 -91.72
C SER V 26 12.05 60.56 -92.76
N THR V 27 11.67 59.38 -93.25
CA THR V 27 10.62 59.24 -94.25
C THR V 27 9.54 58.26 -93.77
N ASN V 28 8.69 57.85 -94.70
CA ASN V 28 7.55 56.99 -94.42
C ASN V 28 7.45 55.92 -95.49
N LEU V 29 7.45 54.66 -95.09
CA LEU V 29 7.42 53.52 -96.00
C LEU V 29 6.09 52.80 -95.87
N THR V 30 5.51 52.41 -97.00
CA THR V 30 4.18 51.83 -97.07
C THR V 30 4.24 50.47 -97.75
N ALA V 31 3.87 49.43 -97.02
CA ALA V 31 3.76 48.09 -97.58
C ALA V 31 2.28 47.73 -97.74
N SER V 32 1.86 47.48 -98.98
CA SER V 32 0.45 47.31 -99.30
C SER V 32 0.27 46.05 -100.15
N THR V 33 -0.28 45.00 -99.54
CA THR V 33 -0.63 43.79 -100.26
C THR V 33 -1.86 44.06 -101.12
N SER V 34 -1.73 43.85 -102.42
CA SER V 34 -2.77 44.24 -103.35
C SER V 34 -3.92 43.23 -103.38
N SER V 35 -5.14 43.77 -103.38
CA SER V 35 -6.39 43.10 -103.77
C SER V 35 -6.69 41.85 -102.94
N ALA V 36 -6.97 42.07 -101.65
CA ALA V 36 -7.85 41.24 -100.82
C ALA V 36 -7.36 39.79 -100.68
N VAL V 37 -6.24 39.65 -99.97
CA VAL V 37 -5.64 38.34 -99.70
C VAL V 37 -6.62 37.47 -98.92
N THR V 38 -6.79 36.22 -99.39
CA THR V 38 -7.74 35.29 -98.79
C THR V 38 -7.19 33.89 -98.52
N SER V 39 -6.07 33.47 -99.10
CA SER V 39 -5.68 32.07 -98.99
C SER V 39 -4.32 31.84 -98.35
N THR V 40 -3.24 32.44 -98.87
CA THR V 40 -1.90 31.96 -98.56
C THR V 40 -0.92 33.13 -98.59
N GLN V 41 0.38 32.80 -98.61
CA GLN V 41 1.43 33.80 -98.47
C GLN V 41 1.62 34.58 -99.76
N LEU V 42 1.51 35.90 -99.68
CA LEU V 42 1.65 36.80 -100.83
C LEU V 42 2.89 37.69 -100.66
N THR V 43 3.04 38.63 -101.60
CA THR V 43 4.14 39.57 -101.61
C THR V 43 3.55 40.97 -101.62
N PRO V 44 3.89 41.83 -100.65
CA PRO V 44 3.34 43.19 -100.63
C PRO V 44 4.18 44.20 -101.40
N LEU V 45 3.50 45.22 -101.90
CA LEU V 45 4.09 46.22 -102.78
C LEU V 45 4.66 47.35 -101.94
N ASN V 46 5.98 47.41 -101.83
CA ASN V 46 6.61 48.49 -101.08
C ASN V 46 6.55 49.81 -101.85
N LEU V 47 6.57 50.91 -101.10
CA LEU V 47 6.49 52.26 -101.69
C LEU V 47 7.05 53.26 -100.69
N SER V 48 8.28 53.70 -100.90
CA SER V 48 8.93 54.68 -100.05
C SER V 48 8.80 56.07 -100.67
N ILE V 49 8.92 57.10 -99.83
CA ILE V 49 8.83 58.49 -100.28
C ILE V 49 10.09 59.20 -99.85
N THR V 50 11.08 59.27 -100.74
CA THR V 50 12.33 59.94 -100.46
C THR V 50 12.21 61.43 -100.79
N LEU V 51 13.36 62.10 -100.91
CA LEU V 51 13.42 63.56 -100.78
C LEU V 51 12.75 64.29 -101.95
N GLY V 52 13.13 63.98 -103.19
CA GLY V 52 12.70 64.79 -104.31
C GLY V 52 11.41 64.34 -104.95
N GLN V 53 10.45 63.89 -104.13
CA GLN V 53 9.25 63.16 -104.57
C GLN V 53 9.65 61.98 -105.45
N ILE V 54 10.70 61.28 -105.03
CA ILE V 54 11.21 60.13 -105.74
C ILE V 54 10.69 58.89 -105.03
N THR V 55 9.73 58.22 -105.65
CA THR V 55 8.89 57.24 -104.99
C THR V 55 9.19 55.86 -105.57
N LEU V 56 10.00 55.07 -104.87
CA LEU V 56 10.38 53.74 -105.33
C LEU V 56 9.19 52.80 -105.11
N SER V 57 8.53 52.43 -106.17
CA SER V 57 7.39 51.53 -106.08
C SER V 57 7.83 50.11 -106.45
N GLY V 58 6.87 49.21 -106.53
CA GLY V 58 7.12 47.85 -106.93
C GLY V 58 7.65 46.98 -105.80
N ASN V 59 7.62 45.67 -106.04
CA ASN V 59 8.17 44.71 -105.10
C ASN V 59 9.68 44.81 -105.04
N SER V 60 10.22 44.57 -103.84
CA SER V 60 11.64 44.34 -103.59
C SER V 60 12.51 45.52 -104.04
N LEU V 61 12.34 46.63 -103.34
CA LEU V 61 13.14 47.82 -103.57
C LEU V 61 14.61 47.53 -103.34
N VAL V 62 15.45 48.10 -104.18
CA VAL V 62 16.89 48.13 -103.96
C VAL V 62 17.22 49.48 -103.34
N ILE V 63 17.92 49.44 -102.22
CA ILE V 63 18.40 50.66 -101.54
C ILE V 63 19.34 51.40 -102.47
N PRO V 64 19.20 52.72 -102.64
CA PRO V 64 20.10 53.48 -103.51
C PRO V 64 21.54 53.42 -103.02
N ALA V 65 22.47 53.63 -103.95
CA ALA V 65 23.87 53.31 -103.72
C ALA V 65 24.55 54.22 -102.71
N THR V 66 23.91 55.30 -102.27
CA THR V 66 24.52 56.25 -101.35
C THR V 66 23.66 56.50 -100.12
N GLN V 67 22.80 55.56 -99.76
CA GLN V 67 21.92 55.72 -98.60
C GLN V 67 22.00 54.50 -97.71
N ILE V 68 21.80 54.73 -96.41
CA ILE V 68 21.75 53.67 -95.40
C ILE V 68 20.42 53.81 -94.69
N TRP V 69 19.60 52.77 -94.75
CA TRP V 69 18.25 52.84 -94.19
C TRP V 69 18.20 52.20 -92.82
N TYR V 70 17.13 52.53 -92.08
CA TYR V 70 16.92 51.98 -90.74
C TYR V 70 15.42 51.77 -90.55
N LEU V 71 14.98 50.53 -90.54
CA LEU V 71 13.57 50.22 -90.37
C LEU V 71 13.26 50.14 -88.88
N THR V 72 12.50 51.11 -88.36
CA THR V 72 12.44 51.31 -86.91
C THR V 72 11.06 51.19 -86.29
N ASP V 73 9.97 51.32 -87.05
CA ASP V 73 8.66 51.34 -86.42
C ASP V 73 7.61 50.83 -87.39
N ALA V 74 6.45 50.49 -86.86
CA ALA V 74 5.32 50.10 -87.69
C ALA V 74 4.02 50.37 -86.94
N TYR V 75 2.98 50.68 -87.70
CA TYR V 75 1.66 50.89 -87.13
C TYR V 75 0.63 50.66 -88.22
N VAL V 76 -0.64 50.65 -87.82
CA VAL V 76 -1.76 50.39 -88.71
C VAL V 76 -2.82 51.43 -88.40
N SER V 77 -3.31 52.10 -89.43
CA SER V 77 -4.26 53.19 -89.24
C SER V 77 -5.63 52.66 -88.80
N VAL V 78 -6.45 53.57 -88.29
CA VAL V 78 -7.75 53.19 -87.75
C VAL V 78 -8.74 52.68 -88.80
N PRO V 79 -8.88 53.28 -90.00
CA PRO V 79 -9.75 52.66 -91.01
C PRO V 79 -9.26 51.31 -91.52
N ASP V 80 -7.99 50.97 -91.33
CA ASP V 80 -7.55 49.61 -91.60
C ASP V 80 -7.93 48.68 -90.46
N TYR V 81 -7.91 49.19 -89.23
CA TYR V 81 -8.15 48.36 -88.07
C TYR V 81 -9.61 47.96 -87.93
N THR V 82 -10.53 48.85 -88.30
CA THR V 82 -11.94 48.47 -88.27
C THR V 82 -12.33 47.57 -89.43
N ASN V 83 -11.45 47.39 -90.42
CA ASN V 83 -11.69 46.42 -91.46
C ASN V 83 -11.13 45.04 -91.10
N ILE V 84 -10.08 45.00 -90.27
CA ILE V 84 -9.51 43.72 -89.85
C ILE V 84 -10.48 42.99 -88.94
N THR V 85 -10.95 43.66 -87.89
CA THR V 85 -11.80 43.02 -86.89
C THR V 85 -13.20 42.71 -87.42
N ASN V 86 -13.64 43.39 -88.48
CA ASN V 86 -14.92 43.08 -89.09
C ASN V 86 -14.80 42.06 -90.21
N GLY V 87 -13.61 41.50 -90.42
CA GLY V 87 -13.43 40.49 -91.44
C GLY V 87 -13.43 41.01 -92.84
N ALA V 88 -13.15 42.29 -93.05
CA ALA V 88 -13.11 42.87 -94.37
C ALA V 88 -11.71 42.88 -94.96
N GLU V 89 -10.69 42.59 -94.17
CA GLU V 89 -9.37 42.34 -94.71
C GLU V 89 -8.64 41.40 -93.76
N ALA V 90 -7.54 40.84 -94.23
CA ALA V 90 -6.93 39.70 -93.58
C ALA V 90 -5.93 40.11 -92.51
N ASP V 91 -5.92 39.35 -91.42
CA ASP V 91 -4.92 39.50 -90.39
C ASP V 91 -3.68 38.69 -90.77
N GLY V 92 -2.66 38.74 -89.94
CA GLY V 92 -1.46 37.96 -90.19
C GLY V 92 -0.25 38.72 -89.72
N VAL V 93 0.92 38.19 -90.08
CA VAL V 93 2.18 38.83 -89.73
C VAL V 93 2.93 39.19 -91.00
N ILE V 94 4.08 39.83 -90.86
CA ILE V 94 4.88 40.28 -92.00
C ILE V 94 6.32 39.81 -91.77
N LEU V 95 6.86 39.07 -92.72
CA LEU V 95 8.25 38.63 -92.69
C LEU V 95 9.10 39.65 -93.44
N ILE V 96 10.24 40.00 -92.88
CA ILE V 96 11.11 41.01 -93.45
C ILE V 96 12.42 40.34 -93.86
N TYR V 97 12.71 40.37 -95.17
CA TYR V 97 13.87 39.70 -95.73
C TYR V 97 14.91 40.71 -96.20
N LYS V 98 16.17 40.29 -96.19
CA LYS V 98 17.29 41.08 -96.67
C LYS V 98 18.11 40.23 -97.64
N ASP V 99 18.42 40.78 -98.81
CA ASP V 99 19.08 40.13 -99.94
C ASP V 99 18.36 38.90 -100.46
N GLY V 100 17.08 38.71 -100.14
CA GLY V 100 16.34 37.56 -100.60
C GLY V 100 16.64 36.25 -99.91
N VAL V 101 17.65 36.20 -99.03
CA VAL V 101 18.03 34.95 -98.37
C VAL V 101 17.88 35.07 -96.85
N LYS V 102 18.33 36.19 -96.28
CA LYS V 102 18.36 36.35 -94.84
C LYS V 102 17.02 36.83 -94.32
N LEU V 103 16.50 36.17 -93.30
CA LEU V 103 15.30 36.63 -92.62
C LEU V 103 15.69 37.53 -91.46
N MET V 104 15.04 38.70 -91.37
CA MET V 104 15.44 39.71 -90.39
C MET V 104 14.52 39.80 -89.20
N LEU V 105 13.21 39.88 -89.41
CA LEU V 105 12.27 40.03 -88.31
C LEU V 105 10.96 39.34 -88.66
N THR V 106 10.01 39.43 -87.74
CA THR V 106 8.62 39.09 -87.97
C THR V 106 7.79 40.08 -87.17
N THR V 107 6.95 40.84 -87.84
CA THR V 107 6.18 41.85 -87.14
C THR V 107 5.04 41.19 -86.38
N PRO V 108 4.82 41.56 -85.13
CA PRO V 108 3.81 40.87 -84.31
C PRO V 108 2.38 41.21 -84.63
N LEU V 109 1.78 40.49 -85.59
CA LEU V 109 0.32 40.38 -85.73
C LEU V 109 -0.40 41.69 -85.99
N ILE V 110 -0.29 42.21 -87.22
CA ILE V 110 -0.60 43.60 -87.63
C ILE V 110 -1.90 44.21 -87.09
N SER V 111 -2.86 43.39 -86.67
CA SER V 111 -4.01 43.91 -85.97
C SER V 111 -3.66 44.40 -84.57
N SER V 112 -2.58 43.91 -83.99
CA SER V 112 -2.20 44.25 -82.63
C SER V 112 -1.21 45.40 -82.54
N MET V 113 -0.66 45.84 -83.67
CA MET V 113 0.08 47.09 -83.72
C MET V 113 -0.74 48.22 -84.31
N SER V 114 -2.06 48.16 -84.16
CA SER V 114 -2.92 49.26 -84.54
C SER V 114 -2.69 50.47 -83.65
N ILE V 115 -3.22 51.60 -84.08
CA ILE V 115 -2.92 52.84 -83.37
C ILE V 115 -4.09 53.31 -82.50
N SER V 116 -5.28 52.72 -82.67
CA SER V 116 -6.40 53.08 -81.82
C SER V 116 -6.34 52.43 -80.44
N ASN V 117 -5.32 51.62 -80.15
CA ASN V 117 -5.12 51.00 -78.85
C ASN V 117 -4.08 51.78 -78.07
N PRO V 118 -4.27 51.98 -76.76
CA PRO V 118 -3.33 52.80 -75.99
C PRO V 118 -2.05 52.09 -75.61
N ALA V 119 -1.93 50.78 -75.81
CA ALA V 119 -0.71 50.06 -75.46
C ALA V 119 -0.35 49.06 -76.55
N ARG V 120 -0.31 49.53 -77.79
CA ARG V 120 0.01 48.68 -78.93
C ARG V 120 1.44 48.12 -78.83
N THR V 121 1.66 47.05 -79.58
CA THR V 121 2.95 46.38 -79.56
C THR V 121 3.95 47.11 -80.45
N HIS V 122 5.22 46.72 -80.31
CA HIS V 122 6.32 47.32 -81.05
C HIS V 122 7.05 46.26 -81.87
N LEU V 123 8.08 46.69 -82.57
CA LEU V 123 9.00 45.75 -83.19
C LEU V 123 10.03 45.28 -82.19
N ALA V 124 10.96 44.44 -82.66
CA ALA V 124 11.98 43.91 -81.79
C ALA V 124 13.32 44.63 -81.90
N GLN V 125 13.64 45.20 -83.06
CA GLN V 125 14.94 45.81 -83.27
C GLN V 125 14.84 46.74 -84.48
N ALA V 126 15.73 47.73 -84.53
CA ALA V 126 15.84 48.63 -85.66
C ALA V 126 16.76 47.98 -86.70
N VAL V 127 16.18 47.49 -87.78
CA VAL V 127 16.91 46.72 -88.77
C VAL V 127 17.56 47.67 -89.76
N LYS V 128 18.88 47.68 -89.79
CA LYS V 128 19.58 48.55 -90.73
C LYS V 128 19.66 47.89 -92.10
N TYR V 129 19.85 48.73 -93.12
CA TYR V 129 20.03 48.27 -94.49
C TYR V 129 21.18 49.05 -95.09
N SER V 130 22.16 48.33 -95.59
CA SER V 130 23.39 48.90 -96.12
C SER V 130 23.07 49.46 -97.50
N PRO V 131 24.03 50.16 -98.15
CA PRO V 131 23.90 50.40 -99.59
C PRO V 131 23.82 49.10 -100.38
N GLN V 132 23.49 49.24 -101.66
CA GLN V 132 22.45 48.49 -102.36
C GLN V 132 22.20 47.07 -101.87
N SER V 133 20.96 46.80 -101.51
CA SER V 133 20.50 45.52 -100.98
C SER V 133 19.02 45.40 -101.31
N ILE V 134 18.52 44.18 -101.31
CA ILE V 134 17.17 43.91 -101.79
C ILE V 134 16.27 43.77 -100.56
N LEU V 135 15.46 44.79 -100.31
CA LEU V 135 14.51 44.78 -99.21
C LEU V 135 13.18 44.22 -99.71
N THR V 136 12.87 42.99 -99.31
CA THR V 136 11.61 42.40 -99.73
C THR V 136 10.87 41.85 -98.52
N MET V 137 9.54 41.85 -98.63
CA MET V 137 8.68 41.47 -97.52
C MET V 137 7.70 40.41 -98.00
N TYR V 138 7.10 39.71 -97.04
CA TYR V 138 6.07 38.72 -97.31
C TYR V 138 4.97 38.86 -96.27
N PHE V 139 3.77 38.47 -96.64
CA PHE V 139 2.61 38.57 -95.76
C PHE V 139 2.02 37.18 -95.58
N ASN V 140 2.17 36.62 -94.38
CA ASN V 140 1.72 35.28 -94.05
C ASN V 140 0.39 35.37 -93.31
N PRO V 141 -0.75 35.24 -93.98
CA PRO V 141 -2.01 35.56 -93.34
C PRO V 141 -2.56 34.43 -92.50
N THR V 142 -3.03 34.79 -91.31
CA THR V 142 -3.78 33.92 -90.44
C THR V 142 -5.14 34.56 -90.21
N LYS V 143 -6.19 33.72 -90.25
CA LYS V 143 -7.60 34.12 -90.26
C LYS V 143 -7.85 35.13 -91.37
N PRO V 144 -7.91 34.70 -92.63
CA PRO V 144 -7.94 35.65 -93.74
C PRO V 144 -9.26 36.36 -93.94
N ALA V 145 -9.35 37.16 -94.99
CA ALA V 145 -10.54 37.96 -95.26
C ALA V 145 -11.68 37.07 -95.72
N THR V 146 -12.83 37.19 -95.06
CA THR V 146 -13.98 36.37 -95.38
C THR V 146 -15.16 37.15 -95.94
N ALA V 147 -15.37 38.38 -95.49
CA ALA V 147 -16.56 39.12 -95.87
C ALA V 147 -16.43 39.64 -97.30
N SER V 148 -17.59 39.89 -97.90
CA SER V 148 -17.63 40.47 -99.24
C SER V 148 -17.21 41.93 -99.19
N THR V 149 -16.92 42.48 -100.37
CA THR V 149 -16.37 43.83 -100.58
C THR V 149 -15.10 44.03 -99.74
N SER V 150 -14.17 43.11 -99.91
CA SER V 150 -12.96 43.10 -99.11
C SER V 150 -11.99 44.19 -99.57
N TYR V 151 -11.01 44.47 -98.74
CA TYR V 151 -10.09 45.57 -98.97
C TYR V 151 -8.66 45.11 -98.87
N PRO V 152 -7.73 45.77 -99.57
CA PRO V 152 -6.32 45.41 -99.45
C PRO V 152 -5.75 45.82 -98.10
N ASN V 153 -4.60 45.24 -97.77
CA ASN V 153 -3.89 45.59 -96.55
C ASN V 153 -2.99 46.80 -96.77
N THR V 154 -2.70 47.50 -95.67
CA THR V 154 -1.77 48.62 -95.66
C THR V 154 -1.12 48.70 -94.29
N VAL V 155 0.20 48.71 -94.25
CA VAL V 155 0.97 48.78 -93.01
C VAL V 155 2.07 49.82 -93.20
N TYR V 156 2.05 50.86 -92.40
CA TYR V 156 3.02 51.93 -92.54
C TYR V 156 4.25 51.62 -91.70
N PHE V 157 5.39 52.11 -92.16
CA PHE V 157 6.66 51.94 -91.46
C PHE V 157 7.23 53.30 -91.13
N THR V 158 8.46 53.32 -90.63
CA THR V 158 9.15 54.58 -90.37
C THR V 158 10.64 54.34 -90.55
N VAL V 159 11.23 55.04 -91.50
CA VAL V 159 12.60 54.78 -91.93
C VAL V 159 13.45 55.98 -91.57
N VAL V 160 14.62 55.72 -90.97
CA VAL V 160 15.65 56.74 -90.84
C VAL V 160 16.62 56.59 -92.00
N VAL V 161 16.73 57.63 -92.82
CA VAL V 161 17.52 57.60 -94.05
C VAL V 161 18.78 58.41 -93.84
N VAL V 162 19.92 57.83 -94.16
CA VAL V 162 21.21 58.52 -94.04
C VAL V 162 21.74 58.72 -95.45
N ASP V 163 21.44 59.86 -96.04
CA ASP V 163 21.87 60.12 -97.40
C ASP V 163 23.31 60.62 -97.41
N PHE V 164 24.04 60.23 -98.44
CA PHE V 164 25.44 60.59 -98.57
C PHE V 164 25.75 61.27 -99.90
N SER V 165 24.74 61.63 -100.68
CA SER V 165 24.95 62.12 -102.03
C SER V 165 25.64 63.47 -102.07
N TYR V 166 25.54 64.26 -101.00
CA TYR V 166 26.06 65.62 -100.99
C TYR V 166 27.35 65.75 -100.20
N ALA V 167 28.08 64.64 -100.03
CA ALA V 167 29.38 64.71 -99.40
C ALA V 167 30.42 65.19 -100.40
N GLN V 168 31.66 65.34 -99.91
CA GLN V 168 32.72 65.87 -100.77
C GLN V 168 33.19 64.85 -101.80
N ASN V 169 33.17 63.55 -101.45
CA ASN V 169 33.44 62.48 -102.42
C ASN V 169 32.54 61.30 -102.08
N PRO V 170 31.35 61.23 -102.68
CA PRO V 170 30.41 60.17 -102.33
C PRO V 170 30.50 58.91 -103.19
N ALA V 171 31.53 58.08 -103.00
CA ALA V 171 31.61 56.87 -103.81
C ALA V 171 31.77 55.63 -102.96
N ARG V 172 32.65 55.70 -101.97
CA ARG V 172 32.98 54.58 -101.09
C ARG V 172 32.92 54.97 -99.63
N ALA V 173 32.81 56.27 -99.31
CA ALA V 173 32.67 56.71 -97.93
C ALA V 173 31.36 56.27 -97.33
N VAL V 174 30.35 56.02 -98.17
CA VAL V 174 29.07 55.56 -97.67
C VAL V 174 29.13 54.13 -97.13
N VAL V 175 30.14 53.36 -97.53
CA VAL V 175 30.30 52.01 -96.99
C VAL V 175 31.38 51.98 -95.90
N SER V 176 32.32 52.92 -95.91
CA SER V 176 33.22 53.07 -94.76
C SER V 176 32.47 53.60 -93.55
N ALA V 177 31.56 54.55 -93.75
CA ALA V 177 30.71 55.02 -92.66
C ALA V 177 29.59 54.06 -92.35
N ASN V 178 29.37 53.04 -93.18
CA ASN V 178 28.44 51.98 -92.84
C ASN V 178 29.07 50.97 -91.88
N ALA V 179 30.34 50.64 -92.07
CA ALA V 179 30.99 49.63 -91.26
C ALA V 179 31.34 50.15 -89.88
N VAL V 180 31.45 51.48 -89.74
CA VAL V 180 31.73 52.05 -88.43
C VAL V 180 30.46 52.04 -87.57
N MET V 181 29.31 51.79 -88.17
CA MET V 181 28.07 51.63 -87.42
C MET V 181 27.81 50.17 -87.09
N SER W 4 3.80 66.41 -62.04
CA SER W 4 4.54 65.43 -61.26
C SER W 4 5.78 66.06 -60.65
N VAL W 5 5.94 67.37 -60.86
CA VAL W 5 7.11 68.08 -60.36
C VAL W 5 6.90 68.60 -58.95
N THR W 6 5.65 68.58 -58.45
CA THR W 6 5.30 69.26 -57.21
C THR W 6 5.91 68.59 -55.99
N GLN W 7 6.19 67.29 -56.05
CA GLN W 7 6.86 66.65 -54.94
C GLN W 7 8.35 66.90 -54.92
N GLN W 8 8.94 67.37 -56.03
CA GLN W 8 10.36 67.67 -56.04
C GLN W 8 10.66 69.06 -55.51
N VAL W 9 9.75 70.00 -55.72
CA VAL W 9 9.95 71.35 -55.22
C VAL W 9 9.49 71.50 -53.78
N PHE W 10 8.68 70.57 -53.28
CA PHE W 10 8.20 70.70 -51.91
C PHE W 10 9.31 70.35 -50.93
N ASN W 11 10.08 69.30 -51.23
CA ASN W 11 11.29 69.02 -50.46
C ASN W 11 12.39 70.03 -50.71
N PHE W 12 12.35 70.72 -51.84
CA PHE W 12 13.30 71.79 -52.07
C PHE W 12 12.99 73.00 -51.22
N ALA W 13 11.73 73.16 -50.80
CA ALA W 13 11.37 74.27 -49.96
C ALA W 13 11.60 73.97 -48.48
N VAL W 14 11.20 72.78 -48.01
CA VAL W 14 11.34 72.46 -46.59
C VAL W 14 12.78 72.20 -46.17
N THR W 15 13.69 72.05 -47.12
CA THR W 15 15.10 71.88 -46.79
C THR W 15 15.84 73.20 -46.82
N LYS W 16 15.60 74.00 -47.85
CA LYS W 16 16.32 75.25 -48.00
C LYS W 16 15.82 76.34 -47.07
N SER W 17 14.51 76.35 -46.76
CA SER W 17 13.94 77.35 -45.87
C SER W 17 13.95 76.92 -44.42
N GLN W 18 14.55 75.80 -44.10
CA GLN W 18 14.68 75.36 -42.72
C GLN W 18 15.65 76.19 -41.87
N PRO W 19 16.90 76.51 -42.29
CA PRO W 19 17.78 77.24 -41.38
C PRO W 19 17.36 78.68 -41.12
N PHE W 20 16.54 79.26 -41.99
CA PHE W 20 16.10 80.63 -41.80
C PHE W 20 14.73 80.72 -41.15
N GLY W 21 14.11 79.60 -40.82
CA GLY W 21 12.77 79.62 -40.29
C GLY W 21 11.81 79.61 -41.46
N GLY W 22 11.01 78.57 -41.60
CA GLY W 22 10.20 78.46 -42.78
C GLY W 22 9.02 77.54 -42.61
N TYR W 23 7.86 78.01 -43.04
CA TYR W 23 6.60 77.32 -42.82
C TYR W 23 6.02 76.99 -44.19
N VAL W 24 6.29 75.78 -44.66
CA VAL W 24 6.00 75.38 -46.04
C VAL W 24 4.71 74.58 -46.07
N TYR W 25 3.79 74.97 -46.95
CA TYR W 25 2.57 74.23 -47.16
C TYR W 25 2.09 74.49 -48.58
N SER W 26 0.94 73.92 -48.93
CA SER W 26 0.41 74.00 -50.28
C SER W 26 -1.02 74.49 -50.23
N THR W 27 -1.49 75.01 -51.36
CA THR W 27 -2.84 75.53 -51.47
C THR W 27 -3.33 75.35 -52.90
N ASN W 28 -4.48 75.93 -53.20
CA ASN W 28 -5.16 75.75 -54.48
C ASN W 28 -5.42 77.11 -55.12
N LEU W 29 -5.01 77.26 -56.38
CA LEU W 29 -5.26 78.46 -57.17
C LEU W 29 -6.23 78.14 -58.30
N THR W 30 -7.14 79.06 -58.57
CA THR W 30 -8.19 78.85 -59.58
C THR W 30 -8.19 80.00 -60.56
N ALA W 31 -8.05 79.68 -61.85
CA ALA W 31 -8.11 80.66 -62.92
C ALA W 31 -9.35 80.36 -63.76
N SER W 32 -10.13 81.39 -64.06
CA SER W 32 -11.41 81.21 -64.74
C SER W 32 -11.68 82.41 -65.64
N THR W 33 -11.59 82.21 -66.95
CA THR W 33 -12.03 83.23 -67.90
C THR W 33 -13.54 83.24 -67.93
N SER W 34 -14.14 84.40 -67.75
CA SER W 34 -15.58 84.50 -67.67
C SER W 34 -16.21 84.65 -69.05
N SER W 35 -17.46 84.19 -69.16
CA SER W 35 -18.42 84.52 -70.23
C SER W 35 -17.99 84.04 -71.62
N ALA W 36 -17.67 82.75 -71.72
CA ALA W 36 -17.78 81.97 -72.96
C ALA W 36 -16.90 82.50 -74.10
N VAL W 37 -15.59 82.33 -73.91
CA VAL W 37 -14.60 82.81 -74.88
C VAL W 37 -14.80 82.16 -76.25
N THR W 38 -14.95 83.00 -77.28
CA THR W 38 -15.24 82.54 -78.63
C THR W 38 -14.40 83.18 -79.73
N SER W 39 -13.69 84.27 -79.48
CA SER W 39 -13.02 84.98 -80.56
C SER W 39 -11.51 85.13 -80.39
N THR W 40 -11.05 85.73 -79.28
CA THR W 40 -9.69 86.29 -79.21
C THR W 40 -9.13 86.05 -77.82
N GLN W 41 -7.96 86.64 -77.55
CA GLN W 41 -7.23 86.40 -76.31
C GLN W 41 -7.95 87.01 -75.10
N LEU W 42 -8.22 86.18 -74.10
CA LEU W 42 -8.99 86.55 -72.93
C LEU W 42 -8.11 86.69 -71.69
N THR W 43 -8.77 87.05 -70.59
CA THR W 43 -8.14 87.38 -69.32
C THR W 43 -8.77 86.53 -68.22
N PRO W 44 -8.02 85.66 -67.54
CA PRO W 44 -8.62 84.87 -66.46
C PRO W 44 -8.56 85.56 -65.12
N LEU W 45 -9.54 85.25 -64.27
CA LEU W 45 -9.67 85.84 -62.94
C LEU W 45 -9.05 84.90 -61.93
N ASN W 46 -7.88 85.26 -61.40
CA ASN W 46 -7.22 84.44 -60.41
C ASN W 46 -7.96 84.50 -59.08
N LEU W 47 -7.78 83.45 -58.27
CA LEU W 47 -8.32 83.44 -56.91
C LEU W 47 -7.49 82.45 -56.10
N SER W 48 -6.66 82.95 -55.19
CA SER W 48 -5.90 82.10 -54.30
C SER W 48 -6.47 82.23 -52.89
N ILE W 49 -6.37 81.15 -52.12
CA ILE W 49 -6.90 81.09 -50.76
C ILE W 49 -5.73 80.76 -49.85
N THR W 50 -5.23 81.75 -49.14
CA THR W 50 -4.15 81.53 -48.19
C THR W 50 -4.74 81.00 -46.88
N LEU W 51 -3.97 81.04 -45.80
CA LEU W 51 -4.38 80.38 -44.56
C LEU W 51 -5.53 81.12 -43.90
N GLY W 52 -5.24 82.23 -43.24
CA GLY W 52 -6.17 82.84 -42.31
C GLY W 52 -7.27 83.66 -42.96
N GLN W 53 -8.16 82.99 -43.70
CA GLN W 53 -9.33 83.57 -44.39
C GLN W 53 -8.96 84.75 -45.30
N ILE W 54 -7.79 84.62 -45.94
CA ILE W 54 -7.28 85.64 -46.84
C ILE W 54 -7.63 85.19 -48.26
N THR W 55 -8.57 85.89 -48.87
CA THR W 55 -9.09 85.55 -50.20
C THR W 55 -8.59 86.59 -51.19
N LEU W 56 -7.43 86.34 -51.79
CA LEU W 56 -6.95 87.22 -52.85
C LEU W 56 -7.71 86.93 -54.12
N SER W 57 -8.28 87.96 -54.73
CA SER W 57 -9.13 87.73 -55.90
C SER W 57 -8.82 88.70 -57.03
N GLY W 58 -9.57 88.58 -58.12
CA GLY W 58 -9.38 89.44 -59.28
C GLY W 58 -8.13 89.08 -60.07
N ASN W 59 -7.97 89.77 -61.20
CA ASN W 59 -6.77 89.63 -62.00
C ASN W 59 -5.57 90.19 -61.25
N SER W 60 -4.39 89.66 -61.59
CA SER W 60 -3.09 90.20 -61.19
C SER W 60 -2.93 90.22 -59.66
N LEU W 61 -2.87 89.02 -59.09
CA LEU W 61 -2.59 88.91 -57.67
C LEU W 61 -1.18 89.38 -57.37
N VAL W 62 -0.99 89.93 -56.17
CA VAL W 62 0.32 90.35 -55.70
C VAL W 62 0.72 89.41 -54.57
N ILE W 63 1.91 88.84 -54.69
CA ILE W 63 2.47 87.99 -53.64
C ILE W 63 2.77 88.84 -52.40
N PRO W 64 2.32 88.45 -51.21
CA PRO W 64 2.53 89.28 -50.02
C PRO W 64 3.99 89.38 -49.64
N ALA W 65 4.26 90.29 -48.70
CA ALA W 65 5.63 90.72 -48.41
C ALA W 65 6.42 89.73 -47.59
N THR W 66 5.83 88.59 -47.19
CA THR W 66 6.54 87.60 -46.39
C THR W 66 6.52 86.22 -47.02
N GLN W 67 6.03 86.09 -48.25
CA GLN W 67 5.77 84.79 -48.85
C GLN W 67 6.56 84.62 -50.13
N ILE W 68 6.94 83.38 -50.41
CA ILE W 68 7.61 82.98 -51.64
C ILE W 68 6.76 81.88 -52.26
N TRP W 69 6.16 82.16 -53.41
CA TRP W 69 5.27 81.19 -54.00
C TRP W 69 6.01 80.33 -55.01
N TYR W 70 5.42 79.19 -55.33
CA TYR W 70 5.90 78.31 -56.41
C TYR W 70 4.67 77.77 -57.09
N LEU W 71 4.57 77.94 -58.40
CA LEU W 71 3.44 77.46 -59.17
C LEU W 71 3.86 76.20 -59.91
N THR W 72 3.22 75.07 -59.63
CA THR W 72 3.77 73.77 -59.98
C THR W 72 3.01 73.02 -61.06
N ASP W 73 1.75 72.68 -60.85
CA ASP W 73 1.03 71.82 -61.78
C ASP W 73 -0.36 72.36 -62.01
N ALA W 74 -1.11 71.67 -62.88
CA ALA W 74 -2.46 72.06 -63.22
C ALA W 74 -3.25 70.82 -63.61
N TYR W 75 -4.56 70.91 -63.48
CA TYR W 75 -5.44 69.86 -63.96
C TYR W 75 -6.76 70.47 -64.38
N VAL W 76 -7.50 69.73 -65.20
CA VAL W 76 -8.79 70.15 -65.72
C VAL W 76 -9.79 69.06 -65.38
N SER W 77 -10.90 69.43 -64.76
CA SER W 77 -11.88 68.45 -64.31
C SER W 77 -12.67 67.89 -65.49
N VAL W 78 -13.36 66.78 -65.25
CA VAL W 78 -14.02 66.02 -66.32
C VAL W 78 -15.23 66.73 -66.92
N PRO W 79 -16.15 67.37 -66.17
CA PRO W 79 -17.17 68.18 -66.84
C PRO W 79 -16.64 69.41 -67.57
N ASP W 80 -15.39 69.80 -67.33
CA ASP W 80 -14.76 70.78 -68.20
C ASP W 80 -14.17 70.11 -69.43
N TYR W 81 -13.60 68.92 -69.27
CA TYR W 81 -13.02 68.23 -70.42
C TYR W 81 -14.09 67.64 -71.33
N THR W 82 -15.22 67.17 -70.77
CA THR W 82 -16.29 66.71 -71.64
C THR W 82 -17.06 67.86 -72.25
N ASN W 83 -16.82 69.09 -71.81
CA ASN W 83 -17.35 70.26 -72.48
C ASN W 83 -16.43 70.77 -73.58
N ILE W 84 -15.13 70.45 -73.49
CA ILE W 84 -14.21 70.84 -74.55
C ILE W 84 -14.48 70.02 -75.81
N THR W 85 -14.66 68.71 -75.65
CA THR W 85 -14.83 67.84 -76.80
C THR W 85 -16.19 67.99 -77.47
N ASN W 86 -17.17 68.56 -76.78
CA ASN W 86 -18.46 68.85 -77.40
C ASN W 86 -18.48 70.19 -78.09
N GLY W 87 -17.39 70.97 -78.01
CA GLY W 87 -17.41 72.32 -78.53
C GLY W 87 -18.21 73.29 -77.70
N ALA W 88 -18.37 73.03 -76.40
CA ALA W 88 -19.10 73.93 -75.51
C ALA W 88 -18.21 74.96 -74.85
N GLU W 89 -16.90 74.76 -74.86
CA GLU W 89 -15.98 75.77 -74.37
C GLU W 89 -14.69 75.66 -75.16
N ALA W 90 -13.84 76.66 -75.01
CA ALA W 90 -12.69 76.82 -75.90
C ALA W 90 -11.52 75.97 -75.45
N ASP W 91 -10.77 75.49 -76.42
CA ASP W 91 -9.47 74.88 -76.18
C ASP W 91 -8.42 75.99 -76.19
N GLY W 92 -7.16 75.64 -75.99
CA GLY W 92 -6.09 76.61 -76.09
C GLY W 92 -5.10 76.42 -74.98
N VAL W 93 -4.16 77.37 -74.89
CA VAL W 93 -3.11 77.32 -73.89
C VAL W 93 -3.27 78.50 -72.96
N ILE W 94 -2.42 78.59 -71.94
CA ILE W 94 -2.46 79.66 -70.96
C ILE W 94 -1.04 80.19 -70.79
N LEU W 95 -0.87 81.50 -70.96
CA LEU W 95 0.43 82.14 -70.84
C LEU W 95 0.59 82.69 -69.42
N ILE W 96 1.79 82.55 -68.86
CA ILE W 96 2.05 82.84 -67.46
C ILE W 96 3.11 83.93 -67.40
N TYR W 97 2.73 85.11 -66.91
CA TYR W 97 3.61 86.27 -66.87
C TYR W 97 4.09 86.55 -65.45
N LYS W 98 5.22 87.24 -65.37
CA LYS W 98 5.79 87.67 -64.09
C LYS W 98 6.26 89.10 -64.24
N ASP W 99 5.85 89.97 -63.29
CA ASP W 99 6.14 91.40 -63.25
C ASP W 99 5.60 92.14 -64.47
N GLY W 100 4.55 91.63 -65.10
CA GLY W 100 3.92 92.31 -66.21
C GLY W 100 4.65 92.30 -67.53
N VAL W 101 5.95 91.95 -67.55
CA VAL W 101 6.75 92.00 -68.76
C VAL W 101 7.17 90.60 -69.23
N LYS W 102 7.83 89.82 -68.37
CA LYS W 102 8.44 88.58 -68.82
C LYS W 102 7.41 87.46 -68.90
N LEU W 103 7.46 86.69 -69.99
CA LEU W 103 6.67 85.48 -70.14
C LEU W 103 7.54 84.29 -69.77
N MET W 104 7.05 83.43 -68.88
CA MET W 104 7.89 82.39 -68.31
C MET W 104 7.49 80.97 -68.65
N LEU W 105 6.21 80.71 -68.92
CA LEU W 105 5.77 79.37 -69.26
C LEU W 105 4.62 79.45 -70.26
N THR W 106 4.23 78.27 -70.75
CA THR W 106 3.02 78.10 -71.53
C THR W 106 2.44 76.76 -71.16
N THR W 107 1.19 76.73 -70.71
CA THR W 107 0.59 75.48 -70.30
C THR W 107 0.24 74.64 -71.52
N PRO W 108 0.71 73.41 -71.61
CA PRO W 108 0.55 72.64 -72.85
C PRO W 108 -0.86 72.12 -73.09
N LEU W 109 -1.71 72.95 -73.72
CA LEU W 109 -2.99 72.54 -74.30
C LEU W 109 -3.95 71.96 -73.29
N ILE W 110 -4.63 72.81 -72.53
CA ILE W 110 -5.47 72.47 -71.38
C ILE W 110 -6.51 71.37 -71.61
N SER W 111 -6.82 71.03 -72.86
CA SER W 111 -7.60 69.83 -73.11
C SER W 111 -6.79 68.55 -72.94
N SER W 112 -5.46 68.64 -72.87
CA SER W 112 -4.61 67.46 -72.77
C SER W 112 -4.10 67.21 -71.36
N MET W 113 -4.18 68.19 -70.48
CA MET W 113 -3.84 67.99 -69.08
C MET W 113 -5.06 67.65 -68.25
N SER W 114 -6.14 67.20 -68.88
CA SER W 114 -7.35 66.84 -68.15
C SER W 114 -7.10 65.62 -67.28
N ILE W 115 -7.98 65.46 -66.29
CA ILE W 115 -7.75 64.46 -65.25
C ILE W 115 -8.16 63.06 -65.71
N SER W 116 -8.76 62.93 -66.89
CA SER W 116 -9.13 61.64 -67.45
C SER W 116 -8.27 61.22 -68.63
N ASN W 117 -7.15 61.89 -68.86
CA ASN W 117 -6.20 61.44 -69.87
C ASN W 117 -5.26 60.42 -69.26
N PRO W 118 -5.14 59.21 -69.82
CA PRO W 118 -4.12 58.28 -69.31
C PRO W 118 -2.70 58.77 -69.54
N ALA W 119 -2.47 59.58 -70.55
CA ALA W 119 -1.26 60.39 -70.65
C ALA W 119 -1.60 61.83 -70.29
N ARG W 120 -1.75 62.08 -69.00
CA ARG W 120 -1.98 63.46 -68.54
C ARG W 120 -0.66 64.20 -68.51
N THR W 121 -0.57 65.28 -69.29
CA THR W 121 0.64 66.09 -69.33
C THR W 121 0.68 67.05 -68.15
N HIS W 122 1.89 67.33 -67.67
CA HIS W 122 2.12 68.21 -66.56
C HIS W 122 2.88 69.44 -67.04
N LEU W 123 3.25 70.31 -66.09
CA LEU W 123 4.07 71.46 -66.41
C LEU W 123 5.54 71.10 -66.36
N ALA W 124 6.36 71.91 -67.04
CA ALA W 124 7.76 71.58 -67.24
C ALA W 124 8.58 71.80 -65.96
N GLN W 125 8.60 73.03 -65.47
CA GLN W 125 9.29 73.36 -64.23
C GLN W 125 8.45 74.38 -63.48
N ALA W 126 8.64 74.46 -62.16
CA ALA W 126 7.90 75.40 -61.34
C ALA W 126 8.46 76.81 -61.47
N VAL W 127 7.58 77.78 -61.55
CA VAL W 127 7.96 79.19 -61.68
C VAL W 127 7.98 79.85 -60.30
N LYS W 128 9.17 80.26 -59.89
CA LYS W 128 9.33 80.86 -58.57
C LYS W 128 8.83 82.31 -58.58
N TYR W 129 7.99 82.64 -57.61
CA TYR W 129 7.50 84.00 -57.44
C TYR W 129 8.02 84.54 -56.12
N SER W 130 8.81 85.59 -56.20
CA SER W 130 9.45 86.21 -55.04
C SER W 130 8.42 87.11 -54.35
N PRO W 131 8.75 87.74 -53.22
CA PRO W 131 7.94 88.85 -52.71
C PRO W 131 7.80 89.99 -53.71
N GLN W 132 6.94 90.94 -53.33
CA GLN W 132 5.87 91.49 -54.16
C GLN W 132 6.21 91.53 -55.65
N SER W 133 5.41 90.80 -56.43
CA SER W 133 5.65 90.59 -57.85
C SER W 133 4.31 90.26 -58.48
N ILE W 134 4.02 90.89 -59.60
CA ILE W 134 2.68 90.82 -60.18
C ILE W 134 2.57 89.56 -61.04
N LEU W 135 1.65 88.67 -60.66
CA LEU W 135 1.38 87.44 -61.38
C LEU W 135 0.12 87.64 -62.23
N THR W 136 0.29 87.71 -63.55
CA THR W 136 -0.86 87.74 -64.43
C THR W 136 -0.83 86.53 -65.35
N MET W 137 -2.01 86.12 -65.78
CA MET W 137 -2.15 85.06 -66.76
C MET W 137 -3.01 85.55 -67.91
N TYR W 138 -2.94 84.83 -69.02
CA TYR W 138 -3.74 85.11 -70.20
C TYR W 138 -4.08 83.80 -70.88
N PHE W 139 -5.29 83.74 -71.44
CA PHE W 139 -5.78 82.52 -72.08
C PHE W 139 -5.92 82.78 -73.56
N ASN W 140 -5.10 82.09 -74.37
CA ASN W 140 -5.01 82.29 -75.81
C ASN W 140 -5.75 81.18 -76.52
N PRO W 141 -6.99 81.40 -76.97
CA PRO W 141 -7.81 80.27 -77.45
C PRO W 141 -7.48 79.90 -78.88
N THR W 142 -7.25 78.61 -79.09
CA THR W 142 -7.33 77.99 -80.40
C THR W 142 -8.48 77.00 -80.36
N LYS W 143 -9.18 76.85 -81.48
CA LYS W 143 -10.45 76.12 -81.61
C LYS W 143 -11.44 76.59 -80.56
N PRO W 144 -12.04 77.77 -80.73
CA PRO W 144 -12.88 78.34 -79.67
C PRO W 144 -14.23 77.64 -79.57
N ALA W 145 -15.07 78.18 -78.69
CA ALA W 145 -16.39 77.61 -78.47
C ALA W 145 -17.28 77.87 -79.67
N THR W 146 -17.88 76.80 -80.20
CA THR W 146 -18.75 76.91 -81.36
C THR W 146 -20.21 76.64 -81.07
N ALA W 147 -20.52 75.81 -80.08
CA ALA W 147 -21.90 75.45 -79.82
C ALA W 147 -22.62 76.56 -79.08
N SER W 148 -23.94 76.62 -79.28
CA SER W 148 -24.74 77.53 -78.49
C SER W 148 -24.86 77.01 -77.06
N THR W 149 -25.25 77.91 -76.16
CA THR W 149 -25.26 77.71 -74.70
C THR W 149 -23.88 77.23 -74.20
N SER W 150 -22.89 78.09 -74.41
CA SER W 150 -21.51 77.76 -74.08
C SER W 150 -21.25 77.94 -72.59
N TYR W 151 -20.03 77.64 -72.16
CA TYR W 151 -19.65 77.64 -70.76
C TYR W 151 -18.27 78.26 -70.60
N PRO W 152 -17.99 78.90 -69.47
CA PRO W 152 -16.66 79.47 -69.26
C PRO W 152 -15.61 78.41 -68.98
N ASN W 153 -14.35 78.84 -69.05
CA ASN W 153 -13.23 77.96 -68.75
C ASN W 153 -12.89 77.99 -67.27
N THR W 154 -12.28 76.91 -66.78
CA THR W 154 -11.80 76.85 -65.40
C THR W 154 -10.61 75.91 -65.36
N VAL W 155 -9.45 76.41 -64.93
CA VAL W 155 -8.24 75.61 -64.83
C VAL W 155 -7.69 75.75 -63.41
N TYR W 156 -7.64 74.65 -62.68
CA TYR W 156 -7.12 74.65 -61.32
C TYR W 156 -5.61 74.49 -61.34
N PHE W 157 -4.95 75.03 -60.33
CA PHE W 157 -3.50 75.01 -60.22
C PHE W 157 -3.10 74.44 -58.87
N THR W 158 -1.81 74.53 -58.56
CA THR W 158 -1.29 74.07 -57.28
C THR W 158 -0.11 74.94 -56.89
N VAL W 159 -0.22 75.65 -55.77
CA VAL W 159 0.80 76.59 -55.33
C VAL W 159 1.44 76.06 -54.06
N VAL W 160 2.77 76.06 -54.04
CA VAL W 160 3.52 75.78 -52.82
C VAL W 160 3.92 77.13 -52.21
N VAL W 161 3.47 77.39 -50.99
CA VAL W 161 3.63 78.68 -50.33
C VAL W 161 4.62 78.53 -49.20
N VAL W 162 5.64 79.36 -49.18
CA VAL W 162 6.68 79.29 -48.15
C VAL W 162 6.53 80.52 -47.27
N ASP W 163 5.81 80.37 -46.15
CA ASP W 163 5.57 81.48 -45.25
C ASP W 163 6.73 81.66 -44.28
N PHE W 164 7.00 82.91 -43.95
CA PHE W 164 8.10 83.28 -43.05
C PHE W 164 7.60 84.07 -41.86
N SER W 165 6.29 83.99 -41.57
CA SER W 165 5.68 84.87 -40.60
C SER W 165 6.06 84.55 -39.16
N TYR W 166 6.70 83.41 -38.92
CA TYR W 166 6.97 82.95 -37.56
C TYR W 166 8.45 82.97 -37.20
N ALA W 167 9.30 83.55 -38.04
CA ALA W 167 10.72 83.59 -37.73
C ALA W 167 11.01 84.67 -36.70
N GLN W 168 12.30 84.80 -36.37
CA GLN W 168 12.71 85.82 -35.41
C GLN W 168 12.60 87.21 -36.01
N ASN W 169 12.77 87.33 -37.33
CA ASN W 169 12.79 88.63 -38.01
C ASN W 169 12.25 88.38 -39.41
N PRO W 170 10.94 88.56 -39.62
CA PRO W 170 10.33 88.15 -40.90
C PRO W 170 10.73 89.00 -42.09
N ALA W 171 11.35 90.15 -41.88
CA ALA W 171 11.79 90.97 -42.99
C ALA W 171 13.18 90.60 -43.48
N ARG W 172 14.09 90.27 -42.58
CA ARG W 172 15.46 89.93 -42.98
C ARG W 172 15.65 88.44 -43.20
N ALA W 173 14.69 87.61 -42.81
CA ALA W 173 14.78 86.20 -43.15
C ALA W 173 14.29 85.94 -44.56
N VAL W 174 13.35 86.75 -45.05
CA VAL W 174 12.86 86.62 -46.41
C VAL W 174 13.94 87.01 -47.40
N VAL W 175 14.58 88.16 -47.18
CA VAL W 175 15.60 88.64 -48.12
C VAL W 175 16.91 87.89 -48.00
N SER W 176 17.05 87.01 -47.01
CA SER W 176 18.20 86.13 -46.92
C SER W 176 17.96 84.77 -47.53
N ALA W 177 16.72 84.29 -47.51
CA ALA W 177 16.38 82.99 -48.07
C ALA W 177 15.99 83.07 -49.54
N ASN W 178 15.57 84.24 -50.01
CA ASN W 178 15.24 84.41 -51.41
C ASN W 178 16.49 84.33 -52.28
N ALA W 179 17.64 84.72 -51.75
CA ALA W 179 18.89 84.65 -52.51
C ALA W 179 19.38 83.22 -52.66
N VAL W 180 18.91 82.30 -51.82
CA VAL W 180 19.35 80.91 -51.89
C VAL W 180 18.30 79.99 -52.52
N MET W 181 17.02 80.25 -52.29
CA MET W 181 15.97 79.41 -52.85
C MET W 181 15.72 79.75 -54.31
N SER X 4 11.26 62.15 -72.69
CA SER X 4 11.35 63.58 -72.47
C SER X 4 12.43 64.19 -73.35
N VAL X 5 12.06 64.58 -74.58
CA VAL X 5 13.03 65.22 -75.46
C VAL X 5 13.05 66.73 -75.28
N THR X 6 11.98 67.32 -74.76
CA THR X 6 11.98 68.76 -74.55
C THR X 6 12.78 69.13 -73.32
N GLN X 7 12.72 68.31 -72.29
CA GLN X 7 13.42 68.60 -71.05
C GLN X 7 14.92 68.41 -71.15
N GLN X 8 15.40 67.70 -72.18
CA GLN X 8 16.83 67.69 -72.42
C GLN X 8 17.27 68.92 -73.17
N VAL X 9 16.41 69.44 -74.05
CA VAL X 9 16.74 70.64 -74.81
C VAL X 9 16.66 71.87 -73.93
N PHE X 10 15.65 71.93 -73.05
CA PHE X 10 15.47 73.08 -72.18
C PHE X 10 16.58 73.17 -71.14
N ASN X 11 17.02 72.03 -70.61
CA ASN X 11 18.13 72.06 -69.66
C ASN X 11 19.47 72.30 -70.35
N PHE X 12 19.55 72.05 -71.65
CA PHE X 12 20.76 72.36 -72.39
C PHE X 12 20.81 73.81 -72.83
N ALA X 13 19.65 74.40 -73.14
CA ALA X 13 19.62 75.79 -73.56
C ALA X 13 19.91 76.74 -72.40
N VAL X 14 19.34 76.48 -71.23
CA VAL X 14 19.59 77.35 -70.07
C VAL X 14 20.98 77.15 -69.49
N THR X 15 21.70 76.13 -69.90
CA THR X 15 23.05 75.90 -69.40
C THR X 15 24.08 76.63 -70.26
N LYS X 16 23.81 76.74 -71.56
CA LYS X 16 24.76 77.35 -72.49
C LYS X 16 24.52 78.83 -72.72
N SER X 17 23.26 79.26 -72.75
CA SER X 17 22.93 80.65 -73.04
C SER X 17 23.05 81.54 -71.82
N GLN X 18 23.28 80.98 -70.65
CA GLN X 18 23.37 81.72 -69.41
C GLN X 18 24.62 82.59 -69.26
N PRO X 19 25.86 82.16 -69.58
CA PRO X 19 27.00 83.09 -69.41
C PRO X 19 27.00 84.25 -70.38
N PHE X 20 26.44 84.08 -71.57
CA PHE X 20 26.25 85.21 -72.47
C PHE X 20 25.01 86.01 -72.14
N GLY X 21 24.14 85.48 -71.28
CA GLY X 21 22.89 86.14 -70.97
C GLY X 21 21.88 85.76 -72.02
N GLY X 22 20.79 85.13 -71.61
CA GLY X 22 19.83 84.69 -72.59
C GLY X 22 18.54 84.21 -71.97
N TYR X 23 17.44 84.70 -72.52
CA TYR X 23 16.13 84.41 -71.97
C TYR X 23 15.55 83.18 -72.66
N VAL X 24 15.36 82.11 -71.90
CA VAL X 24 14.88 80.85 -72.42
C VAL X 24 13.48 80.61 -71.91
N TYR X 25 12.55 80.32 -72.82
CA TYR X 25 11.20 79.94 -72.43
C TYR X 25 10.61 79.09 -73.54
N SER X 26 9.56 78.36 -73.19
CA SER X 26 8.90 77.47 -74.12
C SER X 26 7.56 78.06 -74.52
N THR X 27 7.19 77.88 -75.78
CA THR X 27 5.93 78.41 -76.28
C THR X 27 5.32 77.39 -77.22
N ASN X 28 4.18 77.74 -77.82
CA ASN X 28 3.35 76.81 -78.57
C ASN X 28 3.16 77.32 -79.98
N LEU X 29 3.52 76.50 -80.97
CA LEU X 29 3.35 76.83 -82.37
C LEU X 29 2.19 76.00 -82.95
N THR X 30 1.36 76.65 -83.74
CA THR X 30 0.16 76.04 -84.30
C THR X 30 0.22 76.08 -85.82
N ALA X 31 0.20 74.91 -86.45
CA ALA X 31 0.20 74.79 -87.90
C ALA X 31 -1.18 74.31 -88.32
N SER X 32 -1.93 75.18 -88.99
CA SER X 32 -3.33 74.91 -89.29
C SER X 32 -3.55 74.93 -90.79
N THR X 33 -3.73 73.75 -91.37
CA THR X 33 -4.17 73.66 -92.76
C THR X 33 -5.62 74.07 -92.86
N SER X 34 -5.88 75.13 -93.62
CA SER X 34 -7.19 75.75 -93.61
C SER X 34 -8.11 75.13 -94.65
N SER X 35 -9.41 75.15 -94.33
CA SER X 35 -10.52 74.93 -95.26
C SER X 35 -10.55 73.53 -95.86
N ALA X 36 -10.43 72.51 -94.98
CA ALA X 36 -10.94 71.15 -95.21
C ALA X 36 -10.31 70.48 -96.43
N VAL X 37 -9.01 70.19 -96.30
CA VAL X 37 -8.24 69.58 -97.39
C VAL X 37 -8.83 68.24 -97.81
N THR X 38 -9.10 68.11 -99.11
CA THR X 38 -9.72 66.91 -99.66
C THR X 38 -9.04 66.34 -100.89
N SER X 39 -8.08 67.03 -101.52
CA SER X 39 -7.53 66.54 -102.78
C SER X 39 -6.02 66.30 -102.75
N THR X 40 -5.20 67.31 -102.45
CA THR X 40 -3.78 67.25 -102.79
C THR X 40 -2.98 67.97 -101.71
N GLN X 41 -1.69 68.18 -101.99
CA GLN X 41 -0.79 68.79 -101.02
C GLN X 41 -1.11 70.26 -100.81
N LEU X 42 -1.44 70.62 -99.57
CA LEU X 42 -1.74 72.00 -99.19
C LEU X 42 -0.63 72.55 -98.31
N THR X 43 -0.85 73.76 -97.79
CA THR X 43 0.15 74.43 -96.97
C THR X 43 -0.51 75.06 -95.75
N PRO X 44 -0.08 74.71 -94.53
CA PRO X 44 -0.72 75.25 -93.34
C PRO X 44 -0.14 76.59 -92.91
N LEU X 45 -0.95 77.32 -92.15
CA LEU X 45 -0.61 78.65 -91.67
C LEU X 45 0.10 78.53 -90.34
N ASN X 46 1.42 78.76 -90.32
CA ASN X 46 2.14 78.78 -89.06
C ASN X 46 1.72 79.99 -88.23
N LEU X 47 1.67 79.81 -86.91
CA LEU X 47 1.20 80.87 -86.02
C LEU X 47 1.82 80.65 -84.64
N SER X 48 2.86 81.41 -84.33
CA SER X 48 3.56 81.28 -83.05
C SER X 48 3.13 82.39 -82.10
N ILE X 49 3.32 82.15 -80.81
CA ILE X 49 3.04 83.12 -79.76
C ILE X 49 4.34 83.42 -79.04
N THR X 50 4.96 84.54 -79.37
CA THR X 50 6.15 84.98 -78.67
C THR X 50 5.75 85.79 -77.43
N LEU X 51 6.72 86.51 -76.85
CA LEU X 51 6.56 87.07 -75.52
C LEU X 51 5.60 88.25 -75.50
N GLY X 52 5.95 89.35 -76.17
CA GLY X 52 5.31 90.62 -75.91
C GLY X 52 4.07 90.91 -76.71
N GLN X 53 2.97 90.21 -76.39
CA GLN X 53 1.62 90.40 -76.93
C GLN X 53 1.54 90.26 -78.45
N ILE X 54 2.58 89.77 -79.12
CA ILE X 54 2.63 89.71 -80.57
C ILE X 54 2.51 88.26 -81.03
N THR X 55 2.00 88.09 -82.25
CA THR X 55 1.66 86.79 -82.82
C THR X 55 2.09 86.75 -84.27
N LEU X 56 3.19 86.05 -84.57
CA LEU X 56 3.70 85.98 -85.93
C LEU X 56 2.91 84.91 -86.70
N SER X 57 1.96 85.34 -87.51
CA SER X 57 1.11 84.43 -88.24
C SER X 57 1.59 84.30 -89.67
N GLY X 58 0.78 83.67 -90.52
CA GLY X 58 1.09 83.55 -91.92
C GLY X 58 2.12 82.46 -92.21
N ASN X 59 2.20 82.10 -93.49
CA ASN X 59 3.17 81.13 -93.96
C ASN X 59 4.57 81.70 -93.86
N SER X 60 5.55 80.80 -93.71
CA SER X 60 6.98 81.09 -93.80
C SER X 60 7.42 82.13 -92.79
N LEU X 61 7.41 81.73 -91.53
CA LEU X 61 7.87 82.60 -90.46
C LEU X 61 9.37 82.81 -90.57
N VAL X 62 9.81 84.05 -90.41
CA VAL X 62 11.23 84.35 -90.38
C VAL X 62 11.65 84.52 -88.93
N ILE X 63 12.71 83.84 -88.56
CA ILE X 63 13.27 83.97 -87.21
C ILE X 63 13.97 85.31 -87.09
N PRO X 64 13.69 86.10 -86.05
CA PRO X 64 14.42 87.35 -85.87
C PRO X 64 15.89 87.11 -85.54
N ALA X 65 16.70 88.13 -85.80
CA ALA X 65 18.15 87.97 -85.78
C ALA X 65 18.73 87.95 -84.37
N THR X 66 17.91 88.02 -83.33
CA THR X 66 18.42 87.96 -81.97
C THR X 66 17.96 86.71 -81.24
N GLN X 67 17.25 85.81 -81.92
CA GLN X 67 16.63 84.67 -81.28
C GLN X 67 17.05 83.37 -81.94
N ILE X 68 17.08 82.31 -81.13
CA ILE X 68 17.29 80.94 -81.60
C ILE X 68 16.07 80.15 -81.17
N TRP X 69 15.52 79.39 -82.10
CA TRP X 69 14.37 78.55 -81.79
C TRP X 69 14.81 77.09 -81.73
N TYR X 70 13.94 76.25 -81.18
CA TYR X 70 14.15 74.81 -81.14
C TYR X 70 12.79 74.14 -81.30
N LEU X 71 12.58 73.45 -82.41
CA LEU X 71 11.32 72.76 -82.64
C LEU X 71 11.47 71.33 -82.11
N THR X 72 10.84 71.05 -80.97
CA THR X 72 11.09 69.80 -80.26
C THR X 72 9.99 68.75 -80.38
N ASP X 73 8.72 69.11 -80.24
CA ASP X 73 7.68 68.09 -80.15
C ASP X 73 6.49 68.48 -81.01
N ALA X 74 5.58 67.52 -81.18
CA ALA X 74 4.35 67.73 -81.94
C ALA X 74 3.30 66.74 -81.47
N TYR X 75 2.04 67.16 -81.50
CA TYR X 75 0.94 66.27 -81.14
C TYR X 75 -0.33 66.77 -81.81
N VAL X 76 -1.44 66.11 -81.49
CA VAL X 76 -2.75 66.39 -82.04
C VAL X 76 -3.76 66.28 -80.89
N SER X 77 -4.64 67.27 -80.78
CA SER X 77 -5.61 67.27 -79.69
C SER X 77 -6.65 66.17 -79.89
N VAL X 78 -7.25 65.75 -78.78
CA VAL X 78 -8.25 64.68 -78.74
C VAL X 78 -9.55 65.05 -79.47
N PRO X 79 -10.05 66.30 -79.48
CA PRO X 79 -11.16 66.60 -80.40
C PRO X 79 -10.79 66.53 -81.87
N ASP X 80 -9.51 66.66 -82.22
CA ASP X 80 -9.13 66.49 -83.62
C ASP X 80 -9.05 65.02 -83.99
N TYR X 81 -8.47 64.19 -83.11
CA TYR X 81 -8.35 62.75 -83.37
C TYR X 81 -9.70 62.07 -83.43
N THR X 82 -10.70 62.59 -82.72
CA THR X 82 -12.05 62.06 -82.86
C THR X 82 -12.66 62.45 -84.20
N ASN X 83 -12.24 63.58 -84.76
CA ASN X 83 -12.76 64.01 -86.06
C ASN X 83 -12.01 63.37 -87.21
N ILE X 84 -10.77 62.95 -86.99
CA ILE X 84 -9.97 62.34 -88.06
C ILE X 84 -10.54 60.97 -88.43
N THR X 85 -10.76 60.13 -87.41
CA THR X 85 -11.20 58.77 -87.65
C THR X 85 -12.63 58.67 -88.15
N ASN X 86 -13.44 59.70 -87.92
CA ASN X 86 -14.80 59.71 -88.45
C ASN X 86 -14.88 60.30 -89.84
N GLY X 87 -13.75 60.64 -90.45
CA GLY X 87 -13.76 61.20 -91.79
C GLY X 87 -14.15 62.65 -91.88
N ALA X 88 -14.04 63.40 -90.78
CA ALA X 88 -14.40 64.81 -90.79
C ALA X 88 -13.21 65.71 -91.12
N GLU X 89 -11.99 65.20 -91.08
CA GLU X 89 -10.84 65.94 -91.57
C GLU X 89 -9.77 64.94 -91.99
N ALA X 90 -8.83 65.41 -92.77
CA ALA X 90 -7.95 64.53 -93.52
C ALA X 90 -6.77 64.06 -92.69
N ASP X 91 -6.32 62.86 -92.98
CA ASP X 91 -5.09 62.29 -92.42
C ASP X 91 -3.94 62.54 -93.38
N GLY X 92 -2.74 62.25 -92.94
CA GLY X 92 -1.57 62.40 -93.78
C GLY X 92 -0.36 62.74 -92.94
N VAL X 93 0.72 63.06 -93.63
CA VAL X 93 1.98 63.40 -92.99
C VAL X 93 2.22 64.91 -93.16
N ILE X 94 3.27 65.39 -92.52
CA ILE X 94 3.63 66.79 -92.55
C ILE X 94 5.12 66.92 -92.85
N LEU X 95 5.45 67.75 -93.83
CA LEU X 95 6.81 67.98 -94.26
C LEU X 95 7.34 69.24 -93.56
N ILE X 96 8.58 69.19 -93.10
CA ILE X 96 9.17 70.24 -92.28
C ILE X 96 10.44 70.72 -92.95
N TYR X 97 10.44 71.97 -93.39
CA TYR X 97 11.56 72.53 -94.15
C TYR X 97 12.32 73.59 -93.35
N LYS X 98 13.57 73.77 -93.73
CA LYS X 98 14.44 74.83 -93.21
C LYS X 98 14.99 75.59 -94.40
N ASP X 99 14.85 76.93 -94.36
CA ASP X 99 15.19 77.83 -95.46
C ASP X 99 14.45 77.51 -96.75
N GLY X 100 13.26 76.90 -96.65
CA GLY X 100 12.44 76.57 -97.79
C GLY X 100 13.00 75.55 -98.75
N VAL X 101 14.15 74.93 -98.46
CA VAL X 101 14.80 74.04 -99.41
C VAL X 101 14.99 72.67 -98.79
N LYS X 102 15.72 72.60 -97.68
CA LYS X 102 16.06 71.33 -97.05
C LYS X 102 14.82 70.70 -96.43
N LEU X 103 14.41 69.55 -96.94
CA LEU X 103 13.46 68.73 -96.21
C LEU X 103 14.20 68.04 -95.07
N MET X 104 13.66 68.13 -93.86
CA MET X 104 14.36 67.57 -92.72
C MET X 104 13.61 66.47 -92.00
N LEU X 105 12.30 66.60 -91.79
CA LEU X 105 11.55 65.55 -91.12
C LEU X 105 10.23 65.34 -91.83
N THR X 106 9.65 64.17 -91.59
CA THR X 106 8.31 63.83 -92.06
C THR X 106 7.59 63.20 -90.89
N THR X 107 6.54 63.85 -90.42
CA THR X 107 5.84 63.39 -89.23
C THR X 107 5.06 62.12 -89.54
N PRO X 108 5.17 61.08 -88.73
CA PRO X 108 4.51 59.82 -89.06
C PRO X 108 3.01 59.82 -88.84
N LEU X 109 2.26 60.28 -89.84
CA LEU X 109 0.82 60.05 -89.98
C LEU X 109 0.02 60.60 -88.80
N ILE X 110 -0.20 61.93 -88.78
CA ILE X 110 -0.64 62.74 -87.64
C ILE X 110 -1.84 62.22 -86.84
N SER X 111 -2.63 61.30 -87.41
CA SER X 111 -3.66 60.64 -86.62
C SER X 111 -3.06 59.72 -85.57
N SER X 112 -1.82 59.27 -85.79
CA SER X 112 -1.17 58.39 -84.82
C SER X 112 -0.69 59.13 -83.59
N MET X 113 -0.26 60.38 -83.73
CA MET X 113 0.28 61.14 -82.61
C MET X 113 -0.79 61.96 -81.90
N SER X 114 -1.83 61.27 -81.46
CA SER X 114 -2.83 61.84 -80.58
C SER X 114 -2.31 61.83 -79.16
N ILE X 115 -2.65 62.87 -78.40
CA ILE X 115 -2.04 63.06 -77.09
C ILE X 115 -2.64 62.15 -76.02
N SER X 116 -3.81 61.55 -76.28
CA SER X 116 -4.44 60.71 -75.27
C SER X 116 -3.81 59.32 -75.18
N ASN X 117 -3.18 58.84 -76.25
CA ASN X 117 -2.58 57.51 -76.20
C ASN X 117 -1.17 57.60 -75.61
N PRO X 118 -0.87 56.85 -74.55
CA PRO X 118 0.49 56.87 -74.02
C PRO X 118 1.52 56.23 -74.95
N ALA X 119 1.09 55.34 -75.84
CA ALA X 119 1.98 54.77 -76.85
C ALA X 119 1.86 55.55 -78.16
N ARG X 120 2.16 56.84 -78.07
CA ARG X 120 2.10 57.75 -79.19
C ARG X 120 3.52 57.96 -79.72
N THR X 121 3.67 57.89 -81.05
CA THR X 121 4.97 58.15 -81.65
C THR X 121 5.21 59.65 -81.72
N HIS X 122 6.43 60.06 -81.40
CA HIS X 122 6.77 61.46 -81.28
C HIS X 122 7.38 61.97 -82.58
N LEU X 123 7.91 63.19 -82.53
CA LEU X 123 8.79 63.65 -83.60
C LEU X 123 10.12 62.92 -83.52
N ALA X 124 10.84 62.91 -84.64
CA ALA X 124 12.07 62.13 -84.71
C ALA X 124 13.22 62.80 -83.98
N GLN X 125 13.32 64.12 -84.03
CA GLN X 125 14.47 64.82 -83.48
C GLN X 125 14.10 66.28 -83.28
N ALA X 126 14.73 66.90 -82.29
CA ALA X 126 14.53 68.31 -82.02
C ALA X 126 15.38 69.13 -82.97
N VAL X 127 14.73 69.90 -83.84
CA VAL X 127 15.43 70.62 -84.90
C VAL X 127 15.87 71.98 -84.37
N LYS X 128 17.17 72.26 -84.48
CA LYS X 128 17.68 73.58 -84.15
C LYS X 128 17.42 74.52 -85.32
N TYR X 129 16.76 75.63 -85.04
CA TYR X 129 16.49 76.65 -86.03
C TYR X 129 17.29 77.89 -85.67
N SER X 130 18.27 78.22 -86.50
CA SER X 130 19.28 79.24 -86.30
C SER X 130 18.65 80.63 -86.40
N PRO X 131 19.38 81.72 -86.13
CA PRO X 131 18.91 83.04 -86.55
C PRO X 131 18.81 83.14 -88.07
N GLN X 132 18.32 84.30 -88.51
CA GLN X 132 17.32 84.46 -89.56
C GLN X 132 17.32 83.41 -90.67
N SER X 133 16.22 82.68 -90.76
CA SER X 133 16.10 81.45 -91.54
C SER X 133 14.63 81.02 -91.59
N ILE X 134 14.15 80.65 -92.76
CA ILE X 134 12.72 80.45 -92.99
C ILE X 134 12.29 79.14 -92.36
N LEU X 135 11.13 79.14 -91.69
CA LEU X 135 10.47 77.93 -91.25
C LEU X 135 9.14 77.80 -92.00
N THR X 136 8.96 76.71 -92.73
CA THR X 136 7.73 76.49 -93.46
C THR X 136 7.37 75.00 -93.44
N MET X 137 6.07 74.74 -93.50
CA MET X 137 5.57 73.37 -93.41
C MET X 137 4.54 73.13 -94.51
N TYR X 138 4.34 71.87 -94.84
CA TYR X 138 3.36 71.46 -95.84
C TYR X 138 2.64 70.22 -95.34
N PHE X 139 1.43 70.01 -95.84
CA PHE X 139 0.58 68.92 -95.42
C PHE X 139 0.30 68.01 -96.60
N ASN X 140 0.89 66.81 -96.58
CA ASN X 140 0.80 65.84 -97.66
C ASN X 140 -0.25 64.81 -97.35
N PRO X 141 -1.48 64.96 -97.82
CA PRO X 141 -2.58 64.16 -97.28
C PRO X 141 -2.67 62.77 -97.91
N THR X 142 -3.14 61.82 -97.12
CA THR X 142 -3.58 60.53 -97.59
C THR X 142 -4.85 60.15 -96.85
N LYS X 143 -5.78 59.52 -97.56
CA LYS X 143 -7.16 59.28 -97.13
C LYS X 143 -7.81 60.58 -96.70
N PRO X 144 -8.22 61.43 -97.63
CA PRO X 144 -8.66 62.78 -97.31
C PRO X 144 -10.03 62.80 -96.61
N ALA X 145 -10.53 64.02 -96.41
CA ALA X 145 -11.83 64.19 -95.76
C ALA X 145 -12.95 63.75 -96.69
N THR X 146 -13.83 62.89 -96.18
CA THR X 146 -14.88 62.30 -96.99
C THR X 146 -16.28 62.69 -96.52
N ALA X 147 -16.48 62.88 -95.23
CA ALA X 147 -17.82 63.12 -94.71
C ALA X 147 -18.28 64.53 -95.02
N SER X 148 -19.60 64.71 -95.01
CA SER X 148 -20.18 66.02 -95.15
C SER X 148 -19.91 66.86 -93.90
N THR X 149 -19.87 68.18 -94.09
CA THR X 149 -19.48 69.18 -93.09
C THR X 149 -18.10 68.85 -92.49
N SER X 150 -17.09 68.92 -93.35
CA SER X 150 -15.73 68.66 -92.92
C SER X 150 -15.13 69.89 -92.24
N TYR X 151 -14.02 69.67 -91.54
CA TYR X 151 -13.35 70.70 -90.76
C TYR X 151 -11.89 70.82 -91.18
N PRO X 152 -11.27 71.98 -90.99
CA PRO X 152 -9.83 72.10 -91.24
C PRO X 152 -9.01 71.38 -90.18
N ASN X 153 -7.74 71.20 -90.49
CA ASN X 153 -6.82 70.51 -89.60
C ASN X 153 -6.10 71.49 -88.67
N THR X 154 -5.57 70.95 -87.57
CA THR X 154 -4.75 71.70 -86.64
C THR X 154 -3.75 70.75 -86.02
N VAL X 155 -2.47 71.09 -86.08
CA VAL X 155 -1.41 70.29 -85.49
C VAL X 155 -0.54 71.20 -84.63
N TYR X 156 -0.41 70.86 -83.35
CA TYR X 156 0.27 71.70 -82.39
C TYR X 156 1.74 71.34 -82.29
N PHE X 157 2.56 72.33 -81.94
CA PHE X 157 4.00 72.15 -81.86
C PHE X 157 4.50 72.83 -80.59
N THR X 158 5.62 72.33 -80.07
CA THR X 158 6.23 72.88 -78.88
C THR X 158 7.61 73.43 -79.24
N VAL X 159 7.80 74.73 -79.04
CA VAL X 159 9.02 75.41 -79.44
C VAL X 159 9.72 75.93 -78.19
N VAL X 160 11.00 75.61 -78.06
CA VAL X 160 11.85 76.22 -77.06
C VAL X 160 12.56 77.40 -77.71
N VAL X 161 12.42 78.59 -77.13
CA VAL X 161 12.91 79.83 -77.73
C VAL X 161 13.99 80.40 -76.82
N VAL X 162 15.16 80.64 -77.37
CA VAL X 162 16.24 81.34 -76.69
C VAL X 162 16.28 82.77 -77.23
N ASP X 163 16.39 83.74 -76.33
CA ASP X 163 16.27 85.14 -76.71
C ASP X 163 17.45 85.94 -76.18
N PHE X 164 17.92 86.89 -76.99
CA PHE X 164 19.07 87.71 -76.64
C PHE X 164 18.80 89.19 -76.81
N SER X 165 17.53 89.60 -76.94
CA SER X 165 17.24 91.00 -77.21
C SER X 165 17.43 91.90 -76.00
N TYR X 166 17.56 91.34 -74.80
CA TYR X 166 17.74 92.13 -73.59
C TYR X 166 19.16 92.10 -73.06
N ALA X 167 20.11 91.58 -73.83
CA ALA X 167 21.50 91.56 -73.40
C ALA X 167 22.10 92.94 -73.62
N GLN X 168 23.35 93.12 -73.22
CA GLN X 168 23.99 94.43 -73.35
C GLN X 168 24.31 94.73 -74.80
N ASN X 169 25.04 93.83 -75.46
CA ASN X 169 25.23 93.90 -76.90
C ASN X 169 24.52 92.72 -77.51
N PRO X 170 23.32 92.89 -78.06
CA PRO X 170 22.57 91.75 -78.59
C PRO X 170 23.15 91.16 -79.87
N ALA X 171 24.02 91.89 -80.57
CA ALA X 171 24.59 91.40 -81.82
C ALA X 171 25.69 90.38 -81.56
N ARG X 172 26.63 90.70 -80.69
CA ARG X 172 27.73 89.78 -80.40
C ARG X 172 27.38 88.74 -79.35
N ALA X 173 26.19 88.80 -78.76
CA ALA X 173 25.78 87.75 -77.85
C ALA X 173 25.22 86.56 -78.60
N VAL X 174 24.59 86.79 -79.75
CA VAL X 174 24.02 85.70 -80.53
C VAL X 174 25.12 84.89 -81.20
N VAL X 175 26.02 85.57 -81.91
CA VAL X 175 27.05 84.88 -82.68
C VAL X 175 28.13 84.24 -81.81
N SER X 176 28.17 84.54 -80.52
CA SER X 176 29.03 83.83 -79.60
C SER X 176 28.33 82.68 -78.92
N ALA X 177 26.99 82.69 -78.89
CA ALA X 177 26.23 81.59 -78.32
C ALA X 177 25.70 80.63 -79.36
N ASN X 178 25.51 81.10 -80.60
CA ASN X 178 25.06 80.21 -81.66
C ASN X 178 26.13 79.22 -82.07
N ALA X 179 27.40 79.58 -81.87
CA ALA X 179 28.47 78.66 -82.20
C ALA X 179 28.62 77.55 -81.17
N VAL X 180 28.52 77.89 -79.88
CA VAL X 180 28.65 76.89 -78.83
C VAL X 180 27.38 76.07 -78.70
N MET X 181 26.26 76.73 -78.46
CA MET X 181 24.99 76.04 -78.33
C MET X 181 24.43 75.67 -79.71
N SER Y 4 -2.48 25.77 12.33
CA SER Y 4 -1.62 24.60 12.16
C SER Y 4 -0.95 24.25 13.48
N VAL Y 5 -1.75 23.85 14.46
CA VAL Y 5 -1.23 23.39 15.72
C VAL Y 5 -1.00 21.88 15.74
N THR Y 6 -1.72 21.12 14.91
CA THR Y 6 -1.47 19.69 14.82
C THR Y 6 -0.19 19.39 14.05
N GLN Y 7 0.18 20.27 13.11
CA GLN Y 7 1.31 19.99 12.25
C GLN Y 7 2.65 20.15 12.96
N GLN Y 8 2.74 21.07 13.91
CA GLN Y 8 3.95 21.17 14.71
C GLN Y 8 4.13 19.94 15.59
N VAL Y 9 3.03 19.43 16.15
CA VAL Y 9 3.08 18.21 16.94
C VAL Y 9 3.47 17.02 16.08
N PHE Y 10 2.96 16.98 14.83
CA PHE Y 10 3.29 15.89 13.93
C PHE Y 10 4.75 15.93 13.53
N ASN Y 11 5.27 17.11 13.20
CA ASN Y 11 6.68 17.22 12.84
C ASN Y 11 7.59 16.94 14.03
N PHE Y 12 7.16 17.30 15.23
CA PHE Y 12 7.93 17.00 16.43
C PHE Y 12 7.97 15.51 16.71
N ALA Y 13 6.83 14.82 16.51
CA ALA Y 13 6.78 13.38 16.77
C ALA Y 13 7.52 12.61 15.68
N VAL Y 14 7.55 13.14 14.45
CA VAL Y 14 8.32 12.49 13.40
C VAL Y 14 9.81 12.68 13.64
N THR Y 15 10.22 13.88 14.06
CA THR Y 15 11.64 14.16 14.23
C THR Y 15 12.21 13.46 15.45
N LYS Y 16 11.49 13.48 16.57
CA LYS Y 16 12.06 13.00 17.82
C LYS Y 16 12.00 11.48 17.93
N SER Y 17 10.89 10.87 17.53
CA SER Y 17 10.71 9.43 17.71
C SER Y 17 11.32 8.60 16.60
N GLN Y 18 11.96 9.23 15.62
CA GLN Y 18 12.59 8.45 14.55
C GLN Y 18 13.84 7.69 14.99
N PRO Y 19 14.82 8.28 15.72
CA PRO Y 19 16.01 7.48 16.06
C PRO Y 19 15.77 6.34 17.03
N PHE Y 20 14.72 6.39 17.84
CA PHE Y 20 14.38 5.24 18.66
C PHE Y 20 13.56 4.21 17.92
N GLY Y 21 13.05 4.55 16.74
CA GLY Y 21 12.18 3.66 16.01
C GLY Y 21 10.78 3.98 16.48
N GLY Y 22 9.98 4.56 15.61
CA GLY Y 22 8.72 5.11 16.08
C GLY Y 22 7.75 5.35 14.95
N TYR Y 23 6.52 4.92 15.14
CA TYR Y 23 5.52 4.91 14.09
C TYR Y 23 4.43 5.90 14.47
N VAL Y 24 4.44 7.05 13.81
CA VAL Y 24 3.58 8.18 14.15
C VAL Y 24 2.41 8.18 13.17
N TYR Y 25 1.20 8.27 13.69
CA TYR Y 25 0.05 8.45 12.82
C TYR Y 25 -1.00 9.27 13.56
N SER Y 26 -2.08 9.61 12.87
CA SER Y 26 -3.09 10.48 13.43
C SER Y 26 -4.46 9.84 13.26
N THR Y 27 -5.30 9.99 14.27
CA THR Y 27 -6.59 9.31 14.30
C THR Y 27 -7.63 10.19 14.96
N ASN Y 28 -8.84 9.68 15.02
CA ASN Y 28 -10.02 10.39 15.49
C ASN Y 28 -10.53 9.72 16.76
N LEU Y 29 -10.92 10.52 17.74
CA LEU Y 29 -11.53 10.02 18.96
C LEU Y 29 -12.93 10.62 19.07
N THR Y 30 -13.91 9.81 19.43
CA THR Y 30 -15.30 10.28 19.47
C THR Y 30 -15.79 10.21 20.91
N ALA Y 31 -16.25 11.34 21.43
CA ALA Y 31 -16.88 11.40 22.74
C ALA Y 31 -18.38 11.54 22.54
N SER Y 32 -19.13 10.57 23.01
CA SER Y 32 -20.59 10.55 22.82
C SER Y 32 -21.28 10.54 24.17
N THR Y 33 -21.86 11.68 24.54
CA THR Y 33 -22.70 11.74 25.74
C THR Y 33 -24.11 11.32 25.35
N SER Y 34 -24.49 10.12 25.77
CA SER Y 34 -25.69 9.50 25.23
C SER Y 34 -26.95 9.98 25.95
N SER Y 35 -28.07 9.79 25.27
CA SER Y 35 -29.42 9.74 25.85
C SER Y 35 -29.88 11.09 26.43
N ALA Y 36 -29.71 12.16 25.64
CA ALA Y 36 -30.44 13.42 25.77
C ALA Y 36 -30.23 14.08 27.14
N VAL Y 37 -28.98 14.55 27.34
CA VAL Y 37 -28.62 15.21 28.59
C VAL Y 37 -29.42 16.50 28.78
N THR Y 38 -30.04 16.62 29.95
CA THR Y 38 -30.95 17.74 30.24
C THR Y 38 -30.80 18.37 31.61
N SER Y 39 -30.14 17.73 32.57
CA SER Y 39 -30.14 18.25 33.94
C SER Y 39 -28.76 18.61 34.47
N THR Y 40 -27.82 17.67 34.51
CA THR Y 40 -26.61 17.83 35.31
C THR Y 40 -25.41 17.28 34.56
N GLN Y 41 -24.29 17.17 35.26
CA GLN Y 41 -23.04 16.73 34.64
C GLN Y 41 -23.07 15.23 34.36
N LEU Y 42 -22.75 14.85 33.12
CA LEU Y 42 -22.74 13.46 32.70
C LEU Y 42 -21.33 13.03 32.27
N THR Y 43 -21.24 11.81 31.77
CA THR Y 43 -19.99 11.15 31.44
C THR Y 43 -20.05 10.69 29.98
N PRO Y 44 -19.15 11.15 29.11
CA PRO Y 44 -19.22 10.74 27.70
C PRO Y 44 -18.52 9.42 27.43
N LEU Y 45 -19.13 8.64 26.57
CA LEU Y 45 -18.54 7.38 26.13
C LEU Y 45 -17.41 7.70 25.16
N ASN Y 46 -16.18 7.39 25.55
CA ASN Y 46 -15.06 7.54 24.64
C ASN Y 46 -15.00 6.37 23.67
N LEU Y 47 -14.49 6.63 22.47
CA LEU Y 47 -14.33 5.58 21.48
C LEU Y 47 -13.18 5.98 20.55
N SER Y 48 -12.07 5.26 20.63
CA SER Y 48 -10.89 5.54 19.81
C SER Y 48 -10.61 4.36 18.89
N ILE Y 49 -10.15 4.67 17.68
CA ILE Y 49 -9.90 3.68 16.64
C ILE Y 49 -8.43 3.75 16.29
N THR Y 50 -7.63 2.88 16.88
CA THR Y 50 -6.24 2.73 16.50
C THR Y 50 -6.13 1.66 15.43
N LEU Y 51 -4.90 1.23 15.17
CA LEU Y 51 -4.63 0.23 14.15
C LEU Y 51 -5.21 -1.13 14.52
N GLY Y 52 -5.88 -1.76 13.58
CA GLY Y 52 -6.32 -3.14 13.77
C GLY Y 52 -7.80 -3.34 13.94
N GLN Y 53 -8.60 -2.27 13.91
CA GLN Y 53 -10.01 -2.25 14.32
C GLN Y 53 -10.16 -2.91 15.69
N ILE Y 54 -9.57 -2.26 16.70
CA ILE Y 54 -9.76 -2.76 18.04
C ILE Y 54 -10.96 -2.10 18.70
N THR Y 55 -11.19 -0.82 18.35
CA THR Y 55 -12.30 0.01 18.84
C THR Y 55 -12.28 0.11 20.37
N LEU Y 56 -11.25 0.80 20.87
CA LEU Y 56 -11.12 1.00 22.31
C LEU Y 56 -12.26 1.89 22.77
N SER Y 57 -13.26 1.27 23.39
CA SER Y 57 -14.54 1.91 23.66
C SER Y 57 -14.74 2.08 25.17
N GLY Y 58 -15.82 2.78 25.52
CA GLY Y 58 -16.20 2.93 26.90
C GLY Y 58 -15.49 4.09 27.56
N ASN Y 59 -15.88 4.35 28.80
CA ASN Y 59 -15.27 5.40 29.60
C ASN Y 59 -13.84 5.01 29.95
N SER Y 60 -13.02 6.03 30.26
CA SER Y 60 -11.72 5.89 30.89
C SER Y 60 -10.75 5.03 30.07
N LEU Y 61 -10.40 5.52 28.88
CA LEU Y 61 -9.45 4.81 28.04
C LEU Y 61 -8.06 4.87 28.65
N VAL Y 62 -7.53 3.72 29.02
CA VAL Y 62 -6.15 3.65 29.47
C VAL Y 62 -5.25 3.64 28.25
N ILE Y 63 -4.26 4.52 28.24
CA ILE Y 63 -3.24 4.52 27.19
C ILE Y 63 -2.42 3.25 27.31
N PRO Y 64 -2.16 2.53 26.22
CA PRO Y 64 -1.29 1.35 26.30
C PRO Y 64 0.12 1.70 26.71
N ALA Y 65 0.82 0.70 27.24
CA ALA Y 65 2.13 0.91 27.85
C ALA Y 65 3.26 1.10 26.83
N THR Y 66 2.94 1.24 25.54
CA THR Y 66 3.94 1.45 24.51
C THR Y 66 3.70 2.69 23.68
N GLN Y 67 2.68 3.49 23.99
CA GLN Y 67 2.28 4.60 23.15
C GLN Y 67 2.27 5.90 23.94
N ILE Y 68 2.39 7.01 23.20
CA ILE Y 68 2.27 8.36 23.72
C ILE Y 68 1.19 9.05 22.91
N TRP Y 69 0.16 9.57 23.55
CA TRP Y 69 -0.91 10.20 22.81
C TRP Y 69 -0.79 11.71 22.91
N TYR Y 70 -1.39 12.40 21.94
CA TYR Y 70 -1.36 13.85 21.87
C TYR Y 70 -2.75 14.32 21.43
N LEU Y 71 -3.57 14.76 22.38
CA LEU Y 71 -4.87 15.29 22.04
C LEU Y 71 -4.67 16.70 21.50
N THR Y 72 -4.92 16.90 20.21
CA THR Y 72 -4.58 18.19 19.61
C THR Y 72 -5.76 19.15 19.50
N ASP Y 73 -6.79 18.81 18.72
CA ASP Y 73 -7.91 19.71 18.51
C ASP Y 73 -9.22 18.97 18.70
N ALA Y 74 -10.32 19.72 18.65
CA ALA Y 74 -11.65 19.15 18.77
C ALA Y 74 -12.61 20.00 17.95
N TYR Y 75 -13.70 19.37 17.53
CA TYR Y 75 -14.70 20.07 16.74
C TYR Y 75 -16.05 19.38 16.90
N VAL Y 76 -17.05 19.98 16.25
CA VAL Y 76 -18.43 19.55 16.32
C VAL Y 76 -18.98 19.57 14.91
N SER Y 77 -19.63 18.48 14.49
CA SER Y 77 -20.16 18.38 13.14
C SER Y 77 -21.34 19.34 12.96
N VAL Y 78 -21.62 19.66 11.70
CA VAL Y 78 -22.56 20.73 11.35
C VAL Y 78 -24.02 20.37 11.64
N PRO Y 79 -24.53 19.14 11.40
CA PRO Y 79 -25.87 18.83 11.93
C PRO Y 79 -25.96 18.85 13.45
N ASP Y 80 -24.86 18.56 14.15
CA ASP Y 80 -24.88 18.72 15.60
C ASP Y 80 -24.98 20.19 16.00
N TYR Y 81 -24.34 21.08 15.24
CA TYR Y 81 -24.46 22.51 15.49
C TYR Y 81 -25.87 23.00 15.21
N THR Y 82 -26.49 22.47 14.15
CA THR Y 82 -27.89 22.76 13.87
C THR Y 82 -28.80 22.29 14.99
N ASN Y 83 -28.52 21.13 15.57
CA ASN Y 83 -29.32 20.64 16.69
C ASN Y 83 -29.06 21.43 17.96
N ILE Y 84 -27.84 21.95 18.15
CA ILE Y 84 -27.54 22.74 19.33
C ILE Y 84 -28.31 24.05 19.29
N THR Y 85 -28.20 24.79 18.18
CA THR Y 85 -28.79 26.13 18.14
C THR Y 85 -30.31 26.12 18.06
N ASN Y 86 -30.94 24.98 17.80
CA ASN Y 86 -32.39 24.88 17.84
C ASN Y 86 -32.89 24.24 19.14
N GLY Y 87 -31.99 23.90 20.06
CA GLY Y 87 -32.42 23.27 21.29
C GLY Y 87 -32.77 21.81 21.17
N ALA Y 88 -32.18 21.10 20.21
CA ALA Y 88 -32.37 19.67 20.12
C ALA Y 88 -31.33 18.89 20.90
N GLU Y 89 -30.22 19.51 21.28
CA GLU Y 89 -29.27 18.86 22.16
C GLU Y 89 -28.55 19.93 22.98
N ALA Y 90 -27.98 19.50 24.10
CA ALA Y 90 -27.49 20.44 25.10
C ALA Y 90 -26.16 21.06 24.70
N ASP Y 91 -25.95 22.29 25.17
CA ASP Y 91 -24.69 22.98 25.06
C ASP Y 91 -23.97 22.91 26.40
N GLY Y 92 -22.67 23.15 26.39
CA GLY Y 92 -21.90 23.14 27.61
C GLY Y 92 -20.43 22.99 27.31
N VAL Y 93 -19.68 22.65 28.35
CA VAL Y 93 -18.24 22.49 28.23
C VAL Y 93 -17.88 21.04 28.51
N ILE Y 94 -16.65 20.69 28.16
CA ILE Y 94 -16.12 19.35 28.38
C ILE Y 94 -14.81 19.51 29.14
N LEU Y 95 -14.72 18.86 30.29
CA LEU Y 95 -13.54 18.90 31.14
C LEU Y 95 -12.70 17.67 30.89
N ILE Y 96 -11.39 17.85 30.72
CA ILE Y 96 -10.49 16.79 30.30
C ILE Y 96 -9.56 16.47 31.46
N TYR Y 97 -9.59 15.22 31.91
CA TYR Y 97 -8.84 14.77 33.08
C TYR Y 97 -7.76 13.78 32.72
N LYS Y 98 -6.71 13.75 33.53
CA LYS Y 98 -5.61 12.82 33.39
C LYS Y 98 -5.33 12.19 34.75
N ASP Y 99 -5.34 10.86 34.80
CA ASP Y 99 -5.23 10.06 36.03
C ASP Y 99 -6.33 10.38 37.03
N GLY Y 100 -7.51 10.78 36.53
CA GLY Y 100 -8.66 11.04 37.37
C GLY Y 100 -8.65 12.33 38.16
N VAL Y 101 -7.48 12.91 38.44
CA VAL Y 101 -7.43 14.06 39.34
C VAL Y 101 -7.08 15.34 38.58
N LYS Y 102 -6.21 15.24 37.58
CA LYS Y 102 -5.56 16.41 37.00
C LYS Y 102 -6.44 16.99 35.92
N LEU Y 103 -7.13 18.08 36.22
CA LEU Y 103 -7.86 18.82 35.19
C LEU Y 103 -6.88 19.66 34.40
N MET Y 104 -6.88 19.47 33.08
CA MET Y 104 -5.95 20.18 32.24
C MET Y 104 -6.61 21.14 31.26
N LEU Y 105 -7.80 20.83 30.77
CA LEU Y 105 -8.47 21.73 29.84
C LEU Y 105 -9.97 21.69 30.06
N THR Y 106 -10.60 22.79 29.66
CA THR Y 106 -12.04 22.91 29.58
C THR Y 106 -12.34 23.45 28.19
N THR Y 107 -13.07 22.68 27.40
CA THR Y 107 -13.33 23.09 26.02
C THR Y 107 -14.29 24.26 26.00
N PRO Y 108 -13.99 25.33 25.28
CA PRO Y 108 -14.83 26.52 25.33
C PRO Y 108 -16.14 26.39 24.58
N LEU Y 109 -17.17 25.87 25.26
CA LEU Y 109 -18.57 25.98 24.84
C LEU Y 109 -18.84 25.36 23.47
N ILE Y 110 -18.90 24.03 23.40
CA ILE Y 110 -18.86 23.21 22.18
C ILE Y 110 -19.78 23.63 21.03
N SER Y 111 -20.79 24.47 21.30
CA SER Y 111 -21.52 25.14 20.24
C SER Y 111 -20.63 26.06 19.43
N SER Y 112 -19.62 26.65 20.07
CA SER Y 112 -18.76 27.62 19.41
C SER Y 112 -17.77 26.97 18.45
N MET Y 113 -17.38 25.73 18.70
CA MET Y 113 -16.41 25.06 17.82
C MET Y 113 -17.09 24.20 16.76
N SER Y 114 -17.94 24.84 15.96
CA SER Y 114 -18.47 24.21 14.77
C SER Y 114 -17.41 24.25 13.66
N ILE Y 115 -17.40 23.20 12.84
CA ILE Y 115 -16.34 23.09 11.83
C ILE Y 115 -16.65 23.91 10.59
N SER Y 116 -17.88 24.39 10.43
CA SER Y 116 -18.20 25.23 9.29
C SER Y 116 -17.69 26.65 9.44
N ASN Y 117 -17.38 27.10 10.65
CA ASN Y 117 -16.85 28.44 10.84
C ASN Y 117 -15.34 28.45 10.59
N PRO Y 118 -14.85 29.36 9.75
CA PRO Y 118 -13.41 29.58 9.70
C PRO Y 118 -12.88 30.27 10.94
N ALA Y 119 -13.71 31.03 11.64
CA ALA Y 119 -13.37 31.62 12.93
C ALA Y 119 -13.82 30.74 14.09
N ARG Y 120 -13.44 29.47 14.03
CA ARG Y 120 -13.77 28.50 15.06
C ARG Y 120 -12.68 28.50 16.11
N THR Y 121 -13.07 28.59 17.38
CA THR Y 121 -12.09 28.58 18.45
C THR Y 121 -11.55 27.16 18.67
N HIS Y 122 -10.26 27.07 18.94
CA HIS Y 122 -9.61 25.78 19.06
C HIS Y 122 -9.40 25.45 20.53
N LEU Y 123 -8.74 24.34 20.80
CA LEU Y 123 -8.28 24.05 22.15
C LEU Y 123 -7.08 24.91 22.49
N ALA Y 124 -6.82 25.04 23.79
CA ALA Y 124 -5.74 25.91 24.24
C ALA Y 124 -4.37 25.29 23.99
N GLN Y 125 -4.26 23.97 24.04
CA GLN Y 125 -2.96 23.33 23.89
C GLN Y 125 -3.19 21.88 23.50
N ALA Y 126 -2.19 21.28 22.88
CA ALA Y 126 -2.21 19.85 22.62
C ALA Y 126 -1.71 19.11 23.85
N VAL Y 127 -2.58 18.32 24.47
CA VAL Y 127 -2.30 17.70 25.75
C VAL Y 127 -1.62 16.37 25.53
N LYS Y 128 -0.46 16.19 26.13
CA LYS Y 128 0.31 14.96 26.00
C LYS Y 128 -0.10 13.96 27.07
N TYR Y 129 -0.40 12.75 26.65
CA TYR Y 129 -0.67 11.63 27.56
C TYR Y 129 0.49 10.66 27.46
N SER Y 130 1.11 10.39 28.60
CA SER Y 130 2.27 9.52 28.71
C SER Y 130 1.83 8.07 28.53
N PRO Y 131 2.77 7.10 28.58
CA PRO Y 131 2.35 5.71 28.81
C PRO Y 131 1.63 5.53 30.13
N GLN Y 132 1.05 4.35 30.33
CA GLN Y 132 -0.30 4.13 30.86
C GLN Y 132 -0.80 5.13 31.90
N SER Y 133 -1.97 5.68 31.62
CA SER Y 133 -2.61 6.75 32.37
C SER Y 133 -4.06 6.81 31.92
N ILE Y 134 -4.92 7.31 32.79
CA ILE Y 134 -6.37 7.18 32.58
C ILE Y 134 -6.90 8.48 32.01
N LEU Y 135 -7.27 8.43 30.74
CA LEU Y 135 -7.90 9.55 30.06
C LEU Y 135 -9.41 9.47 30.25
N THR Y 136 -10.00 10.50 30.86
CA THR Y 136 -11.44 10.56 30.99
C THR Y 136 -11.91 11.99 30.85
N MET Y 137 -13.16 12.14 30.42
CA MET Y 137 -13.74 13.43 30.11
C MET Y 137 -15.08 13.53 30.81
N TYR Y 138 -15.56 14.75 30.97
CA TYR Y 138 -16.86 14.99 31.59
C TYR Y 138 -17.56 16.12 30.86
N PHE Y 139 -18.89 16.09 30.85
CA PHE Y 139 -19.69 17.06 30.13
C PHE Y 139 -20.53 17.87 31.10
N ASN Y 140 -20.20 19.15 31.25
CA ASN Y 140 -20.93 20.04 32.13
C ASN Y 140 -21.88 20.89 31.29
N PRO Y 141 -23.19 20.66 31.34
CA PRO Y 141 -24.10 21.37 30.44
C PRO Y 141 -24.62 22.69 31.00
N THR Y 142 -24.53 23.72 30.16
CA THR Y 142 -25.13 25.02 30.42
C THR Y 142 -26.09 25.31 29.28
N LYS Y 143 -27.29 25.77 29.62
CA LYS Y 143 -28.45 25.85 28.73
C LYS Y 143 -28.71 24.48 28.11
N PRO Y 144 -29.28 23.52 28.87
CA PRO Y 144 -29.43 22.16 28.34
C PRO Y 144 -30.50 22.02 27.27
N ALA Y 145 -30.70 20.78 26.81
CA ALA Y 145 -31.64 20.51 25.74
C ALA Y 145 -33.07 20.70 26.21
N THR Y 146 -33.87 21.40 25.42
CA THR Y 146 -35.21 21.80 25.82
C THR Y 146 -36.31 21.22 24.97
N ALA Y 147 -36.12 21.15 23.66
CA ALA Y 147 -37.19 20.70 22.77
C ALA Y 147 -37.35 19.18 22.84
N SER Y 148 -38.52 18.72 22.43
CA SER Y 148 -38.78 17.29 22.38
C SER Y 148 -38.02 16.67 21.21
N THR Y 149 -37.97 15.34 21.21
CA THR Y 149 -37.14 14.51 20.33
C THR Y 149 -35.68 14.98 20.35
N SER Y 150 -35.06 14.85 21.51
CA SER Y 150 -33.70 15.31 21.68
C SER Y 150 -32.71 14.26 21.20
N TYR Y 151 -31.47 14.70 20.98
CA TYR Y 151 -30.41 13.86 20.42
C TYR Y 151 -29.20 13.85 21.36
N PRO Y 152 -28.41 12.78 21.35
CA PRO Y 152 -27.20 12.75 22.17
C PRO Y 152 -26.13 13.67 21.63
N ASN Y 153 -25.17 13.99 22.50
CA ASN Y 153 -24.09 14.89 22.11
C ASN Y 153 -22.90 14.11 21.57
N THR Y 154 -22.21 14.70 20.60
CA THR Y 154 -21.05 14.09 19.97
C THR Y 154 -20.00 15.16 19.77
N VAL Y 155 -18.78 14.91 20.25
CA VAL Y 155 -17.66 15.84 20.08
C VAL Y 155 -16.47 15.04 19.58
N TYR Y 156 -15.85 15.50 18.49
CA TYR Y 156 -14.73 14.76 17.90
C TYR Y 156 -13.42 15.41 18.30
N PHE Y 157 -12.43 14.58 18.62
CA PHE Y 157 -11.09 15.02 18.95
C PHE Y 157 -10.11 14.42 17.95
N THR Y 158 -8.95 15.06 17.83
CA THR Y 158 -7.90 14.57 16.93
C THR Y 158 -6.71 14.15 17.78
N VAL Y 159 -6.28 12.90 17.62
CA VAL Y 159 -5.23 12.32 18.45
C VAL Y 159 -4.04 12.06 17.55
N VAL Y 160 -2.84 12.34 18.04
CA VAL Y 160 -1.61 11.99 17.35
C VAL Y 160 -0.96 10.86 18.13
N VAL Y 161 -1.02 9.65 17.59
CA VAL Y 161 -0.54 8.46 18.28
C VAL Y 161 0.89 8.19 17.84
N VAL Y 162 1.79 8.08 18.81
CA VAL Y 162 3.18 7.76 18.56
C VAL Y 162 3.42 6.38 19.13
N ASP Y 163 3.59 5.38 18.26
CA ASP Y 163 3.67 3.98 18.66
C ASP Y 163 5.12 3.52 18.68
N PHE Y 164 5.45 2.66 19.63
CA PHE Y 164 6.78 2.09 19.77
C PHE Y 164 6.76 0.58 19.90
N SER Y 165 5.59 -0.04 19.78
CA SER Y 165 5.45 -1.45 20.13
C SER Y 165 6.12 -2.37 19.13
N TYR Y 166 6.05 -2.05 17.84
CA TYR Y 166 6.59 -2.94 16.82
C TYR Y 166 8.06 -2.72 16.54
N ALA Y 167 8.72 -1.82 17.26
CA ALA Y 167 10.07 -1.41 16.87
C ALA Y 167 11.12 -2.42 17.31
N GLN Y 168 11.29 -2.56 18.61
CA GLN Y 168 12.33 -3.37 19.20
C GLN Y 168 11.73 -3.83 20.52
N ASN Y 169 12.55 -4.15 21.53
CA ASN Y 169 12.03 -4.17 22.90
C ASN Y 169 11.41 -2.81 23.21
N PRO Y 170 10.07 -2.73 23.30
CA PRO Y 170 9.42 -1.42 23.30
C PRO Y 170 9.49 -0.67 24.61
N ALA Y 171 9.86 -1.34 25.71
CA ALA Y 171 9.86 -0.68 27.01
C ALA Y 171 10.99 0.35 27.13
N ARG Y 172 12.22 -0.05 26.79
CA ARG Y 172 13.35 0.87 26.86
C ARG Y 172 13.22 2.00 25.86
N ALA Y 173 12.68 1.70 24.68
CA ALA Y 173 12.44 2.72 23.67
C ALA Y 173 11.40 3.73 24.13
N VAL Y 174 10.31 3.26 24.75
CA VAL Y 174 9.25 4.20 25.11
C VAL Y 174 9.66 5.03 26.32
N VAL Y 175 10.48 4.48 27.23
CA VAL Y 175 10.90 5.31 28.35
C VAL Y 175 11.99 6.30 27.94
N SER Y 176 12.87 5.92 27.00
CA SER Y 176 13.86 6.89 26.51
C SER Y 176 13.20 7.99 25.71
N ALA Y 177 12.19 7.65 24.92
CA ALA Y 177 11.48 8.66 24.15
C ALA Y 177 10.66 9.58 25.03
N ASN Y 178 9.97 9.03 26.04
CA ASN Y 178 9.20 9.88 26.95
C ASN Y 178 10.12 10.74 27.82
N ALA Y 179 11.36 10.30 28.04
CA ALA Y 179 12.33 11.17 28.68
C ALA Y 179 12.77 12.31 27.75
N VAL Y 180 12.99 12.02 26.47
CA VAL Y 180 13.47 13.06 25.56
C VAL Y 180 12.34 13.97 25.12
N MET Y 181 11.36 13.43 24.39
CA MET Y 181 10.28 14.26 23.87
C MET Y 181 9.12 14.28 24.86
N SER Z 4 -5.70 31.13 17.37
CA SER Z 4 -4.39 30.72 17.84
C SER Z 4 -3.74 31.83 18.63
N VAL Z 5 -4.57 32.63 19.30
CA VAL Z 5 -4.08 33.62 20.25
C VAL Z 5 -4.18 33.11 21.70
N THR Z 6 -5.14 32.23 22.00
CA THR Z 6 -5.16 31.58 23.30
C THR Z 6 -3.98 30.65 23.47
N GLN Z 7 -3.58 29.96 22.39
CA GLN Z 7 -2.47 29.02 22.48
C GLN Z 7 -1.11 29.71 22.46
N GLN Z 8 -1.07 31.01 22.21
CA GLN Z 8 0.19 31.73 22.26
C GLN Z 8 0.60 32.07 23.67
N VAL Z 9 -0.34 32.54 24.50
CA VAL Z 9 -0.04 32.83 25.89
C VAL Z 9 -0.16 31.59 26.77
N PHE Z 10 -0.80 30.52 26.29
CA PHE Z 10 -0.80 29.28 27.05
C PHE Z 10 0.55 28.61 26.94
N ASN Z 11 1.16 28.65 25.75
CA ASN Z 11 2.49 28.12 25.56
C ASN Z 11 3.52 29.00 26.23
N PHE Z 12 3.25 30.30 26.35
CA PHE Z 12 4.14 31.18 27.10
C PHE Z 12 4.06 30.87 28.59
N ALA Z 13 2.88 30.48 29.08
CA ALA Z 13 2.73 30.20 30.50
C ALA Z 13 3.44 28.92 30.90
N VAL Z 14 3.29 27.86 30.10
CA VAL Z 14 3.83 26.55 30.47
C VAL Z 14 5.34 26.47 30.33
N THR Z 15 5.98 27.44 29.69
CA THR Z 15 7.43 27.43 29.61
C THR Z 15 8.07 28.43 30.55
N LYS Z 16 7.29 29.34 31.12
CA LYS Z 16 7.81 30.35 32.03
C LYS Z 16 7.55 30.01 33.48
N SER Z 17 6.43 29.34 33.77
CA SER Z 17 6.13 28.86 35.11
C SER Z 17 6.59 27.42 35.34
N GLN Z 18 7.34 26.84 34.42
CA GLN Z 18 7.83 25.48 34.58
C GLN Z 18 9.09 25.35 35.45
N PRO Z 19 10.11 26.23 35.38
CA PRO Z 19 11.23 26.07 36.33
C PRO Z 19 10.87 26.38 37.77
N PHE Z 20 9.80 27.14 38.01
CA PHE Z 20 9.37 27.41 39.37
C PHE Z 20 8.31 26.43 39.84
N GLY Z 21 7.75 25.64 38.95
CA GLY Z 21 6.74 24.67 39.31
C GLY Z 21 5.39 25.34 39.20
N GLY Z 22 4.61 24.95 38.21
CA GLY Z 22 3.38 25.65 37.95
C GLY Z 22 2.41 24.85 37.13
N TYR Z 23 1.17 24.79 37.57
CA TYR Z 23 0.17 23.91 36.97
C TYR Z 23 -0.79 24.77 36.16
N VAL Z 24 -0.57 24.79 34.86
CA VAL Z 24 -1.27 25.68 33.93
C VAL Z 24 -2.46 24.93 33.36
N TYR Z 25 -3.60 25.59 33.28
CA TYR Z 25 -4.80 25.02 32.67
C TYR Z 25 -5.72 26.15 32.26
N SER Z 26 -6.76 25.82 31.52
CA SER Z 26 -7.71 26.82 31.02
C SER Z 26 -9.02 26.70 31.77
N THR Z 27 -9.82 27.77 31.71
CA THR Z 27 -11.07 27.85 32.45
C THR Z 27 -12.04 28.76 31.70
N ASN Z 28 -13.30 28.36 31.66
CA ASN Z 28 -14.37 29.15 31.07
C ASN Z 28 -14.90 30.13 32.11
N LEU Z 29 -14.98 31.40 31.75
CA LEU Z 29 -15.47 32.46 32.62
C LEU Z 29 -16.82 32.96 32.10
N THR Z 30 -17.64 33.48 33.00
CA THR Z 30 -18.95 34.00 32.66
C THR Z 30 -19.12 35.40 33.26
N ALA Z 31 -19.68 36.32 32.48
CA ALA Z 31 -20.07 37.64 32.95
C ALA Z 31 -21.47 37.92 32.43
N SER Z 32 -22.40 38.20 33.33
CA SER Z 32 -23.81 38.32 32.97
C SER Z 32 -24.44 39.52 33.65
N THR Z 33 -24.88 40.50 32.86
CA THR Z 33 -25.66 41.62 33.37
C THR Z 33 -27.05 41.14 33.74
N SER Z 34 -27.44 41.33 35.00
CA SER Z 34 -28.67 40.77 35.49
C SER Z 34 -29.87 41.67 35.21
N SER Z 35 -30.99 41.03 34.87
CA SER Z 35 -32.35 41.60 34.86
C SER Z 35 -32.49 42.81 33.95
N ALA Z 36 -32.33 42.56 32.65
CA ALA Z 36 -32.97 43.33 31.56
C ALA Z 36 -32.57 44.81 31.55
N VAL Z 37 -31.30 45.04 31.18
CA VAL Z 37 -30.77 46.40 31.03
C VAL Z 37 -31.56 47.16 29.97
N THR Z 38 -32.04 48.35 30.34
CA THR Z 38 -32.99 49.11 29.53
C THR Z 38 -32.63 50.58 29.36
N SER Z 39 -31.94 51.20 30.31
CA SER Z 39 -31.64 52.63 30.18
C SER Z 39 -30.16 52.97 30.19
N THR Z 40 -29.42 52.55 31.21
CA THR Z 40 -28.17 53.21 31.59
C THR Z 40 -27.07 52.18 31.75
N GLN Z 41 -25.93 52.64 32.26
CA GLN Z 41 -24.79 51.74 32.47
C GLN Z 41 -25.04 50.80 33.65
N LEU Z 42 -24.83 49.52 33.40
CA LEU Z 42 -25.08 48.44 34.36
C LEU Z 42 -23.78 47.78 34.77
N THR Z 43 -23.90 46.67 35.51
CA THR Z 43 -22.75 45.94 36.02
C THR Z 43 -22.97 44.44 35.89
N PRO Z 44 -22.20 43.73 35.07
CA PRO Z 44 -22.38 42.27 34.97
C PRO Z 44 -21.71 41.53 36.11
N LEU Z 45 -22.43 40.53 36.62
CA LEU Z 45 -21.96 39.70 37.70
C LEU Z 45 -20.96 38.67 37.19
N ASN Z 46 -19.70 38.78 37.62
CA ASN Z 46 -18.71 37.81 37.20
C ASN Z 46 -18.95 36.48 37.89
N LEU Z 47 -18.43 35.42 37.26
CA LEU Z 47 -18.56 34.06 37.81
C LEU Z 47 -17.48 33.20 37.19
N SER Z 48 -16.47 32.86 37.95
CA SER Z 48 -15.41 31.98 37.48
C SER Z 48 -15.40 30.72 38.34
N ILE Z 49 -15.28 29.57 37.70
CA ILE Z 49 -15.32 28.30 38.41
C ILE Z 49 -13.95 27.66 38.32
N THR Z 50 -13.11 27.86 39.33
CA THR Z 50 -11.84 27.15 39.37
C THR Z 50 -12.12 25.68 39.70
N LEU Z 51 -11.09 24.84 39.58
CA LEU Z 51 -11.31 23.44 39.24
C LEU Z 51 -11.94 22.65 40.39
N GLY Z 52 -11.66 23.06 41.62
CA GLY Z 52 -12.14 22.32 42.77
C GLY Z 52 -13.47 22.83 43.26
N GLN Z 53 -14.35 23.16 42.31
CA GLN Z 53 -15.76 23.54 42.42
C GLN Z 53 -16.03 24.67 43.41
N ILE Z 54 -15.02 25.45 43.80
CA ILE Z 54 -15.26 26.71 44.49
C ILE Z 54 -15.64 27.77 43.47
N THR Z 55 -16.78 28.43 43.71
CA THR Z 55 -17.36 29.35 42.74
C THR Z 55 -17.16 30.79 43.21
N LEU Z 56 -16.10 31.41 42.70
CA LEU Z 56 -15.89 32.84 42.93
C LEU Z 56 -16.96 33.63 42.18
N SER Z 57 -17.94 34.16 42.90
CA SER Z 57 -19.10 34.78 42.30
C SER Z 57 -19.14 36.26 42.65
N GLY Z 58 -20.24 36.91 42.27
CA GLY Z 58 -20.45 38.30 42.61
C GLY Z 58 -19.61 39.24 41.78
N ASN Z 59 -19.92 40.53 41.93
CA ASN Z 59 -19.20 41.56 41.20
C ASN Z 59 -17.79 41.67 41.74
N SER Z 60 -16.86 42.07 40.86
CA SER Z 60 -15.50 42.51 41.22
C SER Z 60 -14.71 41.41 41.94
N LEU Z 61 -14.37 40.37 41.18
CA LEU Z 61 -13.65 39.22 41.71
C LEU Z 61 -12.27 39.59 42.21
N VAL Z 62 -11.83 38.91 43.26
CA VAL Z 62 -10.48 39.03 43.77
C VAL Z 62 -9.71 37.78 43.37
N ILE Z 63 -8.51 37.96 42.86
CA ILE Z 63 -7.68 36.84 42.43
C ILE Z 63 -7.06 36.18 43.65
N PRO Z 64 -7.12 34.84 43.79
CA PRO Z 64 -6.48 34.19 44.93
C PRO Z 64 -4.97 34.32 44.89
N ALA Z 65 -4.34 34.08 46.04
CA ALA Z 65 -2.98 34.54 46.29
C ALA Z 65 -1.91 33.70 45.59
N THR Z 66 -2.25 32.55 45.03
CA THR Z 66 -1.24 31.68 44.43
C THR Z 66 -1.47 31.51 42.93
N GLN Z 67 -2.30 32.36 42.33
CA GLN Z 67 -2.68 32.19 40.93
C GLN Z 67 -2.36 33.44 40.12
N ILE Z 68 -2.06 33.22 38.84
CA ILE Z 68 -1.89 34.27 37.85
C ILE Z 68 -2.86 33.99 36.72
N TRP Z 69 -3.67 34.97 36.37
CA TRP Z 69 -4.69 34.75 35.35
C TRP Z 69 -4.32 35.47 34.07
N TYR Z 70 -4.97 35.07 32.97
CA TYR Z 70 -4.74 35.66 31.65
C TYR Z 70 -6.08 35.67 30.94
N LEU Z 71 -6.71 36.83 30.84
CA LEU Z 71 -8.01 36.93 30.18
C LEU Z 71 -7.80 37.09 28.69
N THR Z 72 -8.27 36.13 27.89
CA THR Z 72 -7.80 35.97 26.52
C THR Z 72 -8.87 36.09 25.46
N ASP Z 73 -10.01 35.42 25.60
CA ASP Z 73 -10.99 35.35 24.54
C ASP Z 73 -12.36 35.75 25.08
N ALA Z 74 -13.28 36.06 24.17
CA ALA Z 74 -14.65 36.39 24.52
C ALA Z 74 -15.54 36.09 23.33
N TYR Z 75 -16.75 35.62 23.59
CA TYR Z 75 -17.70 35.36 22.52
C TYR Z 75 -19.11 35.42 23.10
N VAL Z 76 -20.10 35.22 22.24
CA VAL Z 76 -21.50 35.33 22.60
C VAL Z 76 -22.24 34.16 21.96
N SER Z 77 -23.02 33.43 22.75
CA SER Z 77 -23.69 32.24 22.25
C SER Z 77 -24.87 32.60 21.36
N VAL Z 78 -25.39 31.59 20.65
CA VAL Z 78 -26.39 31.84 19.60
C VAL Z 78 -27.78 32.17 20.14
N PRO Z 79 -28.30 31.56 21.22
CA PRO Z 79 -29.56 32.08 21.80
C PRO Z 79 -29.49 33.50 22.33
N ASP Z 80 -28.30 34.04 22.60
CA ASP Z 80 -28.21 35.47 22.89
C ASP Z 80 -28.33 36.29 21.62
N TYR Z 81 -27.68 35.86 20.54
CA TYR Z 81 -27.60 36.68 19.34
C TYR Z 81 -28.93 36.72 18.59
N THR Z 82 -29.78 35.71 18.75
CA THR Z 82 -31.13 35.85 18.22
C THR Z 82 -31.97 36.78 19.08
N ASN Z 83 -31.59 36.98 20.34
CA ASN Z 83 -32.31 37.88 21.22
C ASN Z 83 -31.85 39.32 21.11
N ILE Z 84 -30.60 39.54 20.69
CA ILE Z 84 -30.11 40.91 20.56
C ILE Z 84 -30.76 41.60 19.37
N THR Z 85 -30.75 40.94 18.21
CA THR Z 85 -31.28 41.56 17.00
C THR Z 85 -32.79 41.68 17.01
N ASN Z 86 -33.47 40.85 17.79
CA ASN Z 86 -34.93 40.94 17.90
C ASN Z 86 -35.38 41.87 19.01
N GLY Z 87 -34.46 42.57 19.66
CA GLY Z 87 -34.84 43.50 20.70
C GLY Z 87 -35.25 42.87 22.01
N ALA Z 88 -34.77 41.67 22.30
CA ALA Z 88 -35.06 41.04 23.58
C ALA Z 88 -34.02 41.35 24.65
N GLU Z 89 -32.83 41.81 24.25
CA GLU Z 89 -31.85 42.29 25.21
C GLU Z 89 -30.98 43.33 24.53
N ALA Z 90 -30.10 43.94 25.32
CA ALA Z 90 -29.39 45.13 24.87
C ALA Z 90 -28.12 44.78 24.09
N ASP Z 91 -27.74 45.69 23.21
CA ASP Z 91 -26.41 45.70 22.64
C ASP Z 91 -25.53 46.59 23.51
N GLY Z 92 -24.29 46.79 23.11
CA GLY Z 92 -23.40 47.64 23.86
C GLY Z 92 -22.01 47.06 23.88
N VAL Z 93 -21.15 47.63 24.73
CA VAL Z 93 -19.78 47.18 24.87
C VAL Z 93 -19.55 46.75 26.32
N ILE Z 94 -18.33 46.28 26.59
CA ILE Z 94 -17.93 45.85 27.92
C ILE Z 94 -16.55 46.43 28.19
N LEU Z 95 -16.40 47.12 29.32
CA LEU Z 95 -15.11 47.68 29.72
C LEU Z 95 -14.47 46.77 30.75
N ILE Z 96 -13.16 46.60 30.63
CA ILE Z 96 -12.42 45.61 31.40
C ILE Z 96 -11.36 46.35 32.22
N TYR Z 97 -11.46 46.25 33.54
CA TYR Z 97 -10.61 46.98 34.46
C TYR Z 97 -9.66 46.05 35.21
N LYS Z 98 -8.69 46.66 35.90
CA LYS Z 98 -7.77 45.94 36.76
C LYS Z 98 -7.30 46.89 37.83
N ASP Z 99 -7.27 46.42 39.10
CA ASP Z 99 -6.90 47.18 40.29
C ASP Z 99 -7.84 48.36 40.55
N GLY Z 100 -9.01 48.36 39.90
CA GLY Z 100 -9.95 49.44 40.02
C GLY Z 100 -9.51 50.77 39.46
N VAL Z 101 -8.38 50.86 38.75
CA VAL Z 101 -7.93 52.12 38.18
C VAL Z 101 -7.69 52.01 36.68
N LYS Z 102 -7.09 50.90 36.24
CA LYS Z 102 -6.60 50.81 34.87
C LYS Z 102 -7.70 50.29 33.96
N LEU Z 103 -8.01 51.03 32.90
CA LEU Z 103 -8.78 50.48 31.78
C LEU Z 103 -7.79 49.93 30.76
N MET Z 104 -8.01 48.70 30.29
CA MET Z 104 -7.12 48.13 29.29
C MET Z 104 -7.82 47.63 28.04
N LEU Z 105 -9.13 47.49 28.04
CA LEU Z 105 -9.81 46.94 26.89
C LEU Z 105 -11.20 47.52 26.77
N THR Z 106 -11.79 47.34 25.59
CA THR Z 106 -13.20 47.54 25.36
C THR Z 106 -13.62 46.53 24.31
N THR Z 107 -14.63 45.76 24.60
CA THR Z 107 -15.03 44.75 23.64
C THR Z 107 -15.81 45.40 22.51
N PRO Z 108 -15.51 45.05 21.26
CA PRO Z 108 -16.15 45.74 20.14
C PRO Z 108 -17.57 45.29 19.87
N LEU Z 109 -18.54 45.86 20.58
CA LEU Z 109 -19.97 45.75 20.27
C LEU Z 109 -20.47 44.31 20.27
N ILE Z 110 -20.64 43.73 21.46
CA ILE Z 110 -20.80 42.29 21.72
C ILE Z 110 -21.76 41.53 20.82
N SER Z 111 -22.71 42.22 20.19
CA SER Z 111 -23.50 41.60 19.13
C SER Z 111 -22.67 41.24 17.92
N SER Z 112 -21.60 41.96 17.64
CA SER Z 112 -20.67 41.59 16.59
C SER Z 112 -19.63 40.59 17.05
N MET Z 113 -19.59 40.27 18.34
CA MET Z 113 -18.74 39.22 18.87
C MET Z 113 -19.48 37.90 18.99
N SER Z 114 -20.60 37.76 18.30
CA SER Z 114 -21.38 36.54 18.32
C SER Z 114 -20.65 35.43 17.60
N ILE Z 115 -21.09 34.21 17.84
CA ILE Z 115 -20.37 33.06 17.34
C ILE Z 115 -21.05 32.46 16.10
N SER Z 116 -22.26 32.90 15.76
CA SER Z 116 -22.96 32.37 14.60
C SER Z 116 -22.50 32.97 13.29
N ASN Z 117 -21.67 33.99 13.32
CA ASN Z 117 -21.16 34.62 12.12
C ASN Z 117 -19.79 34.07 11.78
N PRO Z 118 -19.50 33.80 10.50
CA PRO Z 118 -18.20 33.21 10.13
C PRO Z 118 -17.03 34.17 10.19
N ALA Z 119 -17.24 35.43 10.56
CA ALA Z 119 -16.17 36.40 10.66
C ALA Z 119 -16.30 37.16 11.98
N ARG Z 120 -16.42 36.41 13.07
CA ARG Z 120 -16.47 36.97 14.42
C ARG Z 120 -15.21 37.77 14.72
N THR Z 121 -15.39 38.96 15.29
CA THR Z 121 -14.27 39.79 15.67
C THR Z 121 -13.75 39.43 17.06
N HIS Z 122 -12.46 39.65 17.26
CA HIS Z 122 -11.78 39.20 18.47
C HIS Z 122 -11.46 40.38 19.37
N LEU Z 123 -10.85 40.06 20.52
CA LEU Z 123 -10.37 41.10 21.41
C LEU Z 123 -9.05 41.68 20.88
N ALA Z 124 -8.55 42.69 21.58
CA ALA Z 124 -7.34 43.35 21.10
C ALA Z 124 -6.08 42.70 21.65
N GLN Z 125 -6.09 42.28 22.92
CA GLN Z 125 -4.89 41.78 23.56
C GLN Z 125 -5.26 40.89 24.72
N ALA Z 126 -4.40 39.91 25.01
CA ALA Z 126 -4.57 39.05 26.17
C ALA Z 126 -4.09 39.78 27.41
N VAL Z 127 -5.00 40.01 28.36
CA VAL Z 127 -4.72 40.80 29.54
C VAL Z 127 -4.27 39.86 30.65
N LYS Z 128 -3.05 40.04 31.14
CA LYS Z 128 -2.67 39.21 32.26
C LYS Z 128 -3.20 39.81 33.55
N TYR Z 129 -3.12 39.02 34.61
CA TYR Z 129 -3.70 39.41 35.88
C TYR Z 129 -2.84 38.85 36.99
N SER Z 130 -2.35 39.73 37.84
CA SER Z 130 -1.36 39.40 38.86
C SER Z 130 -2.06 38.63 39.98
N PRO Z 131 -1.32 38.18 41.01
CA PRO Z 131 -1.97 37.90 42.29
C PRO Z 131 -2.61 39.15 42.85
N GLN Z 132 -3.46 38.94 43.86
CA GLN Z 132 -4.73 39.63 44.10
C GLN Z 132 -4.84 41.08 43.63
N SER Z 133 -5.84 41.31 42.77
CA SER Z 133 -6.11 42.52 42.03
C SER Z 133 -7.53 42.40 41.52
N ILE Z 134 -8.33 43.44 41.73
CA ILE Z 134 -9.76 43.36 41.47
C ILE Z 134 -10.01 43.38 39.96
N LEU Z 135 -10.92 42.52 39.51
CA LEU Z 135 -11.27 42.34 38.11
C LEU Z 135 -12.75 42.68 37.97
N THR Z 136 -13.06 43.86 37.45
CA THR Z 136 -14.45 44.27 37.32
C THR Z 136 -14.78 44.67 35.89
N MET Z 137 -16.04 44.46 35.52
CA MET Z 137 -16.52 44.75 34.18
C MET Z 137 -17.79 45.57 34.28
N TYR Z 138 -18.03 46.36 33.23
CA TYR Z 138 -19.16 47.28 33.16
C TYR Z 138 -19.79 47.19 31.79
N PHE Z 139 -21.10 47.33 31.75
CA PHE Z 139 -21.87 47.20 30.52
C PHE Z 139 -22.39 48.59 30.15
N ASN Z 140 -21.87 49.13 29.05
CA ASN Z 140 -22.23 50.46 28.56
C ASN Z 140 -23.11 50.29 27.34
N PRO Z 141 -24.44 50.22 27.49
CA PRO Z 141 -25.27 49.79 26.37
C PRO Z 141 -25.61 50.91 25.39
N THR Z 142 -25.63 50.53 24.11
CA THR Z 142 -26.26 51.30 23.06
C THR Z 142 -27.34 50.42 22.45
N LYS Z 143 -28.47 51.03 22.09
CA LYS Z 143 -29.70 50.37 21.64
C LYS Z 143 -30.12 49.32 22.68
N PRO Z 144 -30.72 49.73 23.79
CA PRO Z 144 -31.10 48.76 24.81
C PRO Z 144 -32.32 47.94 24.46
N ALA Z 145 -32.78 47.13 25.41
CA ALA Z 145 -33.89 46.20 25.17
C ALA Z 145 -35.19 46.95 24.95
N THR Z 146 -35.92 46.53 23.92
CA THR Z 146 -37.15 47.21 23.51
C THR Z 146 -38.39 46.38 23.75
N ALA Z 147 -38.41 45.13 23.33
CA ALA Z 147 -39.62 44.33 23.32
C ALA Z 147 -39.98 43.88 24.74
N SER Z 148 -41.22 43.42 24.87
CA SER Z 148 -41.67 42.82 26.12
C SER Z 148 -41.00 41.46 26.31
N THR Z 149 -41.04 40.98 27.56
CA THR Z 149 -40.36 39.76 28.03
C THR Z 149 -38.87 39.77 27.66
N SER Z 150 -38.17 40.74 28.24
CA SER Z 150 -36.75 40.91 27.96
C SER Z 150 -35.92 39.92 28.78
N TYR Z 151 -34.65 39.79 28.40
CA TYR Z 151 -33.77 38.80 28.99
C TYR Z 151 -32.47 39.44 29.43
N PRO Z 152 -31.81 38.86 30.42
CA PRO Z 152 -30.47 39.33 30.80
C PRO Z 152 -29.43 38.98 29.74
N ASN Z 153 -28.31 39.69 29.79
CA ASN Z 153 -27.20 39.42 28.90
C ASN Z 153 -26.28 38.36 29.49
N THR Z 154 -25.51 37.72 28.60
CA THR Z 154 -24.52 36.73 29.02
C THR Z 154 -23.37 36.76 28.02
N VAL Z 155 -22.15 36.98 28.52
CA VAL Z 155 -20.96 37.05 27.69
C VAL Z 155 -19.93 36.11 28.27
N TYR Z 156 -19.55 35.08 27.51
CA TYR Z 156 -18.60 34.09 27.98
C TYR Z 156 -17.18 34.52 27.64
N PHE Z 157 -16.26 34.22 28.54
CA PHE Z 157 -14.85 34.54 28.34
C PHE Z 157 -14.05 33.24 28.29
N THR Z 158 -12.73 33.37 28.28
CA THR Z 158 -11.84 32.21 28.35
C THR Z 158 -10.56 32.67 29.00
N VAL Z 159 -10.27 32.16 30.19
CA VAL Z 159 -9.14 32.60 30.99
C VAL Z 159 -8.17 31.44 31.19
N VAL Z 160 -6.89 31.75 31.11
CA VAL Z 160 -5.82 30.81 31.37
C VAL Z 160 -5.37 31.00 32.81
N VAL Z 161 -5.44 29.94 33.61
CA VAL Z 161 -5.09 30.00 35.02
C VAL Z 161 -3.77 29.31 35.23
N VAL Z 162 -2.80 30.02 35.79
CA VAL Z 162 -1.55 29.43 36.23
C VAL Z 162 -1.65 29.24 37.73
N ASP Z 163 -1.24 28.08 38.24
CA ASP Z 163 -1.45 27.73 39.63
C ASP Z 163 -0.16 27.24 40.25
N PHE Z 164 0.16 27.75 41.43
CA PHE Z 164 1.42 27.45 42.11
C PHE Z 164 1.21 26.69 43.40
N SER Z 165 0.15 25.89 43.50
CA SER Z 165 -0.23 25.29 44.78
C SER Z 165 0.68 24.16 45.19
N TYR Z 166 1.46 23.60 44.25
CA TYR Z 166 2.22 22.38 44.49
C TYR Z 166 3.72 22.60 44.59
N ALA Z 167 4.16 23.83 44.81
CA ALA Z 167 5.59 24.08 44.92
C ALA Z 167 6.05 23.86 46.35
N GLN Z 168 7.32 24.12 46.63
CA GLN Z 168 7.84 24.08 47.98
C GLN Z 168 8.00 25.47 48.59
N ASN Z 169 7.44 26.49 47.96
CA ASN Z 169 7.56 27.87 48.41
C ASN Z 169 6.15 28.42 48.51
N PRO Z 170 5.91 29.31 49.47
CA PRO Z 170 4.60 29.99 49.54
C PRO Z 170 4.41 31.02 48.44
N ALA Z 171 3.47 31.95 48.67
CA ALA Z 171 3.03 32.89 47.65
C ALA Z 171 4.07 33.97 47.31
N ARG Z 172 5.31 33.88 47.77
CA ARG Z 172 6.32 34.79 47.29
C ARG Z 172 7.08 34.25 46.08
N ALA Z 173 7.08 32.93 45.86
CA ALA Z 173 7.53 32.41 44.57
C ALA Z 173 6.55 32.73 43.45
N VAL Z 174 5.28 32.94 43.79
CA VAL Z 174 4.29 33.31 42.78
C VAL Z 174 4.60 34.69 42.22
N VAL Z 175 4.88 35.65 43.10
CA VAL Z 175 5.24 36.98 42.63
C VAL Z 175 6.67 37.00 42.12
N SER Z 176 7.48 36.02 42.50
CA SER Z 176 8.79 35.88 41.87
C SER Z 176 8.67 35.39 40.45
N ALA Z 177 7.66 34.56 40.17
CA ALA Z 177 7.37 34.18 38.79
C ALA Z 177 6.47 35.19 38.09
N ASN Z 178 5.89 36.12 38.84
CA ASN Z 178 5.25 37.27 38.20
C ASN Z 178 6.27 38.30 37.76
N ALA Z 179 7.45 38.28 38.38
CA ALA Z 179 8.53 39.16 37.95
C ALA Z 179 9.23 38.67 36.70
N VAL Z 180 9.09 37.38 36.36
CA VAL Z 180 9.69 36.86 35.14
C VAL Z 180 8.73 37.01 33.98
N MET Z 181 7.45 36.73 34.21
CA MET Z 181 6.43 37.04 33.23
C MET Z 181 6.18 38.54 33.14
N SER AA 4 -4.61 21.08 0.02
CA SER AA 4 -3.71 22.20 -0.24
C SER AA 4 -2.30 21.70 -0.52
N VAL AA 5 -2.05 20.43 -0.18
CA VAL AA 5 -0.73 19.84 -0.38
C VAL AA 5 -0.56 19.29 -1.79
N THR AA 6 -1.63 19.25 -2.58
CA THR AA 6 -1.59 18.58 -3.88
C THR AA 6 -0.77 19.34 -4.92
N GLN AA 7 -0.48 20.61 -4.70
CA GLN AA 7 0.41 21.33 -5.61
C GLN AA 7 1.87 21.22 -5.22
N GLN AA 8 2.15 20.90 -3.97
CA GLN AA 8 3.55 20.79 -3.53
C GLN AA 8 4.15 19.43 -3.86
N VAL AA 9 3.37 18.36 -3.67
CA VAL AA 9 3.90 17.04 -3.98
C VAL AA 9 3.91 16.77 -5.48
N PHE AA 10 3.13 17.52 -6.26
CA PHE AA 10 3.28 17.46 -7.71
C PHE AA 10 4.59 18.11 -8.11
N ASN AA 11 4.86 19.29 -7.56
CA ASN AA 11 6.10 19.99 -7.87
C ASN AA 11 7.32 19.29 -7.29
N PHE AA 12 7.13 18.50 -6.23
CA PHE AA 12 8.22 17.69 -5.70
C PHE AA 12 8.49 16.47 -6.56
N ALA AA 13 7.44 15.88 -7.13
CA ALA AA 13 7.60 14.68 -7.95
C ALA AA 13 8.24 14.98 -9.30
N VAL AA 14 8.02 16.18 -9.83
CA VAL AA 14 8.59 16.53 -11.13
C VAL AA 14 10.10 16.72 -11.02
N THR AA 15 10.56 17.43 -9.99
CA THR AA 15 11.97 17.79 -9.90
C THR AA 15 12.85 16.66 -9.40
N LYS AA 16 12.28 15.54 -8.94
CA LYS AA 16 13.06 14.45 -8.40
C LYS AA 16 13.18 13.26 -9.35
N SER AA 17 12.18 13.02 -10.18
CA SER AA 17 12.19 11.92 -11.11
C SER AA 17 12.89 12.26 -12.41
N GLN AA 18 13.21 13.52 -12.66
CA GLN AA 18 13.88 13.94 -13.89
C GLN AA 18 15.32 13.44 -14.05
N PRO AA 19 16.11 13.19 -12.99
CA PRO AA 19 17.33 12.40 -13.21
C PRO AA 19 17.06 10.97 -13.67
N PHE AA 20 15.90 10.42 -13.37
CA PHE AA 20 15.57 9.08 -13.81
C PHE AA 20 14.60 9.05 -14.96
N GLY AA 21 13.91 10.16 -15.23
CA GLY AA 21 12.96 10.19 -16.33
C GLY AA 21 11.63 9.63 -15.91
N GLY AA 22 10.58 10.43 -16.04
CA GLY AA 22 9.28 9.93 -15.66
C GLY AA 22 8.13 10.89 -15.84
N TYR AA 23 6.98 10.32 -16.19
CA TYR AA 23 5.70 11.02 -16.12
C TYR AA 23 5.45 11.50 -14.71
N VAL AA 24 4.80 12.66 -14.61
CA VAL AA 24 4.05 13.04 -13.42
C VAL AA 24 2.71 13.56 -13.92
N TYR AA 25 1.63 12.92 -13.50
CA TYR AA 25 0.30 13.40 -13.85
C TYR AA 25 -0.66 13.00 -12.75
N SER AA 26 -1.87 13.55 -12.80
CA SER AA 26 -2.83 13.40 -11.72
C SER AA 26 -4.07 12.71 -12.24
N THR AA 27 -4.65 11.86 -11.41
CA THR AA 27 -5.84 11.10 -11.77
C THR AA 27 -6.91 11.35 -10.71
N ASN AA 28 -7.99 10.58 -10.80
CA ASN AA 28 -9.13 10.75 -9.92
C ASN AA 28 -9.50 9.38 -9.37
N LEU AA 29 -9.60 9.27 -8.05
CA LEU AA 29 -9.93 8.02 -7.38
C LEU AA 29 -11.25 8.19 -6.65
N THR AA 30 -12.13 7.21 -6.82
CA THR AA 30 -13.46 7.23 -6.23
C THR AA 30 -13.61 6.05 -5.28
N ALA AA 31 -13.87 6.33 -4.01
CA ALA AA 31 -14.15 5.30 -3.02
C ALA AA 31 -15.61 5.38 -2.62
N SER AA 32 -16.32 4.26 -2.70
CA SER AA 32 -17.76 4.25 -2.51
C SER AA 32 -18.17 2.98 -1.79
N THR AA 33 -18.72 3.13 -0.58
CA THR AA 33 -19.29 1.99 0.14
C THR AA 33 -20.58 1.59 -0.54
N SER AA 34 -20.87 0.29 -0.56
CA SER AA 34 -22.11 -0.15 -1.17
C SER AA 34 -23.26 -0.16 -0.17
N SER AA 35 -24.38 0.41 -0.61
CA SER AA 35 -25.72 0.14 -0.07
C SER AA 35 -25.91 0.58 1.38
N ALA AA 36 -25.77 1.88 1.64
CA ALA AA 36 -26.43 2.59 2.75
C ALA AA 36 -26.00 2.06 4.13
N VAL AA 37 -24.74 2.35 4.46
CA VAL AA 37 -24.18 1.98 5.76
C VAL AA 37 -24.99 2.57 6.91
N THR AA 38 -25.45 1.70 7.81
CA THR AA 38 -26.31 2.09 8.92
C THR AA 38 -25.87 1.56 10.28
N SER AA 39 -24.98 0.57 10.33
CA SER AA 39 -24.68 -0.05 11.62
C SER AA 39 -23.21 0.06 12.01
N THR AA 40 -22.28 -0.42 11.19
CA THR AA 40 -20.93 -0.67 11.62
C THR AA 40 -19.97 -0.51 10.43
N GLN AA 41 -18.71 -0.87 10.65
CA GLN AA 41 -17.63 -0.57 9.72
C GLN AA 41 -17.73 -1.38 8.44
N LEU AA 42 -17.81 -0.68 7.31
CA LEU AA 42 -17.93 -1.28 5.99
C LEU AA 42 -16.68 -1.01 5.16
N THR AA 43 -16.70 -1.48 3.93
CA THR AA 43 -15.56 -1.38 3.02
C THR AA 43 -15.92 -0.59 1.78
N PRO AA 44 -15.23 0.51 1.48
CA PRO AA 44 -15.52 1.26 0.25
C PRO AA 44 -14.79 0.68 -0.95
N LEU AA 45 -15.51 0.63 -2.07
CA LEU AA 45 -15.01 0.00 -3.29
C LEU AA 45 -14.19 1.02 -4.05
N ASN AA 46 -12.87 0.84 -4.08
CA ASN AA 46 -12.02 1.75 -4.82
C ASN AA 46 -12.19 1.55 -6.32
N LEU AA 47 -12.12 2.66 -7.07
CA LEU AA 47 -12.32 2.62 -8.52
C LEU AA 47 -11.42 3.67 -9.14
N SER AA 48 -10.24 3.27 -9.61
CA SER AA 48 -9.26 4.22 -10.13
C SER AA 48 -9.21 4.12 -11.64
N ILE AA 49 -9.07 5.27 -12.29
CA ILE AA 49 -8.87 5.35 -13.73
C ILE AA 49 -7.48 5.92 -13.98
N THR AA 50 -6.81 5.39 -14.99
CA THR AA 50 -5.44 5.76 -15.29
C THR AA 50 -5.43 6.25 -16.74
N LEU AA 51 -4.24 6.50 -17.30
CA LEU AA 51 -4.15 6.97 -18.68
C LEU AA 51 -4.61 5.92 -19.68
N GLY AA 52 -4.59 4.65 -19.28
CA GLY AA 52 -4.90 3.52 -20.14
C GLY AA 52 -6.35 3.38 -20.52
N GLN AA 53 -7.21 4.29 -20.08
CA GLN AA 53 -8.67 4.14 -20.09
C GLN AA 53 -9.11 2.86 -19.39
N ILE AA 54 -8.35 2.46 -18.37
CA ILE AA 54 -8.53 1.18 -17.68
C ILE AA 54 -9.00 1.43 -16.26
N THR AA 55 -10.09 0.77 -15.89
CA THR AA 55 -10.58 0.87 -14.53
C THR AA 55 -9.92 -0.21 -13.68
N LEU AA 56 -9.55 0.15 -12.46
CA LEU AA 56 -9.11 -0.82 -11.47
C LEU AA 56 -10.19 -0.83 -10.38
N SER AA 57 -11.04 -1.82 -10.41
CA SER AA 57 -12.23 -1.84 -9.57
C SER AA 57 -12.02 -2.77 -8.39
N GLY AA 58 -13.07 -2.92 -7.59
CA GLY AA 58 -13.02 -3.77 -6.41
C GLY AA 58 -12.19 -3.17 -5.30
N ASN AA 59 -12.16 -3.90 -4.19
CA ASN AA 59 -11.31 -3.53 -3.07
C ASN AA 59 -9.85 -3.76 -3.40
N SER AA 60 -8.97 -3.14 -2.61
CA SER AA 60 -7.55 -3.47 -2.51
C SER AA 60 -6.81 -3.35 -3.84
N LEU AA 61 -6.71 -2.12 -4.33
CA LEU AA 61 -5.94 -1.86 -5.55
C LEU AA 61 -4.47 -2.12 -5.32
N VAL AA 62 -3.83 -2.72 -6.32
CA VAL AA 62 -2.39 -2.96 -6.28
C VAL AA 62 -1.75 -1.94 -7.21
N ILE AA 63 -0.75 -1.24 -6.69
CA ILE AA 63 0.01 -0.30 -7.52
C ILE AA 63 0.81 -1.08 -8.56
N PRO AA 64 0.73 -0.72 -9.84
CA PRO AA 64 1.54 -1.40 -10.86
C PRO AA 64 3.03 -1.24 -10.63
N ALA AA 65 3.81 -2.11 -11.29
CA ALA AA 65 5.20 -2.33 -10.91
C ALA AA 65 6.13 -1.20 -11.26
N THR AA 66 5.69 -0.20 -12.04
CA THR AA 66 6.57 0.89 -12.45
C THR AA 66 6.05 2.26 -12.03
N GLN AA 67 5.03 2.33 -11.19
CA GLN AA 67 4.45 3.61 -10.80
C GLN AA 67 4.58 3.83 -9.30
N ILE AA 68 4.58 5.10 -8.90
CA ILE AA 68 4.67 5.50 -7.50
C ILE AA 68 3.54 6.49 -7.28
N TRP AA 69 2.52 6.08 -6.55
CA TRP AA 69 1.36 6.96 -6.39
C TRP AA 69 1.53 7.86 -5.18
N TYR AA 70 0.69 8.89 -5.11
CA TYR AA 70 0.69 9.83 -4.00
C TYR AA 70 -0.75 10.24 -3.74
N LEU AA 71 -1.29 9.85 -2.60
CA LEU AA 71 -2.66 10.21 -2.25
C LEU AA 71 -2.64 11.53 -1.48
N THR AA 72 -3.23 12.57 -2.08
CA THR AA 72 -3.04 13.92 -1.59
C THR AA 72 -4.26 14.52 -0.90
N ASP AA 73 -5.37 14.68 -1.62
CA ASP AA 73 -6.52 15.39 -1.06
C ASP AA 73 -7.80 14.62 -1.35
N ALA AA 74 -8.91 15.15 -0.86
CA ALA AA 74 -10.21 14.53 -1.00
C ALA AA 74 -11.28 15.59 -0.87
N TYR AA 75 -12.45 15.33 -1.44
CA TYR AA 75 -13.56 16.25 -1.33
C TYR AA 75 -14.86 15.49 -1.48
N VAL AA 76 -15.95 16.15 -1.10
CA VAL AA 76 -17.28 15.57 -1.10
C VAL AA 76 -18.21 16.54 -1.78
N SER AA 77 -18.95 16.08 -2.78
CA SER AA 77 -19.81 16.97 -3.55
C SER AA 77 -21.03 17.40 -2.73
N VAL AA 78 -21.66 18.46 -3.20
CA VAL AA 78 -22.86 19.04 -2.58
C VAL AA 78 -24.06 18.09 -2.57
N PRO AA 79 -24.40 17.33 -3.63
CA PRO AA 79 -25.51 16.37 -3.48
C PRO AA 79 -25.25 15.23 -2.51
N ASP AA 80 -24.00 15.00 -2.10
CA ASP AA 80 -23.76 14.12 -0.96
C ASP AA 80 -23.92 14.86 0.36
N TYR AA 81 -23.49 16.12 0.41
CA TYR AA 81 -23.51 16.87 1.66
C TYR AA 81 -24.92 17.28 2.06
N THR AA 82 -25.84 17.40 1.10
CA THR AA 82 -27.23 17.61 1.49
C THR AA 82 -27.89 16.33 1.95
N ASN AA 83 -27.32 15.17 1.59
CA ASN AA 83 -27.85 13.90 2.07
C ASN AA 83 -27.39 13.61 3.49
N ILE AA 84 -26.21 14.11 3.87
CA ILE AA 84 -25.69 13.84 5.20
C ILE AA 84 -26.51 14.57 6.25
N THR AA 85 -26.80 15.84 6.02
CA THR AA 85 -27.53 16.65 6.99
C THR AA 85 -28.99 16.23 7.13
N ASN AA 86 -29.57 15.64 6.09
CA ASN AA 86 -30.92 15.13 6.16
C ASN AA 86 -30.97 13.68 6.63
N GLY AA 87 -29.84 13.13 7.06
CA GLY AA 87 -29.79 11.77 7.53
C GLY AA 87 -29.98 10.71 6.47
N ALA AA 88 -29.73 11.05 5.20
CA ALA AA 88 -29.89 10.08 4.13
C ALA AA 88 -28.68 9.20 3.94
N GLU AA 89 -27.54 9.57 4.53
CA GLU AA 89 -26.36 8.72 4.49
C GLU AA 89 -25.50 9.02 5.71
N ALA AA 90 -24.50 8.18 5.92
CA ALA AA 90 -23.78 8.15 7.18
C ALA AA 90 -22.59 9.08 7.17
N ASP AA 91 -22.31 9.68 8.33
CA ASP AA 91 -21.11 10.44 8.54
C ASP AA 91 -20.00 9.51 9.00
N GLY AA 92 -18.86 10.06 9.37
CA GLY AA 92 -17.79 9.25 9.90
C GLY AA 92 -16.48 9.60 9.24
N VAL AA 93 -15.49 8.74 9.43
CA VAL AA 93 -14.17 8.95 8.87
C VAL AA 93 -13.80 7.76 7.98
N ILE AA 94 -12.71 7.92 7.23
CA ILE AA 94 -12.23 6.92 6.28
C ILE AA 94 -10.78 6.62 6.62
N LEU AA 95 -10.49 5.35 6.89
CA LEU AA 95 -9.15 4.92 7.28
C LEU AA 95 -8.38 4.45 6.06
N ILE AA 96 -7.09 4.75 6.02
CA ILE AA 96 -6.26 4.50 4.84
C ILE AA 96 -5.15 3.55 5.25
N TYR AA 97 -5.17 2.35 4.69
CA TYR AA 97 -4.21 1.30 5.02
C TYR AA 97 -3.22 1.09 3.89
N LYS AA 98 -2.04 0.62 4.26
CA LYS AA 98 -0.97 0.26 3.32
C LYS AA 98 -0.51 -1.15 3.66
N ASP AA 99 -0.35 -1.99 2.63
CA ASP AA 99 0.06 -3.39 2.73
C ASP AA 99 -0.89 -4.24 3.55
N GLY AA 100 -2.11 -3.78 3.82
CA GLY AA 100 -3.05 -4.52 4.64
C GLY AA 100 -2.71 -4.59 6.11
N VAL AA 101 -1.71 -3.85 6.58
CA VAL AA 101 -1.29 -3.92 7.97
C VAL AA 101 -1.19 -2.52 8.61
N LYS AA 102 -0.59 -1.56 7.92
CA LYS AA 102 -0.22 -0.28 8.50
C LYS AA 102 -1.32 0.74 8.29
N LEU AA 103 -1.57 1.57 9.31
CA LEU AA 103 -2.52 2.68 9.20
C LEU AA 103 -1.73 3.97 9.25
N MET AA 104 -1.97 4.86 8.28
CA MET AA 104 -1.15 6.07 8.21
C MET AA 104 -1.93 7.37 8.18
N LEU AA 105 -3.24 7.34 7.91
CA LEU AA 105 -4.03 8.55 7.97
C LEU AA 105 -5.46 8.19 8.33
N THR AA 106 -6.19 9.22 8.76
CA THR AA 106 -7.63 9.12 8.98
C THR AA 106 -8.23 10.42 8.46
N THR AA 107 -9.08 10.32 7.45
CA THR AA 107 -9.60 11.51 6.79
C THR AA 107 -10.58 12.23 7.71
N PRO AA 108 -10.40 13.52 7.93
CA PRO AA 108 -11.14 14.19 9.01
C PRO AA 108 -12.60 14.48 8.71
N LEU AA 109 -13.48 13.52 8.98
CA LEU AA 109 -14.93 13.75 9.09
C LEU AA 109 -15.56 14.26 7.80
N ILE AA 110 -15.85 13.35 6.86
CA ILE AA 110 -16.22 13.61 5.46
C ILE AA 110 -17.28 14.68 5.22
N SER AA 111 -18.05 15.05 6.24
CA SER AA 111 -18.89 16.24 6.11
C SER AA 111 -18.05 17.50 6.07
N SER AA 112 -16.92 17.52 6.77
CA SER AA 112 -16.14 18.73 6.91
C SER AA 112 -15.12 18.92 5.80
N MET AA 113 -14.93 17.94 4.93
CA MET AA 113 -14.18 18.14 3.70
C MET AA 113 -15.10 18.24 2.50
N SER AA 114 -16.35 18.63 2.72
CA SER AA 114 -17.28 18.86 1.63
C SER AA 114 -16.86 20.08 0.84
N ILE AA 115 -17.36 20.16 -0.39
CA ILE AA 115 -16.96 21.26 -1.27
C ILE AA 115 -17.71 22.54 -0.94
N SER AA 116 -18.78 22.45 -0.14
CA SER AA 116 -19.60 23.58 0.23
C SER AA 116 -19.28 24.16 1.60
N ASN AA 117 -18.41 23.53 2.36
CA ASN AA 117 -18.02 24.14 3.61
C ASN AA 117 -16.95 25.19 3.36
N PRO AA 118 -17.15 26.43 3.80
CA PRO AA 118 -16.14 27.48 3.55
C PRO AA 118 -14.79 27.22 4.20
N ALA AA 119 -14.78 26.51 5.31
CA ALA AA 119 -13.54 25.91 5.82
C ALA AA 119 -13.51 24.43 5.45
N ARG AA 120 -13.31 24.17 4.16
CA ARG AA 120 -13.08 22.81 3.69
C ARG AA 120 -11.69 22.37 4.13
N THR AA 121 -11.62 21.32 4.93
CA THR AA 121 -10.34 20.86 5.44
C THR AA 121 -9.69 19.89 4.46
N HIS AA 122 -8.37 19.90 4.46
CA HIS AA 122 -7.59 19.05 3.58
C HIS AA 122 -6.93 17.95 4.39
N LEU AA 123 -6.22 17.07 3.70
CA LEU AA 123 -5.44 16.06 4.39
C LEU AA 123 -4.12 16.67 4.86
N ALA AA 124 -3.60 16.11 5.95
CA ALA AA 124 -2.42 16.68 6.59
C ALA AA 124 -1.17 16.45 5.76
N GLN AA 125 -0.91 15.22 5.35
CA GLN AA 125 0.29 14.92 4.60
C GLN AA 125 -0.03 13.87 3.56
N ALA AA 126 0.78 13.83 2.50
CA ALA AA 126 0.52 12.96 1.37
C ALA AA 126 1.01 11.55 1.64
N VAL AA 127 0.26 10.57 1.15
CA VAL AA 127 0.53 9.15 1.39
C VAL AA 127 1.31 8.60 0.22
N LYS AA 128 2.51 8.10 0.49
CA LYS AA 128 3.33 7.49 -0.55
C LYS AA 128 2.91 6.04 -0.78
N TYR AA 129 3.11 5.56 -2.00
CA TYR AA 129 2.85 4.17 -2.34
C TYR AA 129 3.91 3.73 -3.34
N SER AA 130 4.72 2.76 -2.97
CA SER AA 130 5.84 2.30 -3.77
C SER AA 130 5.33 1.38 -4.88
N PRO AA 131 6.24 0.85 -5.76
CA PRO AA 131 5.90 -0.34 -6.53
C PRO AA 131 5.43 -1.51 -5.67
N GLN AA 132 4.81 -2.51 -6.30
CA GLN AA 132 3.54 -3.10 -5.88
C GLN AA 132 3.32 -3.20 -4.38
N SER AA 133 2.25 -2.54 -3.92
CA SER AA 133 1.78 -2.55 -2.55
C SER AA 133 0.27 -2.48 -2.61
N ILE AA 134 -0.39 -2.79 -1.51
CA ILE AA 134 -1.83 -2.92 -1.52
C ILE AA 134 -2.42 -1.72 -0.78
N LEU AA 135 -2.94 -0.76 -1.54
CA LEU AA 135 -3.78 0.31 -1.01
C LEU AA 135 -5.16 -0.25 -0.75
N THR AA 136 -5.66 -0.06 0.48
CA THR AA 136 -7.03 -0.42 0.81
C THR AA 136 -7.56 0.53 1.85
N MET AA 137 -8.89 0.70 1.86
CA MET AA 137 -9.54 1.70 2.69
C MET AA 137 -10.71 1.08 3.44
N TYR AA 138 -11.07 1.72 4.55
CA TYR AA 138 -12.20 1.32 5.37
C TYR AA 138 -12.94 2.54 5.91
N PHE AA 139 -14.25 2.41 6.01
CA PHE AA 139 -15.14 3.50 6.41
C PHE AA 139 -15.69 3.18 7.80
N ASN AA 140 -15.42 4.07 8.76
CA ASN AA 140 -15.83 3.91 10.15
C ASN AA 140 -16.99 4.84 10.44
N PRO AA 141 -18.23 4.36 10.44
CA PRO AA 141 -19.37 5.28 10.55
C PRO AA 141 -19.63 5.70 11.99
N THR AA 142 -19.69 7.01 12.21
CA THR AA 142 -20.25 7.60 13.41
C THR AA 142 -21.48 8.39 13.00
N LYS AA 143 -22.54 8.31 13.80
CA LYS AA 143 -23.88 8.83 13.53
C LYS AA 143 -24.39 8.34 12.17
N PRO AA 144 -24.78 7.07 12.08
CA PRO AA 144 -25.09 6.49 10.77
C PRO AA 144 -26.45 6.92 10.25
N ALA AA 145 -26.78 6.39 9.07
CA ALA AA 145 -27.98 6.79 8.36
C ALA AA 145 -29.23 6.27 9.04
N THR AA 146 -30.21 7.14 9.22
CA THR AA 146 -31.46 6.78 9.89
C THR AA 146 -32.68 6.87 8.99
N ALA AA 147 -32.69 7.79 8.03
CA ALA AA 147 -33.88 8.04 7.24
C ALA AA 147 -34.12 6.91 6.24
N SER AA 148 -35.40 6.71 5.91
CA SER AA 148 -35.75 5.74 4.89
C SER AA 148 -35.33 6.25 3.52
N THR AA 149 -35.20 5.31 2.57
CA THR AA 149 -34.64 5.52 1.24
C THR AA 149 -33.27 6.19 1.30
N SER AA 150 -32.35 5.48 1.94
CA SER AA 150 -31.01 6.00 2.15
C SER AA 150 -30.16 5.85 0.89
N TYR AA 151 -28.93 6.36 0.96
CA TYR AA 151 -28.05 6.41 -0.18
C TYR AA 151 -26.63 5.98 0.20
N PRO AA 152 -25.89 5.39 -0.74
CA PRO AA 152 -24.50 5.03 -0.44
C PRO AA 152 -23.60 6.25 -0.37
N ASN AA 153 -22.44 6.06 0.22
CA ASN AA 153 -21.45 7.12 0.28
C ASN AA 153 -20.60 7.13 -0.98
N THR AA 154 -20.02 8.29 -1.27
CA THR AA 154 -19.07 8.46 -2.36
C THR AA 154 -18.14 9.60 -1.97
N VAL AA 155 -16.84 9.32 -1.90
CA VAL AA 155 -15.85 10.32 -1.54
C VAL AA 155 -14.74 10.25 -2.59
N TYR AA 156 -14.55 11.33 -3.33
CA TYR AA 156 -13.57 11.37 -4.40
C TYR AA 156 -12.22 11.81 -3.88
N PHE AA 157 -11.16 11.17 -4.37
CA PHE AA 157 -9.81 11.46 -3.94
C PHE AA 157 -9.03 12.08 -5.10
N THR AA 158 -7.73 12.26 -4.90
CA THR AA 158 -6.86 12.80 -5.94
C THR AA 158 -5.50 12.17 -5.81
N VAL AA 159 -5.08 11.44 -6.84
CA VAL AA 159 -3.84 10.66 -6.82
C VAL AA 159 -2.88 11.27 -7.82
N VAL AA 160 -1.65 11.51 -7.39
CA VAL AA 160 -0.58 11.95 -8.27
C VAL AA 160 0.22 10.72 -8.66
N VAL AA 161 0.30 10.43 -9.97
CA VAL AA 161 0.88 9.21 -10.49
C VAL AA 161 2.25 9.55 -11.08
N VAL AA 162 3.27 8.81 -10.66
CA VAL AA 162 4.61 8.99 -11.22
C VAL AA 162 4.98 7.77 -12.04
N ASP AA 163 4.67 7.79 -13.34
CA ASP AA 163 4.96 6.64 -14.19
C ASP AA 163 6.43 6.65 -14.61
N PHE AA 164 6.96 5.46 -14.88
CA PHE AA 164 8.35 5.30 -15.27
C PHE AA 164 8.50 4.45 -16.52
N SER AA 165 7.47 4.33 -17.33
CA SER AA 165 7.48 3.39 -18.44
C SER AA 165 8.31 3.86 -19.62
N TYR AA 166 8.71 5.14 -19.65
CA TYR AA 166 9.41 5.69 -20.80
C TYR AA 166 10.90 5.83 -20.58
N ALA AA 167 11.46 5.20 -19.55
CA ALA AA 167 12.89 5.28 -19.31
C ALA AA 167 13.60 4.24 -20.16
N GLN AA 168 14.90 4.04 -19.93
CA GLN AA 168 15.63 3.02 -20.69
C GLN AA 168 15.21 1.62 -20.25
N ASN AA 169 15.09 1.39 -18.95
CA ASN AA 169 14.47 0.19 -18.41
C ASN AA 169 13.56 0.60 -17.26
N PRO AA 170 12.25 0.39 -17.38
CA PRO AA 170 11.34 0.82 -16.31
C PRO AA 170 11.46 0.05 -15.02
N ALA AA 171 12.15 -1.10 -15.01
CA ALA AA 171 12.23 -1.87 -13.77
C ALA AA 171 13.40 -1.43 -12.90
N ARG AA 172 14.51 -1.03 -13.49
CA ARG AA 172 15.65 -0.58 -12.70
C ARG AA 172 15.52 0.88 -12.30
N ALA AA 173 14.81 1.68 -13.09
CA ALA AA 173 14.66 3.10 -12.77
C ALA AA 173 13.72 3.32 -11.60
N VAL AA 174 12.63 2.55 -11.52
CA VAL AA 174 11.63 2.82 -10.50
C VAL AA 174 12.08 2.34 -9.12
N VAL AA 175 13.01 1.40 -9.04
CA VAL AA 175 13.52 0.96 -7.74
C VAL AA 175 14.69 1.82 -7.28
N SER AA 176 15.20 2.70 -8.14
CA SER AA 176 16.21 3.66 -7.74
C SER AA 176 15.61 4.98 -7.30
N ALA AA 177 14.44 5.33 -7.84
CA ALA AA 177 13.76 6.55 -7.45
C ALA AA 177 12.86 6.37 -6.25
N ASN AA 178 12.45 5.13 -5.96
CA ASN AA 178 11.63 4.84 -4.79
C ASN AA 178 12.41 5.09 -3.49
N ALA AA 179 13.74 4.97 -3.55
CA ALA AA 179 14.56 5.28 -2.39
C ALA AA 179 14.73 6.77 -2.19
N VAL AA 180 14.84 7.54 -3.27
CA VAL AA 180 15.16 8.95 -3.14
C VAL AA 180 13.92 9.82 -3.00
N MET AA 181 12.74 9.31 -3.33
CA MET AA 181 11.52 10.08 -3.17
C MET AA 181 10.69 9.53 -2.03
N SER BA 4 -3.79 32.85 -6.64
CA SER BA 4 -2.39 33.22 -6.51
C SER BA 4 -1.54 32.21 -7.26
N VAL BA 5 -2.20 31.33 -8.02
CA VAL BA 5 -1.49 30.34 -8.82
C VAL BA 5 -1.11 30.90 -10.18
N THR BA 6 -1.98 31.69 -10.81
CA THR BA 6 -1.61 32.37 -12.04
C THR BA 6 -0.62 33.49 -11.79
N GLN BA 7 -0.70 34.14 -10.64
CA GLN BA 7 0.15 35.28 -10.34
C GLN BA 7 1.58 34.89 -10.01
N GLN BA 8 1.87 33.61 -9.83
CA GLN BA 8 3.24 33.19 -9.69
C GLN BA 8 3.85 32.75 -11.01
N VAL BA 9 3.06 32.07 -11.86
CA VAL BA 9 3.54 31.70 -13.18
C VAL BA 9 3.55 32.90 -14.12
N PHE BA 10 2.83 33.97 -13.79
CA PHE BA 10 2.90 35.18 -14.59
C PHE BA 10 4.19 35.92 -14.30
N ASN BA 11 4.51 36.09 -13.01
CA ASN BA 11 5.72 36.77 -12.60
C ASN BA 11 6.97 35.97 -12.96
N PHE BA 12 6.84 34.65 -13.05
CA PHE BA 12 7.96 33.85 -13.51
C PHE BA 12 8.16 34.03 -15.01
N ALA BA 13 7.07 34.26 -15.74
CA ALA BA 13 7.19 34.44 -17.19
C ALA BA 13 7.76 35.80 -17.54
N VAL BA 14 7.38 36.85 -16.78
CA VAL BA 14 7.93 38.17 -17.05
C VAL BA 14 9.33 38.33 -16.49
N THR BA 15 9.82 37.36 -15.71
CA THR BA 15 11.19 37.47 -15.22
C THR BA 15 12.17 36.86 -16.21
N LYS BA 16 11.76 35.82 -16.91
CA LYS BA 16 12.64 35.14 -17.85
C LYS BA 16 12.54 35.68 -19.28
N SER BA 17 11.36 36.10 -19.70
CA SER BA 17 11.17 36.52 -21.09
C SER BA 17 11.50 37.99 -21.32
N GLN BA 18 11.77 38.77 -20.27
CA GLN BA 18 12.05 40.18 -20.48
C GLN BA 18 13.40 40.48 -21.13
N PRO BA 19 14.54 39.88 -20.74
CA PRO BA 19 15.81 40.26 -21.41
C PRO BA 19 15.94 39.75 -22.84
N PHE BA 20 15.01 38.95 -23.34
CA PHE BA 20 14.98 38.58 -24.74
C PHE BA 20 13.85 39.27 -25.49
N GLY BA 21 13.08 40.12 -24.83
CA GLY BA 21 11.87 40.65 -25.42
C GLY BA 21 10.73 39.67 -25.24
N GLY BA 22 9.53 40.17 -24.97
CA GLY BA 22 8.45 39.25 -24.71
C GLY BA 22 7.21 39.94 -24.19
N TYR BA 23 6.05 39.53 -24.68
CA TYR BA 23 4.80 40.24 -24.47
C TYR BA 23 3.90 39.27 -23.72
N VAL BA 24 4.02 39.28 -22.39
CA VAL BA 24 3.26 38.38 -21.54
C VAL BA 24 1.91 38.99 -21.25
N TYR BA 25 0.84 38.22 -21.43
CA TYR BA 25 -0.50 38.69 -21.10
C TYR BA 25 -1.39 37.48 -20.86
N SER BA 26 -2.60 37.74 -20.39
CA SER BA 26 -3.53 36.70 -20.00
C SER BA 26 -4.77 36.72 -20.88
N THR BA 27 -5.24 35.53 -21.26
CA THR BA 27 -6.43 35.35 -22.10
C THR BA 27 -7.42 34.44 -21.40
N ASN BA 28 -8.41 34.00 -22.15
CA ASN BA 28 -9.45 33.10 -21.67
C ASN BA 28 -9.80 32.10 -22.75
N LEU BA 29 -9.78 30.81 -22.40
CA LEU BA 29 -10.06 29.73 -23.32
C LEU BA 29 -11.35 29.02 -22.91
N THR BA 30 -12.20 28.72 -23.89
CA THR BA 30 -13.50 28.11 -23.64
C THR BA 30 -13.59 26.79 -24.39
N ALA BA 31 -13.77 25.70 -23.63
CA ALA BA 31 -13.94 24.37 -24.21
C ALA BA 31 -15.40 23.96 -24.11
N SER BA 32 -15.98 23.57 -25.24
CA SER BA 32 -17.42 23.33 -25.32
C SER BA 32 -17.68 21.95 -25.92
N THR BA 33 -18.10 21.01 -25.09
CA THR BA 33 -18.59 19.73 -25.58
C THR BA 33 -19.95 19.92 -26.21
N SER BA 34 -20.04 19.72 -27.52
CA SER BA 34 -21.21 20.13 -28.27
C SER BA 34 -22.35 19.15 -28.16
N SER BA 35 -23.57 19.69 -28.01
CA SER BA 35 -24.86 19.02 -28.20
C SER BA 35 -25.04 17.79 -27.32
N ALA BA 36 -25.07 18.03 -26.01
CA ALA BA 36 -25.78 17.21 -25.02
C ALA BA 36 -25.25 15.77 -24.97
N VAL BA 37 -24.03 15.65 -24.46
CA VAL BA 37 -23.41 14.33 -24.28
C VAL BA 37 -24.20 13.50 -23.26
N THR BA 38 -24.54 12.27 -23.66
CA THR BA 38 -25.31 11.36 -22.82
C THR BA 38 -24.77 9.93 -22.76
N SER BA 39 -23.81 9.54 -23.60
CA SER BA 39 -23.38 8.14 -23.63
C SER BA 39 -21.90 7.95 -23.33
N THR BA 40 -21.01 8.56 -24.10
CA THR BA 40 -19.62 8.10 -24.12
C THR BA 40 -18.69 9.30 -24.25
N GLN BA 41 -17.39 8.98 -24.40
CA GLN BA 41 -16.34 9.99 -24.42
C GLN BA 41 -16.45 10.85 -25.67
N LEU BA 42 -16.50 12.16 -25.49
CA LEU BA 42 -16.71 13.08 -26.59
C LEU BA 42 -15.54 14.07 -26.71
N THR BA 43 -15.72 15.07 -27.56
CA THR BA 43 -14.67 16.00 -27.93
C THR BA 43 -15.17 17.42 -27.70
N PRO BA 44 -14.59 18.17 -26.77
CA PRO BA 44 -14.97 19.58 -26.62
C PRO BA 44 -14.23 20.46 -27.61
N LEU BA 45 -14.95 21.47 -28.10
CA LEU BA 45 -14.44 22.42 -29.08
C LEU BA 45 -13.63 23.47 -28.36
N ASN BA 46 -12.30 23.42 -28.51
CA ASN BA 46 -11.47 24.48 -27.95
C ASN BA 46 -11.68 25.76 -28.74
N LEU BA 47 -11.67 26.89 -28.02
CA LEU BA 47 -11.88 28.18 -28.68
C LEU BA 47 -11.20 29.25 -27.83
N SER BA 48 -10.00 29.65 -28.24
CA SER BA 48 -9.25 30.69 -27.57
C SER BA 48 -9.36 31.99 -28.33
N ILE BA 49 -9.07 33.09 -27.64
CA ILE BA 49 -9.10 34.43 -28.22
C ILE BA 49 -7.74 35.07 -27.96
N THR BA 50 -6.94 35.21 -28.99
CA THR BA 50 -5.67 35.91 -28.89
C THR BA 50 -5.90 37.40 -29.06
N LEU BA 51 -4.81 38.14 -29.29
CA LEU BA 51 -4.82 39.60 -29.14
C LEU BA 51 -5.64 40.30 -30.24
N GLY BA 52 -5.46 39.90 -31.49
CA GLY BA 52 -6.07 40.65 -32.58
C GLY BA 52 -7.47 40.24 -32.95
N GLN BA 53 -8.26 39.83 -31.95
CA GLN BA 53 -9.59 39.22 -32.12
C GLN BA 53 -9.53 38.04 -33.08
N ILE BA 54 -8.49 37.22 -32.93
CA ILE BA 54 -8.30 36.04 -33.75
C ILE BA 54 -8.81 34.86 -32.94
N THR BA 55 -9.89 34.26 -33.41
CA THR BA 55 -10.57 33.20 -32.68
C THR BA 55 -10.02 31.88 -33.19
N LEU BA 56 -9.02 31.34 -32.50
CA LEU BA 56 -8.48 30.03 -32.84
C LEU BA 56 -9.49 28.99 -32.36
N SER BA 57 -10.30 28.51 -33.28
CA SER BA 57 -11.43 27.67 -32.95
C SER BA 57 -11.14 26.22 -33.33
N GLY BA 58 -12.15 25.37 -33.15
CA GLY BA 58 -12.09 24.00 -33.61
C GLY BA 58 -11.25 23.12 -32.70
N ASN BA 59 -11.47 21.81 -32.85
CA ASN BA 59 -10.74 20.81 -32.11
C ASN BA 59 -9.26 20.84 -32.50
N SER BA 60 -8.41 20.39 -31.57
CA SER BA 60 -6.97 20.21 -31.79
C SER BA 60 -6.30 21.52 -32.20
N LEU BA 61 -6.28 22.46 -31.25
CA LEU BA 61 -5.60 23.73 -31.45
C LEU BA 61 -4.11 23.53 -31.62
N VAL BA 62 -3.53 24.25 -32.57
CA VAL BA 62 -2.09 24.35 -32.71
C VAL BA 62 -1.65 25.67 -32.10
N ILE BA 63 -0.74 25.59 -31.14
CA ILE BA 63 -0.13 26.79 -30.57
C ILE BA 63 0.71 27.48 -31.64
N PRO BA 64 0.57 28.79 -31.84
CA PRO BA 64 1.36 29.49 -32.86
C PRO BA 64 2.86 29.40 -32.60
N ALA BA 65 3.63 29.61 -33.65
CA ALA BA 65 5.06 29.32 -33.61
C ALA BA 65 5.85 30.34 -32.80
N THR BA 66 5.22 31.42 -32.31
CA THR BA 66 5.91 32.46 -31.57
C THR BA 66 5.31 32.66 -30.19
N GLN BA 67 4.63 31.66 -29.64
CA GLN BA 67 3.98 31.79 -28.34
C GLN BA 67 4.25 30.58 -27.46
N ILE BA 68 4.21 30.81 -26.15
CA ILE BA 68 4.30 29.77 -25.13
C ILE BA 68 3.08 29.92 -24.26
N TRP BA 69 2.19 28.93 -24.29
CA TRP BA 69 0.97 29.02 -23.52
C TRP BA 69 1.15 28.32 -22.19
N TYR BA 70 0.41 28.78 -21.19
CA TYR BA 70 0.41 28.18 -19.85
C TYR BA 70 -1.04 27.97 -19.46
N LEU BA 71 -1.47 26.73 -19.36
CA LEU BA 71 -2.82 26.45 -18.89
C LEU BA 71 -2.78 26.38 -17.37
N THR BA 72 -3.50 27.30 -16.70
CA THR BA 72 -3.31 27.53 -15.28
C THR BA 72 -4.54 27.36 -14.40
N ASP BA 73 -5.74 27.56 -14.93
CA ASP BA 73 -6.92 27.61 -14.06
C ASP BA 73 -8.12 27.11 -14.83
N ALA BA 74 -9.14 26.66 -14.10
CA ALA BA 74 -10.37 26.21 -14.71
C ALA BA 74 -11.52 26.41 -13.73
N TYR BA 75 -12.67 26.77 -14.28
CA TYR BA 75 -13.86 27.03 -13.47
C TYR BA 75 -15.08 26.90 -14.34
N VAL BA 76 -16.24 26.83 -13.70
CA VAL BA 76 -17.52 26.60 -14.35
C VAL BA 76 -18.50 27.63 -13.83
N SER BA 77 -19.24 28.28 -14.73
CA SER BA 77 -20.15 29.32 -14.33
C SER BA 77 -21.36 28.75 -13.58
N VAL BA 78 -22.13 29.66 -12.99
CA VAL BA 78 -23.27 29.25 -12.16
C VAL BA 78 -24.43 28.66 -12.96
N PRO BA 79 -24.89 29.24 -14.09
CA PRO BA 79 -25.97 28.56 -14.83
C PRO BA 79 -25.56 27.26 -15.51
N ASP BA 80 -24.27 26.95 -15.58
CA ASP BA 80 -23.86 25.61 -15.99
C ASP BA 80 -23.95 24.63 -14.82
N TYR BA 81 -23.57 25.07 -13.62
CA TYR BA 81 -23.55 24.19 -12.46
C TYR BA 81 -24.96 23.85 -11.99
N THR BA 82 -25.91 24.76 -12.16
CA THR BA 82 -27.30 24.43 -11.85
C THR BA 82 -27.94 23.57 -12.93
N ASN BA 83 -27.27 23.36 -14.05
CA ASN BA 83 -27.74 22.42 -15.06
C ASN BA 83 -27.22 21.02 -14.81
N ILE BA 84 -26.07 20.89 -14.15
CA ILE BA 84 -25.54 19.58 -13.81
C ILE BA 84 -26.39 18.94 -12.70
N THR BA 85 -26.72 19.73 -11.68
CA THR BA 85 -27.47 19.20 -10.54
C THR BA 85 -28.92 18.88 -10.88
N ASN BA 86 -29.46 19.47 -11.94
CA ASN BA 86 -30.82 19.17 -12.37
C ASN BA 86 -30.86 18.13 -13.47
N GLY BA 87 -29.70 17.63 -13.90
CA GLY BA 87 -29.68 16.66 -14.97
C GLY BA 87 -29.89 17.25 -16.34
N ALA BA 88 -29.60 18.54 -16.52
CA ALA BA 88 -29.73 19.17 -17.82
C ALA BA 88 -28.46 19.09 -18.65
N GLU BA 89 -27.32 18.77 -18.04
CA GLU BA 89 -26.13 18.44 -18.80
C GLU BA 89 -25.29 17.48 -17.99
N ALA BA 90 -24.36 16.82 -18.68
CA ALA BA 90 -23.63 15.69 -18.12
C ALA BA 90 -22.44 16.15 -17.31
N ASP BA 91 -22.17 15.42 -16.24
CA ASP BA 91 -20.95 15.59 -15.46
C ASP BA 91 -19.86 14.70 -16.03
N GLY BA 92 -18.65 14.81 -15.50
CA GLY BA 92 -17.54 14.00 -15.96
C GLY BA 92 -16.24 14.72 -15.69
N VAL BA 93 -15.16 14.18 -16.24
CA VAL BA 93 -13.84 14.79 -16.09
C VAL BA 93 -13.37 15.27 -17.45
N ILE BA 94 -12.23 15.97 -17.48
CA ILE BA 94 -11.65 16.45 -18.73
C ILE BA 94 -10.19 16.02 -18.76
N LEU BA 95 -9.83 15.29 -19.81
CA LEU BA 95 -8.46 14.85 -20.02
C LEU BA 95 -7.75 15.85 -20.91
N ILE BA 96 -6.49 16.15 -20.60
CA ILE BA 96 -5.72 17.15 -21.33
C ILE BA 96 -4.50 16.47 -21.93
N TYR BA 97 -4.48 16.31 -23.25
CA TYR BA 97 -3.39 15.69 -23.97
C TYR BA 97 -2.54 16.74 -24.65
N LYS BA 98 -1.22 16.56 -24.59
CA LYS BA 98 -0.26 17.41 -25.29
C LYS BA 98 0.43 16.57 -26.36
N ASP BA 99 0.40 17.09 -27.60
CA ASP BA 99 0.89 16.47 -28.84
C ASP BA 99 0.14 15.19 -29.20
N GLY BA 100 -1.03 14.94 -28.61
CA GLY BA 100 -1.78 13.73 -28.84
C GLY BA 100 -1.22 12.47 -28.22
N VAL BA 101 -0.05 12.53 -27.62
CA VAL BA 101 0.59 11.35 -27.05
C VAL BA 101 0.62 11.48 -25.53
N LYS BA 102 1.29 12.52 -25.05
CA LYS BA 102 1.46 12.70 -23.62
C LYS BA 102 0.16 13.20 -23.02
N LEU BA 103 -0.30 12.53 -21.96
CA LEU BA 103 -1.37 13.07 -21.12
C LEU BA 103 -0.76 13.95 -20.05
N MET BA 104 -1.36 15.11 -19.81
CA MET BA 104 -0.85 16.09 -18.86
C MET BA 104 -1.55 16.04 -17.51
N LEU BA 105 -2.87 16.17 -17.50
CA LEU BA 105 -3.62 16.22 -16.26
C LEU BA 105 -4.98 15.58 -16.48
N THR BA 106 -5.78 15.55 -15.42
CA THR BA 106 -7.17 15.16 -15.47
C THR BA 106 -7.92 16.07 -14.52
N THR BA 107 -8.90 16.79 -15.04
CA THR BA 107 -9.59 17.75 -14.19
C THR BA 107 -10.57 17.04 -13.28
N PRO BA 108 -10.57 17.33 -11.99
CA PRO BA 108 -11.47 16.64 -11.07
C PRO BA 108 -12.93 17.09 -11.13
N LEU BA 109 -13.74 16.44 -11.97
CA LEU BA 109 -15.20 16.48 -11.86
C LEU BA 109 -15.82 17.86 -12.00
N ILE BA 110 -15.93 18.36 -13.24
CA ILE BA 110 -16.29 19.74 -13.59
C ILE BA 110 -17.49 20.35 -12.87
N SER BA 111 -18.36 19.52 -12.29
CA SER BA 111 -19.36 20.04 -11.37
C SER BA 111 -18.76 20.54 -10.06
N SER BA 112 -17.59 20.03 -9.67
CA SER BA 112 -16.99 20.36 -8.39
C SER BA 112 -16.00 21.51 -8.46
N MET BA 113 -15.60 21.92 -9.66
CA MET BA 113 -14.89 23.18 -9.81
C MET BA 113 -15.81 24.31 -10.23
N SER BA 114 -17.09 24.21 -9.86
CA SER BA 114 -18.03 25.29 -10.05
C SER BA 114 -17.62 26.50 -9.24
N ILE BA 115 -18.15 27.66 -9.63
CA ILE BA 115 -17.71 28.90 -9.03
C ILE BA 115 -18.68 29.40 -7.97
N SER BA 116 -19.87 28.82 -7.89
CA SER BA 116 -20.86 29.25 -6.90
C SER BA 116 -20.63 28.65 -5.52
N ASN BA 117 -19.61 27.83 -5.35
CA ASN BA 117 -19.28 27.23 -4.07
C ASN BA 117 -18.13 27.97 -3.42
N PRO BA 118 -18.13 28.12 -2.10
CA PRO BA 118 -17.06 28.89 -1.44
C PRO BA 118 -15.72 28.18 -1.37
N ALA BA 119 -15.66 26.88 -1.63
CA ALA BA 119 -14.42 26.13 -1.45
C ALA BA 119 -14.18 25.17 -2.60
N ARG BA 120 -14.26 25.67 -3.83
CA ARG BA 120 -14.14 24.83 -5.02
C ARG BA 120 -12.74 24.23 -5.14
N THR BA 121 -12.66 23.17 -5.95
CA THR BA 121 -11.41 22.48 -6.14
C THR BA 121 -10.54 23.20 -7.18
N HIS BA 122 -9.27 22.82 -7.23
CA HIS BA 122 -8.29 23.45 -8.09
C HIS BA 122 -7.71 22.40 -9.03
N LEU BA 123 -6.85 22.87 -9.94
CA LEU BA 123 -6.02 21.95 -10.70
C LEU BA 123 -4.77 21.61 -9.92
N ALA BA 124 -4.01 20.65 -10.44
CA ALA BA 124 -2.83 20.17 -9.75
C ALA BA 124 -1.55 20.88 -10.15
N GLN BA 125 -1.45 21.38 -11.38
CA GLN BA 125 -0.21 21.99 -11.85
C GLN BA 125 -0.53 22.83 -13.07
N ALA BA 126 0.29 23.86 -13.29
CA ALA BA 126 0.18 24.73 -14.45
C ALA BA 126 0.91 24.08 -15.62
N VAL BA 127 0.17 23.72 -16.66
CA VAL BA 127 0.70 22.97 -17.79
C VAL BA 127 1.30 23.94 -18.80
N LYS BA 128 2.54 23.71 -19.19
CA LYS BA 128 3.17 24.53 -20.21
C LYS BA 128 2.90 23.94 -21.60
N TYR BA 129 2.96 24.81 -22.61
CA TYR BA 129 2.79 24.37 -23.99
C TYR BA 129 3.79 25.14 -24.85
N SER BA 130 4.67 24.40 -25.50
CA SER BA 130 5.84 24.95 -26.17
C SER BA 130 5.42 25.65 -27.46
N PRO BA 131 6.38 26.28 -28.17
CA PRO BA 131 6.15 26.56 -29.59
C PRO BA 131 5.82 25.29 -30.37
N GLN BA 132 5.28 25.50 -31.57
CA GLN BA 132 4.08 24.83 -32.07
C GLN BA 132 3.85 23.39 -31.62
N SER BA 133 2.67 23.16 -31.05
CA SER BA 133 2.30 21.89 -30.44
C SER BA 133 0.78 21.80 -30.48
N ILE BA 134 0.27 20.60 -30.27
CA ILE BA 134 -1.15 20.32 -30.48
C ILE BA 134 -1.79 20.12 -29.12
N LEU BA 135 -2.63 21.07 -28.71
CA LEU BA 135 -3.42 20.96 -27.49
C LEU BA 135 -4.79 20.37 -27.83
N THR BA 136 -5.11 19.23 -27.23
CA THR BA 136 -6.42 18.62 -27.43
C THR BA 136 -6.97 18.15 -26.09
N MET BA 137 -8.29 18.14 -25.99
CA MET BA 137 -8.99 17.80 -24.76
C MET BA 137 -10.13 16.84 -25.05
N TYR BA 138 -10.48 16.04 -24.04
CA TYR BA 138 -11.58 15.09 -24.14
C TYR BA 138 -12.38 15.11 -22.85
N PHE BA 139 -13.69 14.96 -23.00
CA PHE BA 139 -14.63 14.96 -21.88
C PHE BA 139 -15.12 13.54 -21.71
N ASN BA 140 -14.69 12.89 -20.62
CA ASN BA 140 -15.03 11.51 -20.32
C ASN BA 140 -16.18 11.48 -19.33
N PRO BA 141 -17.43 11.39 -19.78
CA PRO BA 141 -18.54 11.69 -18.88
C PRO BA 141 -18.93 10.53 -17.99
N THR BA 142 -19.19 10.87 -16.72
CA THR BA 142 -19.79 9.98 -15.76
C THR BA 142 -21.06 10.63 -15.25
N LYS BA 143 -22.08 9.80 -14.99
CA LYS BA 143 -23.45 10.19 -14.64
C LYS BA 143 -24.00 11.17 -15.67
N PRO BA 144 -24.35 10.70 -16.87
CA PRO BA 144 -24.65 11.63 -17.96
C PRO BA 144 -26.02 12.27 -17.88
N ALA BA 145 -26.34 13.09 -18.88
CA ALA BA 145 -27.58 13.85 -18.89
C ALA BA 145 -28.76 12.93 -19.11
N THR BA 146 -29.85 13.21 -18.41
CA THR BA 146 -31.05 12.38 -18.49
C THR BA 146 -32.31 13.17 -18.84
N ALA BA 147 -32.39 14.43 -18.43
CA ALA BA 147 -33.63 15.18 -18.57
C ALA BA 147 -33.84 15.61 -20.02
N SER BA 148 -35.08 16.00 -20.32
CA SER BA 148 -35.39 16.57 -21.61
C SER BA 148 -34.89 18.02 -21.67
N THR BA 149 -34.78 18.53 -22.89
CA THR BA 149 -34.26 19.87 -23.22
C THR BA 149 -32.88 20.09 -22.60
N SER BA 150 -31.98 19.15 -22.90
CA SER BA 150 -30.64 19.18 -22.34
C SER BA 150 -29.74 20.14 -23.12
N TYR BA 151 -28.60 20.44 -22.52
CA TYR BA 151 -27.72 21.51 -23.00
C TYR BA 151 -26.31 20.99 -23.21
N PRO BA 152 -25.53 21.65 -24.07
CA PRO BA 152 -24.11 21.30 -24.19
C PRO BA 152 -23.31 21.76 -22.97
N ASN BA 153 -22.14 21.16 -22.80
CA ASN BA 153 -21.27 21.54 -21.70
C ASN BA 153 -20.41 22.74 -22.08
N THR BA 154 -19.92 23.44 -21.06
CA THR BA 154 -19.03 24.58 -21.24
C THR BA 154 -18.12 24.67 -20.03
N VAL BA 155 -16.80 24.70 -20.27
CA VAL BA 155 -15.81 24.82 -19.21
C VAL BA 155 -14.79 25.87 -19.63
N TYR BA 156 -14.65 26.91 -18.82
CA TYR BA 156 -13.71 27.99 -19.12
C TYR BA 156 -12.36 27.69 -18.50
N PHE BA 157 -11.31 28.14 -19.17
CA PHE BA 157 -9.94 27.99 -18.69
C PHE BA 157 -9.33 29.38 -18.54
N THR BA 158 -8.04 29.42 -18.24
CA THR BA 158 -7.32 30.69 -18.17
C THR BA 158 -5.89 30.46 -18.62
N VAL BA 159 -5.47 31.16 -19.66
CA VAL BA 159 -4.21 30.90 -20.33
C VAL BA 159 -3.29 32.09 -20.10
N VAL BA 160 -2.04 31.82 -19.72
CA VAL BA 160 -1.01 32.85 -19.69
C VAL BA 160 -0.16 32.70 -20.94
N VAL BA 161 -0.16 33.73 -21.78
CA VAL BA 161 0.40 33.68 -23.13
C VAL BA 161 1.68 34.51 -23.16
N VAL BA 162 2.77 33.90 -23.60
CA VAL BA 162 4.05 34.60 -23.72
C VAL BA 162 4.33 34.76 -25.21
N ASP BA 163 3.98 35.92 -25.75
CA ASP BA 163 4.13 36.17 -27.18
C ASP BA 163 5.51 36.74 -27.47
N PHE BA 164 6.06 36.36 -28.61
CA PHE BA 164 7.41 36.74 -28.98
C PHE BA 164 7.49 37.42 -30.34
N SER BA 165 6.34 37.76 -30.94
CA SER BA 165 6.30 38.16 -32.34
C SER BA 165 6.94 39.51 -32.59
N TYR BA 166 7.13 40.33 -31.56
CA TYR BA 166 7.64 41.69 -31.72
C TYR BA 166 9.05 41.86 -31.18
N ALA BA 167 9.83 40.79 -31.17
CA ALA BA 167 11.23 40.94 -30.76
C ALA BA 167 12.07 41.40 -31.94
N GLN BA 168 13.39 41.45 -31.73
CA GLN BA 168 14.28 41.85 -32.80
C GLN BA 168 14.41 40.78 -33.88
N ASN BA 169 14.33 39.50 -33.50
CA ASN BA 169 14.44 38.39 -34.44
C ASN BA 169 13.62 37.23 -33.90
N PRO BA 170 12.33 37.16 -34.23
CA PRO BA 170 11.47 36.17 -33.58
C PRO BA 170 11.38 34.82 -34.28
N ALA BA 171 12.47 34.05 -34.34
CA ALA BA 171 12.41 32.79 -35.08
C ALA BA 171 12.84 31.61 -34.23
N ARG BA 172 13.91 31.80 -33.46
CA ARG BA 172 14.48 30.77 -32.62
C ARG BA 172 14.56 31.24 -31.17
N ALA BA 173 14.38 32.53 -30.91
CA ALA BA 173 14.37 33.04 -29.54
C ALA BA 173 13.17 32.53 -28.76
N VAL BA 174 12.10 32.14 -29.45
CA VAL BA 174 10.93 31.63 -28.75
C VAL BA 174 11.13 30.22 -28.22
N VAL BA 175 12.13 29.49 -28.72
CA VAL BA 175 12.36 28.13 -28.25
C VAL BA 175 13.55 28.07 -27.29
N SER BA 176 14.53 28.96 -27.44
CA SER BA 176 15.58 29.05 -26.42
C SER BA 176 15.03 29.59 -25.11
N ALA BA 177 14.14 30.58 -25.18
CA ALA BA 177 13.45 31.05 -24.00
C ALA BA 177 12.37 30.07 -23.54
N ASN BA 178 12.02 29.09 -24.37
CA ASN BA 178 11.18 28.01 -23.90
C ASN BA 178 12.00 27.00 -23.09
N ALA BA 179 13.26 26.79 -23.46
CA ALA BA 179 14.05 25.77 -22.79
C ALA BA 179 14.65 26.30 -21.49
N VAL BA 180 14.92 27.60 -21.42
CA VAL BA 180 15.54 28.16 -20.22
C VAL BA 180 14.54 28.22 -19.07
N MET BA 181 13.25 28.11 -19.36
CA MET BA 181 12.23 28.05 -18.34
C MET BA 181 12.06 26.63 -17.82
N SER CA 4 -7.46 42.43 11.22
CA SER CA 4 -6.54 41.45 11.81
C SER CA 4 -5.24 42.12 12.22
N VAL CA 5 -5.11 43.42 11.90
CA VAL CA 5 -3.89 44.15 12.16
C VAL CA 5 -3.87 44.73 13.57
N THR CA 6 -4.93 44.53 14.35
CA THR CA 6 -5.03 45.13 15.68
C THR CA 6 -4.00 44.57 16.64
N GLN CA 7 -3.71 43.27 16.53
CA GLN CA 7 -2.78 42.66 17.48
C GLN CA 7 -1.33 42.97 17.16
N GLN CA 8 -1.01 43.40 15.94
CA GLN CA 8 0.37 43.72 15.62
C GLN CA 8 0.72 45.16 16.00
N VAL CA 9 -0.23 46.08 15.86
CA VAL CA 9 0.02 47.46 16.25
C VAL CA 9 -0.11 47.65 17.76
N PHE CA 10 -0.77 46.73 18.46
CA PHE CA 10 -0.95 46.89 19.89
C PHE CA 10 0.34 46.58 20.63
N ASN CA 11 1.01 45.48 20.25
CA ASN CA 11 2.31 45.15 20.82
C ASN CA 11 3.40 46.07 20.35
N PHE CA 12 3.22 46.74 19.22
CA PHE CA 12 4.18 47.76 18.83
C PHE CA 12 4.06 48.99 19.71
N ALA CA 13 2.86 49.29 20.19
CA ALA CA 13 2.69 50.43 21.08
C ALA CA 13 3.18 50.12 22.49
N VAL CA 14 2.78 48.99 23.06
CA VAL CA 14 3.13 48.68 24.46
C VAL CA 14 4.59 48.30 24.64
N THR CA 15 5.34 48.12 23.56
CA THR CA 15 6.77 47.94 23.67
C THR CA 15 7.52 49.26 23.52
N LYS CA 16 7.08 50.09 22.57
CA LYS CA 16 7.81 51.32 22.29
C LYS CA 16 7.42 52.47 23.21
N SER CA 17 6.15 52.56 23.61
CA SER CA 17 5.71 53.63 24.50
C SER CA 17 5.95 53.30 25.96
N GLN CA 18 6.49 52.14 26.26
CA GLN CA 18 6.77 51.73 27.63
C GLN CA 18 8.00 52.37 28.27
N PRO CA 19 9.14 52.60 27.59
CA PRO CA 19 10.21 53.35 28.26
C PRO CA 19 9.92 54.82 28.50
N PHE CA 20 8.95 55.41 27.81
CA PHE CA 20 8.58 56.80 28.04
C PHE CA 20 7.46 56.95 29.05
N GLY CA 21 6.86 55.85 29.48
CA GLY CA 21 5.68 55.93 30.30
C GLY CA 21 4.51 55.97 29.37
N GLY CA 22 3.68 54.94 29.37
CA GLY CA 22 2.71 54.80 28.32
C GLY CA 22 1.55 53.94 28.73
N TYR CA 23 0.36 54.37 28.36
CA TYR CA 23 -0.87 53.73 28.83
C TYR CA 23 -1.71 53.42 27.60
N VAL CA 24 -1.65 52.19 27.13
CA VAL CA 24 -2.22 51.80 25.84
C VAL CA 24 -3.47 50.98 26.09
N TYR CA 25 -4.55 51.30 25.38
CA TYR CA 25 -5.77 50.52 25.43
C TYR CA 25 -6.50 50.68 24.11
N SER CA 26 -7.73 50.18 24.06
CA SER CA 26 -8.52 50.18 22.84
C SER CA 26 -9.91 50.71 23.11
N THR CA 27 -10.61 51.10 22.04
CA THR CA 27 -11.94 51.68 22.15
C THR CA 27 -12.72 51.42 20.87
N ASN CA 28 -13.85 52.10 20.74
CA ASN CA 28 -14.78 51.90 19.63
C ASN CA 28 -15.19 53.24 19.05
N LEU CA 29 -15.08 53.38 17.72
CA LEU CA 29 -15.49 54.58 17.01
C LEU CA 29 -16.69 54.26 16.13
N THR CA 30 -17.67 55.15 16.11
CA THR CA 30 -18.90 54.95 15.36
C THR CA 30 -19.05 56.06 14.34
N ALA CA 31 -19.05 55.70 13.06
CA ALA CA 31 -19.21 56.65 11.97
C ALA CA 31 -20.55 56.37 11.30
N SER CA 32 -21.39 57.40 11.17
CA SER CA 32 -22.75 57.21 10.70
C SER CA 32 -23.19 58.41 9.89
N THR CA 33 -23.37 58.22 8.59
CA THR CA 33 -23.96 59.26 7.74
C THR CA 33 -25.45 59.31 8.02
N SER CA 34 -25.99 60.51 8.20
CA SER CA 34 -27.40 60.64 8.52
C SER CA 34 -28.26 60.59 7.27
N SER CA 35 -29.47 60.03 7.44
CA SER CA 35 -30.64 60.33 6.62
C SER CA 35 -30.52 59.85 5.17
N ALA CA 36 -30.14 58.58 4.99
CA ALA CA 36 -30.47 57.77 3.81
C ALA CA 36 -29.89 58.35 2.52
N VAL CA 37 -28.56 58.28 2.41
CA VAL CA 37 -27.85 58.85 1.26
C VAL CA 37 -28.28 58.16 -0.04
N THR CA 38 -28.77 58.98 -0.99
CA THR CA 38 -29.23 58.48 -2.29
C THR CA 38 -28.59 59.16 -3.50
N SER CA 39 -27.87 60.26 -3.34
CA SER CA 39 -27.41 60.99 -4.51
C SER CA 39 -25.89 61.13 -4.60
N THR CA 40 -25.22 61.72 -3.61
CA THR CA 40 -23.87 62.23 -3.81
C THR CA 40 -23.07 62.02 -2.53
N GLN CA 41 -21.87 62.62 -2.48
CA GLN CA 41 -20.92 62.39 -1.40
C GLN CA 41 -21.41 63.00 -0.09
N LEU CA 42 -21.52 62.18 0.95
CA LEU CA 42 -22.02 62.59 2.25
C LEU CA 42 -20.92 62.61 3.29
N THR CA 43 -21.28 63.09 4.48
CA THR CA 43 -20.36 63.26 5.60
C THR CA 43 -20.83 62.41 6.78
N PRO CA 44 -20.01 61.49 7.31
CA PRO CA 44 -20.43 60.73 8.48
C PRO CA 44 -20.13 61.47 9.77
N LEU CA 45 -21.02 61.28 10.75
CA LEU CA 45 -20.87 61.85 12.08
C LEU CA 45 -19.97 60.93 12.89
N ASN CA 46 -18.75 61.37 13.16
CA ASN CA 46 -17.88 60.58 14.03
C ASN CA 46 -18.36 60.68 15.48
N LEU CA 47 -18.15 59.60 16.22
CA LEU CA 47 -18.49 59.55 17.65
C LEU CA 47 -17.53 58.58 18.32
N SER CA 48 -16.59 59.10 19.08
CA SER CA 48 -15.64 58.27 19.79
C SER CA 48 -15.91 58.33 21.28
N ILE CA 49 -15.51 57.27 22.00
CA ILE CA 49 -15.72 57.17 23.44
C ILE CA 49 -14.36 56.89 24.05
N THR CA 50 -13.76 57.89 24.68
CA THR CA 50 -12.56 57.68 25.45
C THR CA 50 -12.96 57.19 26.85
N LEU CA 51 -12.02 57.18 27.81
CA LEU CA 51 -12.24 56.48 29.08
C LEU CA 51 -13.32 57.15 29.92
N GLY CA 52 -13.14 58.42 30.29
CA GLY CA 52 -14.04 59.06 31.25
C GLY CA 52 -15.39 59.50 30.71
N GLN CA 53 -16.00 58.64 29.88
CA GLN CA 53 -17.14 58.97 29.03
C GLN CA 53 -16.93 60.30 28.30
N ILE CA 54 -15.73 60.45 27.75
CA ILE CA 54 -15.33 61.62 26.98
C ILE CA 54 -15.89 61.42 25.58
N THR CA 55 -17.10 61.89 25.36
CA THR CA 55 -17.83 61.59 24.14
C THR CA 55 -17.53 62.71 23.13
N LEU CA 56 -16.41 62.56 22.43
CA LEU CA 56 -16.11 63.48 21.34
C LEU CA 56 -17.01 63.15 20.16
N SER CA 57 -17.89 64.07 19.83
CA SER CA 57 -18.90 63.76 18.82
C SER CA 57 -18.87 64.78 17.68
N GLY CA 58 -19.84 64.69 16.78
CA GLY CA 58 -19.89 65.58 15.64
C GLY CA 58 -18.84 65.23 14.60
N ASN CA 59 -18.86 66.00 13.52
CA ASN CA 59 -17.90 65.80 12.44
C ASN CA 59 -16.52 66.26 12.87
N SER CA 60 -15.49 65.63 12.30
CA SER CA 60 -14.10 66.09 12.27
C SER CA 60 -13.52 66.28 13.68
N LEU CA 61 -13.32 65.16 14.37
CA LEU CA 61 -12.82 65.17 15.73
C LEU CA 61 -11.39 65.68 15.81
N VAL CA 62 -11.01 66.22 16.96
CA VAL CA 62 -9.67 66.70 17.25
C VAL CA 62 -9.05 65.75 18.26
N ILE CA 63 -7.82 65.35 18.02
CA ILE CA 63 -7.13 64.42 18.93
C ILE CA 63 -6.64 65.20 20.15
N PRO CA 64 -6.85 64.70 21.38
CA PRO CA 64 -6.29 65.37 22.56
C PRO CA 64 -4.76 65.40 22.55
N ALA CA 65 -4.21 66.34 23.30
CA ALA CA 65 -2.81 66.73 23.14
C ALA CA 65 -1.83 65.77 23.80
N THR CA 66 -2.28 64.69 24.42
CA THR CA 66 -1.37 63.74 25.05
C THR CA 66 -1.63 62.30 24.62
N GLN CA 67 -2.28 62.11 23.47
CA GLN CA 67 -2.58 60.77 22.99
C GLN CA 67 -2.09 60.60 21.56
N ILE CA 68 -1.81 59.36 21.20
CA ILE CA 68 -1.47 58.96 19.84
C ILE CA 68 -2.46 57.88 19.45
N TRP CA 69 -3.29 58.15 18.45
CA TRP CA 69 -4.31 57.20 18.08
C TRP CA 69 -3.80 56.27 16.98
N TYR CA 70 -4.59 55.25 16.68
CA TYR CA 70 -4.28 54.30 15.60
C TYR CA 70 -5.59 53.72 15.11
N LEU CA 71 -5.92 53.93 13.85
CA LEU CA 71 -7.15 53.41 13.28
C LEU CA 71 -6.83 52.11 12.55
N THR CA 72 -7.33 50.99 13.06
CA THR CA 72 -6.83 49.68 12.68
C THR CA 72 -7.77 48.88 11.79
N ASP CA 73 -9.00 48.60 12.22
CA ASP CA 73 -9.93 47.80 11.44
C ASP CA 73 -11.31 48.42 11.46
N ALA CA 74 -12.25 47.79 10.77
CA ALA CA 74 -13.63 48.23 10.71
C ALA CA 74 -14.50 47.04 10.34
N TYR CA 75 -15.80 47.18 10.64
CA TYR CA 75 -16.74 46.09 10.42
C TYR CA 75 -18.14 46.65 10.30
N VAL CA 76 -19.03 45.85 9.72
CA VAL CA 76 -20.43 46.21 9.47
C VAL CA 76 -21.30 45.07 9.95
N SER CA 77 -22.25 45.36 10.82
CA SER CA 77 -23.08 44.32 11.41
C SER CA 77 -24.14 43.84 10.41
N VAL CA 78 -24.71 42.66 10.69
CA VAL CA 78 -25.64 41.97 9.79
C VAL CA 78 -26.96 42.71 9.56
N PRO CA 79 -27.63 43.32 10.55
CA PRO CA 79 -28.80 44.16 10.21
C PRO CA 79 -28.49 45.39 9.36
N ASP CA 80 -27.22 45.76 9.20
CA ASP CA 80 -26.86 46.71 8.16
C ASP CA 80 -26.63 46.01 6.83
N TYR CA 81 -26.05 44.81 6.85
CA TYR CA 81 -25.73 44.11 5.60
C TYR CA 81 -26.97 43.58 4.91
N THR CA 82 -28.03 43.27 5.66
CA THR CA 82 -29.28 42.90 5.00
C THR CA 82 -30.03 44.10 4.49
N ASN CA 83 -29.62 45.31 4.88
CA ASN CA 83 -30.21 46.51 4.30
C ASN CA 83 -29.52 46.92 3.02
N ILE CA 84 -28.22 46.60 2.87
CA ILE CA 84 -27.52 46.92 1.63
C ILE CA 84 -28.05 46.07 0.49
N THR CA 85 -28.17 44.76 0.71
CA THR CA 85 -28.58 43.86 -0.35
C THR CA 85 -30.07 43.94 -0.65
N ASN CA 86 -30.85 44.53 0.24
CA ASN CA 86 -32.26 44.81 -0.05
C ASN CA 86 -32.46 46.19 -0.66
N GLY CA 87 -31.37 46.94 -0.86
CA GLY CA 87 -31.50 48.28 -1.42
C GLY CA 87 -32.03 49.31 -0.45
N ALA CA 88 -31.89 49.07 0.85
CA ALA CA 88 -32.39 50.01 1.85
C ALA CA 88 -31.33 50.97 2.35
N GLU CA 89 -30.06 50.73 2.07
CA GLU CA 89 -29.03 51.71 2.39
C GLU CA 89 -27.88 51.57 1.40
N ALA CA 90 -27.09 52.62 1.29
CA ALA CA 90 -26.17 52.77 0.19
C ALA CA 90 -24.89 51.97 0.40
N ASP CA 91 -24.30 51.53 -0.71
CA ASP CA 91 -22.99 50.91 -0.72
C ASP CA 91 -21.95 52.00 -0.93
N GLY CA 92 -20.68 51.62 -1.03
CA GLY CA 92 -19.62 52.54 -1.37
C GLY CA 92 -18.48 52.44 -0.41
N VAL CA 93 -17.50 53.34 -0.58
CA VAL CA 93 -16.29 53.31 0.22
C VAL CA 93 -16.27 54.52 1.15
N ILE CA 94 -15.33 54.55 2.09
CA ILE CA 94 -15.22 55.63 3.06
C ILE CA 94 -13.78 56.16 3.00
N LEU CA 95 -13.64 57.46 2.75
CA LEU CA 95 -12.34 58.09 2.60
C LEU CA 95 -11.91 58.67 3.93
N ILE CA 96 -10.63 58.48 4.27
CA ILE CA 96 -10.10 58.87 5.57
C ILE CA 96 -9.08 59.98 5.35
N TYR CA 97 -9.35 61.16 5.89
CA TYR CA 97 -8.45 62.30 5.79
C TYR CA 97 -7.76 62.58 7.11
N LYS CA 98 -6.63 63.26 7.02
CA LYS CA 98 -5.89 63.74 8.19
C LYS CA 98 -5.48 65.17 7.93
N ASP CA 99 -5.73 66.06 8.91
CA ASP CA 99 -5.57 67.52 8.84
C ASP CA 99 -6.42 68.15 7.75
N GLY CA 100 -7.47 67.47 7.27
CA GLY CA 100 -8.33 68.00 6.24
C GLY CA 100 -7.75 68.07 4.85
N VAL CA 101 -6.46 67.76 4.66
CA VAL CA 101 -5.78 67.91 3.39
C VAL CA 101 -5.45 66.56 2.75
N LYS CA 102 -4.67 65.73 3.42
CA LYS CA 102 -4.19 64.50 2.81
C LYS CA 102 -5.24 63.41 2.92
N LEU CA 103 -5.45 62.69 1.82
CA LEU CA 103 -6.22 61.45 1.85
C LEU CA 103 -5.26 60.30 2.07
N MET CA 104 -5.50 59.52 3.12
CA MET CA 104 -4.52 58.52 3.52
C MET CA 104 -4.94 57.08 3.23
N LEU CA 105 -6.22 56.77 3.21
CA LEU CA 105 -6.66 55.41 3.02
C LEU CA 105 -8.06 55.45 2.43
N THR CA 106 -8.50 54.32 1.87
CA THR CA 106 -9.88 54.16 1.42
C THR CA 106 -10.35 52.79 1.84
N THR CA 107 -11.42 52.75 2.62
CA THR CA 107 -11.93 51.48 3.14
C THR CA 107 -12.58 50.69 2.03
N PRO CA 108 -12.23 49.42 1.86
CA PRO CA 108 -12.68 48.67 0.67
C PRO CA 108 -14.14 48.23 0.71
N LEU CA 109 -15.05 49.11 0.28
CA LEU CA 109 -16.42 48.74 -0.08
C LEU CA 109 -17.21 48.14 1.07
N ILE CA 110 -17.72 48.98 1.98
CA ILE CA 110 -18.28 48.62 3.29
C ILE CA 110 -19.29 47.46 3.31
N SER CA 111 -19.88 47.11 2.17
CA SER CA 111 -20.64 45.88 2.10
C SER CA 111 -19.74 44.64 2.15
N SER CA 112 -18.49 44.77 1.72
CA SER CA 112 -17.52 43.68 1.76
C SER CA 112 -16.73 43.63 3.04
N MET CA 113 -16.96 44.56 3.96
CA MET CA 113 -16.33 44.51 5.27
C MET CA 113 -17.26 43.93 6.31
N SER CA 114 -18.38 43.34 5.88
CA SER CA 114 -19.41 42.91 6.78
C SER CA 114 -18.97 41.72 7.60
N ILE CA 115 -19.75 41.42 8.63
CA ILE CA 115 -19.35 40.42 9.61
C ILE CA 115 -19.80 39.02 9.17
N SER CA 116 -20.59 38.91 8.10
CA SER CA 116 -21.00 37.63 7.57
C SER CA 116 -20.28 37.22 6.30
N ASN CA 117 -19.30 37.99 5.83
CA ASN CA 117 -18.46 37.53 4.73
C ASN CA 117 -17.40 36.59 5.27
N PRO CA 118 -17.31 35.35 4.78
CA PRO CA 118 -16.24 34.46 5.23
C PRO CA 118 -14.85 34.95 4.84
N ALA CA 119 -14.72 35.66 3.74
CA ALA CA 119 -13.50 36.42 3.45
C ALA CA 119 -13.78 37.89 3.77
N ARG CA 120 -13.77 38.20 5.07
CA ARG CA 120 -13.98 39.59 5.48
C ARG CA 120 -12.71 40.38 5.24
N THR CA 121 -12.82 41.44 4.45
CA THR CA 121 -11.67 42.29 4.17
C THR CA 121 -11.43 43.25 5.33
N HIS CA 122 -10.17 43.36 5.72
CA HIS CA 122 -9.74 44.28 6.77
C HIS CA 122 -9.11 45.49 6.12
N LEU CA 123 -8.62 46.41 6.94
CA LEU CA 123 -7.82 47.50 6.41
C LEU CA 123 -6.41 47.01 6.10
N ALA CA 124 -5.74 47.74 5.22
CA ALA CA 124 -4.39 47.32 4.80
C ALA CA 124 -3.36 47.65 5.87
N GLN CA 125 -3.25 48.93 6.23
CA GLN CA 125 -2.29 49.37 7.23
C GLN CA 125 -2.97 50.38 8.13
N ALA CA 126 -2.67 50.30 9.42
CA ALA CA 126 -3.25 51.22 10.39
C ALA CA 126 -2.64 52.60 10.25
N VAL CA 127 -3.49 53.62 10.25
CA VAL CA 127 -3.07 54.99 9.99
C VAL CA 127 -2.77 55.68 11.33
N LYS CA 128 -1.50 55.99 11.54
CA LYS CA 128 -1.07 56.61 12.79
C LYS CA 128 -1.56 58.05 12.86
N TYR CA 129 -2.18 58.41 13.98
CA TYR CA 129 -2.66 59.76 14.21
C TYR CA 129 -1.94 60.35 15.40
N SER CA 130 -1.27 61.47 15.18
CA SER CA 130 -0.43 62.13 16.17
C SER CA 130 -1.32 62.96 17.10
N PRO CA 131 -0.74 63.72 18.05
CA PRO CA 131 -1.49 64.82 18.67
C PRO CA 131 -1.97 65.85 17.65
N GLN CA 132 -2.76 66.79 18.17
CA GLN CA 132 -4.01 67.28 17.58
C GLN CA 132 -3.97 67.39 16.07
N SER CA 133 -4.83 66.63 15.42
CA SER CA 133 -4.86 66.48 13.97
C SER CA 133 -6.28 66.11 13.61
N ILE CA 134 -6.92 66.91 12.77
CA ILE CA 134 -8.35 66.81 12.55
C ILE CA 134 -8.64 65.55 11.73
N LEU CA 135 -9.30 64.59 12.36
CA LEU CA 135 -9.67 63.33 11.73
C LEU CA 135 -11.08 63.48 11.15
N THR CA 136 -11.18 63.56 9.83
CA THR CA 136 -12.48 63.65 9.19
C THR CA 136 -12.61 62.55 8.16
N MET CA 137 -13.86 62.13 7.94
CA MET CA 137 -14.15 61.07 7.01
C MET CA 137 -15.23 61.54 6.06
N TYR CA 138 -15.34 60.84 4.93
CA TYR CA 138 -16.36 61.12 3.94
C TYR CA 138 -16.84 59.81 3.35
N PHE CA 139 -18.11 59.79 2.95
CA PHE CA 139 -18.73 58.61 2.36
C PHE CA 139 -19.00 58.91 0.90
N ASN CA 140 -18.39 58.11 0.02
CA ASN CA 140 -18.55 58.26 -1.42
C ASN CA 140 -19.43 57.13 -1.95
N PRO CA 141 -20.74 57.34 -2.09
CA PRO CA 141 -21.63 56.21 -2.39
C PRO CA 141 -21.59 55.83 -3.86
N THR CA 142 -21.39 54.54 -4.11
CA THR CA 142 -21.63 53.93 -5.40
C THR CA 142 -22.78 52.95 -5.24
N LYS CA 143 -23.69 52.94 -6.22
CA LYS CA 143 -24.98 52.25 -6.17
C LYS CA 143 -25.75 52.65 -4.92
N PRO CA 144 -26.34 53.84 -4.89
CA PRO CA 144 -26.99 54.32 -3.67
C PRO CA 144 -28.30 53.60 -3.39
N ALA CA 145 -28.93 54.00 -2.28
CA ALA CA 145 -30.17 53.37 -1.84
C ALA CA 145 -31.31 53.73 -2.78
N THR CA 146 -32.09 52.73 -3.18
CA THR CA 146 -33.18 52.91 -4.11
C THR CA 146 -34.57 52.65 -3.54
N ALA CA 147 -34.67 51.83 -2.50
CA ALA CA 147 -35.99 51.41 -2.03
C ALA CA 147 -36.64 52.49 -1.17
N SER CA 148 -37.96 52.39 -1.05
CA SER CA 148 -38.66 53.22 -0.09
C SER CA 148 -38.37 52.73 1.32
N THR CA 149 -38.55 53.64 2.29
CA THR CA 149 -38.18 53.46 3.70
C THR CA 149 -36.72 53.06 3.84
N SER CA 150 -35.84 53.97 3.41
CA SER CA 150 -34.42 53.69 3.48
C SER CA 150 -33.88 54.03 4.86
N TYR CA 151 -32.62 53.64 5.11
CA TYR CA 151 -32.03 53.73 6.44
C TYR CA 151 -30.63 54.33 6.35
N PRO CA 152 -30.18 55.01 7.40
CA PRO CA 152 -28.83 55.55 7.39
C PRO CA 152 -27.77 54.48 7.52
N ASN CA 153 -26.54 54.86 7.15
CA ASN CA 153 -25.40 53.96 7.26
C ASN CA 153 -24.79 54.06 8.65
N THR CA 154 -24.18 52.96 9.08
CA THR CA 154 -23.49 52.87 10.36
C THR CA 154 -22.31 51.93 10.19
N VAL CA 155 -21.10 52.44 10.35
CA VAL CA 155 -19.89 51.66 10.15
C VAL CA 155 -18.99 51.87 11.36
N TYR CA 156 -18.73 50.80 12.11
CA TYR CA 156 -17.96 50.89 13.33
C TYR CA 156 -16.49 50.70 13.03
N PHE CA 157 -15.65 51.29 13.87
CA PHE CA 157 -14.21 51.25 13.67
C PHE CA 157 -13.55 50.72 14.95
N THR CA 158 -12.22 50.71 14.95
CA THR CA 158 -11.48 50.22 16.10
C THR CA 158 -10.23 51.08 16.27
N VAL CA 159 -10.13 51.77 17.39
CA VAL CA 159 -9.07 52.74 17.63
C VAL CA 159 -8.19 52.23 18.76
N VAL CA 160 -6.88 52.31 18.57
CA VAL CA 160 -5.91 52.05 19.63
C VAL CA 160 -5.41 53.40 20.12
N VAL CA 161 -5.54 53.64 21.43
CA VAL CA 161 -5.19 54.91 22.04
C VAL CA 161 -3.97 54.72 22.91
N VAL CA 162 -2.92 55.50 22.67
CA VAL CA 162 -1.70 55.44 23.46
C VAL CA 162 -1.65 56.69 24.32
N ASP CA 163 -2.14 56.60 25.55
CA ASP CA 163 -2.21 57.74 26.44
C ASP CA 163 -0.89 57.95 27.17
N PHE CA 164 -0.60 59.21 27.50
CA PHE CA 164 0.63 59.59 28.17
C PHE CA 164 0.34 60.47 29.37
N SER CA 165 -0.82 60.30 30.00
CA SER CA 165 -1.23 61.20 31.06
C SER CA 165 -0.46 60.99 32.36
N TYR CA 166 0.26 59.89 32.51
CA TYR CA 166 0.89 59.53 33.77
C TYR CA 166 2.41 59.63 33.72
N ALA CA 167 2.97 60.25 32.70
CA ALA CA 167 4.41 60.40 32.67
C ALA CA 167 4.85 61.46 33.67
N GLN CA 168 6.16 61.54 33.91
CA GLN CA 168 6.70 62.56 34.80
C GLN CA 168 6.53 63.95 34.21
N ASN CA 169 6.48 64.06 32.88
CA ASN CA 169 6.20 65.31 32.20
C ASN CA 169 5.35 64.97 30.99
N PRO CA 170 4.03 65.09 31.07
CA PRO CA 170 3.16 64.54 30.02
C PRO CA 170 3.20 65.30 28.71
N ALA CA 171 3.74 66.51 28.69
CA ALA CA 171 3.83 67.25 27.44
C ALA CA 171 5.14 66.97 26.70
N ARG CA 172 6.23 66.80 27.44
CA ARG CA 172 7.50 66.49 26.80
C ARG CA 172 7.66 65.01 26.53
N ALA CA 173 6.80 64.17 27.07
CA ALA CA 173 6.91 62.74 26.80
C ALA CA 173 6.35 62.39 25.44
N VAL CA 174 5.26 63.04 25.02
CA VAL CA 174 4.61 62.69 23.76
C VAL CA 174 5.47 63.12 22.58
N VAL CA 175 6.01 64.34 22.64
CA VAL CA 175 6.79 64.89 21.53
C VAL CA 175 8.13 64.22 21.34
N SER CA 176 8.55 63.36 22.29
CA SER CA 176 9.69 62.49 22.08
C SER CA 176 9.28 61.05 21.80
N ALA CA 177 8.04 60.67 22.09
CA ALA CA 177 7.55 59.34 21.77
C ALA CA 177 6.82 59.27 20.45
N ASN CA 178 6.22 60.38 20.02
CA ASN CA 178 5.67 60.44 18.67
C ASN CA 178 6.78 60.43 17.63
N ALA CA 179 7.97 60.93 18.00
CA ALA CA 179 9.08 60.98 17.07
C ALA CA 179 9.67 59.60 16.80
N VAL CA 180 9.51 58.66 17.73
CA VAL CA 180 10.09 57.33 17.54
C VAL CA 180 9.02 56.28 17.23
N MET CA 181 7.76 56.53 17.55
CA MET CA 181 6.69 55.62 17.18
C MET CA 181 6.11 56.02 15.83
N SER DA 4 -1.97 38.31 -0.98
CA SER DA 4 -1.39 39.63 -0.79
C SER DA 4 -0.60 40.09 -2.00
N VAL DA 5 -1.30 40.51 -3.05
CA VAL DA 5 -0.63 41.08 -4.20
C VAL DA 5 -0.62 42.61 -4.12
N THR DA 6 -1.65 43.22 -3.53
CA THR DA 6 -1.68 44.66 -3.38
C THR DA 6 -0.69 45.13 -2.33
N GLN DA 7 -0.49 44.33 -1.28
CA GLN DA 7 0.43 44.70 -0.21
C GLN DA 7 1.88 44.64 -0.62
N GLN DA 8 2.21 43.86 -1.65
CA GLN DA 8 3.60 43.82 -2.10
C GLN DA 8 3.94 45.01 -2.96
N VAL DA 9 2.94 45.61 -3.61
CA VAL DA 9 3.20 46.82 -4.38
C VAL DA 9 3.20 48.04 -3.49
N PHE DA 10 2.35 48.05 -2.46
CA PHE DA 10 2.29 49.18 -1.53
C PHE DA 10 3.56 49.27 -0.71
N ASN DA 11 4.11 48.14 -0.28
CA ASN DA 11 5.37 48.17 0.44
C ASN DA 11 6.55 48.42 -0.48
N PHE DA 12 6.36 48.26 -1.79
CA PHE DA 12 7.41 48.56 -2.75
C PHE DA 12 7.37 50.03 -3.19
N ALA DA 13 6.18 50.62 -3.26
CA ALA DA 13 6.06 52.01 -3.68
C ALA DA 13 6.55 52.96 -2.60
N VAL DA 14 6.28 52.66 -1.33
CA VAL DA 14 6.74 53.53 -0.24
C VAL DA 14 8.23 53.41 0.02
N THR DA 15 8.89 52.42 -0.55
CA THR DA 15 10.33 52.27 -0.39
C THR DA 15 11.11 53.05 -1.43
N LYS DA 16 10.61 53.09 -2.66
CA LYS DA 16 11.32 53.73 -3.76
C LYS DA 16 10.95 55.19 -3.95
N SER DA 17 9.69 55.55 -3.75
CA SER DA 17 9.24 56.92 -3.95
C SER DA 17 9.45 57.78 -2.73
N GLN DA 18 10.08 57.26 -1.69
CA GLN DA 18 10.36 58.01 -0.48
C GLN DA 18 11.58 58.95 -0.56
N PRO DA 19 12.76 58.55 -1.10
CA PRO DA 19 13.87 59.52 -1.10
C PRO DA 19 13.69 60.69 -2.04
N PHE DA 20 12.96 60.51 -3.14
CA PHE DA 20 12.60 61.63 -3.99
C PHE DA 20 11.42 62.40 -3.45
N GLY DA 21 10.73 61.86 -2.44
CA GLY DA 21 9.55 62.50 -1.90
C GLY DA 21 8.37 62.09 -2.73
N GLY DA 22 7.41 61.42 -2.14
CA GLY DA 22 6.31 60.91 -2.93
C GLY DA 22 5.21 60.35 -2.06
N TYR DA 23 3.98 60.71 -2.35
CA TYR DA 23 2.85 60.37 -1.50
C TYR DA 23 2.16 59.13 -2.06
N VAL DA 24 2.16 58.05 -1.29
CA VAL DA 24 1.59 56.77 -1.71
C VAL DA 24 0.28 56.56 -0.97
N TYR DA 25 -0.79 56.27 -1.70
CA TYR DA 25 -2.07 55.93 -1.10
C TYR DA 25 -2.88 55.13 -2.09
N SER DA 26 -3.97 54.55 -1.60
CA SER DA 26 -4.80 53.65 -2.38
C SER DA 26 -6.18 54.26 -2.59
N THR DA 27 -6.80 53.93 -3.70
CA THR DA 27 -8.13 54.44 -4.01
C THR DA 27 -8.89 53.36 -4.77
N ASN DA 28 -10.13 53.67 -5.14
CA ASN DA 28 -11.04 52.70 -5.73
C ASN DA 28 -11.59 53.24 -7.05
N LEU DA 29 -11.23 52.57 -8.14
CA LEU DA 29 -11.66 52.96 -9.49
C LEU DA 29 -12.84 52.09 -9.91
N THR DA 30 -13.90 52.74 -10.37
CA THR DA 30 -15.16 52.07 -10.66
C THR DA 30 -15.46 52.17 -12.14
N ALA DA 31 -15.42 51.03 -12.84
CA ALA DA 31 -15.75 50.95 -14.25
C ALA DA 31 -17.19 50.46 -14.36
N SER DA 32 -18.07 51.31 -14.85
CA SER DA 32 -19.51 51.03 -14.90
C SER DA 32 -19.99 51.07 -16.34
N THR DA 33 -20.23 49.91 -16.92
CA THR DA 33 -20.85 49.83 -18.24
C THR DA 33 -22.31 50.27 -18.12
N SER DA 34 -22.70 51.26 -18.91
CA SER DA 34 -23.99 51.92 -18.72
C SER DA 34 -25.11 51.16 -19.41
N SER DA 35 -26.23 51.02 -18.69
CA SER DA 35 -27.57 50.70 -19.21
C SER DA 35 -27.64 49.38 -19.97
N ALA DA 36 -27.44 48.27 -19.24
CA ALA DA 36 -27.95 46.94 -19.60
C ALA DA 36 -27.37 46.42 -20.92
N VAL DA 37 -26.08 46.10 -20.88
CA VAL DA 37 -25.41 45.46 -22.01
C VAL DA 37 -26.06 44.12 -22.34
N THR DA 38 -26.49 43.97 -23.59
CA THR DA 38 -27.25 42.80 -24.03
C THR DA 38 -26.82 42.21 -25.36
N SER DA 39 -26.04 42.91 -26.19
CA SER DA 39 -25.73 42.40 -27.52
C SER DA 39 -24.25 42.22 -27.79
N THR DA 40 -23.44 43.27 -27.66
CA THR DA 40 -22.09 43.26 -28.22
C THR DA 40 -21.16 44.05 -27.31
N GLN DA 41 -19.96 44.36 -27.82
CA GLN DA 41 -18.90 44.94 -27.00
C GLN DA 41 -19.21 46.38 -26.63
N LEU DA 42 -19.03 46.70 -25.35
CA LEU DA 42 -19.34 48.01 -24.77
C LEU DA 42 -18.05 48.70 -24.34
N THR DA 43 -18.22 49.88 -23.75
CA THR DA 43 -17.11 50.65 -23.23
C THR DA 43 -17.49 51.23 -21.88
N PRO DA 44 -16.88 50.79 -20.79
CA PRO DA 44 -17.29 51.24 -19.45
C PRO DA 44 -16.69 52.58 -19.07
N LEU DA 45 -17.46 53.33 -18.28
CA LEU DA 45 -17.08 54.67 -17.84
C LEU DA 45 -16.22 54.56 -16.61
N ASN DA 46 -14.92 54.76 -16.74
CA ASN DA 46 -14.03 54.77 -15.59
C ASN DA 46 -14.30 56.00 -14.72
N LEU DA 47 -14.07 55.84 -13.42
CA LEU DA 47 -14.36 56.92 -12.47
C LEU DA 47 -13.44 56.73 -11.26
N SER DA 48 -12.35 57.46 -11.22
CA SER DA 48 -11.40 57.37 -10.11
C SER DA 48 -11.67 58.47 -9.10
N ILE DA 49 -11.35 58.18 -7.84
CA ILE DA 49 -11.47 59.14 -6.75
C ILE DA 49 -10.07 59.41 -6.24
N THR DA 50 -9.48 60.53 -6.63
CA THR DA 50 -8.18 60.93 -6.13
C THR DA 50 -8.37 61.78 -4.87
N LEU DA 51 -7.30 62.47 -4.47
CA LEU DA 51 -7.21 63.03 -3.12
C LEU DA 51 -8.14 64.24 -2.95
N GLY DA 52 -7.89 65.31 -3.69
CA GLY DA 52 -8.53 66.58 -3.37
C GLY DA 52 -9.92 66.77 -3.94
N GLN DA 53 -10.89 65.98 -3.46
CA GLN DA 53 -12.32 66.08 -3.74
C GLN DA 53 -12.68 65.96 -5.22
N ILE DA 54 -11.74 65.59 -6.09
CA ILE DA 54 -11.94 65.58 -7.53
C ILE DA 54 -12.18 64.16 -8.01
N THR DA 55 -13.02 64.05 -9.04
CA THR DA 55 -13.53 62.77 -9.52
C THR DA 55 -13.26 62.68 -11.03
N LEU DA 56 -12.22 61.95 -11.40
CA LEU DA 56 -11.84 61.85 -12.81
C LEU DA 56 -12.75 60.84 -13.49
N SER DA 57 -13.82 61.33 -14.11
CA SER DA 57 -14.83 60.49 -14.69
C SER DA 57 -14.64 60.38 -16.20
N GLY DA 58 -15.58 59.73 -16.87
CA GLY DA 58 -15.52 59.56 -18.31
C GLY DA 58 -14.58 58.44 -18.72
N ASN DA 59 -14.71 58.05 -20.00
CA ASN DA 59 -13.82 57.07 -20.58
C ASN DA 59 -12.43 57.66 -20.75
N SER DA 60 -11.43 56.77 -20.84
CA SER DA 60 -10.07 57.10 -21.30
C SER DA 60 -9.40 58.13 -20.41
N LEU DA 61 -9.16 57.72 -19.16
CA LEU DA 61 -8.55 58.62 -18.18
C LEU DA 61 -7.09 58.89 -18.53
N VAL DA 62 -6.76 60.15 -18.72
CA VAL DA 62 -5.37 60.55 -18.95
C VAL DA 62 -4.70 60.69 -17.60
N ILE DA 63 -3.63 59.96 -17.40
CA ILE DA 63 -2.87 60.03 -16.16
C ILE DA 63 -2.09 61.35 -16.14
N PRO DA 64 -2.25 62.16 -15.09
CA PRO DA 64 -1.53 63.43 -15.03
C PRO DA 64 -0.04 63.21 -14.85
N ALA DA 65 0.73 64.18 -15.32
CA ALA DA 65 2.15 64.00 -15.60
C ALA DA 65 3.04 63.94 -14.37
N THR DA 66 2.48 63.95 -13.16
CA THR DA 66 3.29 63.84 -11.96
C THR DA 66 2.97 62.60 -11.14
N GLN DA 67 2.09 61.73 -11.63
CA GLN DA 67 1.65 60.58 -10.86
C GLN DA 67 1.97 59.29 -11.59
N ILE DA 68 2.12 58.22 -10.82
CA ILE DA 68 2.31 56.86 -11.33
C ILE DA 68 1.22 56.00 -10.73
N TRP DA 69 0.48 55.28 -11.56
CA TRP DA 69 -0.60 54.46 -11.07
C TRP DA 69 -0.25 52.98 -11.18
N TYR DA 70 -0.80 52.17 -10.27
CA TYR DA 70 -0.62 50.73 -10.28
C TYR DA 70 -1.99 50.10 -10.12
N LEU DA 71 -2.51 49.50 -11.17
CA LEU DA 71 -3.81 48.83 -11.11
C LEU DA 71 -3.60 47.44 -10.53
N THR DA 72 -4.09 47.20 -9.32
CA THR DA 72 -3.66 46.05 -8.54
C THR DA 72 -4.68 44.91 -8.45
N ASP DA 73 -5.93 45.19 -8.09
CA ASP DA 73 -6.90 44.12 -7.88
C ASP DA 73 -8.24 44.51 -8.48
N ALA DA 74 -9.14 43.54 -8.57
CA ALA DA 74 -10.48 43.76 -9.08
C ALA DA 74 -11.42 42.78 -8.40
N TYR DA 75 -12.62 43.24 -8.09
CA TYR DA 75 -13.60 42.40 -7.44
C TYR DA 75 -14.99 42.90 -7.78
N VAL DA 76 -16.01 42.10 -7.49
CA VAL DA 76 -17.39 42.43 -7.75
C VAL DA 76 -18.16 42.29 -6.44
N SER DA 77 -19.01 43.26 -6.14
CA SER DA 77 -19.78 43.24 -4.90
C SER DA 77 -20.81 42.12 -4.91
N VAL DA 78 -21.29 41.79 -3.72
CA VAL DA 78 -22.27 40.72 -3.51
C VAL DA 78 -23.65 41.02 -4.11
N PRO DA 79 -24.25 42.23 -4.02
CA PRO DA 79 -25.52 42.43 -4.73
C PRO DA 79 -25.38 42.48 -6.24
N ASP DA 80 -24.19 42.71 -6.76
CA ASP DA 80 -24.00 42.61 -8.21
C ASP DA 80 -23.86 41.15 -8.64
N TYR DA 81 -23.29 40.31 -7.78
CA TYR DA 81 -23.15 38.89 -8.09
C TYR DA 81 -24.49 38.18 -8.08
N THR DA 82 -25.43 38.64 -7.25
CA THR DA 82 -26.77 38.06 -7.26
C THR DA 82 -27.50 38.39 -8.57
N ASN DA 83 -27.23 39.57 -9.12
CA ASN DA 83 -27.91 39.98 -10.36
C ASN DA 83 -27.38 39.24 -11.57
N ILE DA 84 -26.11 38.83 -11.55
CA ILE DA 84 -25.53 38.11 -12.68
C ILE DA 84 -26.12 36.71 -12.76
N THR DA 85 -26.15 36.00 -11.64
CA THR DA 85 -26.60 34.61 -11.63
C THR DA 85 -28.10 34.48 -11.82
N ASN DA 86 -28.86 35.54 -11.59
CA ASN DA 86 -30.28 35.51 -11.90
C ASN DA 86 -30.58 35.92 -13.33
N GLY DA 87 -29.56 36.27 -14.11
CA GLY DA 87 -29.79 36.75 -15.45
C GLY DA 87 -30.32 38.15 -15.54
N ALA DA 88 -30.18 38.95 -14.49
CA ALA DA 88 -30.66 40.32 -14.50
C ALA DA 88 -29.61 41.30 -15.00
N GLU DA 89 -28.36 40.87 -15.16
CA GLU DA 89 -27.36 41.66 -15.85
C GLU DA 89 -26.38 40.71 -16.52
N ALA DA 90 -25.55 41.27 -17.38
CA ALA DA 90 -24.73 40.47 -18.27
C ALA DA 90 -23.44 40.03 -17.61
N ASP DA 91 -22.97 38.85 -18.01
CA ASP DA 91 -21.66 38.33 -17.68
C ASP DA 91 -20.69 38.71 -18.79
N GLY DA 92 -19.42 38.42 -18.59
CA GLY DA 92 -18.42 38.69 -19.59
C GLY DA 92 -17.07 38.89 -18.95
N VAL DA 93 -16.13 39.35 -19.77
CA VAL DA 93 -14.78 39.65 -19.32
C VAL DA 93 -14.52 41.14 -19.53
N ILE DA 94 -13.35 41.59 -19.11
CA ILE DA 94 -12.96 42.99 -19.25
C ILE DA 94 -11.57 43.05 -19.86
N LEU DA 95 -11.43 43.81 -20.93
CA LEU DA 95 -10.15 44.02 -21.60
C LEU DA 95 -9.52 45.29 -21.05
N ILE DA 96 -8.23 45.24 -20.77
CA ILE DA 96 -7.52 46.34 -20.12
C ILE DA 96 -6.42 46.81 -21.06
N TYR DA 97 -6.51 48.06 -21.49
CA TYR DA 97 -5.60 48.60 -22.50
C TYR DA 97 -4.71 49.68 -21.95
N LYS DA 98 -3.58 49.89 -22.62
CA LYS DA 98 -2.61 50.91 -22.29
C LYS DA 98 -2.32 51.70 -23.55
N ASP DA 99 -2.42 53.04 -23.45
CA ASP DA 99 -2.35 53.98 -24.57
C ASP DA 99 -3.38 53.68 -25.64
N GLY DA 100 -4.52 53.10 -25.24
CA GLY DA 100 -5.53 52.64 -26.16
C GLY DA 100 -5.18 51.39 -26.95
N VAL DA 101 -3.92 50.92 -26.94
CA VAL DA 101 -3.45 49.94 -27.91
C VAL DA 101 -3.09 48.60 -27.28
N LYS DA 102 -2.13 48.61 -26.35
CA LYS DA 102 -1.61 47.37 -25.79
C LYS DA 102 -2.66 46.70 -24.91
N LEU DA 103 -3.16 45.56 -25.36
CA LEU DA 103 -3.94 44.70 -24.47
C LEU DA 103 -2.99 44.04 -23.47
N MET DA 104 -3.27 44.20 -22.19
CA MET DA 104 -2.39 43.64 -21.18
C MET DA 104 -3.02 42.56 -20.32
N LEU DA 105 -4.32 42.63 -20.06
CA LEU DA 105 -4.99 41.60 -19.27
C LEU DA 105 -6.39 41.36 -19.80
N THR DA 106 -6.98 40.27 -19.34
CA THR DA 106 -8.38 39.96 -19.56
C THR DA 106 -8.88 39.32 -18.28
N THR DA 107 -9.88 39.92 -17.65
CA THR DA 107 -10.32 39.45 -16.35
C THR DA 107 -11.04 38.12 -16.50
N PRO DA 108 -10.79 37.16 -15.65
CA PRO DA 108 -11.45 35.86 -15.79
C PRO DA 108 -12.90 35.87 -15.34
N LEU DA 109 -13.80 36.28 -16.23
CA LEU DA 109 -15.24 36.04 -16.13
C LEU DA 109 -15.89 36.62 -14.87
N ILE DA 110 -16.14 37.93 -14.84
CA ILE DA 110 -16.48 38.75 -13.67
C ILE DA 110 -17.56 38.18 -12.73
N SER DA 111 -18.35 37.22 -13.18
CA SER DA 111 -19.18 36.45 -12.25
C SER DA 111 -18.35 35.62 -11.29
N SER DA 112 -17.12 35.27 -11.67
CA SER DA 112 -16.28 34.45 -10.82
C SER DA 112 -15.69 35.23 -9.65
N MET DA 113 -15.40 36.52 -9.85
CA MET DA 113 -14.69 37.30 -8.84
C MET DA 113 -15.66 38.06 -7.94
N SER DA 114 -16.52 37.30 -7.27
CA SER DA 114 -17.37 37.85 -6.23
C SER DA 114 -16.61 37.86 -4.91
N ILE DA 115 -16.74 38.95 -4.17
CA ILE DA 115 -15.84 39.21 -3.05
C ILE DA 115 -16.16 38.32 -1.84
N SER DA 116 -17.36 37.75 -1.77
CA SER DA 116 -17.70 36.90 -0.64
C SER DA 116 -16.99 35.55 -0.68
N ASN DA 117 -16.68 35.05 -1.85
CA ASN DA 117 -16.06 33.73 -1.95
C ASN DA 117 -14.58 33.82 -1.61
N PRO DA 118 -14.09 33.02 -0.66
CA PRO DA 118 -12.66 33.05 -0.35
C PRO DA 118 -11.79 32.47 -1.44
N ALA DA 119 -12.31 31.53 -2.22
CA ALA DA 119 -11.57 30.96 -3.35
C ALA DA 119 -11.93 31.68 -4.64
N ARG DA 120 -11.65 32.99 -4.64
CA ARG DA 120 -11.98 33.87 -5.75
C ARG DA 120 -10.72 34.18 -6.53
N THR DA 121 -10.79 34.03 -7.86
CA THR DA 121 -9.62 34.33 -8.69
C THR DA 121 -9.47 35.84 -8.86
N HIS DA 122 -8.26 36.32 -8.64
CA HIS DA 122 -7.99 37.76 -8.63
C HIS DA 122 -7.53 38.20 -10.01
N LEU DA 123 -7.01 39.41 -10.10
CA LEU DA 123 -6.31 39.85 -11.29
C LEU DA 123 -5.01 39.07 -11.45
N ALA DA 124 -4.49 39.06 -12.67
CA ALA DA 124 -3.32 38.24 -12.95
C ALA DA 124 -2.04 38.86 -12.44
N GLN DA 125 -1.92 40.19 -12.50
CA GLN DA 125 -0.69 40.88 -12.11
C GLN DA 125 -1.01 42.35 -11.95
N ALA DA 126 -0.26 43.02 -11.08
CA ALA DA 126 -0.43 44.44 -10.84
C ALA DA 126 0.23 45.22 -11.96
N VAL DA 127 -0.54 46.02 -12.68
CA VAL DA 127 -0.08 46.66 -13.92
C VAL DA 127 0.39 48.07 -13.60
N LYS DA 128 1.65 48.36 -13.92
CA LYS DA 128 2.19 49.69 -13.74
C LYS DA 128 1.77 50.58 -14.88
N TYR DA 129 1.14 51.70 -14.55
CA TYR DA 129 0.74 52.72 -15.51
C TYR DA 129 1.59 53.96 -15.29
N SER DA 130 2.39 54.31 -16.27
CA SER DA 130 3.43 55.32 -16.20
C SER DA 130 2.81 56.72 -16.19
N PRO DA 131 3.58 57.79 -16.00
CA PRO DA 131 3.08 59.12 -16.36
C PRO DA 131 2.77 59.21 -17.85
N GLN DA 132 2.20 60.37 -18.22
CA GLN DA 132 1.02 60.46 -19.07
C GLN DA 132 0.84 59.37 -20.11
N SER DA 133 -0.24 58.61 -19.96
CA SER DA 133 -0.50 57.38 -20.70
C SER DA 133 -1.94 56.96 -20.48
N ILE DA 134 -2.66 56.67 -21.56
CA ILE DA 134 -4.10 56.53 -21.50
C ILE DA 134 -4.47 55.17 -20.93
N LEU DA 135 -5.42 55.17 -20.00
CA LEU DA 135 -6.04 53.95 -19.49
C LEU DA 135 -7.45 53.86 -20.03
N THR DA 136 -7.76 52.78 -20.74
CA THR DA 136 -9.10 52.54 -21.22
C THR DA 136 -9.43 51.07 -21.12
N MET DA 137 -10.73 50.76 -21.02
CA MET DA 137 -11.19 49.40 -20.83
C MET DA 137 -12.39 49.12 -21.72
N TYR DA 138 -12.67 47.84 -21.93
CA TYR DA 138 -13.82 47.40 -22.71
C TYR DA 138 -14.41 46.15 -22.09
N PHE DA 139 -15.68 45.90 -22.39
CA PHE DA 139 -16.43 44.81 -21.79
C PHE DA 139 -16.99 43.95 -22.91
N ASN DA 140 -16.41 42.76 -23.11
CA ASN DA 140 -16.81 41.84 -24.16
C ASN DA 140 -17.76 40.82 -23.56
N PRO DA 141 -19.07 40.97 -23.71
CA PRO DA 141 -20.00 40.16 -22.93
C PRO DA 141 -20.20 38.76 -23.51
N THR DA 142 -20.34 37.79 -22.62
CA THR DA 142 -20.87 36.49 -22.95
C THR DA 142 -21.91 36.13 -21.90
N LYS DA 143 -22.97 35.41 -22.33
CA LYS DA 143 -24.22 35.22 -21.61
C LYS DA 143 -24.76 36.58 -21.22
N PRO DA 144 -25.37 37.32 -22.16
CA PRO DA 144 -25.80 38.69 -21.88
C PRO DA 144 -27.03 38.71 -20.99
N ALA DA 145 -27.52 39.93 -20.72
CA ALA DA 145 -28.68 40.09 -19.87
C ALA DA 145 -29.95 39.65 -20.58
N THR DA 146 -30.71 38.79 -19.92
CA THR DA 146 -31.91 38.21 -20.51
C THR DA 146 -33.19 38.64 -19.81
N ALA DA 147 -33.19 38.75 -18.50
CA ALA DA 147 -34.42 38.96 -17.76
C ALA DA 147 -34.91 40.39 -17.92
N SER DA 148 -36.22 40.56 -17.71
CA SER DA 148 -36.80 41.88 -17.71
C SER DA 148 -36.37 42.64 -16.47
N THR DA 149 -36.47 43.98 -16.55
CA THR DA 149 -35.93 44.94 -15.58
C THR DA 149 -34.44 44.66 -15.34
N SER DA 150 -33.65 44.83 -16.39
CA SER DA 150 -32.23 44.55 -16.35
C SER DA 150 -31.47 45.69 -15.67
N TYR DA 151 -30.20 45.43 -15.40
CA TYR DA 151 -29.36 46.33 -14.63
C TYR DA 151 -28.05 46.61 -15.36
N PRO DA 152 -27.39 47.73 -15.06
CA PRO DA 152 -26.04 47.95 -15.60
C PRO DA 152 -25.00 47.10 -14.87
N ASN DA 153 -23.80 47.10 -15.42
CA ASN DA 153 -22.70 46.36 -14.83
C ASN DA 153 -21.79 47.29 -14.03
N THR DA 154 -21.08 46.72 -13.07
CA THR DA 154 -20.16 47.49 -12.23
C THR DA 154 -19.09 46.55 -11.71
N VAL DA 155 -17.82 46.87 -12.00
CA VAL DA 155 -16.69 46.10 -11.50
C VAL DA 155 -15.72 47.06 -10.84
N TYR DA 156 -15.44 46.85 -9.56
CA TYR DA 156 -14.57 47.73 -8.80
C TYR DA 156 -13.10 47.34 -9.00
N PHE DA 157 -12.23 48.32 -8.82
CA PHE DA 157 -10.80 48.12 -8.97
C PHE DA 157 -10.09 48.81 -7.81
N THR DA 158 -8.88 48.36 -7.52
CA THR DA 158 -8.05 48.97 -6.48
C THR DA 158 -6.77 49.50 -7.11
N VAL DA 159 -6.56 50.80 -7.02
CA VAL DA 159 -5.42 51.47 -7.64
C VAL DA 159 -4.53 52.02 -6.53
N VAL DA 160 -3.27 51.66 -6.56
CA VAL DA 160 -2.27 52.30 -5.72
C VAL DA 160 -1.73 53.48 -6.50
N VAL DA 161 -1.86 54.68 -5.94
CA VAL DA 161 -1.50 55.91 -6.63
C VAL DA 161 -0.29 56.52 -5.94
N VAL DA 162 0.78 56.72 -6.69
CA VAL DA 162 1.96 57.42 -6.22
C VAL DA 162 1.91 58.83 -6.79
N ASP DA 163 2.23 59.82 -5.97
CA ASP DA 163 2.03 61.21 -6.33
C ASP DA 163 3.28 62.02 -6.03
N PHE DA 164 3.59 62.96 -6.92
CA PHE DA 164 4.77 63.81 -6.78
C PHE DA 164 4.43 65.29 -6.90
N SER DA 165 3.16 65.66 -6.86
CA SER DA 165 2.77 67.04 -7.13
C SER DA 165 3.14 68.01 -6.00
N TYR DA 166 3.41 67.50 -4.80
CA TYR DA 166 3.81 68.35 -3.68
C TYR DA 166 5.31 68.28 -3.43
N ALA DA 167 6.07 67.75 -4.38
CA ALA DA 167 7.50 67.59 -4.19
C ALA DA 167 8.20 68.92 -4.43
N GLN DA 168 9.52 68.94 -4.25
CA GLN DA 168 10.26 70.19 -4.39
C GLN DA 168 10.40 70.58 -5.85
N ASN DA 169 10.78 69.65 -6.70
CA ASN DA 169 10.84 69.86 -8.16
C ASN DA 169 10.04 68.75 -8.81
N PRO DA 170 8.79 68.97 -9.20
CA PRO DA 170 7.95 67.87 -9.70
C PRO DA 170 8.37 67.33 -11.05
N ALA DA 171 9.25 68.02 -11.78
CA ALA DA 171 9.70 67.52 -13.08
C ALA DA 171 10.79 66.47 -12.90
N ARG DA 172 11.88 66.83 -12.22
CA ARG DA 172 12.99 65.90 -12.06
C ARG DA 172 12.81 64.93 -10.90
N ALA DA 173 11.68 64.98 -10.19
CA ALA DA 173 11.40 63.93 -9.24
C ALA DA 173 10.72 62.74 -9.91
N VAL DA 174 9.85 63.01 -10.88
CA VAL DA 174 9.11 61.96 -11.56
C VAL DA 174 10.03 61.16 -12.47
N VAL DA 175 10.79 61.85 -13.32
CA VAL DA 175 11.66 61.18 -14.29
C VAL DA 175 12.87 60.54 -13.65
N SER DA 176 13.16 60.83 -12.38
CA SER DA 176 14.18 60.09 -11.65
C SER DA 176 13.61 58.93 -10.85
N ALA DA 177 12.32 58.96 -10.54
CA ALA DA 177 11.69 57.86 -9.82
C ALA DA 177 10.98 56.89 -10.73
N ASN DA 178 10.66 57.30 -11.96
CA ASN DA 178 10.07 56.38 -12.92
C ASN DA 178 11.09 55.37 -13.40
N ALA DA 179 12.38 55.69 -13.34
CA ALA DA 179 13.41 54.78 -13.79
C ALA DA 179 13.66 53.67 -12.78
N VAL DA 180 13.88 54.01 -11.51
CA VAL DA 180 14.20 52.99 -10.51
C VAL DA 180 12.96 52.21 -10.11
N MET DA 181 11.86 52.91 -9.84
CA MET DA 181 10.62 52.26 -9.43
C MET DA 181 9.82 51.83 -10.65
N SER EA 4 -5.52 69.70 61.35
CA SER EA 4 -5.27 69.09 60.06
C SER EA 4 -4.53 67.77 60.22
N VAL EA 5 -5.27 66.67 60.20
CA VAL EA 5 -4.67 65.35 60.23
C VAL EA 5 -4.61 64.70 58.85
N THR EA 6 -5.52 65.07 57.94
CA THR EA 6 -5.48 64.50 56.61
C THR EA 6 -4.39 65.15 55.77
N GLN EA 7 -4.10 66.42 56.03
CA GLN EA 7 -3.11 67.13 55.23
C GLN EA 7 -1.70 66.72 55.55
N GLN EA 8 -1.41 66.37 56.81
CA GLN EA 8 -0.09 65.84 57.13
C GLN EA 8 0.14 64.47 56.50
N VAL EA 9 -0.91 63.63 56.50
CA VAL EA 9 -0.84 62.33 55.85
C VAL EA 9 -0.69 62.49 54.34
N PHE EA 10 -1.35 63.51 53.79
CA PHE EA 10 -1.26 63.75 52.35
C PHE EA 10 0.13 64.24 51.96
N ASN EA 11 0.71 65.15 52.75
CA ASN EA 11 2.07 65.60 52.47
C ASN EA 11 3.09 64.48 52.66
N PHE EA 12 2.86 63.61 53.64
CA PHE EA 12 3.74 62.46 53.86
C PHE EA 12 3.68 61.49 52.68
N ALA EA 13 2.48 61.25 52.15
CA ALA EA 13 2.33 60.35 51.01
C ALA EA 13 2.91 60.96 49.75
N VAL EA 14 2.77 62.27 49.56
CA VAL EA 14 3.32 62.92 48.38
C VAL EA 14 4.85 62.94 48.45
N THR EA 15 5.41 63.20 49.63
CA THR EA 15 6.86 63.30 49.76
C THR EA 15 7.53 61.92 49.65
N LYS EA 16 6.97 60.92 50.33
CA LYS EA 16 7.66 59.64 50.40
C LYS EA 16 7.50 58.82 49.13
N SER EA 17 6.31 58.83 48.53
CA SER EA 17 6.05 58.03 47.34
C SER EA 17 6.43 58.74 46.05
N GLN EA 18 7.23 59.80 46.12
CA GLN EA 18 7.68 60.46 44.90
C GLN EA 18 8.82 59.73 44.19
N PRO EA 19 9.96 59.37 44.83
CA PRO EA 19 11.07 58.84 44.03
C PRO EA 19 10.86 57.43 43.50
N PHE EA 20 9.90 56.69 44.02
CA PHE EA 20 9.60 55.38 43.45
C PHE EA 20 8.62 55.48 42.30
N GLY EA 21 7.97 56.62 42.14
CA GLY EA 21 6.96 56.78 41.12
C GLY EA 21 5.66 56.35 41.74
N GLY EA 22 4.76 57.28 42.00
CA GLY EA 22 3.60 56.97 42.81
C GLY EA 22 2.57 58.06 42.73
N TYR EA 23 1.31 57.70 42.83
CA TYR EA 23 0.21 58.60 42.55
C TYR EA 23 -0.68 58.71 43.78
N VAL EA 24 -0.64 59.87 44.42
CA VAL EA 24 -1.34 60.13 45.68
C VAL EA 24 -2.61 60.91 45.37
N TYR EA 25 -3.75 60.44 45.84
CA TYR EA 25 -4.97 61.22 45.76
C TYR EA 25 -5.85 60.85 46.94
N SER EA 26 -7.07 61.38 46.95
CA SER EA 26 -7.98 61.15 48.05
C SER EA 26 -9.36 60.82 47.51
N THR EA 27 -10.13 60.11 48.32
CA THR EA 27 -11.48 59.72 47.94
C THR EA 27 -12.33 59.61 49.20
N ASN EA 28 -13.58 59.22 49.01
CA ASN EA 28 -14.57 59.18 50.07
C ASN EA 28 -15.20 57.81 50.11
N LEU EA 29 -15.31 57.26 51.32
CA LEU EA 29 -15.82 55.92 51.56
C LEU EA 29 -17.11 56.04 52.34
N THR EA 30 -18.04 55.13 52.13
CA THR EA 30 -19.36 55.21 52.74
C THR EA 30 -19.65 53.90 53.44
N ALA EA 31 -19.87 53.94 54.75
CA ALA EA 31 -20.26 52.77 55.51
C ALA EA 31 -21.75 52.87 55.81
N SER EA 32 -22.54 51.98 55.24
CA SER EA 32 -23.99 52.05 55.34
C SER EA 32 -24.53 50.81 56.04
N THR EA 33 -25.00 51.00 57.27
CA THR EA 33 -25.73 49.96 57.96
C THR EA 33 -27.15 49.94 57.42
N SER EA 34 -27.48 48.91 56.68
CA SER EA 34 -28.75 48.86 55.97
C SER EA 34 -29.88 48.40 56.87
N SER EA 35 -31.10 48.73 56.43
CA SER EA 35 -32.37 48.15 56.90
C SER EA 35 -32.64 48.38 58.37
N ALA EA 36 -32.36 49.60 58.86
CA ALA EA 36 -32.94 50.17 60.08
C ALA EA 36 -32.63 49.34 61.34
N VAL EA 37 -31.35 49.39 61.72
CA VAL EA 37 -30.85 48.63 62.88
C VAL EA 37 -31.59 49.02 64.15
N THR EA 38 -32.12 48.01 64.85
CA THR EA 38 -33.03 48.22 65.96
C THR EA 38 -32.70 47.37 67.20
N SER EA 39 -31.96 46.28 67.07
CA SER EA 39 -31.74 45.41 68.22
C SER EA 39 -30.27 45.30 68.65
N THR EA 40 -29.36 44.86 67.80
CA THR EA 40 -28.03 44.47 68.24
C THR EA 40 -27.01 44.80 67.16
N GLN EA 41 -25.81 44.23 67.30
CA GLN EA 41 -24.68 44.55 66.43
C GLN EA 41 -24.91 44.05 65.01
N LEU EA 42 -24.74 44.94 64.04
CA LEU EA 42 -24.82 44.62 62.62
C LEU EA 42 -23.47 44.86 61.96
N THR EA 43 -23.43 44.61 60.65
CA THR EA 43 -22.24 44.76 59.83
C THR EA 43 -22.58 45.74 58.71
N PRO EA 44 -21.94 46.91 58.65
CA PRO EA 44 -22.29 47.87 57.60
C PRO EA 44 -21.61 47.57 56.29
N LEU EA 45 -22.36 47.77 55.21
CA LEU EA 45 -21.84 47.58 53.86
C LEU EA 45 -20.89 48.72 53.55
N ASN EA 46 -19.63 48.39 53.29
CA ASN EA 46 -18.68 49.39 52.85
C ASN EA 46 -18.87 49.67 51.35
N LEU EA 47 -18.51 50.89 50.96
CA LEU EA 47 -18.60 51.28 49.55
C LEU EA 47 -17.55 52.35 49.29
N SER EA 48 -16.50 52.01 48.56
CA SER EA 48 -15.44 52.94 48.24
C SER EA 48 -15.49 53.31 46.77
N ILE EA 49 -14.95 54.48 46.44
CA ILE EA 49 -14.95 54.98 45.07
C ILE EA 49 -13.52 55.20 44.62
N THR EA 50 -12.97 54.25 43.88
CA THR EA 50 -11.74 54.44 43.14
C THR EA 50 -12.09 54.83 41.71
N LEU EA 51 -11.08 55.13 40.91
CA LEU EA 51 -11.31 55.88 39.68
C LEU EA 51 -11.88 54.99 38.58
N GLY EA 52 -12.85 55.51 37.85
CA GLY EA 52 -13.49 54.75 36.81
C GLY EA 52 -14.83 54.15 37.17
N GLN EA 53 -15.67 54.90 37.90
CA GLN EA 53 -17.01 54.52 38.41
C GLN EA 53 -17.04 53.12 39.01
N ILE EA 54 -16.00 52.82 39.81
CA ILE EA 54 -15.73 51.44 40.20
C ILE EA 54 -16.71 50.97 41.26
N THR EA 55 -16.88 51.74 42.34
CA THR EA 55 -17.80 51.49 43.44
C THR EA 55 -17.58 50.09 44.04
N LEU EA 56 -16.45 49.96 44.73
CA LEU EA 56 -16.16 48.72 45.44
C LEU EA 56 -17.13 48.58 46.60
N SER EA 57 -18.13 47.74 46.43
CA SER EA 57 -19.25 47.67 47.34
C SER EA 57 -19.16 46.41 48.19
N GLY EA 58 -20.02 46.32 49.19
CA GLY EA 58 -20.14 45.12 49.99
C GLY EA 58 -19.14 45.10 51.12
N ASN EA 59 -19.32 44.10 51.98
CA ASN EA 59 -18.47 43.96 53.15
C ASN EA 59 -17.06 43.54 52.73
N SER EA 60 -16.09 43.85 53.60
CA SER EA 60 -14.74 43.29 53.54
C SER EA 60 -14.00 43.64 52.25
N LEU EA 61 -13.74 44.95 52.07
CA LEU EA 61 -13.00 45.40 50.90
C LEU EA 61 -11.53 45.05 51.06
N VAL EA 62 -10.99 44.30 50.12
CA VAL EA 62 -9.57 43.97 50.13
C VAL EA 62 -8.80 45.08 49.43
N ILE EA 63 -7.80 45.61 50.10
CA ILE EA 63 -6.87 46.54 49.44
C ILE EA 63 -6.08 45.77 48.39
N PRO EA 64 -6.07 46.22 47.14
CA PRO EA 64 -5.30 45.53 46.10
C PRO EA 64 -3.81 45.63 46.32
N ALA EA 65 -3.08 44.80 45.59
CA ALA EA 65 -1.67 44.58 45.85
C ALA EA 65 -0.76 45.70 45.38
N THR EA 66 -1.32 46.75 44.78
CA THR EA 66 -0.51 47.85 44.27
C THR EA 66 -0.77 49.18 44.98
N GLN EA 67 -1.69 49.23 45.94
CA GLN EA 67 -2.07 50.47 46.58
C GLN EA 67 -1.88 50.40 48.09
N ILE EA 68 -1.71 51.58 48.69
CA ILE EA 68 -1.67 51.77 50.14
C ILE EA 68 -2.76 52.77 50.48
N TRP EA 69 -3.59 52.44 51.47
CA TRP EA 69 -4.68 53.33 51.86
C TRP EA 69 -4.40 53.95 53.21
N TYR EA 70 -5.07 55.07 53.47
CA TYR EA 70 -4.92 55.79 54.73
C TYR EA 70 -6.31 56.27 55.16
N LEU EA 71 -6.89 55.62 56.16
CA LEU EA 71 -8.19 56.03 56.68
C LEU EA 71 -7.96 57.18 57.65
N THR EA 72 -8.28 58.40 57.24
CA THR EA 72 -7.95 59.58 58.03
C THR EA 72 -9.07 60.06 58.95
N ASP EA 73 -10.21 60.45 58.39
CA ASP EA 73 -11.26 61.09 59.19
C ASP EA 73 -12.62 60.53 58.81
N ALA EA 74 -13.62 60.87 59.61
CA ALA EA 74 -14.98 60.43 59.37
C ALA EA 74 -15.95 61.45 59.92
N TYR EA 75 -17.14 61.48 59.34
CA TYR EA 75 -18.17 62.42 59.76
C TYR EA 75 -19.53 61.87 59.40
N VAL EA 76 -20.55 62.63 59.76
CA VAL EA 76 -21.95 62.26 59.63
C VAL EA 76 -22.68 63.49 59.11
N SER EA 77 -23.47 63.32 58.04
CA SER EA 77 -24.16 64.44 57.45
C SER EA 77 -25.25 64.98 58.38
N VAL EA 78 -25.60 66.24 58.16
CA VAL EA 78 -26.56 66.96 59.01
C VAL EA 78 -27.99 66.41 58.90
N PRO EA 79 -28.50 65.97 57.72
CA PRO EA 79 -29.76 65.21 57.77
C PRO EA 79 -29.68 63.91 58.55
N ASP EA 80 -28.54 63.24 58.54
CA ASP EA 80 -28.38 62.03 59.36
C ASP EA 80 -28.37 62.39 60.84
N TYR EA 81 -27.78 63.52 61.21
CA TYR EA 81 -27.77 63.95 62.60
C TYR EA 81 -29.18 64.31 63.08
N THR EA 82 -29.96 64.98 62.24
CA THR EA 82 -31.33 65.31 62.62
C THR EA 82 -32.22 64.08 62.65
N ASN EA 83 -31.88 63.05 61.85
CA ASN EA 83 -32.61 61.79 61.96
C ASN EA 83 -32.20 61.00 63.20
N ILE EA 84 -30.95 61.12 63.62
CA ILE EA 84 -30.49 60.41 64.81
C ILE EA 84 -31.15 60.99 66.05
N THR EA 85 -31.07 62.31 66.22
CA THR EA 85 -31.51 62.90 67.48
C THR EA 85 -33.03 62.96 67.63
N ASN EA 86 -33.78 62.73 66.55
CA ASN EA 86 -35.23 62.60 66.64
C ASN EA 86 -35.67 61.16 66.86
N GLY EA 87 -34.74 60.24 67.06
CA GLY EA 87 -35.09 58.85 67.29
C GLY EA 87 -35.52 58.11 66.05
N ALA EA 88 -35.17 58.60 64.86
CA ALA EA 88 -35.57 57.93 63.64
C ALA EA 88 -34.54 56.93 63.14
N GLU EA 89 -33.31 56.98 63.62
CA GLU EA 89 -32.34 55.95 63.29
C GLU EA 89 -31.37 55.79 64.45
N ALA EA 90 -30.68 54.66 64.46
CA ALA EA 90 -29.96 54.20 65.64
C ALA EA 90 -28.65 54.96 65.82
N ASP EA 91 -28.25 55.08 67.08
CA ASP EA 91 -26.96 55.64 67.46
C ASP EA 91 -26.04 54.52 67.94
N GLY EA 92 -24.77 54.84 68.10
CA GLY EA 92 -23.83 53.86 68.61
C GLY EA 92 -22.43 54.16 68.12
N VAL EA 93 -21.56 53.17 68.25
CA VAL EA 93 -20.18 53.31 67.86
C VAL EA 93 -19.89 52.41 66.67
N ILE EA 94 -18.70 52.57 66.09
CA ILE EA 94 -18.25 51.80 64.95
C ILE EA 94 -16.86 51.28 65.24
N LEU EA 95 -16.69 49.96 65.12
CA LEU EA 95 -15.42 49.29 65.38
C LEU EA 95 -14.71 49.06 64.06
N ILE EA 96 -13.43 49.42 64.01
CA ILE EA 96 -12.64 49.37 62.77
C ILE EA 96 -11.60 48.27 62.90
N TYR EA 97 -11.70 47.26 62.04
CA TYR EA 97 -10.85 46.07 62.11
C TYR EA 97 -9.86 46.01 60.96
N LYS EA 98 -8.76 45.29 61.18
CA LYS EA 98 -7.75 45.03 60.17
C LYS EA 98 -7.61 43.53 60.02
N ASP EA 99 -7.73 43.04 58.78
CA ASP EA 99 -7.76 41.62 58.43
C ASP EA 99 -8.89 40.86 59.12
N GLY EA 100 -9.95 41.56 59.50
CA GLY EA 100 -11.07 40.95 60.19
C GLY EA 100 -10.80 40.46 61.60
N VAL EA 101 -9.63 40.70 62.16
CA VAL EA 101 -9.26 40.13 63.45
C VAL EA 101 -8.84 41.20 64.46
N LYS EA 102 -8.01 42.15 64.04
CA LYS EA 102 -7.36 43.07 64.96
C LYS EA 102 -8.14 44.38 65.01
N LEU EA 103 -8.61 44.74 66.19
CA LEU EA 103 -9.31 46.01 66.39
C LEU EA 103 -8.30 47.13 66.58
N MET EA 104 -8.54 48.27 65.94
CA MET EA 104 -7.65 49.41 66.09
C MET EA 104 -8.33 50.68 66.55
N LEU EA 105 -9.61 50.88 66.22
CA LEU EA 105 -10.28 52.11 66.61
C LEU EA 105 -11.75 51.83 66.88
N THR EA 106 -12.31 52.65 67.76
CA THR EA 106 -13.74 52.69 68.02
C THR EA 106 -14.16 54.15 67.91
N THR EA 107 -15.08 54.43 67.01
CA THR EA 107 -15.46 55.82 66.79
C THR EA 107 -16.32 56.31 67.94
N PRO EA 108 -16.05 57.48 68.49
CA PRO EA 108 -16.78 57.94 69.66
C PRO EA 108 -18.19 58.45 69.37
N LEU EA 109 -19.17 57.53 69.36
CA LEU EA 109 -20.59 57.85 69.40
C LEU EA 109 -21.05 58.72 68.23
N ILE EA 110 -21.19 58.13 67.05
CA ILE EA 110 -21.33 58.78 65.74
C ILE EA 110 -22.34 59.92 65.64
N SER EA 111 -23.28 60.03 66.59
CA SER EA 111 -24.13 61.21 66.67
C SER EA 111 -23.34 62.45 67.03
N SER EA 112 -22.24 62.29 67.76
CA SER EA 112 -21.45 63.43 68.21
C SER EA 112 -20.57 64.00 67.12
N MET EA 113 -20.19 63.19 66.13
CA MET EA 113 -19.30 63.70 65.07
C MET EA 113 -20.06 64.21 63.86
N SER EA 114 -21.05 65.07 64.09
CA SER EA 114 -21.74 65.73 62.99
C SER EA 114 -20.87 66.82 62.41
N ILE EA 115 -21.07 67.10 61.13
CA ILE EA 115 -20.17 68.01 60.42
C ILE EA 115 -20.51 69.47 60.64
N SER EA 116 -21.71 69.77 61.13
CA SER EA 116 -22.10 71.17 61.30
C SER EA 116 -21.44 71.82 62.51
N ASN EA 117 -21.10 71.05 63.54
CA ASN EA 117 -20.48 71.64 64.71
C ASN EA 117 -18.99 71.85 64.48
N PRO EA 118 -18.44 72.99 64.90
CA PRO EA 118 -16.98 73.14 64.85
C PRO EA 118 -16.27 72.33 65.90
N ALA EA 119 -16.94 72.00 67.00
CA ALA EA 119 -16.37 71.13 68.03
C ALA EA 119 -16.74 69.67 67.81
N ARG EA 120 -16.48 69.18 66.60
CA ARG EA 120 -16.77 67.81 66.23
C ARG EA 120 -15.61 66.93 66.63
N THR EA 121 -15.88 65.87 67.38
CA THR EA 121 -14.81 64.95 67.73
C THR EA 121 -14.48 64.04 66.56
N HIS EA 122 -13.20 63.84 66.33
CA HIS EA 122 -12.76 63.14 65.13
C HIS EA 122 -12.42 61.69 65.46
N LEU EA 123 -11.78 61.01 64.53
CA LEU EA 123 -11.07 59.79 64.87
C LEU EA 123 -9.79 60.12 65.62
N ALA EA 124 -9.26 59.12 66.31
CA ALA EA 124 -8.08 59.36 67.11
C ALA EA 124 -6.83 59.47 66.25
N GLN EA 125 -6.73 58.69 65.17
CA GLN EA 125 -5.48 58.61 64.45
C GLN EA 125 -5.78 58.10 63.05
N ALA EA 126 -4.94 58.51 62.10
CA ALA EA 126 -5.08 58.06 60.72
C ALA EA 126 -4.46 56.68 60.59
N VAL EA 127 -5.26 55.72 60.15
CA VAL EA 127 -4.84 54.31 60.12
C VAL EA 127 -4.24 53.99 58.76
N LYS EA 128 -3.05 53.40 58.78
CA LYS EA 128 -2.42 52.91 57.56
C LYS EA 128 -2.91 51.52 57.23
N TYR EA 129 -3.47 51.36 56.03
CA TYR EA 129 -3.85 50.04 55.52
C TYR EA 129 -2.86 49.71 54.42
N SER EA 130 -2.08 48.66 54.64
CA SER EA 130 -0.96 48.31 53.78
C SER EA 130 -1.50 47.65 52.52
N PRO EA 131 -0.62 47.28 51.57
CA PRO EA 131 -1.02 46.28 50.57
C PRO EA 131 -1.41 44.96 51.20
N GLN EA 132 -1.95 44.04 50.41
CA GLN EA 132 -3.18 43.31 50.71
C GLN EA 132 -3.55 43.11 52.18
N SER EA 133 -4.75 43.53 52.51
CA SER EA 133 -5.30 43.58 53.86
C SER EA 133 -6.78 43.78 53.73
N ILE EA 134 -7.52 43.31 54.72
CA ILE EA 134 -8.98 43.34 54.68
C ILE EA 134 -9.47 44.45 55.61
N LEU EA 135 -10.16 45.41 55.04
CA LEU EA 135 -10.83 46.42 55.84
C LEU EA 135 -12.27 45.99 56.08
N THR EA 136 -12.71 46.03 57.34
CA THR EA 136 -14.09 45.81 57.67
C THR EA 136 -14.45 46.63 58.91
N MET EA 137 -15.74 46.95 59.02
CA MET EA 137 -16.24 47.75 60.14
C MET EA 137 -17.44 47.06 60.73
N TYR EA 138 -17.78 47.44 61.96
CA TYR EA 138 -18.95 46.92 62.64
C TYR EA 138 -19.66 48.04 63.36
N PHE EA 139 -20.97 47.89 63.55
CA PHE EA 139 -21.80 48.93 64.15
C PHE EA 139 -22.39 48.41 65.46
N ASN EA 140 -21.88 48.91 66.58
CA ASN EA 140 -22.35 48.50 67.89
C ASN EA 140 -23.34 49.53 68.42
N PRO EA 141 -24.63 49.24 68.43
CA PRO EA 141 -25.62 50.29 68.69
C PRO EA 141 -25.95 50.50 70.17
N THR EA 142 -26.06 51.76 70.54
CA THR EA 142 -26.63 52.19 71.81
C THR EA 142 -27.78 53.15 71.52
N LYS EA 143 -28.91 52.94 72.22
CA LYS EA 143 -30.19 53.61 71.97
C LYS EA 143 -30.60 53.46 70.51
N PRO EA 144 -31.13 52.31 70.11
CA PRO EA 144 -31.50 52.12 68.70
C PRO EA 144 -32.76 52.89 68.28
N ALA EA 145 -33.18 52.68 67.04
CA ALA EA 145 -34.27 53.46 66.46
C ALA EA 145 -35.61 53.10 67.10
N THR EA 146 -36.34 54.12 67.53
CA THR EA 146 -37.62 53.93 68.22
C THR EA 146 -38.81 54.39 67.40
N ALA EA 147 -38.67 55.48 66.65
CA ALA EA 147 -39.80 56.03 65.92
C ALA EA 147 -40.11 55.19 64.68
N SER EA 148 -41.34 55.31 64.19
CA SER EA 148 -41.72 54.63 62.97
C SER EA 148 -41.07 55.32 61.77
N THR EA 149 -41.18 54.65 60.61
CA THR EA 149 -40.48 55.01 59.37
C THR EA 149 -38.99 55.20 59.61
N SER EA 150 -38.33 54.15 60.08
CA SER EA 150 -36.95 54.26 60.49
C SER EA 150 -36.03 54.20 59.27
N TYR EA 151 -34.79 54.64 59.46
CA TYR EA 151 -33.87 54.87 58.36
C TYR EA 151 -32.57 54.10 58.56
N PRO EA 152 -31.87 53.76 57.48
CA PRO EA 152 -30.54 53.15 57.63
C PRO EA 152 -29.51 54.15 58.11
N ASN EA 153 -28.41 53.63 58.64
CA ASN EA 153 -27.34 54.51 59.07
C ASN EA 153 -26.26 54.62 57.99
N THR EA 154 -25.60 55.77 57.96
CA THR EA 154 -24.59 56.05 56.95
C THR EA 154 -23.55 56.98 57.53
N VAL EA 155 -22.28 56.55 57.52
CA VAL EA 155 -21.17 57.34 58.03
C VAL EA 155 -20.13 57.47 56.93
N TYR EA 156 -19.65 58.68 56.69
CA TYR EA 156 -18.72 58.94 55.61
C TYR EA 156 -17.31 58.99 56.15
N PHE EA 157 -16.37 58.46 55.38
CA PHE EA 157 -14.96 58.41 55.73
C PHE EA 157 -14.16 59.06 54.61
N THR EA 158 -12.94 59.48 54.93
CA THR EA 158 -12.07 60.09 53.94
C THR EA 158 -10.79 59.27 53.87
N VAL EA 159 -10.48 58.76 52.68
CA VAL EA 159 -9.39 57.83 52.47
C VAL EA 159 -8.36 58.53 51.60
N VAL EA 160 -7.07 58.32 51.89
CA VAL EA 160 -6.00 58.80 51.05
C VAL EA 160 -5.34 57.59 50.38
N VAL EA 161 -5.44 57.52 49.06
CA VAL EA 161 -5.03 56.35 48.30
C VAL EA 161 -3.72 56.66 47.59
N VAL EA 162 -2.75 55.77 47.72
CA VAL EA 162 -1.46 55.91 47.05
C VAL EA 162 -1.30 54.74 46.10
N ASP EA 163 -1.50 54.98 44.81
CA ASP EA 163 -1.47 53.96 43.79
C ASP EA 163 -0.09 53.89 43.14
N PHE EA 164 0.29 52.70 42.69
CA PHE EA 164 1.57 52.48 42.05
C PHE EA 164 1.48 51.71 40.74
N SER EA 165 0.29 51.57 40.15
CA SER EA 165 0.13 50.64 39.03
C SER EA 165 0.75 51.16 37.75
N TYR EA 166 0.69 52.46 37.49
CA TYR EA 166 1.15 52.97 36.21
C TYR EA 166 2.63 53.27 36.17
N ALA EA 167 3.36 53.12 37.29
CA ALA EA 167 4.70 53.67 37.37
C ALA EA 167 5.71 52.82 36.60
N GLN EA 168 5.90 51.59 37.04
CA GLN EA 168 6.90 50.68 36.50
C GLN EA 168 6.35 49.28 36.70
N ASN EA 169 7.23 48.29 36.77
CA ASN EA 169 6.86 47.10 37.51
C ASN EA 169 6.43 47.53 38.91
N PRO EA 170 5.14 47.40 39.25
CA PRO EA 170 4.64 48.00 40.49
C PRO EA 170 5.02 47.24 41.74
N ALA EA 171 5.52 46.02 41.62
CA ALA EA 171 5.86 45.21 42.79
C ALA EA 171 7.05 45.79 43.54
N ARG EA 172 8.09 46.16 42.79
CA ARG EA 172 9.28 46.77 43.39
C ARG EA 172 8.96 48.10 44.07
N ALA EA 173 8.16 48.94 43.41
CA ALA EA 173 7.80 50.24 43.96
C ALA EA 173 6.93 50.09 45.19
N VAL EA 174 6.00 49.13 45.17
CA VAL EA 174 5.13 48.93 46.33
C VAL EA 174 5.91 48.40 47.52
N VAL EA 175 6.84 47.45 47.31
CA VAL EA 175 7.57 46.94 48.47
C VAL EA 175 8.57 47.97 48.99
N SER EA 176 9.15 48.80 48.12
CA SER EA 176 10.07 49.83 48.60
C SER EA 176 9.32 50.94 49.32
N ALA EA 177 8.12 51.28 48.85
CA ALA EA 177 7.34 52.31 49.52
C ALA EA 177 6.81 51.83 50.86
N ASN EA 178 6.29 50.61 50.92
CA ASN EA 178 5.80 50.08 52.19
C ASN EA 178 6.95 49.82 53.15
N ALA EA 179 8.17 49.67 52.65
CA ALA EA 179 9.33 49.70 53.53
C ALA EA 179 9.58 51.10 54.07
N VAL EA 180 9.51 52.12 53.23
CA VAL EA 180 9.91 53.46 53.68
C VAL EA 180 8.76 54.16 54.42
N MET EA 181 7.52 53.90 54.04
CA MET EA 181 6.38 54.58 54.66
C MET EA 181 5.32 53.58 55.05
N SER FA 4 -8.78 67.82 68.74
CA SER FA 4 -7.42 67.43 68.41
C SER FA 4 -6.58 67.26 69.67
N VAL FA 5 -7.24 66.99 70.80
CA VAL FA 5 -6.55 66.66 72.02
C VAL FA 5 -6.41 65.16 72.21
N THR FA 6 -7.34 64.35 71.68
CA THR FA 6 -7.16 62.90 71.65
C THR FA 6 -6.06 62.53 70.68
N GLN FA 7 -5.97 63.23 69.55
CA GLN FA 7 -4.99 62.89 68.53
C GLN FA 7 -3.57 63.25 68.92
N GLN FA 8 -3.40 64.08 69.95
CA GLN FA 8 -2.07 64.42 70.45
C GLN FA 8 -1.58 63.41 71.47
N VAL FA 9 -2.47 62.96 72.35
CA VAL FA 9 -2.09 61.97 73.34
C VAL FA 9 -2.06 60.57 72.74
N PHE FA 10 -2.83 60.31 71.68
CA PHE FA 10 -2.75 59.02 71.00
C PHE FA 10 -1.41 58.90 70.30
N ASN FA 11 -1.02 59.92 69.54
CA ASN FA 11 0.24 59.92 68.81
C ASN FA 11 1.43 59.93 69.75
N PHE FA 12 1.29 60.51 70.93
CA PHE FA 12 2.36 60.45 71.93
C PHE FA 12 2.55 59.04 72.43
N ALA FA 13 1.48 58.24 72.50
CA ALA FA 13 1.62 56.87 72.98
C ALA FA 13 2.27 55.98 71.93
N VAL FA 14 1.91 56.15 70.66
CA VAL FA 14 2.44 55.30 69.59
C VAL FA 14 3.91 55.57 69.31
N THR FA 15 4.41 56.76 69.63
CA THR FA 15 5.83 57.00 69.42
C THR FA 15 6.66 56.64 70.64
N LYS FA 16 6.02 56.45 71.80
CA LYS FA 16 6.72 56.16 73.04
C LYS FA 16 6.64 54.70 73.42
N SER FA 17 5.49 54.06 73.22
CA SER FA 17 5.34 52.65 73.53
C SER FA 17 5.73 51.74 72.37
N GLN FA 18 6.28 52.28 71.30
CA GLN FA 18 6.65 51.46 70.16
C GLN FA 18 7.90 50.60 70.36
N PRO FA 19 9.04 51.07 70.93
CA PRO FA 19 10.19 50.17 71.03
C PRO FA 19 10.02 49.02 72.00
N PHE FA 20 9.08 49.10 72.93
CA PHE FA 20 8.82 48.00 73.83
C PHE FA 20 7.66 47.14 73.37
N GLY FA 21 6.95 47.56 72.33
CA GLY FA 21 5.83 46.79 71.84
C GLY FA 21 4.58 47.19 72.57
N GLY FA 22 3.63 47.78 71.86
CA GLY FA 22 2.45 48.27 72.54
C GLY FA 22 1.27 48.39 71.60
N TYR FA 23 0.16 47.81 71.99
CA TYR FA 23 -1.03 47.76 71.17
C TYR FA 23 -1.93 48.91 71.62
N VAL FA 24 -1.78 50.05 70.94
CA VAL FA 24 -2.42 51.29 71.33
C VAL FA 24 -3.72 51.41 70.54
N TYR FA 25 -4.81 51.72 71.21
CA TYR FA 25 -6.11 51.89 70.56
C TYR FA 25 -7.02 52.69 71.48
N SER FA 26 -8.18 53.05 70.96
CA SER FA 26 -9.14 53.89 71.66
C SER FA 26 -10.36 53.07 72.08
N THR FA 27 -11.08 53.58 73.08
CA THR FA 27 -12.21 52.87 73.67
C THR FA 27 -13.14 53.89 74.30
N ASN FA 28 -14.45 53.71 74.09
CA ASN FA 28 -15.47 54.58 74.65
C ASN FA 28 -15.91 54.05 76.02
N LEU FA 29 -15.81 54.89 77.05
CA LEU FA 29 -16.19 54.57 78.41
C LEU FA 29 -17.54 55.20 78.73
N THR FA 30 -18.32 54.54 79.57
CA THR FA 30 -19.63 55.05 79.98
C THR FA 30 -19.72 55.07 81.50
N ALA FA 31 -20.15 56.21 82.06
CA ALA FA 31 -20.42 56.35 83.48
C ALA FA 31 -21.89 56.70 83.65
N SER FA 32 -22.62 55.87 84.38
CA SER FA 32 -24.08 55.98 84.46
C SER FA 32 -24.52 56.01 85.91
N THR FA 33 -24.91 57.19 86.40
CA THR FA 33 -25.52 57.29 87.71
C THR FA 33 -26.96 56.79 87.63
N SER FA 34 -27.27 55.78 88.43
CA SER FA 34 -28.50 55.03 88.26
C SER FA 34 -29.68 55.63 89.03
N SER FA 35 -30.85 55.53 88.41
CA SER FA 35 -32.18 55.66 89.03
C SER FA 35 -32.40 57.01 89.72
N ALA FA 36 -32.39 58.07 88.91
CA ALA FA 36 -33.07 59.35 89.18
C ALA FA 36 -32.53 60.05 90.44
N VAL FA 37 -31.31 60.55 90.30
CA VAL FA 37 -30.67 61.31 91.38
C VAL FA 37 -31.47 62.57 91.67
N THR FA 38 -31.80 62.79 92.94
CA THR FA 38 -32.66 63.89 93.35
C THR FA 38 -32.16 64.71 94.55
N SER FA 39 -31.33 64.16 95.43
CA SER FA 39 -31.00 64.88 96.64
C SER FA 39 -29.51 65.15 96.84
N THR FA 40 -28.68 64.12 96.86
CA THR FA 40 -27.34 64.22 97.44
C THR FA 40 -26.34 63.55 96.50
N GLN FA 41 -25.10 63.40 97.00
CA GLN FA 41 -24.03 62.82 96.20
C GLN FA 41 -24.27 61.36 95.89
N LEU FA 42 -24.14 61.00 94.62
CA LEU FA 42 -24.36 59.64 94.13
C LEU FA 42 -23.05 59.05 93.61
N THR FA 43 -23.15 57.84 93.11
CA THR FA 43 -21.97 57.14 92.58
C THR FA 43 -22.33 56.52 91.24
N PRO FA 44 -21.59 56.81 90.17
CA PRO FA 44 -21.95 56.29 88.86
C PRO FA 44 -21.36 54.92 88.59
N LEU FA 45 -22.12 54.12 87.85
CA LEU FA 45 -21.68 52.78 87.47
C LEU FA 45 -20.74 52.88 86.27
N ASN FA 46 -19.46 52.65 86.50
CA ASN FA 46 -18.50 52.70 85.41
C ASN FA 46 -18.66 51.48 84.51
N LEU FA 47 -18.32 51.65 83.24
CA LEU FA 47 -18.59 50.62 82.24
C LEU FA 47 -17.64 50.82 81.09
N SER FA 48 -16.64 49.95 80.97
CA SER FA 48 -15.68 50.04 79.89
C SER FA 48 -15.69 48.71 79.13
N ILE FA 49 -15.83 48.79 77.81
CA ILE FA 49 -15.88 47.58 76.99
C ILE FA 49 -14.58 47.48 76.23
N THR FA 50 -13.72 46.58 76.66
CA THR FA 50 -12.36 46.45 76.14
C THR FA 50 -12.43 45.69 74.80
N LEU FA 51 -11.28 45.23 74.29
CA LEU FA 51 -11.23 44.67 72.94
C LEU FA 51 -12.00 43.35 72.83
N GLY FA 52 -11.86 42.46 73.80
CA GLY FA 52 -12.49 41.16 73.69
C GLY FA 52 -13.83 41.08 74.37
N GLN FA 53 -14.66 42.13 74.21
CA GLN FA 53 -16.02 42.33 74.68
C GLN FA 53 -16.15 42.36 76.21
N ILE FA 54 -15.04 42.28 76.93
CA ILE FA 54 -15.06 42.16 78.39
C ILE FA 54 -15.56 43.47 79.00
N THR FA 55 -16.75 43.42 79.58
CA THR FA 55 -17.44 44.63 80.03
C THR FA 55 -17.25 44.80 81.53
N LEU FA 56 -16.18 45.53 81.87
CA LEU FA 56 -15.87 45.83 83.26
C LEU FA 56 -16.89 46.77 83.86
N SER FA 57 -17.73 46.27 84.75
CA SER FA 57 -18.82 47.05 85.31
C SER FA 57 -18.62 47.27 86.80
N GLY FA 58 -19.62 47.85 87.44
CA GLY FA 58 -19.56 48.15 88.85
C GLY FA 58 -18.79 49.42 89.14
N ASN FA 59 -18.97 49.93 90.35
CA ASN FA 59 -18.26 51.11 90.79
C ASN FA 59 -16.78 50.80 90.95
N SER FA 60 -15.93 51.81 90.71
CA SER FA 60 -14.51 51.80 91.03
C SER FA 60 -13.76 50.68 90.30
N LEU FA 61 -13.67 50.85 88.98
CA LEU FA 61 -12.91 49.91 88.15
C LEU FA 61 -11.44 49.90 88.52
N VAL FA 62 -10.86 48.71 88.57
CA VAL FA 62 -9.43 48.55 88.72
C VAL FA 62 -8.83 48.37 87.34
N ILE FA 63 -7.75 49.11 87.05
CA ILE FA 63 -7.08 49.03 85.76
C ILE FA 63 -6.38 47.69 85.63
N PRO FA 64 -6.46 47.01 84.48
CA PRO FA 64 -5.72 45.75 84.29
C PRO FA 64 -4.22 45.94 84.40
N ALA FA 65 -3.53 44.84 84.72
CA ALA FA 65 -2.16 44.92 85.19
C ALA FA 65 -1.15 45.23 84.11
N THR FA 66 -1.53 45.19 82.83
CA THR FA 66 -0.60 45.47 81.74
C THR FA 66 -1.08 46.61 80.85
N GLN FA 67 -1.87 47.53 81.40
CA GLN FA 67 -2.46 48.59 80.58
C GLN FA 67 -2.25 49.94 81.22
N ILE FA 68 -2.07 50.95 80.37
CA ILE FA 68 -1.98 52.35 80.75
C ILE FA 68 -3.15 53.07 80.09
N TRP FA 69 -3.93 53.79 80.88
CA TRP FA 69 -5.10 54.48 80.35
C TRP FA 69 -4.86 55.97 80.33
N TYR FA 70 -5.59 56.67 79.47
CA TYR FA 70 -5.53 58.12 79.38
C TYR FA 70 -6.96 58.61 79.16
N LEU FA 71 -7.58 59.14 80.20
CA LEU FA 71 -8.96 59.60 80.08
C LEU FA 71 -8.97 61.01 79.53
N THR FA 72 -9.44 61.18 78.29
CA THR FA 72 -9.22 62.42 77.56
C THR FA 72 -10.47 63.28 77.38
N ASP FA 73 -11.51 62.74 76.76
CA ASP FA 73 -12.65 63.56 76.37
C ASP FA 73 -13.89 63.10 77.11
N ALA FA 74 -14.91 63.95 77.11
CA ALA FA 74 -16.17 63.67 77.78
C ALA FA 74 -17.25 64.48 77.12
N TYR FA 75 -18.42 63.87 76.92
CA TYR FA 75 -19.53 64.55 76.27
C TYR FA 75 -20.82 63.95 76.78
N VAL FA 76 -21.92 64.53 76.31
CA VAL FA 76 -23.28 64.18 76.73
C VAL FA 76 -24.14 64.15 75.48
N SER FA 77 -24.90 63.08 75.29
CA SER FA 77 -25.72 62.96 74.09
C SER FA 77 -26.89 63.94 74.11
N VAL FA 78 -27.53 64.07 72.95
CA VAL FA 78 -28.63 65.03 72.82
C VAL FA 78 -29.90 64.63 73.58
N PRO FA 79 -30.35 63.37 73.61
CA PRO FA 79 -31.52 63.07 74.45
C PRO FA 79 -31.26 63.18 75.95
N ASP FA 80 -30.01 63.21 76.40
CA ASP FA 80 -29.76 63.51 77.81
C ASP FA 80 -29.90 65.00 78.08
N TYR FA 81 -29.32 65.84 77.21
CA TYR FA 81 -29.42 67.28 77.36
C TYR FA 81 -30.83 67.78 77.14
N THR FA 82 -31.65 67.03 76.40
CA THR FA 82 -33.07 67.33 76.32
C THR FA 82 -33.75 67.09 77.66
N ASN FA 83 -33.27 66.12 78.43
CA ASN FA 83 -33.87 65.81 79.72
C ASN FA 83 -33.35 66.70 80.85
N ILE FA 84 -32.11 67.18 80.76
CA ILE FA 84 -31.55 68.00 81.83
C ILE FA 84 -32.24 69.36 81.89
N THR FA 85 -32.38 70.00 80.73
CA THR FA 85 -32.96 71.33 80.67
C THR FA 85 -34.45 71.35 80.94
N ASN FA 86 -35.12 70.20 80.85
CA ASN FA 86 -36.55 70.13 81.12
C ASN FA 86 -36.87 69.59 82.51
N GLY FA 87 -35.85 69.42 83.35
CA GLY FA 87 -36.09 68.95 84.70
C GLY FA 87 -36.39 67.47 84.81
N ALA FA 88 -35.92 66.67 83.86
CA ALA FA 88 -36.12 65.23 83.94
C ALA FA 88 -34.94 64.51 84.58
N GLU FA 89 -33.75 65.09 84.56
CA GLU FA 89 -32.62 64.52 85.28
C GLU FA 89 -31.74 65.65 85.77
N ALA FA 90 -30.80 65.29 86.64
CA ALA FA 90 -30.07 66.30 87.39
C ALA FA 90 -28.87 66.81 86.61
N ASP FA 91 -28.54 68.08 86.86
CA ASP FA 91 -27.26 68.64 86.49
C ASP FA 91 -26.26 68.35 87.60
N GLY FA 92 -25.07 68.91 87.49
CA GLY FA 92 -24.07 68.73 88.51
C GLY FA 92 -22.72 68.50 87.88
N VAL FA 93 -21.75 68.18 88.72
CA VAL FA 93 -20.39 67.95 88.28
C VAL FA 93 -20.04 66.48 88.51
N ILE FA 94 -18.89 66.07 88.00
CA ILE FA 94 -18.41 64.70 88.17
C ILE FA 94 -16.96 64.76 88.61
N LEU FA 95 -16.65 64.20 89.77
CA LEU FA 95 -15.31 64.22 90.32
C LEU FA 95 -14.60 62.91 89.98
N ILE FA 96 -13.33 63.02 89.59
CA ILE FA 96 -12.57 61.88 89.10
C ILE FA 96 -11.43 61.62 90.07
N TYR FA 97 -11.46 60.47 90.72
CA TYR FA 97 -10.48 60.10 91.74
C TYR FA 97 -9.48 59.10 91.19
N LYS FA 98 -8.51 58.76 92.04
CA LYS FA 98 -7.48 57.79 91.71
C LYS FA 98 -6.92 57.26 93.03
N ASP FA 99 -6.96 55.93 93.18
CA ASP FA 99 -6.66 55.22 94.43
C ASP FA 99 -7.54 55.67 95.59
N GLY FA 100 -8.74 56.17 95.30
CA GLY FA 100 -9.67 56.58 96.33
C GLY FA 100 -9.36 57.86 97.07
N VAL FA 101 -8.17 58.43 96.92
CA VAL FA 101 -7.79 59.61 97.68
C VAL FA 101 -7.47 60.81 96.78
N LYS FA 102 -6.70 60.60 95.72
CA LYS FA 102 -6.20 61.71 94.93
C LYS FA 102 -7.27 62.18 93.95
N LEU FA 103 -7.76 63.40 94.15
CA LEU FA 103 -8.71 64.02 93.23
C LEU FA 103 -7.95 64.78 92.16
N MET FA 104 -8.24 64.49 90.89
CA MET FA 104 -7.51 65.12 89.80
C MET FA 104 -8.33 65.99 88.87
N LEU FA 105 -9.65 65.88 88.88
CA LEU FA 105 -10.46 66.70 87.99
C LEU FA 105 -11.82 66.98 88.60
N THR FA 106 -12.52 67.93 87.98
CA THR FA 106 -13.93 68.17 88.21
C THR FA 106 -14.52 68.58 86.88
N THR FA 107 -15.49 67.81 86.39
CA THR FA 107 -16.02 68.14 85.07
C THR FA 107 -16.98 69.32 85.17
N PRO FA 108 -16.83 70.32 84.33
CA PRO FA 108 -17.63 71.53 84.46
C PRO FA 108 -19.07 71.39 84.00
N LEU FA 109 -19.96 70.97 84.90
CA LEU FA 109 -21.41 71.10 84.74
C LEU FA 109 -21.98 70.39 83.51
N ILE FA 110 -22.08 69.06 83.57
CA ILE FA 110 -22.33 68.13 82.47
C ILE FA 110 -23.41 68.52 81.46
N SER FA 111 -24.35 69.39 81.86
CA SER FA 111 -25.25 69.98 80.88
C SER FA 111 -24.53 70.90 79.91
N SER FA 112 -23.44 71.51 80.31
CA SER FA 112 -22.69 72.39 79.42
C SER FA 112 -21.69 71.65 78.56
N MET FA 113 -21.45 70.36 78.82
CA MET FA 113 -20.62 69.52 77.97
C MET FA 113 -21.44 68.81 76.90
N SER FA 114 -22.65 69.28 76.64
CA SER FA 114 -23.53 68.62 75.70
C SER FA 114 -23.04 68.80 74.28
N ILE FA 115 -23.47 67.90 73.41
CA ILE FA 115 -22.98 67.88 72.05
C ILE FA 115 -23.93 68.57 71.09
N SER FA 116 -25.13 68.94 71.55
CA SER FA 116 -26.05 69.70 70.72
C SER FA 116 -25.68 71.17 70.62
N ASN FA 117 -24.65 71.62 71.31
CA ASN FA 117 -24.15 72.99 71.28
C ASN FA 117 -22.93 73.07 70.37
N PRO FA 118 -22.74 74.17 69.64
CA PRO FA 118 -21.58 74.29 68.77
C PRO FA 118 -20.29 74.74 69.46
N ALA FA 119 -20.30 74.97 70.76
CA ALA FA 119 -19.09 75.39 71.46
C ALA FA 119 -18.95 74.63 72.77
N ARG FA 120 -19.08 73.31 72.69
CA ARG FA 120 -19.05 72.42 73.85
C ARG FA 120 -17.73 72.55 74.61
N THR FA 121 -17.83 72.63 75.94
CA THR FA 121 -16.65 72.84 76.76
C THR FA 121 -15.87 71.55 76.96
N HIS FA 122 -14.57 71.70 77.17
CA HIS FA 122 -13.62 70.59 77.19
C HIS FA 122 -13.07 70.39 78.60
N LEU FA 123 -12.31 69.30 78.76
CA LEU FA 123 -11.68 69.02 80.04
C LEU FA 123 -10.40 69.85 80.19
N ALA FA 124 -9.78 69.71 81.37
CA ALA FA 124 -8.60 70.50 81.66
C ALA FA 124 -7.32 69.83 81.16
N GLN FA 125 -7.22 68.51 81.30
CA GLN FA 125 -6.00 67.80 80.92
C GLN FA 125 -6.36 66.34 80.68
N ALA FA 126 -5.64 65.70 79.76
CA ALA FA 126 -5.78 64.27 79.54
C ALA FA 126 -5.19 63.54 80.73
N VAL FA 127 -6.06 62.94 81.54
CA VAL FA 127 -5.67 62.37 82.83
C VAL FA 127 -5.10 60.98 82.60
N LYS FA 128 -3.85 60.78 82.98
CA LYS FA 128 -3.26 59.45 82.79
C LYS FA 128 -3.67 58.54 83.94
N TYR FA 129 -3.43 57.24 83.73
CA TYR FA 129 -3.82 56.24 84.71
C TYR FA 129 -2.86 55.07 84.59
N SER FA 130 -2.21 54.73 85.68
CA SER FA 130 -1.09 53.80 85.69
C SER FA 130 -1.62 52.38 85.61
N PRO FA 131 -0.75 51.37 85.54
CA PRO FA 131 -1.16 50.01 85.91
C PRO FA 131 -1.61 49.95 87.36
N GLN FA 132 -2.21 48.82 87.72
CA GLN FA 132 -3.42 48.69 88.52
C GLN FA 132 -3.60 49.74 89.63
N SER FA 133 -4.73 50.42 89.58
CA SER FA 133 -5.05 51.58 90.41
C SER FA 133 -6.51 51.87 90.22
N ILE FA 134 -7.19 52.19 91.32
CA ILE FA 134 -8.64 52.24 91.31
C ILE FA 134 -9.12 53.52 90.63
N LEU FA 135 -10.14 53.41 89.77
CA LEU FA 135 -10.70 54.53 89.03
C LEU FA 135 -12.16 54.69 89.43
N THR FA 136 -12.42 55.51 90.43
CA THR FA 136 -13.78 55.74 90.89
C THR FA 136 -14.20 57.18 90.62
N MET FA 137 -15.51 57.39 90.53
CA MET FA 137 -16.08 58.68 90.23
C MET FA 137 -17.25 58.93 91.15
N TYR FA 138 -17.72 60.18 91.17
CA TYR FA 138 -18.86 60.56 91.98
C TYR FA 138 -19.64 61.65 91.27
N PHE FA 139 -20.94 61.72 91.54
CA PHE FA 139 -21.83 62.69 90.94
C PHE FA 139 -22.32 63.63 92.02
N ASN FA 140 -22.01 64.92 91.89
CA ASN FA 140 -22.40 65.93 92.86
C ASN FA 140 -23.49 66.81 92.27
N PRO FA 141 -24.77 66.53 92.51
CA PRO FA 141 -25.82 67.24 91.78
C PRO FA 141 -26.15 68.62 92.35
N THR FA 142 -26.05 69.60 91.48
CA THR FA 142 -26.58 70.94 91.72
C THR FA 142 -27.76 71.14 90.79
N LYS FA 143 -28.85 71.71 91.32
CA LYS FA 143 -30.16 71.83 90.68
C LYS FA 143 -30.63 70.45 90.22
N PRO FA 144 -31.07 69.59 91.14
CA PRO FA 144 -31.32 68.19 90.80
C PRO FA 144 -32.59 67.96 89.99
N ALA FA 145 -32.92 66.68 89.79
CA ALA FA 145 -34.10 66.31 89.00
C ALA FA 145 -35.37 66.74 89.70
N THR FA 146 -36.31 67.28 88.93
CA THR FA 146 -37.49 67.93 89.48
C THR FA 146 -38.79 67.25 89.08
N ALA FA 147 -39.00 67.04 87.78
CA ALA FA 147 -40.28 66.59 87.29
C ALA FA 147 -40.48 65.11 87.54
N SER FA 148 -41.74 64.67 87.43
CA SER FA 148 -42.07 63.27 87.58
C SER FA 148 -41.56 62.48 86.38
N THR FA 149 -41.48 61.16 86.57
CA THR FA 149 -40.92 60.19 85.62
C THR FA 149 -39.51 60.59 85.19
N SER FA 150 -38.59 60.58 86.15
CA SER FA 150 -37.23 61.02 85.94
C SER FA 150 -36.40 59.91 85.29
N TYR FA 151 -35.19 60.27 84.89
CA TYR FA 151 -34.31 59.36 84.16
C TYR FA 151 -32.93 59.35 84.78
N PRO FA 152 -32.22 58.22 84.70
CA PRO FA 152 -30.84 58.18 85.18
C PRO FA 152 -29.90 58.92 84.26
N ASN FA 153 -28.81 59.41 84.84
CA ASN FA 153 -27.81 60.17 84.09
C ASN FA 153 -26.88 59.23 83.33
N THR FA 154 -26.36 59.72 82.21
CA THR FA 154 -25.41 58.96 81.40
C THR FA 154 -24.44 59.93 80.76
N VAL FA 155 -23.17 59.80 81.09
CA VAL FA 155 -22.13 60.68 80.58
C VAL FA 155 -21.03 59.81 79.98
N TYR FA 156 -20.74 60.00 78.71
CA TYR FA 156 -19.74 59.21 77.99
C TYR FA 156 -18.37 59.82 78.14
N PHE FA 157 -17.36 58.97 78.20
CA PHE FA 157 -15.97 59.40 78.23
C PHE FA 157 -15.27 58.83 77.01
N THR FA 158 -13.96 59.07 76.90
CA THR FA 158 -13.20 58.53 75.78
C THR FA 158 -11.78 58.30 76.26
N VAL FA 159 -11.40 57.03 76.39
CA VAL FA 159 -10.14 56.63 77.02
C VAL FA 159 -9.24 55.98 75.97
N VAL FA 160 -7.97 56.37 75.99
CA VAL FA 160 -6.95 55.81 75.11
C VAL FA 160 -6.20 54.76 75.89
N VAL FA 161 -6.16 53.54 75.36
CA VAL FA 161 -5.60 52.39 76.07
C VAL FA 161 -4.30 51.99 75.40
N VAL FA 162 -3.22 52.01 76.17
CA VAL FA 162 -1.96 51.39 75.76
C VAL FA 162 -1.93 50.02 76.38
N ASP FA 163 -1.47 49.02 75.63
CA ASP FA 163 -1.56 47.63 76.08
C ASP FA 163 -0.27 46.91 75.81
N PHE FA 164 0.23 46.20 76.83
CA PHE FA 164 1.49 45.48 76.76
C PHE FA 164 1.30 43.97 76.94
N SER FA 165 0.08 43.47 76.72
CA SER FA 165 -0.21 42.07 76.99
C SER FA 165 0.50 41.16 76.02
N TYR FA 166 0.64 41.57 74.77
CA TYR FA 166 1.12 40.70 73.71
C TYR FA 166 2.61 40.87 73.44
N ALA FA 167 3.34 41.55 74.32
CA ALA FA 167 4.79 41.55 74.26
C ALA FA 167 5.32 40.34 75.03
N GLN FA 168 6.63 40.28 75.24
CA GLN FA 168 7.26 39.11 75.82
C GLN FA 168 7.59 39.26 77.30
N ASN FA 169 7.01 40.23 77.99
CA ASN FA 169 7.53 40.65 79.29
C ASN FA 169 6.40 40.86 80.28
N PRO FA 170 6.65 40.68 81.61
CA PRO FA 170 5.56 40.68 82.58
C PRO FA 170 4.95 42.04 82.88
N ALA FA 171 4.14 42.08 83.94
CA ALA FA 171 3.45 43.27 84.43
C ALA FA 171 4.37 44.29 85.09
N ARG FA 172 5.68 44.12 85.04
CA ARG FA 172 6.61 45.17 85.47
C ARG FA 172 7.18 45.97 84.32
N ALA FA 173 7.28 45.37 83.12
CA ALA FA 173 7.75 46.13 81.97
C ALA FA 173 6.72 47.12 81.48
N VAL FA 174 5.46 46.96 81.88
CA VAL FA 174 4.47 48.00 81.64
C VAL FA 174 4.61 49.11 82.68
N VAL FA 175 4.95 48.75 83.92
CA VAL FA 175 5.19 49.76 84.95
C VAL FA 175 6.53 50.45 84.71
N SER FA 176 7.49 49.73 84.13
CA SER FA 176 8.79 50.35 83.82
C SER FA 176 8.67 51.30 82.63
N ALA FA 177 7.90 50.92 81.60
CA ALA FA 177 7.65 51.80 80.48
C ALA FA 177 6.68 52.92 80.80
N ASN FA 178 6.03 52.88 81.96
CA ASN FA 178 5.19 53.98 82.39
C ASN FA 178 6.01 55.18 82.82
N ALA FA 179 7.23 54.96 83.32
CA ALA FA 179 8.08 56.04 83.80
C ALA FA 179 8.75 56.81 82.68
N VAL FA 180 8.88 56.21 81.49
CA VAL FA 180 9.35 56.97 80.34
C VAL FA 180 8.31 57.99 79.92
N MET FA 181 7.04 57.65 80.06
CA MET FA 181 5.96 58.58 79.77
C MET FA 181 5.66 59.50 80.94
N SER GA 4 -9.74 77.55 52.01
CA SER GA 4 -8.72 78.30 52.72
C SER GA 4 -7.38 78.14 52.03
N VAL GA 5 -7.33 77.21 51.08
CA VAL GA 5 -6.10 76.95 50.33
C VAL GA 5 -5.95 77.92 49.16
N THR GA 6 -7.01 78.66 48.81
CA THR GA 6 -6.97 79.51 47.63
C THR GA 6 -6.12 80.76 47.81
N GLN GA 7 -5.82 81.15 49.05
CA GLN GA 7 -4.94 82.29 49.27
C GLN GA 7 -3.47 81.91 49.28
N GLN GA 8 -3.15 80.62 49.31
CA GLN GA 8 -1.76 80.19 49.31
C GLN GA 8 -1.26 79.85 47.92
N VAL GA 9 -2.10 79.24 47.10
CA VAL GA 9 -1.71 78.93 45.73
C VAL GA 9 -1.83 80.15 44.82
N PHE GA 10 -2.63 81.15 45.21
CA PHE GA 10 -2.63 82.41 44.48
C PHE GA 10 -1.31 83.12 44.70
N ASN GA 11 -0.81 83.11 45.94
CA ASN GA 11 0.48 83.71 46.23
C ASN GA 11 1.62 82.88 45.70
N PHE GA 12 1.39 81.60 45.41
CA PHE GA 12 2.42 80.77 44.80
C PHE GA 12 2.48 80.98 43.29
N ALA GA 13 1.32 81.12 42.64
CA ALA GA 13 1.29 81.29 41.20
C ALA GA 13 1.81 82.66 40.78
N VAL GA 14 1.69 83.67 41.64
CA VAL GA 14 2.16 85.00 41.30
C VAL GA 14 3.68 85.08 41.37
N THR GA 15 4.27 84.60 42.46
CA THR GA 15 5.72 84.74 42.60
C THR GA 15 6.51 83.73 41.78
N LYS GA 16 5.83 82.82 41.07
CA LYS GA 16 6.48 81.86 40.19
C LYS GA 16 6.37 82.24 38.72
N SER GA 17 5.29 82.90 38.32
CA SER GA 17 5.09 83.27 36.92
C SER GA 17 5.67 84.62 36.58
N GLN GA 18 6.10 85.39 37.57
CA GLN GA 18 6.62 86.73 37.29
C GLN GA 18 7.97 86.78 36.58
N PRO GA 19 8.91 85.84 36.75
CA PRO GA 19 10.07 85.85 35.84
C PRO GA 19 9.72 85.55 34.40
N PHE GA 20 8.62 84.84 34.15
CA PHE GA 20 8.22 84.53 32.78
C PHE GA 20 7.07 85.40 32.31
N GLY GA 21 6.37 86.09 33.21
CA GLY GA 21 5.30 86.96 32.81
C GLY GA 21 3.98 86.25 32.73
N GLY GA 22 2.94 86.81 33.34
CA GLY GA 22 1.64 86.21 33.20
C GLY GA 22 0.55 86.79 34.07
N TYR GA 23 -0.59 87.09 33.46
CA TYR GA 23 -1.75 87.55 34.20
C TYR GA 23 -2.24 86.43 35.10
N VAL GA 24 -2.40 86.72 36.39
CA VAL GA 24 -2.89 85.74 37.35
C VAL GA 24 -4.15 86.32 37.95
N TYR GA 25 -5.25 85.58 37.87
CA TYR GA 25 -6.51 86.06 38.40
C TYR GA 25 -7.37 84.86 38.79
N SER GA 26 -8.53 85.14 39.36
CA SER GA 26 -9.44 84.11 39.82
C SER GA 26 -10.78 84.30 39.15
N THR GA 27 -11.51 83.19 38.98
CA THR GA 27 -12.77 83.20 38.25
C THR GA 27 -13.78 82.36 39.02
N ASN GA 28 -14.86 81.99 38.34
CA ASN GA 28 -15.92 81.22 38.95
C ASN GA 28 -16.37 80.15 37.97
N LEU GA 29 -16.45 78.89 38.44
CA LEU GA 29 -16.82 77.77 37.60
C LEU GA 29 -18.07 77.12 38.17
N THR GA 30 -19.08 76.92 37.33
CA THR GA 30 -20.38 76.44 37.76
C THR GA 30 -20.65 75.07 37.16
N ALA GA 31 -20.81 74.07 38.02
CA ALA GA 31 -21.19 72.72 37.61
C ALA GA 31 -22.62 72.45 38.06
N SER GA 32 -23.39 71.78 37.22
CA SER GA 32 -24.82 71.62 37.49
C SER GA 32 -25.32 70.35 36.81
N THR GA 33 -25.75 69.37 37.61
CA THR GA 33 -26.40 68.19 37.07
C THR GA 33 -27.85 68.51 36.75
N SER GA 34 -28.22 68.40 35.48
CA SER GA 34 -29.55 68.79 35.09
C SER GA 34 -30.57 67.72 35.47
N SER GA 35 -31.76 68.19 35.85
CA SER GA 35 -32.99 67.41 35.98
C SER GA 35 -32.91 66.29 37.03
N ALA GA 36 -32.70 66.69 38.28
CA ALA GA 36 -33.25 66.01 39.47
C ALA GA 36 -32.80 64.56 39.62
N VAL GA 37 -31.50 64.41 39.94
CA VAL GA 37 -30.89 63.09 40.10
C VAL GA 37 -31.53 62.33 41.25
N THR GA 38 -32.01 61.11 40.96
CA THR GA 38 -32.62 60.25 41.97
C THR GA 38 -32.04 58.85 42.06
N SER GA 39 -31.24 58.40 41.09
CA SER GA 39 -30.85 56.99 41.05
C SER GA 39 -29.36 56.74 41.19
N THR GA 40 -28.52 57.27 40.29
CA THR GA 40 -27.13 56.82 40.19
C THR GA 40 -26.29 57.96 39.59
N GLN GA 41 -25.09 57.60 39.11
CA GLN GA 41 -24.06 58.55 38.72
C GLN GA 41 -24.51 59.41 37.53
N LEU GA 42 -24.46 60.73 37.71
CA LEU GA 42 -24.85 61.70 36.69
C LEU GA 42 -23.63 62.48 36.20
N THR GA 43 -23.90 63.45 35.34
CA THR GA 43 -22.86 64.29 34.75
C THR GA 43 -23.23 65.77 34.93
N PRO GA 44 -22.42 66.55 35.62
CA PRO GA 44 -22.70 67.98 35.70
C PRO GA 44 -22.13 68.75 34.51
N LEU GA 45 -22.80 69.84 34.17
CA LEU GA 45 -22.47 70.63 33.00
C LEU GA 45 -21.60 71.81 33.41
N ASN GA 46 -20.32 71.78 33.04
CA ASN GA 46 -19.41 72.84 33.44
C ASN GA 46 -19.71 74.13 32.70
N LEU GA 47 -19.38 75.26 33.34
CA LEU GA 47 -19.56 76.57 32.73
C LEU GA 47 -18.56 77.52 33.39
N SER GA 48 -17.45 77.78 32.71
CA SER GA 48 -16.41 78.66 33.22
C SER GA 48 -16.37 79.93 32.39
N ILE GA 49 -16.17 81.06 33.06
CA ILE GA 49 -16.04 82.35 32.40
C ILE GA 49 -14.66 82.92 32.69
N THR GA 50 -14.06 83.50 31.68
CA THR GA 50 -12.69 83.99 31.77
C THR GA 50 -12.60 85.40 31.20
N LEU GA 51 -11.36 85.85 31.00
CA LEU GA 51 -11.10 87.10 30.30
C LEU GA 51 -11.50 87.02 28.83
N GLY GA 52 -11.45 85.82 28.24
CA GLY GA 52 -11.85 85.62 26.85
C GLY GA 52 -13.33 85.80 26.58
N GLN GA 53 -14.16 85.79 27.63
CA GLN GA 53 -15.56 86.20 27.62
C GLN GA 53 -16.44 85.34 26.73
N ILE GA 54 -15.94 84.20 26.28
CA ILE GA 54 -16.79 83.14 25.76
C ILE GA 54 -17.01 82.19 26.93
N THR GA 55 -18.25 82.04 27.34
CA THR GA 55 -18.56 81.18 28.47
C THR GA 55 -18.40 79.74 28.03
N LEU GA 56 -17.35 79.08 28.52
CA LEU GA 56 -16.99 77.75 28.06
C LEU GA 56 -17.95 76.78 28.74
N SER GA 57 -18.99 76.40 28.02
CA SER GA 57 -20.09 75.62 28.57
C SER GA 57 -19.96 74.17 28.11
N GLY GA 58 -20.93 73.36 28.53
CA GLY GA 58 -20.97 71.96 28.17
C GLY GA 58 -19.95 71.15 28.96
N ASN GA 59 -20.06 69.83 28.80
CA ASN GA 59 -19.11 68.91 29.41
C ASN GA 59 -17.74 69.06 28.76
N SER GA 60 -16.72 68.53 29.46
CA SER GA 60 -15.38 68.31 28.93
C SER GA 60 -14.72 69.62 28.46
N LEU GA 61 -14.50 70.51 29.41
CA LEU GA 61 -13.83 71.77 29.10
C LEU GA 61 -12.36 71.53 28.82
N VAL GA 62 -11.84 72.21 27.81
CA VAL GA 62 -10.44 72.10 27.43
C VAL GA 62 -9.73 73.37 27.87
N ILE GA 63 -8.66 73.21 28.61
CA ILE GA 63 -7.83 74.35 29.02
C ILE GA 63 -7.18 74.95 27.78
N PRO GA 64 -7.22 76.28 27.59
CA PRO GA 64 -6.53 76.90 26.46
C PRO GA 64 -5.02 76.70 26.50
N ALA GA 65 -4.39 76.95 25.35
CA ALA GA 65 -3.00 76.57 25.15
C ALA GA 65 -2.02 77.40 25.97
N THR GA 66 -2.45 78.53 26.53
CA THR GA 66 -1.56 79.43 27.24
C THR GA 66 -1.94 79.65 28.70
N GLN GA 67 -2.78 78.79 29.27
CA GLN GA 67 -3.26 79.00 30.62
C GLN GA 67 -3.05 77.75 31.45
N ILE GA 68 -2.95 77.95 32.77
CA ILE GA 68 -2.75 76.89 33.75
C ILE GA 68 -3.81 77.10 34.81
N TRP GA 69 -4.75 76.17 34.92
CA TRP GA 69 -5.82 76.37 35.87
C TRP GA 69 -5.49 75.70 37.19
N TYR GA 70 -6.07 76.22 38.26
CA TYR GA 70 -5.87 75.68 39.60
C TYR GA 70 -7.23 75.67 40.29
N LEU GA 71 -7.86 74.52 40.35
CA LEU GA 71 -9.15 74.40 41.00
C LEU GA 71 -8.92 74.31 42.51
N THR GA 72 -9.46 75.26 43.27
CA THR GA 72 -9.08 75.38 44.68
C THR GA 72 -10.20 75.06 45.66
N ASP GA 73 -11.29 75.82 45.65
CA ASP GA 73 -12.32 75.66 46.68
C ASP GA 73 -13.67 75.46 46.02
N ALA GA 74 -14.68 75.25 46.86
CA ALA GA 74 -16.04 75.04 46.38
C ALA GA 74 -17.01 75.47 47.45
N TYR GA 75 -18.21 75.83 47.04
CA TYR GA 75 -19.23 76.22 47.99
C TYR GA 75 -20.60 75.91 47.41
N VAL GA 76 -21.59 75.89 48.29
CA VAL GA 76 -22.97 75.56 47.91
C VAL GA 76 -23.87 76.61 48.55
N SER GA 77 -24.70 77.26 47.74
CA SER GA 77 -25.50 78.35 48.25
C SER GA 77 -26.66 77.79 49.10
N VAL GA 78 -27.26 78.67 49.89
CA VAL GA 78 -28.24 78.30 50.92
C VAL GA 78 -29.52 77.67 50.39
N PRO GA 79 -30.20 78.16 49.34
CA PRO GA 79 -31.41 77.44 48.88
C PRO GA 79 -31.13 76.09 48.26
N ASP GA 80 -29.88 75.78 47.89
CA ASP GA 80 -29.54 74.40 47.59
C ASP GA 80 -29.43 73.59 48.88
N TYR GA 81 -28.89 74.19 49.93
CA TYR GA 81 -28.74 73.50 51.20
C TYR GA 81 -30.08 73.32 51.90
N THR GA 82 -31.05 74.17 51.61
CA THR GA 82 -32.40 73.95 52.11
C THR GA 82 -33.05 72.78 51.39
N ASN GA 83 -32.74 72.59 50.11
CA ASN GA 83 -33.34 71.51 49.35
C ASN GA 83 -32.72 70.17 49.69
N ILE GA 84 -31.45 70.15 50.12
CA ILE GA 84 -30.81 68.91 50.51
C ILE GA 84 -31.43 68.38 51.81
N THR GA 85 -31.59 69.27 52.79
CA THR GA 85 -32.14 68.85 54.08
C THR GA 85 -33.62 68.55 54.02
N ASN GA 86 -34.34 69.03 53.01
CA ASN GA 86 -35.75 68.69 52.84
C ASN GA 86 -35.97 67.60 51.81
N GLY GA 87 -34.90 67.02 51.28
CA GLY GA 87 -35.04 65.94 50.32
C GLY GA 87 -35.48 66.36 48.95
N ALA GA 88 -35.30 67.62 48.58
CA ALA GA 88 -35.66 68.07 47.25
C ALA GA 88 -34.52 67.91 46.25
N GLU GA 89 -33.29 67.73 46.70
CA GLU GA 89 -32.22 67.35 45.79
C GLU GA 89 -31.25 66.46 46.55
N ALA GA 90 -30.41 65.77 45.79
CA ALA GA 90 -29.59 64.71 46.33
C ALA GA 90 -28.29 65.23 46.89
N ASP GA 91 -27.84 64.62 47.98
CA ASP GA 91 -26.49 64.82 48.49
C ASP GA 91 -25.55 63.90 47.70
N GLY GA 92 -24.28 63.94 48.03
CA GLY GA 92 -23.32 63.09 47.36
C GLY GA 92 -22.01 63.80 47.21
N VAL GA 93 -21.10 63.16 46.48
CA VAL GA 93 -19.77 63.70 46.24
C VAL GA 93 -19.64 64.04 44.76
N ILE GA 94 -18.56 64.74 44.44
CA ILE GA 94 -18.26 65.15 43.08
C ILE GA 94 -16.84 64.70 42.76
N LEU GA 95 -16.68 63.98 41.65
CA LEU GA 95 -15.39 63.45 41.26
C LEU GA 95 -14.81 64.31 40.15
N ILE GA 96 -13.50 64.56 40.21
CA ILE GA 96 -12.83 65.47 39.30
C ILE GA 96 -11.78 64.69 38.52
N TYR GA 97 -11.99 64.58 37.21
CA TYR GA 97 -11.10 63.80 36.36
C TYR GA 97 -10.23 64.69 35.49
N LYS GA 98 -9.14 64.13 34.99
CA LYS GA 98 -8.20 64.81 34.10
C LYS GA 98 -7.94 63.95 32.89
N ASP GA 99 -8.19 64.51 31.70
CA ASP GA 99 -8.01 63.86 30.39
C ASP GA 99 -8.84 62.59 30.26
N GLY GA 100 -9.92 62.48 31.04
CA GLY GA 100 -10.74 61.30 31.06
C GLY GA 100 -10.19 60.12 31.81
N VAL GA 101 -8.97 60.17 32.31
CA VAL GA 101 -8.29 58.99 32.85
C VAL GA 101 -8.01 59.13 34.35
N LYS GA 102 -7.22 60.12 34.73
CA LYS GA 102 -6.84 60.34 36.13
C LYS GA 102 -8.04 60.81 36.93
N LEU GA 103 -8.06 60.48 38.22
CA LEU GA 103 -8.99 61.08 39.19
C LEU GA 103 -8.18 61.61 40.35
N MET GA 104 -8.34 62.89 40.67
CA MET GA 104 -7.43 63.50 41.62
C MET GA 104 -8.06 64.00 42.91
N LEU GA 105 -9.36 64.26 42.94
CA LEU GA 105 -10.03 64.55 44.19
C LEU GA 105 -11.46 64.03 44.18
N THR GA 106 -12.05 64.03 45.36
CA THR GA 106 -13.45 63.72 45.58
C THR GA 106 -13.94 64.75 46.57
N THR GA 107 -14.90 65.58 46.17
CA THR GA 107 -15.27 66.72 47.01
C THR GA 107 -16.06 66.25 48.22
N PRO GA 108 -15.73 66.72 49.41
CA PRO GA 108 -16.29 66.12 50.63
C PRO GA 108 -17.74 66.47 50.93
N LEU GA 109 -18.69 65.71 50.34
CA LEU GA 109 -20.09 65.71 50.74
C LEU GA 109 -20.75 67.08 50.62
N ILE GA 110 -21.13 67.47 49.39
CA ILE GA 110 -21.53 68.82 49.00
C ILE GA 110 -22.53 69.55 49.91
N SER GA 111 -23.27 68.81 50.74
CA SER GA 111 -24.08 69.48 51.74
C SER GA 111 -23.23 70.04 52.87
N SER GA 112 -22.08 69.42 53.14
CA SER GA 112 -21.23 69.84 54.24
C SER GA 112 -20.32 71.00 53.87
N MET GA 113 -20.26 71.39 52.61
CA MET GA 113 -19.49 72.55 52.19
C MET GA 113 -20.38 73.75 51.91
N SER GA 114 -21.60 73.74 52.45
CA SER GA 114 -22.51 74.85 52.25
C SER GA 114 -22.01 76.11 52.93
N ILE GA 115 -22.49 77.24 52.43
CA ILE GA 115 -22.01 78.53 52.91
C ILE GA 115 -22.64 78.88 54.25
N SER GA 116 -23.69 78.18 54.64
CA SER GA 116 -24.39 78.39 55.90
C SER GA 116 -23.89 77.49 57.02
N ASN GA 117 -22.96 76.61 56.74
CA ASN GA 117 -22.37 75.78 57.78
C ASN GA 117 -21.30 76.55 58.53
N PRO GA 118 -21.39 76.67 59.86
CA PRO GA 118 -20.29 77.29 60.61
C PRO GA 118 -18.99 76.53 60.51
N ALA GA 119 -19.04 75.21 60.32
CA ALA GA 119 -17.87 74.44 59.91
C ALA GA 119 -17.94 74.15 58.42
N ARG GA 120 -17.73 75.18 57.61
CA ARG GA 120 -17.66 74.99 56.17
C ARG GA 120 -16.31 74.39 55.82
N THR GA 121 -16.32 73.21 55.20
CA THR GA 121 -15.09 72.52 54.87
C THR GA 121 -14.64 72.88 53.45
N HIS GA 122 -13.32 72.96 53.29
CA HIS GA 122 -12.71 73.30 52.02
C HIS GA 122 -12.06 72.05 51.43
N LEU GA 123 -11.44 72.21 50.27
CA LEU GA 123 -10.84 71.07 49.60
C LEU GA 123 -9.44 70.82 50.15
N ALA GA 124 -8.89 69.64 49.81
CA ALA GA 124 -7.65 69.19 50.41
C ALA GA 124 -6.44 69.90 49.81
N GLN GA 125 -6.32 69.91 48.49
CA GLN GA 125 -5.19 70.54 47.83
C GLN GA 125 -5.65 71.05 46.48
N ALA GA 126 -4.90 72.00 45.94
CA ALA GA 126 -5.25 72.60 44.66
C ALA GA 126 -4.96 71.64 43.53
N VAL GA 127 -5.85 71.63 42.54
CA VAL GA 127 -5.78 70.69 41.43
C VAL GA 127 -5.17 71.40 40.23
N LYS GA 128 -3.97 71.00 39.84
CA LYS GA 128 -3.31 71.60 38.70
C LYS GA 128 -3.96 71.15 37.40
N TYR GA 129 -3.86 72.00 36.37
CA TYR GA 129 -4.27 71.64 35.03
C TYR GA 129 -3.33 72.31 34.04
N SER GA 130 -2.67 71.51 33.23
CA SER GA 130 -1.65 71.97 32.31
C SER GA 130 -2.32 72.62 31.10
N PRO GA 131 -1.52 73.17 30.16
CA PRO GA 131 -2.02 73.35 28.79
C PRO GA 131 -2.53 72.07 28.18
N GLN GA 132 -3.28 72.16 27.07
CA GLN GA 132 -4.59 71.53 26.93
C GLN GA 132 -4.77 70.22 27.69
N SER GA 133 -5.73 70.21 28.59
CA SER GA 133 -6.14 69.02 29.31
C SER GA 133 -7.65 69.07 29.39
N ILE GA 134 -8.24 67.98 29.79
CA ILE GA 134 -9.69 67.82 29.73
C ILE GA 134 -10.21 67.73 31.16
N LEU GA 135 -10.92 68.76 31.58
CA LEU GA 135 -11.64 68.76 32.85
C LEU GA 135 -13.02 68.18 32.66
N THR GA 136 -13.35 67.14 33.41
CA THR GA 136 -14.69 66.58 33.42
C THR GA 136 -15.05 66.14 34.82
N MET GA 137 -16.33 66.25 35.16
CA MET GA 137 -16.79 65.99 36.51
C MET GA 137 -17.96 65.01 36.47
N TYR GA 138 -18.13 64.28 37.55
CA TYR GA 138 -19.27 63.40 37.72
C TYR GA 138 -19.78 63.51 39.15
N PHE GA 139 -21.10 63.43 39.27
CA PHE GA 139 -21.79 63.51 40.54
C PHE GA 139 -22.19 62.12 40.96
N ASN GA 140 -21.68 61.67 42.10
CA ASN GA 140 -21.91 60.32 42.61
C ASN GA 140 -22.88 60.41 43.77
N PRO GA 141 -24.18 60.26 43.56
CA PRO GA 141 -25.14 60.61 44.62
C PRO GA 141 -25.25 59.51 45.67
N THR GA 142 -25.06 59.90 46.92
CA THR GA 142 -25.42 59.10 48.08
C THR GA 142 -26.53 59.85 48.79
N LYS GA 143 -27.51 59.09 49.32
CA LYS GA 143 -28.79 59.60 49.84
C LYS GA 143 -29.46 60.43 48.75
N PRO GA 144 -30.09 59.80 47.76
CA PRO GA 144 -30.68 60.56 46.66
C PRO GA 144 -31.99 61.22 47.07
N ALA GA 145 -32.52 62.02 46.15
CA ALA GA 145 -33.71 62.80 46.42
C ALA GA 145 -34.94 61.92 46.50
N THR GA 146 -35.74 62.11 47.54
CA THR GA 146 -36.92 61.28 47.77
C THR GA 146 -38.24 62.03 47.63
N ALA GA 147 -38.24 63.33 47.85
CA ALA GA 147 -39.48 64.09 47.78
C ALA GA 147 -39.87 64.39 46.34
N SER GA 148 -41.15 64.67 46.13
CA SER GA 148 -41.62 65.13 44.84
C SER GA 148 -41.23 66.58 44.63
N THR GA 149 -41.39 67.04 43.38
CA THR GA 149 -40.94 68.35 42.89
C THR GA 149 -39.47 68.58 43.22
N SER GA 150 -38.63 67.75 42.63
CA SER GA 150 -37.22 67.81 42.95
C SER GA 150 -36.54 68.91 42.14
N TYR GA 151 -35.27 69.15 42.46
CA TYR GA 151 -34.52 70.26 41.89
C TYR GA 151 -33.13 69.81 41.47
N PRO GA 152 -32.56 70.45 40.46
CA PRO GA 152 -31.18 70.11 40.05
C PRO GA 152 -30.15 70.63 41.05
N ASN GA 153 -28.97 70.01 41.00
CA ASN GA 153 -27.87 70.40 41.85
C ASN GA 153 -27.03 71.49 41.18
N THR GA 154 -26.34 72.27 42.01
CA THR GA 154 -25.41 73.29 41.52
C THR GA 154 -24.33 73.48 42.55
N VAL GA 155 -23.07 73.30 42.16
CA VAL GA 155 -21.93 73.47 43.04
C VAL GA 155 -20.95 74.41 42.35
N TYR GA 156 -20.74 75.59 42.91
CA TYR GA 156 -19.84 76.58 42.34
C TYR GA 156 -18.43 76.34 42.85
N PHE GA 157 -17.45 76.55 41.99
CA PHE GA 157 -16.05 76.34 42.31
C PHE GA 157 -15.30 77.67 42.23
N THR GA 158 -13.97 77.59 42.36
CA THR GA 158 -13.13 78.78 42.26
C THR GA 158 -11.80 78.36 41.65
N VAL GA 159 -11.46 78.97 40.52
CA VAL GA 159 -10.31 78.56 39.71
C VAL GA 159 -9.32 79.70 39.69
N VAL GA 160 -8.06 79.39 39.98
CA VAL GA 160 -6.95 80.33 39.83
C VAL GA 160 -6.33 80.08 38.46
N VAL GA 161 -6.35 81.11 37.62
CA VAL GA 161 -5.91 80.99 36.23
C VAL GA 161 -4.59 81.71 36.09
N VAL GA 162 -3.63 81.07 35.43
CA VAL GA 162 -2.35 81.73 35.14
C VAL GA 162 -2.21 81.89 33.64
N ASP GA 163 -2.59 83.06 33.12
CA ASP GA 163 -2.51 83.29 31.69
C ASP GA 163 -1.06 83.49 31.25
N PHE GA 164 -0.80 83.23 29.98
CA PHE GA 164 0.51 83.47 29.39
C PHE GA 164 0.40 84.04 27.98
N SER GA 165 -0.80 84.46 27.58
CA SER GA 165 -1.03 84.85 26.20
C SER GA 165 -0.35 86.17 25.86
N TYR GA 166 -0.11 87.02 26.85
CA TYR GA 166 0.36 88.37 26.63
C TYR GA 166 1.85 88.51 26.89
N ALA GA 167 2.60 87.41 26.89
CA ALA GA 167 4.03 87.46 27.08
C ALA GA 167 4.72 87.84 25.78
N GLN GA 168 6.04 87.70 25.73
CA GLN GA 168 6.78 87.98 24.51
C GLN GA 168 6.46 86.96 23.42
N ASN GA 169 6.44 85.68 23.78
CA ASN GA 169 5.96 84.61 22.90
C ASN GA 169 5.11 83.62 23.70
N PRO GA 170 3.81 83.56 23.44
CA PRO GA 170 2.91 82.79 24.33
C PRO GA 170 3.05 81.29 24.21
N ALA GA 171 3.54 80.77 23.09
CA ALA GA 171 3.67 79.33 22.96
C ALA GA 171 4.86 78.80 23.74
N ARG GA 172 5.96 79.55 23.78
CA ARG GA 172 7.24 79.04 24.24
C ARG GA 172 7.46 79.23 25.73
N ALA GA 173 6.77 80.17 26.36
CA ALA GA 173 6.99 80.42 27.79
C ALA GA 173 6.20 79.46 28.67
N VAL GA 174 4.97 79.12 28.28
CA VAL GA 174 4.09 78.33 29.12
C VAL GA 174 4.54 76.87 29.21
N VAL GA 175 5.32 76.41 28.23
CA VAL GA 175 5.81 75.04 28.25
C VAL GA 175 7.02 74.88 29.15
N SER GA 176 7.68 75.98 29.54
CA SER GA 176 8.78 75.92 30.49
C SER GA 176 8.33 76.24 31.91
N ALA GA 177 7.35 77.12 32.08
CA ALA GA 177 6.84 77.46 33.40
C ALA GA 177 5.91 76.41 33.95
N ASN GA 178 5.47 75.46 33.12
CA ASN GA 178 4.62 74.39 33.62
C ASN GA 178 5.42 73.35 34.38
N ALA GA 179 6.70 73.18 34.05
CA ALA GA 179 7.53 72.20 34.73
C ALA GA 179 8.02 72.72 36.08
N VAL GA 180 8.41 73.99 36.15
CA VAL GA 180 8.90 74.56 37.40
C VAL GA 180 7.77 74.75 38.41
N MET GA 181 6.55 74.95 37.94
CA MET GA 181 5.42 75.00 38.85
C MET GA 181 4.83 73.61 39.02
N SER HA 4 -8.45 88.65 59.00
CA SER HA 4 -7.04 88.85 59.29
C SER HA 4 -6.23 88.94 58.02
N VAL HA 5 -6.89 89.18 56.89
CA VAL HA 5 -6.19 89.39 55.62
C VAL HA 5 -5.97 90.88 55.36
N THR HA 6 -6.92 91.73 55.77
CA THR HA 6 -6.73 93.17 55.66
C THR HA 6 -5.70 93.69 56.64
N GLN HA 7 -5.49 92.99 57.75
CA GLN HA 7 -4.49 93.38 58.73
C GLN HA 7 -3.09 92.99 58.32
N GLN HA 8 -2.93 92.18 57.29
CA GLN HA 8 -1.60 91.81 56.83
C GLN HA 8 -1.08 92.80 55.80
N VAL HA 9 -1.92 93.24 54.86
CA VAL HA 9 -1.50 94.27 53.93
C VAL HA 9 -1.40 95.62 54.61
N PHE HA 10 -2.13 95.83 55.70
CA PHE HA 10 -2.04 97.10 56.42
C PHE HA 10 -0.73 97.19 57.18
N ASN HA 11 -0.35 96.10 57.86
CA ASN HA 11 0.92 96.03 58.56
C ASN HA 11 2.10 95.99 57.59
N PHE HA 12 1.87 95.45 56.39
CA PHE HA 12 2.90 95.53 55.36
C PHE HA 12 3.05 96.95 54.84
N ALA HA 13 1.95 97.71 54.81
CA ALA HA 13 2.00 99.07 54.30
C ALA HA 13 2.70 100.00 55.28
N VAL HA 14 2.37 99.92 56.56
CA VAL HA 14 2.98 100.80 57.56
C VAL HA 14 4.41 100.44 57.89
N THR HA 15 4.90 99.29 57.43
CA THR HA 15 6.31 98.98 57.61
C THR HA 15 7.16 99.57 56.49
N LYS HA 16 6.62 99.63 55.27
CA LYS HA 16 7.39 100.15 54.15
C LYS HA 16 7.20 101.64 53.92
N SER HA 17 6.02 102.18 54.19
CA SER HA 17 5.75 103.58 53.94
C SER HA 17 6.21 104.49 55.05
N GLN HA 18 6.66 103.94 56.18
CA GLN HA 18 7.12 104.80 57.28
C GLN HA 18 8.46 105.49 57.03
N PRO HA 19 9.51 104.85 56.48
CA PRO HA 19 10.75 105.61 56.22
C PRO HA 19 10.64 106.64 55.11
N PHE HA 20 9.56 106.65 54.33
CA PHE HA 20 9.34 107.68 53.33
C PHE HA 20 8.24 108.64 53.72
N GLY HA 21 7.59 108.43 54.86
CA GLY HA 21 6.43 109.20 55.22
C GLY HA 21 5.20 108.68 54.50
N GLY HA 22 4.07 108.62 55.19
CA GLY HA 22 2.93 108.00 54.58
C GLY HA 22 1.80 107.82 55.56
N TYR HA 23 0.58 108.02 55.10
CA TYR HA 23 -0.59 108.16 55.95
C TYR HA 23 -1.54 107.02 55.58
N VAL HA 24 -1.35 105.89 56.24
CA VAL HA 24 -2.11 104.69 55.90
C VAL HA 24 -3.41 104.70 56.70
N TYR HA 25 -4.52 104.46 56.01
CA TYR HA 25 -5.83 104.48 56.64
C TYR HA 25 -6.78 103.66 55.77
N SER HA 26 -7.92 103.31 56.35
CA SER HA 26 -8.88 102.45 55.69
C SER HA 26 -10.13 103.25 55.32
N THR HA 27 -10.72 102.88 54.18
CA THR HA 27 -11.91 103.54 53.67
C THR HA 27 -12.98 102.49 53.41
N ASN HA 28 -14.04 102.93 52.73
CA ASN HA 28 -15.15 102.07 52.38
C ASN HA 28 -15.61 102.46 50.98
N LEU HA 29 -15.52 101.52 50.05
CA LEU HA 29 -15.83 101.77 48.65
C LEU HA 29 -17.12 101.04 48.29
N THR HA 30 -18.00 101.71 47.57
CA THR HA 30 -19.34 101.19 47.30
C THR HA 30 -19.59 101.17 45.81
N ALA HA 31 -19.79 99.98 45.25
CA ALA HA 31 -20.18 99.82 43.86
C ALA HA 31 -21.68 99.56 43.80
N SER HA 32 -22.40 100.40 43.08
CA SER HA 32 -23.86 100.34 43.06
C SER HA 32 -24.34 100.35 41.61
N THR HA 33 -24.91 99.23 41.18
CA THR HA 33 -25.54 99.16 39.86
C THR HA 33 -26.90 99.83 39.93
N SER HA 34 -27.10 100.85 39.09
CA SER HA 34 -28.29 101.68 39.19
C SER HA 34 -29.50 101.01 38.53
N SER HA 35 -30.62 101.02 39.26
CA SER HA 35 -31.98 100.80 38.77
C SER HA 35 -32.18 99.45 38.08
N ALA HA 36 -32.06 98.39 38.89
CA ALA HA 36 -32.75 97.10 38.68
C ALA HA 36 -32.33 96.40 37.38
N VAL HA 37 -31.08 95.93 37.39
CA VAL HA 37 -30.55 95.15 36.27
C VAL HA 37 -31.39 93.90 36.02
N THR HA 38 -31.83 93.74 34.77
CA THR HA 38 -32.75 92.67 34.41
C THR HA 38 -32.35 91.82 33.22
N SER HA 39 -31.42 92.24 32.35
CA SER HA 39 -31.07 91.44 31.19
C SER HA 39 -29.58 91.09 31.10
N THR HA 40 -28.70 92.08 31.06
CA THR HA 40 -27.36 91.86 30.49
C THR HA 40 -26.31 92.60 31.31
N GLN HA 41 -25.09 92.61 30.79
CA GLN HA 41 -23.94 93.16 31.52
C GLN HA 41 -24.04 94.67 31.65
N LEU HA 42 -23.91 95.18 32.87
CA LEU HA 42 -24.00 96.60 33.17
C LEU HA 42 -22.70 97.10 33.80
N THR HA 43 -22.74 98.34 34.28
CA THR HA 43 -21.60 98.98 34.93
C THR HA 43 -22.09 99.53 36.27
N PRO HA 44 -21.43 99.23 37.38
CA PRO HA 44 -21.78 99.87 38.65
C PRO HA 44 -20.97 101.12 38.93
N LEU HA 45 -21.62 102.06 39.60
CA LEU HA 45 -21.07 103.39 39.85
C LEU HA 45 -20.25 103.36 41.13
N ASN HA 46 -18.93 103.53 40.98
CA ASN HA 46 -18.04 103.51 42.13
C ASN HA 46 -18.27 104.72 43.03
N LEU HA 47 -17.93 104.55 44.31
CA LEU HA 47 -18.23 105.56 45.32
C LEU HA 47 -17.25 105.34 46.49
N SER HA 48 -16.22 106.16 46.56
CA SER HA 48 -15.26 106.07 47.65
C SER HA 48 -15.57 107.13 48.70
N ILE HA 49 -15.19 106.84 49.94
CA ILE HA 49 -15.40 107.74 51.07
C ILE HA 49 -14.07 107.92 51.78
N THR HA 50 -13.42 109.05 51.55
CA THR HA 50 -12.13 109.33 52.14
C THR HA 50 -12.29 110.10 53.44
N LEU HA 51 -11.18 110.67 53.92
CA LEU HA 51 -11.21 111.44 55.15
C LEU HA 51 -11.85 112.81 54.95
N GLY HA 52 -11.64 113.42 53.78
CA GLY HA 52 -12.06 114.78 53.55
C GLY HA 52 -13.49 114.94 53.07
N GLN HA 53 -14.31 113.91 53.32
CA GLN HA 53 -15.77 113.90 53.11
C GLN HA 53 -16.15 114.09 51.65
N ILE HA 54 -15.20 113.89 50.74
CA ILE HA 54 -15.42 114.09 49.32
C ILE HA 54 -15.60 112.72 48.69
N THR HA 55 -16.75 112.51 48.10
CA THR HA 55 -17.17 111.25 47.53
C THR HA 55 -16.76 111.28 46.07
N LEU HA 56 -15.65 110.61 45.76
CA LEU HA 56 -15.18 110.51 44.38
C LEU HA 56 -16.14 109.59 43.65
N SER HA 57 -17.14 110.19 43.02
CA SER HA 57 -18.28 109.46 42.48
C SER HA 57 -18.04 109.14 41.02
N GLY HA 58 -19.05 108.59 40.37
CA GLY HA 58 -18.99 108.29 38.95
C GLY HA 58 -18.17 107.05 38.65
N ASN HA 59 -18.32 106.58 37.42
CA ASN HA 59 -17.54 105.44 36.93
C ASN HA 59 -16.07 105.80 36.84
N SER HA 60 -15.24 104.75 36.81
CA SER HA 60 -13.84 104.80 36.39
C SER HA 60 -13.02 105.76 37.27
N LEU HA 61 -12.87 105.37 38.53
CA LEU HA 61 -12.08 106.15 39.47
C LEU HA 61 -10.61 106.15 39.06
N VAL HA 62 -10.03 107.33 39.02
CA VAL HA 62 -8.59 107.46 38.85
C VAL HA 62 -7.97 107.54 40.23
N ILE HA 63 -7.02 106.65 40.50
CA ILE HA 63 -6.23 106.75 41.72
C ILE HA 63 -5.39 108.03 41.63
N PRO HA 64 -5.39 108.89 42.66
CA PRO HA 64 -4.56 110.08 42.63
C PRO HA 64 -3.08 109.75 42.59
N ALA HA 65 -2.30 110.71 42.11
CA ALA HA 65 -0.89 110.48 41.80
C ALA HA 65 -0.03 110.26 43.03
N THR HA 66 -0.55 110.49 44.24
CA THR HA 66 0.20 110.36 45.48
C THR HA 66 -0.39 109.29 46.39
N GLN HA 67 -1.09 108.30 45.84
CA GLN HA 67 -1.73 107.29 46.65
C GLN HA 67 -1.53 105.91 46.02
N ILE HA 68 -1.55 104.89 46.88
CA ILE HA 68 -1.44 103.49 46.48
C ILE HA 68 -2.58 102.76 47.19
N TRP HA 69 -3.52 102.23 46.43
CA TRP HA 69 -4.68 101.59 47.03
C TRP HA 69 -4.51 100.09 47.04
N TYR HA 70 -5.32 99.43 47.87
CA TYR HA 70 -5.34 97.97 47.96
C TYR HA 70 -6.78 97.54 48.14
N LEU HA 71 -7.34 96.85 47.15
CA LEU HA 71 -8.69 96.34 47.25
C LEU HA 71 -8.67 94.98 47.93
N THR HA 72 -9.14 94.90 49.18
CA THR HA 72 -8.82 93.78 50.04
C THR HA 72 -10.02 92.95 50.51
N ASP HA 73 -11.23 93.46 50.49
CA ASP HA 73 -12.34 92.76 51.13
C ASP HA 73 -13.64 93.21 50.50
N ALA HA 74 -14.65 92.33 50.55
CA ALA HA 74 -15.97 92.66 50.06
C ALA HA 74 -17.01 91.91 50.87
N TYR HA 75 -18.21 92.47 50.93
CA TYR HA 75 -19.32 91.87 51.67
C TYR HA 75 -20.59 92.50 51.16
N VAL HA 76 -21.71 91.84 51.46
CA VAL HA 76 -23.03 92.29 51.03
C VAL HA 76 -23.92 92.40 52.26
N SER HA 77 -24.61 93.53 52.40
CA SER HA 77 -25.39 93.79 53.59
C SER HA 77 -26.66 92.93 53.60
N VAL HA 78 -27.30 92.87 54.78
CA VAL HA 78 -28.45 91.96 54.96
C VAL HA 78 -29.69 92.37 54.19
N PRO HA 79 -30.14 93.64 54.15
CA PRO HA 79 -31.30 93.96 53.29
C PRO HA 79 -31.05 93.82 51.80
N ASP HA 80 -29.81 93.65 51.36
CA ASP HA 80 -29.58 93.26 49.97
C ASP HA 80 -29.73 91.76 49.77
N TYR HA 81 -29.23 90.97 50.72
CA TYR HA 81 -29.26 89.52 50.58
C TYR HA 81 -30.67 88.96 50.70
N THR HA 82 -31.52 89.53 51.55
CA THR HA 82 -32.89 89.06 51.65
C THR HA 82 -33.74 89.52 50.49
N ASN HA 83 -33.25 90.44 49.65
CA ASN HA 83 -33.92 90.79 48.41
C ASN HA 83 -33.45 89.96 47.23
N ILE HA 84 -32.20 89.47 47.28
CA ILE HA 84 -31.71 88.59 46.23
C ILE HA 84 -32.43 87.26 46.27
N THR HA 85 -32.58 86.68 47.46
CA THR HA 85 -33.29 85.42 47.60
C THR HA 85 -34.79 85.56 47.36
N ASN HA 86 -35.33 86.76 47.41
CA ASN HA 86 -36.73 87.00 47.08
C ASN HA 86 -36.93 87.37 45.61
N GLY HA 87 -35.85 87.45 44.84
CA GLY HA 87 -35.98 87.84 43.45
C GLY HA 87 -36.30 89.30 43.24
N ALA HA 88 -35.90 90.16 44.17
CA ALA HA 88 -36.13 91.59 44.04
C ALA HA 88 -34.93 92.33 43.47
N GLU HA 89 -33.77 91.69 43.39
CA GLU HA 89 -32.64 92.23 42.64
C GLU HA 89 -31.80 91.06 42.16
N ALA HA 90 -30.85 91.37 41.28
CA ALA HA 90 -30.15 90.37 40.51
C ALA HA 90 -28.97 89.79 41.26
N ASP HA 91 -28.74 88.49 41.04
CA ASP HA 91 -27.53 87.82 41.48
C ASP HA 91 -26.45 87.95 40.40
N GLY HA 92 -25.28 87.42 40.66
CA GLY HA 92 -24.24 87.42 39.66
C GLY HA 92 -22.89 87.71 40.28
N VAL HA 93 -21.92 87.98 39.43
CA VAL HA 93 -20.55 88.25 39.88
C VAL HA 93 -20.18 89.68 39.53
N ILE HA 94 -18.97 90.09 39.91
CA ILE HA 94 -18.49 91.44 39.68
C ILE HA 94 -17.06 91.34 39.15
N LEU HA 95 -16.81 92.01 38.02
CA LEU HA 95 -15.52 91.99 37.36
C LEU HA 95 -14.73 93.24 37.74
N ILE HA 96 -13.45 93.06 38.05
CA ILE HA 96 -12.59 94.14 38.51
C ILE HA 96 -11.50 94.34 37.47
N TYR HA 97 -11.58 95.45 36.74
CA TYR HA 97 -10.66 95.75 35.67
C TYR HA 97 -9.75 96.91 36.04
N LYS HA 98 -8.47 96.76 35.72
CA LYS HA 98 -7.46 97.79 35.92
C LYS HA 98 -7.00 98.26 34.54
N ASP HA 99 -6.92 99.59 34.38
CA ASP HA 99 -6.62 100.30 33.14
C ASP HA 99 -7.64 100.06 32.03
N GLY HA 100 -8.83 99.57 32.37
CA GLY HA 100 -9.87 99.30 31.39
C GLY HA 100 -9.69 98.06 30.54
N VAL HA 101 -8.57 97.37 30.65
CA VAL HA 101 -8.31 96.18 29.84
C VAL HA 101 -7.96 94.98 30.72
N LYS HA 102 -7.04 95.17 31.67
CA LYS HA 102 -6.50 94.07 32.45
C LYS HA 102 -7.52 93.58 33.47
N LEU HA 103 -7.81 92.28 33.45
CA LEU HA 103 -8.70 91.70 34.46
C LEU HA 103 -7.88 91.30 35.68
N MET HA 104 -8.39 91.63 36.87
CA MET HA 104 -7.68 91.39 38.11
C MET HA 104 -8.31 90.31 38.96
N LEU HA 105 -9.63 90.29 39.08
CA LEU HA 105 -10.34 89.23 39.80
C LEU HA 105 -11.73 89.05 39.21
N THR HA 106 -12.44 88.06 39.74
CA THR HA 106 -13.88 87.91 39.53
C THR HA 106 -14.47 87.44 40.85
N THR HA 107 -15.32 88.27 41.43
CA THR HA 107 -15.78 88.04 42.80
C THR HA 107 -16.78 86.90 42.84
N PRO HA 108 -16.65 85.98 43.78
CA PRO HA 108 -17.47 84.76 43.75
C PRO HA 108 -18.91 84.94 44.16
N LEU HA 109 -19.77 85.33 43.19
CA LEU HA 109 -21.22 85.20 43.28
C LEU HA 109 -21.83 85.93 44.47
N ILE HA 110 -21.94 87.26 44.38
CA ILE HA 110 -22.19 88.21 45.47
C ILE HA 110 -23.28 87.84 46.47
N SER HA 111 -24.23 86.99 46.07
CA SER HA 111 -25.21 86.49 47.03
C SER HA 111 -24.60 85.49 48.00
N SER HA 112 -23.44 84.92 47.68
CA SER HA 112 -22.80 83.93 48.53
C SER HA 112 -21.74 84.54 49.43
N MET HA 113 -21.42 85.82 49.27
CA MET HA 113 -20.57 86.52 50.22
C MET HA 113 -21.34 87.48 51.10
N SER HA 114 -22.63 87.22 51.31
CA SER HA 114 -23.43 88.06 52.17
C SER HA 114 -22.98 87.95 53.61
N ILE HA 115 -23.35 88.93 54.41
CA ILE HA 115 -22.81 89.03 55.76
C ILE HA 115 -23.71 88.32 56.76
N SER HA 116 -24.92 87.92 56.37
CA SER HA 116 -25.83 87.21 57.26
C SER HA 116 -25.41 85.77 57.50
N ASN HA 117 -24.49 85.24 56.72
CA ASN HA 117 -24.07 83.85 56.79
C ASN HA 117 -22.84 83.72 57.67
N PRO HA 118 -22.71 82.62 58.42
CA PRO HA 118 -21.58 82.51 59.35
C PRO HA 118 -20.26 82.14 58.71
N ALA HA 119 -20.26 81.56 57.51
CA ALA HA 119 -19.02 81.19 56.84
C ALA HA 119 -19.06 81.62 55.39
N ARG HA 120 -19.38 82.89 55.16
CA ARG HA 120 -19.39 83.48 53.84
C ARG HA 120 -18.02 83.40 53.17
N THR HA 121 -18.04 83.47 51.85
CA THR HA 121 -16.82 83.32 51.08
C THR HA 121 -16.06 84.64 50.99
N HIS HA 122 -14.81 84.54 50.57
CA HIS HA 122 -13.88 85.67 50.60
C HIS HA 122 -13.38 85.98 49.19
N LEU HA 123 -12.60 87.04 49.09
CA LEU HA 123 -11.82 87.30 47.91
C LEU HA 123 -10.58 86.40 47.91
N ALA HA 124 -9.88 86.38 46.78
CA ALA HA 124 -8.69 85.53 46.68
C ALA HA 124 -7.41 86.26 47.05
N GLN HA 125 -7.31 87.56 46.79
CA GLN HA 125 -6.08 88.30 47.02
C GLN HA 125 -6.40 89.79 47.06
N ALA HA 126 -5.45 90.55 47.60
CA ALA HA 126 -5.55 92.00 47.71
C ALA HA 126 -5.06 92.62 46.42
N VAL HA 127 -5.97 93.27 45.70
CA VAL HA 127 -5.65 93.90 44.42
C VAL HA 127 -5.02 95.26 44.70
N LYS HA 128 -3.75 95.41 44.36
CA LYS HA 128 -3.11 96.69 44.57
C LYS HA 128 -3.37 97.61 43.37
N TYR HA 129 -3.20 98.91 43.61
CA TYR HA 129 -3.32 99.90 42.55
C TYR HA 129 -2.20 100.89 42.71
N SER HA 130 -1.48 101.13 41.63
CA SER HA 130 -0.30 101.98 41.61
C SER HA 130 -0.71 103.44 41.63
N PRO HA 131 0.25 104.37 41.60
CA PRO HA 131 -0.07 105.71 41.10
C PRO HA 131 -0.69 105.67 39.71
N GLN HA 132 -1.35 106.77 39.36
CA GLN HA 132 -2.64 106.83 38.66
C GLN HA 132 -2.97 105.69 37.69
N SER HA 133 -4.13 105.08 37.94
CA SER HA 133 -4.65 103.99 37.12
C SER HA 133 -6.16 104.10 37.17
N ILE HA 134 -6.81 103.57 36.14
CA ILE HA 134 -8.25 103.73 36.01
C ILE HA 134 -8.89 102.44 36.50
N LEU HA 135 -9.54 102.52 37.67
CA LEU HA 135 -10.26 101.40 38.27
C LEU HA 135 -11.69 101.37 37.74
N THR HA 136 -12.07 100.30 37.07
CA THR HA 136 -13.43 100.13 36.59
C THR HA 136 -13.98 98.81 37.10
N MET HA 137 -15.31 98.74 37.23
CA MET HA 137 -15.99 97.53 37.66
C MET HA 137 -17.17 97.25 36.75
N TYR HA 138 -17.56 95.98 36.65
CA TYR HA 138 -18.68 95.55 35.81
C TYR HA 138 -19.47 94.45 36.51
N PHE HA 139 -20.78 94.43 36.26
CA PHE HA 139 -21.69 93.49 36.90
C PHE HA 139 -22.25 92.57 35.82
N ASN HA 140 -21.83 91.30 35.83
CA ASN HA 140 -22.22 90.30 34.86
C ASN HA 140 -23.31 89.44 35.49
N PRO HA 141 -24.59 89.70 35.23
CA PRO HA 141 -25.64 89.09 36.03
C PRO HA 141 -26.02 87.69 35.58
N THR HA 142 -26.33 86.84 36.56
CA THR HA 142 -27.04 85.60 36.37
C THR HA 142 -28.22 85.60 37.33
N LYS HA 143 -29.34 85.02 36.89
CA LYS HA 143 -30.64 85.03 37.55
C LYS HA 143 -31.06 86.47 37.89
N PRO HA 144 -31.55 87.22 36.91
CA PRO HA 144 -31.82 88.65 37.14
C PRO HA 144 -33.05 88.94 37.98
N ALA HA 145 -33.33 90.22 38.18
CA ALA HA 145 -34.49 90.64 38.97
C ALA HA 145 -35.77 90.35 38.20
N THR HA 146 -36.73 89.74 38.87
CA THR HA 146 -37.94 89.27 38.20
C THR HA 146 -39.22 89.85 38.75
N ALA HA 147 -39.34 89.98 40.06
CA ALA HA 147 -40.59 90.47 40.64
C ALA HA 147 -40.70 91.98 40.49
N SER HA 148 -41.93 92.48 40.58
CA SER HA 148 -42.17 93.90 40.51
C SER HA 148 -41.67 94.59 41.78
N THR HA 149 -41.58 95.92 41.72
CA THR HA 149 -40.95 96.79 42.72
C THR HA 149 -39.55 96.30 43.06
N SER HA 150 -38.75 96.13 42.01
CA SER HA 150 -37.39 95.64 42.15
C SER HA 150 -36.46 96.79 42.58
N TYR HA 151 -35.25 96.41 42.99
CA TYR HA 151 -34.34 97.33 43.65
C TYR HA 151 -32.98 97.34 42.96
N PRO HA 152 -32.25 98.45 43.05
CA PRO HA 152 -30.86 98.45 42.56
C PRO HA 152 -29.95 97.71 43.52
N ASN HA 153 -28.80 97.29 42.98
CA ASN HA 153 -27.83 96.54 43.76
C ASN HA 153 -26.90 97.48 44.52
N THR HA 154 -26.23 96.92 45.53
CA THR HA 154 -25.21 97.61 46.30
C THR HA 154 -24.24 96.58 46.85
N VAL HA 155 -22.95 96.75 46.57
CA VAL HA 155 -21.91 95.84 47.04
C VAL HA 155 -20.79 96.67 47.65
N TYR HA 156 -20.47 96.41 48.90
CA TYR HA 156 -19.48 97.20 49.62
C TYR HA 156 -18.11 96.54 49.53
N PHE HA 157 -17.08 97.37 49.48
CA PHE HA 157 -15.71 96.90 49.45
C PHE HA 157 -14.97 97.46 50.64
N THR HA 158 -13.66 97.24 50.69
CA THR HA 158 -12.82 97.77 51.76
C THR HA 158 -11.44 98.03 51.19
N VAL HA 159 -10.99 99.28 51.25
CA VAL HA 159 -9.78 99.72 50.59
C VAL HA 159 -8.79 100.19 51.65
N VAL HA 160 -7.56 99.71 51.55
CA VAL HA 160 -6.46 100.29 52.31
C VAL HA 160 -5.77 101.33 51.42
N VAL HA 161 -5.74 102.57 51.89
CA VAL HA 161 -5.22 103.69 51.12
C VAL HA 161 -3.92 104.14 51.75
N VAL HA 162 -2.86 104.23 50.95
CA VAL HA 162 -1.55 104.64 51.43
C VAL HA 162 -1.27 106.01 50.84
N ASP HA 163 -1.64 107.06 51.56
CA ASP HA 163 -1.50 108.42 51.07
C ASP HA 163 -0.08 108.91 51.28
N PHE HA 164 0.34 109.82 50.40
CA PHE HA 164 1.70 110.33 50.44
C PHE HA 164 1.73 111.85 50.33
N SER HA 165 0.58 112.52 50.34
CA SER HA 165 0.52 113.93 49.98
C SER HA 165 1.14 114.85 51.03
N TYR HA 166 1.36 114.36 52.25
CA TYR HA 166 1.85 115.18 53.34
C TYR HA 166 3.35 115.02 53.55
N ALA HA 167 4.04 114.45 52.58
CA ALA HA 167 5.48 114.24 52.73
C ALA HA 167 6.24 115.54 52.42
N GLN HA 168 7.56 115.45 52.47
CA GLN HA 168 8.38 116.63 52.21
C GLN HA 168 8.41 116.99 50.73
N ASN HA 169 8.28 116.01 49.85
CA ASN HA 169 8.19 116.27 48.42
C ASN HA 169 7.32 115.18 47.81
N PRO HA 170 6.01 115.37 47.80
CA PRO HA 170 5.11 114.30 47.37
C PRO HA 170 4.92 114.26 45.86
N ALA HA 171 5.99 114.03 45.12
CA ALA HA 171 5.88 113.86 43.68
C ALA HA 171 6.60 112.59 43.28
N ARG HA 172 7.69 112.29 43.97
CA ARG HA 172 8.49 111.11 43.69
C ARG HA 172 8.70 110.21 44.89
N ALA HA 173 8.30 110.63 46.09
CA ALA HA 173 8.29 109.70 47.21
C ALA HA 173 7.26 108.61 47.02
N VAL HA 174 6.16 108.91 46.34
CA VAL HA 174 5.16 107.89 46.07
C VAL HA 174 5.62 106.95 44.96
N VAL HA 175 6.46 107.41 44.04
CA VAL HA 175 6.95 106.55 42.98
C VAL HA 175 8.25 105.87 43.36
N SER HA 176 8.90 106.32 44.45
CA SER HA 176 10.02 105.57 44.97
C SER HA 176 9.57 104.45 45.90
N ALA HA 177 8.48 104.69 46.64
CA ALA HA 177 7.97 103.68 47.56
C ALA HA 177 7.03 102.70 46.88
N ASN HA 178 6.54 103.01 45.68
CA ASN HA 178 5.77 102.03 44.92
C ASN HA 178 6.65 100.91 44.42
N ALA HA 179 7.93 101.20 44.16
CA ALA HA 179 8.84 100.18 43.65
C ALA HA 179 9.20 99.16 44.72
N VAL HA 180 9.35 99.61 45.97
CA VAL HA 180 9.71 98.67 47.03
C VAL HA 180 8.49 97.91 47.54
N MET HA 181 7.28 98.42 47.30
CA MET HA 181 6.08 97.75 47.72
C MET HA 181 5.65 96.73 46.68
N SER IA 4 -9.64 78.47 76.41
CA SER IA 4 -8.75 77.76 75.52
C SER IA 4 -7.33 77.82 76.03
N VAL IA 5 -7.12 78.59 77.10
CA VAL IA 5 -5.80 78.75 77.69
C VAL IA 5 -5.58 77.79 78.86
N THR IA 6 -6.61 77.01 79.23
CA THR IA 6 -6.51 76.14 80.40
C THR IA 6 -5.47 75.05 80.20
N GLN IA 7 -5.36 74.52 78.98
CA GLN IA 7 -4.43 73.43 78.75
C GLN IA 7 -2.98 73.88 78.70
N GLN IA 8 -2.72 75.17 78.54
CA GLN IA 8 -1.34 75.64 78.52
C GLN IA 8 -0.83 75.97 79.92
N VAL IA 9 -1.68 76.52 80.78
CA VAL IA 9 -1.22 76.80 82.14
C VAL IA 9 -1.28 75.57 83.01
N PHE IA 10 -1.98 74.52 82.58
CA PHE IA 10 -2.03 73.30 83.39
C PHE IA 10 -0.71 72.55 83.27
N ASN IA 11 -0.24 72.35 82.04
CA ASN IA 11 1.06 71.72 81.81
C ASN IA 11 2.22 72.60 82.23
N PHE IA 12 2.01 73.91 82.33
CA PHE IA 12 3.01 74.77 82.92
C PHE IA 12 3.09 74.59 84.42
N ALA IA 13 1.95 74.30 85.06
CA ALA IA 13 1.95 74.13 86.51
C ALA IA 13 2.52 72.78 86.92
N VAL IA 14 2.14 71.70 86.23
CA VAL IA 14 2.59 70.37 86.61
C VAL IA 14 4.07 70.13 86.32
N THR IA 15 4.72 71.00 85.56
CA THR IA 15 6.15 70.92 85.32
C THR IA 15 6.93 71.81 86.26
N LYS IA 16 6.39 72.99 86.59
CA LYS IA 16 7.09 73.93 87.45
C LYS IA 16 6.93 73.60 88.93
N SER IA 17 5.79 73.08 89.33
CA SER IA 17 5.55 72.73 90.73
C SER IA 17 6.00 71.32 91.07
N GLN IA 18 6.67 70.65 90.17
CA GLN IA 18 7.11 69.27 90.39
C GLN IA 18 8.35 69.10 91.25
N PRO IA 19 9.45 69.87 91.13
CA PRO IA 19 10.59 69.63 92.02
C PRO IA 19 10.36 70.04 93.47
N PHE IA 20 9.31 70.81 93.76
CA PHE IA 20 8.98 71.15 95.13
C PHE IA 20 7.92 70.24 95.72
N GLY IA 21 7.30 69.40 94.92
CA GLY IA 21 6.15 68.64 95.37
C GLY IA 21 4.94 69.49 95.13
N GLY IA 22 4.07 69.05 94.23
CA GLY IA 22 2.98 69.91 93.81
C GLY IA 22 1.88 69.13 93.15
N TYR IA 23 0.66 69.39 93.57
CA TYR IA 23 -0.49 68.57 93.25
C TYR IA 23 -1.51 69.47 92.57
N VAL IA 24 -1.61 69.34 91.24
CA VAL IA 24 -2.37 70.27 90.41
C VAL IA 24 -3.70 69.62 90.06
N TYR IA 25 -4.79 70.36 90.24
CA TYR IA 25 -6.11 69.91 89.79
C TYR IA 25 -6.97 71.13 89.52
N SER IA 26 -8.22 70.88 89.12
CA SER IA 26 -9.11 71.95 88.71
C SER IA 26 -10.41 71.88 89.49
N THR IA 27 -11.10 73.02 89.59
CA THR IA 27 -12.34 73.13 90.33
C THR IA 27 -13.34 73.92 89.50
N ASN IA 28 -14.43 74.31 90.15
CA ASN IA 28 -15.48 75.12 89.54
C ASN IA 28 -15.79 76.31 90.44
N LEU IA 29 -15.75 77.51 89.86
CA LEU IA 29 -16.06 78.74 90.58
C LEU IA 29 -17.28 79.39 89.95
N THR IA 30 -18.16 79.93 90.78
CA THR IA 30 -19.44 80.48 90.32
C THR IA 30 -19.60 81.90 90.85
N ALA IA 31 -19.87 82.84 89.95
CA ALA IA 31 -20.17 84.22 90.31
C ALA IA 31 -21.63 84.50 90.00
N SER IA 32 -22.34 85.12 90.94
CA SER IA 32 -23.77 85.38 90.79
C SER IA 32 -24.10 86.74 91.39
N THR IA 33 -24.39 87.71 90.54
CA THR IA 33 -24.89 88.99 91.02
C THR IA 33 -26.36 88.83 91.39
N SER IA 34 -26.66 88.97 92.67
CA SER IA 34 -28.01 88.69 93.14
C SER IA 34 -28.98 89.81 92.80
N SER IA 35 -30.25 89.42 92.65
CA SER IA 35 -31.43 90.30 92.59
C SER IA 35 -31.41 91.28 91.42
N ALA IA 36 -31.25 90.74 90.21
CA ALA IA 36 -31.81 91.31 88.96
C ALA IA 36 -31.28 92.71 88.66
N VAL IA 37 -30.00 92.78 88.32
CA VAL IA 37 -29.31 94.06 88.08
C VAL IA 37 -29.96 94.85 86.95
N THR IA 38 -30.34 96.10 87.26
CA THR IA 38 -30.99 96.98 86.29
C THR IA 38 -30.38 98.37 86.17
N SER IA 39 -29.51 98.80 87.08
CA SER IA 39 -29.05 100.19 87.06
C SER IA 39 -27.54 100.33 86.86
N THR IA 40 -26.72 99.80 87.76
CA THR IA 40 -25.32 100.21 87.85
C THR IA 40 -24.48 99.05 88.37
N GLN IA 41 -23.27 99.36 88.83
CA GLN IA 41 -22.25 98.34 89.11
C GLN IA 41 -22.61 97.49 90.33
N LEU IA 42 -22.72 96.18 90.13
CA LEU IA 42 -23.11 95.23 91.15
C LEU IA 42 -21.91 94.41 91.64
N THR IA 43 -22.16 93.63 92.68
CA THR IA 43 -21.19 92.77 93.32
C THR IA 43 -21.62 91.31 93.15
N PRO IA 44 -20.80 90.44 92.56
CA PRO IA 44 -21.20 89.04 92.43
C PRO IA 44 -20.76 88.20 93.62
N LEU IA 45 -21.56 87.19 93.92
CA LEU IA 45 -21.37 86.35 95.10
C LEU IA 45 -20.51 85.15 94.70
N ASN IA 46 -19.21 85.23 94.98
CA ASN IA 46 -18.30 84.16 94.61
C ASN IA 46 -18.54 82.91 95.47
N LEU IA 47 -18.18 81.76 94.90
CA LEU IA 47 -18.38 80.48 95.58
C LEU IA 47 -17.44 79.47 94.93
N SER IA 48 -16.40 79.07 95.64
CA SER IA 48 -15.48 78.04 95.16
C SER IA 48 -15.63 76.80 96.01
N ILE IA 49 -15.41 75.64 95.39
CA ILE IA 49 -15.49 74.35 96.07
C ILE IA 49 -14.14 73.67 95.92
N THR IA 50 -13.34 73.72 96.98
CA THR IA 50 -12.07 73.01 96.95
C THR IA 50 -12.33 71.55 97.31
N LEU IA 51 -11.25 70.77 97.50
CA LEU IA 51 -11.39 69.32 97.63
C LEU IA 51 -12.07 68.93 98.94
N GLY IA 52 -11.43 69.17 100.06
CA GLY IA 52 -11.80 68.52 101.30
C GLY IA 52 -12.99 69.11 102.01
N GLN IA 53 -14.16 69.13 101.34
CA GLN IA 53 -15.43 69.73 101.78
C GLN IA 53 -15.25 71.15 102.32
N ILE IA 54 -14.40 71.90 101.63
CA ILE IA 54 -14.11 73.30 101.94
C ILE IA 54 -14.89 74.17 100.97
N THR IA 55 -15.91 74.83 101.48
CA THR IA 55 -16.81 75.67 100.68
C THR IA 55 -16.55 77.13 101.01
N LEU IA 56 -15.68 77.77 100.23
CA LEU IA 56 -15.49 79.21 100.37
C LEU IA 56 -16.65 79.93 99.71
N SER IA 57 -17.23 80.90 100.42
CA SER IA 57 -18.41 81.59 99.91
C SER IA 57 -18.34 83.09 100.15
N GLY IA 58 -19.43 83.78 99.81
CA GLY IA 58 -19.50 85.21 100.00
C GLY IA 58 -18.63 85.98 99.02
N ASN IA 59 -18.67 87.30 99.14
CA ASN IA 59 -17.78 88.15 98.38
C ASN IA 59 -16.36 87.97 98.90
N SER IA 60 -15.38 88.19 98.01
CA SER IA 60 -13.97 88.34 98.36
C SER IA 60 -13.40 87.09 99.03
N LEU IA 61 -13.28 86.03 98.25
CA LEU IA 61 -12.65 84.80 98.73
C LEU IA 61 -11.18 85.03 99.04
N VAL IA 62 -10.74 84.54 100.19
CA VAL IA 62 -9.36 84.67 100.63
C VAL IA 62 -8.68 83.32 100.43
N ILE IA 63 -7.54 83.34 99.77
CA ILE IA 63 -6.85 82.10 99.37
C ILE IA 63 -6.18 81.48 100.58
N PRO IA 64 -6.30 80.16 100.78
CA PRO IA 64 -5.53 79.50 101.84
C PRO IA 64 -4.03 79.53 101.55
N ALA IA 65 -3.25 79.43 102.62
CA ALA IA 65 -1.82 79.72 102.56
C ALA IA 65 -0.98 78.62 101.94
N THR IA 66 -1.59 77.58 101.36
CA THR IA 66 -0.84 76.49 100.73
C THR IA 66 -1.32 76.22 99.31
N GLN IA 67 -2.00 77.16 98.67
CA GLN IA 67 -2.50 76.98 97.32
C GLN IA 67 -2.10 78.16 96.45
N ILE IA 68 -1.93 77.90 95.17
CA ILE IA 68 -1.70 78.95 94.16
C ILE IA 68 -2.78 78.77 93.11
N TRP IA 69 -3.70 79.72 93.04
CA TRP IA 69 -4.80 79.56 92.11
C TRP IA 69 -4.45 80.15 90.74
N TYR IA 70 -5.22 79.77 89.74
CA TYR IA 70 -5.12 80.34 88.40
C TYR IA 70 -6.53 80.45 87.85
N LEU IA 71 -6.94 81.65 87.48
CA LEU IA 71 -8.27 81.87 86.92
C LEU IA 71 -8.13 81.93 85.39
N THR IA 72 -8.70 80.93 84.70
CA THR IA 72 -8.36 80.69 83.31
C THR IA 72 -9.48 81.00 82.32
N ASP IA 73 -10.64 80.34 82.40
CA ASP IA 73 -11.70 80.55 81.42
C ASP IA 73 -13.02 80.79 82.12
N ALA IA 74 -14.07 80.98 81.31
CA ALA IA 74 -15.43 81.15 81.78
C ALA IA 74 -16.38 80.74 80.67
N TYR IA 75 -17.62 80.47 81.04
CA TYR IA 75 -18.67 80.14 80.08
C TYR IA 75 -20.01 80.50 80.69
N VAL IA 76 -20.99 80.72 79.83
CA VAL IA 76 -22.34 81.06 80.23
C VAL IA 76 -23.29 80.06 79.60
N SER IA 77 -24.21 79.52 80.39
CA SER IA 77 -25.12 78.48 79.92
C SER IA 77 -26.14 79.05 78.95
N VAL IA 78 -26.82 78.14 78.24
CA VAL IA 78 -27.83 78.47 77.25
C VAL IA 78 -29.10 79.07 77.88
N PRO IA 79 -29.68 78.57 78.99
CA PRO IA 79 -30.83 79.29 79.56
C PRO IA 79 -30.51 80.67 80.14
N ASP IA 80 -29.24 81.06 80.25
CA ASP IA 80 -28.93 82.45 80.51
C ASP IA 80 -28.87 83.26 79.21
N TYR IA 81 -28.31 82.67 78.15
CA TYR IA 81 -28.18 83.34 76.88
C TYR IA 81 -29.52 83.52 76.18
N THR IA 82 -30.51 82.71 76.53
CA THR IA 82 -31.86 82.96 76.00
C THR IA 82 -32.64 83.92 76.87
N ASN IA 83 -32.15 84.24 78.07
CA ASN IA 83 -32.76 85.29 78.88
C ASN IA 83 -32.10 86.64 78.65
N ILE IA 84 -30.83 86.65 78.22
CA ILE IA 84 -30.17 87.89 77.87
C ILE IA 84 -30.80 88.48 76.61
N THR IA 85 -31.02 87.65 75.60
CA THR IA 85 -31.57 88.11 74.33
C THR IA 85 -33.04 88.48 74.43
N ASN IA 86 -33.76 87.95 75.42
CA ASN IA 86 -35.11 88.42 75.69
C ASN IA 86 -35.14 89.62 76.60
N GLY IA 87 -33.99 90.12 77.04
CA GLY IA 87 -33.95 91.25 77.94
C GLY IA 87 -34.40 90.94 79.34
N ALA IA 88 -34.29 89.69 79.77
CA ALA IA 88 -34.66 89.32 81.13
C ALA IA 88 -33.50 89.44 82.11
N GLU IA 89 -32.27 89.55 81.63
CA GLU IA 89 -31.15 89.83 82.53
C GLU IA 89 -30.11 90.63 81.78
N ALA IA 90 -29.24 91.26 82.53
CA ALA IA 90 -28.37 92.30 81.99
C ALA IA 90 -27.19 91.72 81.25
N ASP IA 91 -26.75 92.44 80.23
CA ASP IA 91 -25.47 92.18 79.58
C ASP IA 91 -24.40 92.97 80.32
N GLY IA 92 -23.16 92.89 79.88
CA GLY IA 92 -22.10 93.65 80.50
C GLY IA 92 -20.85 92.83 80.64
N VAL IA 93 -19.87 93.40 81.34
CA VAL IA 93 -18.58 92.74 81.50
C VAL IA 93 -18.35 92.44 82.98
N ILE IA 94 -17.22 91.83 83.29
CA ILE IA 94 -16.87 91.45 84.65
C ILE IA 94 -15.43 91.90 84.90
N LEU IA 95 -15.21 92.61 85.99
CA LEU IA 95 -13.89 93.10 86.35
C LEU IA 95 -13.25 92.19 87.39
N ILE IA 96 -11.97 91.90 87.21
CA ILE IA 96 -11.26 90.94 88.04
C ILE IA 96 -10.17 91.69 88.81
N TYR IA 97 -10.31 91.76 90.13
CA TYR IA 97 -9.41 92.50 90.99
C TYR IA 97 -8.50 91.58 91.78
N LYS IA 98 -7.40 92.14 92.26
CA LYS IA 98 -6.45 91.42 93.11
C LYS IA 98 -6.01 92.36 94.23
N ASP IA 99 -5.99 91.86 95.46
CA ASP IA 99 -5.60 92.60 96.68
C ASP IA 99 -6.48 93.81 96.94
N GLY IA 100 -7.69 93.85 96.39
CA GLY IA 100 -8.60 94.96 96.60
C GLY IA 100 -8.28 96.24 95.87
N VAL IA 101 -7.12 96.36 95.22
CA VAL IA 101 -6.69 97.60 94.57
C VAL IA 101 -6.52 97.43 93.07
N LYS IA 102 -5.69 96.48 92.63
CA LYS IA 102 -5.31 96.40 91.23
C LYS IA 102 -6.39 95.70 90.42
N LEU IA 103 -6.69 96.26 89.24
CA LEU IA 103 -7.58 95.64 88.28
C LEU IA 103 -6.74 94.88 87.26
N MET IA 104 -7.08 93.63 86.99
CA MET IA 104 -6.20 92.77 86.22
C MET IA 104 -6.78 92.28 84.90
N LEU IA 105 -8.09 92.14 84.78
CA LEU IA 105 -8.70 91.70 83.54
C LEU IA 105 -10.07 92.33 83.38
N THR IA 106 -10.63 92.17 82.20
CA THR IA 106 -12.03 92.46 81.93
C THR IA 106 -12.54 91.40 81.00
N THR IA 107 -13.57 90.67 81.43
CA THR IA 107 -14.08 89.57 80.61
C THR IA 107 -14.85 90.14 79.42
N PRO IA 108 -14.67 89.60 78.24
CA PRO IA 108 -15.28 90.20 77.06
C PRO IA 108 -16.77 89.94 76.91
N LEU IA 109 -17.61 90.77 77.54
CA LEU IA 109 -19.05 90.86 77.25
C LEU IA 109 -19.79 89.54 77.45
N ILE IA 110 -20.10 89.18 78.70
CA ILE IA 110 -20.56 87.86 79.13
C ILE IA 110 -21.69 87.21 78.31
N SER IA 111 -22.41 87.98 77.50
CA SER IA 111 -23.32 87.36 76.53
C SER IA 111 -22.57 86.76 75.35
N SER IA 112 -21.33 87.18 75.11
CA SER IA 112 -20.52 86.67 74.02
C SER IA 112 -19.65 85.50 74.41
N MET IA 113 -19.60 85.14 75.69
CA MET IA 113 -18.86 83.97 76.12
C MET IA 113 -19.73 82.74 76.21
N SER IA 114 -20.96 82.82 75.72
CA SER IA 114 -21.95 81.79 75.93
C SER IA 114 -21.57 80.51 75.21
N ILE IA 115 -22.17 79.41 75.67
CA ILE IA 115 -21.76 78.10 75.19
C ILE IA 115 -22.41 77.79 73.84
N SER IA 116 -23.34 78.62 73.38
CA SER IA 116 -24.03 78.42 72.12
C SER IA 116 -23.54 79.35 71.01
N ASN IA 117 -22.51 80.14 71.26
CA ASN IA 117 -21.95 80.96 70.19
C ASN IA 117 -20.89 80.16 69.45
N PRO IA 118 -20.98 80.04 68.12
CA PRO IA 118 -19.90 79.37 67.38
C PRO IA 118 -18.57 80.08 67.47
N ALA IA 119 -18.57 81.39 67.65
CA ALA IA 119 -17.38 82.13 68.08
C ALA IA 119 -17.52 82.43 69.56
N ARG IA 120 -17.16 81.45 70.39
CA ARG IA 120 -17.14 81.65 71.83
C ARG IA 120 -15.81 82.28 72.22
N THR IA 121 -15.87 83.45 72.83
CA THR IA 121 -14.65 84.15 73.23
C THR IA 121 -14.09 83.56 74.52
N HIS IA 122 -12.77 83.50 74.59
CA HIS IA 122 -12.07 83.00 75.75
C HIS IA 122 -11.27 84.14 76.39
N LEU IA 123 -10.66 83.87 77.52
CA LEU IA 123 -9.89 84.89 78.20
C LEU IA 123 -8.51 85.03 77.56
N ALA IA 124 -7.88 86.17 77.78
CA ALA IA 124 -6.61 86.46 77.11
C ALA IA 124 -5.47 85.69 77.77
N GLN IA 125 -5.19 85.97 79.04
CA GLN IA 125 -4.18 85.24 79.79
C GLN IA 125 -4.78 84.92 81.16
N ALA IA 126 -4.37 83.78 81.71
CA ALA IA 126 -4.79 83.38 83.04
C ALA IA 126 -4.04 84.19 84.08
N VAL IA 127 -4.76 84.64 85.12
CA VAL IA 127 -4.21 85.52 86.14
C VAL IA 127 -3.74 84.69 87.33
N LYS IA 128 -2.46 84.83 87.66
CA LYS IA 128 -1.88 84.10 88.77
C LYS IA 128 -2.35 84.68 90.09
N TYR IA 129 -2.74 83.81 91.01
CA TYR IA 129 -3.13 84.21 92.34
C TYR IA 129 -2.24 83.49 93.34
N SER IA 130 -1.52 84.26 94.13
CA SER IA 130 -0.55 83.74 95.08
C SER IA 130 -1.31 83.26 96.31
N PRO IA 131 -0.62 82.69 97.31
CA PRO IA 131 -1.24 82.60 98.64
C PRO IA 131 -1.59 83.96 99.20
N GLN IA 132 -2.30 83.91 100.33
CA GLN IA 132 -3.50 84.69 100.61
C GLN IA 132 -3.51 86.09 99.99
N SER IA 133 -4.49 86.30 99.12
CA SER IA 133 -4.64 87.50 98.30
C SER IA 133 -6.11 87.58 97.95
N ILE IA 134 -6.71 88.74 98.17
CA ILE IA 134 -8.15 88.89 98.04
C ILE IA 134 -8.55 88.83 96.57
N LEU IA 135 -9.39 87.87 96.22
CA LEU IA 135 -10.00 87.76 94.90
C LEU IA 135 -11.41 88.29 94.99
N THR IA 136 -11.67 89.45 94.38
CA THR IA 136 -13.02 89.98 94.32
C THR IA 136 -13.35 90.43 92.91
N MET IA 137 -14.63 90.39 92.59
CA MET IA 137 -15.10 90.71 91.25
C MET IA 137 -16.17 91.77 91.33
N TYR IA 138 -16.49 92.33 90.16
CA TYR IA 138 -17.49 93.38 90.01
C TYR IA 138 -18.13 93.25 88.64
N PHE IA 139 -19.38 93.65 88.53
CA PHE IA 139 -20.16 93.50 87.31
C PHE IA 139 -20.58 94.87 86.81
N ASN IA 140 -20.19 95.20 85.58
CA ASN IA 140 -20.43 96.51 85.00
C ASN IA 140 -21.48 96.41 83.90
N PRO IA 141 -22.76 96.63 84.19
CA PRO IA 141 -23.80 96.28 83.22
C PRO IA 141 -23.97 97.35 82.15
N THR IA 142 -23.83 96.93 80.89
CA THR IA 142 -24.24 97.73 79.75
C THR IA 142 -25.44 97.06 79.11
N LYS IA 143 -26.46 97.87 78.76
CA LYS IA 143 -27.80 97.45 78.37
C LYS IA 143 -28.35 96.54 79.47
N PRO IA 144 -28.86 97.11 80.56
CA PRO IA 144 -29.28 96.30 81.70
C PRO IA 144 -30.59 95.57 81.44
N ALA IA 145 -31.04 94.86 82.46
CA ALA IA 145 -32.30 94.12 82.39
C ALA IA 145 -33.45 95.10 82.34
N THR IA 146 -34.31 94.95 81.33
CA THR IA 146 -35.40 95.88 81.13
C THR IA 146 -36.78 95.26 81.18
N ALA IA 147 -36.92 93.97 80.88
CA ALA IA 147 -38.23 93.34 80.86
C ALA IA 147 -38.68 92.97 82.27
N SER IA 148 -39.97 92.73 82.41
CA SER IA 148 -40.51 92.29 83.68
C SER IA 148 -40.20 90.82 83.92
N THR IA 149 -40.31 90.42 85.20
CA THR IA 149 -39.93 89.10 85.71
C THR IA 149 -38.49 88.75 85.32
N SER IA 150 -37.56 89.53 85.87
CA SER IA 150 -36.17 89.40 85.51
C SER IA 150 -35.51 88.22 86.23
N TYR IA 151 -34.22 88.03 85.98
CA TYR IA 151 -33.44 86.96 86.59
C TYR IA 151 -32.06 87.48 86.93
N PRO IA 152 -31.45 86.97 88.01
CA PRO IA 152 -30.08 87.37 88.33
C PRO IA 152 -29.07 86.70 87.40
N ASN IA 153 -27.86 87.25 87.39
CA ASN IA 153 -26.82 86.75 86.51
C ASN IA 153 -26.14 85.52 87.10
N THR IA 154 -25.46 84.78 86.22
CA THR IA 154 -24.66 83.63 86.62
C THR IA 154 -23.56 83.45 85.59
N VAL IA 155 -22.31 83.47 86.01
CA VAL IA 155 -21.17 83.26 85.13
C VAL IA 155 -20.26 82.23 85.78
N TYR IA 156 -20.15 81.07 85.16
CA TYR IA 156 -19.31 79.99 85.68
C TYR IA 156 -17.87 80.18 85.24
N PHE IA 157 -16.95 79.75 86.08
CA PHE IA 157 -15.53 79.94 85.85
C PHE IA 157 -14.80 78.60 85.90
N THR IA 158 -13.47 78.66 85.87
CA THR IA 158 -12.65 77.45 85.94
C THR IA 158 -11.31 77.83 86.55
N VAL IA 159 -11.00 77.25 87.71
CA VAL IA 159 -9.82 77.61 88.48
C VAL IA 159 -8.87 76.42 88.49
N VAL IA 160 -7.60 76.67 88.24
CA VAL IA 160 -6.55 75.66 88.40
C VAL IA 160 -5.90 75.87 89.76
N VAL IA 161 -5.92 74.82 90.60
CA VAL IA 161 -5.41 74.88 91.96
C VAL IA 161 -4.11 74.09 92.03
N VAL IA 162 -3.07 74.70 92.58
CA VAL IA 162 -1.77 74.04 92.74
C VAL IA 162 -1.57 73.82 94.23
N ASP IA 163 -1.89 72.61 94.71
CA ASP IA 163 -1.88 72.33 96.13
C ASP IA 163 -0.50 71.90 96.60
N PHE IA 164 -0.21 72.19 97.87
CA PHE IA 164 1.10 71.89 98.46
C PHE IA 164 0.97 71.26 99.83
N SER IA 165 -0.12 70.53 100.08
CA SER IA 165 -0.32 69.97 101.41
C SER IA 165 0.57 68.76 101.67
N TYR IA 166 1.08 68.10 100.63
CA TYR IA 166 1.77 66.84 100.79
C TYR IA 166 3.28 66.97 100.63
N ALA IA 167 3.81 68.18 100.63
CA ALA IA 167 5.24 68.33 100.49
C ALA IA 167 5.94 68.01 101.81
N GLN IA 168 7.27 67.97 101.75
CA GLN IA 168 8.07 67.70 102.93
C GLN IA 168 8.00 68.84 103.93
N ASN IA 169 7.73 70.06 103.47
CA ASN IA 169 7.57 71.22 104.33
C ASN IA 169 6.60 72.18 103.63
N PRO IA 170 5.33 72.20 104.04
CA PRO IA 170 4.32 72.94 103.27
C PRO IA 170 4.46 74.46 103.33
N ALA IA 171 5.36 75.00 104.14
CA ALA IA 171 5.54 76.44 104.17
C ALA IA 171 6.70 76.90 103.31
N ARG IA 172 7.86 76.26 103.42
CA ARG IA 172 9.02 76.65 102.64
C ARG IA 172 8.98 76.15 101.22
N ALA IA 173 8.05 75.25 100.89
CA ALA IA 173 7.89 74.81 99.51
C ALA IA 173 6.99 75.75 98.72
N VAL IA 174 6.03 76.40 99.39
CA VAL IA 174 5.13 77.31 98.70
C VAL IA 174 5.86 78.57 98.26
N VAL IA 175 6.52 79.25 99.20
CA VAL IA 175 7.15 80.54 98.91
C VAL IA 175 8.41 80.41 98.08
N SER IA 176 8.89 79.20 97.84
CA SER IA 176 9.94 78.98 96.86
C SER IA 176 9.40 78.61 95.49
N ALA IA 177 8.13 78.19 95.41
CA ALA IA 177 7.48 77.91 94.14
C ALA IA 177 6.70 79.10 93.60
N ASN IA 178 6.30 80.02 94.48
CA ASN IA 178 5.61 81.22 94.03
C ASN IA 178 6.55 82.13 93.24
N ALA IA 179 7.83 82.13 93.59
CA ALA IA 179 8.79 82.98 92.90
C ALA IA 179 9.12 82.46 91.51
N VAL IA 180 9.02 81.15 91.29
CA VAL IA 180 9.43 80.56 90.03
C VAL IA 180 8.26 80.25 89.11
N MET IA 181 7.04 80.16 89.64
CA MET IA 181 5.87 79.94 88.81
C MET IA 181 5.29 81.26 88.37
N SER JA 4 -5.86 86.57 66.35
CA SER JA 4 -5.13 86.87 67.56
C SER JA 4 -4.35 88.16 67.40
N VAL JA 5 -5.06 89.26 67.17
CA VAL JA 5 -4.38 90.55 67.02
C VAL JA 5 -4.11 91.20 68.38
N THR JA 6 -5.01 91.04 69.35
CA THR JA 6 -4.85 91.72 70.63
C THR JA 6 -3.77 91.06 71.47
N GLN JA 7 -3.59 89.76 71.33
CA GLN JA 7 -2.54 89.06 72.06
C GLN JA 7 -1.16 89.35 71.51
N GLN JA 8 -1.05 89.89 70.30
CA GLN JA 8 0.25 90.32 69.80
C GLN JA 8 0.61 91.69 70.34
N VAL JA 9 -0.39 92.53 70.64
CA VAL JA 9 -0.11 93.84 71.20
C VAL JA 9 0.11 93.74 72.70
N PHE JA 10 -0.64 92.85 73.36
CA PHE JA 10 -0.55 92.72 74.82
C PHE JA 10 0.79 92.14 75.23
N ASN JA 11 1.32 91.20 74.46
CA ASN JA 11 2.66 90.70 74.73
C ASN JA 11 3.73 91.71 74.37
N PHE JA 12 3.42 92.63 73.46
CA PHE JA 12 4.38 93.67 73.10
C PHE JA 12 4.43 94.78 74.14
N ALA JA 13 3.32 95.04 74.83
CA ALA JA 13 3.32 96.05 75.88
C ALA JA 13 4.08 95.58 77.11
N VAL JA 14 3.87 94.33 77.54
CA VAL JA 14 4.49 93.84 78.77
C VAL JA 14 5.97 93.54 78.61
N THR JA 15 6.48 93.50 77.39
CA THR JA 15 7.91 93.31 77.17
C THR JA 15 8.66 94.63 77.08
N LYS JA 16 7.98 95.70 76.66
CA LYS JA 16 8.62 97.00 76.56
C LYS JA 16 8.46 97.85 77.81
N SER JA 17 7.31 97.79 78.46
CA SER JA 17 7.04 98.61 79.62
C SER JA 17 7.49 97.98 80.93
N GLN JA 18 8.18 96.85 80.87
CA GLN JA 18 8.69 96.17 82.04
C GLN JA 18 9.99 96.78 82.62
N PRO JA 19 11.01 97.17 81.85
CA PRO JA 19 12.17 97.81 82.51
C PRO JA 19 11.88 99.20 83.04
N PHE JA 20 10.83 99.87 82.55
CA PHE JA 20 10.45 101.16 83.08
C PHE JA 20 9.44 101.07 84.20
N GLY JA 21 8.87 99.90 84.41
CA GLY JA 21 7.83 99.75 85.41
C GLY JA 21 6.52 100.15 84.80
N GLY JA 22 5.57 99.24 84.71
CA GLY JA 22 4.40 99.54 83.94
C GLY JA 22 3.25 98.59 84.16
N TYR JA 23 2.06 99.14 84.32
CA TYR JA 23 0.87 98.35 84.56
C TYR JA 23 0.09 98.18 83.28
N VAL JA 24 0.00 96.96 82.77
CA VAL JA 24 -0.64 96.68 81.50
C VAL JA 24 -1.89 95.84 81.75
N TYR JA 25 -3.03 96.30 81.25
CA TYR JA 25 -4.28 95.61 81.48
C TYR JA 25 -5.27 95.99 80.39
N SER JA 26 -6.22 95.10 80.14
CA SER JA 26 -7.18 95.28 79.05
C SER JA 26 -8.56 95.52 79.61
N THR JA 27 -9.25 96.53 79.06
CA THR JA 27 -10.59 96.90 79.49
C THR JA 27 -11.47 97.11 78.27
N ASN JA 28 -12.72 97.47 78.51
CA ASN JA 28 -13.76 97.51 77.49
C ASN JA 28 -14.30 98.92 77.35
N LEU JA 29 -14.12 99.51 76.17
CA LEU JA 29 -14.59 100.86 75.88
C LEU JA 29 -15.89 100.77 75.10
N THR JA 30 -16.87 101.59 75.50
CA THR JA 30 -18.22 101.53 74.97
C THR JA 30 -18.53 102.83 74.26
N ALA JA 31 -18.77 102.75 72.96
CA ALA JA 31 -19.18 103.89 72.15
C ALA JA 31 -20.65 103.73 71.83
N SER JA 32 -21.47 104.61 72.38
CA SER JA 32 -22.93 104.46 72.31
C SER JA 32 -23.55 105.74 71.77
N THR JA 33 -23.99 105.70 70.54
CA THR JA 33 -24.73 106.82 69.96
C THR JA 33 -26.11 106.87 70.59
N SER JA 34 -26.46 108.00 71.19
CA SER JA 34 -27.68 108.10 71.96
C SER JA 34 -28.87 108.46 71.08
N SER JA 35 -30.04 107.93 71.46
CA SER JA 35 -31.37 108.38 71.05
C SER JA 35 -31.61 108.29 69.54
N ALA JA 36 -31.50 107.06 69.00
CA ALA JA 36 -32.22 106.60 67.81
C ALA JA 36 -31.92 107.43 66.56
N VAL JA 37 -30.67 107.32 66.11
CA VAL JA 37 -30.22 108.03 64.92
C VAL JA 37 -31.01 107.60 63.69
N THR JA 38 -31.59 108.57 62.98
CA THR JA 38 -32.43 108.30 61.82
C THR JA 38 -32.14 109.18 60.61
N SER JA 39 -31.30 110.20 60.71
CA SER JA 39 -31.10 111.08 59.55
C SER JA 39 -29.64 111.20 59.11
N THR JA 40 -28.73 111.60 59.98
CA THR JA 40 -27.42 112.05 59.55
C THR JA 40 -26.37 111.74 60.62
N GLN JA 41 -25.21 112.37 60.49
CA GLN JA 41 -24.06 112.10 61.36
C GLN JA 41 -24.32 112.53 62.79
N LEU JA 42 -24.09 111.61 63.73
CA LEU JA 42 -24.15 111.89 65.15
C LEU JA 42 -22.79 111.61 65.78
N THR JA 43 -22.74 111.70 67.11
CA THR JA 43 -21.50 111.46 67.85
C THR JA 43 -21.77 110.58 69.07
N PRO JA 44 -21.09 109.45 69.21
CA PRO JA 44 -21.34 108.55 70.33
C PRO JA 44 -20.56 108.91 71.58
N LEU JA 45 -21.19 108.63 72.72
CA LEU JA 45 -20.61 108.93 74.02
C LEU JA 45 -19.63 107.83 74.39
N ASN JA 46 -18.33 108.11 74.28
CA ASN JA 46 -17.34 107.14 74.68
C ASN JA 46 -17.35 106.98 76.19
N LEU JA 47 -17.10 105.75 76.66
CA LEU JA 47 -17.18 105.46 78.08
C LEU JA 47 -16.20 104.32 78.38
N SER JA 48 -14.98 104.68 78.77
CA SER JA 48 -13.98 103.70 79.15
C SER JA 48 -14.03 103.47 80.66
N ILE JA 49 -13.73 102.26 81.08
CA ILE JA 49 -13.72 101.90 82.49
C ILE JA 49 -12.28 101.58 82.87
N THR JA 50 -11.65 102.51 83.59
CA THR JA 50 -10.27 102.36 84.02
C THR JA 50 -10.23 101.62 85.36
N LEU JA 51 -9.09 101.71 86.05
CA LEU JA 51 -8.84 100.86 87.21
C LEU JA 51 -9.67 101.28 88.41
N GLY JA 52 -9.41 102.47 88.95
CA GLY JA 52 -9.87 102.76 90.30
C GLY JA 52 -11.30 103.24 90.38
N GLN JA 53 -12.25 102.38 90.03
CA GLN JA 53 -13.69 102.58 90.16
C GLN JA 53 -14.22 103.79 89.39
N ILE JA 54 -13.40 104.42 88.53
CA ILE JA 54 -13.76 105.63 87.83
C ILE JA 54 -13.98 105.29 86.37
N THR JA 55 -14.88 106.04 85.73
CA THR JA 55 -15.39 105.72 84.41
C THR JA 55 -15.48 107.00 83.60
N LEU JA 56 -14.54 107.18 82.68
CA LEU JA 56 -14.47 108.41 81.88
C LEU JA 56 -15.59 108.41 80.87
N SER JA 57 -16.66 109.14 81.16
CA SER JA 57 -17.81 109.18 80.27
C SER JA 57 -17.73 110.40 79.36
N GLY JA 58 -18.76 110.58 78.54
CA GLY JA 58 -18.83 111.73 77.65
C GLY JA 58 -17.94 111.61 76.44
N ASN JA 59 -18.16 112.52 75.50
CA ASN JA 59 -17.32 112.58 74.30
C ASN JA 59 -15.94 113.08 74.67
N SER JA 60 -15.00 112.89 73.73
CA SER JA 60 -13.67 113.50 73.74
C SER JA 60 -12.87 113.11 74.99
N LEU JA 61 -12.58 111.82 75.08
CA LEU JA 61 -11.77 111.30 76.18
C LEU JA 61 -10.34 111.76 76.04
N VAL JA 62 -9.84 112.45 77.05
CA VAL JA 62 -8.45 112.89 77.06
C VAL JA 62 -7.61 111.81 77.72
N ILE JA 63 -6.52 111.46 77.08
CA ILE JA 63 -5.58 110.51 77.68
C ILE JA 63 -4.80 111.24 78.77
N PRO JA 64 -4.71 110.68 79.98
CA PRO JA 64 -3.89 111.30 81.02
C PRO JA 64 -2.41 111.27 80.65
N ALA JA 65 -1.64 112.12 81.32
CA ALA JA 65 -0.27 112.39 80.91
C ALA JA 65 0.71 111.28 81.26
N THR JA 66 0.24 110.16 81.80
CA THR JA 66 1.11 109.06 82.18
C THR JA 66 0.63 107.70 81.67
N GLN JA 67 -0.33 107.67 80.75
CA GLN JA 67 -0.85 106.42 80.22
C GLN JA 67 -0.76 106.40 78.71
N ILE JA 68 -0.59 105.19 78.16
CA ILE JA 68 -0.53 104.96 76.72
C ILE JA 68 -1.61 103.94 76.37
N TRP JA 69 -2.59 104.35 75.58
CA TRP JA 69 -3.70 103.47 75.29
C TRP JA 69 -3.48 102.80 73.94
N TYR JA 70 -4.14 101.65 73.75
CA TYR JA 70 -4.04 100.88 72.52
C TYR JA 70 -5.44 100.41 72.17
N LEU JA 71 -5.99 100.90 71.07
CA LEU JA 71 -7.28 100.45 70.59
C LEU JA 71 -7.05 99.24 69.68
N THR JA 72 -7.51 98.07 70.11
CA THR JA 72 -7.12 96.83 69.44
C THR JA 72 -8.21 96.17 68.61
N ASP JA 73 -9.44 96.07 69.09
CA ASP JA 73 -10.48 95.40 68.32
C ASP JA 73 -11.85 95.97 68.68
N ALA JA 74 -12.85 95.59 67.90
CA ALA JA 74 -14.22 96.02 68.13
C ALA JA 74 -15.19 94.98 67.61
N TYR JA 75 -16.37 94.95 68.21
CA TYR JA 75 -17.40 94.00 67.83
C TYR JA 75 -18.75 94.62 68.15
N VAL JA 76 -19.81 93.87 67.90
CA VAL JA 76 -21.18 94.30 68.14
C VAL JA 76 -21.91 93.15 68.82
N SER JA 77 -22.64 93.46 69.88
CA SER JA 77 -23.38 92.45 70.62
C SER JA 77 -24.53 91.91 69.78
N VAL JA 78 -24.94 90.69 70.09
CA VAL JA 78 -25.89 89.94 69.26
C VAL JA 78 -27.33 90.47 69.35
N PRO JA 79 -27.85 90.94 70.50
CA PRO JA 79 -29.11 91.70 70.45
C PRO JA 79 -29.01 93.02 69.71
N ASP JA 80 -27.82 93.59 69.54
CA ASP JA 80 -27.71 94.76 68.67
C ASP JA 80 -27.76 94.35 67.20
N TYR JA 81 -27.05 93.26 66.85
CA TYR JA 81 -27.05 92.78 65.47
C TYR JA 81 -28.41 92.25 65.05
N THR JA 82 -29.21 91.76 66.01
CA THR JA 82 -30.59 91.43 65.70
C THR JA 82 -31.41 92.69 65.44
N ASN JA 83 -31.08 93.79 66.12
CA ASN JA 83 -31.87 95.00 65.97
C ASN JA 83 -31.50 95.78 64.72
N ILE JA 84 -30.27 95.62 64.22
CA ILE JA 84 -29.86 96.34 63.01
C ILE JA 84 -30.61 95.79 61.80
N THR JA 85 -30.56 94.47 61.62
CA THR JA 85 -31.12 93.84 60.43
C THR JA 85 -32.63 93.88 60.38
N ASN JA 86 -33.28 94.01 61.53
CA ASN JA 86 -34.74 94.14 61.55
C ASN JA 86 -35.20 95.59 61.43
N GLY JA 87 -34.27 96.53 61.31
CA GLY JA 87 -34.63 97.92 61.15
C GLY JA 87 -34.94 98.65 62.43
N ALA JA 88 -34.53 98.12 63.57
CA ALA JA 88 -34.79 98.77 64.85
C ALA JA 88 -33.70 99.74 65.26
N GLU JA 89 -32.55 99.72 64.60
CA GLU JA 89 -31.52 100.71 64.85
C GLU JA 89 -30.68 100.84 63.59
N ALA JA 90 -30.00 101.98 63.48
CA ALA JA 90 -29.38 102.37 62.22
C ALA JA 90 -28.07 101.63 62.01
N ASP JA 91 -27.80 101.32 60.75
CA ASP JA 91 -26.53 100.78 60.30
C ASP JA 91 -25.59 101.94 60.00
N GLY JA 92 -24.34 101.63 59.69
CA GLY JA 92 -23.39 102.65 59.29
C GLY JA 92 -22.00 102.31 59.77
N VAL JA 93 -21.10 103.25 59.54
CA VAL JA 93 -19.70 103.07 59.88
C VAL JA 93 -19.37 103.95 61.08
N ILE JA 94 -18.15 103.81 61.59
CA ILE JA 94 -17.65 104.61 62.69
C ILE JA 94 -16.29 105.17 62.31
N LEU JA 95 -16.15 106.49 62.38
CA LEU JA 95 -14.90 107.18 62.08
C LEU JA 95 -14.13 107.36 63.38
N ILE JA 96 -12.85 107.01 63.38
CA ILE JA 96 -12.02 107.05 64.57
C ILE JA 96 -10.98 108.15 64.38
N TYR JA 97 -11.06 109.18 65.22
CA TYR JA 97 -10.22 110.36 65.09
C TYR JA 97 -9.15 110.41 66.17
N LYS JA 98 -8.07 111.12 65.88
CA LYS JA 98 -6.98 111.36 66.81
C LYS JA 98 -6.71 112.85 66.84
N ASP JA 99 -6.65 113.41 68.05
CA ASP JA 99 -6.50 114.85 68.31
C ASP JA 99 -7.62 115.67 67.69
N GLY JA 100 -8.78 115.06 67.45
CA GLY JA 100 -9.88 115.72 66.77
C GLY JA 100 -9.68 116.03 65.30
N VAL JA 101 -8.55 115.64 64.70
CA VAL JA 101 -8.25 116.00 63.32
C VAL JA 101 -8.04 114.76 62.45
N LYS JA 102 -7.03 113.95 62.77
CA LYS JA 102 -6.59 112.86 61.91
C LYS JA 102 -7.62 111.74 61.91
N LEU JA 103 -8.21 111.45 60.75
CA LEU JA 103 -8.96 110.21 60.60
C LEU JA 103 -7.99 109.06 60.45
N MET JA 104 -8.13 108.03 61.27
CA MET JA 104 -7.21 106.91 61.20
C MET JA 104 -7.82 105.61 60.72
N LEU JA 105 -9.08 105.34 61.02
CA LEU JA 105 -9.72 104.11 60.59
C LEU JA 105 -11.17 104.38 60.23
N THR JA 106 -11.75 103.45 59.50
CA THR JA 106 -13.19 103.44 59.25
C THR JA 106 -13.63 102.00 59.43
N THR JA 107 -14.40 101.74 60.46
CA THR JA 107 -14.79 100.37 60.78
C THR JA 107 -15.84 99.91 59.77
N PRO JA 108 -15.68 98.74 59.19
CA PRO JA 108 -16.55 98.34 58.08
C PRO JA 108 -17.96 97.93 58.47
N LEU JA 109 -18.86 98.92 58.56
CA LEU JA 109 -20.31 98.70 58.50
C LEU JA 109 -20.83 97.83 59.63
N ILE JA 110 -20.94 98.39 60.85
CA ILE JA 110 -21.04 97.69 62.14
C ILE JA 110 -22.04 96.54 62.22
N SER JA 111 -23.00 96.47 61.29
CA SER JA 111 -23.82 95.27 61.16
C SER JA 111 -22.99 94.05 60.78
N SER JA 112 -21.86 94.26 60.12
CA SER JA 112 -21.00 93.17 59.70
C SER JA 112 -20.23 92.55 60.84
N MET JA 113 -19.79 93.34 61.81
CA MET JA 113 -18.89 92.85 62.87
C MET JA 113 -19.69 92.38 64.08
N SER JA 114 -20.51 91.36 63.87
CA SER JA 114 -21.23 90.71 64.95
C SER JA 114 -20.40 89.55 65.49
N ILE JA 115 -20.48 89.34 66.80
CA ILE JA 115 -19.64 88.34 67.45
C ILE JA 115 -20.13 86.92 67.23
N SER JA 116 -21.35 86.75 66.72
CA SER JA 116 -21.85 85.40 66.43
C SER JA 116 -21.27 84.82 65.15
N ASN JA 117 -20.78 85.64 64.26
CA ASN JA 117 -20.21 85.09 63.04
C ASN JA 117 -18.75 84.72 63.27
N PRO JA 118 -18.34 83.49 62.98
CA PRO JA 118 -16.90 83.18 63.02
C PRO JA 118 -16.12 83.87 61.92
N ALA JA 119 -16.78 84.26 60.83
CA ALA JA 119 -16.14 85.06 59.77
C ALA JA 119 -16.50 86.53 59.94
N ARG JA 120 -16.05 87.09 61.06
CA ARG JA 120 -16.33 88.47 61.43
C ARG JA 120 -15.15 89.34 61.03
N THR JA 121 -15.44 90.47 60.38
CA THR JA 121 -14.39 91.41 59.99
C THR JA 121 -14.00 92.31 61.15
N HIS JA 122 -12.70 92.42 61.39
CA HIS JA 122 -12.16 93.16 62.52
C HIS JA 122 -11.78 94.58 62.12
N LEU JA 123 -11.04 95.26 62.98
CA LEU JA 123 -10.32 96.47 62.60
C LEU JA 123 -9.16 96.13 61.67
N ALA JA 124 -8.61 97.17 61.06
CA ALA JA 124 -7.46 96.96 60.18
C ALA JA 124 -6.16 96.85 60.95
N GLN JA 125 -6.01 97.58 62.05
CA GLN JA 125 -4.75 97.63 62.77
C GLN JA 125 -5.01 98.14 64.16
N ALA JA 126 -4.11 97.81 65.08
CA ALA JA 126 -4.18 98.28 66.46
C ALA JA 126 -3.61 99.69 66.53
N VAL JA 127 -4.41 100.64 66.99
CA VAL JA 127 -4.05 102.05 66.97
C VAL JA 127 -3.38 102.44 68.28
N LYS JA 128 -2.15 102.92 68.20
CA LYS JA 128 -1.46 103.45 69.36
C LYS JA 128 -1.94 104.85 69.66
N TYR JA 129 -2.36 105.08 70.89
CA TYR JA 129 -2.77 106.40 71.35
C TYR JA 129 -1.76 106.87 72.38
N SER JA 130 -0.98 107.89 72.03
CA SER JA 130 0.15 108.40 72.80
C SER JA 130 -0.35 109.14 74.03
N PRO JA 131 0.51 109.56 74.96
CA PRO JA 131 0.09 110.49 76.02
C PRO JA 131 -0.43 111.81 75.48
N GLN JA 132 -0.91 112.65 76.40
CA GLN JA 132 -2.17 113.41 76.29
C GLN JA 132 -2.57 113.86 74.90
N SER JA 133 -3.73 113.37 74.46
CA SER JA 133 -4.21 113.46 73.09
C SER JA 133 -5.65 112.97 73.01
N ILE JA 134 -6.50 113.72 72.33
CA ILE JA 134 -7.94 113.50 72.37
C ILE JA 134 -8.30 112.25 71.58
N LEU JA 135 -9.18 111.42 72.14
CA LEU JA 135 -9.83 110.34 71.42
C LEU JA 135 -11.29 110.71 71.22
N THR JA 136 -11.74 110.79 69.97
CA THR JA 136 -13.14 111.05 69.69
C THR JA 136 -13.55 110.24 68.47
N MET JA 137 -14.84 109.93 68.41
CA MET JA 137 -15.38 109.09 67.35
C MET JA 137 -16.69 109.69 66.85
N TYR JA 138 -17.02 109.35 65.61
CA TYR JA 138 -18.25 109.82 64.99
C TYR JA 138 -18.92 108.63 64.31
N PHE JA 139 -20.21 108.77 64.07
CA PHE JA 139 -21.03 107.70 63.52
C PHE JA 139 -21.70 108.22 62.25
N ASN JA 140 -21.20 107.81 61.09
CA ASN JA 140 -21.67 108.28 59.80
C ASN JA 140 -22.66 107.28 59.23
N PRO JA 141 -23.96 107.44 59.43
CA PRO JA 141 -24.88 106.34 59.17
C PRO JA 141 -25.22 106.16 57.71
N THR JA 142 -25.50 104.92 57.34
CA THR JA 142 -26.17 104.58 56.10
C THR JA 142 -27.23 103.53 56.43
N LYS JA 143 -28.34 103.58 55.68
CA LYS JA 143 -29.57 102.82 55.92
C LYS JA 143 -30.02 103.08 57.36
N PRO JA 144 -30.62 104.24 57.65
CA PRO JA 144 -30.92 104.62 59.03
C PRO JA 144 -32.09 103.82 59.59
N ALA JA 145 -32.42 104.11 60.84
CA ALA JA 145 -33.46 103.38 61.54
C ALA JA 145 -34.83 103.69 60.97
N THR JA 146 -35.64 102.67 60.80
CA THR JA 146 -36.93 102.79 60.13
C THR JA 146 -38.10 102.38 61.00
N ALA JA 147 -37.97 101.28 61.75
CA ALA JA 147 -39.11 100.73 62.46
C ALA JA 147 -39.46 101.57 63.69
N SER JA 148 -40.71 101.44 64.12
CA SER JA 148 -41.17 102.11 65.32
C SER JA 148 -40.53 101.48 66.56
N THR JA 149 -40.54 102.25 67.65
CA THR JA 149 -39.86 101.94 68.91
C THR JA 149 -38.39 101.60 68.66
N SER JA 150 -37.70 102.51 67.99
CA SER JA 150 -36.31 102.31 67.65
C SER JA 150 -35.42 102.48 68.87
N TYR JA 151 -34.20 101.96 68.77
CA TYR JA 151 -33.27 101.93 69.88
C TYR JA 151 -31.95 102.60 69.53
N PRO JA 152 -31.22 103.11 70.52
CA PRO JA 152 -29.87 103.63 70.24
C PRO JA 152 -28.89 102.53 69.86
N ASN JA 153 -27.73 102.97 69.39
CA ASN JA 153 -26.65 102.06 69.02
C ASN JA 153 -25.68 101.85 70.17
N THR JA 154 -24.97 100.73 70.13
CA THR JA 154 -23.90 100.45 71.07
C THR JA 154 -22.85 99.62 70.36
N VAL JA 155 -21.61 100.10 70.36
CA VAL JA 155 -20.50 99.39 69.74
C VAL JA 155 -19.39 99.26 70.79
N TYR JA 156 -18.91 98.05 71.00
CA TYR JA 156 -17.91 97.80 72.02
C TYR JA 156 -16.52 97.84 71.41
N PHE JA 157 -15.52 98.06 72.26
CA PHE JA 157 -14.14 98.12 71.85
C PHE JA 157 -13.29 97.44 72.89
N THR JA 158 -12.07 97.05 72.51
CA THR JA 158 -11.10 96.49 73.45
C THR JA 158 -9.90 97.41 73.51
N VAL JA 159 -9.59 97.91 74.71
CA VAL JA 159 -8.51 98.85 74.91
C VAL JA 159 -7.45 98.21 75.79
N VAL JA 160 -6.22 98.19 75.33
CA VAL JA 160 -5.09 97.78 76.15
C VAL JA 160 -4.44 99.04 76.72
N VAL JA 161 -4.47 99.18 78.05
CA VAL JA 161 -3.98 100.38 78.72
C VAL JA 161 -2.65 100.06 79.36
N VAL JA 162 -1.63 100.84 79.05
CA VAL JA 162 -0.34 100.79 79.73
C VAL JA 162 -0.27 102.00 80.64
N ASP JA 163 0.17 101.79 81.88
CA ASP JA 163 0.09 102.82 82.90
C ASP JA 163 1.43 102.92 83.62
N PHE JA 164 1.82 104.15 83.97
CA PHE JA 164 3.10 104.40 84.61
C PHE JA 164 2.97 105.21 85.88
N SER JA 165 1.75 105.38 86.41
CA SER JA 165 1.51 106.33 87.50
C SER JA 165 2.07 105.87 88.83
N TYR JA 166 2.48 104.60 88.96
CA TYR JA 166 3.04 104.09 90.20
C TYR JA 166 4.54 103.84 90.09
N ALA JA 167 5.21 104.46 89.12
CA ALA JA 167 6.64 104.30 88.97
C ALA JA 167 7.36 105.20 89.98
N GLN JA 168 8.69 105.11 90.02
CA GLN JA 168 9.45 105.95 90.95
C GLN JA 168 9.45 107.40 90.49
N ASN JA 169 9.72 107.62 89.22
CA ASN JA 169 9.62 108.95 88.61
C ASN JA 169 8.65 108.87 87.44
N PRO JA 170 7.39 109.29 87.59
CA PRO JA 170 6.41 109.11 86.51
C PRO JA 170 6.63 110.04 85.33
N ALA JA 171 7.49 111.05 85.45
CA ALA JA 171 7.71 111.97 84.35
C ALA JA 171 8.67 111.38 83.32
N ARG JA 172 9.88 111.06 83.74
CA ARG JA 172 10.89 110.55 82.81
C ARG JA 172 10.78 109.05 82.58
N ALA JA 173 9.72 108.40 83.07
CA ALA JA 173 9.47 107.02 82.68
C ALA JA 173 8.58 106.96 81.45
N VAL JA 174 7.62 107.88 81.34
CA VAL JA 174 6.68 107.85 80.22
C VAL JA 174 7.38 108.25 78.93
N VAL JA 175 8.11 109.36 78.94
CA VAL JA 175 8.76 109.84 77.72
C VAL JA 175 9.94 108.98 77.30
N SER JA 176 10.44 108.11 78.18
CA SER JA 176 11.46 107.16 77.79
C SER JA 176 10.88 105.84 77.33
N ALA JA 177 9.61 105.57 77.64
CA ALA JA 177 8.94 104.38 77.16
C ALA JA 177 8.03 104.66 75.96
N ASN JA 178 7.56 105.90 75.83
CA ASN JA 178 6.74 106.24 74.67
C ASN JA 178 7.56 106.27 73.39
N ALA JA 179 8.86 106.54 73.50
CA ALA JA 179 9.72 106.58 72.33
C ALA JA 179 10.07 105.18 71.84
N VAL JA 180 10.36 104.27 72.77
CA VAL JA 180 10.74 102.91 72.39
C VAL JA 180 9.52 102.11 71.99
N MET JA 181 8.54 102.01 72.89
CA MET JA 181 7.33 101.26 72.61
C MET JA 181 6.43 102.03 71.67
N SER KA 4 2.29 -5.05 74.97
CA SER KA 4 2.93 -5.34 73.70
C SER KA 4 3.83 -6.56 73.82
N VAL KA 5 3.23 -7.74 73.80
CA VAL KA 5 3.99 -8.97 73.80
C VAL KA 5 3.97 -9.67 72.44
N THR KA 6 2.96 -9.42 71.61
CA THR KA 6 2.99 -9.95 70.25
C THR KA 6 3.90 -9.11 69.37
N GLN KA 7 4.06 -7.83 69.68
CA GLN KA 7 4.85 -6.97 68.81
C GLN KA 7 6.33 -7.20 68.98
N GLN KA 8 6.80 -7.50 70.20
CA GLN KA 8 8.20 -7.85 70.39
C GLN KA 8 8.53 -9.18 69.72
N VAL KA 9 7.60 -10.14 69.81
CA VAL KA 9 7.76 -11.42 69.13
C VAL KA 9 7.75 -11.24 67.62
N PHE KA 10 6.91 -10.34 67.11
CA PHE KA 10 6.81 -10.13 65.67
C PHE KA 10 8.04 -9.44 65.12
N ASN KA 11 8.53 -8.40 65.81
CA ASN KA 11 9.75 -7.73 65.37
C ASN KA 11 10.97 -8.64 65.52
N PHE KA 12 10.99 -9.49 66.54
CA PHE KA 12 12.07 -10.44 66.72
C PHE KA 12 12.06 -11.49 65.61
N ALA KA 13 10.88 -11.93 65.20
CA ALA KA 13 10.78 -12.93 64.14
C ALA KA 13 11.10 -12.33 62.78
N VAL KA 14 10.75 -11.05 62.56
CA VAL KA 14 11.09 -10.40 61.31
C VAL KA 14 12.60 -10.16 61.22
N THR KA 15 13.22 -9.74 62.32
CA THR KA 15 14.66 -9.46 62.29
C THR KA 15 15.48 -10.74 62.18
N LYS KA 16 15.07 -11.80 62.89
CA LYS KA 16 15.93 -12.98 62.95
C LYS KA 16 15.79 -13.88 61.73
N SER KA 17 14.58 -14.08 61.24
CA SER KA 17 14.36 -15.01 60.14
C SER KA 17 14.54 -14.38 58.77
N GLN KA 18 14.95 -13.11 58.71
CA GLN KA 18 15.19 -12.48 57.41
C GLN KA 18 16.41 -13.03 56.67
N PRO KA 19 17.64 -13.08 57.22
CA PRO KA 19 18.79 -13.42 56.37
C PRO KA 19 18.84 -14.87 55.93
N PHE KA 20 18.09 -15.76 56.57
CA PHE KA 20 17.94 -17.10 56.05
C PHE KA 20 16.81 -17.19 55.03
N GLY KA 21 16.01 -16.15 54.91
CA GLY KA 21 14.88 -16.16 54.00
C GLY KA 21 13.69 -16.68 54.77
N GLY KA 22 12.71 -15.82 55.04
CA GLY KA 22 11.64 -16.20 55.93
C GLY KA 22 10.44 -15.30 55.78
N TYR KA 23 9.26 -15.89 55.80
CA TYR KA 23 8.02 -15.19 55.55
C TYR KA 23 7.21 -15.24 56.84
N VAL KA 24 7.12 -14.10 57.53
CA VAL KA 24 6.52 -13.99 58.85
C VAL KA 24 5.18 -13.30 58.72
N TYR KA 25 4.14 -13.92 59.27
CA TYR KA 25 2.83 -13.30 59.31
C TYR KA 25 2.11 -13.78 60.55
N SER KA 26 0.87 -13.34 60.73
CA SER KA 26 0.12 -13.63 61.94
C SER KA 26 -1.27 -14.09 61.58
N THR KA 27 -1.75 -15.12 62.28
CA THR KA 27 -3.08 -15.67 62.06
C THR KA 27 -3.73 -15.97 63.40
N ASN KA 28 -4.93 -16.53 63.33
CA ASN KA 28 -5.81 -16.73 64.47
C ASN KA 28 -6.12 -18.21 64.61
N LEU KA 29 -6.14 -18.69 65.85
CA LEU KA 29 -6.40 -20.09 66.14
C LEU KA 29 -7.65 -20.18 66.99
N THR KA 30 -8.50 -21.16 66.72
CA THR KA 30 -9.78 -21.27 67.39
C THR KA 30 -9.84 -22.60 68.13
N ALA KA 31 -10.00 -22.56 69.45
CA ALA KA 31 -10.18 -23.75 70.24
C ALA KA 31 -11.66 -23.86 70.61
N SER KA 32 -12.31 -24.91 70.13
CA SER KA 32 -13.76 -25.03 70.27
C SER KA 32 -14.10 -26.30 71.06
N THR KA 33 -14.52 -26.13 72.30
CA THR KA 33 -15.01 -27.23 73.10
C THR KA 33 -16.49 -27.42 72.77
N SER KA 34 -16.79 -28.44 71.99
CA SER KA 34 -18.12 -28.62 71.43
C SER KA 34 -19.09 -29.19 72.45
N SER KA 35 -20.38 -28.95 72.18
CA SER KA 35 -21.51 -29.71 72.75
C SER KA 35 -21.67 -29.52 74.25
N ALA KA 36 -21.49 -28.28 74.74
CA ALA KA 36 -22.05 -27.79 76.01
C ALA KA 36 -21.53 -28.60 77.21
N VAL KA 37 -20.22 -28.45 77.48
CA VAL KA 37 -19.55 -29.16 78.55
C VAL KA 37 -20.17 -28.84 79.91
N THR KA 38 -20.54 -29.90 80.64
CA THR KA 38 -21.25 -29.74 81.90
C THR KA 38 -20.71 -30.59 83.05
N SER KA 39 -19.81 -31.55 82.81
CA SER KA 39 -19.37 -32.43 83.89
C SER KA 39 -17.89 -32.32 84.21
N THR KA 40 -17.00 -32.61 83.26
CA THR KA 40 -15.62 -32.92 83.59
C THR KA 40 -14.70 -32.46 82.47
N GLN KA 41 -13.46 -32.93 82.50
CA GLN KA 41 -12.41 -32.42 81.62
C GLN KA 41 -12.58 -32.94 80.20
N LEU KA 42 -12.57 -32.02 79.23
CA LEU KA 42 -12.75 -32.35 77.81
C LEU KA 42 -11.53 -31.94 77.00
N THR KA 43 -11.65 -32.12 75.68
CA THR KA 43 -10.59 -31.83 74.72
C THR KA 43 -11.16 -30.89 73.67
N PRO KA 44 -10.63 -29.67 73.52
CA PRO KA 44 -11.17 -28.75 72.52
C PRO KA 44 -10.61 -29.02 71.12
N LEU KA 45 -11.47 -28.86 70.12
CA LEU KA 45 -11.06 -28.99 68.73
C LEU KA 45 -10.26 -27.76 68.33
N ASN KA 46 -8.99 -27.96 68.02
CA ASN KA 46 -8.18 -26.87 67.48
C ASN KA 46 -8.55 -26.64 66.02
N LEU KA 47 -8.35 -25.39 65.58
CA LEU KA 47 -8.61 -25.04 64.19
C LEU KA 47 -7.76 -23.83 63.83
N SER KA 48 -6.75 -24.01 63.00
CA SER KA 48 -5.93 -22.91 62.53
C SER KA 48 -6.31 -22.55 61.10
N ILE KA 49 -6.30 -21.26 60.79
CA ILE KA 49 -6.61 -20.78 59.45
C ILE KA 49 -5.35 -20.17 58.87
N THR KA 50 -4.72 -20.90 57.95
CA THR KA 50 -3.43 -20.54 57.39
C THR KA 50 -3.70 -19.90 56.03
N LEU KA 51 -2.64 -19.63 55.27
CA LEU KA 51 -2.76 -19.06 53.94
C LEU KA 51 -3.44 -20.06 53.02
N GLY KA 52 -4.44 -19.60 52.27
CA GLY KA 52 -5.07 -20.44 51.26
C GLY KA 52 -6.35 -21.11 51.69
N GLN KA 53 -7.00 -20.61 52.75
CA GLN KA 53 -8.22 -21.15 53.38
C GLN KA 53 -8.16 -22.67 53.58
N ILE KA 54 -7.01 -23.14 54.07
CA ILE KA 54 -6.79 -24.56 54.26
C ILE KA 54 -7.57 -25.08 55.46
N THR KA 55 -7.59 -24.29 56.55
CA THR KA 55 -8.35 -24.56 57.78
C THR KA 55 -7.94 -25.93 58.37
N LEU KA 56 -6.71 -25.95 58.86
CA LEU KA 56 -6.18 -27.14 59.51
C LEU KA 56 -6.94 -27.38 60.81
N SER KA 57 -7.82 -28.37 60.82
CA SER KA 57 -8.75 -28.54 61.90
C SER KA 57 -8.41 -29.77 62.73
N GLY KA 58 -9.22 -30.02 63.75
CA GLY KA 58 -9.14 -31.25 64.50
C GLY KA 58 -8.13 -31.17 65.63
N ASN KA 59 -8.17 -32.19 66.49
CA ASN KA 59 -7.28 -32.25 67.63
C ASN KA 59 -5.85 -32.45 67.18
N SER KA 60 -4.92 -32.04 68.05
CA SER KA 60 -3.48 -32.36 67.97
C SER KA 60 -2.86 -31.91 66.65
N LEU KA 61 -2.80 -30.60 66.46
CA LEU KA 61 -2.29 -30.03 65.22
C LEU KA 61 -0.79 -30.26 65.11
N VAL KA 62 -0.39 -31.04 64.12
CA VAL KA 62 1.03 -31.26 63.86
C VAL KA 62 1.56 -30.08 63.07
N ILE KA 63 2.57 -29.42 63.60
CA ILE KA 63 3.22 -28.30 62.92
C ILE KA 63 3.97 -28.84 61.70
N PRO KA 64 3.79 -28.25 60.52
CA PRO KA 64 4.51 -28.74 59.34
C PRO KA 64 6.01 -28.49 59.44
N ALA KA 65 6.76 -29.24 58.65
CA ALA KA 65 8.21 -29.35 58.81
C ALA KA 65 8.98 -28.12 58.36
N THR KA 66 8.31 -27.05 57.92
CA THR KA 66 8.99 -25.86 57.47
C THR KA 66 8.59 -24.60 58.24
N GLN KA 67 7.70 -24.70 59.22
CA GLN KA 67 7.14 -23.52 59.88
C GLN KA 67 7.40 -23.57 61.37
N ILE KA 68 7.42 -22.38 61.98
CA ILE KA 68 7.58 -22.18 63.41
C ILE KA 68 6.39 -21.38 63.90
N TRP KA 69 5.73 -21.85 64.95
CA TRP KA 69 4.56 -21.16 65.45
C TRP KA 69 4.88 -20.48 66.77
N TYR KA 70 4.15 -19.41 67.08
CA TYR KA 70 4.35 -18.67 68.32
C TYR KA 70 2.98 -18.36 68.93
N LEU KA 71 2.57 -19.16 69.90
CA LEU KA 71 1.29 -18.93 70.57
C LEU KA 71 1.47 -17.76 71.53
N THR KA 72 1.00 -16.58 71.14
CA THR KA 72 1.34 -15.35 71.85
C THR KA 72 0.25 -14.87 72.82
N ASP KA 73 -0.95 -14.60 72.35
CA ASP KA 73 -2.01 -14.12 73.23
C ASP KA 73 -3.29 -14.92 73.00
N ALA KA 74 -4.23 -14.75 73.92
CA ALA KA 74 -5.49 -15.47 73.90
C ALA KA 74 -6.57 -14.60 74.50
N TYR KA 75 -7.79 -14.73 73.99
CA TYR KA 75 -8.90 -13.96 74.52
C TYR KA 75 -10.21 -14.71 74.27
N VAL KA 76 -11.28 -14.11 74.75
CA VAL KA 76 -12.63 -14.65 74.67
C VAL KA 76 -13.52 -13.52 74.17
N SER KA 77 -14.32 -13.81 73.14
CA SER KA 77 -15.16 -12.78 72.55
C SER KA 77 -16.30 -12.41 73.49
N VAL KA 78 -16.88 -11.24 73.24
CA VAL KA 78 -17.83 -10.60 74.16
C VAL KA 78 -19.20 -11.30 74.23
N PRO KA 79 -19.80 -11.81 73.14
CA PRO KA 79 -20.98 -12.67 73.33
C PRO KA 79 -20.69 -13.96 74.09
N ASP KA 80 -19.47 -14.50 73.97
CA ASP KA 80 -19.11 -15.65 74.80
C ASP KA 80 -19.03 -15.25 76.28
N TYR KA 81 -18.53 -14.04 76.57
CA TYR KA 81 -18.48 -13.57 77.94
C TYR KA 81 -19.87 -13.33 78.51
N THR KA 82 -20.78 -12.82 77.66
CA THR KA 82 -22.18 -12.68 78.06
C THR KA 82 -22.82 -14.03 78.33
N ASN KA 83 -22.44 -15.05 77.55
CA ASN KA 83 -22.97 -16.39 77.81
C ASN KA 83 -22.36 -17.00 79.07
N ILE KA 84 -21.11 -16.66 79.38
CA ILE KA 84 -20.46 -17.23 80.56
C ILE KA 84 -21.09 -16.67 81.83
N THR KA 85 -21.22 -15.34 81.91
CA THR KA 85 -21.75 -14.74 83.13
C THR KA 85 -23.24 -14.94 83.31
N ASN KA 86 -23.95 -15.48 82.33
CA ASN KA 86 -25.33 -15.90 82.52
C ASN KA 86 -25.45 -17.40 82.73
N GLY KA 87 -24.32 -18.12 82.78
CA GLY KA 87 -24.36 -19.56 82.95
C GLY KA 87 -24.81 -20.32 81.73
N ALA KA 88 -24.73 -19.72 80.54
CA ALA KA 88 -25.12 -20.41 79.32
C ALA KA 88 -23.98 -21.24 78.74
N GLU KA 89 -22.76 -21.08 79.24
CA GLU KA 89 -21.68 -21.98 78.87
C GLU KA 89 -20.70 -22.06 80.04
N ALA KA 90 -19.90 -23.11 80.04
CA ALA KA 90 -19.10 -23.44 81.20
C ALA KA 90 -17.89 -22.54 81.31
N ASP KA 91 -17.40 -22.40 82.54
CA ASP KA 91 -16.20 -21.66 82.86
C ASP KA 91 -15.08 -22.63 83.20
N GLY KA 92 -13.86 -22.15 83.22
CA GLY KA 92 -12.75 -22.98 83.59
C GLY KA 92 -11.45 -22.48 83.01
N VAL KA 93 -10.44 -23.34 83.07
CA VAL KA 93 -9.11 -22.99 82.61
C VAL KA 93 -8.75 -23.87 81.42
N ILE KA 94 -7.67 -23.51 80.73
CA ILE KA 94 -7.23 -24.20 79.53
C ILE KA 94 -5.76 -24.57 79.71
N LEU KA 95 -5.46 -25.85 79.54
CA LEU KA 95 -4.13 -26.41 79.72
C LEU KA 95 -3.48 -26.54 78.34
N ILE KA 96 -2.25 -26.06 78.22
CA ILE KA 96 -1.55 -25.99 76.94
C ILE KA 96 -0.35 -26.92 76.99
N TYR KA 97 -0.35 -27.94 76.12
CA TYR KA 97 0.65 -29.01 76.15
C TYR KA 97 1.52 -28.98 74.91
N LYS KA 98 2.74 -29.47 75.08
CA LYS KA 98 3.68 -29.68 73.98
C LYS KA 98 4.02 -31.17 73.94
N ASP KA 99 3.90 -31.77 72.74
CA ASP KA 99 4.12 -33.20 72.50
C ASP KA 99 3.18 -34.09 73.32
N GLY KA 100 2.04 -33.56 73.76
CA GLY KA 100 1.04 -34.34 74.45
C GLY KA 100 1.37 -34.77 75.86
N VAL KA 101 2.58 -34.50 76.36
CA VAL KA 101 2.96 -34.94 77.71
C VAL KA 101 3.37 -33.77 78.59
N LYS KA 102 4.07 -32.79 78.02
CA LYS KA 102 4.70 -31.73 78.80
C LYS KA 102 3.80 -30.50 78.85
N LEU KA 103 3.40 -30.11 80.06
CA LEU KA 103 2.55 -28.95 80.24
C LEU KA 103 3.38 -27.69 80.35
N MET KA 104 2.94 -26.63 79.68
CA MET KA 104 3.66 -25.36 79.75
C MET KA 104 2.86 -24.20 80.30
N LEU KA 105 1.54 -24.15 80.07
CA LEU KA 105 0.76 -23.01 80.53
C LEU KA 105 -0.63 -23.46 80.95
N THR KA 106 -1.21 -22.67 81.86
CA THR KA 106 -2.60 -22.80 82.26
C THR KA 106 -3.22 -21.42 82.17
N THR KA 107 -4.22 -21.26 81.33
CA THR KA 107 -4.79 -19.93 81.13
C THR KA 107 -5.66 -19.54 82.31
N PRO KA 108 -5.50 -18.34 82.84
CA PRO KA 108 -6.22 -17.97 84.06
C PRO KA 108 -7.69 -17.65 83.86
N LEU KA 109 -8.56 -18.67 83.94
CA LEU KA 109 -10.00 -18.50 84.11
C LEU KA 109 -10.67 -17.71 82.98
N ILE KA 110 -10.89 -18.36 81.83
CA ILE KA 110 -11.27 -17.77 80.55
C ILE KA 110 -12.41 -16.74 80.57
N SER KA 111 -13.21 -16.72 81.63
CA SER KA 111 -14.14 -15.62 81.84
C SER KA 111 -13.42 -14.29 82.06
N SER KA 112 -12.24 -14.33 82.66
CA SER KA 112 -11.55 -13.10 83.02
C SER KA 112 -10.92 -12.42 81.83
N MET KA 113 -10.51 -13.18 80.82
CA MET KA 113 -9.81 -12.61 79.67
C MET KA 113 -10.75 -12.29 78.51
N SER KA 114 -11.82 -11.56 78.80
CA SER KA 114 -12.66 -11.01 77.74
C SER KA 114 -12.00 -9.80 77.13
N ILE KA 115 -12.22 -9.60 75.83
CA ILE KA 115 -11.50 -8.57 75.08
C ILE KA 115 -12.05 -7.18 75.33
N SER KA 116 -13.23 -7.05 75.94
CA SER KA 116 -13.80 -5.73 76.18
C SER KA 116 -13.16 -5.02 77.36
N ASN KA 117 -12.65 -5.75 78.35
CA ASN KA 117 -12.05 -5.08 79.49
C ASN KA 117 -10.67 -4.56 79.15
N PRO KA 118 -10.34 -3.34 79.57
CA PRO KA 118 -8.93 -2.92 79.51
C PRO KA 118 -8.08 -3.65 80.52
N ALA KA 119 -8.65 -4.05 81.65
CA ALA KA 119 -7.95 -4.84 82.65
C ALA KA 119 -8.12 -6.34 82.42
N ARG KA 120 -7.85 -6.78 81.19
CA ARG KA 120 -7.97 -8.17 80.81
C ARG KA 120 -6.65 -8.87 81.10
N THR KA 121 -6.72 -9.99 81.82
CA THR KA 121 -5.50 -10.74 82.11
C THR KA 121 -5.00 -11.46 80.87
N HIS KA 122 -3.72 -11.32 80.60
CA HIS KA 122 -3.15 -11.80 79.35
C HIS KA 122 -2.70 -13.25 79.50
N LEU KA 123 -2.12 -13.78 78.44
CA LEU KA 123 -1.43 -15.05 78.54
C LEU KA 123 -0.07 -14.79 79.20
N ALA KA 124 0.49 -15.83 79.82
CA ALA KA 124 1.67 -15.65 80.64
C ALA KA 124 2.93 -15.44 79.79
N GLN KA 125 3.07 -16.18 78.69
CA GLN KA 125 4.28 -16.07 77.89
C GLN KA 125 4.00 -16.54 76.48
N ALA KA 126 4.80 -16.04 75.54
CA ALA KA 126 4.70 -16.46 74.15
C ALA KA 126 5.39 -17.80 73.99
N VAL KA 127 4.62 -18.83 73.64
CA VAL KA 127 5.12 -20.19 73.60
C VAL KA 127 5.61 -20.50 72.20
N LYS KA 128 6.88 -20.82 72.07
CA LYS KA 128 7.44 -21.20 70.78
C LYS KA 128 7.17 -22.66 70.50
N TYR KA 129 6.63 -22.93 69.31
CA TYR KA 129 6.42 -24.30 68.84
C TYR KA 129 7.32 -24.51 67.63
N SER KA 130 8.26 -25.44 67.77
CA SER KA 130 9.29 -25.71 66.78
C SER KA 130 8.67 -26.51 65.64
N PRO KA 131 9.42 -26.76 64.54
CA PRO KA 131 8.97 -27.76 63.55
C PRO KA 131 8.82 -29.16 64.14
N GLN KA 132 8.33 -30.10 63.32
CA GLN KA 132 7.21 -30.98 63.68
C GLN KA 132 7.10 -31.36 65.16
N SER KA 133 5.92 -31.08 65.71
CA SER KA 133 5.61 -31.09 67.13
C SER KA 133 4.11 -31.00 67.25
N ILE KA 134 3.58 -31.51 68.35
CA ILE KA 134 2.14 -31.70 68.48
C ILE KA 134 1.62 -30.73 69.52
N LEU KA 135 0.92 -29.70 69.07
CA LEU KA 135 0.19 -28.82 69.96
C LEU KA 135 -1.15 -29.47 70.29
N THR KA 136 -1.46 -29.57 71.57
CA THR KA 136 -2.77 -30.03 72.00
C THR KA 136 -3.13 -29.32 73.29
N MET KA 137 -4.43 -29.15 73.51
CA MET KA 137 -4.93 -28.39 74.65
C MET KA 137 -6.04 -29.17 75.30
N TYR KA 138 -6.32 -28.81 76.56
CA TYR KA 138 -7.41 -29.45 77.31
C TYR KA 138 -8.17 -28.39 78.08
N PHE KA 139 -9.41 -28.68 78.42
CA PHE KA 139 -10.29 -27.70 79.05
C PHE KA 139 -10.74 -28.26 80.40
N ASN KA 140 -10.30 -27.62 81.48
CA ASN KA 140 -10.66 -28.05 82.82
C ASN KA 140 -11.77 -27.15 83.34
N PRO KA 141 -13.01 -27.61 83.43
CA PRO KA 141 -14.11 -26.72 83.78
C PRO KA 141 -14.43 -26.67 85.27
N THR KA 142 -14.64 -25.44 85.75
CA THR KA 142 -15.19 -25.18 87.07
C THR KA 142 -16.44 -24.33 86.89
N LYS KA 143 -17.47 -24.58 87.71
CA LYS KA 143 -18.80 -24.00 87.61
C LYS KA 143 -19.36 -24.22 86.21
N PRO KA 144 -19.83 -25.43 85.90
CA PRO KA 144 -20.26 -25.74 84.53
C PRO KA 144 -21.52 -25.03 84.08
N ALA KA 145 -21.96 -25.33 82.86
CA ALA KA 145 -23.16 -24.70 82.32
C ALA KA 145 -24.40 -25.28 82.98
N THR KA 146 -25.20 -24.41 83.58
CA THR KA 146 -26.41 -24.80 84.29
C THR KA 146 -27.69 -24.38 83.59
N ALA KA 147 -27.68 -23.27 82.88
CA ALA KA 147 -28.88 -22.79 82.22
C ALA KA 147 -29.21 -23.66 81.01
N SER KA 148 -30.49 -23.67 80.65
CA SER KA 148 -30.90 -24.38 79.44
C SER KA 148 -30.46 -23.59 78.21
N THR KA 149 -30.57 -24.26 77.06
CA THR KA 149 -30.08 -23.79 75.76
C THR KA 149 -28.60 -23.41 75.83
N SER KA 150 -27.78 -24.37 76.24
CA SER KA 150 -26.38 -24.11 76.47
C SER KA 150 -25.58 -24.09 75.16
N TYR KA 151 -24.41 -23.47 75.21
CA TYR KA 151 -23.60 -23.25 74.02
C TYR KA 151 -22.20 -23.83 74.18
N PRO KA 152 -21.56 -24.23 73.09
CA PRO KA 152 -20.17 -24.69 73.18
C PRO KA 152 -19.21 -23.53 73.45
N ASN KA 153 -18.03 -23.88 73.96
CA ASN KA 153 -17.05 -22.86 74.28
C ASN KA 153 -16.12 -22.60 73.09
N THR KA 154 -15.68 -21.35 72.99
CA THR KA 154 -14.79 -20.93 71.90
C THR KA 154 -13.79 -19.94 72.47
N VAL KA 155 -12.50 -20.23 72.29
CA VAL KA 155 -11.43 -19.40 72.83
C VAL KA 155 -10.46 -19.11 71.70
N TYR KA 156 -10.12 -17.83 71.51
CA TYR KA 156 -9.29 -17.43 70.39
C TYR KA 156 -7.84 -17.23 70.81
N PHE KA 157 -6.92 -17.69 69.98
CA PHE KA 157 -5.50 -17.54 70.17
C PHE KA 157 -4.91 -16.78 69.00
N THR KA 158 -3.72 -16.24 69.19
CA THR KA 158 -3.04 -15.48 68.14
C THR KA 158 -1.68 -16.10 67.90
N VAL KA 159 -1.46 -16.58 66.67
CA VAL KA 159 -0.25 -17.32 66.32
C VAL KA 159 0.56 -16.47 65.35
N VAL KA 160 1.88 -16.46 65.52
CA VAL KA 160 2.77 -15.84 64.57
C VAL KA 160 3.46 -16.96 63.79
N VAL KA 161 3.14 -17.07 62.52
CA VAL KA 161 3.60 -18.16 61.67
C VAL KA 161 4.81 -17.68 60.89
N VAL KA 162 5.91 -18.43 60.98
CA VAL KA 162 7.16 -18.08 60.32
C VAL KA 162 7.46 -19.20 59.33
N ASP KA 163 7.13 -18.99 58.06
CA ASP KA 163 7.24 -20.03 57.03
C ASP KA 163 8.56 -19.90 56.28
N PHE KA 164 9.12 -21.04 55.89
CA PHE KA 164 10.39 -21.09 55.18
C PHE KA 164 10.33 -21.90 53.89
N SER KA 165 9.13 -22.27 53.42
CA SER KA 165 9.04 -23.16 52.28
C SER KA 165 9.43 -22.49 50.98
N TYR KA 166 9.24 -21.18 50.88
CA TYR KA 166 9.47 -20.47 49.63
C TYR KA 166 10.91 -20.08 49.39
N ALA KA 167 11.79 -20.25 50.37
CA ALA KA 167 13.09 -19.57 50.30
C ALA KA 167 14.07 -20.29 49.37
N GLN KA 168 14.49 -21.47 49.75
CA GLN KA 168 15.51 -22.22 49.03
C GLN KA 168 15.21 -23.68 49.34
N ASN KA 169 16.22 -24.56 49.33
CA ASN KA 169 16.08 -25.78 50.10
C ASN KA 169 15.70 -25.39 51.52
N PRO KA 170 14.48 -25.73 51.97
CA PRO KA 170 14.02 -25.22 53.26
C PRO KA 170 14.63 -25.93 54.45
N ALA KA 171 15.33 -27.04 54.25
CA ALA KA 171 15.89 -27.79 55.37
C ALA KA 171 16.99 -27.01 56.07
N ARG KA 172 17.94 -26.49 55.30
CA ARG KA 172 19.03 -25.69 55.87
C ARG KA 172 18.51 -24.41 56.49
N ALA KA 173 17.50 -23.79 55.86
CA ALA KA 173 16.93 -22.56 56.39
C ALA KA 173 16.23 -22.81 57.72
N VAL KA 174 15.43 -23.88 57.81
CA VAL KA 174 14.72 -24.18 59.04
C VAL KA 174 15.68 -24.54 60.16
N VAL KA 175 16.72 -25.35 59.87
CA VAL KA 175 17.62 -25.72 60.96
C VAL KA 175 18.50 -24.55 61.38
N SER KA 176 18.85 -23.64 60.46
CA SER KA 176 19.68 -22.50 60.85
C SER KA 176 18.86 -21.48 61.64
N ALA KA 177 17.62 -21.22 61.23
CA ALA KA 177 16.78 -20.29 61.96
C ALA KA 177 16.39 -20.85 63.32
N ASN KA 178 16.09 -22.16 63.38
CA ASN KA 178 15.77 -22.79 64.65
C ASN KA 178 16.98 -22.83 65.57
N ALA KA 179 18.19 -22.84 65.00
CA ALA KA 179 19.39 -22.69 65.81
C ALA KA 179 19.49 -21.28 66.39
N VAL KA 180 19.28 -20.25 65.59
CA VAL KA 180 19.47 -18.89 66.08
C VAL KA 180 18.26 -18.40 66.86
N MET KA 181 17.11 -18.25 66.21
CA MET KA 181 15.92 -17.81 66.91
C MET KA 181 15.11 -19.01 67.40
N SER LA 4 0.39 -7.26 82.31
CA SER LA 4 1.80 -7.36 81.96
C SER LA 4 2.67 -7.31 83.21
N VAL LA 5 2.18 -7.90 84.29
CA VAL LA 5 2.98 -8.11 85.49
C VAL LA 5 3.36 -9.57 85.68
N THR LA 6 2.48 -10.51 85.31
CA THR LA 6 2.84 -11.92 85.29
C THR LA 6 3.89 -12.19 84.23
N GLN LA 7 3.77 -11.52 83.08
CA GLN LA 7 4.72 -11.71 81.99
C GLN LA 7 6.08 -11.10 82.29
N GLN LA 8 6.19 -10.25 83.31
CA GLN LA 8 7.50 -9.73 83.67
C GLN LA 8 8.24 -10.67 84.61
N VAL LA 9 7.53 -11.28 85.56
CA VAL LA 9 8.18 -12.23 86.46
C VAL LA 9 8.26 -13.63 85.87
N PHE LA 10 7.44 -13.95 84.86
CA PHE LA 10 7.62 -15.20 84.15
C PHE LA 10 8.86 -15.11 83.26
N ASN LA 11 9.05 -13.96 82.62
CA ASN LA 11 10.23 -13.78 81.80
C ASN LA 11 11.48 -13.63 82.64
N PHE LA 12 11.34 -13.09 83.85
CA PHE LA 12 12.50 -12.97 84.73
C PHE LA 12 12.93 -14.33 85.26
N ALA LA 13 11.98 -15.24 85.46
CA ALA LA 13 12.32 -16.57 85.97
C ALA LA 13 13.01 -17.41 84.90
N VAL LA 14 12.55 -17.33 83.65
CA VAL LA 14 13.12 -18.17 82.59
C VAL LA 14 14.42 -17.64 82.03
N THR LA 15 14.87 -16.46 82.44
CA THR LA 15 16.19 -16.01 82.02
C THR LA 15 17.21 -16.15 83.13
N LYS LA 16 16.75 -16.36 84.36
CA LYS LA 16 17.63 -16.45 85.51
C LYS LA 16 17.84 -17.89 85.96
N SER LA 17 16.77 -18.68 86.01
CA SER LA 17 16.86 -20.09 86.36
C SER LA 17 17.15 -20.98 85.17
N GLN LA 18 17.36 -20.42 83.99
CA GLN LA 18 17.65 -21.25 82.83
C GLN LA 18 19.04 -21.90 82.81
N PRO LA 19 20.17 -21.24 83.15
CA PRO LA 19 21.46 -21.94 83.06
C PRO LA 19 21.63 -23.06 84.07
N PHE LA 20 20.84 -23.09 85.13
CA PHE LA 20 20.84 -24.22 86.04
C PHE LA 20 19.81 -25.27 85.63
N GLY LA 21 18.89 -24.92 84.73
CA GLY LA 21 17.85 -25.82 84.33
C GLY LA 21 16.65 -25.67 85.23
N GLY LA 22 15.56 -25.16 84.69
CA GLY LA 22 14.38 -24.92 85.48
C GLY LA 22 13.15 -24.91 84.61
N TYR LA 23 12.16 -25.68 85.00
CA TYR LA 23 10.95 -25.88 84.22
C TYR LA 23 9.89 -24.95 84.79
N VAL LA 24 9.66 -23.83 84.11
CA VAL LA 24 8.81 -22.75 84.61
C VAL LA 24 7.48 -22.82 83.91
N TYR LA 25 6.39 -22.67 84.66
CA TYR LA 25 5.05 -22.74 84.11
C TYR LA 25 4.11 -21.99 85.03
N SER LA 26 2.89 -21.77 84.56
CA SER LA 26 1.89 -21.02 85.31
C SER LA 26 0.93 -21.99 85.98
N THR LA 27 0.27 -21.50 87.02
CA THR LA 27 -0.58 -22.31 87.88
C THR LA 27 -1.66 -21.43 88.49
N ASN LA 28 -2.88 -21.94 88.53
CA ASN LA 28 -4.01 -21.25 89.15
C ASN LA 28 -4.20 -21.76 90.56
N LEU LA 29 -4.20 -20.85 91.54
CA LEU LA 29 -4.38 -21.18 92.95
C LEU LA 29 -5.76 -20.71 93.41
N THR LA 30 -6.37 -21.48 94.30
CA THR LA 30 -7.70 -21.16 94.82
C THR LA 30 -7.64 -21.06 96.33
N ALA LA 31 -8.21 -19.99 96.88
CA ALA LA 31 -8.32 -19.79 98.32
C ALA LA 31 -9.80 -19.64 98.65
N SER LA 32 -10.35 -20.61 99.38
CA SER LA 32 -11.79 -20.68 99.61
C SER LA 32 -12.07 -20.77 101.10
N THR LA 33 -12.50 -19.66 101.69
CA THR LA 33 -13.00 -19.68 103.06
C THR LA 33 -14.32 -20.43 103.09
N SER LA 34 -14.36 -21.52 103.83
CA SER LA 34 -15.50 -22.43 103.77
C SER LA 34 -16.57 -22.05 104.78
N SER LA 35 -17.82 -22.34 104.40
CA SER LA 35 -19.02 -22.33 105.26
C SER LA 35 -19.27 -20.97 105.93
N ALA LA 36 -19.54 -19.97 105.08
CA ALA LA 36 -20.39 -18.82 105.40
C ALA LA 36 -19.86 -17.98 106.57
N VAL LA 37 -18.75 -17.29 106.31
CA VAL LA 37 -18.18 -16.37 107.29
C VAL LA 37 -19.17 -15.25 107.61
N THR LA 38 -19.47 -15.09 108.89
CA THR LA 38 -20.54 -14.19 109.33
C THR LA 38 -20.16 -13.28 110.50
N SER LA 39 -19.20 -13.66 111.33
CA SER LA 39 -18.90 -12.84 112.51
C SER LA 39 -17.47 -12.32 112.54
N THR LA 40 -16.47 -13.19 112.41
CA THR LA 40 -15.11 -12.86 112.85
C THR LA 40 -14.12 -13.36 111.81
N GLN LA 41 -12.84 -13.33 112.18
CA GLN LA 41 -11.77 -13.69 111.26
C GLN LA 41 -11.72 -15.21 111.05
N LEU LA 42 -11.56 -15.61 109.79
CA LEU LA 42 -11.62 -17.01 109.36
C LEU LA 42 -10.28 -17.42 108.77
N THR LA 43 -10.27 -18.62 108.17
CA THR LA 43 -9.08 -19.17 107.55
C THR LA 43 -9.45 -19.85 106.24
N PRO LA 44 -8.92 -19.41 105.10
CA PRO LA 44 -9.30 -20.02 103.83
C PRO LA 44 -8.48 -21.26 103.47
N LEU LA 45 -9.17 -22.23 102.89
CA LEU LA 45 -8.55 -23.47 102.46
C LEU LA 45 -7.88 -23.25 101.11
N ASN LA 46 -6.58 -23.50 101.04
CA ASN LA 46 -5.85 -23.29 99.80
C ASN LA 46 -5.95 -24.51 98.90
N LEU LA 47 -5.54 -24.32 97.65
CA LEU LA 47 -5.60 -25.38 96.64
C LEU LA 47 -4.71 -24.95 95.48
N SER LA 48 -3.76 -25.79 95.09
CA SER LA 48 -2.89 -25.51 93.96
C SER LA 48 -2.88 -26.71 93.02
N ILE LA 49 -2.81 -26.42 91.71
CA ILE LA 49 -2.85 -27.48 90.71
C ILE LA 49 -1.50 -27.54 90.00
N THR LA 50 -0.55 -28.27 90.57
CA THR LA 50 0.79 -28.33 90.03
C THR LA 50 0.86 -29.36 88.89
N LEU LA 51 2.07 -29.75 88.52
CA LEU LA 51 2.31 -30.45 87.25
C LEU LA 51 1.77 -31.89 87.26
N GLY LA 52 2.04 -32.67 88.31
CA GLY LA 52 1.72 -34.08 88.28
C GLY LA 52 0.35 -34.39 88.83
N GLN LA 53 -0.62 -33.52 88.51
CA GLN LA 53 -2.02 -33.43 88.91
C GLN LA 53 -2.21 -33.31 90.42
N ILE LA 54 -1.13 -33.25 91.22
CA ILE LA 54 -1.24 -33.36 92.67
C ILE LA 54 -1.87 -32.09 93.23
N THR LA 55 -3.11 -32.22 93.68
CA THR LA 55 -3.95 -31.10 94.08
C THR LA 55 -3.73 -30.85 95.57
N LEU LA 56 -2.67 -30.09 95.86
CA LEU LA 56 -2.25 -29.82 97.23
C LEU LA 56 -3.30 -29.01 97.98
N SER LA 57 -3.91 -29.60 98.99
CA SER LA 57 -5.10 -29.03 99.60
C SER LA 57 -4.85 -28.67 101.06
N GLY LA 58 -5.91 -28.23 101.73
CA GLY LA 58 -5.86 -27.92 103.15
C GLY LA 58 -5.21 -26.59 103.44
N ASN LA 59 -5.41 -26.13 104.68
CA ASN LA 59 -4.78 -24.91 105.14
C ASN LA 59 -3.28 -25.11 105.25
N SER LA 60 -2.53 -24.03 105.02
CA SER LA 60 -1.08 -23.98 105.18
C SER LA 60 -0.37 -24.99 104.28
N LEU LA 61 -0.45 -24.72 102.98
CA LEU LA 61 0.37 -25.45 102.02
C LEU LA 61 1.85 -25.25 102.31
N VAL LA 62 2.57 -26.34 102.48
CA VAL LA 62 4.02 -26.28 102.54
C VAL LA 62 4.54 -26.40 101.12
N ILE LA 63 5.41 -25.49 100.74
CA ILE LA 63 5.97 -25.47 99.39
C ILE LA 63 6.90 -26.66 99.22
N PRO LA 64 6.83 -27.40 98.10
CA PRO LA 64 7.76 -28.51 97.88
C PRO LA 64 9.20 -28.06 97.85
N ALA LA 65 10.10 -28.97 98.23
CA ALA LA 65 11.48 -28.61 98.50
C ALA LA 65 12.29 -28.25 97.27
N THR LA 66 11.77 -28.53 96.08
CA THR LA 66 12.48 -28.22 94.84
C THR LA 66 11.69 -27.25 93.97
N GLN LA 67 10.91 -26.36 94.57
CA GLN LA 67 10.11 -25.40 93.83
C GLN LA 67 10.25 -24.01 94.43
N ILE LA 68 10.13 -23.00 93.57
CA ILE LA 68 10.05 -21.60 93.96
C ILE LA 68 8.74 -21.05 93.40
N TRP LA 69 7.95 -20.40 94.24
CA TRP LA 69 6.68 -19.86 93.79
C TRP LA 69 6.76 -18.35 93.72
N TYR LA 70 5.87 -17.76 92.92
CA TYR LA 70 5.75 -16.30 92.82
C TYR LA 70 4.26 -16.00 92.73
N LEU LA 71 3.67 -15.58 93.84
CA LEU LA 71 2.24 -15.29 93.86
C LEU LA 71 2.01 -13.89 93.28
N THR LA 72 1.28 -13.80 92.16
CA THR LA 72 1.32 -12.60 91.33
C THR LA 72 -0.01 -11.87 91.24
N ASP LA 73 -1.10 -12.55 90.92
CA ASP LA 73 -2.34 -11.87 90.56
C ASP LA 73 -3.47 -12.42 91.42
N ALA LA 74 -4.58 -11.70 91.46
CA ALA LA 74 -5.73 -12.10 92.25
C ALA LA 74 -6.98 -11.50 91.63
N TYR LA 75 -8.02 -12.31 91.50
CA TYR LA 75 -9.28 -11.84 90.94
C TYR LA 75 -10.41 -12.62 91.59
N VAL LA 76 -11.64 -12.19 91.30
CA VAL LA 76 -12.84 -12.75 91.89
C VAL LA 76 -13.88 -12.86 90.78
N SER LA 77 -14.47 -14.02 90.62
CA SER LA 77 -15.32 -14.29 89.47
C SER LA 77 -16.67 -13.58 89.61
N VAL LA 78 -17.42 -13.58 88.50
CA VAL LA 78 -18.66 -12.76 88.44
C VAL LA 78 -19.80 -13.32 89.28
N PRO LA 79 -20.07 -14.64 89.34
CA PRO LA 79 -21.06 -15.09 90.33
C PRO LA 79 -20.65 -14.88 91.78
N ASP LA 80 -19.36 -14.74 92.07
CA ASP LA 80 -18.96 -14.40 93.42
C ASP LA 80 -19.22 -12.93 93.71
N TYR LA 81 -18.93 -12.05 92.75
CA TYR LA 81 -19.12 -10.62 92.96
C TYR LA 81 -20.60 -10.25 93.00
N THR LA 82 -21.44 -10.98 92.28
CA THR LA 82 -22.88 -10.75 92.41
C THR LA 82 -23.39 -11.23 93.76
N ASN LA 83 -22.74 -12.24 94.34
CA ASN LA 83 -23.13 -12.69 95.67
C ASN LA 83 -22.64 -11.78 96.77
N ILE LA 84 -21.57 -11.00 96.54
CA ILE LA 84 -21.07 -10.10 97.57
C ILE LA 84 -22.00 -8.91 97.74
N THR LA 85 -22.33 -8.25 96.62
CA THR LA 85 -23.10 -7.01 96.68
C THR LA 85 -24.54 -7.22 97.11
N ASN LA 86 -25.07 -8.43 96.98
CA ASN LA 86 -26.39 -8.75 97.51
C ASN LA 86 -26.34 -9.26 98.94
N GLY LA 87 -25.17 -9.24 99.58
CA GLY LA 87 -25.06 -9.70 100.94
C GLY LA 87 -25.13 -11.20 101.12
N ALA LA 88 -24.88 -11.97 100.06
CA ALA LA 88 -24.92 -13.41 100.17
C ALA LA 88 -23.58 -14.02 100.54
N GLU LA 89 -22.49 -13.27 100.44
CA GLU LA 89 -21.23 -13.69 101.04
C GLU LA 89 -20.47 -12.47 101.49
N ALA LA 90 -19.44 -12.70 102.30
CA ALA LA 90 -18.81 -11.61 103.04
C ALA LA 90 -17.77 -10.88 102.20
N ASP LA 91 -17.63 -9.60 102.48
CA ASP LA 91 -16.52 -8.81 101.98
C ASP LA 91 -15.39 -8.86 102.99
N GLY LA 92 -14.30 -8.16 102.70
CA GLY LA 92 -13.17 -8.11 103.60
C GLY LA 92 -11.88 -8.16 102.81
N VAL LA 93 -10.78 -8.33 103.53
CA VAL LA 93 -9.46 -8.42 102.92
C VAL LA 93 -8.89 -9.80 103.21
N ILE LA 94 -7.78 -10.10 102.54
CA ILE LA 94 -7.10 -11.38 102.68
C ILE LA 94 -5.65 -11.10 103.07
N LEU LA 95 -5.21 -11.67 104.18
CA LEU LA 95 -3.86 -11.48 104.66
C LEU LA 95 -3.00 -12.65 104.21
N ILE LA 96 -1.77 -12.37 103.82
CA ILE LA 96 -0.87 -13.35 103.23
C ILE LA 96 0.35 -13.46 104.13
N TYR LA 97 0.52 -14.61 104.75
CA TYR LA 97 1.63 -14.83 105.68
C TYR LA 97 2.69 -15.74 105.05
N LYS LA 98 3.80 -15.89 105.75
CA LYS LA 98 4.93 -16.69 105.30
C LYS LA 98 5.71 -17.12 106.52
N ASP LA 99 6.03 -18.42 106.60
CA ASP LA 99 6.61 -19.08 107.77
C ASP LA 99 5.73 -18.90 109.02
N GLY LA 100 4.43 -18.75 108.83
CA GLY LA 100 3.49 -18.65 109.92
C GLY LA 100 3.46 -17.34 110.69
N VAL LA 101 4.44 -16.46 110.49
CA VAL LA 101 4.52 -15.22 111.26
C VAL LA 101 4.57 -13.97 110.38
N LYS LA 102 5.42 -13.96 109.36
CA LYS LA 102 5.72 -12.74 108.61
C LYS LA 102 4.58 -12.41 107.66
N LEU LA 103 3.99 -11.23 107.82
CA LEU LA 103 2.93 -10.75 106.93
C LEU LA 103 3.54 -9.91 105.82
N MET LA 104 3.20 -10.21 104.56
CA MET LA 104 3.78 -9.47 103.46
C MET LA 104 2.78 -8.72 102.58
N LEU LA 105 1.51 -9.07 102.59
CA LEU LA 105 0.54 -8.28 101.85
C LEU LA 105 -0.80 -8.25 102.58
N THR LA 106 -1.64 -7.33 102.12
CA THR LA 106 -3.05 -7.25 102.51
C THR LA 106 -3.82 -6.94 101.25
N THR LA 107 -4.62 -7.88 100.77
CA THR LA 107 -5.22 -7.69 99.46
C THR LA 107 -6.40 -6.72 99.54
N PRO LA 108 -6.50 -5.79 98.61
CA PRO LA 108 -7.50 -4.72 98.72
C PRO LA 108 -8.93 -5.13 98.39
N LEU LA 109 -9.69 -5.62 99.38
CA LEU LA 109 -11.15 -5.68 99.30
C LEU LA 109 -11.74 -6.51 98.17
N ILE LA 110 -11.76 -7.83 98.31
CA ILE LA 110 -12.10 -8.82 97.27
C ILE LA 110 -13.33 -8.51 96.41
N SER LA 111 -14.25 -7.66 96.88
CA SER LA 111 -15.29 -7.18 95.98
C SER LA 111 -14.77 -6.18 94.97
N SER LA 112 -13.68 -5.48 95.27
CA SER LA 112 -13.09 -4.53 94.34
C SER LA 112 -12.00 -5.16 93.50
N MET LA 113 -11.63 -6.40 93.76
CA MET LA 113 -10.74 -7.16 92.89
C MET LA 113 -11.52 -7.98 91.87
N SER LA 114 -12.81 -7.72 91.76
CA SER LA 114 -13.71 -8.45 90.88
C SER LA 114 -13.36 -8.20 89.42
N ILE LA 115 -13.85 -9.08 88.56
CA ILE LA 115 -13.43 -9.05 87.17
C ILE LA 115 -14.50 -8.46 86.26
N SER LA 116 -15.72 -8.26 86.74
CA SER LA 116 -16.73 -7.62 85.93
C SER LA 116 -16.59 -6.11 85.88
N ASN LA 117 -15.70 -5.52 86.68
CA ASN LA 117 -15.42 -4.10 86.68
C ASN LA 117 -14.24 -3.80 85.79
N PRO LA 118 -14.32 -2.81 84.91
CA PRO LA 118 -13.22 -2.54 83.98
C PRO LA 118 -12.05 -1.76 84.55
N ALA LA 119 -11.97 -1.57 85.87
CA ALA LA 119 -10.80 -0.96 86.48
C ALA LA 119 -10.43 -1.71 87.75
N ARG LA 120 -10.35 -3.03 87.63
CA ARG LA 120 -10.03 -3.92 88.75
C ARG LA 120 -8.67 -3.59 89.34
N THR LA 121 -8.61 -3.50 90.66
CA THR LA 121 -7.38 -3.14 91.34
C THR LA 121 -6.44 -4.34 91.43
N HIS LA 122 -5.16 -4.05 91.55
CA HIS LA 122 -4.11 -5.06 91.51
C HIS LA 122 -3.44 -5.19 92.86
N LEU LA 123 -2.63 -6.24 93.01
CA LEU LA 123 -1.86 -6.42 94.22
C LEU LA 123 -0.69 -5.45 94.25
N ALA LA 124 0.00 -5.41 95.39
CA ALA LA 124 1.07 -4.43 95.56
C ALA LA 124 2.40 -4.93 95.01
N GLN LA 125 2.66 -6.23 95.10
CA GLN LA 125 3.96 -6.75 94.71
C GLN LA 125 3.83 -8.23 94.37
N ALA LA 126 4.66 -8.68 93.43
CA ALA LA 126 4.78 -10.10 93.12
C ALA LA 126 5.55 -10.77 94.26
N VAL LA 127 4.85 -11.57 95.06
CA VAL LA 127 5.41 -12.12 96.28
C VAL LA 127 6.08 -13.44 95.95
N LYS LA 128 7.39 -13.53 96.18
CA LYS LA 128 8.10 -14.77 95.95
C LYS LA 128 7.98 -15.68 97.17
N TYR LA 129 8.39 -16.93 96.99
CA TYR LA 129 8.22 -17.95 98.01
C TYR LA 129 9.30 -19.00 97.82
N SER LA 130 10.12 -19.20 98.84
CA SER LA 130 11.35 -19.95 98.74
C SER LA 130 11.05 -21.46 98.73
N PRO LA 131 12.09 -22.30 98.60
CA PRO LA 131 11.96 -23.70 99.02
C PRO LA 131 11.57 -23.80 100.49
N GLN LA 132 11.17 -25.02 100.87
CA GLN LA 132 10.03 -25.31 101.75
C GLN LA 132 9.78 -24.30 102.87
N SER LA 133 8.55 -23.79 102.90
CA SER LA 133 8.16 -22.67 103.73
C SER LA 133 6.65 -22.60 103.71
N ILE LA 134 6.04 -22.34 104.86
CA ILE LA 134 4.60 -22.43 104.99
C ILE LA 134 3.93 -21.25 104.31
N LEU LA 135 2.78 -21.49 103.71
CA LEU LA 135 1.99 -20.45 103.03
C LEU LA 135 0.58 -20.49 103.60
N THR LA 136 0.31 -19.69 104.61
CA THR LA 136 -1.03 -19.61 105.17
C THR LA 136 -1.65 -18.27 104.84
N MET LA 137 -2.98 -18.26 104.85
CA MET LA 137 -3.74 -17.06 104.57
C MET LA 137 -4.84 -16.91 105.62
N TYR LA 138 -5.31 -15.68 105.76
CA TYR LA 138 -6.38 -15.32 106.68
C TYR LA 138 -7.33 -14.36 106.01
N PHE LA 139 -8.58 -14.37 106.45
CA PHE LA 139 -9.64 -13.56 105.89
C PHE LA 139 -10.21 -12.68 106.99
N ASN LA 140 -10.04 -11.36 106.86
CA ASN LA 140 -10.49 -10.39 107.84
C ASN LA 140 -11.73 -9.69 107.32
N PRO LA 141 -12.93 -10.10 107.71
CA PRO LA 141 -14.13 -9.60 107.03
C PRO LA 141 -14.67 -8.29 107.59
N THR LA 142 -15.00 -7.40 106.68
CA THR LA 142 -15.81 -6.22 106.96
C THR LA 142 -17.08 -6.32 106.12
N LYS LA 143 -18.21 -5.96 106.73
CA LYS LA 143 -19.56 -6.18 106.21
C LYS LA 143 -19.76 -7.65 105.86
N PRO LA 144 -19.96 -8.52 106.86
CA PRO LA 144 -20.06 -9.96 106.59
C PRO LA 144 -21.37 -10.37 105.94
N ALA LA 145 -21.57 -11.68 105.78
CA ALA LA 145 -22.74 -12.21 105.10
C ALA LA 145 -23.99 -11.92 105.89
N THR LA 146 -25.01 -11.40 105.21
CA THR LA 146 -26.23 -10.94 105.88
C THR LA 146 -27.45 -11.76 105.52
N ALA LA 147 -27.75 -11.90 104.23
CA ALA LA 147 -29.00 -12.53 103.81
C ALA LA 147 -28.94 -14.04 104.00
N SER LA 148 -30.12 -14.65 104.04
CA SER LA 148 -30.23 -16.09 104.15
C SER LA 148 -29.83 -16.76 102.84
N THR LA 149 -29.61 -18.08 102.91
CA THR LA 149 -29.04 -18.92 101.85
C THR LA 149 -27.72 -18.34 101.35
N SER LA 150 -26.78 -18.22 102.28
CA SER LA 150 -25.49 -17.63 102.00
C SER LA 150 -24.51 -18.68 101.47
N TYR LA 151 -23.38 -18.21 100.95
CA TYR LA 151 -22.43 -19.04 100.25
C TYR LA 151 -21.01 -18.74 100.70
N PRO LA 152 -20.08 -19.70 100.58
CA PRO LA 152 -18.69 -19.43 100.94
C PRO LA 152 -18.00 -18.52 99.93
N ASN LA 153 -16.87 -17.95 100.35
CA ASN LA 153 -16.05 -17.13 99.48
C ASN LA 153 -15.10 -17.98 98.66
N THR LA 154 -14.69 -17.44 97.50
CA THR LA 154 -13.72 -18.09 96.62
C THR LA 154 -12.95 -16.99 95.91
N VAL LA 155 -11.64 -16.96 96.11
CA VAL LA 155 -10.77 -15.93 95.54
C VAL LA 155 -9.62 -16.64 94.84
N TYR LA 156 -9.53 -16.46 93.52
CA TYR LA 156 -8.52 -17.14 92.72
C TYR LA 156 -7.23 -16.33 92.68
N PHE LA 157 -6.12 -17.03 92.62
CA PHE LA 157 -4.80 -16.40 92.51
C PHE LA 157 -4.12 -16.89 91.23
N THR LA 158 -2.89 -16.44 91.03
CA THR LA 158 -2.13 -16.82 89.84
C THR LA 158 -0.67 -16.87 90.24
N VAL LA 159 -0.09 -18.06 90.26
CA VAL LA 159 1.24 -18.27 90.78
C VAL LA 159 2.13 -18.83 89.67
N VAL LA 160 3.33 -18.26 89.56
CA VAL LA 160 4.34 -18.73 88.62
C VAL LA 160 5.25 -19.69 89.37
N VAL LA 161 5.38 -20.91 88.87
CA VAL LA 161 6.09 -21.98 89.55
C VAL LA 161 7.39 -22.24 88.80
N VAL LA 162 8.50 -22.14 89.51
CA VAL LA 162 9.79 -22.61 89.02
C VAL LA 162 10.02 -23.98 89.63
N ASP LA 163 10.61 -24.90 88.87
CA ASP LA 163 10.79 -26.27 89.33
C ASP LA 163 12.16 -26.77 88.89
N PHE LA 164 12.91 -27.34 89.84
CA PHE LA 164 14.27 -27.82 89.59
C PHE LA 164 14.40 -29.32 89.75
N SER LA 165 13.27 -30.05 89.86
CA SER LA 165 13.32 -31.45 90.23
C SER LA 165 13.88 -32.33 89.12
N TYR LA 166 13.84 -31.86 87.87
CA TYR LA 166 14.26 -32.65 86.73
C TYR LA 166 15.69 -32.34 86.28
N ALA LA 167 16.44 -31.60 87.07
CA ALA LA 167 17.83 -31.28 86.73
C ALA LA 167 18.74 -32.42 87.21
N GLN LA 168 20.04 -32.18 87.20
CA GLN LA 168 21.00 -33.16 87.67
C GLN LA 168 21.36 -33.03 89.15
N ASN LA 169 20.62 -32.20 89.90
CA ASN LA 169 21.11 -31.74 91.19
C ASN LA 169 20.00 -31.77 92.23
N PRO LA 170 20.37 -31.94 93.54
CA PRO LA 170 19.35 -32.04 94.60
C PRO LA 170 18.74 -30.71 95.01
N ALA LA 171 17.99 -30.75 96.12
CA ALA LA 171 17.25 -29.61 96.68
C ALA LA 171 18.13 -28.53 97.29
N ARG LA 172 19.46 -28.66 97.25
CA ARG LA 172 20.32 -27.55 97.61
C ARG LA 172 20.57 -26.61 96.44
N ALA LA 173 20.58 -27.13 95.21
CA ALA LA 173 20.71 -26.29 94.02
C ALA LA 173 19.50 -25.42 93.81
N VAL LA 174 18.35 -25.79 94.37
CA VAL LA 174 17.18 -24.94 94.29
C VAL LA 174 17.37 -23.70 95.14
N VAL LA 175 17.98 -23.86 96.31
CA VAL LA 175 18.29 -22.71 97.17
C VAL LA 175 19.50 -21.97 96.61
N SER LA 176 20.37 -22.67 95.88
CA SER LA 176 21.53 -22.02 95.27
C SER LA 176 21.11 -21.10 94.14
N ALA LA 177 20.06 -21.44 93.40
CA ALA LA 177 19.49 -20.52 92.43
C ALA LA 177 18.48 -19.57 93.04
N ASN LA 178 18.13 -19.78 94.31
CA ASN LA 178 17.21 -18.86 94.98
C ASN LA 178 17.91 -17.60 95.43
N ALA LA 179 19.23 -17.66 95.62
CA ALA LA 179 19.98 -16.48 96.04
C ALA LA 179 20.40 -15.60 94.87
N VAL LA 180 20.49 -16.16 93.66
CA VAL LA 180 20.72 -15.33 92.48
C VAL LA 180 19.47 -14.51 92.19
N MET LA 181 18.30 -15.10 92.39
CA MET LA 181 17.04 -14.37 92.25
C MET LA 181 16.77 -13.47 93.46
N SER MA 4 -3.72 2.51 65.75
CA SER MA 4 -2.96 3.60 66.35
C SER MA 4 -1.69 3.85 65.56
N VAL MA 5 -1.44 3.03 64.56
CA VAL MA 5 -0.24 3.16 63.74
C VAL MA 5 -0.44 4.15 62.60
N THR MA 6 -1.68 4.58 62.34
CA THR MA 6 -1.98 5.38 61.17
C THR MA 6 -1.43 6.80 61.24
N GLN MA 7 -1.04 7.27 62.43
CA GLN MA 7 -0.43 8.59 62.52
C GLN MA 7 1.06 8.56 62.23
N GLN MA 8 1.70 7.39 62.33
CA GLN MA 8 3.15 7.33 62.14
C GLN MA 8 3.53 7.07 60.69
N VAL MA 9 2.76 6.24 59.98
CA VAL MA 9 3.06 6.02 58.57
C VAL MA 9 2.55 7.16 57.70
N PHE MA 10 1.66 8.01 58.22
CA PHE MA 10 1.31 9.24 57.51
C PHE MA 10 2.48 10.20 57.55
N ASN MA 11 3.11 10.32 58.71
CA ASN MA 11 4.30 11.16 58.84
C ASN MA 11 5.50 10.53 58.17
N PHE MA 12 5.48 9.23 57.92
CA PHE MA 12 6.58 8.58 57.22
C PHE MA 12 6.53 8.84 55.72
N ALA MA 13 5.33 8.90 55.15
CA ALA MA 13 5.22 9.13 53.72
C ALA MA 13 5.45 10.59 53.35
N VAL MA 14 5.19 11.51 54.27
CA VAL MA 14 5.38 12.93 53.98
C VAL MA 14 6.85 13.26 53.85
N THR MA 15 7.68 12.82 54.79
CA THR MA 15 9.09 13.15 54.76
C THR MA 15 9.88 12.32 53.78
N LYS MA 16 9.26 11.35 53.10
CA LYS MA 16 9.94 10.54 52.10
C LYS MA 16 9.56 10.90 50.67
N SER MA 17 8.34 11.36 50.44
CA SER MA 17 7.89 11.69 49.09
C SER MA 17 8.18 13.14 48.71
N GLN MA 18 8.64 13.95 49.64
CA GLN MA 18 8.94 15.36 49.34
C GLN MA 18 10.13 15.61 48.42
N PRO MA 19 11.25 14.86 48.45
CA PRO MA 19 12.28 15.11 47.43
C PRO MA 19 11.84 14.71 46.03
N PHE MA 20 10.92 13.76 45.90
CA PHE MA 20 10.38 13.40 44.60
C PHE MA 20 9.11 14.15 44.25
N GLY MA 21 8.41 14.67 45.25
CA GLY MA 21 7.24 15.49 44.99
C GLY MA 21 6.01 14.65 44.84
N GLY MA 22 5.01 14.89 45.68
CA GLY MA 22 3.80 14.09 45.61
C GLY MA 22 2.91 14.26 46.82
N TYR MA 23 1.61 14.00 46.63
CA TYR MA 23 0.64 14.10 47.71
C TYR MA 23 0.92 13.07 48.80
N VAL MA 24 0.47 13.40 50.01
CA VAL MA 24 0.10 12.39 51.00
C VAL MA 24 -1.26 12.81 51.51
N TYR MA 25 -2.25 11.96 51.34
CA TYR MA 25 -3.56 12.21 51.92
C TYR MA 25 -4.18 10.88 52.31
N SER MA 26 -5.38 10.94 52.86
CA SER MA 26 -6.05 9.74 53.36
C SER MA 26 -7.46 9.67 52.80
N THR MA 27 -7.96 8.45 52.68
CA THR MA 27 -9.32 8.21 52.21
C THR MA 27 -9.91 7.06 53.01
N ASN MA 28 -11.06 6.57 52.58
CA ASN MA 28 -11.83 5.59 53.35
C ASN MA 28 -12.22 4.44 52.43
N LEU MA 29 -11.93 3.21 52.86
CA LEU MA 29 -12.17 2.01 52.07
C LEU MA 29 -13.16 1.12 52.82
N THR MA 30 -14.18 0.65 52.11
CA THR MA 30 -15.25 -0.14 52.71
C THR MA 30 -15.24 -1.55 52.13
N ALA MA 31 -15.19 -2.55 53.00
CA ALA MA 31 -15.29 -3.95 52.61
C ALA MA 31 -16.61 -4.52 53.16
N SER MA 32 -17.32 -5.26 52.34
CA SER MA 32 -18.66 -5.73 52.72
C SER MA 32 -18.94 -7.06 52.04
N THR MA 33 -19.04 -8.12 52.84
CA THR MA 33 -19.49 -9.42 52.35
C THR MA 33 -21.00 -9.38 52.16
N SER MA 34 -21.46 -9.66 50.95
CA SER MA 34 -22.87 -9.48 50.67
C SER MA 34 -23.69 -10.67 51.14
N SER MA 35 -24.92 -10.36 51.57
CA SER MA 35 -26.02 -11.30 51.78
C SER MA 35 -25.72 -12.40 52.81
N ALA MA 36 -25.50 -11.97 54.06
CA ALA MA 36 -25.81 -12.75 55.27
C ALA MA 36 -25.04 -14.07 55.35
N VAL MA 37 -23.72 -13.95 55.58
CA VAL MA 37 -22.85 -15.12 55.72
C VAL MA 37 -23.29 -15.99 56.90
N THR MA 38 -23.47 -17.29 56.64
CA THR MA 38 -23.86 -18.25 57.66
C THR MA 38 -23.08 -19.56 57.64
N SER MA 39 -22.28 -19.83 56.62
CA SER MA 39 -21.63 -21.14 56.52
C SER MA 39 -20.11 -21.08 56.48
N THR MA 40 -19.52 -20.36 55.51
CA THR MA 40 -18.10 -20.54 55.21
C THR MA 40 -17.53 -19.27 54.60
N GLN MA 41 -16.31 -19.39 54.05
CA GLN MA 41 -15.50 -18.27 53.65
C GLN MA 41 -16.09 -17.54 52.44
N LEU MA 42 -16.44 -16.27 52.62
CA LEU MA 42 -17.00 -15.47 51.54
C LEU MA 42 -16.06 -14.33 51.16
N THR MA 43 -16.49 -13.54 50.19
CA THR MA 43 -15.65 -12.54 49.54
C THR MA 43 -16.18 -11.14 49.81
N PRO MA 44 -15.45 -10.28 50.53
CA PRO MA 44 -15.94 -8.92 50.75
C PRO MA 44 -15.67 -8.03 49.54
N LEU MA 45 -16.68 -7.24 49.19
CA LEU MA 45 -16.60 -6.33 48.06
C LEU MA 45 -15.85 -5.08 48.48
N ASN MA 46 -14.58 -4.98 48.08
CA ASN MA 46 -13.81 -3.77 48.30
C ASN MA 46 -14.42 -2.60 47.53
N LEU MA 47 -14.32 -1.41 48.10
CA LEU MA 47 -14.88 -0.21 47.48
C LEU MA 47 -14.09 0.99 47.98
N SER MA 48 -13.23 1.53 47.12
CA SER MA 48 -12.42 2.69 47.47
C SER MA 48 -12.79 3.86 46.59
N ILE MA 49 -12.79 5.05 47.18
CA ILE MA 49 -12.93 6.30 46.43
C ILE MA 49 -11.66 7.10 46.64
N THR MA 50 -11.17 7.72 45.57
CA THR MA 50 -9.96 8.52 45.61
C THR MA 50 -10.32 9.96 45.31
N LEU MA 51 -9.30 10.80 45.13
CA LEU MA 51 -9.55 12.16 44.65
C LEU MA 51 -10.04 12.15 43.21
N GLY MA 52 -9.77 11.08 42.46
CA GLY MA 52 -10.19 10.95 41.08
C GLY MA 52 -11.70 10.91 40.86
N GLN MA 53 -12.50 10.86 41.94
CA GLN MA 53 -13.95 10.79 41.93
C GLN MA 53 -14.48 9.57 41.19
N ILE MA 54 -13.65 8.53 41.11
CA ILE MA 54 -14.00 7.28 40.47
C ILE MA 54 -14.00 6.18 41.52
N THR MA 55 -15.11 5.46 41.61
CA THR MA 55 -15.27 4.43 42.62
C THR MA 55 -14.72 3.12 42.07
N LEU MA 56 -13.73 2.56 42.75
CA LEU MA 56 -13.16 1.26 42.38
C LEU MA 56 -13.91 0.23 43.20
N SER MA 57 -14.87 -0.45 42.57
CA SER MA 57 -15.76 -1.36 43.28
C SER MA 57 -15.52 -2.78 42.82
N GLY MA 58 -16.27 -3.71 43.40
CA GLY MA 58 -16.07 -5.11 43.15
C GLY MA 58 -14.86 -5.65 43.89
N ASN MA 59 -14.64 -6.95 43.75
CA ASN MA 59 -13.48 -7.59 44.32
C ASN MA 59 -12.21 -7.12 43.63
N SER MA 60 -11.07 -7.40 44.29
CA SER MA 60 -9.75 -7.42 43.65
C SER MA 60 -9.35 -6.08 43.05
N LEU MA 61 -9.20 -5.08 43.91
CA LEU MA 61 -8.78 -3.76 43.45
C LEU MA 61 -7.34 -3.79 42.95
N VAL MA 62 -7.09 -3.04 41.89
CA VAL MA 62 -5.76 -2.89 41.33
C VAL MA 62 -5.32 -1.46 41.60
N ILE MA 63 -4.18 -1.30 42.25
CA ILE MA 63 -3.67 0.02 42.61
C ILE MA 63 -3.21 0.74 41.36
N PRO MA 64 -3.61 1.99 41.13
CA PRO MA 64 -3.20 2.71 39.92
C PRO MA 64 -1.70 2.98 39.88
N ALA MA 65 -1.22 3.33 38.68
CA ALA MA 65 0.20 3.32 38.38
C ALA MA 65 0.97 4.47 39.00
N THR MA 66 0.31 5.46 39.60
CA THR MA 66 0.99 6.60 40.19
C THR MA 66 0.74 6.72 41.69
N GLN MA 67 0.14 5.72 42.31
CA GLN MA 67 -0.23 5.79 43.73
C GLN MA 67 0.47 4.68 44.50
N ILE MA 68 0.65 4.91 45.79
CA ILE MA 68 1.21 3.93 46.72
C ILE MA 68 0.30 3.90 47.93
N TRP MA 69 -0.49 2.85 48.06
CA TRP MA 69 -1.46 2.79 49.13
C TRP MA 69 -0.81 2.25 50.40
N TYR MA 70 -1.48 2.48 51.53
CA TYR MA 70 -1.02 2.00 52.83
C TYR MA 70 -2.25 1.66 53.66
N LEU MA 71 -2.49 0.38 53.88
CA LEU MA 71 -3.65 -0.05 54.67
C LEU MA 71 -3.29 0.00 56.14
N THR MA 72 -4.00 0.81 56.91
CA THR MA 72 -3.55 1.18 58.24
C THR MA 72 -4.45 0.72 59.37
N ASP MA 73 -5.71 1.15 59.42
CA ASP MA 73 -6.56 0.88 60.58
C ASP MA 73 -7.91 0.39 60.11
N ALA MA 74 -8.77 0.04 61.06
CA ALA MA 74 -10.10 -0.47 60.76
C ALA MA 74 -10.99 -0.26 61.96
N TYR MA 75 -12.29 -0.14 61.71
CA TYR MA 75 -13.25 0.05 62.79
C TYR MA 75 -14.58 -0.54 62.36
N VAL MA 76 -15.50 -0.59 63.32
CA VAL MA 76 -16.82 -1.17 63.12
C VAL MA 76 -17.81 -0.25 63.83
N SER MA 77 -18.89 0.12 63.14
CA SER MA 77 -19.88 1.01 63.73
C SER MA 77 -20.67 0.30 64.82
N VAL MA 78 -21.36 1.10 65.62
CA VAL MA 78 -22.22 0.61 66.70
C VAL MA 78 -23.38 -0.27 66.23
N PRO MA 79 -24.20 0.08 65.21
CA PRO MA 79 -25.29 -0.84 64.85
C PRO MA 79 -24.82 -2.11 64.15
N ASP MA 80 -23.59 -2.16 63.66
CA ASP MA 80 -23.03 -3.44 63.27
C ASP MA 80 -22.69 -4.28 64.49
N TYR MA 81 -22.19 -3.64 65.55
CA TYR MA 81 -21.80 -4.37 66.74
C TYR MA 81 -23.00 -4.83 67.55
N THR MA 82 -24.13 -4.13 67.44
CA THR MA 82 -25.35 -4.62 68.05
C THR MA 82 -25.90 -5.81 67.26
N ASN MA 83 -25.59 -5.88 65.97
CA ASN MA 83 -26.01 -7.03 65.17
C ASN MA 83 -25.18 -8.27 65.51
N ILE MA 84 -23.92 -8.09 65.87
CA ILE MA 84 -23.04 -9.23 66.10
C ILE MA 84 -23.44 -9.97 67.38
N THR MA 85 -23.69 -9.21 68.45
CA THR MA 85 -24.00 -9.83 69.73
C THR MA 85 -25.38 -10.47 69.75
N ASN MA 86 -26.28 -10.06 68.87
CA ASN MA 86 -27.60 -10.66 68.78
C ASN MA 86 -27.67 -11.75 67.73
N GLY MA 87 -26.55 -12.10 67.11
CA GLY MA 87 -26.56 -13.11 66.06
C GLY MA 87 -27.21 -12.65 64.78
N ALA MA 88 -27.32 -11.34 64.56
CA ALA MA 88 -27.88 -10.85 63.32
C ALA MA 88 -26.84 -10.83 62.20
N GLU MA 89 -25.57 -10.97 62.53
CA GLU MA 89 -24.54 -11.17 61.52
C GLU MA 89 -23.38 -11.92 62.15
N ALA MA 90 -22.45 -12.34 61.30
CA ALA MA 90 -21.41 -13.25 61.72
C ALA MA 90 -20.19 -12.50 62.24
N ASP MA 91 -19.51 -13.13 63.19
CA ASP MA 91 -18.21 -12.70 63.65
C ASP MA 91 -17.15 -13.33 62.76
N GLY MA 92 -15.89 -13.05 63.05
CA GLY MA 92 -14.82 -13.68 62.32
C GLY MA 92 -13.72 -12.69 62.04
N VAL MA 93 -12.73 -13.14 61.26
CA VAL MA 93 -11.58 -12.33 60.93
C VAL MA 93 -11.59 -12.05 59.43
N ILE MA 94 -10.75 -11.10 59.03
CA ILE MA 94 -10.62 -10.70 57.63
C ILE MA 94 -9.18 -10.91 57.22
N LEU MA 95 -8.98 -11.66 56.15
CA LEU MA 95 -7.65 -11.95 55.62
C LEU MA 95 -7.33 -10.93 54.54
N ILE MA 96 -6.06 -10.57 54.41
CA ILE MA 96 -5.64 -9.49 53.51
C ILE MA 96 -4.50 -10.01 52.65
N TYR MA 97 -4.73 -10.07 51.34
CA TYR MA 97 -3.78 -10.63 50.40
C TYR MA 97 -3.11 -9.53 49.57
N LYS MA 98 -2.00 -9.90 48.94
CA LYS MA 98 -1.29 -9.04 48.00
C LYS MA 98 -0.83 -9.89 46.83
N ASP MA 99 -1.06 -9.38 45.60
CA ASP MA 99 -0.68 -10.01 44.33
C ASP MA 99 -1.35 -11.36 44.11
N GLY MA 100 -2.39 -11.69 44.89
CA GLY MA 100 -3.04 -12.97 44.78
C GLY MA 100 -2.32 -14.14 45.39
N VAL MA 101 -1.10 -13.96 45.85
CA VAL MA 101 -0.27 -15.06 46.36
C VAL MA 101 -0.01 -14.90 47.85
N LYS MA 102 0.59 -13.79 48.26
CA LYS MA 102 0.98 -13.58 49.64
C LYS MA 102 -0.22 -13.25 50.51
N LEU MA 103 -0.14 -13.63 51.78
CA LEU MA 103 -1.07 -13.22 52.82
C LEU MA 103 -0.28 -12.55 53.91
N MET MA 104 -0.63 -11.31 54.26
CA MET MA 104 0.23 -10.57 55.15
C MET MA 104 -0.39 -10.12 56.45
N LEU MA 105 -1.70 -10.27 56.64
CA LEU MA 105 -2.31 -9.84 57.88
C LEU MA 105 -3.55 -10.66 58.18
N THR MA 106 -4.10 -10.40 59.36
CA THR MA 106 -5.38 -10.92 59.79
C THR MA 106 -5.96 -9.91 60.77
N THR MA 107 -7.14 -9.39 60.47
CA THR MA 107 -7.74 -8.42 61.38
C THR MA 107 -8.30 -9.14 62.59
N PRO MA 108 -7.95 -8.73 63.79
CA PRO MA 108 -8.31 -9.50 64.98
C PRO MA 108 -9.78 -9.39 65.39
N LEU MA 109 -10.63 -10.25 64.82
CA LEU MA 109 -11.98 -10.52 65.33
C LEU MA 109 -12.88 -9.29 65.34
N ILE MA 110 -13.43 -8.93 64.18
CA ILE MA 110 -14.09 -7.65 63.89
C ILE MA 110 -15.10 -7.13 64.92
N SER MA 111 -15.61 -8.00 65.80
CA SER MA 111 -16.35 -7.52 66.97
C SER MA 111 -15.44 -6.84 67.98
N SER MA 112 -14.20 -7.31 68.11
CA SER MA 112 -13.29 -6.77 69.11
C SER MA 112 -12.65 -5.45 68.71
N MET MA 113 -12.89 -4.99 67.49
CA MET MA 113 -12.43 -3.67 67.06
C MET MA 113 -13.59 -2.73 66.85
N SER MA 114 -14.74 -3.00 67.47
CA SER MA 114 -15.88 -2.12 67.38
C SER MA 114 -15.59 -0.81 68.09
N ILE MA 115 -16.32 0.23 67.67
CA ILE MA 115 -16.05 1.57 68.17
C ILE MA 115 -16.59 1.76 69.59
N SER MA 116 -17.41 0.83 70.07
CA SER MA 116 -18.00 0.89 71.39
C SER MA 116 -17.23 0.12 72.45
N ASN MA 117 -16.17 -0.57 72.08
CA ASN MA 117 -15.37 -1.25 73.11
C ASN MA 117 -14.30 -0.30 73.62
N PRO MA 118 -14.15 -0.16 74.94
CA PRO MA 118 -13.08 0.72 75.47
C PRO MA 118 -11.69 0.23 75.16
N ALA MA 119 -11.50 -1.08 75.02
CA ALA MA 119 -10.28 -1.63 74.44
C ALA MA 119 -10.56 -2.02 72.98
N ARG MA 120 -10.70 -1.00 72.14
CA ARG MA 120 -10.79 -1.24 70.70
C ARG MA 120 -9.40 -1.51 70.17
N THR MA 121 -9.22 -2.66 69.54
CA THR MA 121 -7.90 -3.06 69.08
C THR MA 121 -7.65 -2.61 67.65
N HIS MA 122 -6.37 -2.41 67.34
CA HIS MA 122 -5.92 -1.91 66.06
C HIS MA 122 -5.14 -2.98 65.31
N LEU MA 123 -4.55 -2.58 64.19
CA LEU MA 123 -3.76 -3.50 63.39
C LEU MA 123 -2.32 -3.53 63.87
N ALA MA 124 -1.55 -4.51 63.37
CA ALA MA 124 -0.19 -4.70 63.82
C ALA MA 124 0.78 -3.74 63.14
N GLN MA 125 0.76 -3.70 61.81
CA GLN MA 125 1.61 -2.79 61.05
C GLN MA 125 0.87 -2.45 59.76
N ALA MA 126 1.25 -1.33 59.16
CA ALA MA 126 0.63 -0.87 57.93
C ALA MA 126 1.13 -1.68 56.75
N VAL MA 127 0.22 -1.99 55.82
CA VAL MA 127 0.51 -2.84 54.67
C VAL MA 127 0.71 -1.96 53.46
N LYS MA 128 1.88 -2.06 52.85
CA LYS MA 128 2.22 -1.29 51.65
C LYS MA 128 1.54 -1.89 50.41
N TYR MA 129 1.32 -1.05 49.41
CA TYR MA 129 0.85 -1.51 48.10
C TYR MA 129 1.48 -0.64 47.03
N SER MA 130 2.34 -1.22 46.21
CA SER MA 130 3.08 -0.50 45.19
C SER MA 130 2.19 -0.23 43.98
N PRO MA 131 2.69 0.51 42.94
CA PRO MA 131 2.02 0.49 41.63
C PRO MA 131 1.85 -0.91 41.05
N GLN MA 132 0.99 -1.06 40.04
CA GLN MA 132 -0.09 -2.06 40.03
C GLN MA 132 0.18 -3.35 40.80
N SER MA 133 -0.65 -3.57 41.81
CA SER MA 133 -0.67 -4.77 42.62
C SER MA 133 -2.11 -4.97 43.03
N ILE MA 134 -2.41 -6.15 43.56
CA ILE MA 134 -3.78 -6.58 43.72
C ILE MA 134 -4.12 -6.64 45.20
N LEU MA 135 -4.97 -5.72 45.64
CA LEU MA 135 -5.55 -5.75 46.97
C LEU MA 135 -6.83 -6.57 46.91
N THR MA 136 -6.86 -7.70 47.61
CA THR MA 136 -8.05 -8.52 47.71
C THR MA 136 -8.15 -9.08 49.12
N MET MA 137 -9.36 -9.26 49.60
CA MET MA 137 -9.62 -9.66 50.96
C MET MA 137 -10.58 -10.82 50.99
N TYR MA 138 -10.57 -11.55 52.11
CA TYR MA 138 -11.46 -12.66 52.34
C TYR MA 138 -11.92 -12.64 53.78
N PHE MA 139 -13.15 -13.09 54.01
CA PHE MA 139 -13.75 -13.12 55.33
C PHE MA 139 -13.89 -14.57 55.76
N ASN MA 140 -13.24 -14.92 56.87
CA ASN MA 140 -13.30 -16.28 57.39
C ASN MA 140 -14.22 -16.30 58.60
N PRO MA 141 -15.48 -16.71 58.46
CA PRO MA 141 -16.43 -16.53 59.57
C PRO MA 141 -16.30 -17.62 60.63
N THR MA 142 -16.08 -17.18 61.86
CA THR MA 142 -16.23 -18.03 63.03
C THR MA 142 -17.41 -17.48 63.82
N LYS MA 143 -18.21 -18.40 64.41
CA LYS MA 143 -19.50 -18.12 65.01
C LYS MA 143 -20.41 -17.41 64.02
N PRO MA 144 -20.97 -18.13 63.04
CA PRO MA 144 -21.76 -17.47 62.00
C PRO MA 144 -23.13 -17.04 62.52
N ALA MA 145 -23.88 -16.39 61.63
CA ALA MA 145 -25.15 -15.79 62.01
C ALA MA 145 -26.20 -16.86 62.24
N THR MA 146 -26.92 -16.73 63.37
CA THR MA 146 -27.93 -17.71 63.76
C THR MA 146 -29.35 -17.19 63.65
N ALA MA 147 -29.56 -15.90 63.87
CA ALA MA 147 -30.91 -15.35 63.90
C ALA MA 147 -31.49 -15.23 62.50
N SER MA 148 -32.81 -15.30 62.43
CA SER MA 148 -33.49 -15.01 61.18
C SER MA 148 -33.41 -13.51 60.90
N THR MA 149 -33.61 -13.16 59.62
CA THR MA 149 -33.50 -11.80 59.09
C THR MA 149 -32.14 -11.18 59.40
N SER MA 150 -31.11 -11.77 58.83
CA SER MA 150 -29.75 -11.36 59.08
C SER MA 150 -29.37 -10.14 58.25
N TYR MA 151 -28.14 -9.66 58.45
CA TYR MA 151 -27.62 -8.48 57.77
C TYR MA 151 -26.20 -8.74 57.27
N PRO MA 152 -25.81 -8.14 56.16
CA PRO MA 152 -24.44 -8.29 55.68
C PRO MA 152 -23.45 -7.49 56.53
N ASN MA 153 -22.21 -7.94 56.52
CA ASN MA 153 -21.17 -7.30 57.31
C ASN MA 153 -20.64 -6.05 56.60
N THR MA 154 -19.99 -5.19 57.38
CA THR MA 154 -19.35 -3.99 56.85
C THR MA 154 -18.21 -3.61 57.77
N VAL MA 155 -17.00 -3.52 57.23
CA VAL MA 155 -15.81 -3.17 57.99
C VAL MA 155 -15.10 -2.07 57.22
N TYR MA 156 -15.06 -0.88 57.80
CA TYR MA 156 -14.43 0.27 57.14
C TYR MA 156 -12.94 0.30 57.45
N PHE MA 157 -12.14 0.41 56.41
CA PHE MA 157 -10.70 0.45 56.54
C PHE MA 157 -10.22 1.89 56.46
N THR MA 158 -8.91 2.08 56.37
CA THR MA 158 -8.35 3.42 56.25
C THR MA 158 -7.07 3.33 55.44
N VAL MA 159 -6.99 4.06 54.35
CA VAL MA 159 -5.86 4.00 53.42
C VAL MA 159 -5.14 5.33 53.46
N VAL MA 160 -3.81 5.26 53.50
CA VAL MA 160 -2.97 6.42 53.27
C VAL MA 160 -2.49 6.35 51.82
N VAL MA 161 -2.88 7.33 51.02
CA VAL MA 161 -2.66 7.31 49.58
C VAL MA 161 -1.57 8.31 49.24
N VAL MA 162 -0.50 7.85 48.63
CA VAL MA 162 0.62 8.73 48.27
C VAL MA 162 0.60 8.96 46.77
N ASP MA 163 -0.11 10.00 46.33
CA ASP MA 163 -0.22 10.28 44.91
C ASP MA 163 1.05 10.93 44.38
N PHE MA 164 1.29 10.76 43.09
CA PHE MA 164 2.46 11.34 42.43
C PHE MA 164 2.10 12.00 41.11
N SER MA 165 0.83 12.38 40.93
CA SER MA 165 0.35 12.77 39.61
C SER MA 165 0.85 14.14 39.18
N TYR MA 166 1.34 14.97 40.10
CA TYR MA 166 1.72 16.34 39.78
C TYR MA 166 3.23 16.55 39.77
N ALA MA 167 4.00 15.50 39.55
CA ALA MA 167 5.45 15.64 39.42
C ALA MA 167 5.79 16.06 38.00
N GLN MA 168 7.09 16.04 37.67
CA GLN MA 168 7.51 16.30 36.29
C GLN MA 168 7.08 15.15 35.38
N ASN MA 169 7.54 13.94 35.69
CA ASN MA 169 7.12 12.73 35.01
C ASN MA 169 6.83 11.68 36.05
N PRO MA 170 5.56 11.34 36.29
CA PRO MA 170 5.24 10.39 37.37
C PRO MA 170 5.71 8.97 37.13
N ALA MA 171 6.03 8.60 35.89
CA ALA MA 171 6.55 7.25 35.64
C ALA MA 171 7.96 7.09 36.18
N ARG MA 172 8.76 8.14 36.16
CA ARG MA 172 10.10 8.11 36.73
C ARG MA 172 10.09 8.39 38.22
N ALA MA 173 9.11 9.16 38.70
CA ALA MA 173 9.10 9.53 40.10
C ALA MA 173 8.56 8.42 40.98
N VAL MA 174 7.51 7.71 40.55
CA VAL MA 174 6.83 6.79 41.45
C VAL MA 174 7.62 5.50 41.66
N VAL MA 175 8.57 5.20 40.77
CA VAL MA 175 9.38 4.00 40.94
C VAL MA 175 10.68 4.29 41.67
N SER MA 176 11.01 5.56 41.90
CA SER MA 176 12.15 5.91 42.73
C SER MA 176 11.75 6.03 44.20
N ALA MA 177 10.54 6.53 44.47
CA ALA MA 177 10.05 6.59 45.83
C ALA MA 177 9.50 5.26 46.31
N ASN MA 178 9.17 4.36 45.38
CA ASN MA 178 8.79 3.00 45.77
C ASN MA 178 9.99 2.25 46.33
N ALA MA 179 11.20 2.59 45.88
CA ALA MA 179 12.40 1.93 46.38
C ALA MA 179 12.79 2.44 47.76
N VAL MA 180 12.64 3.74 48.00
CA VAL MA 180 13.11 4.31 49.26
C VAL MA 180 12.09 4.12 50.38
N MET MA 181 10.86 3.74 50.05
CA MET MA 181 9.86 3.50 51.07
C MET MA 181 9.54 2.01 51.16
N SER NA 4 -3.53 13.99 73.53
CA SER NA 4 -2.22 14.61 73.49
C SER NA 4 -1.76 14.77 72.05
N VAL NA 5 -2.74 14.88 71.15
CA VAL NA 5 -2.44 15.16 69.75
C VAL NA 5 -2.41 16.67 69.48
N THR NA 6 -3.36 17.42 70.05
CA THR NA 6 -3.32 18.88 69.93
C THR NA 6 -2.29 19.50 70.85
N GLN NA 7 -1.90 18.82 71.92
CA GLN NA 7 -0.91 19.37 72.84
C GLN NA 7 0.50 19.27 72.29
N GLN NA 8 0.71 18.53 71.21
CA GLN NA 8 2.03 18.46 70.60
C GLN NA 8 2.23 19.54 69.54
N VAL NA 9 1.21 19.82 68.74
CA VAL NA 9 1.31 20.92 67.79
C VAL NA 9 1.22 22.26 68.51
N PHE NA 10 0.60 22.30 69.69
CA PHE NA 10 0.57 23.53 70.46
C PHE NA 10 1.94 23.81 71.04
N ASN NA 11 2.59 22.78 71.57
CA ASN NA 11 3.92 22.95 72.15
C ASN NA 11 4.98 23.14 71.08
N PHE NA 12 4.74 22.64 69.88
CA PHE NA 12 5.65 22.92 68.77
C PHE NA 12 5.51 24.36 68.31
N ALA NA 13 4.30 24.91 68.39
CA ALA NA 13 4.07 26.26 67.89
C ALA NA 13 4.64 27.31 68.81
N VAL NA 14 4.52 27.12 70.14
CA VAL NA 14 4.93 28.18 71.05
C VAL NA 14 6.43 28.27 71.22
N THR NA 15 7.19 27.24 70.81
CA THR NA 15 8.64 27.38 70.89
C THR NA 15 9.22 27.94 69.59
N LYS NA 16 8.45 27.90 68.50
CA LYS NA 16 8.88 28.48 67.24
C LYS NA 16 8.38 29.92 67.07
N SER NA 17 7.20 30.23 67.57
CA SER NA 17 6.66 31.58 67.46
C SER NA 17 7.19 32.51 68.53
N GLN NA 18 7.97 31.99 69.48
CA GLN NA 18 8.48 32.85 70.55
C GLN NA 18 9.57 33.82 70.12
N PRO NA 19 10.61 33.44 69.35
CA PRO NA 19 11.62 34.46 68.99
C PRO NA 19 11.16 35.46 67.94
N PHE NA 20 10.00 35.27 67.31
CA PHE NA 20 9.49 36.25 66.37
C PHE NA 20 8.28 36.99 66.92
N GLY NA 21 7.82 36.63 68.10
CA GLY NA 21 6.58 37.18 68.63
C GLY NA 21 5.40 36.45 68.02
N GLY NA 22 4.49 35.99 68.85
CA GLY NA 22 3.44 35.14 68.33
C GLY NA 22 2.48 34.75 69.42
N TYR NA 23 1.19 34.88 69.12
CA TYR NA 23 0.14 34.79 70.12
C TYR NA 23 -0.62 33.51 69.82
N VAL NA 24 -0.14 32.40 70.38
CA VAL NA 24 -0.70 31.09 70.09
C VAL NA 24 -1.87 30.85 71.04
N TYR NA 25 -3.01 30.46 70.49
CA TYR NA 25 -4.17 30.15 71.30
C TYR NA 25 -5.08 29.24 70.49
N SER NA 26 -6.00 28.59 71.19
CA SER NA 26 -6.86 27.58 70.59
C SER NA 26 -8.29 28.09 70.52
N THR NA 27 -8.97 27.79 69.42
CA THR NA 27 -10.34 28.21 69.17
C THR NA 27 -11.21 27.00 68.88
N ASN NA 28 -12.41 27.25 68.38
CA ASN NA 28 -13.36 26.21 68.00
C ASN NA 28 -14.01 26.58 66.68
N LEU NA 29 -13.91 25.70 65.70
CA LEU NA 29 -14.48 25.91 64.37
C LEU NA 29 -15.66 24.96 64.16
N THR NA 30 -16.76 25.47 63.62
CA THR NA 30 -17.98 24.69 63.48
C THR NA 30 -18.40 24.67 62.02
N ALA NA 31 -18.35 23.49 61.40
CA ALA NA 31 -18.82 23.30 60.04
C ALA NA 31 -20.22 22.70 60.08
N SER NA 32 -21.15 23.33 59.37
CA SER NA 32 -22.55 22.95 59.42
C SER NA 32 -23.13 22.91 58.02
N THR NA 33 -23.55 21.72 57.58
CA THR NA 33 -24.26 21.59 56.32
C THR NA 33 -25.69 22.06 56.51
N SER NA 34 -26.11 23.04 55.71
CA SER NA 34 -27.41 23.66 55.90
C SER NA 34 -28.53 22.83 55.31
N SER NA 35 -29.60 22.66 56.08
CA SER NA 35 -30.93 22.21 55.66
C SER NA 35 -30.92 20.82 55.00
N ALA NA 36 -30.61 19.81 55.81
CA ALA NA 36 -31.15 18.45 55.65
C ALA NA 36 -30.73 17.78 54.32
N VAL NA 37 -29.44 17.45 54.26
CA VAL NA 37 -28.88 16.72 53.11
C VAL NA 37 -29.58 15.39 52.90
N THR NA 38 -30.00 15.14 51.64
CA THR NA 38 -30.73 13.92 51.31
C THR NA 38 -30.29 13.23 50.03
N SER NA 39 -29.53 13.86 49.13
CA SER NA 39 -29.21 13.20 47.87
C SER NA 39 -27.72 13.03 47.59
N THR NA 40 -26.94 14.12 47.58
CA THR NA 40 -25.62 14.08 46.97
C THR NA 40 -24.69 15.05 47.70
N GLN NA 41 -23.52 15.29 47.11
CA GLN NA 41 -22.45 16.06 47.74
C GLN NA 41 -22.86 17.51 47.92
N LEU NA 42 -22.83 17.99 49.16
CA LEU NA 42 -23.23 19.34 49.52
C LEU NA 42 -22.04 20.11 50.10
N THR NA 43 -22.33 21.28 50.64
CA THR NA 43 -21.31 22.23 51.10
C THR NA 43 -21.66 22.70 52.50
N PRO NA 44 -20.83 22.44 53.50
CA PRO NA 44 -21.08 22.99 54.84
C PRO NA 44 -20.48 24.38 55.02
N LEU NA 45 -21.15 25.17 55.85
CA LEU NA 45 -20.79 26.57 56.09
C LEU NA 45 -19.77 26.62 57.22
N ASN NA 46 -18.51 26.86 56.89
CA ASN NA 46 -17.49 27.01 57.91
C ASN NA 46 -17.70 28.28 58.71
N LEU NA 47 -17.37 28.22 60.01
CA LEU NA 47 -17.72 29.30 60.92
C LEU NA 47 -16.71 29.26 62.07
N SER NA 48 -15.69 30.11 62.01
CA SER NA 48 -14.68 30.16 63.05
C SER NA 48 -14.94 31.33 63.99
N ILE NA 49 -14.35 31.26 65.18
CA ILE NA 49 -14.44 32.32 66.18
C ILE NA 49 -13.02 32.67 66.61
N THR NA 50 -12.55 33.85 66.21
CA THR NA 50 -11.27 34.36 66.66
C THR NA 50 -11.44 35.11 67.99
N LEU NA 51 -10.45 35.92 68.35
CA LEU NA 51 -10.45 36.60 69.66
C LEU NA 51 -11.57 37.62 69.76
N GLY NA 52 -11.67 38.53 68.81
CA GLY NA 52 -12.46 39.73 69.00
C GLY NA 52 -13.96 39.62 68.81
N GLN NA 53 -14.50 38.43 69.11
CA GLN NA 53 -15.92 38.09 68.93
C GLN NA 53 -16.35 38.32 67.48
N ILE NA 54 -15.48 37.97 66.54
CA ILE NA 54 -15.73 38.17 65.13
C ILE NA 54 -15.93 36.81 64.49
N THR NA 55 -17.09 36.63 63.88
CA THR NA 55 -17.50 35.35 63.33
C THR NA 55 -17.15 35.32 61.85
N LEU NA 56 -16.02 34.70 61.51
CA LEU NA 56 -15.66 34.50 60.11
C LEU NA 56 -16.48 33.35 59.57
N SER NA 57 -17.63 33.67 59.00
CA SER NA 57 -18.58 32.66 58.57
C SER NA 57 -18.55 32.51 57.06
N GLY NA 58 -19.50 31.75 56.54
CA GLY NA 58 -19.63 31.58 55.11
C GLY NA 58 -18.68 30.54 54.54
N ASN NA 59 -19.01 30.07 53.34
CA ASN NA 59 -18.23 29.04 52.67
C ASN NA 59 -16.87 29.58 52.28
N SER NA 60 -15.89 28.66 52.28
CA SER NA 60 -14.54 28.89 51.73
C SER NA 60 -13.82 30.04 52.45
N LEU NA 61 -13.52 29.80 53.73
CA LEU NA 61 -12.80 30.78 54.53
C LEU NA 61 -11.39 30.99 53.99
N VAL NA 62 -10.99 32.26 53.91
CA VAL NA 62 -9.60 32.61 53.67
C VAL NA 62 -8.96 32.88 55.01
N ILE NA 63 -7.82 32.23 55.26
CA ILE NA 63 -7.05 32.48 56.48
C ILE NA 63 -6.54 33.92 56.45
N PRO NA 64 -6.67 34.67 57.54
CA PRO NA 64 -6.18 36.05 57.56
C PRO NA 64 -4.68 36.12 57.36
N ALA NA 65 -4.22 37.29 56.91
CA ALA NA 65 -2.87 37.44 56.37
C ALA NA 65 -1.77 37.34 57.42
N THR NA 66 -2.11 37.28 58.71
CA THR NA 66 -1.12 37.24 59.78
C THR NA 66 -1.29 36.04 60.69
N GLN NA 67 -1.98 35.00 60.24
CA GLN NA 67 -2.25 33.85 61.09
C GLN NA 67 -1.86 32.56 60.38
N ILE NA 68 -1.47 31.57 61.18
CA ILE NA 68 -1.09 30.25 60.71
C ILE NA 68 -1.93 29.25 61.49
N TRP NA 69 -2.82 28.56 60.81
CA TRP NA 69 -3.77 27.69 61.49
C TRP NA 69 -3.30 26.23 61.43
N TYR NA 70 -3.81 25.43 62.38
CA TYR NA 70 -3.56 24.00 62.38
C TYR NA 70 -4.88 23.30 62.70
N LEU NA 71 -5.45 22.59 61.74
CA LEU NA 71 -6.68 21.85 61.98
C LEU NA 71 -6.33 20.50 62.58
N THR NA 72 -6.77 20.25 63.81
CA THR NA 72 -6.15 19.20 64.63
C THR NA 72 -7.09 18.11 65.12
N ASP NA 73 -8.38 18.38 65.25
CA ASP NA 73 -9.26 17.44 65.94
C ASP NA 73 -10.66 17.58 65.36
N ALA NA 74 -11.49 16.56 65.56
CA ALA NA 74 -12.89 16.64 65.20
C ALA NA 74 -13.70 15.70 66.08
N TYR NA 75 -14.94 16.08 66.35
CA TYR NA 75 -15.83 15.29 67.18
C TYR NA 75 -17.26 15.73 66.89
N VAL NA 76 -18.20 14.87 67.23
CA VAL NA 76 -19.61 15.10 66.97
C VAL NA 76 -20.34 14.95 68.31
N SER NA 77 -21.27 15.86 68.58
CA SER NA 77 -21.97 15.88 69.86
C SER NA 77 -22.93 14.69 69.99
N VAL NA 78 -23.39 14.49 71.22
CA VAL NA 78 -24.38 13.43 71.48
C VAL NA 78 -25.73 13.67 70.81
N PRO NA 79 -26.35 14.86 70.84
CA PRO NA 79 -27.65 14.99 70.17
C PRO NA 79 -27.59 14.96 68.64
N ASP NA 80 -26.42 15.11 68.04
CA ASP NA 80 -26.30 14.86 66.61
C ASP NA 80 -26.16 13.38 66.32
N TYR NA 81 -25.40 12.66 67.15
CA TYR NA 81 -25.23 11.21 66.98
C TYR NA 81 -26.52 10.46 67.26
N THR NA 82 -27.37 11.00 68.13
CA THR NA 82 -28.69 10.44 68.32
C THR NA 82 -29.62 10.74 67.14
N ASN NA 83 -29.28 11.72 66.31
CA ASN NA 83 -30.04 11.98 65.10
C ASN NA 83 -29.53 11.19 63.91
N ILE NA 84 -28.24 10.82 63.91
CA ILE NA 84 -27.69 10.06 62.79
C ILE NA 84 -28.28 8.65 62.76
N THR NA 85 -28.18 7.94 63.89
CA THR NA 85 -28.62 6.54 63.95
C THR NA 85 -30.13 6.40 63.88
N ASN NA 86 -30.88 7.45 64.20
CA ASN NA 86 -32.32 7.42 64.08
C ASN NA 86 -32.81 7.88 62.72
N GLY NA 87 -31.90 8.14 61.79
CA GLY NA 87 -32.30 8.53 60.45
C GLY NA 87 -32.80 9.95 60.32
N ALA NA 88 -32.41 10.84 61.24
CA ALA NA 88 -32.82 12.22 61.19
C ALA NA 88 -31.78 13.13 60.55
N GLU NA 89 -30.55 12.66 60.37
CA GLU NA 89 -29.59 13.37 59.54
C GLU NA 89 -28.63 12.36 58.93
N ALA NA 90 -27.96 12.79 57.88
CA ALA NA 90 -27.21 11.88 57.05
C ALA NA 90 -25.83 11.59 57.63
N ASP NA 91 -25.38 10.36 57.43
CA ASP NA 91 -24.00 9.99 57.67
C ASP NA 91 -23.18 10.34 56.43
N GLY NA 92 -21.88 10.08 56.48
CA GLY NA 92 -21.01 10.33 55.35
C GLY NA 92 -19.63 10.70 55.85
N VAL NA 93 -18.84 11.25 54.95
CA VAL NA 93 -17.50 11.72 55.30
C VAL NA 93 -17.40 13.21 54.98
N ILE NA 94 -16.24 13.80 55.26
CA ILE NA 94 -16.00 15.21 55.01
C ILE NA 94 -14.63 15.35 54.35
N LEU NA 95 -14.60 16.03 53.20
CA LEU NA 95 -13.38 16.24 52.44
C LEU NA 95 -12.80 17.61 52.76
N ILE NA 96 -11.50 17.68 52.98
CA ILE NA 96 -10.84 18.91 53.42
C ILE NA 96 -9.89 19.37 52.32
N TYR NA 97 -10.19 20.52 51.72
CA TYR NA 97 -9.44 21.04 50.58
C TYR NA 97 -8.62 22.26 50.98
N LYS NA 98 -7.37 22.32 50.51
CA LYS NA 98 -6.51 23.48 50.64
C LYS NA 98 -6.41 24.15 49.28
N ASP NA 99 -6.55 25.48 49.26
CA ASP NA 99 -6.56 26.34 48.09
C ASP NA 99 -7.67 25.99 47.11
N GLY NA 100 -8.70 25.27 47.54
CA GLY NA 100 -9.74 24.81 46.66
C GLY NA 100 -9.40 23.64 45.78
N VAL NA 101 -8.12 23.30 45.63
CA VAL NA 101 -7.69 22.31 44.66
C VAL NA 101 -7.13 21.09 45.37
N LYS NA 102 -6.09 21.30 46.17
CA LYS NA 102 -5.33 20.22 46.77
C LYS NA 102 -6.13 19.58 47.89
N LEU NA 103 -6.39 18.29 47.77
CA LEU NA 103 -7.06 17.54 48.83
C LEU NA 103 -6.09 17.25 49.96
N MET NA 104 -6.53 17.45 51.20
CA MET NA 104 -5.69 17.25 52.37
C MET NA 104 -6.02 15.99 53.14
N LEU NA 105 -7.27 15.80 53.54
CA LEU NA 105 -7.64 14.66 54.35
C LEU NA 105 -9.08 14.24 54.03
N THR NA 106 -9.53 13.22 54.74
CA THR NA 106 -10.92 12.77 54.69
C THR NA 106 -11.29 12.29 56.09
N THR NA 107 -12.36 12.80 56.63
CA THR NA 107 -12.73 12.41 57.98
C THR NA 107 -13.41 11.05 57.96
N PRO NA 108 -12.98 10.12 58.79
CA PRO NA 108 -13.56 8.78 58.78
C PRO NA 108 -14.94 8.70 59.40
N LEU NA 109 -16.00 8.92 58.61
CA LEU NA 109 -17.38 8.59 58.99
C LEU NA 109 -17.89 9.28 60.24
N ILE NA 110 -18.29 10.55 60.12
CA ILE NA 110 -18.68 11.43 61.23
C ILE NA 110 -19.63 10.83 62.26
N SER NA 111 -20.36 9.77 61.91
CA SER NA 111 -21.10 9.03 62.94
C SER NA 111 -20.18 8.24 63.84
N SER NA 112 -18.97 7.90 63.41
CA SER NA 112 -18.08 7.07 64.21
C SER NA 112 -17.00 7.86 64.92
N MET NA 113 -16.91 9.17 64.69
CA MET NA 113 -16.15 10.05 65.57
C MET NA 113 -17.05 10.82 66.51
N SER NA 114 -18.21 10.26 66.84
CA SER NA 114 -19.07 10.84 67.86
C SER NA 114 -18.41 10.72 69.23
N ILE NA 115 -18.94 11.46 70.19
CA ILE NA 115 -18.24 11.64 71.44
C ILE NA 115 -18.75 10.70 72.53
N SER NA 116 -19.93 10.09 72.35
CA SER NA 116 -20.48 9.22 73.37
C SER NA 116 -19.84 7.84 73.41
N ASN NA 117 -19.00 7.51 72.45
CA ASN NA 117 -18.33 6.22 72.40
C ASN NA 117 -16.93 6.33 72.98
N PRO NA 118 -16.51 5.38 73.82
CA PRO NA 118 -15.24 5.55 74.54
C PRO NA 118 -13.99 5.33 73.70
N ALA NA 119 -14.13 4.89 72.46
CA ALA NA 119 -12.97 4.64 71.60
C ALA NA 119 -13.20 5.20 70.22
N ARG NA 120 -13.61 6.47 70.16
CA ARG NA 120 -13.93 7.12 68.90
C ARG NA 120 -12.70 7.26 68.02
N THR NA 121 -12.93 7.36 66.71
CA THR NA 121 -11.85 7.42 65.75
C THR NA 121 -11.26 8.83 65.69
N HIS NA 122 -10.07 8.93 65.10
CA HIS NA 122 -9.31 10.17 65.07
C HIS NA 122 -9.09 10.63 63.64
N LEU NA 123 -8.52 11.82 63.51
CA LEU NA 123 -7.95 12.23 62.25
C LEU NA 123 -6.57 11.59 62.06
N ALA NA 124 -6.03 11.72 60.86
CA ALA NA 124 -4.77 11.09 60.54
C ALA NA 124 -3.56 12.02 60.67
N GLN NA 125 -3.77 13.34 60.65
CA GLN NA 125 -2.68 14.28 60.74
C GLN NA 125 -3.27 15.63 61.12
N ALA NA 126 -2.43 16.52 61.64
CA ALA NA 126 -2.80 17.89 61.94
C ALA NA 126 -2.51 18.75 60.72
N VAL NA 127 -3.56 19.24 60.07
CA VAL NA 127 -3.45 19.91 58.78
C VAL NA 127 -3.14 21.39 59.02
N LYS NA 128 -2.02 21.85 58.49
CA LYS NA 128 -1.65 23.24 58.64
C LYS NA 128 -2.19 24.07 57.48
N TYR NA 129 -2.30 25.38 57.73
CA TYR NA 129 -2.73 26.33 56.72
C TYR NA 129 -1.89 27.58 56.86
N SER NA 130 -1.32 28.02 55.75
CA SER NA 130 -0.36 29.11 55.73
C SER NA 130 -1.15 30.43 55.79
N PRO NA 131 -0.47 31.59 55.84
CA PRO NA 131 -1.15 32.83 55.47
C PRO NA 131 -1.71 32.77 54.05
N GLN NA 132 -2.59 33.72 53.75
CA GLN NA 132 -3.89 33.48 53.12
C GLN NA 132 -3.98 32.32 52.13
N SER NA 133 -4.95 31.43 52.41
CA SER NA 133 -5.23 30.24 51.63
C SER NA 133 -6.70 29.92 51.85
N ILE NA 134 -7.30 29.23 50.90
CA ILE NA 134 -8.74 29.04 50.90
C ILE NA 134 -9.03 27.66 51.47
N LEU NA 135 -9.49 27.63 52.72
CA LEU NA 135 -9.97 26.41 53.35
C LEU NA 135 -11.43 26.21 52.97
N THR NA 136 -11.73 25.09 52.30
CA THR NA 136 -13.11 24.75 52.00
C THR NA 136 -13.31 23.27 52.25
N MET NA 137 -14.54 22.92 52.65
CA MET NA 137 -14.87 21.56 53.02
C MET NA 137 -16.14 21.13 52.31
N TYR NA 138 -16.23 19.83 52.01
CA TYR NA 138 -17.38 19.25 51.34
C TYR NA 138 -17.81 18.00 52.06
N PHE NA 139 -19.11 17.77 52.11
CA PHE NA 139 -19.71 16.66 52.86
C PHE NA 139 -20.31 15.69 51.85
N ASN NA 140 -19.67 14.52 51.69
CA ASN NA 140 -20.08 13.51 50.73
C ASN NA 140 -20.93 12.47 51.44
N PRO NA 141 -22.26 12.51 51.31
CA PRO NA 141 -23.10 11.68 52.16
C PRO NA 141 -23.28 10.26 51.64
N THR NA 142 -23.33 9.34 52.58
CA THR NA 142 -23.82 7.98 52.38
C THR NA 142 -24.87 7.71 53.45
N LYS NA 143 -25.87 6.90 53.09
CA LYS NA 143 -27.07 6.60 53.87
C LYS NA 143 -27.75 7.90 54.31
N PRO NA 144 -28.44 8.60 53.40
CA PRO NA 144 -28.96 9.93 53.72
C PRO NA 144 -30.15 9.93 54.66
N ALA NA 145 -30.71 11.11 54.91
CA ALA NA 145 -31.81 11.24 55.86
C ALA NA 145 -33.08 10.59 55.32
N THR NA 146 -33.70 9.75 56.15
CA THR NA 146 -34.91 9.05 55.75
C THR NA 146 -36.14 9.50 56.53
N ALA NA 147 -35.99 9.85 57.80
CA ALA NA 147 -37.15 10.17 58.61
C ALA NA 147 -37.64 11.57 58.34
N SER NA 148 -38.94 11.78 58.57
CA SER NA 148 -39.52 13.10 58.47
C SER NA 148 -39.08 13.96 59.66
N THR NA 149 -39.21 15.28 59.48
CA THR NA 149 -38.67 16.32 60.37
C THR NA 149 -37.18 16.08 60.64
N SER NA 150 -36.43 15.98 59.55
CA SER NA 150 -35.01 15.73 59.61
C SER NA 150 -34.26 17.01 59.98
N TYR NA 151 -32.98 16.87 60.31
CA TYR NA 151 -32.20 17.97 60.87
C TYR NA 151 -30.91 18.16 60.09
N PRO NA 152 -30.38 19.38 60.05
CA PRO NA 152 -29.11 19.61 59.37
C PRO NA 152 -27.94 19.11 60.19
N ASN NA 153 -26.83 18.85 59.49
CA ASN NA 153 -25.63 18.32 60.14
C ASN NA 153 -24.86 19.40 60.88
N THR NA 154 -23.98 18.96 61.77
CA THR NA 154 -23.04 19.83 62.48
C THR NA 154 -21.85 18.98 62.90
N VAL NA 155 -20.64 19.43 62.56
CA VAL NA 155 -19.41 18.74 62.92
C VAL NA 155 -18.42 19.76 63.45
N TYR NA 156 -17.94 19.55 64.67
CA TYR NA 156 -17.02 20.47 65.31
C TYR NA 156 -15.59 20.12 64.95
N PHE NA 157 -14.73 21.12 64.94
CA PHE NA 157 -13.29 20.93 64.80
C PHE NA 157 -12.59 21.61 65.98
N THR NA 158 -11.26 21.65 65.93
CA THR NA 158 -10.50 22.33 66.97
C THR NA 158 -9.20 22.82 66.33
N VAL NA 159 -9.03 24.14 66.31
CA VAL NA 159 -7.93 24.79 65.60
C VAL NA 159 -7.01 25.44 66.61
N VAL NA 160 -5.72 25.17 66.48
CA VAL NA 160 -4.68 25.97 67.13
C VAL NA 160 -4.36 27.13 66.20
N VAL NA 161 -4.55 28.35 66.68
CA VAL NA 161 -4.36 29.56 65.88
C VAL NA 161 -3.09 30.25 66.34
N VAL NA 162 -2.18 30.50 65.41
CA VAL NA 162 -0.91 31.15 65.70
C VAL NA 162 -1.01 32.56 65.13
N ASP NA 163 -1.22 33.55 65.99
CA ASP NA 163 -1.37 34.92 65.50
C ASP NA 163 -0.01 35.62 65.45
N PHE NA 164 0.07 36.60 64.56
CA PHE NA 164 1.29 37.40 64.41
C PHE NA 164 1.00 38.88 64.30
N SER NA 165 -0.20 39.34 64.63
CA SER NA 165 -0.60 40.71 64.35
C SER NA 165 0.09 41.73 65.25
N TYR NA 166 0.63 41.31 66.38
CA TYR NA 166 1.19 42.23 67.35
C TYR NA 166 2.71 42.15 67.41
N ALA NA 167 3.34 41.74 66.32
CA ALA NA 167 4.79 41.76 66.25
C ALA NA 167 5.29 43.18 65.95
N GLN NA 168 6.61 43.31 65.87
CA GLN NA 168 7.19 44.63 65.57
C GLN NA 168 6.92 45.06 64.13
N ASN NA 169 6.74 44.10 63.22
CA ASN NA 169 6.32 44.39 61.85
C ASN NA 169 5.54 43.18 61.37
N PRO NA 170 4.22 43.21 61.50
CA PRO NA 170 3.41 42.01 61.21
C PRO NA 170 3.11 41.81 59.73
N ALA NA 171 4.14 41.82 58.89
CA ALA NA 171 3.90 41.70 57.46
C ALA NA 171 4.72 40.59 56.86
N ARG NA 172 5.95 40.41 57.36
CA ARG NA 172 6.89 39.49 56.76
C ARG NA 172 7.44 38.47 57.75
N ALA NA 173 7.23 38.66 59.05
CA ALA NA 173 7.58 37.62 60.01
C ALA NA 173 6.67 36.42 59.88
N VAL NA 174 5.44 36.62 59.38
CA VAL NA 174 4.47 35.55 59.33
C VAL NA 174 4.75 34.56 58.21
N VAL NA 175 5.59 34.92 57.24
CA VAL NA 175 6.07 33.94 56.26
C VAL NA 175 7.52 33.52 56.53
N SER NA 176 8.27 34.30 57.30
CA SER NA 176 9.56 33.81 57.76
C SER NA 176 9.38 32.72 58.81
N ALA NA 177 8.36 32.85 59.66
CA ALA NA 177 8.05 31.80 60.61
C ALA NA 177 7.21 30.70 59.98
N ASN NA 178 6.62 30.93 58.83
CA ASN NA 178 5.93 29.85 58.12
C ASN NA 178 6.92 28.88 57.51
N ALA NA 179 8.12 29.35 57.15
CA ALA NA 179 9.11 28.48 56.56
C ALA NA 179 9.83 27.67 57.63
N VAL NA 180 10.11 28.27 58.78
CA VAL NA 180 10.88 27.58 59.82
C VAL NA 180 10.01 26.56 60.56
N MET NA 181 8.69 26.65 60.43
CA MET NA 181 7.81 25.63 60.98
C MET NA 181 7.76 24.42 60.06
N SER OA 4 -1.70 3.25 90.72
CA SER OA 4 -0.71 2.70 89.81
C SER OA 4 0.70 3.04 90.27
N VAL OA 5 0.77 3.92 91.27
CA VAL OA 5 2.07 4.36 91.80
C VAL OA 5 2.57 3.41 92.88
N THR OA 6 1.77 2.44 93.30
CA THR OA 6 2.09 1.61 94.46
C THR OA 6 3.29 0.72 94.20
N GLN OA 7 3.39 0.15 93.01
CA GLN OA 7 4.47 -0.78 92.71
C GLN OA 7 5.81 -0.09 92.51
N GLN OA 8 5.83 1.23 92.37
CA GLN OA 8 7.10 1.94 92.21
C GLN OA 8 7.72 2.32 93.55
N VAL OA 9 6.89 2.67 94.53
CA VAL OA 9 7.41 2.97 95.86
C VAL OA 9 7.61 1.71 96.68
N PHE OA 10 6.95 0.61 96.31
CA PHE OA 10 7.16 -0.64 97.02
C PHE OA 10 8.55 -1.19 96.76
N ASN OA 11 9.03 -1.11 95.53
CA ASN OA 11 10.40 -1.50 95.26
C ASN OA 11 11.39 -0.45 95.73
N PHE OA 12 10.93 0.79 95.92
CA PHE OA 12 11.77 1.80 96.52
C PHE OA 12 11.90 1.59 98.03
N ALA OA 13 10.91 0.94 98.64
CA ALA OA 13 10.96 0.71 100.07
C ALA OA 13 11.76 -0.55 100.42
N VAL OA 14 11.62 -1.62 99.64
CA VAL OA 14 12.37 -2.84 99.90
C VAL OA 14 13.84 -2.73 99.52
N THR OA 15 14.23 -1.67 98.82
CA THR OA 15 15.63 -1.50 98.44
C THR OA 15 16.35 -0.57 99.39
N LYS OA 16 15.72 0.54 99.78
CA LYS OA 16 16.39 1.52 100.62
C LYS OA 16 16.36 1.15 102.10
N SER OA 17 15.34 0.41 102.53
CA SER OA 17 15.25 0.01 103.93
C SER OA 17 15.86 -1.35 104.20
N GLN OA 18 16.37 -2.03 103.20
CA GLN OA 18 17.03 -3.30 103.41
C GLN OA 18 18.42 -3.20 104.08
N PRO OA 19 19.30 -2.24 103.77
CA PRO OA 19 20.58 -2.20 104.51
C PRO OA 19 20.46 -1.76 105.97
N PHE OA 20 19.32 -1.25 106.40
CA PHE OA 20 19.13 -0.86 107.79
C PHE OA 20 18.35 -1.88 108.59
N GLY OA 21 17.79 -2.89 107.93
CA GLY OA 21 16.86 -3.77 108.59
C GLY OA 21 15.51 -3.17 108.36
N GLY OA 22 14.67 -3.81 107.57
CA GLY OA 22 13.45 -3.14 107.17
C GLY OA 22 12.43 -4.09 106.62
N TYR OA 23 11.22 -3.98 107.12
CA TYR OA 23 10.18 -4.96 106.90
C TYR OA 23 9.02 -4.28 106.20
N VAL OA 24 8.94 -4.46 104.87
CA VAL OA 24 8.01 -3.72 104.03
C VAL OA 24 6.81 -4.59 103.74
N TYR OA 25 5.62 -4.05 103.99
CA TYR OA 25 4.39 -4.71 103.59
C TYR OA 25 3.35 -3.64 103.32
N SER OA 26 2.17 -4.07 102.88
CA SER OA 26 1.12 -3.15 102.52
C SER OA 26 -0.12 -3.45 103.35
N THR OA 27 -0.96 -2.44 103.51
CA THR OA 27 -2.17 -2.58 104.32
C THR OA 27 -3.23 -1.65 103.76
N ASN OA 28 -4.37 -1.60 104.43
CA ASN OA 28 -5.55 -0.92 103.93
C ASN OA 28 -5.98 0.15 104.91
N LEU OA 29 -6.35 1.32 104.40
CA LEU OA 29 -6.88 2.41 105.20
C LEU OA 29 -8.29 2.75 104.74
N THR OA 30 -9.18 3.03 105.68
CA THR OA 30 -10.58 3.30 105.38
C THR OA 30 -10.98 4.61 106.02
N ALA OA 31 -11.27 5.62 105.20
CA ALA OA 31 -11.72 6.92 105.68
C ALA OA 31 -13.18 7.08 105.28
N SER OA 32 -14.03 7.35 106.28
CA SER OA 32 -15.48 7.38 106.05
C SER OA 32 -16.09 8.54 106.83
N THR OA 33 -16.53 9.57 106.11
CA THR OA 33 -17.26 10.67 106.73
C THR OA 33 -18.62 10.17 107.18
N SER OA 34 -19.00 10.49 108.41
CA SER OA 34 -20.24 9.97 108.95
C SER OA 34 -21.43 10.84 108.57
N SER OA 35 -22.56 10.18 108.32
CA SER OA 35 -23.92 10.75 108.43
C SER OA 35 -24.21 11.85 107.41
N ALA OA 36 -24.08 11.51 106.12
CA ALA OA 36 -24.79 12.17 105.00
C ALA OA 36 -24.44 13.66 104.89
N VAL OA 37 -23.20 13.92 104.47
CA VAL OA 37 -22.73 15.29 104.25
C VAL OA 37 -23.59 15.99 103.19
N THR OA 38 -24.16 17.13 103.58
CA THR OA 38 -25.02 17.91 102.69
C THR OA 38 -24.68 19.39 102.62
N SER OA 39 -23.81 19.92 103.49
CA SER OA 39 -23.58 21.36 103.52
C SER OA 39 -22.14 21.77 103.31
N THR OA 40 -21.21 21.32 104.14
CA THR OA 40 -19.91 21.98 104.28
C THR OA 40 -18.83 20.96 104.59
N GLN OA 41 -17.65 21.45 104.96
CA GLN OA 41 -16.46 20.62 105.11
C GLN OA 41 -16.61 19.67 106.29
N LEU OA 42 -16.60 18.37 106.02
CA LEU OA 42 -16.73 17.31 107.02
C LEU OA 42 -15.37 16.70 107.35
N THR OA 43 -15.37 15.85 108.38
CA THR OA 43 -14.17 15.24 108.91
C THR OA 43 -14.29 13.73 108.80
N PRO OA 44 -13.44 13.03 108.05
CA PRO OA 44 -13.58 11.58 107.90
C PRO OA 44 -12.91 10.82 109.02
N LEU OA 45 -13.57 9.76 109.46
CA LEU OA 45 -13.11 8.92 110.57
C LEU OA 45 -12.15 7.88 110.00
N ASN OA 46 -10.85 8.08 110.20
CA ASN OA 46 -9.85 7.16 109.70
C ASN OA 46 -9.90 5.84 110.46
N LEU OA 47 -9.37 4.79 109.83
CA LEU OA 47 -9.28 3.47 110.44
C LEU OA 47 -8.22 2.68 109.70
N SER OA 48 -7.09 2.41 110.35
CA SER OA 48 -6.02 1.62 109.76
C SER OA 48 -5.89 0.30 110.50
N ILE OA 49 -5.26 -0.67 109.85
CA ILE OA 49 -5.03 -1.99 110.42
C ILE OA 49 -3.55 -2.30 110.26
N THR OA 50 -2.79 -2.20 111.34
CA THR OA 50 -1.42 -2.66 111.33
C THR OA 50 -1.41 -4.18 111.57
N LEU OA 51 -0.23 -4.77 111.76
CA LEU OA 51 -0.11 -6.22 111.72
C LEU OA 51 -0.75 -6.88 112.94
N GLY OA 52 -0.15 -6.70 114.11
CA GLY OA 52 -0.46 -7.53 115.26
C GLY OA 52 -1.74 -7.21 115.99
N GLN OA 53 -2.85 -7.16 115.25
CA GLN OA 53 -4.17 -6.75 115.74
C GLN OA 53 -4.09 -5.37 116.39
N ILE OA 54 -3.48 -4.44 115.66
CA ILE OA 54 -3.40 -3.05 116.04
C ILE OA 54 -4.39 -2.29 115.19
N THR OA 55 -5.45 -1.78 115.82
CA THR OA 55 -6.54 -1.11 115.12
C THR OA 55 -6.54 0.35 115.55
N LEU OA 56 -5.80 1.18 114.82
CA LEU OA 56 -5.87 2.62 115.03
C LEU OA 56 -7.19 3.14 114.46
N SER OA 57 -7.91 3.91 115.27
CA SER OA 57 -9.22 4.40 114.86
C SER OA 57 -9.35 5.89 115.11
N GLY OA 58 -10.54 6.44 114.84
CA GLY OA 58 -10.82 7.83 115.13
C GLY OA 58 -10.11 8.77 114.16
N ASN OA 59 -10.39 10.06 114.35
CA ASN OA 59 -9.69 11.09 113.59
C ASN OA 59 -8.22 11.13 114.00
N SER OA 60 -7.39 11.62 113.09
CA SER OA 60 -6.01 12.03 113.35
C SER OA 60 -5.15 10.89 113.89
N LEU OA 61 -4.90 9.92 113.01
CA LEU OA 61 -4.01 8.82 113.35
C LEU OA 61 -2.59 9.31 113.54
N VAL OA 62 -1.89 8.73 114.52
CA VAL OA 62 -0.49 8.99 114.76
C VAL OA 62 0.31 7.77 114.32
N ILE OA 63 1.31 8.00 113.49
CA ILE OA 63 2.18 6.93 113.01
C ILE OA 63 3.00 6.39 114.18
N PRO OA 64 3.10 5.08 114.36
CA PRO OA 64 3.93 4.52 115.44
C PRO OA 64 5.40 4.86 115.27
N ALA OA 65 6.13 4.76 116.37
CA ALA OA 65 7.48 5.31 116.45
C ALA OA 65 8.54 4.47 115.75
N THR OA 66 8.16 3.39 115.07
CA THR OA 66 9.11 2.55 114.35
C THR OA 66 8.73 2.33 112.90
N GLN OA 67 7.79 3.11 112.37
CA GLN OA 67 7.25 2.87 111.04
C GLN OA 67 7.32 4.13 110.20
N ILE OA 68 7.49 3.94 108.90
CA ILE OA 68 7.49 5.01 107.90
C ILE OA 68 6.42 4.68 106.89
N TRP OA 69 5.29 5.36 106.96
CA TRP OA 69 4.18 4.99 106.10
C TRP OA 69 4.32 5.67 104.74
N TYR OA 70 3.51 5.21 103.79
CA TYR OA 70 3.37 5.84 102.48
C TYR OA 70 1.92 5.69 102.06
N LEU OA 71 1.27 6.78 101.72
CA LEU OA 71 -0.12 6.73 101.25
C LEU OA 71 -0.09 6.84 99.74
N THR OA 72 -0.52 5.78 99.05
CA THR OA 72 -0.24 5.64 97.63
C THR OA 72 -1.43 5.85 96.71
N ASP OA 73 -2.50 5.07 96.85
CA ASP OA 73 -3.64 5.20 95.94
C ASP OA 73 -4.94 5.14 96.72
N ALA OA 74 -6.04 5.19 95.98
CA ALA OA 74 -7.38 5.17 96.55
C ALA OA 74 -8.34 4.63 95.52
N TYR OA 75 -9.47 4.11 95.99
CA TYR OA 75 -10.48 3.58 95.10
C TYR OA 75 -11.83 3.64 95.79
N VAL OA 76 -12.88 3.84 95.02
CA VAL OA 76 -14.25 3.87 95.51
C VAL OA 76 -15.00 2.71 94.87
N SER OA 77 -15.69 1.93 95.70
CA SER OA 77 -16.40 0.76 95.19
C SER OA 77 -17.64 1.18 94.41
N VAL OA 78 -18.19 0.22 93.66
CA VAL OA 78 -19.39 0.41 92.85
C VAL OA 78 -20.64 0.74 93.68
N PRO OA 79 -20.97 0.05 94.79
CA PRO OA 79 -22.18 0.45 95.53
C PRO OA 79 -22.11 1.82 96.21
N ASP OA 80 -20.97 2.50 96.20
CA ASP OA 80 -20.96 3.93 96.52
C ASP OA 80 -21.18 4.77 95.27
N TYR OA 81 -20.57 4.38 94.15
CA TYR OA 81 -20.66 5.16 92.92
C TYR OA 81 -22.06 5.11 92.32
N THR OA 82 -22.83 4.05 92.60
CA THR OA 82 -24.22 4.05 92.18
C THR OA 82 -25.08 4.94 93.07
N ASN OA 83 -24.57 5.35 94.23
CA ASN OA 83 -25.30 6.29 95.06
C ASN OA 83 -24.93 7.73 94.78
N ILE OA 84 -23.75 7.97 94.22
CA ILE OA 84 -23.35 9.33 93.87
C ILE OA 84 -24.20 9.84 92.71
N THR OA 85 -24.40 9.00 91.69
CA THR OA 85 -25.16 9.40 90.51
C THR OA 85 -26.65 9.53 90.78
N ASN OA 86 -27.16 8.89 91.82
CA ASN OA 86 -28.53 9.11 92.25
C ASN OA 86 -28.66 10.29 93.19
N GLY OA 87 -27.55 10.91 93.57
CA GLY OA 87 -27.60 11.98 94.54
C GLY OA 87 -27.83 11.52 95.96
N ALA OA 88 -27.61 10.24 96.25
CA ALA OA 88 -27.80 9.72 97.59
C ALA OA 88 -26.59 9.93 98.48
N GLU OA 89 -25.44 10.28 97.92
CA GLU OA 89 -24.33 10.75 98.73
C GLU OA 89 -23.50 11.73 97.91
N ALA OA 90 -22.68 12.50 98.60
CA ALA OA 90 -22.10 13.70 98.04
C ALA OA 90 -20.81 13.40 97.27
N ASP OA 91 -20.55 14.23 96.27
CA ASP OA 91 -19.28 14.23 95.55
C ASP OA 91 -18.31 15.11 96.32
N GLY OA 92 -17.14 15.38 95.74
CA GLY OA 92 -16.18 16.25 96.35
C GLY OA 92 -14.79 15.67 96.27
N VAL OA 93 -13.86 16.32 96.96
CA VAL OA 93 -12.47 15.89 96.98
C VAL OA 93 -12.10 15.58 98.43
N ILE OA 94 -10.86 15.16 98.65
CA ILE OA 94 -10.38 14.86 100.00
C ILE OA 94 -9.00 15.48 100.15
N LEU OA 95 -8.81 16.27 101.19
CA LEU OA 95 -7.56 16.94 101.47
C LEU OA 95 -6.74 16.10 102.44
N ILE OA 96 -5.43 16.07 102.23
CA ILE OA 96 -4.53 15.23 103.02
C ILE OA 96 -3.57 16.15 103.76
N TYR OA 97 -3.69 16.19 105.09
CA TYR OA 97 -2.91 17.07 105.94
C TYR OA 97 -1.84 16.29 106.69
N LYS OA 98 -0.71 16.96 106.93
CA LYS OA 98 0.39 16.39 107.69
C LYS OA 98 0.79 17.40 108.74
N ASP OA 99 0.94 16.93 109.98
CA ASP OA 99 1.24 17.72 111.18
C ASP OA 99 0.17 18.77 111.49
N GLY OA 100 -1.05 18.60 110.97
CA GLY OA 100 -2.12 19.53 111.21
C GLY OA 100 -2.04 20.85 110.49
N VAL OA 101 -0.91 21.20 109.88
CA VAL OA 101 -0.71 22.51 109.26
C VAL OA 101 -0.53 22.42 107.75
N LYS OA 102 0.37 21.54 107.28
CA LYS OA 102 0.67 21.49 105.86
C LYS OA 102 -0.41 20.70 105.13
N LEU OA 103 -0.91 21.25 104.02
CA LEU OA 103 -1.76 20.52 103.10
C LEU OA 103 -0.87 19.97 101.98
N MET OA 104 -0.95 18.68 101.73
CA MET OA 104 0.01 18.04 100.85
C MET OA 104 -0.57 17.52 99.55
N LEU OA 105 -1.81 17.05 99.52
CA LEU OA 105 -2.41 16.54 98.31
C LEU OA 105 -3.91 16.81 98.31
N THR OA 106 -4.52 16.53 97.16
CA THR OA 106 -5.97 16.57 97.01
C THR OA 106 -6.37 15.42 96.10
N THR OA 107 -7.28 14.59 96.57
CA THR OA 107 -7.71 13.46 95.76
C THR OA 107 -8.63 13.94 94.65
N PRO OA 108 -8.36 13.62 93.40
CA PRO OA 108 -9.09 14.23 92.29
C PRO OA 108 -10.50 13.70 92.07
N LEU OA 109 -11.49 14.28 92.76
CA LEU OA 109 -12.91 14.06 92.50
C LEU OA 109 -13.33 12.61 92.68
N ILE OA 110 -13.51 12.20 93.93
CA ILE OA 110 -13.77 10.81 94.35
C ILE OA 110 -14.91 10.08 93.63
N SER OA 111 -15.79 10.81 92.93
CA SER OA 111 -16.72 10.13 92.05
C SER OA 111 -16.04 9.61 90.79
N SER OA 112 -14.87 10.13 90.44
CA SER OA 112 -14.13 9.66 89.27
C SER OA 112 -13.06 8.66 89.63
N MET OA 113 -12.85 8.39 90.91
CA MET OA 113 -11.94 7.34 91.34
C MET OA 113 -12.64 6.01 91.51
N SER OA 114 -13.85 5.89 90.96
CA SER OA 114 -14.66 4.69 91.09
C SER OA 114 -13.99 3.52 90.40
N ILE OA 115 -14.40 2.32 90.81
CA ILE OA 115 -13.76 1.11 90.32
C ILE OA 115 -14.37 0.65 89.01
N SER OA 116 -15.47 1.25 88.58
CA SER OA 116 -16.09 0.94 87.30
C SER OA 116 -15.83 2.00 86.24
N ASN OA 117 -15.01 3.01 86.53
CA ASN OA 117 -14.62 3.97 85.51
C ASN OA 117 -13.49 3.40 84.67
N PRO OA 118 -13.64 3.26 83.35
CA PRO OA 118 -12.53 2.75 82.54
C PRO OA 118 -11.33 3.67 82.50
N ALA OA 119 -11.53 4.97 82.69
CA ALA OA 119 -10.43 5.88 83.01
C ALA OA 119 -10.49 6.16 84.51
N ARG OA 120 -9.98 5.21 85.29
CA ARG OA 120 -9.91 5.37 86.72
C ARG OA 120 -8.75 6.30 87.06
N THR OA 121 -9.05 7.42 87.69
CA THR OA 121 -8.04 8.38 88.08
C THR OA 121 -7.25 7.88 89.29
N HIS OA 122 -5.95 8.16 89.31
CA HIS OA 122 -5.08 7.76 90.39
C HIS OA 122 -4.52 9.01 91.07
N LEU OA 123 -3.66 8.79 92.05
CA LEU OA 123 -2.99 9.90 92.73
C LEU OA 123 -1.72 10.28 91.99
N ALA OA 124 -1.26 11.50 92.24
CA ALA OA 124 -0.11 12.03 91.50
C ALA OA 124 1.19 11.43 92.01
N GLN OA 125 1.54 11.71 93.27
CA GLN OA 125 2.68 11.11 93.91
C GLN OA 125 2.26 10.69 95.31
N ALA OA 126 2.82 9.59 95.79
CA ALA OA 126 2.53 9.11 97.12
C ALA OA 126 3.16 10.01 98.17
N VAL OA 127 2.43 10.26 99.25
CA VAL OA 127 2.89 11.16 100.30
C VAL OA 127 3.55 10.37 101.41
N LYS OA 128 4.76 10.77 101.76
CA LYS OA 128 5.51 10.10 102.81
C LYS OA 128 5.05 10.58 104.18
N TYR OA 129 5.01 9.68 105.14
CA TYR OA 129 4.74 10.02 106.52
C TYR OA 129 5.85 9.48 107.40
N SER OA 130 6.53 10.36 108.12
CA SER OA 130 7.63 9.99 108.98
C SER OA 130 7.09 9.37 110.26
N PRO OA 131 7.95 8.90 111.17
CA PRO OA 131 7.50 8.60 112.54
C PRO OA 131 6.93 9.82 113.24
N GLN OA 132 6.38 9.56 114.42
CA GLN OA 132 5.07 10.02 114.87
C GLN OA 132 4.70 11.43 114.43
N SER OA 133 3.58 11.50 113.71
CA SER OA 133 3.17 12.67 112.95
C SER OA 133 1.68 12.52 112.67
N ILE OA 134 0.94 13.60 112.83
CA ILE OA 134 -0.52 13.52 112.75
C ILE OA 134 -0.94 13.44 111.28
N LEU OA 135 -1.66 12.37 110.93
CA LEU OA 135 -2.31 12.23 109.64
C LEU OA 135 -3.79 12.52 109.84
N THR OA 136 -4.25 13.67 109.36
CA THR OA 136 -5.67 13.96 109.36
C THR OA 136 -6.11 14.33 107.95
N MET OA 137 -7.39 14.10 107.69
CA MET OA 137 -7.98 14.35 106.38
C MET OA 137 -9.23 15.18 106.53
N TYR OA 138 -9.74 15.67 105.39
CA TYR OA 138 -10.94 16.47 105.37
C TYR OA 138 -11.68 16.23 104.07
N PHE OA 139 -13.00 16.44 104.10
CA PHE OA 139 -13.86 16.19 102.94
C PHE OA 139 -14.51 17.50 102.53
N ASN OA 140 -14.23 17.95 101.32
CA ASN OA 140 -14.75 19.21 100.81
C ASN OA 140 -15.83 18.95 99.78
N PRO OA 141 -17.11 19.02 100.14
CA PRO OA 141 -18.16 18.56 99.23
C PRO OA 141 -18.49 19.60 98.16
N THR OA 142 -18.37 19.19 96.91
CA THR OA 142 -18.96 19.90 95.79
C THR OA 142 -20.09 19.03 95.26
N LYS OA 143 -21.21 19.68 94.90
CA LYS OA 143 -22.49 19.05 94.59
C LYS OA 143 -22.91 18.09 95.71
N PRO OA 144 -23.37 18.60 96.85
CA PRO OA 144 -23.68 17.72 97.98
C PRO OA 144 -24.94 16.91 97.74
N ALA OA 145 -25.22 16.04 98.70
CA ALA OA 145 -26.32 15.09 98.57
C ALA OA 145 -27.66 15.81 98.64
N THR OA 146 -28.51 15.56 97.65
CA THR OA 146 -29.84 16.16 97.58
C THR OA 146 -30.97 15.18 97.75
N ALA OA 147 -30.72 13.88 97.61
CA ALA OA 147 -31.79 12.91 97.72
C ALA OA 147 -32.12 12.63 99.17
N SER OA 148 -33.35 12.20 99.42
CA SER OA 148 -33.73 11.73 100.74
C SER OA 148 -33.24 10.30 100.92
N THR OA 149 -33.21 9.88 102.20
CA THR OA 149 -32.62 8.60 102.65
C THR OA 149 -31.19 8.46 102.15
N SER OA 150 -30.35 9.39 102.57
CA SER OA 150 -28.99 9.48 102.06
C SER OA 150 -28.09 8.47 102.76
N TYR OA 151 -26.83 8.44 102.36
CA TYR OA 151 -25.85 7.50 102.88
C TYR OA 151 -24.52 8.22 103.11
N PRO OA 152 -23.71 7.74 104.03
CA PRO OA 152 -22.38 8.34 104.23
C PRO OA 152 -21.41 7.98 103.12
N ASN OA 153 -20.29 8.69 103.11
CA ASN OA 153 -19.20 8.38 102.18
C ASN OA 153 -18.25 7.36 102.77
N THR OA 154 -17.55 6.66 101.88
CA THR OA 154 -16.51 5.69 102.27
C THR OA 154 -15.48 5.65 101.15
N VAL OA 155 -14.25 6.03 101.45
CA VAL OA 155 -13.17 6.07 100.47
C VAL OA 155 -11.99 5.30 101.02
N TYR OA 156 -11.66 4.18 100.38
CA TYR OA 156 -10.58 3.33 100.83
C TYR OA 156 -9.25 3.80 100.24
N PHE OA 157 -8.18 3.54 100.97
CA PHE OA 157 -6.84 3.94 100.57
C PHE OA 157 -5.95 2.71 100.52
N THR OA 158 -4.65 2.94 100.38
CA THR OA 158 -3.68 1.85 100.34
C THR OA 158 -2.36 2.36 100.90
N VAL OA 159 -1.90 1.76 101.99
CA VAL OA 159 -0.73 2.24 102.72
C VAL OA 159 0.41 1.24 102.56
N VAL OA 160 1.60 1.75 102.28
CA VAL OA 160 2.82 0.95 102.33
C VAL OA 160 3.50 1.24 103.66
N VAL OA 161 3.67 0.21 104.47
CA VAL OA 161 4.20 0.33 105.83
C VAL OA 161 5.60 -0.25 105.86
N VAL OA 162 6.56 0.52 106.32
CA VAL OA 162 7.94 0.07 106.45
C VAL OA 162 8.25 -0.06 107.93
N ASP OA 163 8.08 -1.25 108.48
CA ASP OA 163 8.33 -1.52 109.90
C ASP OA 163 9.81 -1.76 110.14
N PHE OA 164 10.26 -1.44 111.36
CA PHE OA 164 11.66 -1.54 111.73
C PHE OA 164 11.84 -2.27 113.04
N SER OA 165 10.85 -3.07 113.46
CA SER OA 165 10.88 -3.62 114.81
C SER OA 165 11.89 -4.76 114.97
N TYR OA 166 12.42 -5.31 113.87
CA TYR OA 166 13.34 -6.43 113.95
C TYR OA 166 14.78 -6.06 113.66
N ALA OA 167 15.09 -4.76 113.61
CA ALA OA 167 16.48 -4.37 113.37
C ALA OA 167 17.30 -4.61 114.64
N GLN OA 168 18.62 -4.42 114.49
CA GLN OA 168 19.51 -4.60 115.63
C GLN OA 168 19.30 -3.50 116.68
N ASN OA 169 18.99 -2.29 116.23
CA ASN OA 169 18.70 -1.18 117.13
C ASN OA 169 17.54 -0.39 116.53
N PRO OA 170 16.31 -0.69 116.94
CA PRO OA 170 15.13 -0.12 116.25
C PRO OA 170 14.93 1.37 116.45
N ALA OA 171 15.72 2.03 117.28
CA ALA OA 171 15.58 3.47 117.48
C ALA OA 171 16.56 4.27 116.63
N ARG OA 172 17.80 3.82 116.52
CA ARG OA 172 18.76 4.51 115.67
C ARG OA 172 18.66 4.08 114.21
N ALA OA 173 17.98 2.97 113.93
CA ALA OA 173 17.82 2.57 112.54
C ALA OA 173 16.68 3.32 111.87
N VAL OA 174 15.67 3.71 112.63
CA VAL OA 174 14.54 4.46 112.07
C VAL OA 174 14.99 5.84 111.63
N VAL OA 175 15.68 6.57 112.51
CA VAL OA 175 16.10 7.94 112.20
C VAL OA 175 17.29 8.00 111.27
N SER OA 176 17.87 6.85 110.91
CA SER OA 176 18.91 6.80 109.90
C SER OA 176 18.40 6.39 108.53
N ALA OA 177 17.25 5.71 108.48
CA ALA OA 177 16.63 5.36 107.20
C ALA OA 177 15.62 6.40 106.75
N ASN OA 178 15.06 7.17 107.69
CA ASN OA 178 14.19 8.27 107.34
C ASN OA 178 14.95 9.38 106.61
N ALA OA 179 16.25 9.52 106.88
CA ALA OA 179 17.02 10.55 106.21
C ALA OA 179 17.35 10.18 104.78
N VAL OA 180 17.30 8.89 104.42
CA VAL OA 180 17.63 8.47 103.07
C VAL OA 180 16.41 8.02 102.27
N MET OA 181 15.33 7.61 102.93
CA MET OA 181 14.14 7.21 102.20
C MET OA 181 13.26 8.42 101.90
N SER PA 4 -0.65 12.32 82.38
CA SER PA 4 0.35 12.84 83.29
C SER PA 4 0.96 14.12 82.75
N VAL PA 5 0.12 14.99 82.18
CA VAL PA 5 0.60 16.32 81.83
C VAL PA 5 0.67 17.20 83.06
N THR PA 6 -0.06 16.86 84.13
CA THR PA 6 0.16 17.53 85.40
C THR PA 6 1.47 17.10 86.03
N GLN PA 7 1.83 15.83 85.87
CA GLN PA 7 3.06 15.32 86.46
C GLN PA 7 4.30 15.79 85.70
N GLN PA 8 4.15 16.30 84.49
CA GLN PA 8 5.28 16.97 83.86
C GLN PA 8 5.43 18.38 84.39
N VAL PA 9 4.32 18.98 84.83
CA VAL PA 9 4.35 20.31 85.43
C VAL PA 9 4.70 20.22 86.91
N PHE PA 10 4.23 19.17 87.59
CA PHE PA 10 4.54 18.98 89.00
C PHE PA 10 6.02 18.73 89.22
N ASN PA 11 6.60 17.81 88.45
CA ASN PA 11 8.02 17.51 88.61
C ASN PA 11 8.92 18.64 88.11
N PHE PA 12 8.38 19.55 87.32
CA PHE PA 12 9.12 20.75 86.94
C PHE PA 12 9.09 21.79 88.05
N ALA PA 13 8.01 21.82 88.84
CA ALA PA 13 7.89 22.82 89.89
C ALA PA 13 8.69 22.44 91.13
N VAL PA 14 8.79 21.15 91.45
CA VAL PA 14 9.65 20.73 92.55
C VAL PA 14 11.12 20.85 92.20
N THR PA 15 11.47 20.88 90.92
CA THR PA 15 12.87 20.94 90.54
C THR PA 15 13.40 22.36 90.52
N LYS PA 16 12.59 23.33 90.14
CA LYS PA 16 13.06 24.71 90.04
C LYS PA 16 12.80 25.54 91.28
N SER PA 17 11.70 25.31 91.98
CA SER PA 17 11.37 26.09 93.17
C SER PA 17 12.04 25.55 94.43
N GLN PA 18 12.88 24.54 94.31
CA GLN PA 18 13.55 23.96 95.47
C GLN PA 18 14.76 24.76 95.99
N PRO PA 19 15.68 25.33 95.16
CA PRO PA 19 16.79 26.07 95.77
C PRO PA 19 16.37 27.36 96.46
N PHE PA 20 15.28 27.98 96.03
CA PHE PA 20 14.80 29.19 96.67
C PHE PA 20 13.87 28.90 97.83
N GLY PA 21 13.48 27.64 98.02
CA GLY PA 21 12.58 27.28 99.08
C GLY PA 21 11.17 27.52 98.60
N GLY PA 22 10.37 26.47 98.51
CA GLY PA 22 9.06 26.64 97.94
C GLY PA 22 8.18 25.44 98.13
N TYR PA 23 6.97 25.67 98.60
CA TYR PA 23 6.03 24.61 98.87
C TYR PA 23 5.21 24.35 97.62
N VAL PA 24 5.34 23.16 97.05
CA VAL PA 24 4.66 22.79 95.81
C VAL PA 24 3.60 21.76 96.13
N TYR PA 25 2.36 22.04 95.77
CA TYR PA 25 1.28 21.10 95.97
C TYR PA 25 0.16 21.41 94.97
N SER PA 26 -0.71 20.43 94.78
CA SER PA 26 -1.77 20.53 93.79
C SER PA 26 -3.12 20.59 94.48
N THR PA 27 -4.04 21.37 93.91
CA THR PA 27 -5.39 21.48 94.46
C THR PA 27 -6.37 21.54 93.29
N ASN PA 28 -7.65 21.68 93.62
CA ASN PA 28 -8.73 21.52 92.65
C ASN PA 28 -9.61 22.76 92.66
N LEU PA 29 -9.80 23.37 91.50
CA LEU PA 29 -10.54 24.61 91.33
C LEU PA 29 -11.88 24.34 90.67
N THR PA 30 -12.93 24.98 91.17
CA THR PA 30 -14.30 24.72 90.74
C THR PA 30 -14.89 25.98 90.14
N ALA PA 31 -15.25 25.91 88.85
CA ALA PA 31 -15.89 27.02 88.15
C ALA PA 31 -17.32 26.60 87.86
N SER PA 32 -18.28 27.26 88.50
CA SER PA 32 -19.69 26.88 88.41
C SER PA 32 -20.52 28.05 87.92
N THR PA 33 -20.98 27.98 86.68
CA THR PA 33 -21.98 28.91 86.18
C THR PA 33 -23.29 28.67 86.90
N SER PA 34 -23.81 29.71 87.54
CA SER PA 34 -24.91 29.54 88.48
C SER PA 34 -26.27 29.67 87.80
N SER PA 35 -27.22 28.86 88.29
CA SER PA 35 -28.67 29.00 88.06
C SER PA 35 -29.07 28.91 86.60
N ALA PA 36 -28.76 27.76 85.98
CA ALA PA 36 -29.45 27.23 84.79
C ALA PA 36 -29.35 28.18 83.58
N VAL PA 37 -28.12 28.29 83.08
CA VAL PA 37 -27.86 29.10 81.88
C VAL PA 37 -28.63 28.56 80.69
N THR PA 38 -29.44 29.43 80.08
CA THR PA 38 -30.31 29.04 78.98
C THR PA 38 -30.29 29.98 77.77
N SER PA 39 -29.68 31.16 77.86
CA SER PA 39 -29.77 32.10 76.74
C SER PA 39 -28.41 32.49 76.16
N THR PA 40 -27.50 33.03 76.95
CA THR PA 40 -26.33 33.70 76.37
C THR PA 40 -25.17 33.67 77.35
N GLN PA 41 -24.13 34.45 77.03
CA GLN PA 41 -22.83 34.35 77.70
C GLN PA 41 -22.91 34.80 79.15
N LEU PA 42 -22.44 33.93 80.05
CA LEU PA 42 -22.50 34.21 81.48
C LEU PA 42 -21.09 34.05 82.05
N THR PA 43 -20.95 34.16 83.38
CA THR PA 43 -19.66 34.18 84.03
C THR PA 43 -19.66 33.27 85.25
N PRO PA 44 -18.80 32.25 85.29
CA PRO PA 44 -18.83 31.29 86.40
C PRO PA 44 -17.99 31.71 87.58
N LEU PA 45 -18.41 31.22 88.76
CA LEU PA 45 -17.79 31.56 90.03
C LEU PA 45 -16.61 30.64 90.29
N ASN PA 46 -15.39 31.15 90.16
CA ASN PA 46 -14.22 30.37 90.49
C ASN PA 46 -14.13 30.15 91.99
N LEU PA 47 -13.63 28.99 92.39
CA LEU PA 47 -13.59 28.63 93.81
C LEU PA 47 -12.43 27.67 94.03
N SER PA 48 -11.28 28.21 94.45
CA SER PA 48 -10.11 27.40 94.71
C SER PA 48 -10.02 27.05 96.19
N ILE PA 49 -9.25 26.00 96.48
CA ILE PA 49 -9.03 25.55 97.86
C ILE PA 49 -7.53 25.61 98.10
N THR PA 50 -7.07 26.68 98.73
CA THR PA 50 -5.66 26.81 99.08
C THR PA 50 -5.39 26.07 100.40
N LEU PA 51 -4.21 26.33 100.98
CA LEU PA 51 -3.71 25.48 102.07
C LEU PA 51 -4.48 25.67 103.37
N GLY PA 52 -4.41 26.86 103.94
CA GLY PA 52 -4.81 27.04 105.33
C GLY PA 52 -6.29 27.26 105.54
N GLN PA 53 -7.11 26.25 105.28
CA GLN PA 53 -8.54 26.18 105.59
C GLN PA 53 -9.37 27.28 104.94
N ILE PA 54 -8.82 28.03 103.99
CA ILE PA 54 -9.48 29.16 103.38
C ILE PA 54 -9.90 28.81 101.96
N THR PA 55 -10.94 29.49 101.48
CA THR PA 55 -11.57 29.19 100.19
C THR PA 55 -11.85 30.50 99.47
N LEU PA 56 -11.11 30.75 98.39
CA LEU PA 56 -11.28 31.98 97.61
C LEU PA 56 -12.44 31.77 96.64
N SER PA 57 -13.59 32.33 96.95
CA SER PA 57 -14.75 32.22 96.10
C SER PA 57 -14.88 33.47 95.23
N GLY PA 58 -16.00 33.58 94.52
CA GLY PA 58 -16.27 34.74 93.70
C GLY PA 58 -15.51 34.73 92.38
N ASN PA 59 -15.94 35.63 91.50
CA ASN PA 59 -15.29 35.81 90.21
C ASN PA 59 -13.90 36.40 90.40
N SER PA 60 -13.06 36.22 89.37
CA SER PA 60 -11.81 36.97 89.18
C SER PA 60 -10.83 36.80 90.34
N LEU PA 61 -10.33 35.58 90.48
CA LEU PA 61 -9.40 35.27 91.55
C LEU PA 61 -8.09 36.03 91.37
N VAL PA 62 -7.73 36.80 92.39
CA VAL PA 62 -6.49 37.55 92.38
C VAL PA 62 -5.40 36.65 92.94
N ILE PA 63 -4.34 36.48 92.19
CA ILE PA 63 -3.22 35.68 92.65
C ILE PA 63 -2.43 36.49 93.68
N PRO PA 64 -2.07 35.91 94.83
CA PRO PA 64 -1.27 36.65 95.81
C PRO PA 64 0.13 36.91 95.29
N ALA PA 65 0.80 37.85 95.95
CA ALA PA 65 2.10 38.31 95.48
C ALA PA 65 3.24 37.34 95.79
N THR PA 66 2.96 36.21 96.43
CA THR PA 66 3.99 35.25 96.80
C THR PA 66 3.73 33.87 96.22
N GLN PA 67 2.81 33.73 95.27
CA GLN PA 67 2.42 32.44 94.77
C GLN PA 67 2.39 32.42 93.25
N ILE PA 68 2.59 31.23 92.69
CA ILE PA 68 2.55 30.98 91.26
C ILE PA 68 1.60 29.81 91.02
N TRP PA 69 0.64 29.99 90.12
CA TRP PA 69 -0.35 28.96 89.85
C TRP PA 69 -0.10 28.35 88.48
N TYR PA 70 -0.75 27.22 88.21
CA TYR PA 70 -0.63 26.52 86.94
C TYR PA 70 -1.93 25.79 86.66
N LEU PA 71 -2.68 26.23 85.66
CA LEU PA 71 -3.89 25.54 85.26
C LEU PA 71 -3.51 24.44 84.28
N THR PA 72 -3.70 23.18 84.67
CA THR PA 72 -3.13 22.06 83.93
C THR PA 72 -4.14 21.17 83.22
N ASP PA 73 -5.26 20.82 83.86
CA ASP PA 73 -6.26 19.97 83.21
C ASP PA 73 -7.65 20.42 83.59
N ALA PA 74 -8.64 19.82 82.93
CA ALA PA 74 -10.05 20.08 83.20
C ALA PA 74 -10.85 18.87 82.79
N TYR PA 75 -11.98 18.66 83.47
CA TYR PA 75 -12.87 17.55 83.15
C TYR PA 75 -14.26 17.93 83.63
N VAL PA 76 -15.20 16.98 83.53
CA VAL PA 76 -16.59 17.17 83.92
C VAL PA 76 -17.01 15.91 84.67
N SER PA 77 -17.73 16.09 85.78
CA SER PA 77 -18.23 14.95 86.53
C SER PA 77 -19.26 14.17 85.72
N VAL PA 78 -19.33 12.88 86.01
CA VAL PA 78 -20.20 11.95 85.28
C VAL PA 78 -21.69 12.23 85.50
N PRO PA 79 -22.19 12.62 86.69
CA PRO PA 79 -23.60 13.07 86.73
C PRO PA 79 -23.87 14.37 86.02
N ASP PA 80 -22.85 15.17 85.70
CA ASP PA 80 -23.08 16.34 84.87
C ASP PA 80 -23.09 15.99 83.40
N TYR PA 81 -22.27 15.03 82.99
CA TYR PA 81 -22.29 14.56 81.60
C TYR PA 81 -23.59 13.82 81.29
N THR PA 82 -24.21 13.21 82.29
CA THR PA 82 -25.56 12.69 82.12
C THR PA 82 -26.55 13.81 81.87
N ASN PA 83 -26.36 14.95 82.53
CA ASN PA 83 -27.34 16.02 82.46
C ASN PA 83 -27.17 16.89 81.24
N ILE PA 84 -25.97 16.97 80.67
CA ILE PA 84 -25.78 17.73 79.44
C ILE PA 84 -26.48 17.05 78.29
N THR PA 85 -26.26 15.74 78.12
CA THR PA 85 -26.84 15.00 77.02
C THR PA 85 -28.33 14.77 77.19
N ASN PA 86 -28.86 14.89 78.40
CA ASN PA 86 -30.29 14.81 78.61
C ASN PA 86 -30.98 16.14 78.39
N GLY PA 87 -30.24 17.21 78.17
CA GLY PA 87 -30.83 18.52 78.07
C GLY PA 87 -31.26 19.12 79.39
N ALA PA 88 -30.70 18.63 80.49
CA ALA PA 88 -30.99 19.17 81.81
C ALA PA 88 -30.02 20.26 82.21
N GLU PA 89 -28.95 20.49 81.45
CA GLU PA 89 -28.11 21.66 81.64
C GLU PA 89 -27.47 22.00 80.31
N ALA PA 90 -26.82 23.16 80.26
CA ALA PA 90 -26.37 23.71 78.99
C ALA PA 90 -24.99 23.18 78.62
N ASP PA 91 -24.77 23.09 77.32
CA ASP PA 91 -23.46 22.80 76.75
C ASP PA 91 -22.82 24.12 76.31
N GLY PA 92 -21.56 24.04 75.89
CA GLY PA 92 -20.88 25.21 75.39
C GLY PA 92 -19.40 25.12 75.70
N VAL PA 93 -18.71 26.21 75.39
CA VAL PA 93 -17.27 26.29 75.57
C VAL PA 93 -16.98 27.19 76.76
N ILE PA 94 -15.70 27.22 77.15
CA ILE PA 94 -15.25 28.04 78.28
C ILE PA 94 -14.05 28.85 77.82
N LEU PA 95 -14.12 30.16 78.00
CA LEU PA 95 -13.05 31.08 77.62
C LEU PA 95 -12.23 31.42 78.85
N ILE PA 96 -10.91 31.33 78.72
CA ILE PA 96 -9.99 31.47 79.85
C ILE PA 96 -9.10 32.67 79.61
N TYR PA 97 -9.21 33.68 80.46
CA TYR PA 97 -8.53 34.96 80.31
C TYR PA 97 -7.44 35.14 81.36
N LYS PA 98 -6.50 36.03 81.04
CA LYS PA 98 -5.39 36.36 81.93
C LYS PA 98 -5.30 37.87 82.01
N ASP PA 99 -5.17 38.40 83.22
CA ASP PA 99 -5.19 39.83 83.54
C ASP PA 99 -6.47 40.51 83.04
N GLY PA 100 -7.57 39.76 82.92
CA GLY PA 100 -8.82 40.29 82.45
C GLY PA 100 -8.86 40.66 80.98
N VAL PA 101 -7.81 40.41 80.21
CA VAL PA 101 -7.74 40.87 78.82
C VAL PA 101 -7.38 39.71 77.89
N LYS PA 102 -6.24 39.08 78.14
CA LYS PA 102 -5.62 38.18 77.16
C LYS PA 102 -6.34 36.85 77.13
N LEU PA 103 -6.96 36.54 75.98
CA LEU PA 103 -7.53 35.21 75.79
C LEU PA 103 -6.42 34.21 75.56
N MET PA 104 -6.47 33.07 76.23
CA MET PA 104 -5.46 32.04 76.03
C MET PA 104 -6.00 30.68 75.64
N LEU PA 105 -7.22 30.32 76.03
CA LEU PA 105 -7.72 28.99 75.76
C LEU PA 105 -9.20 29.04 75.40
N THR PA 106 -9.66 27.96 74.81
CA THR PA 106 -11.09 27.71 74.63
C THR PA 106 -11.27 26.21 74.79
N THR PA 107 -11.97 25.79 75.83
CA THR PA 107 -12.13 24.38 76.09
C THR PA 107 -13.10 23.77 75.08
N PRO PA 108 -12.75 22.66 74.47
CA PRO PA 108 -13.59 22.10 73.41
C PRO PA 108 -14.86 21.43 73.90
N LEU PA 109 -15.93 22.22 74.09
CA LEU PA 109 -17.31 21.73 74.16
C LEU PA 109 -17.54 20.75 75.31
N ILE PA 110 -17.67 21.27 76.54
CA ILE PA 110 -17.55 20.56 77.82
C ILE PA 110 -18.29 19.23 77.95
N SER PA 111 -19.27 18.97 77.08
CA SER PA 111 -19.82 17.62 76.97
C SER PA 111 -18.79 16.62 76.50
N SER PA 112 -17.77 17.06 75.77
CA SER PA 112 -16.77 16.14 75.24
C SER PA 112 -15.77 15.70 76.30
N MET PA 113 -15.41 16.57 77.23
CA MET PA 113 -14.42 16.25 78.26
C MET PA 113 -15.09 15.72 79.52
N SER PA 114 -15.77 14.59 79.35
CA SER PA 114 -16.25 13.81 80.47
C SER PA 114 -15.17 12.83 80.88
N ILE PA 115 -15.06 12.58 82.19
CA ILE PA 115 -13.92 11.86 82.72
C ILE PA 115 -14.00 10.36 82.45
N SER PA 116 -15.19 9.82 82.16
CA SER PA 116 -15.32 8.39 81.94
C SER PA 116 -14.79 7.94 80.59
N ASN PA 117 -14.59 8.83 79.65
CA ASN PA 117 -14.06 8.36 78.37
C ASN PA 117 -12.54 8.34 78.43
N PRO PA 118 -11.90 7.22 78.08
CA PRO PA 118 -10.45 7.24 77.92
C PRO PA 118 -10.00 8.06 76.71
N ALA PA 119 -10.85 8.19 75.69
CA ALA PA 119 -10.58 9.06 74.56
C ALA PA 119 -11.27 10.41 74.75
N ARG PA 120 -10.78 11.13 75.76
CA ARG PA 120 -11.32 12.42 76.16
C ARG PA 120 -10.33 13.50 75.76
N THR PA 121 -10.82 14.54 75.08
CA THR PA 121 -9.96 15.64 74.69
C THR PA 121 -9.67 16.53 75.90
N HIS PA 122 -8.40 16.79 76.13
CA HIS PA 122 -7.96 17.48 77.33
C HIS PA 122 -7.91 18.98 77.07
N LEU PA 123 -7.29 19.70 78.00
CA LEU PA 123 -6.97 21.10 77.78
C LEU PA 123 -5.81 21.17 76.78
N ALA PA 124 -5.64 22.34 76.16
CA ALA PA 124 -4.66 22.45 75.08
C ALA PA 124 -3.23 22.51 75.58
N GLN PA 125 -2.98 23.17 76.72
CA GLN PA 125 -1.63 23.42 77.20
C GLN PA 125 -1.73 23.88 78.64
N ALA PA 126 -0.67 23.63 79.41
CA ALA PA 126 -0.62 24.06 80.81
C ALA PA 126 -0.30 25.55 80.87
N VAL PA 127 -1.22 26.32 81.43
CA VAL PA 127 -1.10 27.77 81.45
C VAL PA 127 -0.46 28.21 82.75
N LYS PA 128 0.68 28.90 82.65
CA LYS PA 128 1.32 29.49 83.81
C LYS PA 128 0.62 30.79 84.15
N TYR PA 129 0.19 30.92 85.39
CA TYR PA 129 -0.40 32.14 85.89
C TYR PA 129 0.57 32.75 86.89
N SER PA 130 1.08 33.92 86.55
CA SER PA 130 2.21 34.58 87.20
C SER PA 130 1.82 35.08 88.59
N PRO PA 131 2.76 35.63 89.38
CA PRO PA 131 2.36 36.47 90.50
C PRO PA 131 1.56 37.69 90.03
N GLN PA 132 0.99 38.40 91.01
CA GLN PA 132 -0.38 38.92 90.99
C GLN PA 132 -0.94 39.31 89.63
N SER PA 133 -2.01 38.61 89.24
CA SER PA 133 -2.57 38.65 87.88
C SER PA 133 -3.91 37.95 87.87
N ILE PA 134 -4.93 38.61 87.32
CA ILE PA 134 -6.31 38.18 87.49
C ILE PA 134 -6.60 36.97 86.61
N LEU PA 135 -7.23 35.96 87.20
CA LEU PA 135 -7.71 34.79 86.48
C LEU PA 135 -9.23 34.90 86.37
N THR PA 136 -9.75 34.91 85.15
CA THR PA 136 -11.18 35.06 84.93
C THR PA 136 -11.62 34.10 83.84
N MET PA 137 -12.86 33.63 83.95
CA MET PA 137 -13.41 32.71 82.97
C MET PA 137 -14.81 33.12 82.61
N TYR PA 138 -15.25 32.69 81.42
CA TYR PA 138 -16.59 32.92 80.93
C TYR PA 138 -17.09 31.64 80.27
N PHE PA 139 -18.41 31.53 80.15
CA PHE PA 139 -19.05 30.33 79.61
C PHE PA 139 -19.97 30.77 78.48
N ASN PA 140 -19.57 30.49 77.24
CA ASN PA 140 -20.31 30.88 76.05
C ASN PA 140 -21.20 29.72 75.62
N PRO PA 141 -22.49 29.74 75.87
CA PRO PA 141 -23.31 28.55 75.64
C PRO PA 141 -23.66 28.34 74.18
N THR PA 142 -23.55 27.09 73.76
CA THR PA 142 -24.17 26.61 72.54
C THR PA 142 -24.92 25.33 72.88
N LYS PA 143 -26.12 25.18 72.30
CA LYS PA 143 -27.15 24.21 72.70
C LYS PA 143 -27.43 24.38 74.19
N PRO PA 144 -28.20 25.38 74.58
CA PRO PA 144 -28.45 25.64 75.99
C PRO PA 144 -29.48 24.66 76.55
N ALA PA 145 -29.75 24.81 77.84
CA ALA PA 145 -30.66 23.90 78.54
C ALA PA 145 -32.09 24.12 78.08
N THR PA 146 -32.79 23.03 77.80
CA THR PA 146 -34.14 23.07 77.28
C THR PA 146 -35.18 22.47 78.21
N ALA PA 147 -34.84 21.39 78.91
CA ALA PA 147 -35.83 20.68 79.71
C ALA PA 147 -36.15 21.44 80.99
N SER PA 148 -37.33 21.15 81.54
CA SER PA 148 -37.71 21.72 82.81
C SER PA 148 -36.88 21.10 83.93
N THR PA 149 -36.87 21.79 85.08
CA THR PA 149 -36.04 21.48 86.26
C THR PA 149 -34.57 21.33 85.88
N SER PA 150 -34.05 22.41 85.28
CA SER PA 150 -32.65 22.42 84.88
C SER PA 150 -31.74 22.66 86.07
N TYR PA 151 -30.46 22.37 85.89
CA TYR PA 151 -29.45 22.46 86.91
C TYR PA 151 -28.33 23.39 86.46
N PRO PA 152 -27.60 24.02 87.38
CA PRO PA 152 -26.44 24.82 86.99
C PRO PA 152 -25.29 23.94 86.52
N ASN PA 153 -24.33 24.56 85.88
CA ASN PA 153 -23.18 23.86 85.32
C ASN PA 153 -22.03 23.86 86.31
N THR PA 154 -21.12 22.89 86.15
CA THR PA 154 -19.91 22.83 86.94
C THR PA 154 -18.80 22.22 86.10
N VAL PA 155 -17.64 22.87 86.08
CA VAL PA 155 -16.47 22.37 85.35
C VAL PA 155 -15.28 22.45 86.29
N TYR PA 156 -14.64 21.31 86.53
CA TYR PA 156 -13.55 21.20 87.47
C TYR PA 156 -12.21 21.49 86.80
N PHE PA 157 -11.23 21.88 87.61
CA PHE PA 157 -9.89 22.15 87.12
C PHE PA 157 -8.88 21.63 88.13
N THR PA 158 -7.69 21.31 87.65
CA THR PA 158 -6.59 20.88 88.49
C THR PA 158 -5.50 21.93 88.43
N VAL PA 159 -5.19 22.52 89.59
CA VAL PA 159 -4.27 23.65 89.68
C VAL PA 159 -3.07 23.23 90.51
N VAL PA 160 -1.88 23.43 89.97
CA VAL PA 160 -0.65 23.26 90.71
C VAL PA 160 -0.25 24.60 91.29
N VAL PA 161 -0.10 24.67 92.61
CA VAL PA 161 0.19 25.92 93.31
C VAL PA 161 1.58 25.83 93.89
N VAL PA 162 2.42 26.82 93.59
CA VAL PA 162 3.73 26.95 94.18
C VAL PA 162 3.69 28.14 95.13
N ASP PA 163 4.24 27.99 96.33
CA ASP PA 163 4.09 28.97 97.38
C ASP PA 163 5.46 29.32 97.95
N PHE PA 164 5.68 30.60 98.21
CA PHE PA 164 6.94 31.09 98.75
C PHE PA 164 6.76 31.87 100.04
N SER PA 165 5.60 31.81 100.68
CA SER PA 165 5.34 32.65 101.83
C SER PA 165 6.05 32.18 103.09
N TYR PA 166 6.65 30.99 103.09
CA TYR PA 166 7.34 30.47 104.26
C TYR PA 166 8.85 30.45 104.08
N ALA PA 167 9.38 31.22 103.14
CA ALA PA 167 10.82 31.30 102.95
C ALA PA 167 11.39 32.34 103.89
N GLN PA 168 12.69 32.65 103.75
CA GLN PA 168 13.29 33.70 104.56
C GLN PA 168 12.82 35.08 104.09
N ASN PA 169 12.96 35.35 102.81
CA ASN PA 169 12.47 36.59 102.21
C ASN PA 169 11.48 36.23 101.13
N PRO PA 170 10.18 36.44 101.33
CA PRO PA 170 9.20 36.06 100.31
C PRO PA 170 9.22 36.96 99.09
N ALA PA 171 9.84 38.13 99.16
CA ALA PA 171 9.89 39.02 98.00
C ALA PA 171 10.95 38.58 97.02
N ARG PA 172 12.20 38.50 97.44
CA ARG PA 172 13.28 38.16 96.53
C ARG PA 172 13.42 36.67 96.29
N ALA PA 173 12.53 35.85 96.85
CA ALA PA 173 12.47 34.46 96.43
C ALA PA 173 11.56 34.31 95.21
N VAL PA 174 10.46 35.06 95.18
CA VAL PA 174 9.51 34.96 94.08
C VAL PA 174 10.12 35.55 92.81
N VAL PA 175 10.69 36.76 92.90
CA VAL PA 175 11.20 37.44 91.73
C VAL PA 175 12.46 36.82 91.17
N SER PA 176 13.10 35.91 91.91
CA SER PA 176 14.23 35.15 91.40
C SER PA 176 13.81 33.80 90.86
N ALA PA 177 12.66 33.27 91.29
CA ALA PA 177 12.17 32.00 90.80
C ALA PA 177 11.19 32.16 89.65
N ASN PA 178 10.50 33.30 89.57
CA ASN PA 178 9.54 33.51 88.49
C ASN PA 178 10.24 33.69 87.15
N ALA PA 179 11.49 34.17 87.16
CA ALA PA 179 12.21 34.35 85.92
C ALA PA 179 12.76 33.02 85.38
N VAL PA 180 13.29 32.18 86.26
CA VAL PA 180 13.85 30.91 85.83
C VAL PA 180 12.75 29.90 85.54
N MET PA 181 11.91 29.64 86.52
CA MET PA 181 10.79 28.72 86.34
C MET PA 181 9.68 29.39 85.54
N TYR QA 7 43.89 -123.07 -22.90
CA TYR QA 7 43.05 -123.92 -23.72
C TYR QA 7 41.58 -123.59 -23.46
N SER QA 8 40.69 -123.98 -24.36
CA SER QA 8 39.26 -123.72 -24.16
C SER QA 8 38.43 -124.77 -24.89
N TYR QA 9 37.24 -125.03 -24.37
CA TYR QA 9 36.29 -125.90 -25.04
C TYR QA 9 35.69 -125.18 -26.24
N VAL QA 10 35.39 -125.94 -27.29
CA VAL QA 10 34.67 -125.42 -28.44
C VAL QA 10 33.57 -126.42 -28.76
N HIS QA 11 32.33 -126.05 -28.49
CA HIS QA 11 31.19 -126.92 -28.71
C HIS QA 11 30.25 -126.21 -29.67
N ASN QA 12 29.85 -126.89 -30.74
CA ASN QA 12 29.09 -126.21 -31.78
C ASN QA 12 28.26 -127.21 -32.57
N ILE QA 13 27.28 -126.68 -33.30
CA ILE QA 13 26.43 -127.43 -34.21
C ILE QA 13 26.40 -126.68 -35.53
N THR QA 14 26.86 -127.32 -36.60
CA THR QA 14 26.80 -126.74 -37.94
C THR QA 14 25.71 -127.44 -38.74
N THR QA 15 25.16 -126.72 -39.73
CA THR QA 15 23.93 -127.13 -40.38
C THR QA 15 23.99 -126.81 -41.87
N GLN QA 16 23.25 -127.58 -42.66
CA GLN QA 16 22.80 -127.17 -43.98
C GLN QA 16 21.36 -127.63 -44.12
N THR QA 17 20.45 -126.68 -44.34
CA THR QA 17 19.04 -126.86 -44.01
C THR QA 17 18.17 -127.31 -45.17
N ASN QA 18 18.65 -127.25 -46.40
CA ASN QA 18 17.86 -127.76 -47.53
C ASN QA 18 18.82 -128.19 -48.61
N ILE QA 19 19.04 -129.49 -48.72
CA ILE QA 19 20.03 -130.06 -49.63
C ILE QA 19 19.28 -130.94 -50.62
N ASP QA 20 19.57 -130.76 -51.90
CA ASP QA 20 19.10 -131.69 -52.91
C ASP QA 20 19.98 -132.94 -52.84
N LEU QA 21 19.34 -134.10 -52.66
CA LEU QA 21 20.05 -135.37 -52.70
C LEU QA 21 19.99 -135.93 -54.11
N SER QA 22 20.66 -135.22 -55.01
CA SER QA 22 20.80 -135.50 -56.43
C SER QA 22 22.24 -135.91 -56.70
N SER QA 23 22.58 -135.97 -57.99
CA SER QA 23 23.85 -136.54 -58.41
C SER QA 23 25.03 -135.64 -58.07
N GLN QA 24 25.97 -136.18 -57.29
CA GLN QA 24 27.37 -135.77 -57.25
C GLN QA 24 27.55 -134.31 -56.83
N GLN QA 25 27.23 -134.05 -55.58
CA GLN QA 25 27.51 -132.74 -55.01
C GLN QA 25 28.56 -132.87 -53.91
N THR QA 26 29.21 -131.76 -53.61
CA THR QA 26 30.19 -131.70 -52.52
C THR QA 26 29.93 -130.45 -51.70
N ILE QA 27 29.69 -130.63 -50.40
CA ILE QA 27 29.27 -129.56 -49.50
C ILE QA 27 30.29 -129.49 -48.37
N HIS QA 28 30.68 -128.28 -47.99
CA HIS QA 28 31.72 -128.04 -47.00
C HIS QA 28 31.07 -127.41 -45.76
N LEU QA 29 30.87 -128.21 -44.71
CA LEU QA 29 30.02 -127.75 -43.62
C LEU QA 29 30.73 -126.78 -42.69
N ALA QA 30 31.84 -127.18 -42.09
CA ALA QA 30 32.48 -126.34 -41.09
C ALA QA 30 33.98 -126.49 -41.17
N SER QA 31 34.68 -125.49 -40.64
CA SER QA 31 36.13 -125.47 -40.63
C SER QA 31 36.60 -124.77 -39.37
N ILE QA 32 37.56 -125.37 -38.68
CA ILE QA 32 38.07 -124.87 -37.41
C ILE QA 32 39.56 -124.70 -37.54
N ASN QA 33 40.08 -123.54 -37.15
CA ASN QA 33 41.51 -123.27 -37.16
C ASN QA 33 42.11 -123.47 -35.78
N GLY QA 34 43.39 -123.81 -35.76
CA GLY QA 34 44.13 -123.93 -34.52
C GLY QA 34 44.35 -125.37 -34.11
N LYS QA 35 45.28 -125.55 -33.19
CA LYS QA 35 45.58 -126.85 -32.63
C LYS QA 35 44.49 -127.27 -31.65
N GLY QA 36 44.34 -128.56 -31.44
CA GLY QA 36 43.39 -129.00 -30.43
C GLY QA 36 43.24 -130.50 -30.42
N TYR QA 37 42.25 -130.95 -29.66
CA TYR QA 37 41.93 -132.36 -29.52
C TYR QA 37 40.45 -132.59 -29.77
N ILE QA 38 40.15 -133.44 -30.74
CA ILE QA 38 38.79 -133.93 -30.93
C ILE QA 38 38.41 -134.78 -29.74
N ILE QA 39 37.22 -134.52 -29.20
CA ILE QA 39 36.69 -135.18 -28.02
C ILE QA 39 35.36 -135.86 -28.29
N PHE QA 40 34.47 -135.22 -29.04
CA PHE QA 40 33.14 -135.78 -29.18
C PHE QA 40 32.55 -135.35 -30.52
N LEU QA 41 31.94 -136.29 -31.25
CA LEU QA 41 31.33 -135.96 -32.53
C LEU QA 41 29.98 -136.65 -32.68
N ARG QA 42 29.05 -135.95 -33.35
CA ARG QA 42 27.75 -136.49 -33.72
C ARG QA 42 27.43 -136.05 -35.13
N PHE QA 43 26.84 -136.94 -35.92
CA PHE QA 43 26.41 -136.66 -37.28
C PHE QA 43 24.94 -137.01 -37.43
N PHE QA 44 24.15 -136.10 -38.00
CA PHE QA 44 22.70 -136.27 -38.11
C PHE QA 44 22.20 -135.91 -39.50
N CYS QA 45 21.21 -136.66 -39.99
CA CYS QA 45 20.53 -136.35 -41.23
C CYS QA 45 19.03 -136.50 -41.03
N GLU QA 46 18.26 -135.64 -41.67
CA GLU QA 46 16.80 -135.68 -41.62
C GLU QA 46 16.28 -135.38 -43.02
N GLY QA 47 15.03 -135.71 -43.27
CA GLY QA 47 14.46 -135.55 -44.59
C GLY QA 47 13.85 -136.84 -45.10
N SER QA 48 14.06 -137.07 -46.40
CA SER QA 48 13.62 -138.33 -47.00
C SER QA 48 14.56 -139.46 -46.61
N SER QA 49 14.19 -140.68 -47.04
CA SER QA 49 14.98 -141.89 -46.77
C SER QA 49 16.34 -141.87 -47.46
N ALA QA 50 16.55 -140.99 -48.42
CA ALA QA 50 17.80 -140.80 -49.12
C ALA QA 50 18.92 -140.24 -48.24
N CYS QA 51 18.66 -139.93 -46.96
CA CYS QA 51 19.74 -139.74 -46.01
C CYS QA 51 20.54 -141.01 -45.80
N PHE QA 52 19.91 -142.17 -45.92
CA PHE QA 52 20.55 -143.39 -45.46
C PHE QA 52 21.65 -143.86 -46.39
N THR QA 53 21.46 -143.73 -47.70
CA THR QA 53 22.36 -144.32 -48.66
C THR QA 53 23.26 -143.33 -49.39
N ASN QA 54 22.82 -142.09 -49.59
CA ASN QA 54 23.46 -141.23 -50.57
C ASN QA 54 24.45 -140.23 -49.99
N VAL QA 55 24.59 -140.16 -48.68
CA VAL QA 55 25.36 -139.10 -48.03
C VAL QA 55 26.59 -139.70 -47.39
N LYS QA 56 27.77 -139.21 -47.78
CA LYS QA 56 29.04 -139.68 -47.23
C LYS QA 56 29.66 -138.58 -46.40
N PHE QA 57 29.84 -138.85 -45.11
CA PHE QA 57 30.46 -137.87 -44.21
C PHE QA 57 31.97 -138.06 -44.21
N SER QA 58 32.70 -136.96 -44.04
CA SER QA 58 34.14 -136.99 -44.04
C SER QA 58 34.70 -135.98 -43.07
N VAL QA 59 35.69 -136.40 -42.28
CA VAL QA 59 36.35 -135.54 -41.30
C VAL QA 59 37.84 -135.60 -41.59
N LYS QA 60 38.42 -134.44 -41.91
CA LYS QA 60 39.84 -134.32 -42.22
C LYS QA 60 40.55 -133.43 -41.21
N ALA QA 61 41.84 -133.70 -41.00
CA ALA QA 61 42.68 -132.87 -40.16
C ALA QA 61 43.98 -132.61 -40.90
N ASN QA 62 44.31 -131.33 -41.09
CA ASN QA 62 45.46 -130.85 -41.87
C ASN QA 62 45.43 -131.36 -43.31
N GLY QA 63 44.24 -131.51 -43.88
CA GLY QA 63 44.10 -132.09 -45.20
C GLY QA 63 44.19 -133.59 -45.26
N LEU QA 64 44.57 -134.24 -44.17
CA LEU QA 64 44.71 -135.68 -44.11
C LEU QA 64 43.43 -136.28 -43.56
N VAL QA 65 42.94 -137.31 -44.22
CA VAL QA 65 41.62 -137.85 -43.91
C VAL QA 65 41.68 -138.67 -42.63
N LEU QA 66 40.83 -138.32 -41.67
CA LEU QA 66 40.61 -139.17 -40.50
C LEU QA 66 39.47 -140.15 -40.72
N TYR QA 67 38.27 -139.65 -40.97
CA TYR QA 67 37.11 -140.52 -41.11
C TYR QA 67 36.42 -140.26 -42.44
N SER QA 68 35.86 -141.33 -43.02
CA SER QA 68 34.98 -141.22 -44.18
C SER QA 68 34.05 -142.39 -44.16
N PHE QA 69 32.75 -142.14 -44.08
CA PHE QA 69 31.80 -143.24 -43.96
C PHE QA 69 30.44 -142.81 -44.49
N ARG QA 70 29.53 -143.79 -44.56
CA ARG QA 70 28.13 -143.57 -44.82
C ARG QA 70 27.34 -144.17 -43.68
N TYR QA 71 26.01 -144.14 -43.77
CA TYR QA 71 25.21 -144.83 -42.77
C TYR QA 71 25.05 -146.30 -43.12
N ILE QA 72 24.86 -146.60 -44.40
CA ILE QA 72 24.69 -148.00 -44.79
C ILE QA 72 26.02 -148.74 -44.72
N GLN QA 73 27.14 -148.02 -44.79
CA GLN QA 73 28.43 -148.66 -44.50
C GLN QA 73 28.57 -148.98 -43.02
N LEU QA 74 28.06 -148.12 -42.14
CA LEU QA 74 28.13 -148.41 -40.71
C LEU QA 74 27.18 -149.54 -40.32
N LEU QA 75 26.04 -149.66 -40.98
CA LEU QA 75 25.15 -150.77 -40.68
C LEU QA 75 25.67 -152.08 -41.26
N GLU QA 76 26.10 -152.06 -42.53
CA GLU QA 76 26.43 -153.31 -43.21
C GLU QA 76 27.78 -153.87 -42.79
N LEU QA 77 28.69 -153.05 -42.27
CA LEU QA 77 29.95 -153.55 -41.74
C LEU QA 77 29.90 -153.81 -40.25
N GLY QA 78 28.73 -153.85 -39.64
CA GLY QA 78 28.60 -154.34 -38.29
C GLY QA 78 28.85 -153.35 -37.18
N GLN QA 79 28.96 -152.06 -37.48
CA GLN QA 79 29.11 -151.05 -36.44
C GLN QA 79 27.74 -150.44 -36.12
N ALA QA 80 26.87 -151.27 -35.58
CA ALA QA 80 25.49 -150.90 -35.33
C ALA QA 80 24.96 -151.78 -34.20
N ILE QA 81 23.64 -151.86 -34.07
CA ILE QA 81 23.00 -152.79 -33.15
C ILE QA 81 23.36 -154.22 -33.53
N ALA QA 82 23.64 -155.06 -32.53
CA ALA QA 82 24.02 -156.44 -32.78
C ALA QA 82 22.80 -157.26 -33.16
N THR QA 83 22.80 -157.79 -34.38
CA THR QA 83 21.70 -158.57 -34.92
C THR QA 83 22.17 -159.97 -35.29
N ALA QA 84 21.23 -160.81 -35.66
CA ALA QA 84 21.49 -162.18 -36.08
C ALA QA 84 20.31 -162.66 -36.90
N ILE QA 85 20.55 -162.95 -38.18
CA ILE QA 85 19.47 -163.20 -39.12
C ILE QA 85 19.45 -164.68 -39.47
N PRO QA 86 18.29 -165.32 -39.54
CA PRO QA 86 18.23 -166.72 -39.96
C PRO QA 86 18.66 -166.89 -41.41
N SER QA 87 19.09 -168.11 -41.73
CA SER QA 87 19.67 -168.37 -43.04
C SER QA 87 18.60 -168.40 -44.14
N SER QA 88 17.35 -168.66 -43.78
CA SER QA 88 16.24 -168.60 -44.72
C SER QA 88 15.71 -167.17 -44.78
N SER QA 89 16.48 -166.31 -45.43
CA SER QA 89 16.14 -164.90 -45.56
C SER QA 89 16.88 -164.34 -46.77
N GLN QA 90 16.92 -163.01 -46.87
CA GLN QA 90 17.66 -162.33 -47.92
C GLN QA 90 18.71 -161.38 -47.35
N GLY QA 91 19.14 -161.62 -46.12
CA GLY QA 91 20.13 -160.77 -45.50
C GLY QA 91 19.56 -159.46 -45.00
N PHE QA 92 20.33 -158.38 -45.19
CA PHE QA 92 19.96 -157.05 -44.73
C PHE QA 92 18.68 -156.53 -45.38
N SER QA 93 18.34 -157.03 -46.57
CA SER QA 93 17.09 -156.69 -47.23
C SER QA 93 15.88 -157.14 -46.43
N THR QA 94 16.01 -158.15 -45.58
CA THR QA 94 14.94 -158.54 -44.69
C THR QA 94 14.97 -157.77 -43.38
N LEU QA 95 16.07 -157.08 -43.09
CA LEU QA 95 16.15 -156.31 -41.86
C LEU QA 95 15.51 -154.94 -42.01
N LEU QA 96 15.88 -154.20 -43.05
CA LEU QA 96 15.38 -152.85 -43.22
C LEU QA 96 13.93 -152.84 -43.70
N SER QA 97 13.45 -153.96 -44.24
CA SER QA 97 12.07 -154.03 -44.68
C SER QA 97 11.10 -154.35 -43.55
N ASN QA 98 11.59 -154.83 -42.40
CA ASN QA 98 10.71 -155.26 -41.32
C ASN QA 98 10.78 -154.39 -40.09
N TYR QA 99 11.90 -153.72 -39.83
CA TYR QA 99 12.10 -152.97 -38.60
C TYR QA 99 12.16 -151.48 -38.91
N ASN QA 100 11.53 -150.68 -38.06
CA ASN QA 100 11.43 -149.25 -38.33
C ASN QA 100 12.48 -148.43 -37.58
N VAL QA 101 12.68 -148.69 -36.29
CA VAL QA 101 13.53 -147.87 -35.44
C VAL QA 101 14.59 -148.77 -34.81
N LEU QA 102 15.84 -148.34 -34.90
CA LEU QA 102 16.96 -149.08 -34.33
C LEU QA 102 17.86 -148.13 -33.56
N ILE QA 103 18.07 -148.41 -32.27
CA ILE QA 103 18.85 -147.56 -31.37
C ILE QA 103 20.00 -148.39 -30.81
N SER QA 104 21.17 -147.77 -30.64
CA SER QA 104 22.32 -148.45 -30.07
C SER QA 104 23.25 -147.44 -29.42
N SER QA 105 23.46 -147.58 -28.12
CA SER QA 105 24.24 -146.63 -27.33
C SER QA 105 25.77 -146.73 -27.31
N PRO QA 106 26.44 -147.88 -27.10
CA PRO QA 106 27.87 -147.82 -26.75
C PRO QA 106 28.80 -147.75 -27.95
N ILE QA 107 29.82 -146.88 -27.86
CA ILE QA 107 30.52 -146.51 -29.10
C ILE QA 107 31.99 -146.89 -29.14
N GLY QA 108 32.83 -146.26 -28.33
CA GLY QA 108 34.26 -146.35 -28.57
C GLY QA 108 34.71 -145.43 -29.71
N THR QA 109 35.95 -145.64 -30.16
CA THR QA 109 36.58 -144.72 -31.12
C THR QA 109 35.95 -144.80 -32.52
N LEU QA 110 35.53 -145.93 -32.96
CA LEU QA 110 34.95 -145.94 -34.29
C LEU QA 110 33.48 -145.57 -34.22
N PRO QA 111 32.94 -144.91 -35.24
CA PRO QA 111 31.54 -144.47 -35.19
C PRO QA 111 30.57 -145.63 -35.29
N GLN QA 112 29.38 -145.44 -34.71
CA GLN QA 112 28.33 -146.44 -34.78
C GLN QA 112 27.02 -145.81 -35.19
N LEU QA 113 26.23 -146.55 -35.95
CA LEU QA 113 24.89 -146.12 -36.34
C LEU QA 113 24.00 -146.17 -35.11
N THR QA 114 23.93 -145.08 -34.38
CA THR QA 114 23.16 -145.02 -33.16
C THR QA 114 21.67 -144.84 -33.39
N LEU QA 115 21.27 -144.15 -34.46
CA LEU QA 115 19.87 -143.86 -34.66
C LEU QA 115 19.48 -144.18 -36.09
N TYR QA 116 18.55 -145.11 -36.26
CA TYR QA 116 17.89 -145.39 -37.52
C TYR QA 116 16.41 -145.19 -37.28
N ASP QA 117 15.79 -144.27 -38.01
CA ASP QA 117 14.36 -143.99 -37.87
C ASP QA 117 13.77 -143.86 -39.26
N SER QA 118 13.22 -144.95 -39.79
CA SER QA 118 12.58 -144.92 -41.09
C SER QA 118 11.18 -144.34 -41.04
N TYR QA 119 10.52 -144.40 -39.87
CA TYR QA 119 9.18 -143.83 -39.75
C TYR QA 119 9.25 -142.32 -39.68
N ASP QA 120 9.95 -141.79 -38.69
CA ASP QA 120 10.16 -140.37 -38.55
C ASP QA 120 11.26 -139.85 -39.46
N ASN QA 121 12.02 -140.77 -40.08
CA ASN QA 121 13.03 -140.48 -41.09
C ASN QA 121 14.14 -139.58 -40.54
N ARG QA 122 14.74 -140.04 -39.44
CA ARG QA 122 15.89 -139.38 -38.84
C ARG QA 122 17.00 -140.41 -38.69
N TYR QA 123 18.22 -140.02 -39.05
CA TYR QA 123 19.35 -140.92 -38.99
C TYR QA 123 20.50 -140.23 -38.26
N GLY QA 124 21.28 -141.02 -37.53
CA GLY QA 124 22.37 -140.42 -36.77
C GLY QA 124 23.43 -141.37 -36.26
N ALA QA 125 24.63 -140.84 -36.06
CA ALA QA 125 25.78 -141.60 -35.58
C ALA QA 125 26.56 -140.76 -34.58
N MET QA 126 27.26 -141.44 -33.67
CA MET QA 126 28.06 -140.77 -32.65
C MET QA 126 29.46 -141.35 -32.63
N LEU QA 127 30.35 -140.65 -31.94
CA LEU QA 127 31.78 -140.98 -31.95
C LEU QA 127 32.42 -140.37 -30.71
N GLN QA 128 32.96 -141.22 -29.83
CA GLN QA 128 33.67 -140.80 -28.62
C GLN QA 128 35.03 -141.48 -28.57
N PRO QA 129 36.11 -140.76 -28.83
CA PRO QA 129 37.45 -141.34 -28.71
C PRO QA 129 37.78 -141.76 -27.29
N ALA QA 130 38.52 -142.86 -27.17
CA ALA QA 130 38.97 -143.35 -25.88
C ALA QA 130 40.20 -142.60 -25.37
N PHE QA 131 40.73 -141.68 -26.16
CA PHE QA 131 41.81 -140.78 -25.81
C PHE QA 131 41.74 -139.61 -26.78
N PRO QA 132 42.11 -138.39 -26.37
CA PRO QA 132 41.77 -137.21 -27.17
C PRO QA 132 42.57 -137.14 -28.46
N LEU QA 133 41.86 -137.07 -29.60
CA LEU QA 133 42.50 -137.24 -30.89
C LEU QA 133 43.07 -135.91 -31.37
N PRO QA 134 44.38 -135.74 -31.46
CA PRO QA 134 44.93 -134.43 -31.78
C PRO QA 134 44.74 -134.05 -33.23
N PHE QA 135 44.67 -132.74 -33.47
CA PHE QA 135 44.69 -132.17 -34.81
C PHE QA 135 45.45 -130.86 -34.76
N VAL QA 136 46.26 -130.61 -35.79
CA VAL QA 136 47.29 -129.60 -35.69
C VAL QA 136 46.90 -128.31 -36.39
N ASN QA 137 46.72 -128.35 -37.71
CA ASN QA 137 46.56 -127.11 -38.45
C ASN QA 137 45.10 -126.69 -38.55
N THR QA 138 44.29 -127.48 -39.24
CA THR QA 138 42.87 -127.21 -39.41
C THR QA 138 42.11 -128.50 -39.17
N LEU QA 139 40.81 -128.38 -38.95
CA LEU QA 139 39.89 -129.50 -38.90
C LEU QA 139 38.71 -129.18 -39.80
N SER QA 140 38.42 -130.04 -40.77
CA SER QA 140 37.40 -129.76 -41.75
C SER QA 140 36.37 -130.87 -41.80
N LEU QA 141 35.13 -130.49 -42.09
CA LEU QA 141 33.99 -131.39 -42.12
C LEU QA 141 33.32 -131.27 -43.49
N ASP QA 142 33.16 -132.39 -44.17
CA ASP QA 142 32.62 -132.39 -45.52
C ASP QA 142 31.50 -133.41 -45.66
N VAL QA 143 30.60 -133.15 -46.60
CA VAL QA 143 29.50 -134.05 -46.91
C VAL QA 143 29.44 -134.20 -48.42
N ASP QA 144 29.53 -135.43 -48.91
CA ASP QA 144 29.52 -135.71 -50.33
C ASP QA 144 28.23 -136.42 -50.69
N ILE QA 145 27.46 -135.87 -51.62
CA ILE QA 145 26.20 -136.46 -52.05
C ILE QA 145 26.51 -137.29 -53.29
N LEU QA 146 26.52 -138.61 -53.12
CA LEU QA 146 26.76 -139.57 -54.19
C LEU QA 146 25.63 -140.58 -54.17
N PRO QA 147 24.70 -140.54 -55.13
CA PRO QA 147 23.52 -141.40 -55.06
C PRO QA 147 23.84 -142.84 -55.43
N VAL QA 148 23.63 -143.75 -54.49
CA VAL QA 148 23.86 -145.17 -54.69
C VAL QA 148 22.66 -145.92 -54.12
N SER QA 149 22.16 -146.88 -54.88
CA SER QA 149 20.99 -147.61 -54.43
C SER QA 149 21.35 -148.57 -53.31
N GLN QA 150 20.33 -149.01 -52.60
CA GLN QA 150 20.51 -149.94 -51.49
C GLN QA 150 20.81 -151.36 -51.97
N SER QA 151 20.54 -151.63 -53.26
CA SER QA 151 20.50 -153.01 -53.74
C SER QA 151 21.87 -153.66 -53.75
N SER QA 152 22.92 -152.95 -54.18
CA SER QA 152 24.25 -153.54 -54.19
C SER QA 152 25.24 -152.84 -53.28
N TYR QA 153 25.69 -151.64 -53.65
CA TYR QA 153 26.60 -150.73 -52.93
C TYR QA 153 28.01 -151.28 -52.61
N ASP QA 154 28.20 -152.62 -52.58
CA ASP QA 154 29.45 -153.31 -52.22
C ASP QA 154 30.17 -152.71 -51.02
N PRO QA 155 29.70 -152.95 -49.79
CA PRO QA 155 30.18 -152.17 -48.63
C PRO QA 155 31.63 -152.42 -48.23
N ILE QA 156 32.27 -153.48 -48.69
CA ILE QA 156 33.67 -153.74 -48.35
C ILE QA 156 34.53 -152.75 -49.12
N PRO QA 157 35.29 -151.89 -48.44
CA PRO QA 157 35.98 -150.81 -49.14
C PRO QA 157 37.27 -151.25 -49.79
N TYR QA 158 37.58 -150.62 -50.93
CA TYR QA 158 38.80 -150.90 -51.66
C TYR QA 158 39.75 -149.72 -51.77
N SER QA 159 39.28 -148.52 -51.51
CA SER QA 159 40.13 -147.34 -51.41
C SER QA 159 39.39 -146.28 -50.61
N LEU QA 160 40.10 -145.20 -50.25
CA LEU QA 160 39.45 -144.13 -49.52
C LEU QA 160 38.54 -143.29 -50.40
N ASN QA 161 38.95 -143.05 -51.65
CA ASN QA 161 38.25 -142.13 -52.56
C ASN QA 161 37.33 -142.86 -53.51
N ASP QA 162 36.67 -143.93 -53.07
CA ASP QA 162 35.73 -144.66 -53.90
C ASP QA 162 34.45 -143.86 -54.05
N ASN QA 163 34.23 -143.34 -55.25
CA ASN QA 163 33.01 -142.60 -55.61
C ASN QA 163 32.13 -143.55 -56.40
N GLN QA 164 31.32 -144.34 -55.70
CA GLN QA 164 30.45 -145.30 -56.35
C GLN QA 164 29.02 -144.79 -56.37
N ILE QA 165 28.35 -144.97 -57.51
CA ILE QA 165 27.00 -144.49 -57.72
C ILE QA 165 26.20 -145.61 -58.41
N SER QA 166 24.91 -145.35 -58.58
CA SER QA 166 24.04 -146.27 -59.30
C SER QA 166 23.05 -145.46 -60.12
N THR QA 167 22.16 -146.16 -60.81
CA THR QA 167 21.27 -145.53 -61.75
C THR QA 167 19.83 -145.39 -61.25
N ASN QA 168 19.46 -146.13 -60.21
CA ASN QA 168 18.11 -146.08 -59.67
C ASN QA 168 18.14 -145.86 -58.17
N ALA QA 169 19.03 -144.99 -57.72
CA ALA QA 169 19.14 -144.60 -56.33
C ALA QA 169 17.97 -143.69 -55.94
N PRO QA 170 17.49 -143.77 -54.71
CA PRO QA 170 16.40 -142.88 -54.28
C PRO QA 170 16.89 -141.45 -54.11
N THR QA 171 15.96 -140.52 -54.20
CA THR QA 171 16.30 -139.10 -54.13
C THR QA 171 15.28 -138.37 -53.27
N GLY QA 172 15.50 -137.08 -53.11
CA GLY QA 172 14.65 -136.24 -52.29
C GLY QA 172 15.45 -135.07 -51.76
N LYS QA 173 14.85 -134.38 -50.80
CA LYS QA 173 15.52 -133.27 -50.12
C LYS QA 173 15.70 -133.62 -48.65
N GLY QA 174 16.73 -133.04 -48.06
CA GLY QA 174 17.01 -133.33 -46.67
C GLY QA 174 17.96 -132.30 -46.11
N ASN QA 175 18.15 -132.36 -44.80
CA ASN QA 175 18.98 -131.41 -44.08
C ASN QA 175 19.89 -132.13 -43.11
N ILE QA 176 21.11 -131.60 -43.00
CA ILE QA 176 22.26 -132.33 -42.47
C ILE QA 176 22.93 -131.48 -41.41
N SER QA 177 23.14 -132.07 -40.23
CA SER QA 177 23.72 -131.35 -39.10
C SER QA 177 24.88 -132.14 -38.51
N ILE QA 178 25.83 -131.42 -37.94
CA ILE QA 178 27.01 -132.03 -37.32
C ILE QA 178 27.29 -131.31 -36.01
N GLU QA 179 27.29 -132.04 -34.90
CA GLU QA 179 27.65 -131.50 -33.61
C GLU QA 179 29.07 -131.92 -33.26
N TYR QA 180 29.86 -131.00 -32.74
CA TYR QA 180 31.22 -131.36 -32.35
C TYR QA 180 31.60 -130.66 -31.06
N LEU QA 181 32.48 -131.32 -30.30
CA LEU QA 181 33.04 -130.77 -29.07
C LEU QA 181 34.54 -131.05 -29.09
N LEU QA 182 35.32 -129.99 -29.07
CA LEU QA 182 36.77 -129.99 -29.20
C LEU QA 182 37.36 -129.26 -28.00
N TYR QA 183 38.69 -129.33 -27.88
CA TYR QA 183 39.40 -128.67 -26.78
C TYR QA 183 40.60 -127.96 -27.39
N ASN QA 184 40.38 -126.73 -27.86
CA ASN QA 184 41.35 -125.99 -28.64
C ASN QA 184 42.35 -125.26 -27.75
N CYS QA 185 43.39 -124.73 -28.40
CA CYS QA 185 44.42 -123.95 -27.75
C CYS QA 185 44.24 -122.47 -28.06
N LEU QA 186 44.93 -121.63 -27.29
CA LEU QA 186 44.84 -120.19 -27.47
C LEU QA 186 46.21 -119.56 -27.70
#